data_8SR8
#
_entry.id   8SR8
#
_cell.length_a   1.00
_cell.length_b   1.00
_cell.length_c   1.00
_cell.angle_alpha   90.00
_cell.angle_beta   90.00
_cell.angle_gamma   90.00
#
_symmetry.space_group_name_H-M   'P 1'
#
loop_
_entity.id
_entity.type
_entity.pdbx_description
1 polymer 'TRPM2 chanzyme'
2 non-polymer CHOLESTEROL
#
_entity_poly.entity_id   1
_entity_poly.type   'polypeptide(L)'
_entity_poly.pdbx_seq_one_letter_code
;MQRARPGELVEVIMFRPTGKARVSNLDESMAMEFTDLRTRAMSSAAMIRQSVAAKTLLIENEDGKGSTRMEVQDFMKRFH
MHASEDDKTGSPSTAWGTLRFPTKEATAPYLRLSVNDDPEDALLFVKAMLAQKYGETYDRPSLILSVTGGARNFTLPPRL
ETAIAKGLRLAAQRTNAWVVTGGTNTGVMKLTGQIMEALSKTQSHFIPPTIGIATYGVIIGGDDMTRGEPPKIGLEYEMH
KKDPPKTTPLDDNHNLFLLVDDGSTNKFGKEIKFRAAFENAAGQAFAAPVVTIVVQGGPGTLGTALQAVRQGTPIVVVDG
SGLAADVLAYAYNFMHNPLTRFKSYTIDDLRQKVAQTFNPKSSQQLTNLLDSALECVQDPNLVVVYSLQESGIDEFDDCI
LKAIFSSQGKLGNKLKQAMYFDQLDVAKRALSEASKNGQHNEIAACINDNLMAAMMHNKPHFVELYLGFDAKIYELKPSE
EVAKTNITALDELPSFALAIEELYKREAKKPHSHVQRLVSLSNTDVLGRHYRVSTQRGDGTTRRIGRDLANTRAYNVLRM
DQIFARLVSKDFSVNRDFTIYDSKYDKVPGIQFRRTAQASHMLFLWAICLDRFRMARHFWLIGDQSIINALVASRILERL
STHRALQGPHLAEERAKMQHNAKKFEELAVGVLGECHGSDSHMASEMLHSKNDMFNKKNAINIAYDAKSLAFLSHPATQS
VINADWYGHLKSVTSFWAVLFAFFFPFFVLPFINFSEDHAEQQVEAPRDFFTDAPRSSHSANSTTSGAHRLRRKFAKFYS
APYTRFISDLLSHFVLCVVTSYFVLDKLEDTISAIEWILLVWFVALLLEELRQMIFCDGIAEYISDTWNRLDLIMITLFF
VGFFTHASDPSNQDSKVVSKGIHAFLVVVLWLRFMRYYALSKNLGPKLIMMMEMMKDVSTFVFLLLIFLIGYGVAAQSLL
SPDEDFSSRTFIGVLFRPYFQIYGELFLDDLNSEANCLGDTPFTECSRETVRMVPFFLAVYILGSNVLLVNLLIAMFNDT
YMKVQEAAEDLWRKQNYELCAEYKDRPFLPAPFILLAHVHMLFMRLLRLCGVHTQEHEKIQDDETKRKITTFEELNTDKF
LRRWERERQEMLEARVKMTNDNVVQAMGMMDQLLEHMISFRFSLDQQATKIKQEIRDDGLPSTEPTGLVSRTPSQPINRL
NSAVAVHGHTAEAAEWYVPPEEYPKSGGVKRYLIDASMVPLSIMCPSYDPVEYTHPSVAAQPVWADPADPRKIKFNVKDE
VNGKVVDRTSCHPSGISIDSNTGRPINPWGRTGMTGRGLLGKWGVNQAADTVVTRWKRSPDGSILERDGKKVLEFVAIQR
QDNKMWAIPGGFVDNGEDVALTSGREFMEEALGMGTSADLMSAESKDSLAALFSSGTIVARIYCEDPRNTDNAWVETTCV
NFHDESGRHAARLKLQGGDDAEHARWMMVHGGLNLFASHRTLLQHVTSALNAYF
;
_entity_poly.pdbx_strand_id   A,B,C,D
#
loop_
_chem_comp.id
_chem_comp.type
_chem_comp.name
_chem_comp.formula
CLR non-polymer CHOLESTEROL 'C27 H46 O'
#
# COMPACT_ATOMS: atom_id res chain seq x y z
N MET A 47 -13.28 -45.18 -5.59
CA MET A 47 -13.24 -45.13 -7.05
C MET A 47 -13.80 -46.42 -7.65
N ILE A 48 -13.00 -47.48 -7.60
CA ILE A 48 -13.40 -48.78 -8.13
C ILE A 48 -13.89 -49.72 -7.04
N ARG A 49 -14.18 -49.21 -5.85
CA ARG A 49 -14.64 -50.02 -4.74
C ARG A 49 -16.15 -50.23 -4.88
N GLN A 50 -16.56 -51.50 -4.93
CA GLN A 50 -17.97 -51.83 -5.00
C GLN A 50 -18.63 -51.64 -3.64
N SER A 51 -19.91 -51.26 -3.66
CA SER A 51 -20.63 -50.90 -2.45
C SER A 51 -21.41 -52.09 -1.92
N VAL A 52 -21.03 -52.56 -0.73
CA VAL A 52 -21.69 -53.68 -0.09
C VAL A 52 -23.02 -53.24 0.52
N ALA A 53 -24.09 -53.97 0.18
CA ALA A 53 -25.43 -53.65 0.68
C ALA A 53 -25.56 -53.88 2.19
N ALA A 54 -26.24 -52.94 2.84
CA ALA A 54 -26.48 -53.00 4.28
C ALA A 54 -27.43 -54.13 4.65
N LYS A 55 -27.12 -54.84 5.74
CA LYS A 55 -27.96 -55.92 6.22
C LYS A 55 -28.64 -55.61 7.55
N THR A 56 -28.07 -54.72 8.35
CA THR A 56 -28.59 -54.34 9.65
C THR A 56 -28.57 -52.82 9.79
N LEU A 57 -29.51 -52.31 10.59
CA LEU A 57 -29.66 -50.84 10.74
C LEU A 57 -29.84 -50.48 12.22
N LEU A 58 -29.24 -49.38 12.65
CA LEU A 58 -29.36 -48.85 14.01
C LEU A 58 -30.54 -47.89 14.07
N ILE A 59 -31.67 -48.37 14.59
CA ILE A 59 -32.87 -47.49 14.74
C ILE A 59 -32.89 -46.88 16.14
N GLU A 60 -32.98 -45.56 16.24
CA GLU A 60 -33.03 -44.88 17.52
C GLU A 60 -34.32 -45.22 18.26
N ASN A 61 -34.19 -45.49 19.57
CA ASN A 61 -35.31 -45.81 20.44
C ASN A 61 -36.22 -44.60 20.66
N GLU A 62 -37.49 -44.88 21.02
CA GLU A 62 -38.47 -43.83 21.36
C GLU A 62 -38.10 -43.02 22.61
N ASP A 63 -37.32 -43.60 23.53
CA ASP A 63 -36.78 -42.94 24.71
C ASP A 63 -35.71 -41.91 24.38
N GLY A 64 -35.08 -42.01 23.20
CA GLY A 64 -34.01 -41.15 22.76
C GLY A 64 -32.68 -41.42 23.43
N LYS A 65 -32.53 -42.60 24.02
CA LYS A 65 -31.30 -43.00 24.72
C LYS A 65 -30.76 -44.27 24.05
N GLY A 66 -29.95 -44.10 23.01
CA GLY A 66 -29.36 -45.20 22.29
C GLY A 66 -30.13 -45.67 21.06
N SER A 67 -29.45 -46.51 20.29
CA SER A 67 -29.93 -47.10 19.05
C SER A 67 -29.83 -48.61 19.11
N THR A 68 -30.88 -49.33 18.70
CA THR A 68 -30.80 -50.78 18.68
C THR A 68 -30.62 -51.26 17.23
N ARG A 69 -29.83 -52.31 17.08
CA ARG A 69 -29.58 -52.91 15.77
C ARG A 69 -30.57 -54.00 15.41
N MET A 70 -31.21 -53.80 14.25
CA MET A 70 -32.20 -54.78 13.74
C MET A 70 -32.07 -54.91 12.23
N GLU A 71 -32.45 -56.07 11.68
CA GLU A 71 -32.41 -56.36 10.25
C GLU A 71 -33.30 -55.41 9.46
N VAL A 72 -32.83 -55.08 8.24
CA VAL A 72 -33.45 -54.12 7.32
C VAL A 72 -34.85 -54.57 6.89
N GLN A 73 -35.01 -55.87 6.60
CA GLN A 73 -36.29 -56.47 6.19
C GLN A 73 -37.32 -56.47 7.33
N ASP A 74 -36.84 -56.55 8.57
CA ASP A 74 -37.70 -56.48 9.73
C ASP A 74 -38.23 -55.06 9.94
N PHE A 75 -37.33 -54.06 9.83
CA PHE A 75 -37.68 -52.65 10.00
C PHE A 75 -38.60 -52.13 8.90
N MET A 76 -38.34 -52.47 7.64
CA MET A 76 -39.10 -51.89 6.50
C MET A 76 -40.57 -52.34 6.43
N LYS A 77 -40.94 -53.42 7.10
CA LYS A 77 -42.30 -53.98 7.02
C LYS A 77 -43.38 -52.95 7.36
N ARG A 78 -43.06 -51.95 8.21
CA ARG A 78 -44.01 -50.93 8.69
C ARG A 78 -44.40 -49.88 7.63
N PHE A 79 -43.71 -49.88 6.49
CA PHE A 79 -44.09 -48.95 5.41
C PHE A 79 -44.97 -49.72 4.42
N HIS A 80 -46.02 -49.10 3.90
CA HIS A 80 -46.93 -49.76 3.00
C HIS A 80 -47.01 -49.06 1.66
N MET A 81 -47.48 -49.84 0.68
CA MET A 81 -47.68 -49.28 -0.66
C MET A 81 -49.03 -49.73 -1.16
N HIS A 82 -49.60 -49.01 -2.12
CA HIS A 82 -50.90 -49.31 -2.71
C HIS A 82 -50.73 -49.69 -4.17
N ALA A 83 -51.27 -50.85 -4.55
CA ALA A 83 -51.20 -51.29 -5.94
C ALA A 83 -52.19 -50.52 -6.81
N SER A 84 -53.29 -50.06 -6.22
CA SER A 84 -54.32 -49.33 -6.94
C SER A 84 -55.00 -48.38 -5.97
N GLU A 85 -55.77 -47.44 -6.55
CA GLU A 85 -56.52 -46.41 -5.82
C GLU A 85 -57.56 -47.00 -4.88
N ASP A 86 -58.23 -48.07 -5.35
CA ASP A 86 -59.31 -48.78 -4.62
C ASP A 86 -58.82 -49.36 -3.29
N ASP A 87 -57.59 -49.87 -3.29
CA ASP A 87 -56.92 -50.47 -2.12
C ASP A 87 -56.72 -49.45 -1.01
N LYS A 88 -57.02 -49.87 0.22
CA LYS A 88 -56.89 -49.02 1.39
C LYS A 88 -55.88 -49.55 2.39
N THR A 89 -55.97 -50.85 2.74
CA THR A 89 -55.02 -51.49 3.64
C THR A 89 -53.62 -51.55 3.03
N GLY A 90 -53.53 -51.88 1.76
CA GLY A 90 -52.27 -51.94 1.07
C GLY A 90 -51.45 -53.19 1.31
N SER A 91 -50.27 -53.19 0.71
CA SER A 91 -49.29 -54.26 0.80
C SER A 91 -47.95 -53.65 1.19
N PRO A 92 -47.01 -54.45 1.75
CA PRO A 92 -45.69 -53.94 2.11
C PRO A 92 -44.97 -53.33 0.91
N SER A 93 -44.11 -52.36 1.18
CA SER A 93 -43.37 -51.64 0.14
C SER A 93 -42.17 -52.43 -0.35
N THR A 94 -42.09 -52.62 -1.67
CA THR A 94 -40.91 -53.30 -2.25
C THR A 94 -40.08 -52.25 -2.99
N ALA A 95 -40.44 -50.98 -2.85
CA ALA A 95 -39.72 -49.89 -3.51
C ALA A 95 -38.93 -49.05 -2.50
N TRP A 96 -37.73 -49.50 -2.16
CA TRP A 96 -36.80 -48.74 -1.34
C TRP A 96 -35.36 -49.15 -1.63
N GLY A 97 -34.46 -48.19 -1.51
CA GLY A 97 -33.05 -48.42 -1.79
C GLY A 97 -32.25 -47.14 -2.00
N THR A 98 -31.32 -47.11 -2.96
CA THR A 98 -30.55 -45.91 -3.27
C THR A 98 -30.56 -45.68 -4.78
N LEU A 99 -30.58 -44.40 -5.15
CA LEU A 99 -30.61 -44.03 -6.57
C LEU A 99 -29.30 -43.34 -6.96
N ARG A 100 -28.73 -43.72 -8.10
CA ARG A 100 -27.54 -43.09 -8.65
C ARG A 100 -27.98 -42.19 -9.79
N PHE A 101 -27.62 -40.91 -9.66
CA PHE A 101 -27.98 -39.91 -10.68
C PHE A 101 -26.74 -39.55 -11.50
N PRO A 102 -26.82 -39.31 -12.84
CA PRO A 102 -25.66 -38.87 -13.65
C PRO A 102 -25.04 -37.58 -13.11
N THR A 103 -23.69 -37.51 -13.19
CA THR A 103 -22.76 -36.46 -12.75
C THR A 103 -22.77 -36.20 -11.22
N LYS A 104 -23.33 -37.11 -10.42
CA LYS A 104 -23.36 -37.05 -8.96
C LYS A 104 -22.63 -38.27 -8.42
N GLU A 105 -21.63 -38.03 -7.56
CA GLU A 105 -20.82 -39.10 -6.99
C GLU A 105 -21.58 -39.94 -5.98
N ALA A 106 -22.35 -39.30 -5.10
CA ALA A 106 -23.05 -40.01 -4.04
C ALA A 106 -24.44 -40.46 -4.49
N THR A 107 -24.94 -41.51 -3.84
CA THR A 107 -26.28 -42.02 -4.10
C THR A 107 -27.26 -41.51 -3.05
N ALA A 108 -28.53 -41.36 -3.47
CA ALA A 108 -29.57 -40.84 -2.60
C ALA A 108 -30.56 -41.93 -2.21
N PRO A 109 -30.76 -42.24 -0.91
CA PRO A 109 -31.80 -43.21 -0.50
C PRO A 109 -33.23 -42.80 -0.84
N TYR A 110 -34.05 -43.80 -1.12
CA TYR A 110 -35.48 -43.55 -1.47
C TYR A 110 -36.38 -44.58 -0.80
N LEU A 111 -37.49 -44.14 -0.22
CA LEU A 111 -38.47 -44.98 0.45
C LEU A 111 -39.85 -44.58 -0.06
N ARG A 112 -40.58 -45.54 -0.60
CA ARG A 112 -41.96 -45.33 -1.02
C ARG A 112 -42.89 -45.76 0.12
N LEU A 113 -43.63 -44.79 0.65
CA LEU A 113 -44.49 -45.10 1.81
C LEU A 113 -45.91 -44.59 1.58
N SER A 114 -46.85 -45.11 2.34
CA SER A 114 -48.27 -44.79 2.21
C SER A 114 -48.62 -43.48 2.90
N VAL A 115 -49.83 -42.97 2.55
CA VAL A 115 -50.39 -41.78 3.18
C VAL A 115 -50.74 -42.02 4.65
N ASN A 116 -51.11 -43.26 5.03
CA ASN A 116 -51.49 -43.60 6.39
C ASN A 116 -50.29 -43.92 7.27
N ASP A 117 -49.09 -43.99 6.71
CA ASP A 117 -47.87 -44.29 7.43
C ASP A 117 -47.48 -43.18 8.40
N ASP A 118 -46.87 -43.60 9.50
CA ASP A 118 -46.44 -42.70 10.57
C ASP A 118 -45.25 -41.85 10.11
N PRO A 119 -45.34 -40.50 10.18
CA PRO A 119 -44.17 -39.64 9.89
C PRO A 119 -42.97 -39.83 10.82
N GLU A 120 -43.20 -40.30 12.06
CA GLU A 120 -42.13 -40.69 12.99
C GLU A 120 -41.29 -41.84 12.45
N ASP A 121 -41.93 -42.79 11.75
CA ASP A 121 -41.25 -43.93 11.12
C ASP A 121 -40.35 -43.47 9.97
N ALA A 122 -40.85 -42.50 9.18
CA ALA A 122 -40.08 -41.88 8.09
C ALA A 122 -38.90 -41.09 8.64
N LEU A 123 -39.12 -40.42 9.79
CA LEU A 123 -38.08 -39.69 10.52
C LEU A 123 -36.99 -40.64 11.03
N LEU A 124 -37.41 -41.83 11.52
CA LEU A 124 -36.53 -42.91 11.95
C LEU A 124 -35.70 -43.46 10.80
N PHE A 125 -36.32 -43.56 9.61
CA PHE A 125 -35.65 -43.99 8.37
C PHE A 125 -34.51 -43.02 7.98
N VAL A 126 -34.80 -41.70 8.03
CA VAL A 126 -33.80 -40.65 7.70
C VAL A 126 -32.64 -40.67 8.70
N LYS A 127 -32.97 -40.82 10.02
CA LYS A 127 -32.00 -40.96 11.11
C LYS A 127 -31.13 -42.21 10.97
N ALA A 128 -31.74 -43.33 10.52
CA ALA A 128 -31.03 -44.59 10.28
C ALA A 128 -30.03 -44.48 9.12
N MET A 129 -30.42 -43.80 8.01
CA MET A 129 -29.53 -43.54 6.87
C MET A 129 -28.33 -42.67 7.26
N LEU A 130 -28.61 -41.56 7.99
CA LEU A 130 -27.55 -40.66 8.46
C LEU A 130 -26.62 -41.35 9.46
N ALA A 131 -27.20 -42.20 10.34
CA ALA A 131 -26.44 -42.96 11.32
C ALA A 131 -25.53 -43.99 10.64
N GLN A 132 -26.00 -44.63 9.57
CA GLN A 132 -25.15 -45.55 8.80
C GLN A 132 -24.02 -44.82 8.07
N LYS A 133 -24.33 -43.70 7.40
CA LYS A 133 -23.32 -43.03 6.59
C LYS A 133 -22.29 -42.25 7.43
N TYR A 134 -22.73 -41.53 8.45
CA TYR A 134 -21.82 -40.64 9.18
C TYR A 134 -21.50 -41.11 10.59
N GLY A 135 -21.90 -42.32 10.97
CA GLY A 135 -21.68 -42.79 12.32
C GLY A 135 -22.81 -42.36 13.25
N GLU A 136 -22.77 -42.93 14.46
CA GLU A 136 -23.77 -42.67 15.51
C GLU A 136 -23.78 -41.23 15.98
N THR A 137 -22.60 -40.63 16.13
CA THR A 137 -22.46 -39.25 16.60
C THR A 137 -22.44 -38.25 15.44
N TYR A 138 -23.49 -38.33 14.63
CA TYR A 138 -23.65 -37.39 13.51
C TYR A 138 -24.22 -36.07 14.02
N ASP A 139 -23.98 -34.98 13.32
CA ASP A 139 -24.44 -33.64 13.69
C ASP A 139 -25.96 -33.56 13.61
N ARG A 140 -26.61 -33.51 14.77
CA ARG A 140 -28.06 -33.38 14.87
C ARG A 140 -28.51 -32.00 14.37
N PRO A 141 -29.65 -31.90 13.68
CA PRO A 141 -30.10 -30.57 13.21
C PRO A 141 -30.68 -29.70 14.31
N SER A 142 -30.24 -28.45 14.33
CA SER A 142 -30.84 -27.43 15.17
C SER A 142 -31.79 -26.54 14.41
N LEU A 143 -32.11 -26.88 13.16
CA LEU A 143 -32.98 -26.07 12.31
C LEU A 143 -33.58 -26.93 11.21
N ILE A 144 -34.88 -26.77 10.99
CA ILE A 144 -35.60 -27.41 9.89
C ILE A 144 -36.04 -26.31 8.93
N LEU A 145 -35.51 -26.33 7.72
CA LEU A 145 -35.79 -25.32 6.71
C LEU A 145 -36.74 -25.93 5.69
N SER A 146 -37.99 -25.51 5.72
CA SER A 146 -38.99 -25.96 4.76
C SER A 146 -39.07 -25.00 3.59
N VAL A 147 -38.79 -25.48 2.38
CA VAL A 147 -38.81 -24.62 1.21
C VAL A 147 -40.08 -24.93 0.41
N THR A 148 -40.95 -23.94 0.29
CA THR A 148 -42.19 -24.04 -0.45
C THR A 148 -42.23 -22.94 -1.49
N GLY A 149 -43.09 -23.12 -2.48
CA GLY A 149 -43.20 -22.08 -3.50
C GLY A 149 -43.71 -22.64 -4.81
N GLY A 150 -43.23 -22.00 -5.89
CA GLY A 150 -43.70 -22.26 -7.24
C GLY A 150 -43.33 -23.63 -7.77
N ALA A 151 -44.34 -24.35 -8.28
CA ALA A 151 -44.06 -25.62 -8.94
C ALA A 151 -43.45 -25.40 -10.32
N ARG A 152 -43.95 -24.43 -11.07
CA ARG A 152 -43.45 -24.13 -12.40
C ARG A 152 -42.10 -23.40 -12.35
N ASN A 153 -41.35 -23.51 -13.45
CA ASN A 153 -40.03 -22.89 -13.59
C ASN A 153 -40.11 -21.37 -13.60
N PHE A 154 -39.14 -20.73 -12.95
CA PHE A 154 -39.11 -19.25 -12.88
C PHE A 154 -37.66 -18.75 -12.82
N THR A 155 -37.39 -17.56 -13.33
CA THR A 155 -36.05 -16.99 -13.34
C THR A 155 -36.03 -15.84 -12.34
N LEU A 156 -35.05 -15.85 -11.47
CA LEU A 156 -34.84 -14.81 -10.48
C LEU A 156 -33.69 -13.90 -10.88
N PRO A 157 -33.60 -12.67 -10.29
CA PRO A 157 -32.50 -11.77 -10.55
C PRO A 157 -31.18 -12.29 -9.97
N PRO A 158 -30.01 -12.17 -10.64
CA PRO A 158 -28.74 -12.75 -10.12
C PRO A 158 -28.27 -12.32 -8.72
N ARG A 159 -28.52 -11.05 -8.36
CA ARG A 159 -28.06 -10.54 -7.03
C ARG A 159 -28.96 -11.13 -5.95
N LEU A 160 -30.28 -11.13 -6.19
CA LEU A 160 -31.23 -11.69 -5.24
C LEU A 160 -30.99 -13.18 -5.00
N GLU A 161 -30.72 -13.92 -6.09
CA GLU A 161 -30.40 -15.35 -6.09
C GLU A 161 -29.11 -15.63 -5.33
N THR A 162 -28.10 -14.76 -5.57
CA THR A 162 -26.80 -14.81 -4.91
C THR A 162 -26.94 -14.59 -3.40
N ALA A 163 -27.78 -13.60 -2.99
CA ALA A 163 -28.05 -13.29 -1.58
C ALA A 163 -28.76 -14.43 -0.84
N ILE A 164 -29.80 -15.02 -1.49
CA ILE A 164 -30.57 -16.16 -0.96
C ILE A 164 -29.68 -17.39 -0.83
N ALA A 165 -28.88 -17.67 -1.88
CA ALA A 165 -27.94 -18.80 -1.95
C ALA A 165 -26.87 -18.72 -0.87
N LYS A 166 -26.26 -17.53 -0.70
CA LYS A 166 -25.20 -17.26 0.28
C LYS A 166 -25.72 -17.40 1.71
N GLY A 167 -26.90 -16.79 1.99
CA GLY A 167 -27.53 -16.85 3.30
C GLY A 167 -27.99 -18.24 3.70
N LEU A 168 -28.62 -18.96 2.75
CA LEU A 168 -29.11 -20.31 2.95
C LEU A 168 -27.97 -21.31 3.17
N ARG A 169 -26.87 -21.18 2.39
CA ARG A 169 -25.67 -22.00 2.55
C ARG A 169 -24.98 -21.78 3.89
N LEU A 170 -24.85 -20.49 4.32
CA LEU A 170 -24.26 -20.13 5.62
C LEU A 170 -25.09 -20.69 6.78
N ALA A 171 -26.42 -20.51 6.71
CA ALA A 171 -27.36 -20.99 7.74
C ALA A 171 -27.36 -22.51 7.84
N ALA A 172 -27.39 -23.19 6.67
CA ALA A 172 -27.40 -24.65 6.57
C ALA A 172 -26.10 -25.25 7.07
N GLN A 173 -24.95 -24.65 6.72
CA GLN A 173 -23.67 -25.19 7.14
C GLN A 173 -23.39 -24.90 8.62
N ARG A 174 -23.91 -23.77 9.16
CA ARG A 174 -23.67 -23.48 10.57
C ARG A 174 -24.60 -24.24 11.50
N THR A 175 -25.86 -24.48 11.10
CA THR A 175 -26.79 -25.13 12.01
C THR A 175 -27.01 -26.61 11.76
N ASN A 176 -26.35 -27.20 10.74
CA ASN A 176 -26.55 -28.59 10.21
C ASN A 176 -28.01 -28.89 9.87
N ALA A 177 -28.70 -27.89 9.29
CA ALA A 177 -30.14 -27.86 9.07
C ALA A 177 -30.63 -28.92 8.09
N TRP A 178 -31.84 -29.42 8.34
CA TRP A 178 -32.52 -30.29 7.39
C TRP A 178 -33.43 -29.48 6.48
N VAL A 179 -33.12 -29.49 5.19
CA VAL A 179 -33.90 -28.74 4.20
C VAL A 179 -34.91 -29.69 3.56
N VAL A 180 -36.19 -29.40 3.73
CA VAL A 180 -37.26 -30.24 3.19
C VAL A 180 -37.95 -29.50 2.06
N THR A 181 -37.88 -30.07 0.84
CA THR A 181 -38.57 -29.51 -0.32
C THR A 181 -39.44 -30.57 -0.97
N GLY A 182 -39.99 -30.25 -2.14
CA GLY A 182 -40.79 -31.18 -2.92
C GLY A 182 -40.00 -32.25 -3.66
N GLY A 183 -38.72 -32.01 -3.94
CA GLY A 183 -37.91 -33.05 -4.55
C GLY A 183 -37.94 -33.17 -6.07
N THR A 184 -38.70 -32.30 -6.74
CA THR A 184 -38.87 -32.36 -8.21
C THR A 184 -37.87 -31.42 -8.91
N ASN A 185 -37.57 -31.64 -10.20
CA ASN A 185 -36.55 -30.86 -10.93
C ASN A 185 -37.13 -29.65 -11.66
N THR A 186 -37.92 -28.82 -10.97
CA THR A 186 -38.50 -27.62 -11.54
C THR A 186 -38.57 -26.61 -10.42
N GLY A 187 -38.44 -25.32 -10.77
CA GLY A 187 -38.70 -24.18 -9.88
C GLY A 187 -37.85 -24.06 -8.63
N VAL A 188 -38.53 -23.79 -7.50
CA VAL A 188 -37.89 -23.51 -6.21
C VAL A 188 -37.16 -24.75 -5.64
N MET A 189 -37.68 -25.97 -5.90
CA MET A 189 -37.05 -27.23 -5.50
C MET A 189 -35.72 -27.44 -6.22
N LYS A 190 -35.72 -27.19 -7.54
CA LYS A 190 -34.53 -27.25 -8.40
C LYS A 190 -33.52 -26.17 -8.00
N LEU A 191 -34.04 -24.98 -7.66
CA LEU A 191 -33.26 -23.84 -7.19
C LEU A 191 -32.56 -24.12 -5.87
N THR A 192 -33.28 -24.74 -4.92
CA THR A 192 -32.77 -25.15 -3.61
C THR A 192 -31.69 -26.23 -3.76
N GLY A 193 -31.93 -27.17 -4.71
CA GLY A 193 -30.96 -28.19 -5.10
C GLY A 193 -29.67 -27.60 -5.64
N GLN A 194 -29.80 -26.56 -6.49
CA GLN A 194 -28.66 -25.82 -7.05
C GLN A 194 -27.87 -25.09 -5.95
N ILE A 195 -28.58 -24.53 -4.96
CA ILE A 195 -27.94 -23.87 -3.81
C ILE A 195 -27.14 -24.87 -2.97
N MET A 196 -27.75 -26.03 -2.68
CA MET A 196 -27.08 -27.03 -1.85
C MET A 196 -26.01 -27.86 -2.57
N GLU A 197 -26.00 -27.81 -3.92
CA GLU A 197 -24.99 -28.51 -4.73
C GLU A 197 -23.59 -27.95 -4.46
N ALA A 198 -23.48 -26.61 -4.39
CA ALA A 198 -22.22 -25.94 -4.07
C ALA A 198 -21.77 -26.21 -2.64
N LEU A 199 -22.75 -26.40 -1.72
CA LEU A 199 -22.45 -26.76 -0.34
C LEU A 199 -21.89 -28.17 -0.27
N SER A 200 -22.45 -29.08 -1.06
CA SER A 200 -21.96 -30.45 -1.16
C SER A 200 -20.62 -30.57 -1.88
N LYS A 201 -20.23 -29.58 -2.68
CA LYS A 201 -18.95 -29.59 -3.37
C LYS A 201 -17.83 -28.89 -2.60
N THR A 202 -18.11 -27.71 -2.04
CA THR A 202 -17.12 -26.89 -1.34
C THR A 202 -16.81 -27.34 0.08
N GLN A 203 -17.59 -28.25 0.65
CA GLN A 203 -17.42 -28.69 2.03
C GLN A 203 -17.21 -30.19 2.10
N SER A 204 -16.34 -30.60 3.02
CA SER A 204 -16.00 -31.99 3.25
C SER A 204 -16.69 -32.48 4.52
N HIS A 205 -16.61 -33.82 4.72
CA HIS A 205 -17.22 -34.64 5.79
C HIS A 205 -18.74 -34.42 5.72
N PHE A 206 -19.39 -33.87 6.75
CA PHE A 206 -20.86 -33.86 6.87
C PHE A 206 -21.51 -32.94 5.84
N ILE A 207 -22.50 -33.46 5.12
CA ILE A 207 -23.30 -32.69 4.20
C ILE A 207 -24.74 -32.69 4.70
N PRO A 208 -25.35 -31.52 4.98
CA PRO A 208 -26.78 -31.42 5.43
C PRO A 208 -27.77 -32.00 4.43
N PRO A 209 -28.70 -32.87 4.86
CA PRO A 209 -29.64 -33.52 3.90
C PRO A 209 -30.63 -32.57 3.25
N THR A 210 -30.93 -32.84 1.99
CA THR A 210 -31.95 -32.13 1.23
C THR A 210 -33.04 -33.17 0.94
N ILE A 211 -33.97 -33.30 1.88
CA ILE A 211 -35.02 -34.31 1.80
C ILE A 211 -36.10 -33.86 0.83
N GLY A 212 -36.43 -34.71 -0.14
CA GLY A 212 -37.52 -34.44 -1.05
C GLY A 212 -38.69 -35.38 -0.86
N ILE A 213 -39.83 -34.83 -0.45
CA ILE A 213 -41.06 -35.59 -0.25
C ILE A 213 -41.97 -35.36 -1.44
N ALA A 214 -42.21 -36.39 -2.24
CA ALA A 214 -42.96 -36.21 -3.47
C ALA A 214 -44.06 -37.25 -3.61
N THR A 215 -45.09 -36.86 -4.35
CA THR A 215 -46.19 -37.81 -4.64
C THR A 215 -45.66 -38.79 -5.66
N TYR A 216 -46.03 -40.05 -5.53
CA TYR A 216 -45.50 -41.08 -6.45
C TYR A 216 -46.30 -41.06 -7.75
N GLY A 217 -47.56 -40.64 -7.71
CA GLY A 217 -48.41 -40.71 -8.89
C GLY A 217 -48.03 -39.82 -10.08
N VAL A 218 -47.00 -39.00 -9.91
CA VAL A 218 -46.64 -38.06 -11.01
C VAL A 218 -45.21 -38.35 -11.43
N ILE A 219 -44.51 -39.22 -10.71
CA ILE A 219 -43.03 -39.39 -10.93
C ILE A 219 -42.66 -40.30 -12.11
N ILE A 220 -41.79 -39.79 -12.98
CA ILE A 220 -41.31 -40.56 -14.16
C ILE A 220 -40.51 -41.74 -13.63
N GLY A 221 -40.75 -42.92 -14.20
CA GLY A 221 -39.93 -44.04 -13.80
C GLY A 221 -40.29 -44.79 -12.55
N GLY A 222 -41.53 -44.65 -12.05
CA GLY A 222 -41.99 -45.33 -10.82
C GLY A 222 -42.00 -46.86 -10.88
N ASP A 223 -42.37 -47.42 -12.03
CA ASP A 223 -42.41 -48.86 -12.26
C ASP A 223 -41.02 -49.49 -12.20
N ASP A 224 -40.01 -48.79 -12.75
CA ASP A 224 -38.61 -49.20 -12.71
C ASP A 224 -38.07 -49.24 -11.27
N MET A 225 -38.46 -48.24 -10.48
CA MET A 225 -38.09 -48.13 -9.07
C MET A 225 -38.78 -49.21 -8.24
N THR A 226 -40.02 -49.54 -8.58
CA THR A 226 -40.78 -50.54 -7.83
C THR A 226 -40.27 -51.97 -8.07
N ARG A 227 -40.25 -52.37 -9.34
CA ARG A 227 -39.96 -53.80 -9.66
C ARG A 227 -38.53 -54.20 -9.35
N GLY A 228 -38.35 -55.20 -8.48
CA GLY A 228 -37.00 -55.71 -8.16
C GLY A 228 -36.94 -56.28 -6.77
N GLU A 229 -35.79 -56.81 -6.35
CA GLU A 229 -35.69 -57.32 -4.99
C GLU A 229 -35.01 -56.26 -4.14
N PRO A 230 -35.70 -55.67 -3.14
CA PRO A 230 -35.11 -54.57 -2.38
C PRO A 230 -34.06 -55.04 -1.39
N PRO A 231 -33.04 -54.21 -0.99
CA PRO A 231 -32.73 -52.85 -1.53
C PRO A 231 -32.04 -52.78 -2.90
N LYS A 232 -32.38 -51.79 -3.72
CA LYS A 232 -31.72 -51.60 -5.02
C LYS A 232 -30.56 -50.63 -4.80
N ILE A 233 -29.33 -51.15 -4.76
CA ILE A 233 -28.16 -50.32 -4.48
C ILE A 233 -27.68 -49.69 -5.77
N GLY A 234 -27.61 -48.36 -5.78
CA GLY A 234 -27.12 -47.56 -6.91
C GLY A 234 -27.88 -47.67 -8.20
N LEU A 235 -29.21 -47.73 -8.14
CA LEU A 235 -30.07 -47.83 -9.32
C LEU A 235 -30.01 -46.56 -10.16
N GLU A 236 -29.81 -46.74 -11.46
CA GLU A 236 -29.72 -45.62 -12.38
C GLU A 236 -31.08 -45.00 -12.67
N TYR A 237 -31.16 -43.68 -12.51
CA TYR A 237 -32.37 -42.92 -12.78
C TYR A 237 -32.19 -42.16 -14.09
N GLU A 238 -33.12 -42.36 -15.01
CA GLU A 238 -33.07 -41.74 -16.34
C GLU A 238 -34.20 -40.72 -16.33
N MET A 239 -33.84 -39.47 -16.00
CA MET A 239 -34.81 -38.36 -15.97
C MET A 239 -35.34 -37.96 -17.34
N HIS A 240 -34.58 -38.18 -18.41
CA HIS A 240 -35.07 -37.77 -19.73
C HIS A 240 -35.89 -38.83 -20.44
N LYS A 241 -35.95 -40.06 -19.91
CA LYS A 241 -36.76 -41.11 -20.53
C LYS A 241 -38.25 -40.86 -20.39
N LYS A 242 -39.00 -41.08 -21.47
CA LYS A 242 -40.43 -40.75 -21.47
C LYS A 242 -41.13 -41.96 -20.88
N ASP A 243 -41.44 -41.88 -19.58
CA ASP A 243 -42.23 -42.98 -18.93
C ASP A 243 -43.70 -42.56 -18.91
N PRO A 244 -44.60 -43.11 -19.76
CA PRO A 244 -46.00 -42.64 -19.82
C PRO A 244 -46.88 -43.03 -18.61
N PRO A 245 -47.79 -42.15 -18.16
CA PRO A 245 -48.02 -40.84 -18.77
C PRO A 245 -47.51 -39.72 -17.86
N LYS A 246 -46.26 -39.83 -17.39
CA LYS A 246 -45.76 -38.83 -16.41
C LYS A 246 -44.72 -37.95 -17.10
N THR A 247 -44.70 -36.65 -16.81
CA THR A 247 -43.77 -35.71 -17.43
C THR A 247 -42.97 -34.95 -16.38
N THR A 248 -43.08 -35.43 -15.13
CA THR A 248 -42.41 -34.75 -13.98
C THR A 248 -41.19 -35.54 -13.49
N PRO A 249 -39.94 -35.04 -13.62
CA PRO A 249 -38.78 -35.75 -13.07
C PRO A 249 -38.34 -35.33 -11.67
N LEU A 250 -37.56 -36.19 -11.01
CA LEU A 250 -37.04 -35.90 -9.64
C LEU A 250 -35.76 -35.06 -9.75
N ASP A 251 -35.55 -34.15 -8.81
CA ASP A 251 -34.35 -33.31 -8.77
C ASP A 251 -33.13 -34.16 -8.42
N ASP A 252 -32.07 -34.04 -9.22
CA ASP A 252 -30.89 -34.88 -9.02
C ASP A 252 -29.99 -34.44 -7.87
N ASN A 253 -30.20 -33.25 -7.30
CA ASN A 253 -29.38 -32.72 -6.24
C ASN A 253 -29.93 -32.98 -4.84
N HIS A 254 -31.06 -33.67 -4.71
CA HIS A 254 -31.63 -33.97 -3.40
C HIS A 254 -31.01 -35.25 -2.84
N ASN A 255 -30.72 -35.21 -1.55
CA ASN A 255 -29.97 -36.29 -0.91
C ASN A 255 -30.82 -37.45 -0.42
N LEU A 256 -32.13 -37.28 -0.31
CA LEU A 256 -33.02 -38.38 0.11
C LEU A 256 -34.37 -38.19 -0.57
N PHE A 257 -35.16 -39.25 -0.70
CA PHE A 257 -36.46 -39.18 -1.34
C PHE A 257 -37.49 -40.01 -0.60
N LEU A 258 -38.64 -39.41 -0.30
CA LEU A 258 -39.79 -40.11 0.25
C LEU A 258 -40.93 -40.01 -0.76
N LEU A 259 -41.26 -41.12 -1.40
CA LEU A 259 -42.34 -41.13 -2.39
C LEU A 259 -43.61 -41.62 -1.71
N VAL A 260 -44.50 -40.68 -1.44
CA VAL A 260 -45.78 -40.97 -0.80
C VAL A 260 -46.80 -41.41 -1.84
N ASP A 261 -47.37 -42.60 -1.64
CA ASP A 261 -48.28 -43.16 -2.67
C ASP A 261 -49.70 -43.35 -2.13
N ASP A 262 -50.70 -43.02 -2.95
CA ASP A 262 -52.10 -43.22 -2.59
C ASP A 262 -52.88 -44.01 -3.64
N GLY A 263 -52.20 -44.54 -4.65
CA GLY A 263 -52.82 -45.28 -5.73
C GLY A 263 -53.29 -44.45 -6.91
N SER A 264 -53.25 -43.13 -6.80
CA SER A 264 -53.66 -42.28 -7.90
C SER A 264 -52.50 -42.05 -8.86
N THR A 265 -52.84 -41.56 -10.05
CA THR A 265 -51.87 -41.25 -11.09
C THR A 265 -52.15 -39.85 -11.63
N ASN A 266 -51.05 -39.08 -11.79
CA ASN A 266 -51.00 -37.70 -12.31
C ASN A 266 -51.86 -36.70 -11.54
N LYS A 267 -52.00 -36.97 -10.24
CA LYS A 267 -52.80 -36.11 -9.33
C LYS A 267 -51.86 -35.53 -8.29
N PHE A 268 -51.35 -34.31 -8.52
CA PHE A 268 -50.33 -33.73 -7.61
C PHE A 268 -50.94 -33.30 -6.28
N GLY A 269 -50.10 -33.12 -5.24
CA GLY A 269 -50.59 -32.55 -3.96
C GLY A 269 -51.09 -33.55 -2.94
N LYS A 270 -50.94 -34.85 -3.18
CA LYS A 270 -51.35 -35.87 -2.19
C LYS A 270 -50.52 -35.78 -0.91
N GLU A 271 -49.26 -35.34 -1.00
CA GLU A 271 -48.34 -35.38 0.19
C GLU A 271 -48.29 -34.10 1.02
N ILE A 272 -49.10 -33.08 0.74
CA ILE A 272 -48.91 -31.77 1.46
C ILE A 272 -49.07 -31.95 2.97
N LYS A 273 -50.04 -32.73 3.44
CA LYS A 273 -50.26 -32.81 4.90
C LYS A 273 -49.10 -33.59 5.53
N PHE A 274 -48.82 -34.78 5.02
CA PHE A 274 -47.76 -35.66 5.51
C PHE A 274 -46.43 -34.89 5.66
N ARG A 275 -46.15 -33.98 4.71
CA ARG A 275 -44.95 -33.14 4.72
C ARG A 275 -44.93 -32.22 5.93
N ALA A 276 -46.10 -31.58 6.20
CA ALA A 276 -46.31 -30.70 7.36
C ALA A 276 -46.17 -31.46 8.68
N ALA A 277 -46.75 -32.68 8.72
CA ALA A 277 -46.68 -33.57 9.88
C ALA A 277 -45.25 -34.03 10.16
N PHE A 278 -44.48 -34.33 9.08
CA PHE A 278 -43.09 -34.74 9.19
C PHE A 278 -42.20 -33.62 9.71
N GLU A 279 -42.42 -32.37 9.22
CA GLU A 279 -41.68 -31.18 9.69
C GLU A 279 -41.97 -30.89 11.16
N ASN A 280 -43.25 -30.98 11.57
CA ASN A 280 -43.64 -30.81 12.97
C ASN A 280 -43.06 -31.89 13.87
N ALA A 281 -43.06 -33.15 13.38
CA ALA A 281 -42.50 -34.31 14.09
C ALA A 281 -41.00 -34.18 14.29
N ALA A 282 -40.29 -33.73 13.25
CA ALA A 282 -38.84 -33.47 13.30
C ALA A 282 -38.52 -32.34 14.27
N GLY A 283 -39.34 -31.27 14.24
CA GLY A 283 -39.19 -30.14 15.15
C GLY A 283 -39.38 -30.51 16.62
N GLN A 284 -40.39 -31.34 16.91
CA GLN A 284 -40.58 -31.83 18.29
C GLN A 284 -39.47 -32.78 18.71
N ALA A 285 -39.03 -33.68 17.80
CA ALA A 285 -38.01 -34.69 18.11
C ALA A 285 -36.64 -34.10 18.38
N PHE A 286 -36.19 -33.14 17.57
CA PHE A 286 -34.84 -32.58 17.78
C PHE A 286 -34.83 -31.31 18.61
N ALA A 287 -36.01 -30.86 19.10
CA ALA A 287 -36.26 -29.60 19.85
C ALA A 287 -35.75 -28.36 19.11
N ALA A 288 -35.95 -28.36 17.79
CA ALA A 288 -35.50 -27.41 16.81
C ALA A 288 -36.64 -26.63 16.18
N PRO A 289 -36.50 -25.32 15.97
CA PRO A 289 -37.54 -24.55 15.29
C PRO A 289 -37.67 -24.91 13.81
N VAL A 290 -38.90 -24.84 13.32
CA VAL A 290 -39.21 -25.07 11.93
C VAL A 290 -39.41 -23.72 11.27
N VAL A 291 -38.64 -23.41 10.24
CA VAL A 291 -38.73 -22.12 9.56
C VAL A 291 -39.10 -22.39 8.12
N THR A 292 -40.25 -21.88 7.69
CA THR A 292 -40.68 -22.01 6.31
C THR A 292 -40.12 -20.81 5.55
N ILE A 293 -39.66 -21.04 4.31
CA ILE A 293 -39.15 -19.98 3.45
C ILE A 293 -40.02 -19.97 2.21
N VAL A 294 -40.56 -18.81 1.85
CA VAL A 294 -41.49 -18.67 0.74
C VAL A 294 -40.79 -17.85 -0.33
N VAL A 295 -40.55 -18.51 -1.46
CA VAL A 295 -39.96 -17.84 -2.65
C VAL A 295 -40.96 -18.03 -3.78
N GLN A 296 -41.25 -16.98 -4.54
CA GLN A 296 -42.26 -17.05 -5.63
C GLN A 296 -43.56 -17.57 -5.03
N GLY A 297 -44.16 -18.56 -5.66
CA GLY A 297 -45.35 -19.16 -5.04
C GLY A 297 -46.62 -18.82 -5.78
N GLY A 298 -47.42 -19.84 -6.08
CA GLY A 298 -48.70 -19.61 -6.71
C GLY A 298 -49.81 -19.45 -5.68
N PRO A 299 -51.09 -19.65 -6.09
CA PRO A 299 -52.23 -19.55 -5.14
C PRO A 299 -52.24 -20.55 -3.99
N GLY A 300 -51.77 -21.77 -4.21
CA GLY A 300 -51.72 -22.77 -3.14
C GLY A 300 -50.64 -22.52 -2.11
N THR A 301 -49.58 -21.79 -2.50
CA THR A 301 -48.49 -21.38 -1.61
C THR A 301 -48.98 -20.42 -0.52
N LEU A 302 -49.95 -19.55 -0.88
CA LEU A 302 -50.64 -18.64 0.03
C LEU A 302 -51.40 -19.39 1.12
N GLY A 303 -52.14 -20.44 0.72
CA GLY A 303 -52.84 -21.30 1.67
C GLY A 303 -51.90 -22.12 2.54
N THR A 304 -50.77 -22.57 1.95
CA THR A 304 -49.70 -23.28 2.65
C THR A 304 -49.05 -22.40 3.74
N ALA A 305 -48.76 -21.14 3.36
CA ALA A 305 -48.22 -20.12 4.26
C ALA A 305 -49.21 -19.76 5.35
N LEU A 306 -50.52 -19.70 5.01
CA LEU A 306 -51.61 -19.48 5.94
C LEU A 306 -51.70 -20.58 6.99
N GLN A 307 -51.56 -21.83 6.52
CA GLN A 307 -51.52 -23.03 7.37
C GLN A 307 -50.31 -22.99 8.31
N ALA A 308 -49.16 -22.55 7.76
CA ALA A 308 -47.91 -22.41 8.51
C ALA A 308 -48.02 -21.37 9.63
N VAL A 309 -48.62 -20.23 9.33
CA VAL A 309 -48.80 -19.19 10.38
C VAL A 309 -49.76 -19.77 11.42
N ARG A 310 -50.87 -20.35 10.98
CA ARG A 310 -51.89 -20.83 11.93
C ARG A 310 -51.33 -21.86 12.92
N GLN A 311 -50.39 -22.69 12.48
CA GLN A 311 -49.77 -23.68 13.36
C GLN A 311 -48.59 -23.13 14.18
N GLY A 312 -48.32 -21.83 14.16
CA GLY A 312 -47.24 -21.23 14.93
C GLY A 312 -45.88 -21.25 14.28
N THR A 313 -45.76 -21.81 13.09
CA THR A 313 -44.48 -21.89 12.40
C THR A 313 -44.16 -20.56 11.74
N PRO A 314 -43.00 -19.93 12.04
CA PRO A 314 -42.63 -18.68 11.36
C PRO A 314 -42.31 -18.87 9.89
N ILE A 315 -42.55 -17.80 9.12
CA ILE A 315 -42.27 -17.82 7.68
C ILE A 315 -41.33 -16.66 7.36
N VAL A 316 -40.47 -16.89 6.37
CA VAL A 316 -39.55 -15.89 5.83
C VAL A 316 -39.92 -15.73 4.37
N VAL A 317 -40.47 -14.57 4.03
CA VAL A 317 -40.94 -14.30 2.68
C VAL A 317 -39.87 -13.51 1.93
N VAL A 318 -39.42 -14.06 0.80
CA VAL A 318 -38.39 -13.43 -0.04
C VAL A 318 -39.06 -12.43 -0.98
N ASP A 319 -38.98 -11.14 -0.64
CA ASP A 319 -39.50 -10.07 -1.48
C ASP A 319 -38.66 -9.91 -2.75
N GLY A 320 -39.32 -9.53 -3.85
CA GLY A 320 -38.66 -9.37 -5.12
C GLY A 320 -38.60 -10.62 -5.97
N SER A 321 -39.14 -11.72 -5.43
CA SER A 321 -39.18 -13.02 -6.14
C SER A 321 -40.42 -13.05 -7.03
N GLY A 322 -41.60 -12.87 -6.45
CA GLY A 322 -42.78 -12.76 -7.33
C GLY A 322 -44.05 -13.39 -6.81
N LEU A 323 -45.19 -13.00 -7.37
CA LEU A 323 -46.51 -13.58 -7.03
C LEU A 323 -46.76 -13.56 -5.52
N ALA A 324 -47.20 -14.68 -4.96
CA ALA A 324 -47.57 -14.71 -3.54
C ALA A 324 -46.54 -14.01 -2.66
N ALA A 325 -45.27 -14.00 -3.06
CA ALA A 325 -44.28 -13.45 -2.14
C ALA A 325 -44.27 -11.92 -2.15
N ASP A 326 -44.39 -11.32 -3.35
CA ASP A 326 -44.49 -9.86 -3.51
C ASP A 326 -45.77 -9.32 -2.89
N VAL A 327 -46.86 -10.09 -3.01
CA VAL A 327 -48.18 -9.77 -2.46
C VAL A 327 -48.12 -9.77 -0.92
N LEU A 328 -47.48 -10.82 -0.36
CA LEU A 328 -47.27 -10.97 1.09
C LEU A 328 -46.36 -9.88 1.66
N ALA A 329 -45.27 -9.56 0.92
CA ALA A 329 -44.33 -8.51 1.29
C ALA A 329 -44.98 -7.12 1.30
N TYR A 330 -45.81 -6.86 0.30
CA TYR A 330 -46.54 -5.57 0.25
C TYR A 330 -47.46 -5.54 1.46
N ALA A 331 -48.27 -6.58 1.58
CA ALA A 331 -49.26 -6.64 2.66
C ALA A 331 -48.64 -6.44 4.04
N TYR A 332 -47.53 -7.10 4.34
CA TYR A 332 -46.88 -6.86 5.65
C TYR A 332 -46.43 -5.40 5.70
N ASN A 333 -45.70 -4.95 4.69
CA ASN A 333 -45.19 -3.58 4.70
C ASN A 333 -46.32 -2.58 4.92
N PHE A 334 -47.51 -3.00 4.49
CA PHE A 334 -48.69 -2.13 4.58
C PHE A 334 -49.15 -2.15 6.02
N MET A 335 -49.08 -3.33 6.62
CA MET A 335 -49.65 -3.45 7.99
C MET A 335 -48.62 -3.23 9.09
N HIS A 336 -47.32 -3.08 8.81
CA HIS A 336 -46.39 -2.92 9.93
C HIS A 336 -45.24 -1.93 9.77
N ASN A 337 -44.73 -1.74 8.55
CA ASN A 337 -43.48 -0.99 8.30
C ASN A 337 -43.64 0.51 8.53
N PRO A 338 -42.84 1.14 9.40
CA PRO A 338 -43.02 2.58 9.66
C PRO A 338 -42.26 3.56 8.78
N LEU A 339 -41.69 3.06 7.68
CA LEU A 339 -40.85 3.91 6.82
C LEU A 339 -41.67 4.86 5.93
N THR A 340 -41.06 5.95 5.49
CA THR A 340 -41.76 6.99 4.74
C THR A 340 -42.26 6.50 3.38
N ARG A 341 -41.49 5.62 2.70
CA ARG A 341 -41.86 5.14 1.36
C ARG A 341 -43.05 4.17 1.34
N PHE A 342 -43.52 3.76 2.52
CA PHE A 342 -44.66 2.80 2.60
C PHE A 342 -45.93 3.55 2.98
N LYS A 343 -45.81 4.85 3.24
CA LYS A 343 -46.97 5.66 3.62
C LYS A 343 -47.98 5.84 2.49
N SER A 344 -47.57 5.64 1.24
CA SER A 344 -48.44 5.69 0.07
C SER A 344 -49.09 4.35 -0.27
N TYR A 345 -48.81 3.31 0.51
CA TYR A 345 -49.41 1.98 0.30
C TYR A 345 -50.90 2.00 0.63
N THR A 346 -51.70 1.41 -0.26
CA THR A 346 -53.15 1.36 -0.15
C THR A 346 -53.63 -0.04 -0.49
N ILE A 347 -54.84 -0.36 -0.04
CA ILE A 347 -55.40 -1.70 -0.37
C ILE A 347 -55.72 -1.72 -1.87
N ASP A 348 -56.24 -0.62 -2.41
CA ASP A 348 -56.60 -0.55 -3.84
C ASP A 348 -55.44 -0.92 -4.76
N ASP A 349 -54.24 -0.40 -4.48
CA ASP A 349 -53.04 -0.75 -5.25
C ASP A 349 -52.63 -2.20 -5.03
N LEU A 350 -52.88 -2.73 -3.83
CA LEU A 350 -52.56 -4.17 -3.56
C LEU A 350 -53.56 -5.01 -4.36
N ARG A 351 -54.83 -4.64 -4.29
CA ARG A 351 -55.89 -5.35 -5.01
C ARG A 351 -55.61 -5.36 -6.51
N GLN A 352 -55.11 -4.22 -7.02
CA GLN A 352 -54.68 -4.03 -8.40
C GLN A 352 -53.49 -4.94 -8.74
N LYS A 353 -52.53 -5.04 -7.79
CA LYS A 353 -51.36 -5.92 -7.91
C LYS A 353 -51.75 -7.40 -7.97
N VAL A 354 -52.68 -7.82 -7.09
CA VAL A 354 -53.21 -9.20 -7.06
C VAL A 354 -53.96 -9.53 -8.36
N ALA A 355 -54.79 -8.57 -8.84
CA ALA A 355 -55.56 -8.71 -10.09
C ALA A 355 -54.66 -8.77 -11.32
N GLN A 356 -53.61 -7.96 -11.37
CA GLN A 356 -52.70 -7.98 -12.51
C GLN A 356 -51.79 -9.20 -12.48
N THR A 357 -51.46 -9.69 -11.27
CA THR A 357 -50.55 -10.82 -11.17
C THR A 357 -51.23 -12.18 -11.32
N PHE A 358 -52.19 -12.55 -10.46
CA PHE A 358 -52.78 -13.93 -10.50
C PHE A 358 -53.95 -14.04 -11.50
N ASN A 359 -54.54 -12.94 -11.92
CA ASN A 359 -55.67 -12.80 -12.85
C ASN A 359 -56.84 -13.75 -12.54
N PRO A 360 -57.59 -13.58 -11.42
CA PRO A 360 -58.72 -14.50 -11.13
C PRO A 360 -59.88 -14.38 -12.11
N LYS A 361 -60.60 -15.50 -12.25
CA LYS A 361 -61.75 -15.54 -13.14
C LYS A 361 -62.95 -14.79 -12.54
N SER A 362 -63.16 -14.93 -11.24
CA SER A 362 -64.31 -14.34 -10.59
C SER A 362 -63.86 -13.40 -9.46
N SER A 363 -64.75 -12.46 -9.14
CA SER A 363 -64.53 -11.47 -8.08
C SER A 363 -64.45 -12.11 -6.69
N GLN A 364 -65.26 -13.16 -6.46
CA GLN A 364 -65.28 -13.90 -5.19
C GLN A 364 -63.96 -14.61 -4.90
N GLN A 365 -63.33 -15.16 -5.96
CA GLN A 365 -62.01 -15.78 -5.87
C GLN A 365 -60.94 -14.77 -5.47
N LEU A 366 -61.02 -13.56 -6.08
CA LEU A 366 -60.15 -12.43 -5.78
C LEU A 366 -60.31 -11.96 -4.35
N THR A 367 -61.58 -11.91 -3.88
CA THR A 367 -61.95 -11.55 -2.51
C THR A 367 -61.40 -12.56 -1.49
N ASN A 368 -61.51 -13.88 -1.81
CA ASN A 368 -61.00 -14.96 -0.96
C ASN A 368 -59.46 -14.96 -0.86
N LEU A 369 -58.79 -14.73 -2.00
CA LEU A 369 -57.33 -14.60 -2.06
C LEU A 369 -56.84 -13.39 -1.29
N LEU A 370 -57.56 -12.26 -1.43
CA LEU A 370 -57.28 -11.01 -0.72
C LEU A 370 -57.44 -11.16 0.79
N ASP A 371 -58.51 -11.85 1.21
CA ASP A 371 -58.80 -12.11 2.63
C ASP A 371 -57.75 -13.01 3.27
N SER A 372 -57.34 -14.07 2.54
CA SER A 372 -56.30 -14.99 3.00
C SER A 372 -54.93 -14.31 3.09
N ALA A 373 -54.58 -13.48 2.09
CA ALA A 373 -53.33 -12.71 2.05
C ALA A 373 -53.23 -11.70 3.18
N LEU A 374 -54.34 -11.01 3.48
CA LEU A 374 -54.38 -10.09 4.61
C LEU A 374 -54.37 -10.84 5.95
N GLU A 375 -54.92 -12.06 5.97
CA GLU A 375 -54.96 -12.88 7.17
C GLU A 375 -53.59 -13.46 7.55
N CYS A 376 -52.71 -13.72 6.55
CA CYS A 376 -51.34 -14.26 6.80
C CYS A 376 -50.43 -13.32 7.60
N VAL A 377 -50.47 -12.02 7.33
CA VAL A 377 -49.50 -11.10 7.91
C VAL A 377 -50.09 -10.33 9.10
N GLN A 378 -51.13 -10.89 9.74
CA GLN A 378 -51.79 -10.32 10.92
C GLN A 378 -50.86 -10.26 12.14
N ASP A 379 -50.09 -11.32 12.36
CA ASP A 379 -49.18 -11.39 13.49
C ASP A 379 -47.79 -11.01 12.97
N PRO A 380 -47.22 -9.87 13.39
CA PRO A 380 -45.88 -9.46 12.88
C PRO A 380 -44.70 -10.34 13.28
N ASN A 381 -44.82 -11.11 14.36
CA ASN A 381 -43.71 -11.95 14.81
C ASN A 381 -43.54 -13.16 13.89
N LEU A 382 -44.65 -13.72 13.39
CA LEU A 382 -44.56 -14.94 12.62
C LEU A 382 -44.18 -14.73 11.16
N VAL A 383 -44.07 -13.50 10.67
CA VAL A 383 -43.72 -13.24 9.29
C VAL A 383 -42.48 -12.35 9.31
N VAL A 384 -41.45 -12.75 8.57
CA VAL A 384 -40.23 -11.94 8.39
C VAL A 384 -40.02 -11.78 6.90
N VAL A 385 -40.01 -10.54 6.42
CA VAL A 385 -39.87 -10.22 5.02
C VAL A 385 -38.44 -9.79 4.77
N TYR A 386 -37.77 -10.49 3.86
CA TYR A 386 -36.40 -10.14 3.47
C TYR A 386 -36.44 -9.34 2.19
N SER A 387 -35.83 -8.15 2.22
CA SER A 387 -35.78 -7.27 1.07
C SER A 387 -34.36 -6.76 0.91
N LEU A 388 -33.92 -6.73 -0.36
CA LEU A 388 -32.56 -6.32 -0.74
C LEU A 388 -32.29 -4.85 -0.46
N GLN A 389 -33.25 -3.97 -0.79
CA GLN A 389 -33.09 -2.53 -0.63
C GLN A 389 -33.22 -2.03 0.82
N GLU A 390 -33.63 -2.88 1.76
CA GLU A 390 -33.79 -2.50 3.16
C GLU A 390 -32.78 -3.20 4.06
N SER A 391 -32.69 -4.53 3.97
CA SER A 391 -31.80 -5.28 4.84
C SER A 391 -30.37 -5.29 4.34
N GLY A 392 -30.13 -5.85 3.15
CA GLY A 392 -28.79 -5.96 2.63
C GLY A 392 -28.54 -7.32 2.03
N ILE A 393 -27.45 -7.45 1.27
CA ILE A 393 -27.11 -8.70 0.56
C ILE A 393 -26.70 -9.80 1.53
N ASP A 394 -26.00 -9.45 2.61
CA ASP A 394 -25.49 -10.43 3.56
C ASP A 394 -26.27 -10.43 4.85
N GLU A 395 -27.59 -10.26 4.78
CA GLU A 395 -28.45 -10.14 5.95
C GLU A 395 -29.59 -11.16 5.96
N PHE A 396 -29.57 -12.15 5.05
CA PHE A 396 -30.63 -13.15 4.99
C PHE A 396 -30.61 -14.13 6.16
N ASP A 397 -29.41 -14.57 6.58
CA ASP A 397 -29.24 -15.40 7.78
C ASP A 397 -29.65 -14.67 9.06
N ASP A 398 -29.46 -13.35 9.10
CA ASP A 398 -29.94 -12.49 10.18
C ASP A 398 -31.46 -12.46 10.23
N CYS A 399 -32.11 -12.43 9.05
CA CYS A 399 -33.57 -12.51 8.93
C CYS A 399 -34.11 -13.85 9.42
N ILE A 400 -33.40 -14.96 9.09
CA ILE A 400 -33.75 -16.31 9.54
C ILE A 400 -33.64 -16.41 11.07
N LEU A 401 -32.58 -15.79 11.62
CA LEU A 401 -32.33 -15.71 13.07
C LEU A 401 -33.38 -14.84 13.77
N LYS A 402 -33.83 -13.77 13.10
CA LYS A 402 -34.91 -12.88 13.57
C LYS A 402 -36.23 -13.62 13.66
N ALA A 403 -36.53 -14.46 12.65
CA ALA A 403 -37.71 -15.33 12.65
C ALA A 403 -37.67 -16.34 13.79
N ILE A 404 -36.46 -16.89 14.04
CA ILE A 404 -36.22 -17.85 15.13
C ILE A 404 -36.44 -17.19 16.50
N PHE A 405 -35.90 -15.97 16.70
CA PHE A 405 -36.06 -15.21 17.95
C PHE A 405 -37.49 -14.75 18.16
N SER A 406 -38.21 -14.44 17.09
CA SER A 406 -39.62 -14.11 17.22
C SER A 406 -40.51 -15.34 17.40
N SER A 407 -40.00 -16.54 17.08
CA SER A 407 -40.81 -17.76 17.18
C SER A 407 -40.97 -18.30 18.59
N GLN A 408 -39.90 -18.85 19.14
CA GLN A 408 -39.89 -19.41 20.49
C GLN A 408 -39.50 -18.34 21.48
N GLY A 409 -40.40 -18.05 22.42
CA GLY A 409 -40.06 -17.03 23.39
C GLY A 409 -39.50 -17.44 24.73
N LYS A 410 -38.17 -17.57 24.81
CA LYS A 410 -37.43 -17.92 26.00
C LYS A 410 -35.99 -17.56 25.72
N LEU A 411 -35.25 -17.18 26.77
CA LEU A 411 -33.86 -16.74 26.63
C LEU A 411 -32.88 -17.84 26.19
N GLY A 412 -33.01 -19.07 26.74
CA GLY A 412 -32.12 -20.17 26.41
C GLY A 412 -32.10 -20.68 24.98
N ASN A 413 -33.29 -20.84 24.37
CA ASN A 413 -33.41 -21.26 22.98
C ASN A 413 -32.87 -20.21 22.00
N LYS A 414 -33.18 -18.93 22.27
CA LYS A 414 -32.71 -17.81 21.44
C LYS A 414 -31.21 -17.58 21.51
N LEU A 415 -30.64 -17.80 22.70
CA LEU A 415 -29.19 -17.64 22.85
C LEU A 415 -28.47 -18.81 22.18
N LYS A 416 -28.96 -20.04 22.38
CA LYS A 416 -28.35 -21.20 21.70
C LYS A 416 -28.35 -21.08 20.17
N GLN A 417 -29.48 -20.65 19.57
CA GLN A 417 -29.58 -20.42 18.12
C GLN A 417 -28.69 -19.27 17.66
N ALA A 418 -28.63 -18.17 18.45
CA ALA A 418 -27.74 -17.04 18.20
C ALA A 418 -26.27 -17.44 18.26
N MET A 419 -25.96 -18.44 19.09
CA MET A 419 -24.57 -18.93 19.12
C MET A 419 -24.34 -19.66 17.82
N TYR A 420 -25.27 -20.54 17.48
CA TYR A 420 -25.11 -21.32 16.23
C TYR A 420 -24.90 -20.44 15.00
N PHE A 421 -25.54 -19.28 14.91
CA PHE A 421 -25.41 -18.47 13.66
C PHE A 421 -24.19 -17.55 13.73
N ASP A 422 -23.50 -17.51 14.86
CA ASP A 422 -22.30 -16.68 15.12
C ASP A 422 -22.60 -15.18 14.99
N GLN A 423 -23.61 -14.74 15.71
CA GLN A 423 -24.05 -13.36 15.76
C GLN A 423 -23.92 -12.92 17.20
N LEU A 424 -22.75 -12.41 17.56
CA LEU A 424 -22.55 -12.05 18.97
C LEU A 424 -23.34 -10.77 19.24
N ASP A 425 -23.26 -9.81 18.31
CA ASP A 425 -23.94 -8.53 18.55
C ASP A 425 -25.41 -8.69 18.89
N VAL A 426 -26.09 -9.64 18.21
CA VAL A 426 -27.49 -9.98 18.43
C VAL A 426 -27.71 -10.54 19.83
N ALA A 427 -26.81 -11.45 20.25
CA ALA A 427 -26.82 -12.05 21.59
C ALA A 427 -26.55 -11.02 22.68
N LYS A 428 -25.58 -10.12 22.43
CA LYS A 428 -25.24 -9.01 23.34
C LYS A 428 -26.40 -8.04 23.52
N ARG A 429 -27.06 -7.67 22.40
CA ARG A 429 -28.22 -6.78 22.41
C ARG A 429 -29.42 -7.42 23.12
N ALA A 430 -29.64 -8.72 22.88
CA ALA A 430 -30.71 -9.50 23.53
C ALA A 430 -30.49 -9.60 25.03
N LEU A 431 -29.23 -9.85 25.45
CA LEU A 431 -28.84 -9.93 26.86
C LEU A 431 -29.00 -8.59 27.56
N SER A 432 -28.58 -7.50 26.88
CA SER A 432 -28.71 -6.13 27.39
C SER A 432 -30.17 -5.71 27.54
N GLU A 433 -31.00 -6.06 26.54
CA GLU A 433 -32.44 -5.79 26.56
C GLU A 433 -33.14 -6.57 27.67
N ALA A 434 -32.77 -7.84 27.85
CA ALA A 434 -33.30 -8.68 28.93
C ALA A 434 -32.88 -8.15 30.31
N SER A 435 -31.63 -7.69 30.41
CA SER A 435 -31.10 -7.06 31.62
C SER A 435 -31.82 -5.76 31.98
N LYS A 436 -32.14 -4.94 30.97
CA LYS A 436 -32.83 -3.67 31.23
C LYS A 436 -34.30 -3.88 31.59
N ASN A 437 -34.97 -4.86 30.98
CA ASN A 437 -36.40 -5.08 31.18
C ASN A 437 -36.75 -5.95 32.40
N GLY A 438 -35.83 -6.16 33.33
CA GLY A 438 -36.14 -6.93 34.54
C GLY A 438 -36.27 -8.42 34.36
N GLN A 439 -35.69 -8.99 33.30
CA GLN A 439 -35.73 -10.43 33.05
C GLN A 439 -34.46 -11.15 33.49
N HIS A 440 -33.86 -10.70 34.60
CA HIS A 440 -32.57 -11.21 35.11
C HIS A 440 -32.64 -12.66 35.58
N ASN A 441 -33.81 -13.10 36.10
CA ASN A 441 -34.01 -14.46 36.62
C ASN A 441 -33.91 -15.52 35.52
N GLU A 442 -34.54 -15.26 34.35
CA GLU A 442 -34.48 -16.19 33.22
C GLU A 442 -33.07 -16.26 32.61
N ILE A 443 -32.36 -15.12 32.66
CA ILE A 443 -30.97 -14.97 32.21
C ILE A 443 -30.06 -15.84 33.05
N ALA A 444 -30.22 -15.76 34.39
CA ALA A 444 -29.45 -16.57 35.33
C ALA A 444 -29.83 -18.05 35.24
N ALA A 445 -31.11 -18.34 34.95
CA ALA A 445 -31.55 -19.73 34.79
C ALA A 445 -31.01 -20.39 33.52
N CYS A 446 -30.75 -19.63 32.45
CA CYS A 446 -30.31 -20.26 31.20
C CYS A 446 -28.84 -20.05 30.86
N ILE A 447 -28.14 -19.18 31.62
CA ILE A 447 -26.74 -18.79 31.39
C ILE A 447 -25.77 -19.98 31.53
N ASN A 448 -26.09 -20.92 32.42
CA ASN A 448 -25.19 -22.08 32.63
C ASN A 448 -25.24 -22.95 31.38
N ASP A 449 -26.43 -23.37 31.01
CA ASP A 449 -26.59 -24.26 29.85
C ASP A 449 -26.02 -23.63 28.58
N ASN A 450 -26.19 -22.30 28.46
CA ASN A 450 -25.65 -21.53 27.34
C ASN A 450 -24.12 -21.49 27.36
N LEU A 451 -23.53 -21.33 28.56
CA LEU A 451 -22.08 -21.36 28.76
C LEU A 451 -21.50 -22.72 28.44
N MET A 452 -22.21 -23.80 28.84
CA MET A 452 -21.85 -25.19 28.52
C MET A 452 -21.84 -25.45 27.03
N ALA A 453 -22.88 -24.96 26.33
CA ALA A 453 -23.06 -25.06 24.89
C ALA A 453 -21.96 -24.29 24.14
N ALA A 454 -21.60 -23.11 24.67
CA ALA A 454 -20.51 -22.29 24.13
C ALA A 454 -19.17 -22.99 24.23
N MET A 455 -18.93 -23.70 25.36
CA MET A 455 -17.73 -24.50 25.53
C MET A 455 -17.66 -25.68 24.57
N MET A 456 -18.80 -26.38 24.35
CA MET A 456 -18.84 -27.56 23.47
C MET A 456 -18.60 -27.22 22.00
N HIS A 457 -19.15 -26.11 21.53
CA HIS A 457 -19.11 -25.77 20.10
C HIS A 457 -17.97 -24.85 19.70
N ASN A 458 -17.02 -24.56 20.62
CA ASN A 458 -15.78 -23.77 20.44
C ASN A 458 -16.09 -22.34 19.99
N LYS A 459 -16.75 -21.60 20.88
CA LYS A 459 -17.09 -20.19 20.65
C LYS A 459 -16.58 -19.34 21.81
N PRO A 460 -15.28 -18.96 21.81
CA PRO A 460 -14.65 -18.21 22.94
C PRO A 460 -15.24 -16.84 23.24
N HIS A 461 -15.69 -16.12 22.19
CA HIS A 461 -16.31 -14.80 22.34
C HIS A 461 -17.61 -14.88 23.12
N PHE A 462 -18.41 -15.92 22.82
CA PHE A 462 -19.64 -16.22 23.56
C PHE A 462 -19.36 -16.64 24.99
N VAL A 463 -18.23 -17.37 25.22
CA VAL A 463 -17.76 -17.79 26.54
C VAL A 463 -17.45 -16.55 27.40
N GLU A 464 -16.75 -15.56 26.80
CA GLU A 464 -16.44 -14.27 27.40
C GLU A 464 -17.70 -13.47 27.73
N LEU A 465 -18.67 -13.52 26.83
CA LEU A 465 -19.93 -12.77 27.04
C LEU A 465 -20.64 -13.40 28.22
N TYR A 466 -20.90 -14.69 28.15
CA TYR A 466 -21.69 -15.31 29.20
C TYR A 466 -21.02 -15.17 30.56
N LEU A 467 -19.69 -15.27 30.61
CA LEU A 467 -18.93 -15.07 31.86
C LEU A 467 -19.01 -13.63 32.37
N GLY A 468 -19.14 -12.64 31.46
CA GLY A 468 -19.27 -11.25 31.89
C GLY A 468 -20.58 -10.90 32.57
N PHE A 469 -21.65 -11.64 32.32
CA PHE A 469 -22.96 -11.35 32.94
C PHE A 469 -23.21 -12.20 34.18
N ASP A 470 -22.26 -12.12 35.13
CA ASP A 470 -22.28 -12.66 36.50
C ASP A 470 -22.57 -14.16 36.60
N ALA A 471 -22.02 -14.92 35.65
CA ALA A 471 -22.13 -16.37 35.63
C ALA A 471 -20.84 -16.94 36.18
N LYS A 472 -20.88 -17.51 37.38
CA LYS A 472 -19.70 -18.07 38.02
C LYS A 472 -19.26 -19.33 37.28
N ILE A 473 -17.96 -19.39 36.99
CA ILE A 473 -17.32 -20.45 36.20
C ILE A 473 -17.35 -21.78 36.95
N TYR A 474 -17.30 -21.74 38.28
CA TYR A 474 -17.26 -22.96 39.12
C TYR A 474 -18.66 -23.46 39.48
N GLU A 475 -19.70 -22.85 38.93
CA GLU A 475 -21.08 -23.22 39.18
C GLU A 475 -21.70 -23.97 38.01
N LEU A 476 -20.86 -24.51 37.11
CA LEU A 476 -21.34 -25.31 36.00
C LEU A 476 -21.96 -26.62 36.48
N LYS A 477 -22.97 -27.09 35.75
CA LYS A 477 -23.68 -28.31 36.09
C LYS A 477 -23.76 -29.20 34.86
N PRO A 478 -23.56 -30.53 35.01
CA PRO A 478 -23.70 -31.43 33.86
C PRO A 478 -25.14 -31.56 33.40
N SER A 479 -25.30 -31.81 32.09
CA SER A 479 -26.62 -32.01 31.48
C SER A 479 -27.32 -33.26 31.99
N GLU A 480 -26.59 -34.36 32.11
CA GLU A 480 -27.15 -35.60 32.61
C GLU A 480 -26.81 -35.73 34.09
N GLU A 481 -27.34 -36.78 34.72
CA GLU A 481 -27.08 -37.02 36.13
C GLU A 481 -26.11 -38.18 36.26
N VAL A 482 -25.06 -37.96 37.04
CA VAL A 482 -24.03 -38.99 37.23
C VAL A 482 -24.54 -39.98 38.27
N ALA A 483 -24.32 -41.28 38.02
CA ALA A 483 -24.65 -42.32 38.99
C ALA A 483 -23.67 -42.29 40.16
N LYS A 484 -24.18 -42.74 41.33
CA LYS A 484 -23.38 -42.82 42.55
C LYS A 484 -22.28 -43.88 42.44
N THR A 485 -21.14 -43.55 43.01
CA THR A 485 -19.94 -44.39 42.98
C THR A 485 -19.44 -44.69 44.39
N ASN A 486 -18.98 -45.93 44.58
CA ASN A 486 -18.43 -46.39 45.86
C ASN A 486 -17.13 -45.70 46.27
N ILE A 487 -16.35 -45.18 45.33
CA ILE A 487 -15.09 -44.48 45.65
C ILE A 487 -15.37 -43.14 46.30
N THR A 488 -14.71 -42.88 47.43
CA THR A 488 -14.92 -41.64 48.16
C THR A 488 -14.25 -40.43 47.50
N ALA A 489 -13.15 -40.64 46.77
CA ALA A 489 -12.48 -39.56 46.04
C ALA A 489 -13.34 -39.03 44.90
N LEU A 490 -13.98 -39.94 44.17
CA LEU A 490 -14.85 -39.60 43.06
C LEU A 490 -16.15 -38.95 43.53
N ASP A 491 -16.66 -39.39 44.68
CA ASP A 491 -17.91 -38.84 45.23
C ASP A 491 -17.72 -37.44 45.80
N GLU A 492 -16.49 -37.08 46.18
CA GLU A 492 -16.15 -35.75 46.70
C GLU A 492 -16.14 -34.66 45.63
N LEU A 493 -16.12 -35.04 44.33
CA LEU A 493 -15.97 -34.14 43.19
C LEU A 493 -17.16 -33.21 43.04
N PRO A 494 -16.93 -31.89 42.78
CA PRO A 494 -18.06 -30.97 42.55
C PRO A 494 -18.75 -31.13 41.20
N SER A 495 -19.77 -30.30 40.99
CA SER A 495 -20.62 -30.33 39.79
C SER A 495 -19.87 -29.94 38.51
N PHE A 496 -18.99 -28.92 38.61
CA PHE A 496 -18.24 -28.42 37.46
C PHE A 496 -17.20 -29.44 36.96
N ALA A 497 -16.67 -30.30 37.85
CA ALA A 497 -15.80 -31.42 37.45
C ALA A 497 -16.55 -32.41 36.57
N LEU A 498 -17.81 -32.69 36.92
CA LEU A 498 -18.69 -33.52 36.11
C LEU A 498 -19.05 -32.83 34.79
N ALA A 499 -19.14 -31.49 34.79
CA ALA A 499 -19.35 -30.73 33.56
C ALA A 499 -18.16 -30.82 32.60
N ILE A 500 -16.92 -30.72 33.12
CA ILE A 500 -15.68 -30.90 32.33
C ILE A 500 -15.56 -32.33 31.81
N GLU A 501 -16.01 -33.31 32.64
CA GLU A 501 -16.11 -34.73 32.28
C GLU A 501 -17.07 -34.96 31.11
N GLU A 502 -18.20 -34.21 31.11
CA GLU A 502 -19.17 -34.23 30.01
C GLU A 502 -18.60 -33.65 28.71
N LEU A 503 -17.70 -32.68 28.82
CA LEU A 503 -17.08 -32.02 27.65
C LEU A 503 -16.06 -32.98 27.06
N TYR A 504 -15.31 -33.65 27.89
CA TYR A 504 -14.37 -34.69 27.46
C TYR A 504 -15.07 -35.88 26.81
N LYS A 505 -16.17 -36.36 27.41
CA LYS A 505 -16.96 -37.47 26.87
C LYS A 505 -17.59 -37.14 25.52
N ARG A 506 -18.20 -35.93 25.42
CA ARG A 506 -18.85 -35.49 24.19
C ARG A 506 -17.87 -35.30 23.04
N GLU A 507 -16.70 -34.71 23.33
CA GLU A 507 -15.68 -34.56 22.30
C GLU A 507 -15.07 -35.93 21.95
N ALA A 508 -14.98 -36.85 22.92
CA ALA A 508 -14.32 -38.13 22.72
C ALA A 508 -15.13 -39.08 21.85
N LYS A 509 -16.48 -39.02 21.92
CA LYS A 509 -17.36 -39.91 21.14
C LYS A 509 -17.37 -39.64 19.64
N LYS A 510 -16.83 -38.50 19.18
CA LYS A 510 -16.68 -38.11 17.79
C LYS A 510 -15.69 -39.04 17.08
N PRO A 511 -15.90 -39.33 15.77
CA PRO A 511 -14.97 -40.20 15.02
C PRO A 511 -13.56 -39.60 14.87
N HIS A 512 -12.58 -40.51 14.99
CA HIS A 512 -11.13 -40.29 14.87
C HIS A 512 -10.60 -39.22 15.85
N SER A 513 -11.14 -39.21 17.06
CA SER A 513 -10.73 -38.29 18.12
C SER A 513 -9.47 -38.77 18.83
N HIS A 514 -8.47 -37.90 18.96
CA HIS A 514 -7.18 -38.19 19.58
C HIS A 514 -7.24 -38.40 21.10
N VAL A 515 -8.31 -37.90 21.74
CA VAL A 515 -8.56 -38.03 23.19
C VAL A 515 -8.78 -39.50 23.58
N GLN A 516 -9.58 -40.24 22.79
CA GLN A 516 -9.87 -41.67 22.99
C GLN A 516 -8.61 -42.53 22.88
N ARG A 517 -7.77 -42.22 21.89
CA ARG A 517 -6.48 -42.87 21.70
C ARG A 517 -5.51 -42.58 22.84
N LEU A 518 -5.48 -41.32 23.32
CA LEU A 518 -4.63 -40.91 24.45
C LEU A 518 -5.00 -41.64 25.75
N VAL A 519 -6.31 -41.70 26.05
CA VAL A 519 -6.84 -42.40 27.22
C VAL A 519 -6.60 -43.92 27.14
N SER A 520 -6.87 -44.53 25.96
CA SER A 520 -6.66 -45.99 25.75
C SER A 520 -5.18 -46.39 25.78
N LEU A 521 -4.32 -45.56 25.20
CA LEU A 521 -2.87 -45.88 25.12
C LEU A 521 -2.18 -45.55 26.45
N SER A 522 -2.80 -44.73 27.28
CA SER A 522 -2.22 -44.34 28.58
C SER A 522 -1.94 -45.54 29.49
N ASN A 523 -2.79 -46.59 29.42
CA ASN A 523 -2.79 -47.85 30.19
C ASN A 523 -2.85 -47.61 31.71
N THR A 524 -3.89 -46.92 32.13
CA THR A 524 -4.11 -46.62 33.53
C THR A 524 -5.53 -46.93 33.97
N ASP A 525 -5.74 -46.98 35.29
CA ASP A 525 -7.08 -47.20 35.82
C ASP A 525 -7.88 -45.90 35.91
N VAL A 526 -9.02 -45.94 36.61
CA VAL A 526 -9.93 -44.76 36.68
C VAL A 526 -9.29 -43.62 37.46
N LEU A 527 -8.62 -43.88 38.58
CA LEU A 527 -8.13 -42.72 39.37
C LEU A 527 -6.79 -42.26 38.81
N GLY A 528 -6.39 -42.81 37.67
CA GLY A 528 -5.16 -42.35 36.99
C GLY A 528 -3.88 -43.05 37.42
N ARG A 529 -3.93 -43.96 38.39
CA ARG A 529 -2.68 -44.57 38.91
C ARG A 529 -2.13 -45.55 37.89
N HIS A 530 -0.79 -45.59 37.71
CA HIS A 530 -0.22 -46.48 36.67
C HIS A 530 -0.23 -47.95 37.14
N TYR A 531 -1.41 -48.55 37.11
CA TYR A 531 -1.57 -49.94 37.51
C TYR A 531 -2.26 -50.80 36.47
N ARG A 532 -2.80 -50.19 35.39
CA ARG A 532 -3.52 -50.78 34.25
C ARG A 532 -4.74 -51.63 34.63
N GLY A 546 -15.64 -51.99 38.81
CA GLY A 546 -14.93 -52.86 37.89
C GLY A 546 -14.67 -52.20 36.55
N ARG A 547 -14.79 -53.01 35.48
CA ARG A 547 -14.58 -52.56 34.10
C ARG A 547 -15.64 -51.54 33.68
N ASP A 548 -16.90 -51.77 34.10
CA ASP A 548 -18.05 -50.92 33.79
C ASP A 548 -17.88 -49.51 34.35
N LEU A 549 -17.42 -49.36 35.59
CA LEU A 549 -17.16 -47.98 36.08
C LEU A 549 -15.98 -47.43 35.28
N ALA A 550 -14.96 -48.25 35.10
CA ALA A 550 -13.75 -47.80 34.42
C ALA A 550 -14.03 -47.35 33.00
N ASN A 551 -15.19 -47.67 32.44
CA ASN A 551 -15.56 -47.25 31.09
C ASN A 551 -16.61 -46.15 31.08
N THR A 552 -17.60 -46.18 31.99
CA THR A 552 -18.63 -45.12 32.02
C THR A 552 -18.08 -43.76 32.48
N ARG A 553 -17.04 -43.76 33.33
CA ARG A 553 -16.42 -42.54 33.84
C ARG A 553 -14.94 -42.55 33.53
N ALA A 554 -14.59 -42.95 32.31
CA ALA A 554 -13.21 -43.03 31.84
C ALA A 554 -12.56 -41.67 31.58
N TYR A 555 -13.30 -40.58 31.54
CA TYR A 555 -12.76 -39.26 31.24
C TYR A 555 -12.97 -38.31 32.41
N ASN A 556 -12.83 -38.87 33.61
CA ASN A 556 -12.94 -38.06 34.84
C ASN A 556 -11.77 -37.10 34.86
N VAL A 557 -11.80 -36.14 35.75
CA VAL A 557 -10.78 -35.09 35.85
C VAL A 557 -9.48 -35.51 36.54
N LEU A 558 -9.56 -36.44 37.52
CA LEU A 558 -8.38 -36.90 38.25
C LEU A 558 -7.45 -37.72 37.36
N ARG A 559 -8.04 -38.62 36.55
CA ARG A 559 -7.29 -39.45 35.58
C ARG A 559 -6.63 -38.60 34.51
N MET A 560 -7.35 -37.58 34.00
CA MET A 560 -6.84 -36.63 33.01
C MET A 560 -5.69 -35.79 33.56
N ASP A 561 -5.80 -35.39 34.86
CA ASP A 561 -4.76 -34.69 35.61
C ASP A 561 -3.50 -35.54 35.71
N GLN A 562 -3.68 -36.84 35.99
CA GLN A 562 -2.57 -37.80 36.03
C GLN A 562 -1.90 -37.99 34.66
N ILE A 563 -2.70 -38.06 33.56
CA ILE A 563 -2.19 -38.20 32.18
C ILE A 563 -1.34 -37.00 31.78
N PHE A 564 -1.84 -35.77 32.10
CA PHE A 564 -1.09 -34.52 31.85
C PHE A 564 0.18 -34.44 32.71
N ALA A 565 0.10 -34.95 33.96
CA ALA A 565 1.26 -35.02 34.87
C ALA A 565 2.39 -35.89 34.31
N ARG A 566 2.01 -37.02 33.69
CA ARG A 566 3.02 -37.90 33.05
C ARG A 566 3.56 -37.18 31.80
N LEU A 567 2.69 -36.46 31.09
CA LEU A 567 3.13 -35.70 29.91
C LEU A 567 4.18 -34.64 30.25
N VAL A 568 4.07 -33.99 31.42
CA VAL A 568 5.06 -32.95 31.75
C VAL A 568 6.42 -33.58 32.06
N SER A 569 6.51 -34.41 33.10
CA SER A 569 7.76 -35.03 33.54
C SER A 569 7.45 -36.27 34.38
N LYS A 570 8.48 -36.88 34.96
CA LYS A 570 8.23 -38.10 35.73
C LYS A 570 7.82 -37.86 37.18
N ASP A 571 7.93 -36.64 37.71
CA ASP A 571 7.59 -36.41 39.11
C ASP A 571 6.69 -35.20 39.26
N PHE A 572 5.98 -34.88 38.17
CA PHE A 572 4.99 -33.77 38.22
C PHE A 572 3.70 -34.36 38.79
N SER A 573 3.10 -33.72 39.79
CA SER A 573 1.88 -34.16 40.47
C SER A 573 1.04 -32.95 40.88
N VAL A 574 0.04 -32.61 40.05
CA VAL A 574 -0.84 -31.47 40.33
C VAL A 574 -1.81 -31.75 41.49
N ASN A 575 -1.82 -30.81 42.43
CA ASN A 575 -2.58 -30.89 43.67
C ASN A 575 -3.94 -30.20 43.57
N ARG A 576 -5.00 -30.97 43.73
CA ARG A 576 -6.35 -30.44 43.70
C ARG A 576 -6.91 -30.37 45.11
N ASP A 577 -7.72 -29.35 45.37
CA ASP A 577 -8.35 -29.18 46.68
C ASP A 577 -9.81 -28.81 46.42
N PHE A 578 -10.66 -29.83 46.41
CA PHE A 578 -12.09 -29.59 46.10
C PHE A 578 -12.89 -29.34 47.39
N THR A 579 -12.25 -29.38 48.56
CA THR A 579 -12.95 -29.09 49.80
C THR A 579 -13.38 -27.63 49.93
N ILE A 580 -12.74 -26.70 49.22
CA ILE A 580 -13.08 -25.28 49.30
C ILE A 580 -14.41 -24.89 48.65
N TYR A 581 -15.04 -25.77 47.87
CA TYR A 581 -16.30 -25.51 47.19
C TYR A 581 -17.52 -25.79 48.06
N ASP A 582 -17.31 -26.24 49.30
CA ASP A 582 -18.41 -26.41 50.24
C ASP A 582 -18.87 -25.03 50.71
N SER A 583 -20.15 -24.95 51.12
CA SER A 583 -20.76 -23.69 51.57
C SER A 583 -20.20 -23.11 52.88
N LYS A 584 -19.52 -23.92 53.70
CA LYS A 584 -18.95 -23.45 54.96
C LYS A 584 -17.74 -22.52 54.82
N TYR A 585 -17.18 -22.40 53.60
CA TYR A 585 -15.94 -21.59 53.44
C TYR A 585 -16.25 -20.26 52.77
N ASP A 586 -17.52 -19.94 52.53
CA ASP A 586 -17.92 -18.73 51.80
C ASP A 586 -17.54 -17.44 52.52
N LYS A 587 -17.48 -17.45 53.84
CA LYS A 587 -17.15 -16.26 54.60
C LYS A 587 -15.67 -15.87 54.57
N VAL A 588 -14.78 -16.79 54.17
CA VAL A 588 -13.33 -16.55 54.08
C VAL A 588 -13.02 -15.52 53.00
N PRO A 589 -12.19 -14.49 53.30
CA PRO A 589 -11.92 -13.41 52.33
C PRO A 589 -11.14 -13.84 51.08
N GLY A 590 -11.69 -13.55 49.90
CA GLY A 590 -11.01 -13.88 48.63
C GLY A 590 -11.24 -15.30 48.15
N ILE A 591 -12.19 -16.02 48.74
CA ILE A 591 -12.48 -17.42 48.38
C ILE A 591 -12.98 -17.56 46.94
N GLN A 592 -13.75 -16.58 46.43
CA GLN A 592 -14.33 -16.51 45.09
C GLN A 592 -13.26 -16.49 43.99
N PHE A 593 -12.12 -15.84 44.29
CA PHE A 593 -10.94 -15.82 43.43
C PHE A 593 -10.29 -17.21 43.35
N ARG A 594 -10.09 -17.86 44.50
CA ARG A 594 -9.46 -19.19 44.59
C ARG A 594 -10.27 -20.25 43.83
N ARG A 595 -11.59 -20.31 44.12
CA ARG A 595 -12.59 -21.16 43.43
C ARG A 595 -12.61 -20.94 41.90
N THR A 596 -12.48 -19.66 41.49
CA THR A 596 -12.38 -19.21 40.11
C THR A 596 -11.12 -19.76 39.48
N ALA A 597 -9.97 -19.54 40.16
CA ALA A 597 -8.61 -19.82 39.70
C ALA A 597 -8.43 -21.31 39.41
N GLN A 598 -8.75 -22.16 40.42
CA GLN A 598 -8.77 -23.64 40.29
C GLN A 598 -9.64 -24.13 39.13
N ALA A 599 -10.91 -23.63 39.07
CA ALA A 599 -11.90 -23.96 38.01
C ALA A 599 -11.35 -23.62 36.62
N SER A 600 -10.81 -22.39 36.51
CA SER A 600 -10.15 -21.85 35.32
C SER A 600 -9.02 -22.74 34.86
N HIS A 601 -8.16 -23.16 35.82
CA HIS A 601 -7.03 -24.09 35.59
C HIS A 601 -7.48 -25.40 34.95
N MET A 602 -8.54 -26.02 35.52
CA MET A 602 -9.07 -27.30 35.02
C MET A 602 -9.61 -27.18 33.59
N LEU A 603 -10.40 -26.11 33.36
CA LEU A 603 -10.91 -25.76 32.02
C LEU A 603 -9.80 -25.44 31.03
N PHE A 604 -8.77 -24.71 31.50
CA PHE A 604 -7.52 -24.40 30.78
C PHE A 604 -6.84 -25.66 30.27
N LEU A 605 -6.65 -26.67 31.14
CA LEU A 605 -6.05 -27.97 30.79
C LEU A 605 -6.86 -28.72 29.74
N TRP A 606 -8.20 -28.68 29.88
CA TRP A 606 -9.13 -29.26 28.90
C TRP A 606 -8.97 -28.61 27.53
N ALA A 607 -8.89 -27.28 27.52
CA ALA A 607 -8.67 -26.51 26.29
C ALA A 607 -7.28 -26.74 25.68
N ILE A 608 -6.28 -27.08 26.50
CA ILE A 608 -4.95 -27.45 25.98
C ILE A 608 -5.01 -28.81 25.29
N CYS A 609 -5.78 -29.76 25.88
CA CYS A 609 -5.96 -31.13 25.35
C CYS A 609 -6.65 -31.16 23.99
N LEU A 610 -7.64 -30.30 23.76
CA LEU A 610 -8.41 -30.29 22.49
C LEU A 610 -7.74 -29.34 21.49
N ASP A 611 -6.67 -28.67 21.88
CA ASP A 611 -5.86 -27.74 21.06
C ASP A 611 -6.71 -26.56 20.55
N ARG A 612 -7.54 -26.02 21.44
CA ARG A 612 -8.34 -24.83 21.13
C ARG A 612 -7.62 -23.67 21.80
N PHE A 613 -6.76 -22.96 21.03
CA PHE A 613 -5.82 -21.95 21.54
C PHE A 613 -6.50 -20.71 22.11
N ARG A 614 -7.60 -20.27 21.50
CA ARG A 614 -8.29 -19.03 21.85
C ARG A 614 -8.97 -19.12 23.21
N MET A 615 -9.70 -20.22 23.43
CA MET A 615 -10.32 -20.50 24.72
C MET A 615 -9.28 -20.78 25.81
N ALA A 616 -8.17 -21.46 25.45
CA ALA A 616 -7.02 -21.71 26.32
C ALA A 616 -6.38 -20.42 26.81
N ARG A 617 -6.19 -19.47 25.88
CA ARG A 617 -5.63 -18.15 26.14
C ARG A 617 -6.58 -17.36 27.04
N HIS A 618 -7.89 -17.49 26.80
CA HIS A 618 -8.92 -16.82 27.61
C HIS A 618 -8.95 -17.33 29.05
N PHE A 619 -8.92 -18.67 29.25
CA PHE A 619 -8.89 -19.23 30.61
C PHE A 619 -7.56 -19.02 31.31
N TRP A 620 -6.46 -18.98 30.54
CA TRP A 620 -5.14 -18.64 31.05
C TRP A 620 -5.10 -17.21 31.55
N LEU A 621 -5.83 -16.31 30.92
CA LEU A 621 -5.75 -14.89 31.33
C LEU A 621 -6.71 -14.67 32.49
N ILE A 622 -7.83 -15.39 32.52
CA ILE A 622 -8.76 -15.26 33.66
C ILE A 622 -8.12 -15.70 34.97
N GLY A 623 -7.41 -16.82 34.97
CA GLY A 623 -6.80 -17.34 36.18
C GLY A 623 -5.49 -16.65 36.55
N ASP A 624 -4.81 -17.25 37.50
CA ASP A 624 -3.56 -16.67 37.95
C ASP A 624 -2.46 -17.68 37.63
N GLN A 625 -1.24 -17.35 38.07
CA GLN A 625 0.02 -18.08 37.90
C GLN A 625 0.30 -18.32 36.41
N SER A 626 0.34 -17.21 35.68
CA SER A 626 0.33 -17.13 34.22
C SER A 626 1.55 -17.77 33.57
N ILE A 627 2.74 -17.48 34.12
CA ILE A 627 4.04 -17.88 33.58
C ILE A 627 4.22 -19.41 33.63
N ILE A 628 3.91 -20.00 34.80
CA ILE A 628 4.03 -21.44 35.07
C ILE A 628 3.06 -22.25 34.22
N ASN A 629 1.83 -21.72 34.05
CA ASN A 629 0.78 -22.31 33.25
C ASN A 629 1.11 -22.30 31.76
N ALA A 630 1.77 -21.21 31.31
CA ALA A 630 2.25 -21.10 29.93
C ALA A 630 3.36 -22.12 29.63
N LEU A 631 4.30 -22.31 30.58
CA LEU A 631 5.36 -23.33 30.47
C LEU A 631 4.83 -24.76 30.45
N VAL A 632 3.84 -25.05 31.33
CA VAL A 632 3.18 -26.35 31.43
C VAL A 632 2.40 -26.66 30.15
N ALA A 633 1.70 -25.64 29.61
CA ALA A 633 0.94 -25.71 28.37
C ALA A 633 1.81 -25.97 27.16
N SER A 634 2.97 -25.29 27.10
CA SER A 634 3.97 -25.46 26.05
C SER A 634 4.55 -26.88 26.03
N ARG A 635 4.87 -27.41 27.23
CA ARG A 635 5.38 -28.77 27.38
C ARG A 635 4.38 -29.84 26.97
N ILE A 636 3.10 -29.69 27.40
CA ILE A 636 2.03 -30.65 27.10
C ILE A 636 1.70 -30.67 25.60
N LEU A 637 1.60 -29.48 24.96
CA LEU A 637 1.36 -29.40 23.51
C LEU A 637 2.52 -29.92 22.67
N GLU A 638 3.78 -29.60 23.06
CA GLU A 638 4.97 -30.11 22.36
C GLU A 638 5.12 -31.62 22.47
N ARG A 639 4.89 -32.17 23.67
CA ARG A 639 4.99 -33.63 23.87
C ARG A 639 3.81 -34.36 23.23
N LEU A 640 2.62 -33.73 23.26
CA LEU A 640 1.40 -34.28 22.68
C LEU A 640 1.46 -34.34 21.16
N SER A 641 2.06 -33.32 20.50
CA SER A 641 2.19 -33.32 19.04
C SER A 641 3.07 -34.45 18.49
N THR A 642 4.03 -34.94 19.28
CA THR A 642 4.87 -36.06 18.90
C THR A 642 4.47 -37.21 19.83
N HIS A 643 3.39 -37.90 19.52
CA HIS A 643 2.91 -38.98 20.37
C HIS A 643 2.24 -40.02 19.48
N ARG A 644 2.10 -41.25 20.03
CA ARG A 644 1.46 -42.35 19.33
C ARG A 644 -0.04 -42.15 19.09
N ALA A 645 -0.70 -41.33 19.91
CA ALA A 645 -2.13 -41.09 19.77
C ALA A 645 -2.46 -40.12 18.65
N LEU A 646 -1.45 -39.39 18.17
CA LEU A 646 -1.70 -38.35 17.14
C LEU A 646 -1.15 -38.77 15.77
N GLN A 647 -0.60 -39.98 15.64
CA GLN A 647 -0.13 -40.40 14.32
C GLN A 647 -1.27 -40.92 13.46
N GLY A 648 -1.25 -40.53 12.20
CA GLY A 648 -2.28 -40.87 11.25
C GLY A 648 -2.29 -39.88 10.09
N PRO A 649 -2.72 -40.33 8.89
CA PRO A 649 -2.75 -39.44 7.70
C PRO A 649 -3.67 -38.23 7.80
N HIS A 650 -4.78 -38.37 8.52
CA HIS A 650 -5.84 -37.38 8.66
C HIS A 650 -5.59 -36.42 9.82
N LEU A 651 -4.64 -36.72 10.69
CA LEU A 651 -4.40 -35.94 11.90
C LEU A 651 -3.27 -34.96 11.77
N ALA A 652 -2.66 -34.88 10.57
CA ALA A 652 -1.42 -34.14 10.30
C ALA A 652 -1.45 -32.64 10.63
N GLU A 653 -2.42 -31.90 10.05
CA GLU A 653 -2.62 -30.43 10.19
C GLU A 653 -2.80 -29.94 11.62
N GLU A 654 -3.60 -30.68 12.40
CA GLU A 654 -3.83 -30.36 13.83
C GLU A 654 -2.53 -30.49 14.59
N ARG A 655 -1.84 -31.59 14.38
CA ARG A 655 -0.51 -31.85 14.97
C ARG A 655 0.41 -30.65 14.80
N ALA A 656 0.45 -30.14 13.54
CA ALA A 656 1.20 -28.96 13.09
C ALA A 656 0.82 -27.75 13.92
N LYS A 657 -0.52 -27.59 14.09
CA LYS A 657 -1.22 -26.55 14.87
C LYS A 657 -0.72 -26.52 16.30
N MET A 658 -0.61 -27.74 16.91
CA MET A 658 -0.13 -28.01 18.27
C MET A 658 1.24 -27.43 18.52
N GLN A 659 2.19 -27.73 17.59
CA GLN A 659 3.59 -27.25 17.60
C GLN A 659 3.65 -25.74 17.61
N HIS A 660 2.83 -25.14 16.69
CA HIS A 660 2.62 -23.71 16.51
C HIS A 660 2.17 -23.06 17.80
N ASN A 661 1.10 -23.67 18.41
CA ASN A 661 0.47 -23.25 19.67
C ASN A 661 1.44 -23.30 20.83
N ALA A 662 2.27 -24.39 20.84
CA ALA A 662 3.34 -24.67 21.82
C ALA A 662 4.33 -23.53 21.91
N LYS A 663 4.81 -23.11 20.70
CA LYS A 663 5.76 -22.01 20.48
C LYS A 663 5.23 -20.70 21.03
N LYS A 664 3.93 -20.45 20.73
CA LYS A 664 3.16 -19.26 21.14
C LYS A 664 3.12 -19.12 22.66
N PHE A 665 2.80 -20.25 23.34
CA PHE A 665 2.73 -20.32 24.80
C PHE A 665 4.07 -20.07 25.45
N GLU A 666 5.14 -20.65 24.83
CA GLU A 666 6.55 -20.47 25.18
C GLU A 666 6.94 -19.00 25.15
N GLU A 667 6.50 -18.32 24.05
CA GLU A 667 6.68 -16.88 23.80
C GLU A 667 6.08 -16.03 24.91
N LEU A 668 4.82 -16.40 25.30
CA LEU A 668 4.05 -15.81 26.39
C LEU A 668 4.80 -15.89 27.70
N ALA A 669 5.32 -17.11 28.00
CA ALA A 669 6.10 -17.45 29.19
C ALA A 669 7.38 -16.63 29.30
N VAL A 670 8.04 -16.42 28.16
CA VAL A 670 9.22 -15.57 28.13
C VAL A 670 8.83 -14.11 28.32
N GLY A 671 7.79 -13.69 27.56
CA GLY A 671 7.39 -12.30 27.37
C GLY A 671 6.99 -11.53 28.61
N VAL A 672 6.04 -12.11 29.39
CA VAL A 672 5.53 -11.63 30.67
C VAL A 672 6.67 -11.41 31.66
N LEU A 673 7.60 -12.41 31.70
CA LEU A 673 8.83 -12.46 32.51
C LEU A 673 9.73 -11.27 32.22
N GLY A 674 9.91 -11.01 30.89
CA GLY A 674 10.69 -9.89 30.36
C GLY A 674 10.18 -8.54 30.82
N GLU A 675 8.84 -8.38 30.78
CA GLU A 675 8.09 -7.21 31.23
C GLU A 675 8.34 -6.92 32.70
N CYS A 676 8.32 -8.01 33.51
CA CYS A 676 8.60 -8.01 34.94
C CYS A 676 10.00 -7.48 35.23
N HIS A 677 10.99 -7.98 34.44
CA HIS A 677 12.39 -7.55 34.55
C HIS A 677 12.56 -6.09 34.14
N GLY A 678 11.71 -5.60 33.23
CA GLY A 678 11.73 -4.18 32.92
C GLY A 678 11.16 -3.35 34.04
N SER A 679 10.15 -3.87 34.75
CA SER A 679 9.47 -3.02 35.73
C SER A 679 10.18 -2.98 37.07
N ASP A 680 10.32 -4.16 37.69
CA ASP A 680 11.00 -4.25 39.02
C ASP A 680 11.80 -5.56 39.06
N SER A 681 13.12 -5.49 38.95
CA SER A 681 13.98 -6.67 38.94
C SER A 681 13.89 -7.50 40.23
N HIS A 682 13.86 -6.79 41.38
CA HIS A 682 13.76 -7.41 42.71
C HIS A 682 12.43 -8.13 42.93
N MET A 683 11.32 -7.49 42.50
CA MET A 683 9.99 -8.08 42.62
C MET A 683 9.82 -9.28 41.69
N ALA A 684 10.45 -9.23 40.51
CA ALA A 684 10.50 -10.35 39.56
C ALA A 684 11.28 -11.52 40.15
N SER A 685 12.37 -11.21 40.86
CA SER A 685 13.17 -12.21 41.57
C SER A 685 12.37 -12.86 42.69
N GLU A 686 11.58 -12.05 43.41
CA GLU A 686 10.68 -12.54 44.45
C GLU A 686 9.58 -13.46 43.90
N MET A 687 9.16 -13.22 42.66
CA MET A 687 8.04 -14.01 42.04
C MET A 687 8.59 -15.34 41.57
N LEU A 688 9.81 -15.34 41.05
CA LEU A 688 10.44 -16.58 40.59
C LEU A 688 10.83 -17.52 41.72
N HIS A 689 11.04 -17.00 42.93
CA HIS A 689 11.39 -17.79 44.09
C HIS A 689 10.18 -18.30 44.85
N SER A 690 8.96 -17.86 44.49
CA SER A 690 7.75 -18.22 45.22
C SER A 690 7.39 -19.68 44.99
N LYS A 691 7.16 -20.40 46.07
CA LYS A 691 6.74 -21.79 46.04
C LYS A 691 5.23 -21.87 45.87
N ASN A 692 4.75 -22.63 44.89
CA ASN A 692 3.32 -22.72 44.64
C ASN A 692 2.82 -24.08 45.08
N ASP A 693 1.72 -24.09 45.86
CA ASP A 693 1.12 -25.32 46.41
C ASP A 693 0.53 -26.29 45.37
N MET A 694 0.11 -25.78 44.22
CA MET A 694 -0.61 -26.64 43.23
C MET A 694 0.31 -27.62 42.52
N PHE A 695 1.62 -27.37 42.51
CA PHE A 695 2.55 -28.28 41.85
C PHE A 695 3.60 -28.82 42.82
N ASN A 696 3.12 -29.33 43.98
CA ASN A 696 3.87 -29.99 45.08
C ASN A 696 5.00 -29.15 45.66
N LYS A 697 4.70 -27.85 45.84
CA LYS A 697 5.48 -26.84 46.59
C LYS A 697 6.89 -26.67 46.04
N LYS A 698 6.98 -26.20 44.79
CA LYS A 698 8.25 -25.78 44.19
C LYS A 698 8.02 -24.72 43.12
N ASN A 699 9.09 -23.99 42.82
CA ASN A 699 9.05 -22.69 42.15
C ASN A 699 8.96 -22.82 40.63
N ALA A 700 8.98 -21.67 39.96
CA ALA A 700 8.76 -21.59 38.51
C ALA A 700 9.95 -22.09 37.69
N ILE A 701 11.16 -21.94 38.20
CA ILE A 701 12.39 -22.39 37.54
C ILE A 701 12.46 -23.92 37.51
N ASN A 702 12.03 -24.57 38.60
CA ASN A 702 11.93 -26.04 38.70
C ASN A 702 10.94 -26.63 37.70
N ILE A 703 9.80 -25.94 37.53
CA ILE A 703 8.76 -26.28 36.56
C ILE A 703 9.32 -26.12 35.14
N ALA A 704 10.05 -25.00 34.90
CA ALA A 704 10.67 -24.67 33.62
C ALA A 704 11.74 -25.67 33.19
N TYR A 705 12.53 -26.13 34.16
CA TYR A 705 13.51 -27.19 33.94
C TYR A 705 12.81 -28.50 33.62
N ASP A 706 11.73 -28.80 34.35
CA ASP A 706 10.92 -29.99 34.10
C ASP A 706 10.21 -29.93 32.76
N ALA A 707 9.84 -28.73 32.30
CA ALA A 707 9.23 -28.56 31.00
C ALA A 707 10.23 -28.45 29.85
N LYS A 708 11.55 -28.49 30.16
CA LYS A 708 12.70 -28.39 29.21
C LYS A 708 12.63 -27.13 28.36
N SER A 709 12.25 -26.02 28.98
CA SER A 709 12.16 -24.73 28.30
C SER A 709 13.51 -24.05 28.35
N LEU A 710 14.28 -24.29 27.28
CA LEU A 710 15.63 -23.74 27.11
C LEU A 710 15.61 -22.23 26.99
N ALA A 711 14.58 -21.69 26.31
CA ALA A 711 14.40 -20.26 26.11
C ALA A 711 14.18 -19.51 27.42
N PHE A 712 13.38 -20.09 28.33
CA PHE A 712 13.11 -19.50 29.64
C PHE A 712 14.36 -19.49 30.52
N LEU A 713 15.11 -20.60 30.52
CA LEU A 713 16.32 -20.74 31.33
C LEU A 713 17.46 -19.85 30.86
N SER A 714 17.53 -19.56 29.56
CA SER A 714 18.59 -18.72 29.02
C SER A 714 18.32 -17.24 29.15
N HIS A 715 17.13 -16.83 29.63
CA HIS A 715 16.75 -15.43 29.78
C HIS A 715 17.59 -14.79 30.89
N PRO A 716 17.99 -13.49 30.75
CA PRO A 716 18.80 -12.81 31.78
C PRO A 716 18.20 -12.68 33.18
N ALA A 717 16.87 -12.54 33.28
CA ALA A 717 16.17 -12.47 34.56
C ALA A 717 16.27 -13.76 35.34
N THR A 718 16.00 -14.90 34.66
CA THR A 718 16.10 -16.25 35.23
C THR A 718 17.52 -16.59 35.67
N GLN A 719 18.51 -16.20 34.83
CA GLN A 719 19.93 -16.39 35.10
C GLN A 719 20.39 -15.56 36.29
N SER A 720 19.85 -14.34 36.42
CA SER A 720 20.11 -13.47 37.55
C SER A 720 19.59 -14.07 38.85
N VAL A 721 18.51 -14.84 38.81
CA VAL A 721 17.96 -15.40 40.07
C VAL A 721 18.75 -16.66 40.38
N ILE A 722 19.14 -17.40 39.35
CA ILE A 722 19.99 -18.60 39.57
C ILE A 722 21.35 -18.22 40.15
N ASN A 723 21.90 -17.10 39.67
CA ASN A 723 23.19 -16.58 40.21
C ASN A 723 22.95 -15.89 41.55
N ALA A 724 21.70 -15.48 41.83
CA ALA A 724 21.38 -14.90 43.17
C ALA A 724 21.21 -16.06 44.15
N ASP A 725 20.68 -17.19 43.67
CA ASP A 725 20.59 -18.39 44.51
C ASP A 725 21.96 -18.90 44.88
N TRP A 726 22.85 -18.58 43.93
CA TRP A 726 24.27 -18.88 44.15
C TRP A 726 24.77 -17.86 45.18
N TYR A 727 25.83 -18.11 45.91
CA TYR A 727 26.27 -17.04 46.84
C TYR A 727 25.25 -16.97 47.96
N GLY A 728 24.17 -17.72 47.89
CA GLY A 728 23.23 -17.76 49.03
C GLY A 728 22.69 -16.39 49.39
N HIS A 729 22.35 -15.57 48.39
CA HIS A 729 21.75 -14.22 48.63
C HIS A 729 22.61 -13.28 49.46
N LEU A 730 23.84 -12.97 49.02
CA LEU A 730 24.68 -11.98 49.74
C LEU A 730 25.33 -11.01 48.76
N LYS A 731 25.50 -9.73 49.12
CA LYS A 731 26.10 -8.66 48.32
C LYS A 731 27.57 -8.76 47.97
N SER A 732 28.47 -8.70 48.97
CA SER A 732 29.93 -8.73 48.75
C SER A 732 30.50 -10.06 48.26
N VAL A 733 29.75 -11.15 48.36
CA VAL A 733 30.24 -12.44 47.91
C VAL A 733 30.02 -12.45 46.39
N THR A 734 31.05 -12.06 45.64
CA THR A 734 30.92 -12.05 44.18
C THR A 734 32.06 -12.74 43.45
N SER A 735 33.31 -12.54 43.83
CA SER A 735 34.41 -13.16 43.12
C SER A 735 34.85 -14.41 43.86
N PHE A 736 35.75 -15.15 43.20
CA PHE A 736 36.37 -16.37 43.74
C PHE A 736 37.19 -16.08 44.99
N TRP A 737 38.00 -15.01 44.91
CA TRP A 737 38.92 -14.59 45.96
C TRP A 737 38.22 -14.08 47.20
N ALA A 738 37.11 -13.33 47.04
CA ALA A 738 36.34 -12.80 48.17
C ALA A 738 35.73 -13.91 49.03
N VAL A 739 35.08 -14.89 48.39
CA VAL A 739 34.46 -16.04 49.07
C VAL A 739 35.54 -16.94 49.67
N LEU A 740 36.68 -17.12 48.94
CA LEU A 740 37.81 -17.91 49.41
C LEU A 740 38.51 -17.30 50.63
N PHE A 741 38.67 -15.96 50.61
CA PHE A 741 39.25 -15.21 51.72
C PHE A 741 38.33 -15.23 52.94
N ALA A 742 37.02 -15.06 52.72
CA ALA A 742 36.01 -15.14 53.77
C ALA A 742 35.89 -16.56 54.34
N PHE A 743 36.16 -17.56 53.51
CA PHE A 743 36.05 -18.98 53.95
C PHE A 743 37.14 -19.25 54.96
N PHE A 744 38.39 -19.01 54.57
CA PHE A 744 39.54 -19.30 55.45
C PHE A 744 39.53 -18.37 56.67
N PHE A 745 39.20 -17.09 56.46
CA PHE A 745 39.20 -16.11 57.56
C PHE A 745 37.76 -15.71 57.91
N PRO A 746 36.97 -16.53 58.65
CA PRO A 746 35.55 -16.21 58.91
C PRO A 746 35.34 -15.01 59.82
N PHE A 747 36.18 -14.88 60.85
CA PHE A 747 35.95 -13.81 61.86
C PHE A 747 36.57 -12.46 61.44
N PHE A 748 37.23 -12.41 60.29
CA PHE A 748 37.97 -11.17 59.93
C PHE A 748 37.52 -10.55 58.61
N VAL A 749 36.52 -11.10 57.93
CA VAL A 749 36.05 -10.44 56.72
C VAL A 749 34.54 -10.37 56.68
N LEU A 750 33.90 -11.31 57.40
CA LEU A 750 32.42 -11.40 57.41
C LEU A 750 31.79 -10.21 58.16
N PRO A 751 32.16 -9.81 59.40
CA PRO A 751 31.50 -8.66 60.05
C PRO A 751 31.63 -7.34 59.27
N PHE A 752 32.77 -7.13 58.60
CA PHE A 752 33.02 -5.89 57.88
C PHE A 752 32.59 -5.96 56.42
N ILE A 753 31.57 -6.74 56.13
CA ILE A 753 31.05 -6.91 54.78
C ILE A 753 29.55 -6.67 54.87
N ASN A 754 28.95 -6.37 53.71
CA ASN A 754 27.52 -6.10 53.57
C ASN A 754 26.71 -7.35 53.89
N PHE A 755 25.70 -7.20 54.74
CA PHE A 755 24.94 -8.37 55.16
C PHE A 755 23.51 -8.29 54.65
N SER A 756 23.32 -8.95 53.50
CA SER A 756 22.09 -9.07 52.71
C SER A 756 21.30 -7.77 52.46
N GLY A 787 26.46 -9.88 68.12
CA GLY A 787 25.63 -10.79 68.87
C GLY A 787 25.76 -12.23 68.40
N ALA A 788 25.46 -13.18 69.29
CA ALA A 788 25.46 -14.60 68.87
C ALA A 788 24.20 -14.83 68.03
N HIS A 789 23.19 -13.96 68.20
CA HIS A 789 21.96 -14.05 67.38
C HIS A 789 22.29 -13.79 65.91
N ARG A 790 23.18 -12.84 65.62
CA ARG A 790 23.46 -12.46 64.21
C ARG A 790 24.70 -13.16 63.65
N LEU A 791 25.81 -13.18 64.39
CA LEU A 791 27.05 -13.75 63.85
C LEU A 791 26.82 -15.22 63.49
N ARG A 792 26.11 -15.95 64.39
CA ARG A 792 25.76 -17.36 64.20
C ARG A 792 24.81 -17.53 63.02
N ARG A 793 23.81 -16.60 62.87
CA ARG A 793 22.87 -16.61 61.74
C ARG A 793 23.58 -16.40 60.40
N LYS A 794 24.54 -15.45 60.38
CA LYS A 794 25.29 -15.16 59.13
C LYS A 794 26.21 -16.33 58.82
N PHE A 795 26.83 -16.92 59.84
CA PHE A 795 27.70 -18.08 59.65
C PHE A 795 26.90 -19.27 59.09
N ALA A 796 25.67 -19.46 59.58
CA ALA A 796 24.80 -20.54 59.10
C ALA A 796 24.29 -20.27 57.69
N LYS A 797 24.20 -18.98 57.31
CA LYS A 797 23.74 -18.62 55.98
C LYS A 797 24.90 -18.75 55.00
N PHE A 798 26.11 -18.28 55.40
CA PHE A 798 27.30 -18.31 54.55
C PHE A 798 27.74 -19.74 54.28
N TYR A 799 27.74 -20.60 55.31
CA TYR A 799 28.20 -21.97 55.10
C TYR A 799 27.05 -22.89 54.68
N SER A 800 25.82 -22.36 54.61
CA SER A 800 24.71 -23.10 54.03
C SER A 800 24.55 -22.80 52.54
N ALA A 801 25.30 -21.81 52.04
CA ALA A 801 25.26 -21.39 50.64
C ALA A 801 25.86 -22.49 49.75
N PRO A 802 25.22 -22.79 48.58
CA PRO A 802 25.76 -23.81 47.63
C PRO A 802 27.15 -23.56 47.05
N TYR A 803 27.52 -22.28 46.90
CA TYR A 803 28.82 -21.87 46.40
C TYR A 803 29.92 -22.26 47.38
N THR A 804 29.64 -22.12 48.68
CA THR A 804 30.57 -22.49 49.76
C THR A 804 30.84 -24.00 49.77
N ARG A 805 29.79 -24.82 49.54
CA ARG A 805 29.98 -26.28 49.39
C ARG A 805 30.78 -26.62 48.14
N PHE A 806 30.66 -25.81 47.10
CA PHE A 806 31.47 -26.04 45.88
C PHE A 806 32.91 -25.72 46.24
N ILE A 807 33.14 -24.61 46.90
CA ILE A 807 34.48 -24.18 47.28
C ILE A 807 35.16 -25.20 48.20
N SER A 808 34.38 -25.77 49.14
CA SER A 808 34.84 -26.83 50.06
C SER A 808 35.18 -28.12 49.32
N ASP A 809 34.34 -28.52 48.35
CA ASP A 809 34.60 -29.68 47.50
C ASP A 809 35.81 -29.50 46.59
N LEU A 810 36.01 -28.29 46.07
CA LEU A 810 37.17 -28.01 45.21
C LEU A 810 38.42 -28.14 46.08
N LEU A 811 38.47 -27.40 47.17
CA LEU A 811 39.65 -27.44 48.04
C LEU A 811 39.97 -28.85 48.50
N SER A 812 38.92 -29.63 48.83
CA SER A 812 39.06 -31.03 49.24
C SER A 812 39.65 -31.90 48.13
N HIS A 813 39.15 -31.73 46.90
CA HIS A 813 39.64 -32.48 45.75
C HIS A 813 41.06 -32.06 45.36
N PHE A 814 41.39 -30.77 45.52
CA PHE A 814 42.74 -30.25 45.28
C PHE A 814 43.75 -30.83 46.27
N VAL A 815 43.38 -30.92 47.54
CA VAL A 815 44.31 -31.55 48.54
C VAL A 815 44.45 -33.03 48.14
N LEU A 816 43.34 -33.70 47.84
CA LEU A 816 43.38 -35.11 47.41
C LEU A 816 44.34 -35.36 46.24
N CYS A 817 44.30 -34.46 45.23
CA CYS A 817 45.20 -34.49 44.07
C CYS A 817 46.67 -34.31 44.46
N VAL A 818 46.95 -33.31 45.33
CA VAL A 818 48.32 -33.00 45.78
C VAL A 818 48.89 -34.14 46.64
N VAL A 819 48.10 -34.67 47.59
CA VAL A 819 48.51 -35.74 48.50
C VAL A 819 48.72 -37.06 47.76
N THR A 820 47.80 -37.40 46.82
CA THR A 820 47.90 -38.60 46.00
C THR A 820 49.07 -38.52 45.02
N SER A 821 49.33 -37.31 44.46
CA SER A 821 50.47 -37.03 43.59
C SER A 821 51.81 -37.19 44.29
N TYR A 822 51.89 -36.81 45.56
CA TYR A 822 53.14 -36.98 46.34
C TYR A 822 53.30 -38.45 46.66
N PHE A 823 52.21 -39.07 47.02
CA PHE A 823 52.23 -40.50 47.35
C PHE A 823 52.74 -41.36 46.20
N VAL A 824 52.36 -41.03 44.96
CA VAL A 824 52.76 -41.82 43.77
C VAL A 824 54.17 -41.42 43.34
N LEU A 825 54.59 -40.18 43.55
CA LEU A 825 55.98 -39.80 43.23
C LEU A 825 57.02 -40.32 44.22
N ASP A 826 56.75 -40.21 45.52
CA ASP A 826 57.67 -40.71 46.55
C ASP A 826 57.61 -42.24 46.58
N LYS A 827 58.74 -42.86 46.94
CA LYS A 827 58.86 -44.31 46.96
C LYS A 827 58.02 -44.93 48.08
N LEU A 828 57.52 -46.13 47.80
CA LEU A 828 56.74 -46.87 48.77
C LEU A 828 57.66 -47.52 49.79
N GLU A 829 57.19 -47.60 51.02
CA GLU A 829 57.94 -48.22 52.09
C GLU A 829 57.64 -49.71 52.13
N ASP A 830 58.40 -50.43 52.95
CA ASP A 830 58.25 -51.88 53.13
C ASP A 830 57.00 -52.31 53.90
N THR A 831 56.26 -51.40 54.52
CA THR A 831 54.98 -51.62 55.16
C THR A 831 54.03 -50.57 54.61
N ILE A 832 52.77 -50.65 55.01
CA ILE A 832 51.77 -49.67 54.60
C ILE A 832 52.00 -48.38 55.38
N SER A 833 52.28 -47.30 54.67
CA SER A 833 52.64 -46.03 55.28
C SER A 833 51.40 -45.30 55.76
N ALA A 834 51.63 -44.23 56.55
CA ALA A 834 50.58 -43.39 57.13
C ALA A 834 49.74 -42.65 56.09
N ILE A 835 50.39 -42.13 55.04
CA ILE A 835 49.75 -41.42 53.93
C ILE A 835 48.85 -42.35 53.12
N GLU A 836 49.25 -43.63 53.00
CA GLU A 836 48.48 -44.70 52.35
C GLU A 836 47.19 -44.99 53.13
N TRP A 837 47.26 -45.01 54.47
CA TRP A 837 46.09 -45.20 55.33
C TRP A 837 45.12 -44.03 55.22
N ILE A 838 45.65 -42.79 55.16
CA ILE A 838 44.85 -41.54 55.00
C ILE A 838 44.09 -41.56 53.66
N LEU A 839 44.79 -41.97 52.58
CA LEU A 839 44.20 -42.12 51.25
C LEU A 839 43.17 -43.23 51.19
N LEU A 840 43.41 -44.34 51.94
CA LEU A 840 42.46 -45.45 52.07
C LEU A 840 41.13 -45.01 52.70
N VAL A 841 41.21 -44.23 53.81
CA VAL A 841 40.05 -43.66 54.52
C VAL A 841 39.28 -42.67 53.63
N TRP A 842 40.03 -41.83 52.89
CA TRP A 842 39.49 -40.84 51.94
C TRP A 842 38.71 -41.50 50.80
N PHE A 843 39.26 -42.56 50.20
CA PHE A 843 38.57 -43.23 49.10
C PHE A 843 37.42 -44.12 49.55
N VAL A 844 37.44 -44.59 50.79
CA VAL A 844 36.27 -45.34 51.30
C VAL A 844 35.18 -44.28 51.44
N ALA A 845 35.49 -43.16 52.06
CA ALA A 845 34.51 -42.07 52.23
C ALA A 845 33.89 -41.63 50.89
N LEU A 846 34.73 -41.53 49.84
CA LEU A 846 34.27 -41.23 48.48
C LEU A 846 33.38 -42.33 47.91
N LEU A 847 33.75 -43.61 48.15
CA LEU A 847 32.98 -44.78 47.72
C LEU A 847 31.61 -44.85 48.40
N LEU A 848 31.57 -44.57 49.72
CA LEU A 848 30.32 -44.53 50.49
C LEU A 848 29.41 -43.40 50.03
N GLU A 849 29.99 -42.24 49.69
CA GLU A 849 29.22 -41.12 49.14
C GLU A 849 28.61 -41.46 47.77
N GLU A 850 29.37 -42.17 46.91
CA GLU A 850 28.86 -42.65 45.61
C GLU A 850 27.75 -43.69 45.77
N LEU A 851 27.90 -44.63 46.71
CA LEU A 851 26.86 -45.63 47.03
C LEU A 851 25.60 -45.00 47.62
N ARG A 852 25.77 -44.00 48.51
CA ARG A 852 24.65 -43.26 49.12
C ARG A 852 23.87 -42.50 48.06
N GLN A 853 24.58 -41.87 47.11
CA GLN A 853 23.94 -41.20 45.98
C GLN A 853 23.21 -42.17 45.05
N MET A 854 23.81 -43.35 44.81
CA MET A 854 23.13 -44.37 43.99
C MET A 854 21.86 -44.93 44.61
N ILE A 855 21.92 -45.36 45.89
CA ILE A 855 20.75 -45.94 46.53
C ILE A 855 19.69 -44.90 46.91
N PHE A 856 20.13 -43.80 47.53
CA PHE A 856 19.14 -42.86 48.10
C PHE A 856 18.75 -41.60 47.30
N CYS A 857 19.20 -41.43 46.05
CA CYS A 857 18.85 -40.14 45.41
C CYS A 857 18.00 -40.32 44.15
N ASP A 858 18.65 -40.33 42.99
CA ASP A 858 17.96 -40.40 41.70
C ASP A 858 17.53 -41.78 41.23
N GLY A 859 18.51 -42.64 40.97
CA GLY A 859 18.33 -44.00 40.53
C GLY A 859 19.63 -44.46 39.92
N ILE A 860 19.77 -45.77 39.72
CA ILE A 860 21.03 -46.32 39.16
C ILE A 860 21.15 -45.88 37.70
N ALA A 861 20.06 -45.96 36.95
CA ALA A 861 20.06 -45.55 35.53
C ALA A 861 20.47 -44.09 35.32
N GLU A 862 19.92 -43.21 36.18
CA GLU A 862 20.22 -41.79 36.20
C GLU A 862 21.67 -41.51 36.57
N TYR A 863 22.20 -42.33 37.48
CA TYR A 863 23.60 -42.15 37.95
C TYR A 863 24.55 -42.56 36.82
N ILE A 864 24.27 -43.69 36.20
CA ILE A 864 25.18 -44.20 35.12
C ILE A 864 25.12 -43.25 33.92
N SER A 865 23.98 -42.60 33.68
CA SER A 865 23.84 -41.68 32.53
C SER A 865 24.93 -40.59 32.56
N ASP A 866 25.22 -40.06 33.75
CA ASP A 866 26.23 -39.01 33.95
C ASP A 866 27.64 -39.53 33.69
N THR A 867 28.46 -38.77 32.96
CA THR A 867 29.84 -39.20 32.66
C THR A 867 30.79 -39.08 33.87
N TRP A 868 30.57 -38.09 34.74
CA TRP A 868 31.39 -37.85 35.94
C TRP A 868 31.25 -38.93 37.02
N ASN A 869 30.04 -39.50 37.14
CA ASN A 869 29.83 -40.64 38.04
C ASN A 869 30.59 -41.89 37.58
N ARG A 870 30.63 -42.11 36.26
CA ARG A 870 31.43 -43.19 35.65
C ARG A 870 32.92 -43.00 35.92
N LEU A 871 33.41 -41.74 35.78
CA LEU A 871 34.80 -41.38 36.10
C LEU A 871 35.12 -41.58 37.59
N ASP A 872 34.15 -41.26 38.46
CA ASP A 872 34.24 -41.45 39.91
C ASP A 872 34.41 -42.92 40.25
N LEU A 873 33.61 -43.77 39.58
CA LEU A 873 33.66 -45.22 39.74
C LEU A 873 35.00 -45.81 39.27
N ILE A 874 35.51 -45.33 38.11
CA ILE A 874 36.81 -45.75 37.56
C ILE A 874 37.99 -45.36 38.48
N MET A 875 37.93 -44.19 39.12
CA MET A 875 39.04 -43.70 39.97
C MET A 875 39.08 -44.47 41.29
N ILE A 876 37.96 -44.75 41.92
CA ILE A 876 37.84 -45.56 43.15
C ILE A 876 38.31 -47.00 42.89
N THR A 877 37.89 -47.58 41.73
CA THR A 877 38.25 -48.93 41.28
C THR A 877 39.76 -49.09 41.06
N LEU A 878 40.40 -48.09 40.38
CA LEU A 878 41.85 -48.05 40.13
C LEU A 878 42.68 -47.97 41.40
N PHE A 879 42.25 -47.10 42.37
CA PHE A 879 42.94 -46.95 43.65
C PHE A 879 42.92 -48.26 44.45
N PHE A 880 41.75 -48.92 44.50
CA PHE A 880 41.62 -50.15 45.28
C PHE A 880 42.40 -51.32 44.69
N VAL A 881 42.45 -51.43 43.33
CA VAL A 881 43.27 -52.43 42.63
C VAL A 881 44.75 -52.22 42.93
N GLY A 882 45.23 -50.94 42.85
CA GLY A 882 46.61 -50.59 43.18
C GLY A 882 46.99 -50.81 44.64
N PHE A 883 46.09 -50.41 45.57
CA PHE A 883 46.31 -50.55 47.01
C PHE A 883 46.37 -52.02 47.44
N PHE A 884 45.46 -52.86 46.93
CA PHE A 884 45.49 -54.29 47.26
C PHE A 884 46.68 -55.00 46.64
N THR A 885 47.09 -54.55 45.43
CA THR A 885 48.30 -55.05 44.78
C THR A 885 49.54 -54.78 45.63
N HIS A 886 49.65 -53.57 46.21
CA HIS A 886 50.75 -53.26 47.12
C HIS A 886 50.60 -53.99 48.46
N ALA A 887 49.38 -54.03 49.00
CA ALA A 887 49.14 -54.55 50.35
C ALA A 887 49.18 -56.06 50.44
N SER A 888 49.04 -56.77 49.31
CA SER A 888 49.16 -58.23 49.27
C SER A 888 50.57 -58.69 49.64
N ASP A 889 51.59 -57.98 49.17
CA ASP A 889 52.98 -58.28 49.52
C ASP A 889 53.78 -56.99 49.58
N PRO A 890 53.74 -56.27 50.74
CA PRO A 890 54.40 -54.94 50.85
C PRO A 890 55.91 -54.91 50.70
N SER A 891 56.61 -56.00 51.00
CA SER A 891 58.05 -56.03 50.86
C SER A 891 58.50 -56.46 49.47
N ASN A 892 57.58 -56.87 48.61
CA ASN A 892 57.91 -57.31 47.27
C ASN A 892 58.12 -56.10 46.37
N GLN A 893 59.28 -56.07 45.69
CA GLN A 893 59.68 -54.99 44.80
C GLN A 893 58.79 -54.91 43.55
N ASP A 894 58.43 -56.09 43.01
CA ASP A 894 57.57 -56.21 41.84
C ASP A 894 56.16 -55.67 42.10
N SER A 895 55.63 -55.93 43.30
CA SER A 895 54.33 -55.44 43.77
C SER A 895 54.29 -53.91 43.86
N LYS A 896 55.40 -53.31 44.35
CA LYS A 896 55.60 -51.86 44.44
C LYS A 896 55.58 -51.22 43.06
N VAL A 897 56.28 -51.84 42.09
CA VAL A 897 56.35 -51.37 40.70
C VAL A 897 55.00 -51.43 39.97
N VAL A 898 54.26 -52.56 40.14
CA VAL A 898 52.94 -52.77 39.52
C VAL A 898 51.89 -51.84 40.14
N SER A 899 51.96 -51.62 41.48
CA SER A 899 51.10 -50.72 42.24
C SER A 899 51.24 -49.26 41.80
N LYS A 900 52.49 -48.80 41.60
CA LYS A 900 52.74 -47.46 41.07
C LYS A 900 52.29 -47.34 39.61
N GLY A 901 52.40 -48.42 38.83
CA GLY A 901 51.89 -48.47 37.46
C GLY A 901 50.38 -48.29 37.35
N ILE A 902 49.62 -48.91 38.26
CA ILE A 902 48.17 -48.73 38.31
C ILE A 902 47.82 -47.32 38.80
N HIS A 903 48.58 -46.85 39.80
CA HIS A 903 48.35 -45.54 40.41
C HIS A 903 48.73 -44.35 39.52
N ALA A 904 49.53 -44.58 38.45
CA ALA A 904 49.77 -43.58 37.40
C ALA A 904 48.47 -43.20 36.67
N PHE A 905 47.70 -44.24 36.26
CA PHE A 905 46.35 -44.09 35.72
C PHE A 905 45.41 -43.39 36.69
N LEU A 906 45.51 -43.73 38.00
CA LEU A 906 44.73 -43.07 39.07
C LEU A 906 44.95 -41.56 39.13
N VAL A 907 46.20 -41.11 38.97
CA VAL A 907 46.58 -39.67 39.06
C VAL A 907 46.12 -38.95 37.81
N VAL A 908 46.20 -39.60 36.67
CA VAL A 908 45.68 -39.06 35.39
C VAL A 908 44.17 -38.82 35.45
N VAL A 909 43.43 -39.76 36.01
CA VAL A 909 41.95 -39.59 36.11
C VAL A 909 41.67 -38.50 37.13
N LEU A 910 42.38 -38.46 38.26
CA LEU A 910 42.15 -37.47 39.35
C LEU A 910 42.34 -36.05 38.86
N TRP A 911 43.39 -35.79 38.08
CA TRP A 911 43.63 -34.45 37.54
C TRP A 911 42.66 -34.12 36.42
N LEU A 912 42.29 -35.12 35.59
CA LEU A 912 41.22 -34.96 34.58
C LEU A 912 39.86 -34.70 35.23
N ARG A 913 39.61 -35.19 36.44
CA ARG A 913 38.26 -35.06 37.06
C ARG A 913 38.18 -33.67 37.63
N PHE A 914 39.34 -33.07 37.92
CA PHE A 914 39.40 -31.69 38.49
C PHE A 914 38.73 -30.71 37.52
N MET A 915 38.56 -31.10 36.25
CA MET A 915 38.00 -30.19 35.21
C MET A 915 36.52 -29.97 35.44
N ARG A 916 35.89 -30.91 36.11
CA ARG A 916 34.45 -30.82 36.44
C ARG A 916 34.08 -29.49 37.11
N TYR A 917 34.98 -28.92 37.91
CA TYR A 917 34.75 -27.68 38.63
C TYR A 917 35.07 -26.46 37.77
N TYR A 918 35.60 -26.65 36.57
CA TYR A 918 35.72 -25.56 35.61
C TYR A 918 34.39 -25.17 35.00
N ALA A 919 33.41 -26.08 34.99
CA ALA A 919 32.09 -25.89 34.37
C ALA A 919 31.24 -24.79 35.01
N LEU A 920 31.61 -24.37 36.21
CA LEU A 920 30.84 -23.34 36.95
C LEU A 920 31.19 -21.96 36.42
N SER A 921 32.36 -21.79 35.84
CA SER A 921 32.83 -20.54 35.26
C SER A 921 32.18 -20.24 33.92
N LYS A 922 31.84 -18.96 33.72
CA LYS A 922 31.24 -18.49 32.47
C LYS A 922 32.19 -18.48 31.28
N ASN A 923 33.49 -18.59 31.48
CA ASN A 923 34.43 -18.66 30.39
C ASN A 923 34.81 -20.11 30.10
N LEU A 924 35.15 -20.90 31.13
CA LEU A 924 35.67 -22.26 30.92
C LEU A 924 34.58 -23.29 30.61
N GLY A 925 33.39 -23.11 31.17
CA GLY A 925 32.25 -24.01 31.04
C GLY A 925 31.62 -24.23 29.66
N PRO A 926 31.26 -23.16 28.92
CA PRO A 926 30.75 -23.33 27.57
C PRO A 926 31.85 -23.92 26.67
N LYS A 927 33.09 -23.53 26.85
CA LYS A 927 34.23 -24.03 26.08
C LYS A 927 34.40 -25.54 26.26
N LEU A 928 34.11 -26.03 27.49
CA LEU A 928 34.11 -27.47 27.79
C LEU A 928 33.03 -28.21 27.00
N ILE A 929 31.83 -27.59 26.91
CA ILE A 929 30.71 -28.12 26.12
C ILE A 929 31.07 -28.16 24.62
N MET A 930 31.73 -27.09 24.13
CA MET A 930 32.25 -27.00 22.75
C MET A 930 33.30 -28.08 22.46
N MET A 931 34.16 -28.40 23.44
CA MET A 931 35.18 -29.46 23.32
C MET A 931 34.55 -30.84 23.13
N MET A 932 33.48 -31.11 23.93
CA MET A 932 32.69 -32.33 23.76
C MET A 932 31.98 -32.40 22.40
N GLU A 933 31.59 -31.24 21.83
CA GLU A 933 31.05 -31.24 20.47
C GLU A 933 32.11 -31.54 19.40
N MET A 934 33.30 -30.93 19.51
CA MET A 934 34.43 -31.12 18.59
C MET A 934 35.09 -32.51 18.62
N MET A 935 34.80 -33.35 19.65
CA MET A 935 35.28 -34.74 19.73
C MET A 935 34.93 -35.63 18.52
N LYS A 936 33.80 -35.37 17.83
CA LYS A 936 33.43 -36.10 16.60
C LYS A 936 34.41 -35.77 15.45
N ASP A 937 34.81 -34.49 15.31
CA ASP A 937 35.84 -34.06 14.36
C ASP A 937 37.20 -34.67 14.68
N VAL A 938 37.50 -34.80 15.98
CA VAL A 938 38.72 -35.46 16.47
C VAL A 938 38.75 -36.92 16.05
N SER A 939 37.58 -37.59 16.15
CA SER A 939 37.37 -38.99 15.74
C SER A 939 37.50 -39.17 14.23
N THR A 940 36.99 -38.20 13.45
CA THR A 940 37.12 -38.14 11.99
C THR A 940 38.59 -38.05 11.56
N PHE A 941 39.36 -37.17 12.24
CA PHE A 941 40.81 -37.01 12.03
C PHE A 941 41.59 -38.30 12.35
N VAL A 942 41.20 -38.97 13.45
CA VAL A 942 41.83 -40.23 13.89
C VAL A 942 41.60 -41.35 12.88
N PHE A 943 40.36 -41.47 12.36
CA PHE A 943 40.02 -42.48 11.32
C PHE A 943 40.75 -42.23 10.01
N LEU A 944 40.86 -40.96 9.59
CA LEU A 944 41.65 -40.66 8.38
C LEU A 944 43.15 -40.87 8.60
N LEU A 945 43.70 -40.59 9.77
CA LEU A 945 45.18 -40.70 9.95
C LEU A 945 45.54 -42.17 10.10
N LEU A 946 44.69 -42.94 10.73
CA LEU A 946 44.97 -44.36 11.00
C LEU A 946 45.32 -45.13 9.72
N ILE A 947 44.65 -44.77 8.62
CA ILE A 947 44.85 -45.31 7.27
C ILE A 947 46.27 -45.07 6.76
N PHE A 948 46.71 -43.83 6.87
CA PHE A 948 48.04 -43.42 6.38
C PHE A 948 49.12 -43.96 7.31
N LEU A 949 48.88 -43.96 8.61
CA LEU A 949 49.84 -44.44 9.61
C LEU A 949 50.15 -45.91 9.46
N ILE A 950 49.15 -46.76 9.22
CA ILE A 950 49.39 -48.22 9.16
C ILE A 950 49.93 -48.58 7.78
N GLY A 951 49.44 -47.92 6.74
CA GLY A 951 49.98 -48.14 5.39
C GLY A 951 51.45 -47.80 5.23
N TYR A 952 51.83 -46.57 5.65
CA TYR A 952 53.21 -46.09 5.63
C TYR A 952 54.09 -46.89 6.58
N GLY A 953 53.56 -47.23 7.79
CA GLY A 953 54.32 -47.96 8.80
C GLY A 953 54.71 -49.37 8.44
N VAL A 954 53.76 -50.15 7.87
CA VAL A 954 54.02 -51.51 7.39
C VAL A 954 55.01 -51.48 6.23
N ALA A 955 54.80 -50.54 5.27
CA ALA A 955 55.66 -50.35 4.08
C ALA A 955 57.08 -49.94 4.46
N ALA A 956 57.22 -48.97 5.38
CA ALA A 956 58.52 -48.46 5.82
C ALA A 956 59.29 -49.47 6.66
N GLN A 957 58.60 -50.18 7.58
CA GLN A 957 59.22 -51.22 8.41
C GLN A 957 59.70 -52.41 7.58
N SER A 958 58.91 -52.79 6.58
CA SER A 958 59.28 -53.85 5.64
C SER A 958 60.45 -53.45 4.76
N LEU A 959 60.47 -52.18 4.33
CA LEU A 959 61.53 -51.65 3.49
C LEU A 959 62.86 -51.55 4.24
N LEU A 960 62.80 -51.20 5.54
CA LEU A 960 64.03 -51.07 6.33
C LEU A 960 64.62 -52.42 6.69
N SER A 961 63.79 -53.40 7.02
CA SER A 961 64.23 -54.74 7.43
C SER A 961 63.55 -55.82 6.59
N PRO A 962 64.05 -56.10 5.39
CA PRO A 962 63.38 -57.08 4.53
C PRO A 962 63.75 -58.53 4.78
N ASP A 963 64.60 -58.84 5.75
CA ASP A 963 65.02 -60.22 5.97
C ASP A 963 64.97 -60.58 7.44
N GLU A 964 63.86 -60.23 8.09
CA GLU A 964 63.71 -60.46 9.51
C GLU A 964 62.40 -61.18 9.76
N ASP A 965 62.44 -62.14 10.69
CA ASP A 965 61.25 -62.84 11.15
C ASP A 965 60.32 -61.89 11.89
N PHE A 966 59.01 -62.09 11.71
CA PHE A 966 57.98 -61.31 12.38
C PHE A 966 58.02 -61.60 13.87
N SER A 967 57.93 -60.54 14.67
CA SER A 967 57.93 -60.62 16.11
C SER A 967 57.14 -59.43 16.61
N SER A 968 57.10 -59.28 17.95
CA SER A 968 56.45 -58.14 18.59
C SER A 968 57.17 -56.82 18.27
N ARG A 969 58.50 -56.86 18.10
CA ARG A 969 59.35 -55.72 17.73
C ARG A 969 59.01 -55.15 16.35
N THR A 970 58.57 -56.03 15.43
CA THR A 970 58.10 -55.62 14.10
C THR A 970 56.84 -54.76 14.20
N PHE A 971 55.90 -55.16 15.08
CA PHE A 971 54.65 -54.44 15.34
C PHE A 971 54.91 -53.08 16.00
N ILE A 972 55.83 -53.03 16.95
CA ILE A 972 56.15 -51.72 17.58
C ILE A 972 56.83 -50.87 16.51
N GLY A 973 57.75 -51.45 15.74
CA GLY A 973 58.38 -50.68 14.68
C GLY A 973 57.40 -50.10 13.68
N VAL A 974 56.25 -50.74 13.52
CA VAL A 974 55.22 -50.26 12.56
C VAL A 974 54.47 -49.12 13.20
N LEU A 975 54.32 -49.10 14.53
CA LEU A 975 53.53 -47.95 15.04
C LEU A 975 54.36 -46.89 15.76
N PHE A 976 55.61 -47.17 16.14
CA PHE A 976 56.31 -46.19 16.99
C PHE A 976 56.71 -44.94 16.21
N ARG A 977 57.62 -45.07 15.26
CA ARG A 977 58.13 -43.89 14.53
C ARG A 977 57.05 -43.29 13.64
N PRO A 978 56.21 -44.03 12.87
CA PRO A 978 55.15 -43.37 12.10
C PRO A 978 54.26 -42.40 12.90
N TYR A 979 53.94 -42.72 14.17
CA TYR A 979 52.99 -41.85 14.91
C TYR A 979 53.70 -40.59 15.36
N PHE A 980 54.91 -40.71 15.85
CA PHE A 980 55.63 -39.55 16.36
C PHE A 980 56.23 -38.68 15.27
N GLN A 981 56.26 -39.13 14.00
CA GLN A 981 56.76 -38.28 12.93
C GLN A 981 55.77 -37.22 12.49
N ILE A 982 54.51 -37.33 12.91
CA ILE A 982 53.45 -36.33 12.54
C ILE A 982 53.48 -35.13 13.49
N TYR A 983 54.29 -35.18 14.54
CA TYR A 983 54.44 -34.07 15.46
C TYR A 983 55.76 -33.35 15.27
N GLY A 984 56.43 -33.61 14.16
CA GLY A 984 57.64 -32.92 13.84
C GLY A 984 58.91 -33.58 14.31
N GLU A 985 58.83 -34.62 15.14
CA GLU A 985 60.06 -35.29 15.54
C GLU A 985 60.44 -36.30 14.47
N LEU A 986 61.29 -35.92 13.52
CA LEU A 986 61.62 -36.85 12.41
C LEU A 986 62.88 -37.62 12.75
N PHE A 987 62.79 -38.95 12.77
CA PHE A 987 63.91 -39.78 13.27
C PHE A 987 64.87 -40.11 12.13
N LEU A 988 65.18 -39.16 11.30
CA LEU A 988 66.07 -39.25 10.12
C LEU A 988 67.49 -39.71 10.44
N ASP A 989 68.07 -39.26 11.57
CA ASP A 989 69.35 -39.81 12.02
C ASP A 989 69.24 -41.30 12.37
N ASP A 990 68.17 -41.68 13.10
CA ASP A 990 67.88 -43.07 13.46
C ASP A 990 67.56 -43.92 12.23
N LEU A 991 66.79 -43.35 11.28
CA LEU A 991 66.47 -44.00 10.01
C LEU A 991 67.73 -44.21 9.19
N ASN A 992 68.62 -43.23 9.20
CA ASN A 992 69.92 -43.30 8.53
C ASN A 992 70.80 -44.40 9.11
N SER A 993 70.81 -44.53 10.44
CA SER A 993 71.54 -45.62 11.10
C SER A 993 70.95 -46.99 10.78
N GLU A 994 69.62 -47.13 10.80
CA GLU A 994 68.97 -48.40 10.48
C GLU A 994 69.07 -48.80 9.01
N ALA A 995 69.13 -47.85 8.07
CA ALA A 995 69.25 -48.17 6.65
C ALA A 995 70.61 -48.69 6.19
N ASN A 996 71.65 -48.61 7.05
CA ASN A 996 73.05 -49.03 6.80
C ASN A 996 73.67 -48.30 5.61
N CYS A 997 73.39 -47.01 5.51
CA CYS A 997 73.95 -46.14 4.48
C CYS A 997 75.14 -45.41 5.08
N LEU A 998 76.30 -45.59 4.47
CA LEU A 998 77.57 -45.12 5.02
C LEU A 998 78.04 -43.81 4.40
N GLY A 999 77.29 -43.27 3.46
CA GLY A 999 77.66 -42.04 2.78
C GLY A 999 77.48 -40.81 3.66
N ASP A 1000 78.11 -39.71 3.25
CA ASP A 1000 77.96 -38.43 3.99
C ASP A 1000 76.59 -37.86 3.61
N THR A 1001 76.23 -37.92 2.33
CA THR A 1001 74.86 -37.52 1.95
C THR A 1001 73.97 -38.54 2.64
N PRO A 1002 72.77 -38.17 3.15
CA PRO A 1002 72.00 -39.12 3.96
C PRO A 1002 71.53 -40.49 3.45
N PHE A 1003 71.07 -40.66 2.22
CA PHE A 1003 70.66 -42.04 1.85
C PHE A 1003 71.42 -42.51 0.61
N THR A 1004 72.72 -42.28 0.49
CA THR A 1004 73.59 -42.74 -0.55
C THR A 1004 74.59 -43.72 0.04
N GLU A 1005 75.11 -44.57 -0.87
CA GLU A 1005 76.04 -45.69 -0.65
C GLU A 1005 75.50 -46.71 0.35
N CYS A 1006 74.29 -47.18 0.07
CA CYS A 1006 73.60 -48.17 0.89
C CYS A 1006 73.81 -49.55 0.29
N SER A 1007 73.65 -50.57 1.14
CA SER A 1007 73.77 -51.98 0.74
C SER A 1007 72.67 -52.40 -0.25
N ARG A 1008 71.43 -51.96 0.00
CA ARG A 1008 70.28 -52.26 -0.85
C ARG A 1008 69.77 -50.95 -1.43
N GLU A 1009 69.39 -50.97 -2.70
CA GLU A 1009 68.87 -49.76 -3.31
C GLU A 1009 67.43 -49.44 -2.94
N THR A 1010 66.67 -50.45 -2.45
CA THR A 1010 65.25 -50.32 -2.09
C THR A 1010 65.05 -49.45 -0.87
N VAL A 1011 66.02 -49.49 0.07
CA VAL A 1011 65.97 -48.73 1.32
C VAL A 1011 66.15 -47.21 1.03
N ARG A 1012 66.70 -46.81 -0.15
CA ARG A 1012 66.77 -45.42 -0.60
C ARG A 1012 65.38 -44.83 -0.92
N MET A 1013 64.32 -45.66 -1.09
CA MET A 1013 62.94 -45.19 -1.18
C MET A 1013 62.34 -44.82 0.18
N VAL A 1014 63.04 -45.13 1.31
CA VAL A 1014 62.54 -44.82 2.68
C VAL A 1014 62.25 -43.33 2.93
N PRO A 1015 63.10 -42.35 2.49
CA PRO A 1015 62.78 -40.92 2.63
C PRO A 1015 61.67 -40.37 1.75
N PHE A 1016 61.44 -40.92 0.57
CA PHE A 1016 60.38 -40.60 -0.40
C PHE A 1016 58.98 -40.90 0.13
N PHE A 1017 58.77 -42.14 0.62
CA PHE A 1017 57.55 -42.60 1.33
C PHE A 1017 57.22 -41.67 2.48
N LEU A 1018 58.26 -41.35 3.29
CA LEU A 1018 58.21 -40.41 4.41
C LEU A 1018 57.80 -39.03 3.93
N ALA A 1019 58.39 -38.62 2.77
CA ALA A 1019 58.13 -37.36 2.07
C ALA A 1019 56.67 -37.22 1.66
N VAL A 1020 56.06 -38.34 1.24
CA VAL A 1020 54.64 -38.33 0.91
C VAL A 1020 53.80 -38.23 2.17
N TYR A 1021 54.18 -39.03 3.21
CA TYR A 1021 53.44 -39.29 4.46
C TYR A 1021 53.20 -38.03 5.27
N ILE A 1022 54.27 -37.26 5.56
CA ILE A 1022 54.16 -36.00 6.30
C ILE A 1022 53.49 -34.91 5.47
N LEU A 1023 53.47 -35.03 4.13
CA LEU A 1023 52.64 -34.17 3.31
C LEU A 1023 51.17 -34.52 3.54
N GLY A 1024 50.87 -35.82 3.65
CA GLY A 1024 49.51 -36.23 3.94
C GLY A 1024 49.05 -35.90 5.35
N SER A 1025 49.93 -36.07 6.33
CA SER A 1025 49.51 -35.93 7.72
C SER A 1025 49.58 -34.51 8.24
N ASN A 1026 50.69 -33.80 8.02
CA ASN A 1026 50.87 -32.48 8.62
C ASN A 1026 50.27 -31.37 7.76
N VAL A 1027 50.51 -31.43 6.47
CA VAL A 1027 50.04 -30.29 5.64
C VAL A 1027 48.58 -30.51 5.29
N LEU A 1028 48.15 -31.74 5.08
CA LEU A 1028 46.77 -31.90 4.64
C LEU A 1028 45.79 -32.12 5.79
N LEU A 1029 46.03 -33.14 6.64
CA LEU A 1029 45.04 -33.56 7.64
C LEU A 1029 44.89 -32.61 8.82
N VAL A 1030 46.01 -32.06 9.30
CA VAL A 1030 46.04 -31.14 10.45
C VAL A 1030 45.34 -29.84 10.10
N ASN A 1031 45.58 -29.32 8.90
CA ASN A 1031 44.97 -28.09 8.39
C ASN A 1031 43.47 -28.30 8.12
N LEU A 1032 43.07 -29.51 7.75
CA LEU A 1032 41.63 -29.80 7.54
C LEU A 1032 40.98 -29.90 8.90
N LEU A 1033 41.67 -30.42 9.90
CA LEU A 1033 41.14 -30.44 11.27
C LEU A 1033 40.91 -29.01 11.80
N ILE A 1034 41.81 -28.08 11.44
CA ILE A 1034 41.68 -26.65 11.78
C ILE A 1034 40.43 -26.05 11.14
N ALA A 1035 40.20 -26.38 9.85
CA ALA A 1035 39.02 -25.96 9.08
C ALA A 1035 37.71 -26.52 9.64
N MET A 1036 37.71 -27.82 10.02
CA MET A 1036 36.55 -28.47 10.66
C MET A 1036 36.23 -27.89 12.02
N PHE A 1037 37.27 -27.54 12.78
CA PHE A 1037 37.08 -26.96 14.13
C PHE A 1037 36.41 -25.59 13.96
N ASN A 1038 36.95 -24.75 13.07
CA ASN A 1038 36.42 -23.39 12.89
C ASN A 1038 34.96 -23.40 12.47
N ASP A 1039 34.60 -24.32 11.56
CA ASP A 1039 33.21 -24.48 11.09
C ASP A 1039 32.28 -24.99 12.20
N THR A 1040 32.74 -26.02 12.94
CA THR A 1040 32.02 -26.65 14.04
C THR A 1040 31.78 -25.68 15.19
N TYR A 1041 32.82 -24.87 15.53
CA TYR A 1041 32.83 -23.85 16.57
C TYR A 1041 31.77 -22.77 16.30
N MET A 1042 31.77 -22.21 15.05
CA MET A 1042 30.77 -21.23 14.60
C MET A 1042 29.35 -21.80 14.61
N LYS A 1043 29.20 -23.11 14.35
CA LYS A 1043 27.89 -23.73 14.31
C LYS A 1043 27.31 -23.91 15.72
N VAL A 1044 28.12 -24.33 16.71
CA VAL A 1044 27.51 -24.84 17.94
C VAL A 1044 27.85 -23.97 19.17
N GLN A 1045 28.41 -22.76 18.96
CA GLN A 1045 28.71 -21.81 20.06
C GLN A 1045 27.49 -21.29 20.85
N GLU A 1046 26.40 -20.93 20.15
CA GLU A 1046 25.19 -20.43 20.81
C GLU A 1046 24.42 -21.51 21.57
N ALA A 1047 24.35 -22.71 20.98
CA ALA A 1047 23.75 -23.89 21.62
C ALA A 1047 24.52 -24.33 22.85
N ALA A 1048 25.87 -24.25 22.79
CA ALA A 1048 26.73 -24.52 23.94
C ALA A 1048 26.52 -23.55 25.09
N GLU A 1049 26.34 -22.25 24.75
CA GLU A 1049 26.04 -21.21 25.74
C GLU A 1049 24.69 -21.44 26.44
N ASP A 1050 23.65 -21.82 25.67
CA ASP A 1050 22.32 -22.13 26.19
C ASP A 1050 22.33 -23.38 27.10
N LEU A 1051 23.06 -24.42 26.66
CA LEU A 1051 23.22 -25.67 27.42
C LEU A 1051 23.98 -25.43 28.72
N TRP A 1052 24.97 -24.50 28.71
CA TRP A 1052 25.70 -24.11 29.92
C TRP A 1052 24.77 -23.39 30.90
N ARG A 1053 23.86 -22.55 30.38
CA ARG A 1053 22.86 -21.86 31.20
C ARG A 1053 21.85 -22.82 31.84
N LYS A 1054 21.50 -23.92 31.17
CA LYS A 1054 20.67 -24.95 31.83
C LYS A 1054 21.48 -25.69 32.92
N GLN A 1055 22.75 -26.03 32.61
CA GLN A 1055 23.67 -26.68 33.56
C GLN A 1055 24.06 -25.84 34.77
N ASN A 1056 23.95 -24.50 34.67
CA ASN A 1056 24.14 -23.59 35.79
C ASN A 1056 23.11 -23.84 36.90
N TYR A 1057 21.87 -24.07 36.52
CA TYR A 1057 20.80 -24.39 37.50
C TYR A 1057 21.04 -25.80 38.01
N GLU A 1058 21.41 -26.70 37.12
CA GLU A 1058 21.68 -28.11 37.50
C GLU A 1058 22.77 -28.21 38.55
N LEU A 1059 23.87 -27.44 38.39
CA LEU A 1059 24.96 -27.40 39.35
C LEU A 1059 24.53 -26.75 40.67
N CYS A 1060 23.71 -25.67 40.59
CA CYS A 1060 23.15 -25.00 41.79
C CYS A 1060 22.25 -25.93 42.61
N ALA A 1061 21.39 -26.70 41.91
CA ALA A 1061 20.52 -27.70 42.50
C ALA A 1061 21.32 -28.86 43.11
N GLU A 1062 22.40 -29.28 42.41
CA GLU A 1062 23.28 -30.35 42.86
C GLU A 1062 24.02 -29.97 44.14
N TYR A 1063 24.55 -28.75 44.22
CA TYR A 1063 25.29 -28.39 45.42
C TYR A 1063 24.40 -27.84 46.52
N LYS A 1064 23.11 -27.58 46.24
CA LYS A 1064 22.14 -27.34 47.31
C LYS A 1064 21.87 -28.55 48.19
N ASP A 1065 21.71 -29.75 47.61
CA ASP A 1065 21.31 -30.95 48.42
C ASP A 1065 22.52 -31.70 48.98
N ARG A 1066 23.74 -31.32 48.59
CA ARG A 1066 24.98 -32.08 48.96
C ARG A 1066 25.30 -32.04 50.44
N PRO A 1067 26.00 -33.06 50.97
CA PRO A 1067 26.37 -33.10 52.39
C PRO A 1067 27.28 -31.91 52.70
N PHE A 1068 27.13 -31.33 53.90
CA PHE A 1068 27.88 -30.11 54.25
C PHE A 1068 29.39 -30.29 54.36
N LEU A 1069 29.86 -31.39 54.94
CA LEU A 1069 31.31 -31.52 55.20
C LEU A 1069 32.07 -32.00 53.96
N PRO A 1070 33.36 -31.61 53.73
CA PRO A 1070 34.14 -32.10 52.58
C PRO A 1070 34.47 -33.61 52.61
N ALA A 1071 35.06 -34.12 51.54
CA ALA A 1071 35.29 -35.58 51.38
C ALA A 1071 36.00 -36.31 52.50
N PRO A 1072 37.24 -36.01 52.96
CA PRO A 1072 37.80 -36.88 54.00
C PRO A 1072 36.88 -36.95 55.21
N PHE A 1073 36.13 -35.88 55.50
CA PHE A 1073 35.31 -35.79 56.74
C PHE A 1073 33.83 -36.11 56.51
N ILE A 1074 33.47 -36.47 55.28
CA ILE A 1074 32.03 -36.73 54.95
C ILE A 1074 31.50 -37.93 55.75
N LEU A 1075 32.35 -38.81 56.25
CA LEU A 1075 31.98 -39.97 57.05
C LEU A 1075 31.19 -39.55 58.30
N LEU A 1076 31.59 -38.40 58.90
CA LEU A 1076 30.89 -37.78 60.03
C LEU A 1076 29.49 -37.35 59.64
N ALA A 1077 29.36 -36.76 58.43
CA ALA A 1077 28.09 -36.37 57.84
C ALA A 1077 27.20 -37.58 57.57
N HIS A 1078 27.81 -38.69 57.11
CA HIS A 1078 27.12 -39.97 56.85
C HIS A 1078 26.54 -40.57 58.12
N VAL A 1079 27.34 -40.56 59.20
CA VAL A 1079 26.92 -41.09 60.50
C VAL A 1079 25.86 -40.17 61.12
N HIS A 1080 25.95 -38.84 60.86
CA HIS A 1080 24.93 -37.87 61.28
C HIS A 1080 23.59 -38.07 60.57
N MET A 1081 23.61 -38.31 59.24
CA MET A 1081 22.40 -38.60 58.46
C MET A 1081 21.76 -39.93 58.86
N LEU A 1082 22.59 -40.96 59.12
CA LEU A 1082 22.13 -42.25 59.61
C LEU A 1082 21.49 -42.12 60.99
N PHE A 1083 22.09 -41.30 61.88
CA PHE A 1083 21.54 -41.00 63.20
C PHE A 1083 20.20 -40.27 63.13
N MET A 1084 20.07 -39.28 62.23
CA MET A 1084 18.81 -38.57 62.01
C MET A 1084 17.72 -39.47 61.42
N ARG A 1085 18.10 -40.34 60.47
CA ARG A 1085 17.18 -41.31 59.88
C ARG A 1085 16.68 -42.34 60.90
N LEU A 1086 17.59 -42.84 61.75
CA LEU A 1086 17.22 -43.76 62.84
C LEU A 1086 16.35 -43.08 63.89
N LEU A 1087 16.68 -41.83 64.26
CA LEU A 1087 15.90 -41.06 65.22
C LEU A 1087 14.53 -40.64 64.67
N ARG A 1088 14.42 -40.46 63.35
CA ARG A 1088 13.16 -40.07 62.72
C ARG A 1088 12.24 -41.24 62.40
N LEU A 1089 12.80 -42.35 61.92
CA LEU A 1089 11.98 -43.49 61.53
C LEU A 1089 11.56 -44.32 62.74
N CYS A 1090 12.51 -44.69 63.58
CA CYS A 1090 12.22 -45.53 64.74
C CYS A 1090 11.89 -44.71 65.99
N GLY A 1091 12.78 -43.80 66.37
CA GLY A 1091 12.57 -42.97 67.56
C GLY A 1091 11.42 -41.98 67.50
N VAL A 1092 11.24 -41.30 66.33
CA VAL A 1092 10.25 -40.27 65.99
C VAL A 1092 10.28 -39.09 66.95
N HIS A 1093 11.48 -38.70 67.36
CA HIS A 1093 11.70 -37.61 68.33
C HIS A 1093 11.88 -36.24 67.70
N THR A 1094 11.76 -36.10 66.38
CA THR A 1094 11.92 -34.79 65.75
C THR A 1094 11.10 -34.75 64.46
N GLN A 1095 11.08 -33.57 63.85
CA GLN A 1095 10.34 -33.33 62.62
C GLN A 1095 11.09 -32.29 61.79
N GLU A 1096 10.41 -31.77 60.77
CA GLU A 1096 10.95 -30.77 59.87
C GLU A 1096 10.24 -29.44 60.05
N HIS A 1097 11.00 -28.35 59.99
CA HIS A 1097 10.47 -27.00 60.16
C HIS A 1097 10.83 -26.17 58.94
N GLU A 1098 9.90 -25.32 58.53
CA GLU A 1098 10.09 -24.45 57.37
C GLU A 1098 9.37 -23.13 57.62
N LYS A 1099 9.48 -22.23 56.64
CA LYS A 1099 8.86 -20.91 56.72
C LYS A 1099 7.90 -20.74 55.56
N ILE A 1100 6.73 -20.17 55.85
CA ILE A 1100 5.68 -19.97 54.86
C ILE A 1100 5.46 -18.47 54.68
N GLN A 1101 5.41 -18.04 53.41
CA GLN A 1101 5.19 -16.64 53.04
C GLN A 1101 3.78 -16.18 53.43
N ASP A 1102 3.70 -14.93 53.88
CA ASP A 1102 2.44 -14.31 54.26
C ASP A 1102 1.55 -14.04 53.05
N ASP A 1103 0.23 -13.96 53.32
CA ASP A 1103 -0.79 -13.68 52.31
C ASP A 1103 -0.67 -12.30 51.67
N GLU A 1104 -0.16 -11.32 52.42
CA GLU A 1104 0.06 -9.94 51.95
C GLU A 1104 1.08 -9.90 50.83
N THR A 1105 2.23 -10.54 51.05
CA THR A 1105 3.31 -10.63 50.07
C THR A 1105 2.92 -11.51 48.89
N LYS A 1106 2.08 -12.55 49.14
CA LYS A 1106 1.53 -13.44 48.10
C LYS A 1106 0.59 -12.71 47.14
N ARG A 1107 -0.35 -11.92 47.70
CA ARG A 1107 -1.25 -11.11 46.88
C ARG A 1107 -0.52 -9.96 46.18
N LYS A 1108 0.55 -9.44 46.80
CA LYS A 1108 1.44 -8.44 46.19
C LYS A 1108 2.15 -8.99 44.96
N ILE A 1109 2.68 -10.23 45.04
CA ILE A 1109 3.29 -10.92 43.90
C ILE A 1109 2.27 -11.22 42.78
N THR A 1110 1.06 -11.65 43.19
CA THR A 1110 -0.07 -11.97 42.31
C THR A 1110 -0.55 -10.76 41.49
N THR A 1111 -0.68 -9.60 42.16
CA THR A 1111 -1.10 -8.32 41.56
C THR A 1111 -0.08 -7.82 40.53
N PHE A 1112 1.22 -7.92 40.87
CA PHE A 1112 2.36 -7.56 40.02
C PHE A 1112 2.41 -8.40 38.74
N GLU A 1113 2.21 -9.72 38.91
CA GLU A 1113 2.25 -10.69 37.81
C GLU A 1113 1.08 -10.50 36.85
N GLU A 1114 -0.13 -10.23 37.40
CA GLU A 1114 -1.34 -9.99 36.62
C GLU A 1114 -1.25 -8.68 35.82
N LEU A 1115 -0.75 -7.61 36.47
CA LEU A 1115 -0.55 -6.29 35.87
C LEU A 1115 0.47 -6.33 34.72
N ASN A 1116 1.58 -7.02 34.94
CA ASN A 1116 2.61 -7.16 33.91
C ASN A 1116 2.19 -8.08 32.77
N THR A 1117 1.33 -9.08 33.04
CA THR A 1117 0.73 -9.93 32.01
C THR A 1117 -0.14 -9.14 31.05
N ASP A 1118 -1.01 -8.27 31.63
CA ASP A 1118 -1.86 -7.35 30.85
C ASP A 1118 -1.05 -6.34 30.05
N LYS A 1119 0.02 -5.80 30.68
CA LYS A 1119 0.95 -4.84 30.06
C LYS A 1119 1.70 -5.44 28.86
N PHE A 1120 2.17 -6.70 29.00
CA PHE A 1120 2.85 -7.41 27.90
C PHE A 1120 1.89 -7.69 26.74
N LEU A 1121 0.63 -8.08 27.04
CA LEU A 1121 -0.39 -8.35 26.01
C LEU A 1121 -0.75 -7.10 25.21
N ARG A 1122 -0.87 -5.95 25.89
CA ARG A 1122 -1.10 -4.65 25.24
C ARG A 1122 0.07 -4.24 24.34
N ARG A 1123 1.33 -4.40 24.84
CA ARG A 1123 2.54 -4.08 24.08
C ARG A 1123 2.71 -5.00 22.86
N TRP A 1124 2.41 -6.30 23.05
CA TRP A 1124 2.47 -7.34 22.03
C TRP A 1124 1.47 -7.11 20.90
N GLU A 1125 0.22 -6.74 21.28
CA GLU A 1125 -0.83 -6.40 20.31
C GLU A 1125 -0.47 -5.16 19.49
N ARG A 1126 0.05 -4.08 20.15
CA ARG A 1126 0.46 -2.85 19.46
C ARG A 1126 1.64 -3.09 18.50
N GLU A 1127 2.62 -3.93 18.92
CA GLU A 1127 3.78 -4.30 18.11
C GLU A 1127 3.37 -5.13 16.89
N ARG A 1128 2.39 -6.03 17.07
CA ARG A 1128 1.94 -6.82 15.93
C ARG A 1128 1.13 -5.96 14.95
N GLN A 1129 0.42 -4.93 15.46
CA GLN A 1129 -0.27 -3.99 14.57
C GLN A 1129 0.67 -3.00 13.87
N GLU A 1130 1.92 -2.83 14.32
CA GLU A 1130 2.83 -1.92 13.62
C GLU A 1130 3.70 -2.59 12.56
N MET A 1131 3.55 -3.90 12.33
CA MET A 1131 4.28 -4.58 11.27
C MET A 1131 3.78 -4.14 9.89
N LEU A 1132 4.70 -4.24 8.91
CA LEU A 1132 4.46 -3.83 7.53
C LEU A 1132 3.38 -4.65 6.82
N GLU A 1133 3.38 -5.98 7.05
CA GLU A 1133 2.41 -6.93 6.47
C GLU A 1133 0.98 -6.63 6.94
N ALA A 1134 0.84 -6.37 8.25
CA ALA A 1134 -0.44 -6.04 8.87
C ALA A 1134 -1.00 -4.72 8.35
N ARG A 1135 -0.12 -3.71 8.16
CA ARG A 1135 -0.51 -2.41 7.64
C ARG A 1135 -0.97 -2.47 6.19
N VAL A 1136 -0.27 -3.28 5.36
CA VAL A 1136 -0.63 -3.50 3.96
C VAL A 1136 -1.97 -4.23 3.85
N LYS A 1137 -2.17 -5.26 4.70
CA LYS A 1137 -3.44 -5.99 4.79
C LYS A 1137 -4.62 -5.12 5.24
N MET A 1138 -4.40 -4.29 6.28
CA MET A 1138 -5.43 -3.37 6.80
C MET A 1138 -5.84 -2.28 5.80
N THR A 1139 -4.85 -1.68 5.07
CA THR A 1139 -5.11 -0.68 4.03
C THR A 1139 -5.89 -1.31 2.84
N ASN A 1140 -5.55 -2.57 2.50
CA ASN A 1140 -6.20 -3.35 1.44
C ASN A 1140 -7.68 -3.58 1.75
N ASP A 1141 -7.97 -4.01 3.01
CA ASP A 1141 -9.35 -4.20 3.49
C ASP A 1141 -10.14 -2.89 3.51
N ASN A 1142 -9.45 -1.78 3.86
CA ASN A 1142 -10.03 -0.44 3.84
C ASN A 1142 -10.44 -0.01 2.43
N VAL A 1143 -9.62 -0.33 1.42
CA VAL A 1143 -9.91 -0.03 0.02
C VAL A 1143 -11.10 -0.87 -0.49
N VAL A 1144 -11.21 -2.12 0.00
CA VAL A 1144 -12.35 -3.02 -0.27
C VAL A 1144 -13.66 -2.45 0.30
N GLN A 1145 -13.61 -1.95 1.56
CA GLN A 1145 -14.74 -1.28 2.23
C GLN A 1145 -15.14 0.03 1.54
N ALA A 1146 -14.15 0.75 0.97
CA ALA A 1146 -14.37 1.95 0.16
C ALA A 1146 -15.16 1.65 -1.11
N MET A 1147 -14.85 0.54 -1.76
CA MET A 1147 -15.64 0.15 -2.96
C MET A 1147 -17.06 -0.19 -2.50
N GLY A 1148 -17.21 -0.96 -1.42
CA GLY A 1148 -18.53 -1.29 -0.90
C GLY A 1148 -19.41 -0.06 -0.70
N MET A 1149 -18.80 1.01 -0.15
CA MET A 1149 -19.47 2.29 0.06
C MET A 1149 -19.82 2.96 -1.27
N MET A 1150 -18.95 2.82 -2.28
CA MET A 1150 -19.23 3.28 -3.65
C MET A 1150 -20.38 2.51 -4.30
N ASP A 1151 -20.48 1.19 -4.03
CA ASP A 1151 -21.57 0.35 -4.51
C ASP A 1151 -22.93 0.83 -3.96
N GLN A 1152 -22.96 1.17 -2.64
CA GLN A 1152 -24.13 1.77 -1.99
C GLN A 1152 -24.50 3.11 -2.61
N LEU A 1153 -23.45 3.93 -2.91
CA LEU A 1153 -23.56 5.23 -3.56
C LEU A 1153 -24.18 5.09 -4.96
N LEU A 1154 -23.76 4.07 -5.71
CA LEU A 1154 -24.26 3.79 -7.06
C LEU A 1154 -25.73 3.35 -7.04
N GLU A 1155 -26.11 2.58 -6.00
CA GLU A 1155 -27.52 2.19 -5.78
C GLU A 1155 -28.39 3.42 -5.54
N HIS A 1156 -27.91 4.37 -4.70
CA HIS A 1156 -28.63 5.61 -4.47
C HIS A 1156 -28.73 6.48 -5.73
N MET A 1157 -27.63 6.49 -6.52
CA MET A 1157 -27.55 7.17 -7.82
C MET A 1157 -28.55 6.65 -8.86
N ILE A 1158 -28.63 5.30 -9.01
CA ILE A 1158 -29.56 4.65 -9.95
C ILE A 1158 -31.02 4.90 -9.51
N SER A 1159 -31.26 4.95 -8.16
CA SER A 1159 -32.56 5.32 -7.58
C SER A 1159 -32.96 6.75 -7.98
N PHE A 1160 -32.01 7.67 -7.99
CA PHE A 1160 -32.39 9.04 -8.45
C PHE A 1160 -32.66 8.98 -9.95
N ARG A 1161 -31.80 8.27 -10.69
CA ARG A 1161 -32.00 8.18 -12.15
C ARG A 1161 -33.42 7.74 -12.48
N PHE A 1162 -33.92 6.73 -11.74
CA PHE A 1162 -35.29 6.25 -11.86
C PHE A 1162 -36.31 7.32 -11.45
N SER A 1163 -36.02 8.01 -10.33
CA SER A 1163 -36.88 9.07 -9.79
C SER A 1163 -36.97 10.27 -10.73
N LEU A 1164 -35.83 10.69 -11.30
CA LEU A 1164 -35.78 11.79 -12.27
C LEU A 1164 -36.46 11.41 -13.58
N ASP A 1165 -36.32 10.14 -14.01
CA ASP A 1165 -36.99 9.64 -15.21
C ASP A 1165 -38.51 9.62 -15.03
N GLN A 1166 -38.98 9.18 -13.85
CA GLN A 1166 -40.41 9.17 -13.54
C GLN A 1166 -40.94 10.58 -13.19
N GLN A 1167 -40.04 11.53 -12.88
CA GLN A 1167 -40.45 12.90 -12.58
C GLN A 1167 -40.84 13.71 -13.81
N ALA A 1168 -40.47 13.25 -15.01
CA ALA A 1168 -40.83 13.96 -16.24
C ALA A 1168 -42.01 13.29 -16.93
N GLU A 1215 -77.17 -0.44 -2.07
CA GLU A 1215 -76.26 -0.83 -1.01
C GLU A 1215 -76.98 -1.67 0.05
N TRP A 1216 -78.16 -2.15 -0.33
CA TRP A 1216 -79.09 -2.85 0.55
C TRP A 1216 -78.55 -4.21 0.98
N TYR A 1217 -78.75 -4.54 2.25
CA TYR A 1217 -78.20 -5.74 2.84
C TYR A 1217 -79.26 -6.83 2.87
N VAL A 1218 -78.88 -8.02 2.40
CA VAL A 1218 -79.72 -9.22 2.46
C VAL A 1218 -78.95 -10.29 3.21
N PRO A 1219 -79.46 -10.79 4.36
CA PRO A 1219 -78.75 -11.85 5.15
C PRO A 1219 -78.70 -13.19 4.43
N PRO A 1220 -77.70 -14.06 4.74
CA PRO A 1220 -77.64 -15.41 4.13
C PRO A 1220 -78.80 -16.34 4.46
N GLU A 1221 -79.05 -17.28 3.52
CA GLU A 1221 -80.20 -18.18 3.51
C GLU A 1221 -80.26 -19.11 4.73
N GLU A 1222 -79.14 -19.67 5.14
CA GLU A 1222 -79.14 -20.60 6.27
C GLU A 1222 -78.94 -19.81 7.55
N TYR A 1223 -79.93 -19.92 8.46
CA TYR A 1223 -79.86 -19.30 9.78
C TYR A 1223 -78.77 -19.91 10.65
N PRO A 1224 -77.91 -19.09 11.31
CA PRO A 1224 -76.83 -19.63 12.17
C PRO A 1224 -77.35 -20.39 13.38
N LYS A 1225 -76.64 -21.49 13.72
CA LYS A 1225 -76.84 -22.38 14.89
C LYS A 1225 -78.24 -23.03 14.99
N SER A 1226 -78.92 -23.19 13.84
CA SER A 1226 -80.28 -23.72 13.77
C SER A 1226 -80.33 -25.17 13.31
N GLY A 1227 -79.19 -25.80 13.08
CA GLY A 1227 -79.13 -27.16 12.56
C GLY A 1227 -79.60 -27.30 11.12
N GLY A 1228 -79.19 -26.38 10.26
CA GLY A 1228 -79.47 -26.44 8.85
C GLY A 1228 -80.80 -25.89 8.40
N VAL A 1229 -81.54 -25.20 9.28
CA VAL A 1229 -82.82 -24.60 8.91
C VAL A 1229 -82.55 -23.38 8.02
N LYS A 1230 -83.23 -23.31 6.88
CA LYS A 1230 -82.99 -22.26 5.90
C LYS A 1230 -84.18 -21.32 5.80
N ARG A 1231 -83.87 -20.02 5.63
CA ARG A 1231 -84.87 -18.97 5.44
C ARG A 1231 -85.48 -19.00 4.03
N TYR A 1232 -86.34 -18.04 3.75
CA TYR A 1232 -86.88 -17.85 2.41
C TYR A 1232 -86.06 -16.79 1.69
N LEU A 1233 -85.27 -17.26 0.71
CA LEU A 1233 -84.27 -16.48 -0.04
C LEU A 1233 -84.89 -15.32 -0.82
N ILE A 1234 -84.30 -14.14 -0.68
CA ILE A 1234 -84.75 -12.96 -1.41
C ILE A 1234 -83.55 -12.22 -1.98
N ASP A 1235 -83.76 -11.59 -3.13
CA ASP A 1235 -82.75 -10.78 -3.79
C ASP A 1235 -82.54 -9.46 -3.04
N ALA A 1236 -81.35 -8.89 -3.20
CA ALA A 1236 -80.97 -7.61 -2.57
C ALA A 1236 -81.74 -6.37 -3.07
N SER A 1237 -82.45 -6.45 -4.21
CA SER A 1237 -83.25 -5.35 -4.72
C SER A 1237 -84.69 -5.41 -4.23
N MET A 1238 -85.01 -6.37 -3.35
CA MET A 1238 -86.34 -6.54 -2.77
C MET A 1238 -86.34 -6.36 -1.26
N VAL A 1239 -85.19 -6.04 -0.67
CA VAL A 1239 -85.08 -5.98 0.83
C VAL A 1239 -85.83 -4.80 1.48
N PRO A 1240 -85.85 -3.54 0.98
CA PRO A 1240 -86.44 -2.41 1.72
C PRO A 1240 -87.93 -2.55 2.06
N LEU A 1241 -88.37 -1.97 3.19
CA LEU A 1241 -89.78 -2.01 3.56
C LEU A 1241 -90.67 -1.02 2.78
N SER A 1242 -90.09 -0.02 2.10
CA SER A 1242 -90.86 0.91 1.28
C SER A 1242 -91.42 0.21 0.04
N ILE A 1243 -90.67 -0.74 -0.50
CA ILE A 1243 -91.06 -1.51 -1.68
C ILE A 1243 -92.10 -2.53 -1.25
N MET A 1244 -93.09 -2.78 -2.13
CA MET A 1244 -94.26 -3.61 -1.80
C MET A 1244 -93.88 -5.08 -1.65
N CYS A 1245 -93.38 -5.71 -2.74
CA CYS A 1245 -93.00 -7.13 -2.92
C CYS A 1245 -94.07 -8.15 -2.53
N PRO A 1246 -95.17 -8.30 -3.31
CA PRO A 1246 -96.27 -9.22 -2.89
C PRO A 1246 -95.93 -10.71 -2.83
N SER A 1247 -94.87 -11.18 -3.49
CA SER A 1247 -94.50 -12.59 -3.52
C SER A 1247 -93.53 -12.84 -2.36
N TYR A 1248 -94.07 -12.82 -1.14
CA TYR A 1248 -93.25 -12.97 0.06
C TYR A 1248 -93.88 -14.00 0.99
N ASP A 1249 -93.21 -15.14 1.14
CA ASP A 1249 -93.67 -16.23 2.00
C ASP A 1249 -92.53 -16.68 2.91
N PRO A 1250 -92.25 -15.95 4.01
CA PRO A 1250 -91.15 -16.34 4.90
C PRO A 1250 -91.47 -17.58 5.73
N VAL A 1251 -90.41 -18.21 6.22
CA VAL A 1251 -90.51 -19.41 7.04
C VAL A 1251 -90.39 -19.01 8.50
N GLU A 1252 -91.24 -19.59 9.35
CA GLU A 1252 -91.22 -19.31 10.77
C GLU A 1252 -90.36 -20.34 11.48
N TYR A 1253 -89.24 -19.89 12.04
CA TYR A 1253 -88.31 -20.78 12.74
C TYR A 1253 -87.84 -20.07 14.00
N THR A 1254 -87.85 -20.78 15.12
CA THR A 1254 -87.31 -20.27 16.37
C THR A 1254 -86.32 -21.28 16.93
N HIS A 1255 -85.14 -20.77 17.31
CA HIS A 1255 -84.04 -21.57 17.86
C HIS A 1255 -84.42 -22.20 19.20
N PRO A 1256 -83.92 -23.43 19.50
CA PRO A 1256 -84.17 -24.07 20.82
C PRO A 1256 -83.66 -23.32 22.06
N SER A 1257 -82.53 -22.61 21.94
CA SER A 1257 -81.95 -21.82 23.03
C SER A 1257 -82.85 -20.65 23.45
N VAL A 1258 -83.45 -19.94 22.48
CA VAL A 1258 -84.37 -18.84 22.77
C VAL A 1258 -85.68 -19.37 23.33
N ALA A 1259 -86.18 -20.49 22.80
CA ALA A 1259 -87.43 -21.12 23.26
C ALA A 1259 -87.36 -21.78 24.63
N ALA A 1260 -86.17 -21.97 25.22
CA ALA A 1260 -86.00 -22.53 26.57
C ALA A 1260 -86.22 -21.51 27.68
N GLN A 1261 -86.43 -20.22 27.35
CA GLN A 1261 -86.68 -19.05 28.18
C GLN A 1261 -85.61 -18.68 29.22
N PRO A 1262 -84.35 -18.21 28.85
CA PRO A 1262 -83.46 -17.68 29.90
C PRO A 1262 -83.83 -16.29 30.43
N VAL A 1263 -82.96 -15.74 31.31
CA VAL A 1263 -83.21 -14.43 31.93
C VAL A 1263 -83.10 -13.27 30.96
N TRP A 1264 -82.24 -13.36 29.93
CA TRP A 1264 -82.03 -12.24 29.04
C TRP A 1264 -82.91 -12.31 27.79
N ALA A 1265 -83.83 -13.26 27.74
CA ALA A 1265 -84.70 -13.47 26.59
C ALA A 1265 -86.12 -13.02 26.90
N ASP A 1266 -86.73 -12.27 25.98
CA ASP A 1266 -88.12 -11.85 26.12
C ASP A 1266 -89.07 -13.04 25.94
N PRO A 1267 -90.31 -12.97 26.51
CA PRO A 1267 -91.33 -14.02 26.28
C PRO A 1267 -91.78 -14.22 24.83
N ALA A 1268 -92.11 -15.48 24.50
CA ALA A 1268 -92.51 -15.95 23.17
C ALA A 1268 -93.81 -15.32 22.63
N ASP A 1269 -94.67 -14.82 23.51
CA ASP A 1269 -95.92 -14.15 23.20
C ASP A 1269 -95.62 -12.67 23.36
N PRO A 1270 -95.54 -11.88 22.28
CA PRO A 1270 -95.16 -10.46 22.41
C PRO A 1270 -96.25 -9.49 22.82
N ARG A 1271 -97.42 -9.96 23.28
CA ARG A 1271 -98.53 -9.11 23.68
C ARG A 1271 -98.17 -8.39 24.99
N LYS A 1272 -98.71 -7.17 25.15
CA LYS A 1272 -98.62 -6.15 26.25
C LYS A 1272 -97.27 -5.41 26.24
N ILE A 1273 -96.38 -5.67 25.29
CA ILE A 1273 -95.07 -5.05 25.21
C ILE A 1273 -95.19 -3.82 24.33
N LYS A 1274 -94.64 -2.70 24.80
CA LYS A 1274 -94.64 -1.45 24.08
C LYS A 1274 -93.31 -1.21 23.39
N PHE A 1275 -93.37 -0.99 22.08
CA PHE A 1275 -92.21 -0.77 21.23
C PHE A 1275 -92.09 0.74 20.99
N ASN A 1276 -90.96 1.14 20.37
CA ASN A 1276 -90.48 2.49 20.00
C ASN A 1276 -90.13 3.41 21.19
N VAL A 1277 -90.22 2.94 22.44
CA VAL A 1277 -89.90 3.66 23.66
C VAL A 1277 -89.14 2.69 24.54
N LYS A 1278 -88.47 3.24 25.55
CA LYS A 1278 -87.73 2.46 26.56
C LYS A 1278 -88.73 1.68 27.42
N ASP A 1279 -88.63 0.34 27.38
CA ASP A 1279 -89.61 -0.52 28.03
C ASP A 1279 -89.03 -1.21 29.26
N GLU A 1280 -89.86 -1.34 30.28
CA GLU A 1280 -89.48 -1.90 31.57
C GLU A 1280 -89.87 -3.37 31.68
N VAL A 1281 -88.85 -4.22 31.78
CA VAL A 1281 -88.99 -5.65 32.03
C VAL A 1281 -88.41 -5.91 33.42
N ASN A 1282 -89.26 -6.46 34.33
CA ASN A 1282 -89.02 -6.74 35.76
C ASN A 1282 -88.55 -5.50 36.55
N GLY A 1283 -89.11 -4.34 36.17
CA GLY A 1283 -88.83 -3.03 36.71
C GLY A 1283 -87.55 -2.40 36.21
N LYS A 1284 -86.83 -3.04 35.29
CA LYS A 1284 -85.58 -2.51 34.76
C LYS A 1284 -85.82 -2.04 33.34
N VAL A 1285 -85.27 -0.87 32.98
CA VAL A 1285 -85.53 -0.33 31.66
C VAL A 1285 -84.56 -0.97 30.66
N VAL A 1286 -85.09 -1.36 29.50
CA VAL A 1286 -84.30 -1.87 28.40
C VAL A 1286 -84.59 -0.91 27.26
N ASP A 1287 -83.62 -0.79 26.34
CA ASP A 1287 -83.69 0.00 25.13
C ASP A 1287 -84.49 -0.70 24.04
N ARG A 1288 -85.79 -0.47 23.99
CA ARG A 1288 -86.68 -1.07 23.00
C ARG A 1288 -87.01 -0.09 21.88
N THR A 1289 -86.29 1.03 21.80
CA THR A 1289 -86.49 2.03 20.78
C THR A 1289 -85.38 1.96 19.74
N SER A 1290 -85.79 1.95 18.48
CA SER A 1290 -84.87 1.86 17.34
C SER A 1290 -84.54 3.25 16.83
N CYS A 1291 -83.32 3.39 16.30
CA CYS A 1291 -82.80 4.60 15.69
C CYS A 1291 -83.30 4.88 14.27
N HIS A 1292 -84.09 3.97 13.69
CA HIS A 1292 -84.71 4.15 12.38
C HIS A 1292 -85.72 5.30 12.43
N PRO A 1293 -85.68 6.25 11.47
CA PRO A 1293 -86.63 7.39 11.46
C PRO A 1293 -88.12 7.04 11.35
N SER A 1294 -88.46 5.96 10.64
CA SER A 1294 -89.86 5.56 10.51
C SER A 1294 -90.39 4.98 11.81
N GLY A 1295 -89.55 4.27 12.55
CA GLY A 1295 -89.94 3.61 13.78
C GLY A 1295 -90.29 2.16 13.56
N ILE A 1296 -90.69 1.51 14.66
CA ILE A 1296 -91.04 0.10 14.64
C ILE A 1296 -92.56 0.03 14.49
N SER A 1297 -93.01 -0.78 13.54
CA SER A 1297 -94.44 -1.00 13.31
C SER A 1297 -94.88 -2.31 13.92
N ILE A 1298 -96.08 -2.31 14.49
CA ILE A 1298 -96.62 -3.47 15.20
C ILE A 1298 -97.63 -4.15 14.28
N ASP A 1299 -97.42 -5.45 14.04
CA ASP A 1299 -98.37 -6.25 13.26
C ASP A 1299 -99.68 -6.42 14.03
N SER A 1300 -100.80 -6.21 13.35
CA SER A 1300 -102.10 -6.27 14.02
C SER A 1300 -102.56 -7.70 14.29
N ASN A 1301 -102.18 -8.66 13.43
CA ASN A 1301 -102.64 -10.04 13.52
C ASN A 1301 -102.08 -10.79 14.73
N THR A 1302 -100.76 -10.72 14.94
CA THR A 1302 -100.11 -11.50 15.98
C THR A 1302 -99.53 -10.68 17.12
N GLY A 1303 -99.43 -9.36 16.96
CA GLY A 1303 -98.83 -8.49 17.95
C GLY A 1303 -97.32 -8.41 17.93
N ARG A 1304 -96.66 -9.15 17.03
CA ARG A 1304 -95.20 -9.14 16.93
C ARG A 1304 -94.72 -7.83 16.29
N PRO A 1305 -93.57 -7.31 16.73
CA PRO A 1305 -92.98 -6.15 16.05
C PRO A 1305 -92.42 -6.48 14.67
N ILE A 1306 -92.36 -5.47 13.82
CA ILE A 1306 -91.83 -5.62 12.46
C ILE A 1306 -90.54 -4.82 12.37
N ASN A 1307 -89.49 -5.48 11.86
CA ASN A 1307 -88.13 -4.92 11.70
C ASN A 1307 -88.09 -3.75 10.73
N PRO A 1308 -87.67 -2.55 11.15
CA PRO A 1308 -87.66 -1.40 10.22
C PRO A 1308 -86.50 -1.40 9.24
N TRP A 1309 -85.47 -2.21 9.44
CA TRP A 1309 -84.28 -2.22 8.59
C TRP A 1309 -84.41 -3.10 7.35
N GLY A 1310 -85.56 -3.71 7.12
CA GLY A 1310 -85.84 -4.46 5.92
C GLY A 1310 -86.31 -5.87 6.23
N ARG A 1311 -86.56 -6.62 5.16
CA ARG A 1311 -86.99 -8.00 5.25
C ARG A 1311 -85.78 -8.92 5.35
N THR A 1312 -85.94 -10.02 6.10
CA THR A 1312 -84.90 -11.02 6.22
C THR A 1312 -85.34 -12.41 5.79
N GLY A 1313 -86.55 -12.57 5.28
CA GLY A 1313 -87.05 -13.86 4.84
C GLY A 1313 -87.35 -14.86 5.93
N MET A 1314 -87.64 -14.39 7.15
CA MET A 1314 -87.81 -15.26 8.32
C MET A 1314 -88.57 -14.48 9.38
N THR A 1315 -89.69 -15.05 9.85
CA THR A 1315 -90.44 -14.50 10.97
C THR A 1315 -90.03 -15.24 12.25
N GLY A 1316 -90.61 -14.82 13.38
CA GLY A 1316 -90.23 -15.39 14.65
C GLY A 1316 -89.00 -14.70 15.21
N ARG A 1317 -88.57 -15.15 16.39
CA ARG A 1317 -87.46 -14.49 17.05
C ARG A 1317 -86.11 -15.06 16.65
N GLY A 1318 -86.08 -16.34 16.26
CA GLY A 1318 -84.86 -17.05 15.88
C GLY A 1318 -83.88 -17.21 17.02
N LEU A 1319 -82.62 -16.84 16.78
CA LEU A 1319 -81.57 -16.92 17.80
C LEU A 1319 -81.54 -15.70 18.70
N LEU A 1320 -82.30 -14.65 18.40
CA LEU A 1320 -82.30 -13.43 19.16
C LEU A 1320 -83.32 -13.51 20.29
N GLY A 1321 -82.93 -13.07 21.48
CA GLY A 1321 -83.76 -13.27 22.64
C GLY A 1321 -84.85 -12.23 22.86
N LYS A 1322 -84.71 -11.03 22.30
CA LYS A 1322 -85.65 -9.96 22.57
C LYS A 1322 -86.43 -9.62 21.30
N TRP A 1323 -87.76 -9.49 21.46
CA TRP A 1323 -88.63 -9.01 20.39
C TRP A 1323 -88.31 -7.55 20.03
N GLY A 1324 -88.21 -7.28 18.74
CA GLY A 1324 -87.95 -5.92 18.31
C GLY A 1324 -86.48 -5.67 18.38
N VAL A 1325 -86.11 -4.57 19.04
CA VAL A 1325 -84.73 -4.14 19.08
C VAL A 1325 -84.05 -4.90 20.21
N ASN A 1326 -83.04 -5.68 19.87
CA ASN A 1326 -82.14 -6.27 20.85
C ASN A 1326 -80.98 -5.28 20.96
N GLN A 1327 -80.90 -4.60 22.10
CA GLN A 1327 -79.88 -3.60 22.28
C GLN A 1327 -78.56 -4.28 22.63
N ALA A 1328 -77.56 -4.05 21.80
CA ALA A 1328 -76.23 -4.55 22.01
C ALA A 1328 -75.29 -3.36 22.22
N ALA A 1329 -74.26 -3.59 23.01
CA ALA A 1329 -73.22 -2.61 23.23
C ALA A 1329 -71.91 -3.22 22.76
N ASP A 1330 -71.20 -2.49 21.93
CA ASP A 1330 -69.88 -2.89 21.44
C ASP A 1330 -68.84 -1.94 22.00
N THR A 1331 -67.71 -2.55 22.43
CA THR A 1331 -66.62 -1.77 23.05
C THR A 1331 -65.39 -1.80 22.14
N VAL A 1332 -65.09 -0.68 21.48
CA VAL A 1332 -63.95 -0.55 20.60
C VAL A 1332 -62.88 0.17 21.40
N VAL A 1333 -61.93 -0.59 21.94
CA VAL A 1333 -60.81 -0.03 22.69
C VAL A 1333 -59.68 0.19 21.69
N THR A 1334 -59.30 1.45 21.48
CA THR A 1334 -58.36 1.81 20.43
C THR A 1334 -57.11 2.48 20.96
N ARG A 1335 -56.05 2.34 20.17
CA ARG A 1335 -54.79 3.01 20.39
C ARG A 1335 -54.15 3.24 19.03
N TRP A 1336 -53.26 4.23 18.98
CA TRP A 1336 -52.53 4.50 17.75
C TRP A 1336 -51.49 3.40 17.55
N LYS A 1337 -51.39 2.90 16.32
CA LYS A 1337 -50.37 1.88 16.00
C LYS A 1337 -49.01 2.54 15.94
N ARG A 1338 -48.13 2.22 16.87
CA ARG A 1338 -46.82 2.85 16.97
C ARG A 1338 -45.70 1.83 16.77
N SER A 1339 -44.65 2.29 16.10
CA SER A 1339 -43.39 1.58 16.00
C SER A 1339 -42.59 1.65 17.31
N PRO A 1340 -41.54 0.80 17.56
CA PRO A 1340 -40.75 0.91 18.79
C PRO A 1340 -40.14 2.30 18.96
N ASP A 1341 -39.59 2.87 17.89
CA ASP A 1341 -39.00 4.20 17.94
C ASP A 1341 -39.95 5.30 18.45
N GLY A 1342 -41.26 5.05 18.52
CA GLY A 1342 -42.24 5.99 19.01
C GLY A 1342 -43.02 6.76 17.96
N SER A 1343 -42.62 6.67 16.69
CA SER A 1343 -43.34 7.37 15.63
C SER A 1343 -44.65 6.67 15.29
N ILE A 1344 -45.70 7.47 15.08
CA ILE A 1344 -47.03 6.96 14.76
C ILE A 1344 -47.03 6.47 13.32
N LEU A 1345 -47.59 5.26 13.08
CA LEU A 1345 -47.72 4.73 11.72
C LEU A 1345 -48.75 5.53 10.92
N GLU A 1346 -48.42 5.82 9.66
CA GLU A 1346 -49.25 6.70 8.84
C GLU A 1346 -49.59 6.03 7.52
N ARG A 1347 -50.89 5.93 7.19
CA ARG A 1347 -51.32 5.39 5.90
C ARG A 1347 -52.36 6.29 5.26
N ASP A 1348 -52.18 6.54 3.94
CA ASP A 1348 -53.02 7.37 3.04
C ASP A 1348 -53.15 8.83 3.57
N GLY A 1349 -52.09 9.35 4.19
CA GLY A 1349 -52.08 10.69 4.74
C GLY A 1349 -52.86 10.90 6.03
N LYS A 1350 -53.32 9.83 6.67
CA LYS A 1350 -54.10 9.88 7.91
C LYS A 1350 -53.46 8.93 8.91
N LYS A 1351 -53.60 9.24 10.20
CA LYS A 1351 -53.06 8.34 11.20
C LYS A 1351 -53.94 7.09 11.32
N VAL A 1352 -53.32 5.95 11.53
CA VAL A 1352 -54.00 4.65 11.52
C VAL A 1352 -54.35 4.24 12.94
N LEU A 1353 -55.59 3.80 13.14
CA LEU A 1353 -56.01 3.35 14.46
C LEU A 1353 -55.75 1.86 14.59
N GLU A 1354 -55.98 1.36 15.81
CA GLU A 1354 -55.81 -0.06 16.10
C GLU A 1354 -56.76 -0.42 17.22
N PHE A 1355 -57.54 -1.48 17.00
CA PHE A 1355 -58.56 -1.84 17.95
C PHE A 1355 -58.42 -3.30 18.36
N VAL A 1356 -58.92 -3.61 19.54
CA VAL A 1356 -58.88 -4.97 20.04
C VAL A 1356 -60.02 -5.74 19.37
N ALA A 1357 -59.68 -6.82 18.68
CA ALA A 1357 -60.64 -7.63 17.94
C ALA A 1357 -60.54 -9.07 18.43
N ILE A 1358 -61.69 -9.71 18.60
CA ILE A 1358 -61.73 -11.10 19.05
C ILE A 1358 -62.22 -12.00 17.94
N GLN A 1359 -61.71 -13.22 17.93
CA GLN A 1359 -62.11 -14.28 17.02
C GLN A 1359 -63.20 -15.11 17.69
N ARG A 1360 -64.40 -15.10 17.09
CA ARG A 1360 -65.59 -15.76 17.65
C ARG A 1360 -65.44 -17.28 17.71
N GLN A 1361 -66.02 -17.87 18.77
CA GLN A 1361 -65.96 -19.31 18.99
C GLN A 1361 -66.81 -20.11 18.02
N ASP A 1362 -67.96 -19.57 17.62
CA ASP A 1362 -68.94 -20.35 16.86
C ASP A 1362 -68.59 -20.50 15.38
N ASN A 1363 -68.15 -19.44 14.71
CA ASN A 1363 -67.95 -19.50 13.26
C ASN A 1363 -66.53 -19.19 12.82
N LYS A 1364 -65.61 -18.97 13.78
CA LYS A 1364 -64.16 -18.69 13.63
C LYS A 1364 -63.86 -17.50 12.70
N MET A 1365 -64.69 -16.47 12.79
CA MET A 1365 -64.48 -15.20 12.12
C MET A 1365 -64.23 -14.12 13.17
N TRP A 1366 -63.30 -13.23 12.86
CA TRP A 1366 -62.94 -12.11 13.71
C TRP A 1366 -64.09 -11.09 13.76
N ALA A 1367 -64.23 -10.44 14.91
CA ALA A 1367 -65.36 -9.57 15.20
C ALA A 1367 -64.97 -8.60 16.30
N ILE A 1368 -65.79 -7.56 16.44
CA ILE A 1368 -65.65 -6.61 17.55
C ILE A 1368 -66.23 -7.24 18.82
N PRO A 1369 -65.52 -7.17 19.96
CA PRO A 1369 -66.08 -7.62 21.25
C PRO A 1369 -67.31 -6.82 21.64
N GLY A 1370 -68.28 -7.51 22.21
CA GLY A 1370 -69.51 -6.85 22.59
C GLY A 1370 -70.57 -7.88 22.94
N GLY A 1371 -71.68 -7.37 23.41
CA GLY A 1371 -72.76 -8.24 23.82
C GLY A 1371 -73.99 -7.41 24.11
N PHE A 1372 -75.09 -8.12 24.40
CA PHE A 1372 -76.39 -7.49 24.65
C PHE A 1372 -76.38 -6.70 25.95
N VAL A 1373 -77.09 -5.56 25.93
CA VAL A 1373 -77.18 -4.71 27.11
C VAL A 1373 -78.11 -5.34 28.13
N ASP A 1374 -77.57 -5.58 29.33
CA ASP A 1374 -78.28 -6.20 30.44
C ASP A 1374 -79.33 -5.26 31.04
N ASN A 1375 -80.25 -5.86 31.80
CA ASN A 1375 -81.34 -5.15 32.45
C ASN A 1375 -80.82 -4.24 33.57
N GLY A 1376 -81.30 -3.00 33.60
CA GLY A 1376 -80.91 -2.07 34.65
C GLY A 1376 -79.55 -1.42 34.50
N GLU A 1377 -78.88 -1.59 33.36
CA GLU A 1377 -77.57 -1.03 33.12
C GLU A 1377 -77.54 -0.23 31.82
N ASP A 1378 -76.53 0.63 31.74
CA ASP A 1378 -76.31 1.58 30.66
C ASP A 1378 -75.21 1.02 29.78
N VAL A 1379 -74.85 1.77 28.71
CA VAL A 1379 -73.82 1.35 27.76
C VAL A 1379 -72.42 1.34 28.38
N ALA A 1380 -72.16 2.23 29.35
CA ALA A 1380 -70.89 2.36 30.07
C ALA A 1380 -70.50 1.08 30.81
N LEU A 1381 -71.43 0.55 31.63
CA LEU A 1381 -71.26 -0.69 32.38
C LEU A 1381 -71.18 -1.90 31.46
N THR A 1382 -72.04 -1.92 30.41
CA THR A 1382 -72.18 -3.05 29.48
C THR A 1382 -70.90 -3.19 28.68
N SER A 1383 -70.38 -2.03 28.23
CA SER A 1383 -69.15 -1.87 27.46
C SER A 1383 -67.95 -2.36 28.26
N GLY A 1384 -67.86 -1.87 29.53
CA GLY A 1384 -66.78 -2.27 30.44
C GLY A 1384 -66.80 -3.76 30.79
N ARG A 1385 -68.01 -4.29 31.10
CA ARG A 1385 -68.22 -5.69 31.44
C ARG A 1385 -67.88 -6.63 30.28
N GLU A 1386 -68.33 -6.25 29.05
CA GLU A 1386 -68.06 -7.00 27.83
C GLU A 1386 -66.57 -6.97 27.47
N PHE A 1387 -65.93 -5.80 27.68
CA PHE A 1387 -64.50 -5.64 27.43
C PHE A 1387 -63.67 -6.48 28.40
N MET A 1388 -64.05 -6.50 29.68
CA MET A 1388 -63.38 -7.33 30.69
C MET A 1388 -63.59 -8.82 30.41
N GLU A 1389 -64.82 -9.20 30.01
CA GLU A 1389 -65.17 -10.60 29.73
C GLU A 1389 -64.47 -11.14 28.48
N GLU A 1390 -64.41 -10.36 27.41
CA GLU A 1390 -63.92 -10.89 26.13
C GLU A 1390 -62.42 -10.70 25.95
N ALA A 1391 -61.94 -9.45 26.04
CA ALA A 1391 -60.53 -9.14 25.78
C ALA A 1391 -59.62 -9.58 26.93
N LEU A 1392 -60.09 -9.43 28.16
CA LEU A 1392 -59.27 -9.74 29.33
C LEU A 1392 -59.59 -11.09 29.95
N GLY A 1393 -60.77 -11.65 29.69
CA GLY A 1393 -61.21 -12.87 30.32
C GLY A 1393 -61.50 -12.72 31.80
N MET A 1394 -60.60 -13.24 32.65
CA MET A 1394 -60.74 -13.26 34.10
C MET A 1394 -60.66 -11.89 34.79
N GLY A 1395 -60.23 -10.83 34.11
CA GLY A 1395 -60.11 -9.52 34.72
C GLY A 1395 -59.10 -8.62 34.02
N SER A 1402 -54.70 -5.61 37.49
CA SER A 1402 -54.84 -5.39 38.93
C SER A 1402 -53.87 -4.33 39.42
N ALA A 1403 -54.20 -3.77 40.60
CA ALA A 1403 -53.50 -2.72 41.34
C ALA A 1403 -53.38 -1.65 40.26
N GLU A 1404 -52.14 -1.26 39.93
CA GLU A 1404 -51.89 -0.19 38.93
C GLU A 1404 -52.58 -0.47 37.58
N SER A 1405 -52.48 -1.69 37.05
CA SER A 1405 -53.09 -2.02 35.77
C SER A 1405 -54.60 -1.77 35.78
N LYS A 1406 -55.24 -2.07 36.92
CA LYS A 1406 -56.66 -1.75 37.15
C LYS A 1406 -56.93 -0.25 37.11
N ASP A 1407 -56.01 0.55 37.71
CA ASP A 1407 -56.10 2.01 37.67
C ASP A 1407 -55.93 2.57 36.26
N SER A 1408 -55.01 1.98 35.47
CA SER A 1408 -54.81 2.34 34.06
C SER A 1408 -56.04 2.03 33.22
N LEU A 1409 -56.63 0.83 33.46
CA LEU A 1409 -57.83 0.39 32.76
C LEU A 1409 -59.05 1.24 33.13
N ALA A 1410 -59.14 1.64 34.41
CA ALA A 1410 -60.19 2.54 34.88
C ALA A 1410 -60.06 3.93 34.28
N ALA A 1411 -58.81 4.43 34.18
CA ALA A 1411 -58.51 5.71 33.53
C ALA A 1411 -58.84 5.70 32.05
N LEU A 1412 -58.62 4.55 31.39
CA LEU A 1412 -58.91 4.41 29.93
C LEU A 1412 -60.43 4.27 29.77
N PHE A 1413 -61.10 3.66 30.74
CA PHE A 1413 -62.54 3.42 30.68
C PHE A 1413 -63.37 4.59 31.17
N SER A 1414 -62.74 5.65 31.69
CA SER A 1414 -63.48 6.79 32.21
C SER A 1414 -63.92 7.77 31.13
N SER A 1415 -63.36 7.66 29.92
CA SER A 1415 -63.68 8.57 28.82
C SER A 1415 -64.15 7.80 27.60
N GLY A 1416 -65.45 7.54 27.51
CA GLY A 1416 -66.04 6.85 26.37
C GLY A 1416 -67.11 7.72 25.76
N THR A 1417 -67.17 7.70 24.44
CA THR A 1417 -68.11 8.49 23.66
C THR A 1417 -68.99 7.57 22.83
N ILE A 1418 -70.31 7.75 22.92
CA ILE A 1418 -71.20 6.97 22.07
C ILE A 1418 -71.10 7.55 20.66
N VAL A 1419 -70.47 6.80 19.76
CA VAL A 1419 -70.20 7.32 18.42
C VAL A 1419 -71.34 7.01 17.45
N ALA A 1420 -72.05 5.91 17.65
CA ALA A 1420 -73.12 5.51 16.75
C ALA A 1420 -74.09 4.62 17.52
N ARG A 1421 -75.33 4.62 17.02
CA ARG A 1421 -76.41 3.74 17.46
C ARG A 1421 -77.12 3.31 16.18
N ILE A 1422 -76.73 2.15 15.64
CA ILE A 1422 -77.11 1.77 14.29
C ILE A 1422 -77.77 0.40 14.34
N TYR A 1423 -78.29 -0.03 13.20
CA TYR A 1423 -78.87 -1.36 13.08
C TYR A 1423 -77.81 -2.36 12.61
N CYS A 1424 -77.71 -3.47 13.33
CA CYS A 1424 -76.69 -4.48 13.03
C CYS A 1424 -77.15 -5.35 11.86
N GLU A 1425 -76.22 -5.64 10.93
CA GLU A 1425 -76.42 -6.65 9.88
C GLU A 1425 -76.01 -8.06 10.32
N ASP A 1426 -76.54 -8.50 11.45
CA ASP A 1426 -76.26 -9.77 12.13
C ASP A 1426 -77.06 -10.87 11.44
N PRO A 1427 -76.41 -11.99 11.02
CA PRO A 1427 -77.14 -13.10 10.35
C PRO A 1427 -78.26 -13.81 11.17
N ARG A 1428 -78.31 -13.67 12.50
CA ARG A 1428 -79.37 -14.25 13.31
C ARG A 1428 -80.64 -13.38 13.36
N ASN A 1429 -80.60 -12.18 12.76
CA ASN A 1429 -81.72 -11.24 12.75
C ASN A 1429 -82.89 -11.77 11.92
N THR A 1430 -84.10 -11.51 12.41
CA THR A 1430 -85.30 -11.85 11.68
C THR A 1430 -86.21 -10.65 11.51
N ASP A 1431 -87.43 -10.88 11.01
CA ASP A 1431 -88.43 -9.83 10.84
C ASP A 1431 -89.09 -9.41 12.15
N ASN A 1432 -88.99 -10.22 13.20
CA ASN A 1432 -89.61 -9.92 14.47
C ASN A 1432 -88.60 -9.75 15.60
N ALA A 1433 -87.30 -9.86 15.29
CA ALA A 1433 -86.22 -9.66 16.27
C ALA A 1433 -84.99 -9.25 15.49
N TRP A 1434 -84.45 -8.07 15.80
CA TRP A 1434 -83.29 -7.55 15.09
C TRP A 1434 -82.35 -6.90 16.09
N VAL A 1435 -81.06 -6.92 15.79
CA VAL A 1435 -80.04 -6.37 16.67
C VAL A 1435 -79.76 -4.92 16.32
N GLU A 1436 -79.78 -4.05 17.33
CA GLU A 1436 -79.39 -2.66 17.19
C GLU A 1436 -78.27 -2.38 18.18
N THR A 1437 -77.19 -1.76 17.70
CA THR A 1437 -75.96 -1.62 18.46
C THR A 1437 -75.67 -0.17 18.84
N THR A 1438 -75.13 -0.01 20.04
CA THR A 1438 -74.50 1.21 20.52
C THR A 1438 -73.00 0.99 20.59
N CYS A 1439 -72.23 1.85 19.93
CA CYS A 1439 -70.78 1.69 19.87
C CYS A 1439 -70.08 2.68 20.79
N VAL A 1440 -69.23 2.19 21.69
CA VAL A 1440 -68.47 3.03 22.62
C VAL A 1440 -66.98 2.85 22.34
N ASN A 1441 -66.27 3.96 22.08
CA ASN A 1441 -64.85 3.91 21.76
C ASN A 1441 -64.05 4.39 22.97
N PHE A 1442 -63.11 3.57 23.42
CA PHE A 1442 -62.20 3.95 24.50
C PHE A 1442 -60.82 4.12 23.87
N HIS A 1443 -60.42 5.36 23.66
CA HIS A 1443 -59.18 5.66 22.97
C HIS A 1443 -58.07 6.05 23.93
N ASP A 1444 -56.89 5.45 23.74
CA ASP A 1444 -55.71 5.76 24.53
C ASP A 1444 -54.77 6.60 23.68
N GLU A 1445 -54.80 7.92 23.90
CA GLU A 1445 -53.98 8.88 23.15
C GLU A 1445 -52.49 8.68 23.39
N SER A 1446 -52.09 8.55 24.66
CA SER A 1446 -50.67 8.34 24.95
C SER A 1446 -50.25 6.89 24.68
N GLY A 1447 -51.14 5.93 24.90
CA GLY A 1447 -50.83 4.53 24.73
C GLY A 1447 -50.25 3.82 25.93
N ARG A 1448 -50.10 4.50 27.06
CA ARG A 1448 -49.52 3.89 28.27
C ARG A 1448 -50.45 2.86 28.90
N HIS A 1449 -51.74 3.22 29.07
CA HIS A 1449 -52.74 2.36 29.70
C HIS A 1449 -53.06 1.13 28.84
N ALA A 1450 -53.10 1.32 27.51
CA ALA A 1450 -53.40 0.24 26.56
C ALA A 1450 -52.30 -0.81 26.51
N ALA A 1451 -51.04 -0.38 26.68
CA ALA A 1451 -49.87 -1.26 26.65
C ALA A 1451 -49.77 -2.22 27.84
N ARG A 1452 -50.47 -1.96 28.94
CA ARG A 1452 -50.47 -2.83 30.11
C ARG A 1452 -51.51 -3.94 30.05
N LEU A 1453 -52.30 -4.00 28.97
CA LEU A 1453 -53.33 -5.02 28.84
C LEU A 1453 -52.73 -6.33 28.33
N LYS A 1454 -53.04 -7.42 29.05
CA LYS A 1454 -52.59 -8.77 28.62
C LYS A 1454 -53.76 -9.43 27.91
N LEU A 1455 -53.79 -9.32 26.58
CA LEU A 1455 -54.90 -9.84 25.77
C LEU A 1455 -54.91 -11.36 25.70
N GLN A 1456 -56.04 -11.95 26.05
CA GLN A 1456 -56.23 -13.40 26.10
C GLN A 1456 -57.73 -13.68 25.97
N GLY A 1457 -58.11 -14.34 24.87
CA GLY A 1457 -59.49 -14.71 24.59
C GLY A 1457 -60.20 -15.60 25.60
N GLY A 1458 -61.38 -15.16 26.00
CA GLY A 1458 -62.19 -15.89 26.97
C GLY A 1458 -63.64 -15.83 26.56
N ASP A 1459 -64.47 -16.57 27.32
CA ASP A 1459 -65.94 -16.76 27.22
C ASP A 1459 -66.26 -17.22 25.79
N ASP A 1460 -67.01 -16.43 25.00
CA ASP A 1460 -67.40 -16.83 23.65
C ASP A 1460 -66.46 -16.23 22.59
N ALA A 1461 -65.19 -16.07 22.93
CA ALA A 1461 -64.14 -15.61 22.03
C ALA A 1461 -62.96 -16.57 22.11
N GLU A 1462 -62.36 -16.88 20.96
CA GLU A 1462 -61.24 -17.81 20.94
C GLU A 1462 -59.91 -17.09 21.16
N HIS A 1463 -59.63 -16.04 20.39
CA HIS A 1463 -58.38 -15.30 20.50
C HIS A 1463 -58.67 -13.81 20.43
N ALA A 1464 -57.88 -13.01 21.11
CA ALA A 1464 -58.05 -11.57 21.07
C ALA A 1464 -56.70 -10.94 20.76
N ARG A 1465 -56.72 -9.93 19.89
CA ARG A 1465 -55.49 -9.30 19.43
C ARG A 1465 -55.78 -7.87 18.98
N TRP A 1466 -54.73 -7.04 19.00
CA TRP A 1466 -54.78 -5.70 18.42
C TRP A 1466 -54.66 -5.73 16.90
N MET A 1467 -55.63 -5.14 16.21
CA MET A 1467 -55.70 -5.26 14.76
C MET A 1467 -55.97 -3.87 14.19
N MET A 1468 -55.21 -3.52 13.15
CA MET A 1468 -55.24 -2.21 12.53
C MET A 1468 -56.54 -2.08 11.74
N VAL A 1469 -57.13 -0.89 11.75
CA VAL A 1469 -58.43 -0.62 11.15
C VAL A 1469 -58.24 -0.18 9.70
N HIS A 1470 -58.90 -0.91 8.79
CA HIS A 1470 -58.89 -0.52 7.39
C HIS A 1470 -60.18 -0.96 6.70
N GLY A 1471 -60.37 -0.48 5.47
CA GLY A 1471 -61.58 -0.72 4.72
C GLY A 1471 -61.71 -2.11 4.12
N GLY A 1472 -60.62 -2.87 4.08
CA GLY A 1472 -60.64 -4.20 3.52
C GLY A 1472 -60.83 -5.31 4.55
N LEU A 1473 -61.31 -4.95 5.74
CA LEU A 1473 -61.49 -5.91 6.82
C LEU A 1473 -62.69 -6.81 6.55
N ASN A 1474 -62.53 -8.09 6.86
CA ASN A 1474 -63.64 -9.03 6.70
C ASN A 1474 -64.02 -9.33 8.14
N LEU A 1475 -64.98 -8.57 8.64
CA LEU A 1475 -65.39 -8.69 10.02
C LEU A 1475 -66.84 -9.12 10.04
N PHE A 1476 -67.31 -9.58 11.20
CA PHE A 1476 -68.68 -10.04 11.35
C PHE A 1476 -69.66 -8.87 11.34
N ALA A 1477 -70.80 -9.08 10.68
CA ALA A 1477 -72.02 -8.24 10.55
C ALA A 1477 -71.67 -6.85 9.98
N SER A 1478 -72.21 -5.78 10.55
CA SER A 1478 -71.97 -4.42 10.06
C SER A 1478 -71.01 -3.67 10.97
N HIS A 1479 -70.02 -4.38 11.52
CA HIS A 1479 -69.01 -3.78 12.41
C HIS A 1479 -68.04 -2.86 11.68
N ARG A 1480 -67.88 -3.02 10.35
CA ARG A 1480 -67.09 -2.14 9.50
C ARG A 1480 -67.67 -0.73 9.46
N THR A 1481 -69.01 -0.63 9.46
CA THR A 1481 -69.73 0.64 9.55
C THR A 1481 -69.46 1.33 10.90
N LEU A 1482 -69.44 0.54 12.00
CA LEU A 1482 -69.14 1.04 13.34
C LEU A 1482 -67.70 1.55 13.46
N LEU A 1483 -66.73 0.82 12.90
CA LEU A 1483 -65.32 1.29 12.89
C LEU A 1483 -65.21 2.51 11.98
N GLN A 1484 -65.91 2.49 10.84
CA GLN A 1484 -65.96 3.64 9.92
C GLN A 1484 -66.40 4.89 10.66
N HIS A 1485 -67.43 4.76 11.53
CA HIS A 1485 -67.91 5.86 12.38
C HIS A 1485 -66.85 6.31 13.38
N VAL A 1486 -66.10 5.35 13.97
CA VAL A 1486 -64.99 5.64 14.91
C VAL A 1486 -63.87 6.41 14.22
N THR A 1487 -63.47 5.94 13.01
CA THR A 1487 -62.42 6.60 12.23
C THR A 1487 -62.88 7.93 11.65
N SER A 1488 -64.18 8.04 11.33
CA SER A 1488 -64.75 9.31 10.87
C SER A 1488 -64.71 10.35 11.97
N ALA A 1489 -65.05 9.93 13.20
CA ALA A 1489 -65.04 10.83 14.36
C ALA A 1489 -63.63 11.24 14.75
N LEU A 1490 -62.65 10.33 14.62
CA LEU A 1490 -61.28 10.58 15.02
C LEU A 1490 -60.35 11.05 13.92
N ASN A 1491 -60.87 11.21 12.68
CA ASN A 1491 -60.17 11.58 11.42
C ASN A 1491 -59.02 10.61 11.14
N ALA A 1492 -59.32 9.33 11.27
CA ALA A 1492 -58.39 8.24 11.07
C ALA A 1492 -58.60 7.57 9.72
N TYR A 1493 -57.63 6.72 9.36
CA TYR A 1493 -57.63 5.98 8.11
C TYR A 1493 -58.72 4.91 8.05
N PHE A 1494 -59.36 4.80 6.88
CA PHE A 1494 -60.39 3.81 6.56
C PHE A 1494 -60.54 3.74 5.04
N MET B 47 18.63 -1.07 -43.60
CA MET B 47 18.97 0.35 -43.61
C MET B 47 19.47 0.77 -44.99
N ILE B 48 20.71 0.40 -45.31
CA ILE B 48 21.32 0.74 -46.58
C ILE B 48 21.27 -0.42 -47.57
N ARG B 49 20.45 -1.44 -47.29
CA ARG B 49 20.34 -2.61 -48.15
C ARG B 49 19.37 -2.28 -49.28
N GLN B 50 19.82 -2.42 -50.52
CA GLN B 50 18.96 -2.20 -51.67
C GLN B 50 18.03 -3.39 -51.87
N SER B 51 16.85 -3.12 -52.39
CA SER B 51 15.79 -4.11 -52.50
C SER B 51 15.81 -4.74 -53.90
N VAL B 52 16.08 -6.03 -53.95
CA VAL B 52 16.13 -6.77 -55.21
C VAL B 52 14.70 -7.07 -55.67
N ALA B 53 14.41 -6.73 -56.92
CA ALA B 53 13.09 -6.96 -57.51
C ALA B 53 12.79 -8.44 -57.68
N ALA B 54 11.54 -8.81 -57.35
CA ALA B 54 11.07 -10.17 -57.48
C ALA B 54 10.94 -10.61 -58.94
N LYS B 55 11.35 -11.84 -59.22
CA LYS B 55 11.25 -12.39 -60.57
C LYS B 55 10.24 -13.52 -60.69
N THR B 56 9.95 -14.22 -59.59
CA THR B 56 9.01 -15.33 -59.56
C THR B 56 8.07 -15.19 -58.37
N LEU B 57 6.85 -15.72 -58.53
CA LEU B 57 5.82 -15.58 -57.48
C LEU B 57 5.13 -16.92 -57.24
N LEU B 58 4.80 -17.22 -55.98
CA LEU B 58 4.08 -18.42 -55.59
C LEU B 58 2.58 -18.12 -55.58
N ILE B 59 1.90 -18.56 -56.64
CA ILE B 59 0.41 -18.35 -56.72
C ILE B 59 -0.29 -19.60 -56.19
N GLU B 60 -1.18 -19.43 -55.21
CA GLU B 60 -1.93 -20.54 -54.65
C GLU B 60 -2.88 -21.14 -55.69
N ASN B 61 -2.93 -22.47 -55.75
CA ASN B 61 -3.78 -23.21 -56.66
C ASN B 61 -5.26 -23.07 -56.29
N GLU B 62 -6.14 -23.28 -57.30
CA GLU B 62 -7.60 -23.26 -57.08
C GLU B 62 -8.11 -24.38 -56.17
N ASP B 63 -7.37 -25.50 -56.08
CA ASP B 63 -7.64 -26.61 -55.15
C ASP B 63 -7.37 -26.25 -53.69
N GLY B 64 -6.56 -25.22 -53.43
CA GLY B 64 -6.17 -24.78 -52.11
C GLY B 64 -5.16 -25.68 -51.44
N LYS B 65 -4.45 -26.50 -52.23
CA LYS B 65 -3.44 -27.44 -51.74
C LYS B 65 -2.10 -27.10 -52.40
N GLY B 66 -1.36 -26.17 -51.82
CA GLY B 66 -0.06 -25.77 -52.32
C GLY B 66 -0.08 -24.56 -53.24
N SER B 67 1.13 -24.07 -53.49
CA SER B 67 1.40 -22.90 -54.33
C SER B 67 2.40 -23.26 -55.42
N THR B 68 2.12 -22.83 -56.66
CA THR B 68 3.07 -23.10 -57.73
C THR B 68 3.83 -21.81 -58.08
N ARG B 69 5.11 -21.98 -58.38
CA ARG B 69 5.97 -20.86 -58.76
C ARG B 69 5.96 -20.56 -60.25
N MET B 70 5.63 -19.30 -60.56
CA MET B 70 5.58 -18.85 -61.98
C MET B 70 6.12 -17.43 -62.08
N GLU B 71 6.65 -17.05 -63.23
CA GLU B 71 7.19 -15.72 -63.51
C GLU B 71 6.12 -14.64 -63.38
N VAL B 72 6.56 -13.47 -62.89
CA VAL B 72 5.72 -12.30 -62.59
C VAL B 72 5.03 -11.77 -63.85
N GLN B 73 5.77 -11.70 -64.97
CA GLN B 73 5.25 -11.23 -66.26
C GLN B 73 4.22 -12.19 -66.86
N ASP B 74 4.34 -13.47 -66.55
CA ASP B 74 3.37 -14.47 -66.99
C ASP B 74 2.06 -14.32 -66.20
N PHE B 75 2.16 -14.16 -64.88
CA PHE B 75 0.99 -14.01 -63.99
C PHE B 75 0.24 -12.71 -64.23
N MET B 76 0.94 -11.59 -64.40
CA MET B 76 0.26 -10.26 -64.49
C MET B 76 -0.55 -10.06 -65.77
N LYS B 77 -0.33 -10.84 -66.82
CA LYS B 77 -1.02 -10.68 -68.10
C LYS B 77 -2.53 -10.65 -67.97
N ARG B 78 -3.09 -11.34 -66.95
CA ARG B 78 -4.54 -11.47 -66.74
C ARG B 78 -5.23 -10.19 -66.23
N PHE B 79 -4.45 -9.19 -65.85
CA PHE B 79 -5.04 -7.90 -65.44
C PHE B 79 -5.02 -6.96 -66.64
N HIS B 80 -6.07 -6.18 -66.85
CA HIS B 80 -6.16 -5.30 -68.00
C HIS B 80 -6.33 -3.85 -67.58
N MET B 81 -5.97 -2.98 -68.52
CA MET B 81 -6.16 -1.54 -68.28
C MET B 81 -6.80 -0.94 -69.51
N HIS B 82 -7.44 0.20 -69.37
CA HIS B 82 -8.10 0.92 -70.45
C HIS B 82 -7.41 2.24 -70.71
N ALA B 83 -7.02 2.47 -71.97
CA ALA B 83 -6.39 3.73 -72.35
C ALA B 83 -7.40 4.86 -72.42
N SER B 84 -8.66 4.54 -72.73
CA SER B 84 -9.71 5.52 -72.85
C SER B 84 -11.04 4.86 -72.51
N GLU B 85 -12.06 5.72 -72.30
CA GLU B 85 -13.41 5.31 -71.93
C GLU B 85 -14.07 4.45 -73.00
N ASP B 86 -13.83 4.80 -74.29
CA ASP B 86 -14.37 4.11 -75.47
C ASP B 86 -13.96 2.64 -75.54
N ASP B 87 -12.71 2.36 -75.15
CA ASP B 87 -12.12 1.03 -75.13
C ASP B 87 -12.85 0.10 -74.15
N LYS B 88 -13.10 -1.13 -74.60
CA LYS B 88 -13.79 -2.13 -73.80
C LYS B 88 -12.93 -3.35 -73.53
N THR B 89 -12.30 -3.92 -74.56
CA THR B 89 -11.39 -5.06 -74.41
C THR B 89 -10.16 -4.68 -73.60
N GLY B 90 -9.60 -3.51 -73.88
CA GLY B 90 -8.44 -3.04 -73.15
C GLY B 90 -7.11 -3.64 -73.58
N SER B 91 -6.07 -3.23 -72.87
CA SER B 91 -4.70 -3.66 -73.08
C SER B 91 -4.14 -4.11 -71.74
N PRO B 92 -3.07 -4.95 -71.72
CA PRO B 92 -2.47 -5.40 -70.48
C PRO B 92 -2.01 -4.23 -69.62
N SER B 93 -2.00 -4.44 -68.31
CA SER B 93 -1.64 -3.40 -67.34
C SER B 93 -0.13 -3.25 -67.21
N THR B 94 0.35 -2.02 -67.38
CA THR B 94 1.80 -1.76 -67.18
C THR B 94 1.96 -0.96 -65.90
N ALA B 95 0.88 -0.81 -65.12
CA ALA B 95 0.92 -0.07 -63.86
C ALA B 95 0.77 -1.00 -62.66
N TRP B 96 1.88 -1.60 -62.23
CA TRP B 96 1.94 -2.39 -61.02
C TRP B 96 3.34 -2.40 -60.45
N GLY B 97 3.42 -2.48 -59.11
CA GLY B 97 4.70 -2.45 -58.41
C GLY B 97 4.57 -2.12 -56.94
N THR B 98 5.49 -1.33 -56.37
CA THR B 98 5.41 -0.91 -54.97
C THR B 98 5.62 0.61 -54.88
N LEU B 99 4.92 1.20 -53.92
CA LEU B 99 5.01 2.66 -53.73
C LEU B 99 5.67 2.96 -52.40
N ARG B 100 6.59 3.92 -52.38
CA ARG B 100 7.25 4.39 -51.17
C ARG B 100 6.63 5.74 -50.82
N PHE B 101 6.10 5.80 -49.60
CA PHE B 101 5.45 7.03 -49.11
C PHE B 101 6.37 7.72 -48.08
N PRO B 102 6.48 9.07 -48.02
CA PRO B 102 7.28 9.76 -46.98
C PRO B 102 6.84 9.38 -45.57
N THR B 103 7.84 9.29 -44.66
CA THR B 103 7.80 8.91 -43.24
C THR B 103 7.29 7.47 -42.96
N LYS B 104 7.22 6.61 -43.98
CA LYS B 104 6.83 5.21 -43.88
C LYS B 104 7.99 4.35 -44.33
N GLU B 105 8.40 3.41 -43.47
CA GLU B 105 9.55 2.54 -43.75
C GLU B 105 9.23 1.52 -44.84
N ALA B 106 8.06 0.89 -44.77
CA ALA B 106 7.72 -0.17 -45.71
C ALA B 106 7.03 0.40 -46.96
N THR B 107 7.14 -0.36 -48.05
CA THR B 107 6.49 0.00 -49.31
C THR B 107 5.18 -0.78 -49.48
N ALA B 108 4.24 -0.16 -50.19
CA ALA B 108 2.93 -0.76 -50.40
C ALA B 108 2.74 -1.20 -51.85
N PRO B 109 2.48 -2.49 -52.15
CA PRO B 109 2.19 -2.91 -53.54
C PRO B 109 0.92 -2.29 -54.13
N TYR B 110 0.97 -2.08 -55.45
CA TYR B 110 -0.17 -1.49 -56.18
C TYR B 110 -0.40 -2.20 -57.50
N LEU B 111 -1.64 -2.51 -57.84
CA LEU B 111 -2.03 -3.18 -59.07
C LEU B 111 -3.20 -2.41 -59.66
N ARG B 112 -3.06 -1.95 -60.90
CA ARG B 112 -4.14 -1.30 -61.64
C ARG B 112 -4.84 -2.34 -62.49
N LEU B 113 -6.12 -2.58 -62.18
CA LEU B 113 -6.85 -3.63 -62.91
C LEU B 113 -8.18 -3.11 -63.42
N SER B 114 -8.76 -3.79 -64.38
CA SER B 114 -10.00 -3.41 -65.05
C SER B 114 -11.24 -3.77 -64.22
N VAL B 115 -12.37 -3.16 -64.61
CA VAL B 115 -13.66 -3.47 -64.01
C VAL B 115 -14.13 -4.89 -64.34
N ASN B 116 -13.75 -5.43 -65.51
CA ASN B 116 -14.15 -6.76 -65.94
C ASN B 116 -13.26 -7.85 -65.38
N ASP B 117 -12.17 -7.49 -64.70
CA ASP B 117 -11.22 -8.44 -64.12
C ASP B 117 -11.83 -9.23 -62.98
N ASP B 118 -11.35 -10.46 -62.85
CA ASP B 118 -11.83 -11.39 -61.83
C ASP B 118 -11.34 -10.97 -60.44
N PRO B 119 -12.24 -10.77 -59.46
CA PRO B 119 -11.79 -10.50 -58.07
C PRO B 119 -10.99 -11.62 -57.40
N GLU B 120 -11.16 -12.88 -57.84
CA GLU B 120 -10.34 -14.01 -57.41
C GLU B 120 -8.87 -13.83 -57.80
N ASP B 121 -8.62 -13.23 -58.98
CA ASP B 121 -7.27 -12.93 -59.46
C ASP B 121 -6.59 -11.86 -58.60
N ALA B 122 -7.37 -10.83 -58.21
CA ALA B 122 -6.91 -9.79 -57.31
C ALA B 122 -6.63 -10.35 -55.92
N LEU B 123 -7.47 -11.29 -55.47
CA LEU B 123 -7.29 -12.02 -54.21
C LEU B 123 -6.01 -12.86 -54.24
N LEU B 124 -5.73 -13.49 -55.39
CA LEU B 124 -4.49 -14.25 -55.64
C LEU B 124 -3.26 -13.35 -55.60
N PHE B 125 -3.39 -12.13 -56.14
CA PHE B 125 -2.33 -11.10 -56.10
C PHE B 125 -1.97 -10.70 -54.66
N VAL B 126 -3.00 -10.47 -53.81
CA VAL B 126 -2.81 -10.10 -52.39
C VAL B 126 -2.14 -11.25 -51.62
N LYS B 127 -2.61 -12.50 -51.88
CA LYS B 127 -2.04 -13.73 -51.31
C LYS B 127 -0.58 -13.95 -51.75
N ALA B 128 -0.27 -13.64 -53.01
CA ALA B 128 1.09 -13.75 -53.54
C ALA B 128 2.05 -12.75 -52.89
N MET B 129 1.60 -11.49 -52.67
CA MET B 129 2.39 -10.47 -51.96
C MET B 129 2.68 -10.85 -50.52
N LEU B 130 1.64 -11.32 -49.79
CA LEU B 130 1.78 -11.77 -48.40
C LEU B 130 2.67 -13.00 -48.30
N ALA B 131 2.53 -13.92 -49.27
CA ALA B 131 3.36 -15.14 -49.33
C ALA B 131 4.83 -14.81 -49.58
N GLN B 132 5.10 -13.80 -50.44
CA GLN B 132 6.49 -13.36 -50.64
C GLN B 132 7.07 -12.69 -49.40
N LYS B 133 6.31 -11.78 -48.76
CA LYS B 133 6.87 -11.02 -47.65
C LYS B 133 6.98 -11.83 -46.36
N TYR B 134 5.97 -12.63 -46.02
CA TYR B 134 5.95 -13.30 -44.73
C TYR B 134 6.15 -14.81 -44.81
N GLY B 135 6.49 -15.35 -45.97
CA GLY B 135 6.63 -16.78 -46.13
C GLY B 135 5.30 -17.42 -46.46
N GLU B 136 5.39 -18.73 -46.82
CA GLU B 136 4.22 -19.54 -47.20
C GLU B 136 3.23 -19.73 -46.06
N THR B 137 3.74 -19.93 -44.84
CA THR B 137 2.88 -20.15 -43.67
C THR B 137 2.57 -18.85 -42.93
N TYR B 138 2.00 -17.91 -43.71
CA TYR B 138 1.57 -16.62 -43.14
C TYR B 138 0.22 -16.80 -42.47
N ASP B 139 -0.09 -15.94 -41.50
CA ASP B 139 -1.33 -15.99 -40.74
C ASP B 139 -2.52 -15.67 -41.64
N ARG B 140 -3.32 -16.69 -41.95
CA ARG B 140 -4.52 -16.53 -42.77
C ARG B 140 -5.58 -15.74 -42.00
N PRO B 141 -6.36 -14.88 -42.69
CA PRO B 141 -7.39 -14.11 -41.97
C PRO B 141 -8.62 -14.92 -41.61
N SER B 142 -9.04 -14.77 -40.37
CA SER B 142 -10.31 -15.31 -39.92
C SER B 142 -11.41 -14.26 -39.87
N LEU B 143 -11.14 -13.06 -40.41
CA LEU B 143 -12.11 -11.96 -40.37
C LEU B 143 -11.78 -10.97 -41.48
N ILE B 144 -12.82 -10.52 -42.18
CA ILE B 144 -12.72 -9.47 -43.19
C ILE B 144 -13.50 -8.27 -42.67
N LEU B 145 -12.79 -7.17 -42.41
CA LEU B 145 -13.39 -5.96 -41.86
C LEU B 145 -13.50 -4.95 -42.99
N SER B 146 -14.72 -4.71 -43.46
CA SER B 146 -14.97 -3.72 -44.49
C SER B 146 -15.34 -2.40 -43.86
N VAL B 147 -14.56 -1.35 -44.12
CA VAL B 147 -14.83 -0.05 -43.53
C VAL B 147 -15.41 0.85 -44.62
N THR B 148 -16.66 1.29 -44.40
CA THR B 148 -17.35 2.18 -45.31
C THR B 148 -17.81 3.41 -44.53
N GLY B 149 -18.13 4.46 -45.27
CA GLY B 149 -18.62 5.66 -44.59
C GLY B 149 -18.35 6.90 -45.42
N GLY B 150 -18.11 7.98 -44.67
CA GLY B 150 -18.00 9.32 -45.24
C GLY B 150 -16.77 9.53 -46.10
N ALA B 151 -16.98 10.03 -47.31
CA ALA B 151 -15.85 10.40 -48.16
C ALA B 151 -15.19 11.69 -47.67
N ARG B 152 -15.99 12.67 -47.28
CA ARG B 152 -15.47 13.95 -46.80
C ARG B 152 -14.92 13.84 -45.38
N ASN B 153 -14.02 14.77 -45.04
CA ASN B 153 -13.35 14.83 -43.74
C ASN B 153 -14.35 15.14 -42.62
N PHE B 154 -14.14 14.48 -41.48
CA PHE B 154 -15.04 14.69 -40.31
C PHE B 154 -14.24 14.50 -39.02
N THR B 155 -14.65 15.19 -37.94
CA THR B 155 -13.98 15.11 -36.65
C THR B 155 -14.88 14.35 -35.70
N LEU B 156 -14.34 13.35 -35.04
CA LEU B 156 -15.05 12.56 -34.05
C LEU B 156 -14.63 12.95 -32.65
N PRO B 157 -15.44 12.58 -31.61
CA PRO B 157 -15.09 12.85 -30.22
C PRO B 157 -13.90 11.98 -29.77
N PRO B 158 -12.95 12.49 -28.96
CA PRO B 158 -11.75 11.69 -28.58
C PRO B 158 -11.98 10.35 -27.88
N ARG B 159 -13.01 10.26 -27.04
CA ARG B 159 -13.29 9.01 -26.29
C ARG B 159 -13.87 7.98 -27.25
N LEU B 160 -14.80 8.40 -28.09
CA LEU B 160 -15.42 7.52 -29.09
C LEU B 160 -14.39 6.97 -30.06
N GLU B 161 -13.48 7.85 -30.52
CA GLU B 161 -12.36 7.53 -31.44
C GLU B 161 -11.39 6.56 -30.79
N THR B 162 -11.09 6.80 -29.49
CA THR B 162 -10.23 5.95 -28.67
C THR B 162 -10.82 4.55 -28.51
N ALA B 163 -12.15 4.47 -28.26
CA ALA B 163 -12.88 3.19 -28.11
C ALA B 163 -12.90 2.37 -29.40
N ILE B 164 -13.19 3.04 -30.55
CA ILE B 164 -13.20 2.43 -31.88
C ILE B 164 -11.81 1.94 -32.28
N ALA B 165 -10.78 2.78 -32.03
CA ALA B 165 -9.37 2.51 -32.32
C ALA B 165 -8.84 1.31 -31.52
N LYS B 166 -9.16 1.29 -30.20
CA LYS B 166 -8.75 0.23 -29.28
C LYS B 166 -9.39 -1.12 -29.64
N GLY B 167 -10.71 -1.10 -29.89
CA GLY B 167 -11.46 -2.30 -30.27
C GLY B 167 -11.06 -2.87 -31.62
N LEU B 168 -10.88 -1.99 -32.62
CA LEU B 168 -10.47 -2.37 -33.98
C LEU B 168 -9.06 -2.94 -34.01
N ARG B 169 -8.12 -2.31 -33.24
CA ARG B 169 -6.74 -2.80 -33.11
C ARG B 169 -6.68 -4.16 -32.44
N LEU B 170 -7.45 -4.36 -31.35
CA LEU B 170 -7.53 -5.64 -30.62
C LEU B 170 -8.08 -6.76 -31.50
N ALA B 171 -9.19 -6.45 -32.22
CA ALA B 171 -9.86 -7.40 -33.13
C ALA B 171 -8.95 -7.79 -34.30
N ALA B 172 -8.30 -6.77 -34.91
CA ALA B 172 -7.39 -6.94 -36.04
C ALA B 172 -6.15 -7.74 -35.66
N GLN B 173 -5.57 -7.45 -34.48
CA GLN B 173 -4.36 -8.16 -34.08
C GLN B 173 -4.67 -9.58 -33.59
N ARG B 174 -5.87 -9.81 -33.02
CA ARG B 174 -6.20 -11.17 -32.57
C ARG B 174 -6.67 -12.07 -33.69
N THR B 175 -7.37 -11.54 -34.70
CA THR B 175 -7.90 -12.41 -35.74
C THR B 175 -7.11 -12.42 -37.04
N ASN B 176 -6.02 -11.63 -37.13
CA ASN B 176 -5.21 -11.34 -38.35
C ASN B 176 -6.04 -10.85 -39.53
N ALA B 177 -7.04 -10.00 -39.23
CA ALA B 177 -8.11 -9.57 -40.13
C ALA B 177 -7.60 -8.75 -41.31
N TRP B 178 -8.28 -8.90 -42.44
CA TRP B 178 -8.05 -8.04 -43.61
C TRP B 178 -9.01 -6.88 -43.59
N VAL B 179 -8.48 -5.66 -43.48
CA VAL B 179 -9.29 -4.46 -43.45
C VAL B 179 -9.33 -3.87 -44.85
N VAL B 180 -10.52 -3.78 -45.42
CA VAL B 180 -10.70 -3.26 -46.78
C VAL B 180 -11.41 -1.92 -46.70
N THR B 181 -10.73 -0.85 -47.17
CA THR B 181 -11.31 0.49 -47.23
C THR B 181 -11.19 1.05 -48.64
N GLY B 182 -11.53 2.33 -48.80
CA GLY B 182 -11.38 3.02 -50.06
C GLY B 182 -9.96 3.42 -50.43
N GLY B 183 -9.07 3.56 -49.44
CA GLY B 183 -7.68 3.84 -49.78
C GLY B 183 -7.28 5.28 -49.97
N THR B 184 -8.24 6.21 -49.81
CA THR B 184 -7.98 7.66 -50.04
C THR B 184 -7.63 8.37 -48.72
N ASN B 185 -6.97 9.53 -48.76
CA ASN B 185 -6.50 10.23 -47.57
C ASN B 185 -7.51 11.25 -47.03
N THR B 186 -8.76 10.86 -46.86
CA THR B 186 -9.81 11.73 -46.32
C THR B 186 -10.73 10.83 -45.52
N GLY B 187 -11.33 11.40 -44.46
CA GLY B 187 -12.43 10.79 -43.70
C GLY B 187 -12.14 9.47 -43.00
N VAL B 188 -13.08 8.52 -43.17
CA VAL B 188 -13.07 7.23 -42.48
C VAL B 188 -11.90 6.33 -42.94
N MET B 189 -11.50 6.44 -44.22
CA MET B 189 -10.35 5.72 -44.78
C MET B 189 -9.03 6.18 -44.14
N LYS B 190 -8.88 7.51 -44.02
CA LYS B 190 -7.74 8.15 -43.36
C LYS B 190 -7.72 7.82 -41.86
N LEU B 191 -8.92 7.79 -41.26
CA LEU B 191 -9.13 7.44 -39.86
C LEU B 191 -8.73 5.99 -39.55
N THR B 192 -9.12 5.06 -40.45
CA THR B 192 -8.79 3.64 -40.36
C THR B 192 -7.28 3.42 -40.52
N GLY B 193 -6.68 4.20 -41.45
CA GLY B 193 -5.23 4.24 -41.64
C GLY B 193 -4.47 4.69 -40.39
N GLN B 194 -5.01 5.73 -39.72
CA GLN B 194 -4.46 6.24 -38.46
C GLN B 194 -4.55 5.20 -37.35
N ILE B 195 -5.67 4.44 -37.30
CA ILE B 195 -5.85 3.36 -36.32
C ILE B 195 -4.84 2.23 -36.55
N MET B 196 -4.66 1.82 -37.82
CA MET B 196 -3.74 0.73 -38.12
C MET B 196 -2.26 1.12 -38.13
N GLU B 197 -1.96 2.43 -38.16
CA GLU B 197 -0.59 2.94 -38.10
C GLU B 197 0.09 2.58 -36.77
N ALA B 198 -0.67 2.74 -35.66
CA ALA B 198 -0.20 2.38 -34.32
C ALA B 198 -0.03 0.87 -34.17
N LEU B 199 -0.86 0.08 -34.89
CA LEU B 199 -0.74 -1.37 -34.90
C LEU B 199 0.53 -1.78 -35.63
N SER B 200 0.83 -1.10 -36.74
CA SER B 200 2.07 -1.34 -37.49
C SER B 200 3.34 -0.86 -36.77
N LYS B 201 3.21 0.05 -35.80
CA LYS B 201 4.35 0.53 -35.03
C LYS B 201 4.59 -0.25 -33.74
N THR B 202 3.53 -0.53 -32.97
CA THR B 202 3.63 -1.20 -31.68
C THR B 202 3.80 -2.72 -31.76
N GLN B 203 3.63 -3.33 -32.93
CA GLN B 203 3.71 -4.78 -33.08
C GLN B 203 4.77 -5.15 -34.10
N SER B 204 5.46 -6.25 -33.83
CA SER B 204 6.51 -6.79 -34.67
C SER B 204 5.98 -8.01 -35.42
N HIS B 205 6.80 -8.46 -36.40
CA HIS B 205 6.58 -9.57 -37.35
C HIS B 205 5.33 -9.24 -38.15
N PHE B 206 4.25 -10.03 -38.09
CA PHE B 206 3.10 -9.94 -38.99
C PHE B 206 2.29 -8.66 -38.76
N ILE B 207 2.03 -7.92 -39.83
CA ILE B 207 1.15 -6.76 -39.79
C ILE B 207 -0.06 -7.03 -40.68
N PRO B 208 -1.29 -6.99 -40.13
CA PRO B 208 -2.54 -7.20 -40.94
C PRO B 208 -2.70 -6.19 -42.06
N PRO B 209 -2.98 -6.63 -43.31
CA PRO B 209 -3.08 -5.69 -44.45
C PRO B 209 -4.26 -4.73 -44.37
N THR B 210 -4.03 -3.51 -44.84
CA THR B 210 -5.05 -2.49 -44.98
C THR B 210 -5.20 -2.24 -46.49
N ILE B 211 -6.05 -3.04 -47.13
CA ILE B 211 -6.20 -3.01 -48.58
C ILE B 211 -7.08 -1.81 -48.97
N GLY B 212 -6.58 -0.98 -49.88
CA GLY B 212 -7.36 0.11 -50.41
C GLY B 212 -7.72 -0.08 -51.87
N ILE B 213 -9.01 -0.20 -52.15
CA ILE B 213 -9.53 -0.35 -53.50
C ILE B 213 -10.09 0.98 -53.96
N ALA B 214 -9.46 1.60 -54.94
CA ALA B 214 -9.86 2.94 -55.35
C ALA B 214 -10.02 3.04 -56.85
N THR B 215 -10.88 3.99 -57.25
CA THR B 215 -11.06 4.25 -58.69
C THR B 215 -9.83 4.98 -59.16
N TYR B 216 -9.38 4.68 -60.37
CA TYR B 216 -8.13 5.28 -60.89
C TYR B 216 -8.44 6.68 -61.43
N GLY B 217 -9.67 6.90 -61.90
CA GLY B 217 -10.01 8.17 -62.56
C GLY B 217 -9.97 9.43 -61.69
N VAL B 218 -9.72 9.26 -60.40
CA VAL B 218 -9.77 10.45 -59.51
C VAL B 218 -8.41 10.59 -58.84
N ILE B 219 -7.51 9.63 -59.03
CA ILE B 219 -6.25 9.60 -58.24
C ILE B 219 -5.13 10.51 -58.77
N ILE B 220 -4.58 11.33 -57.88
CA ILE B 220 -3.46 12.25 -58.23
C ILE B 220 -2.27 11.41 -58.61
N GLY B 221 -1.60 11.77 -59.70
CA GLY B 221 -0.39 11.05 -60.03
C GLY B 221 -0.51 9.75 -60.76
N GLY B 222 -1.65 9.47 -61.41
CA GLY B 222 -1.86 8.23 -62.17
C GLY B 222 -0.94 7.99 -63.35
N ASP B 223 -0.61 9.08 -64.09
CA ASP B 223 0.30 9.02 -65.24
C ASP B 223 1.72 8.64 -64.83
N ASP B 224 2.18 9.15 -63.68
CA ASP B 224 3.49 8.82 -63.11
C ASP B 224 3.58 7.36 -62.73
N MET B 225 2.50 6.82 -62.16
CA MET B 225 2.38 5.42 -61.77
C MET B 225 2.33 4.51 -62.99
N THR B 226 1.67 4.97 -64.05
CA THR B 226 1.50 4.16 -65.26
C THR B 226 2.82 4.05 -66.06
N ARG B 227 3.38 5.20 -66.44
CA ARG B 227 4.54 5.21 -67.37
C ARG B 227 5.80 4.61 -66.75
N GLY B 228 6.33 3.56 -67.36
CA GLY B 228 7.60 2.97 -66.89
C GLY B 228 7.66 1.49 -67.22
N GLU B 229 8.76 0.81 -66.87
CA GLU B 229 8.83 -0.62 -67.13
C GLU B 229 8.51 -1.35 -65.83
N PRO B 230 7.40 -2.11 -65.77
CA PRO B 230 7.00 -2.73 -64.50
C PRO B 230 7.86 -3.93 -64.14
N PRO B 231 8.02 -4.31 -62.84
CA PRO B 231 7.56 -3.58 -61.63
C PRO B 231 8.38 -2.35 -61.21
N LYS B 232 7.70 -1.31 -60.69
CA LYS B 232 8.39 -0.11 -60.20
C LYS B 232 8.63 -0.31 -58.72
N ILE B 233 9.87 -0.63 -58.32
CA ILE B 233 10.19 -0.92 -56.93
C ILE B 233 10.48 0.38 -56.20
N GLY B 234 9.72 0.63 -55.13
CA GLY B 234 9.87 1.80 -54.27
C GLY B 234 9.67 3.15 -54.90
N LEU B 235 8.67 3.28 -55.79
CA LEU B 235 8.36 4.53 -56.48
C LEU B 235 7.82 5.59 -55.51
N GLU B 236 8.39 6.79 -55.58
CA GLU B 236 7.99 7.88 -54.71
C GLU B 236 6.64 8.46 -55.10
N TYR B 237 5.75 8.57 -54.13
CA TYR B 237 4.44 9.15 -54.32
C TYR B 237 4.42 10.54 -53.70
N GLU B 238 4.04 11.54 -54.48
CA GLU B 238 4.02 12.93 -54.03
C GLU B 238 2.53 13.28 -53.96
N MET B 239 1.96 13.15 -52.76
CA MET B 239 0.56 13.46 -52.51
C MET B 239 0.24 14.95 -52.60
N HIS B 240 1.19 15.83 -52.35
CA HIS B 240 0.88 17.26 -52.41
C HIS B 240 1.06 17.88 -53.79
N LYS B 241 1.64 17.15 -54.75
CA LYS B 241 1.81 17.67 -56.10
C LYS B 241 0.48 17.81 -56.85
N LYS B 242 0.30 18.92 -57.55
CA LYS B 242 -0.98 19.19 -58.20
C LYS B 242 -0.92 18.49 -59.55
N ASP B 243 -1.50 17.29 -59.63
CA ASP B 243 -1.58 16.57 -60.92
C ASP B 243 -2.96 16.85 -61.53
N PRO B 244 -3.12 17.71 -62.58
CA PRO B 244 -4.45 18.05 -63.10
C PRO B 244 -5.16 16.94 -63.89
N PRO B 245 -6.50 16.81 -63.78
CA PRO B 245 -7.33 17.68 -62.94
C PRO B 245 -7.82 16.93 -61.70
N LYS B 246 -6.92 16.27 -60.97
CA LYS B 246 -7.37 15.42 -59.83
C LYS B 246 -6.96 16.11 -58.53
N THR B 247 -7.81 16.07 -57.50
CA THR B 247 -7.53 16.70 -56.22
C THR B 247 -7.62 15.71 -55.07
N THR B 248 -7.70 14.42 -55.43
CA THR B 248 -7.88 13.33 -54.44
C THR B 248 -6.58 12.53 -54.24
N PRO B 249 -5.91 12.57 -53.07
CA PRO B 249 -4.72 11.73 -52.86
C PRO B 249 -4.98 10.38 -52.18
N LEU B 250 -4.00 9.47 -52.31
CA LEU B 250 -4.10 8.11 -51.68
C LEU B 250 -3.62 8.19 -50.23
N ASP B 251 -4.23 7.41 -49.35
CA ASP B 251 -3.85 7.35 -47.95
C ASP B 251 -2.49 6.68 -47.81
N ASP B 252 -1.56 7.31 -47.09
CA ASP B 252 -0.20 6.80 -46.97
C ASP B 252 -0.05 5.62 -46.01
N ASN B 253 -1.06 5.32 -45.20
CA ASN B 253 -1.01 4.27 -44.20
C ASN B 253 -1.60 2.94 -44.68
N HIS B 254 -2.06 2.85 -45.92
CA HIS B 254 -2.62 1.61 -46.45
C HIS B 254 -1.51 0.75 -47.01
N ASN B 255 -1.60 -0.56 -46.73
CA ASN B 255 -0.54 -1.48 -47.05
C ASN B 255 -0.58 -2.05 -48.47
N LEU B 256 -1.72 -1.93 -49.15
CA LEU B 256 -1.81 -2.42 -50.55
C LEU B 256 -2.80 -1.52 -51.29
N PHE B 257 -2.73 -1.48 -52.62
CA PHE B 257 -3.61 -0.65 -53.42
C PHE B 257 -4.07 -1.37 -54.68
N LEU B 258 -5.37 -1.37 -54.92
CA LEU B 258 -5.95 -1.88 -56.16
C LEU B 258 -6.64 -0.71 -56.86
N LEU B 259 -6.06 -0.24 -57.96
CA LEU B 259 -6.64 0.87 -58.71
C LEU B 259 -7.47 0.32 -59.85
N VAL B 260 -8.78 0.35 -59.67
CA VAL B 260 -9.73 -0.13 -60.67
C VAL B 260 -10.00 0.95 -61.71
N ASP B 261 -9.75 0.62 -62.97
CA ASP B 261 -9.87 1.65 -64.04
C ASP B 261 -10.95 1.30 -65.06
N ASP B 262 -11.73 2.30 -65.48
CA ASP B 262 -12.75 2.12 -66.50
C ASP B 262 -12.61 3.11 -67.67
N GLY B 263 -11.55 3.89 -67.69
CA GLY B 263 -11.32 4.89 -68.72
C GLY B 263 -11.90 6.26 -68.44
N SER B 264 -12.69 6.40 -67.38
CA SER B 264 -13.28 7.69 -67.05
C SER B 264 -12.31 8.49 -66.19
N THR B 265 -12.58 9.79 -66.08
CA THR B 265 -11.78 10.70 -65.29
C THR B 265 -12.72 11.54 -64.42
N ASN B 266 -12.32 11.67 -63.13
CA ASN B 266 -12.99 12.43 -62.05
C ASN B 266 -14.44 11.99 -61.79
N LYS B 267 -14.68 10.70 -62.01
CA LYS B 267 -16.03 10.10 -61.81
C LYS B 267 -15.91 9.06 -60.71
N PHE B 268 -16.20 9.43 -59.47
CA PHE B 268 -15.99 8.51 -58.31
C PHE B 268 -17.03 7.39 -58.30
N GLY B 269 -16.74 6.29 -57.57
CA GLY B 269 -17.75 5.23 -57.38
C GLY B 269 -17.77 4.12 -58.42
N LYS B 270 -16.81 4.09 -59.33
CA LYS B 270 -16.73 3.00 -60.33
C LYS B 270 -16.45 1.66 -59.66
N GLU B 271 -15.75 1.63 -58.53
CA GLU B 271 -15.30 0.34 -57.93
C GLU B 271 -16.23 -0.25 -56.86
N ILE B 272 -17.39 0.34 -56.60
CA ILE B 272 -18.21 -0.14 -55.44
C ILE B 272 -18.58 -1.62 -55.59
N LYS B 273 -18.96 -2.07 -56.78
CA LYS B 273 -19.41 -3.48 -56.90
C LYS B 273 -18.21 -4.40 -56.74
N PHE B 274 -17.15 -4.17 -57.50
CA PHE B 274 -15.92 -4.97 -57.48
C PHE B 274 -15.41 -5.17 -56.06
N ARG B 275 -15.54 -4.12 -55.21
CA ARG B 275 -15.14 -4.14 -53.81
C ARG B 275 -15.97 -5.15 -53.02
N ALA B 276 -17.30 -5.13 -53.25
CA ALA B 276 -18.27 -6.05 -52.64
C ALA B 276 -18.01 -7.50 -53.08
N ALA B 277 -17.72 -7.68 -54.38
CA ALA B 277 -17.40 -8.98 -54.97
C ALA B 277 -16.10 -9.55 -54.40
N PHE B 278 -15.07 -8.68 -54.21
CA PHE B 278 -13.79 -9.06 -53.63
C PHE B 278 -13.92 -9.49 -52.17
N GLU B 279 -14.73 -8.75 -51.38
CA GLU B 279 -15.00 -9.09 -49.97
C GLU B 279 -15.73 -10.42 -49.84
N ASN B 280 -16.75 -10.64 -50.70
CA ASN B 280 -17.49 -11.91 -50.74
C ASN B 280 -16.59 -13.08 -51.16
N ALA B 281 -15.71 -12.84 -52.16
CA ALA B 281 -14.75 -13.83 -52.67
C ALA B 281 -13.73 -14.23 -51.61
N ALA B 282 -13.22 -13.23 -50.86
CA ALA B 282 -12.30 -13.44 -49.75
C ALA B 282 -12.96 -14.21 -48.62
N GLY B 283 -14.23 -13.87 -48.31
CA GLY B 283 -15.02 -14.56 -47.30
C GLY B 283 -15.27 -16.03 -47.62
N GLN B 284 -15.60 -16.33 -48.89
CA GLN B 284 -15.77 -17.72 -49.31
C GLN B 284 -14.45 -18.48 -49.32
N ALA B 285 -13.36 -17.83 -49.80
CA ALA B 285 -12.05 -18.47 -49.91
C ALA B 285 -11.42 -18.82 -48.56
N PHE B 286 -11.47 -17.92 -47.58
CA PHE B 286 -10.84 -18.21 -46.30
C PHE B 286 -11.79 -18.79 -45.25
N ALA B 287 -13.08 -19.00 -45.63
CA ALA B 287 -14.21 -19.46 -44.77
C ALA B 287 -14.39 -18.58 -43.53
N ALA B 288 -14.24 -17.28 -43.73
CA ALA B 288 -14.25 -16.21 -42.76
C ALA B 288 -15.44 -15.28 -42.92
N PRO B 289 -16.08 -14.86 -41.82
CA PRO B 289 -17.18 -13.89 -41.92
C PRO B 289 -16.72 -12.51 -42.36
N VAL B 290 -17.58 -11.84 -43.12
CA VAL B 290 -17.34 -10.47 -43.56
C VAL B 290 -18.18 -9.56 -42.68
N VAL B 291 -17.53 -8.62 -42.01
CA VAL B 291 -18.23 -7.70 -41.10
C VAL B 291 -18.01 -6.28 -41.63
N THR B 292 -19.10 -5.62 -41.98
CA THR B 292 -19.03 -4.23 -42.43
C THR B 292 -19.15 -3.35 -41.19
N ILE B 293 -18.37 -2.26 -41.13
CA ILE B 293 -18.42 -1.30 -40.03
C ILE B 293 -18.80 0.03 -40.66
N VAL B 294 -19.84 0.68 -40.11
CA VAL B 294 -20.36 1.92 -40.65
C VAL B 294 -20.08 3.01 -39.63
N VAL B 295 -19.23 3.95 -40.06
CA VAL B 295 -18.92 5.14 -39.22
C VAL B 295 -19.30 6.35 -40.07
N GLN B 296 -19.98 7.33 -39.47
CA GLN B 296 -20.45 8.53 -40.22
C GLN B 296 -21.26 8.03 -41.41
N GLY B 297 -20.97 8.55 -42.59
CA GLY B 297 -21.65 8.01 -43.78
C GLY B 297 -22.65 8.98 -44.36
N GLY B 298 -22.57 9.20 -45.67
CA GLY B 298 -23.54 10.04 -46.35
C GLY B 298 -24.72 9.23 -46.87
N PRO B 299 -25.48 9.79 -47.84
CA PRO B 299 -26.62 9.06 -48.45
C PRO B 299 -26.30 7.75 -49.15
N GLY B 300 -25.14 7.66 -49.82
CA GLY B 300 -24.74 6.43 -50.49
C GLY B 300 -24.32 5.32 -49.56
N THR B 301 -23.86 5.68 -48.35
CA THR B 301 -23.48 4.72 -47.30
C THR B 301 -24.70 3.93 -46.81
N LEU B 302 -25.88 4.59 -46.77
CA LEU B 302 -27.17 3.97 -46.46
C LEU B 302 -27.55 2.89 -47.46
N GLY B 303 -27.37 3.18 -48.76
CA GLY B 303 -27.61 2.20 -49.82
C GLY B 303 -26.60 1.06 -49.81
N THR B 304 -25.34 1.38 -49.47
CA THR B 304 -24.25 0.41 -49.31
C THR B 304 -24.55 -0.57 -48.16
N ALA B 305 -25.00 -0.01 -47.02
CA ALA B 305 -25.42 -0.77 -45.85
C ALA B 305 -26.64 -1.62 -46.14
N LEU B 306 -27.59 -1.08 -46.94
CA LEU B 306 -28.79 -1.78 -47.41
C LEU B 306 -28.42 -2.99 -48.26
N GLN B 307 -27.44 -2.80 -49.17
CA GLN B 307 -26.88 -3.85 -50.03
C GLN B 307 -26.22 -4.93 -49.18
N ALA B 308 -25.47 -4.50 -48.14
CA ALA B 308 -24.78 -5.38 -47.20
C ALA B 308 -25.75 -6.25 -46.41
N VAL B 309 -26.85 -5.65 -45.92
CA VAL B 309 -27.85 -6.46 -45.18
C VAL B 309 -28.48 -7.43 -46.17
N ARG B 310 -28.86 -6.95 -47.35
CA ARG B 310 -29.56 -7.81 -48.32
C ARG B 310 -28.75 -9.04 -48.70
N GLN B 311 -27.42 -8.92 -48.78
CA GLN B 311 -26.55 -10.06 -49.10
C GLN B 311 -26.18 -10.92 -47.89
N GLY B 312 -26.77 -10.69 -46.71
CA GLY B 312 -26.50 -11.48 -45.52
C GLY B 312 -25.29 -11.07 -44.72
N THR B 313 -24.57 -10.03 -45.14
CA THR B 313 -23.39 -9.57 -44.42
C THR B 313 -23.81 -8.72 -43.22
N PRO B 314 -23.39 -9.07 -41.99
CA PRO B 314 -23.71 -8.23 -40.82
C PRO B 314 -23.01 -6.87 -40.84
N ILE B 315 -23.65 -5.90 -40.22
CA ILE B 315 -23.10 -4.55 -40.12
C ILE B 315 -23.00 -4.16 -38.65
N VAL B 316 -21.99 -3.36 -38.34
CA VAL B 316 -21.77 -2.79 -37.02
C VAL B 316 -21.81 -1.29 -37.19
N VAL B 317 -22.85 -0.65 -36.67
CA VAL B 317 -23.05 0.77 -36.83
C VAL B 317 -22.54 1.50 -35.58
N VAL B 318 -21.60 2.42 -35.78
CA VAL B 318 -21.01 3.20 -34.68
C VAL B 318 -21.91 4.41 -34.38
N ASP B 319 -22.72 4.30 -33.32
CA ASP B 319 -23.56 5.40 -32.87
C ASP B 319 -22.73 6.54 -32.28
N GLY B 320 -23.20 7.77 -32.46
CA GLY B 320 -22.50 8.94 -31.99
C GLY B 320 -21.49 9.52 -32.96
N SER B 321 -21.35 8.86 -34.12
CA SER B 321 -20.43 9.32 -35.18
C SER B 321 -21.15 10.36 -36.05
N GLY B 322 -22.30 10.01 -36.62
CA GLY B 322 -23.05 11.06 -37.33
C GLY B 322 -23.75 10.62 -38.59
N LEU B 323 -24.73 11.41 -39.04
CA LEU B 323 -25.45 11.16 -40.32
C LEU B 323 -26.02 9.74 -40.37
N ALA B 324 -25.79 9.04 -41.48
CA ALA B 324 -26.40 7.72 -41.67
C ALA B 324 -26.23 6.85 -40.43
N ALA B 325 -25.19 7.05 -39.64
CA ALA B 325 -24.98 6.11 -38.54
C ALA B 325 -25.90 6.40 -37.35
N ASP B 326 -26.07 7.70 -37.03
CA ASP B 326 -27.00 8.15 -35.97
C ASP B 326 -28.45 7.83 -36.33
N VAL B 327 -28.79 7.97 -37.63
CA VAL B 327 -30.11 7.68 -38.18
C VAL B 327 -30.42 6.18 -38.07
N LEU B 328 -29.42 5.34 -38.44
CA LEU B 328 -29.52 3.88 -38.34
C LEU B 328 -29.61 3.39 -36.90
N ALA B 329 -28.82 4.02 -36.00
CA ALA B 329 -28.83 3.71 -34.58
C ALA B 329 -30.16 4.05 -33.92
N TYR B 330 -30.72 5.20 -34.29
CA TYR B 330 -32.04 5.60 -33.76
C TYR B 330 -33.03 4.56 -34.26
N ALA B 331 -33.06 4.37 -35.57
CA ALA B 331 -34.01 3.45 -36.19
C ALA B 331 -34.00 2.07 -35.56
N TYR B 332 -32.81 1.49 -35.35
CA TYR B 332 -32.77 0.17 -34.68
C TYR B 332 -33.33 0.32 -33.27
N ASN B 333 -32.82 1.28 -32.51
CA ASN B 333 -33.26 1.45 -31.13
C ASN B 333 -34.77 1.60 -31.07
N PHE B 334 -35.33 2.10 -32.18
CA PHE B 334 -36.78 2.36 -32.23
C PHE B 334 -37.44 1.02 -32.46
N MET B 335 -36.81 0.21 -33.30
CA MET B 335 -37.49 -1.06 -33.68
C MET B 335 -37.09 -2.24 -32.80
N HIS B 336 -36.14 -2.13 -31.88
CA HIS B 336 -35.79 -3.32 -31.11
C HIS B 336 -35.47 -3.16 -29.62
N ASN B 337 -34.93 -2.01 -29.22
CA ASN B 337 -34.36 -1.82 -27.87
C ASN B 337 -35.46 -1.73 -26.79
N PRO B 338 -35.44 -2.57 -25.75
CA PRO B 338 -36.50 -2.54 -24.74
C PRO B 338 -36.32 -1.60 -23.55
N LEU B 339 -35.32 -0.72 -23.63
CA LEU B 339 -34.99 0.16 -22.48
C LEU B 339 -35.99 1.31 -22.33
N THR B 340 -36.08 1.86 -21.11
CA THR B 340 -37.09 2.89 -20.80
C THR B 340 -36.84 4.19 -21.56
N ARG B 341 -35.57 4.58 -21.79
CA ARG B 341 -35.24 5.84 -22.46
C ARG B 341 -35.56 5.86 -23.97
N PHE B 342 -35.93 4.70 -24.52
CA PHE B 342 -36.24 4.60 -25.98
C PHE B 342 -37.76 4.58 -26.18
N LYS B 343 -38.51 4.54 -25.10
CA LYS B 343 -39.97 4.50 -25.18
C LYS B 343 -40.58 5.78 -25.75
N SER B 344 -39.86 6.90 -25.71
CA SER B 344 -40.27 8.17 -26.28
C SER B 344 -39.88 8.34 -27.74
N TYR B 345 -39.21 7.34 -28.33
CA TYR B 345 -38.82 7.40 -29.74
C TYR B 345 -40.04 7.29 -30.66
N THR B 346 -40.08 8.17 -31.66
CA THR B 346 -41.18 8.26 -32.61
C THR B 346 -40.61 8.41 -34.02
N ILE B 347 -41.44 8.08 -35.01
CA ILE B 347 -40.98 8.24 -36.42
C ILE B 347 -40.86 9.74 -36.70
N ASP B 348 -41.80 10.55 -36.22
CA ASP B 348 -41.79 12.00 -36.47
C ASP B 348 -40.46 12.66 -36.07
N ASP B 349 -39.92 12.30 -34.89
CA ASP B 349 -38.63 12.80 -34.45
C ASP B 349 -37.48 12.25 -35.29
N LEU B 350 -37.63 11.03 -35.80
CA LEU B 350 -36.59 10.46 -36.69
C LEU B 350 -36.64 11.22 -38.01
N ARG B 351 -37.85 11.41 -38.53
CA ARG B 351 -38.05 12.13 -39.79
C ARG B 351 -37.48 13.54 -39.69
N GLN B 352 -37.68 14.18 -38.52
CA GLN B 352 -37.14 15.49 -38.19
C GLN B 352 -35.62 15.47 -38.15
N LYS B 353 -35.04 14.39 -37.57
CA LYS B 353 -33.59 14.17 -37.51
C LYS B 353 -32.97 14.00 -38.90
N VAL B 354 -33.64 13.22 -39.77
CA VAL B 354 -33.20 13.01 -41.17
C VAL B 354 -33.27 14.31 -41.97
N ALA B 355 -34.37 15.09 -41.78
CA ALA B 355 -34.57 16.38 -42.44
C ALA B 355 -33.57 17.45 -41.99
N GLN B 356 -33.25 17.48 -40.69
CA GLN B 356 -32.28 18.45 -40.19
C GLN B 356 -30.85 18.06 -40.55
N THR B 357 -30.59 16.75 -40.67
CA THR B 357 -29.24 16.30 -40.95
C THR B 357 -28.89 16.29 -42.45
N PHE B 358 -29.60 15.52 -43.29
CA PHE B 358 -29.21 15.40 -44.73
C PHE B 358 -29.79 16.51 -45.61
N ASN B 359 -30.81 17.21 -45.15
CA ASN B 359 -31.53 18.31 -45.81
C ASN B 359 -31.92 18.01 -47.27
N PRO B 360 -32.86 17.07 -47.56
CA PRO B 360 -33.22 16.77 -48.96
C PRO B 360 -33.95 17.92 -49.66
N LYS B 361 -33.79 17.96 -50.99
CA LYS B 361 -34.43 18.99 -51.80
C LYS B 361 -35.92 18.72 -51.94
N SER B 362 -36.31 17.46 -52.11
CA SER B 362 -37.70 17.11 -52.35
C SER B 362 -38.17 16.12 -51.30
N SER B 363 -39.50 16.12 -51.10
CA SER B 363 -40.18 15.23 -50.15
C SER B 363 -40.07 13.76 -50.52
N GLN B 364 -40.09 13.46 -51.83
CA GLN B 364 -39.96 12.09 -52.34
C GLN B 364 -38.59 11.48 -52.04
N GLN B 365 -37.53 12.31 -52.13
CA GLN B 365 -36.16 11.92 -51.76
C GLN B 365 -36.06 11.56 -50.28
N LEU B 366 -36.71 12.38 -49.44
CA LEU B 366 -36.81 12.19 -47.99
C LEU B 366 -37.56 10.90 -47.66
N THR B 367 -38.65 10.65 -48.40
CA THR B 367 -39.47 9.44 -48.29
C THR B 367 -38.68 8.17 -48.66
N ASN B 368 -37.89 8.26 -49.76
CA ASN B 368 -37.04 7.15 -50.22
C ASN B 368 -35.91 6.83 -49.25
N LEU B 369 -35.26 7.88 -48.70
CA LEU B 369 -34.21 7.75 -47.68
C LEU B 369 -34.76 7.15 -46.39
N LEU B 370 -35.96 7.60 -45.99
CA LEU B 370 -36.68 7.11 -44.82
C LEU B 370 -37.06 5.64 -44.95
N ASP B 371 -37.55 5.26 -46.14
CA ASP B 371 -37.94 3.88 -46.45
C ASP B 371 -36.75 2.93 -46.45
N SER B 372 -35.61 3.38 -47.05
CA SER B 372 -34.37 2.60 -47.06
C SER B 372 -33.77 2.43 -45.68
N ALA B 373 -33.78 3.53 -44.86
CA ALA B 373 -33.29 3.52 -43.48
C ALA B 373 -34.09 2.59 -42.58
N LEU B 374 -35.42 2.60 -42.74
CA LEU B 374 -36.27 1.67 -41.98
C LEU B 374 -36.12 0.24 -42.49
N GLU B 375 -35.81 0.07 -43.78
CA GLU B 375 -35.61 -1.25 -44.36
C GLU B 375 -34.30 -1.92 -43.93
N CYS B 376 -33.25 -1.13 -43.62
CA CYS B 376 -31.95 -1.67 -43.16
C CYS B 376 -32.00 -2.41 -41.83
N VAL B 377 -32.75 -1.91 -40.86
CA VAL B 377 -32.72 -2.44 -39.50
C VAL B 377 -33.91 -3.36 -39.21
N GLN B 378 -34.51 -3.92 -40.28
CA GLN B 378 -35.62 -4.88 -40.19
C GLN B 378 -35.24 -6.17 -39.49
N ASP B 379 -34.06 -6.71 -39.80
CA ASP B 379 -33.60 -7.96 -39.22
C ASP B 379 -32.65 -7.60 -38.09
N PRO B 380 -33.01 -7.87 -36.81
CA PRO B 380 -32.13 -7.49 -35.68
C PRO B 380 -30.79 -8.22 -35.60
N ASN B 381 -30.66 -9.40 -36.21
CA ASN B 381 -29.42 -10.15 -36.14
C ASN B 381 -28.34 -9.51 -37.00
N LEU B 382 -28.71 -8.97 -38.16
CA LEU B 382 -27.73 -8.46 -39.09
C LEU B 382 -27.23 -7.07 -38.77
N VAL B 383 -27.79 -6.37 -37.78
CA VAL B 383 -27.35 -5.03 -37.42
C VAL B 383 -26.95 -5.07 -35.96
N VAL B 384 -25.76 -4.57 -35.64
CA VAL B 384 -25.28 -4.43 -34.27
C VAL B 384 -24.86 -2.98 -34.08
N VAL B 385 -25.49 -2.30 -33.13
CA VAL B 385 -25.26 -0.89 -32.88
C VAL B 385 -24.37 -0.78 -31.65
N TYR B 386 -23.23 -0.13 -31.81
CA TYR B 386 -22.31 0.11 -30.70
C TYR B 386 -22.52 1.52 -30.17
N SER B 387 -22.80 1.62 -28.87
CA SER B 387 -23.03 2.90 -28.21
C SER B 387 -22.22 2.94 -26.93
N LEU B 388 -21.60 4.10 -26.70
CA LEU B 388 -20.74 4.35 -25.54
C LEU B 388 -21.49 4.32 -24.22
N GLN B 389 -22.67 4.94 -24.17
CA GLN B 389 -23.47 5.04 -22.94
C GLN B 389 -24.21 3.74 -22.57
N GLU B 390 -24.22 2.73 -23.43
CA GLU B 390 -24.89 1.46 -23.16
C GLU B 390 -23.90 0.31 -23.01
N SER B 391 -23.01 0.13 -23.99
CA SER B 391 -22.08 -0.99 -23.97
C SER B 391 -20.87 -0.71 -23.09
N GLY B 392 -20.09 0.31 -23.43
CA GLY B 392 -18.87 0.59 -22.70
C GLY B 392 -17.72 0.88 -23.62
N ILE B 393 -16.63 1.43 -23.07
CA ILE B 393 -15.45 1.84 -23.86
C ILE B 393 -14.70 0.63 -24.40
N ASP B 394 -14.63 -0.45 -23.64
CA ASP B 394 -13.86 -1.64 -24.01
C ASP B 394 -14.76 -2.78 -24.44
N GLU B 395 -15.86 -2.47 -25.14
CA GLU B 395 -16.84 -3.47 -25.55
C GLU B 395 -17.09 -3.50 -27.04
N PHE B 396 -16.26 -2.81 -27.85
CA PHE B 396 -16.46 -2.78 -29.29
C PHE B 396 -16.12 -4.10 -29.97
N ASP B 397 -15.04 -4.77 -29.53
CA ASP B 397 -14.69 -6.11 -30.00
C ASP B 397 -15.74 -7.16 -29.63
N ASP B 398 -16.40 -6.98 -28.48
CA ASP B 398 -17.54 -7.80 -28.07
C ASP B 398 -18.73 -7.61 -29.00
N CYS B 399 -18.96 -6.37 -29.45
CA CYS B 399 -19.99 -6.05 -30.45
C CYS B 399 -19.70 -6.70 -31.80
N ILE B 400 -18.42 -6.69 -32.22
CA ILE B 400 -17.96 -7.33 -33.47
C ILE B 400 -18.18 -8.85 -33.39
N LEU B 401 -17.88 -9.43 -32.21
CA LEU B 401 -18.07 -10.85 -31.92
C LEU B 401 -19.56 -11.22 -31.88
N LYS B 402 -20.41 -10.29 -31.37
CA LYS B 402 -21.86 -10.43 -31.34
C LYS B 402 -22.45 -10.45 -32.74
N ALA B 403 -21.92 -9.59 -33.63
CA ALA B 403 -22.30 -9.58 -35.05
C ALA B 403 -21.91 -10.88 -35.75
N ILE B 404 -20.73 -11.41 -35.41
CA ILE B 404 -20.21 -12.68 -35.92
C ILE B 404 -21.10 -13.85 -35.49
N PHE B 405 -21.47 -13.90 -34.18
CA PHE B 405 -22.34 -14.95 -33.64
C PHE B 405 -23.77 -14.85 -34.18
N SER B 406 -24.25 -13.64 -34.45
CA SER B 406 -25.56 -13.51 -35.08
C SER B 406 -25.52 -13.77 -36.58
N SER B 407 -24.34 -13.76 -37.21
CA SER B 407 -24.23 -13.98 -38.65
C SER B 407 -24.35 -15.43 -39.10
N GLN B 408 -23.33 -16.22 -38.81
CA GLN B 408 -23.30 -17.63 -39.18
C GLN B 408 -23.88 -18.45 -38.05
N GLY B 409 -24.96 -19.18 -38.34
CA GLY B 409 -25.54 -19.98 -37.29
C GLY B 409 -25.19 -21.44 -37.19
N LYS B 410 -24.13 -21.73 -36.43
CA LYS B 410 -23.62 -23.07 -36.18
C LYS B 410 -22.69 -22.94 -34.99
N LEU B 411 -22.59 -24.00 -34.19
CA LEU B 411 -21.77 -23.99 -32.98
C LEU B 411 -20.26 -23.91 -33.21
N GLY B 412 -19.75 -24.66 -34.22
CA GLY B 412 -18.31 -24.67 -34.52
C GLY B 412 -17.66 -23.39 -34.99
N ASN B 413 -18.32 -22.65 -35.89
CA ASN B 413 -17.83 -21.36 -36.36
C ASN B 413 -17.83 -20.29 -35.27
N LYS B 414 -18.91 -20.26 -34.46
CA LYS B 414 -19.04 -19.31 -33.35
C LYS B 414 -18.06 -19.57 -32.21
N LEU B 415 -17.77 -20.85 -31.97
CA LEU B 415 -16.80 -21.18 -30.90
C LEU B 415 -15.38 -20.85 -31.40
N LYS B 416 -15.06 -21.20 -32.65
CA LYS B 416 -13.73 -20.85 -33.19
C LYS B 416 -13.44 -19.35 -33.17
N GLN B 417 -14.42 -18.52 -33.59
CA GLN B 417 -14.30 -17.05 -33.55
C GLN B 417 -14.22 -16.51 -32.11
N ALA B 418 -15.02 -17.09 -31.19
CA ALA B 418 -14.97 -16.77 -29.76
C ALA B 418 -13.62 -17.12 -29.15
N MET B 419 -12.99 -18.15 -29.67
CA MET B 419 -11.63 -18.48 -29.17
C MET B 419 -10.72 -17.38 -29.66
N TYR B 420 -10.80 -17.09 -30.95
CA TYR B 420 -9.93 -16.04 -31.52
C TYR B 420 -10.01 -14.72 -30.76
N PHE B 421 -11.18 -14.31 -30.28
CA PHE B 421 -11.28 -12.97 -29.65
C PHE B 421 -10.93 -13.04 -28.15
N ASP B 422 -10.69 -14.24 -27.63
CA ASP B 422 -10.34 -14.52 -26.21
C ASP B 422 -11.44 -14.06 -25.26
N GLN B 423 -12.65 -14.53 -25.51
CA GLN B 423 -13.84 -14.24 -24.72
C GLN B 423 -14.34 -15.58 -24.22
N LEU B 424 -13.83 -16.01 -23.07
CA LEU B 424 -14.24 -17.35 -22.58
C LEU B 424 -15.68 -17.24 -22.10
N ASP B 425 -15.98 -16.18 -21.34
CA ASP B 425 -17.34 -16.06 -20.77
C ASP B 425 -18.43 -16.22 -21.82
N VAL B 426 -18.21 -15.64 -23.01
CA VAL B 426 -19.13 -15.69 -24.15
C VAL B 426 -19.28 -17.12 -24.65
N ALA B 427 -18.14 -17.84 -24.75
CA ALA B 427 -18.09 -19.25 -25.15
C ALA B 427 -18.76 -20.17 -24.13
N LYS B 428 -18.52 -19.89 -22.83
CA LYS B 428 -19.14 -20.62 -21.72
C LYS B 428 -20.66 -20.44 -21.69
N ARG B 429 -21.13 -19.19 -21.88
CA ARG B 429 -22.56 -18.85 -21.94
C ARG B 429 -23.24 -19.49 -23.14
N ALA B 430 -22.56 -19.47 -24.31
CA ALA B 430 -23.05 -20.09 -25.54
C ALA B 430 -23.17 -21.60 -25.41
N LEU B 431 -22.16 -22.24 -24.79
CA LEU B 431 -22.15 -23.67 -24.53
C LEU B 431 -23.24 -24.08 -23.54
N SER B 432 -23.43 -23.28 -22.47
CA SER B 432 -24.48 -23.50 -21.47
C SER B 432 -25.88 -23.35 -22.07
N GLU B 433 -26.06 -22.32 -22.92
CA GLU B 433 -27.33 -22.08 -23.62
C GLU B 433 -27.64 -23.19 -24.61
N ALA B 434 -26.62 -23.67 -25.34
CA ALA B 434 -26.77 -24.80 -26.26
C ALA B 434 -27.10 -26.09 -25.52
N SER B 435 -26.46 -26.29 -24.36
CA SER B 435 -26.72 -27.43 -23.48
C SER B 435 -28.14 -27.42 -22.92
N LYS B 436 -28.64 -26.25 -22.53
CA LYS B 436 -29.99 -26.16 -21.98
C LYS B 436 -31.07 -26.33 -23.05
N ASN B 437 -30.83 -25.82 -24.27
CA ASN B 437 -31.83 -25.85 -25.34
C ASN B 437 -31.86 -27.14 -26.17
N GLY B 438 -31.25 -28.23 -25.70
CA GLY B 438 -31.30 -29.49 -26.41
C GLY B 438 -30.45 -29.57 -27.67
N GLN B 439 -29.41 -28.74 -27.80
CA GLN B 439 -28.52 -28.76 -28.94
C GLN B 439 -27.23 -29.51 -28.67
N HIS B 440 -27.30 -30.60 -27.88
CA HIS B 440 -26.13 -31.37 -27.44
C HIS B 440 -25.41 -32.09 -28.58
N ASN B 441 -26.16 -32.51 -29.62
CA ASN B 441 -25.60 -33.24 -30.77
C ASN B 441 -24.62 -32.38 -31.58
N GLU B 442 -24.98 -31.11 -31.85
CA GLU B 442 -24.12 -30.19 -32.59
C GLU B 442 -22.86 -29.82 -31.80
N ILE B 443 -23.02 -29.76 -30.45
CA ILE B 443 -21.95 -29.51 -29.48
C ILE B 443 -20.92 -30.62 -29.53
N ALA B 444 -21.40 -31.87 -29.49
CA ALA B 444 -20.55 -33.06 -29.59
C ALA B 444 -19.92 -33.19 -30.97
N ALA B 445 -20.64 -32.77 -32.02
CA ALA B 445 -20.11 -32.81 -33.39
C ALA B 445 -18.99 -31.79 -33.62
N CYS B 446 -19.00 -30.65 -32.93
CA CYS B 446 -18.00 -29.61 -33.20
C CYS B 446 -16.93 -29.46 -32.12
N ILE B 447 -17.11 -30.13 -30.97
CA ILE B 447 -16.22 -30.04 -29.80
C ILE B 447 -14.80 -30.55 -30.10
N ASN B 448 -14.68 -31.54 -30.98
CA ASN B 448 -13.34 -32.10 -31.29
C ASN B 448 -12.56 -31.03 -32.05
N ASP B 449 -13.13 -30.58 -33.16
CA ASP B 449 -12.44 -29.60 -34.01
C ASP B 449 -12.09 -28.33 -33.23
N ASN B 450 -13.00 -27.95 -32.31
CA ASN B 450 -12.80 -26.79 -31.44
C ASN B 450 -11.67 -27.02 -30.43
N LEU B 451 -11.59 -28.25 -29.87
CA LEU B 451 -10.52 -28.67 -28.96
C LEU B 451 -9.17 -28.70 -29.67
N MET B 452 -9.15 -29.18 -30.93
CA MET B 452 -7.96 -29.19 -31.79
C MET B 452 -7.45 -27.79 -32.07
N ALA B 453 -8.38 -26.86 -32.38
CA ALA B 453 -8.10 -25.46 -32.64
C ALA B 453 -7.57 -24.74 -31.40
N ALA B 454 -8.13 -25.09 -30.23
CA ALA B 454 -7.69 -24.58 -28.94
C ALA B 454 -6.25 -25.01 -28.63
N MET B 455 -5.92 -26.26 -28.96
CA MET B 455 -4.54 -26.76 -28.80
C MET B 455 -3.55 -26.06 -29.72
N MET B 456 -3.94 -25.81 -31.00
CA MET B 456 -3.05 -25.17 -31.99
C MET B 456 -2.73 -23.72 -31.64
N HIS B 457 -3.71 -22.97 -31.15
CA HIS B 457 -3.56 -21.53 -30.95
C HIS B 457 -3.16 -21.13 -29.54
N ASN B 458 -2.83 -22.11 -28.67
CA ASN B 458 -2.32 -21.97 -27.29
C ASN B 458 -3.33 -21.22 -26.39
N LYS B 459 -4.49 -21.85 -26.19
CA LYS B 459 -5.55 -21.31 -25.34
C LYS B 459 -5.95 -22.35 -24.29
N PRO B 460 -5.18 -22.48 -23.17
CA PRO B 460 -5.43 -23.52 -22.14
C PRO B 460 -6.78 -23.47 -21.43
N HIS B 461 -7.31 -22.25 -21.22
CA HIS B 461 -8.61 -22.06 -20.59
C HIS B 461 -9.73 -22.63 -21.44
N PHE B 462 -9.64 -22.42 -22.76
CA PHE B 462 -10.57 -23.01 -23.72
C PHE B 462 -10.43 -24.52 -23.79
N VAL B 463 -9.19 -25.05 -23.64
CA VAL B 463 -8.88 -26.48 -23.58
C VAL B 463 -9.59 -27.14 -22.40
N GLU B 464 -9.53 -26.46 -21.23
CA GLU B 464 -10.21 -26.85 -19.99
C GLU B 464 -11.74 -26.83 -20.15
N LEU B 465 -12.24 -25.82 -20.86
CA LEU B 465 -13.69 -25.70 -21.07
C LEU B 465 -14.13 -26.86 -21.93
N TYR B 466 -13.52 -26.99 -23.10
CA TYR B 466 -13.99 -28.02 -24.03
C TYR B 466 -13.89 -29.41 -23.43
N LEU B 467 -12.82 -29.68 -22.65
CA LEU B 467 -12.66 -30.96 -21.95
C LEU B 467 -13.71 -31.18 -20.86
N GLY B 468 -14.20 -30.08 -20.23
CA GLY B 468 -15.24 -30.22 -19.21
C GLY B 468 -16.61 -30.63 -19.74
N PHE B 469 -16.92 -30.36 -21.01
CA PHE B 469 -18.23 -30.71 -21.57
C PHE B 469 -18.20 -32.04 -22.33
N ASP B 470 -17.75 -33.09 -21.61
CA ASP B 470 -17.75 -34.52 -21.96
C ASP B 470 -17.08 -34.85 -23.30
N ALA B 471 -15.99 -34.15 -23.59
CA ALA B 471 -15.17 -34.39 -24.79
C ALA B 471 -13.97 -35.22 -24.37
N LYS B 472 -13.96 -36.49 -24.78
CA LYS B 472 -12.87 -37.39 -24.43
C LYS B 472 -11.59 -36.97 -25.17
N ILE B 473 -10.50 -36.90 -24.40
CA ILE B 473 -9.18 -36.43 -24.85
C ILE B 473 -8.58 -37.39 -25.87
N TYR B 474 -8.88 -38.69 -25.73
CA TYR B 474 -8.30 -39.74 -26.61
C TYR B 474 -9.14 -39.97 -27.86
N GLU B 475 -10.17 -39.17 -28.07
CA GLU B 475 -11.05 -39.28 -29.22
C GLU B 475 -10.79 -38.19 -30.25
N LEU B 476 -9.63 -37.55 -30.19
CA LEU B 476 -9.24 -36.55 -31.18
C LEU B 476 -9.04 -37.17 -32.55
N LYS B 477 -9.33 -36.40 -33.58
CA LYS B 477 -9.22 -36.85 -34.96
C LYS B 477 -8.45 -35.81 -35.76
N PRO B 478 -7.53 -36.23 -36.65
CA PRO B 478 -6.82 -35.26 -37.50
C PRO B 478 -7.73 -34.63 -38.54
N SER B 479 -7.39 -33.38 -38.91
CA SER B 479 -8.14 -32.63 -39.92
C SER B 479 -8.03 -33.26 -41.30
N GLU B 480 -6.83 -33.69 -41.69
CA GLU B 480 -6.61 -34.32 -42.97
C GLU B 480 -6.63 -35.84 -42.79
N GLU B 481 -6.54 -36.56 -43.88
CA GLU B 481 -6.53 -38.02 -43.84
C GLU B 481 -5.12 -38.51 -44.11
N VAL B 482 -4.62 -39.38 -43.25
CA VAL B 482 -3.28 -39.90 -43.37
C VAL B 482 -3.29 -41.02 -44.40
N ALA B 483 -2.28 -41.06 -45.28
CA ALA B 483 -2.12 -42.15 -46.23
C ALA B 483 -1.68 -43.43 -45.55
N LYS B 484 -2.05 -44.57 -46.14
CA LYS B 484 -1.68 -45.89 -45.64
C LYS B 484 -0.19 -46.14 -45.76
N THR B 485 0.36 -46.80 -44.75
CA THR B 485 1.78 -47.10 -44.64
C THR B 485 2.01 -48.60 -44.49
N ASN B 486 3.08 -49.09 -45.15
CA ASN B 486 3.46 -50.50 -45.09
C ASN B 486 3.95 -50.97 -43.71
N ILE B 487 4.44 -50.07 -42.85
CA ILE B 487 4.91 -50.43 -41.52
C ILE B 487 3.72 -50.77 -40.61
N THR B 488 3.80 -51.92 -39.94
CA THR B 488 2.71 -52.36 -39.08
C THR B 488 2.64 -51.59 -37.76
N ALA B 489 3.78 -51.09 -37.25
CA ALA B 489 3.79 -50.28 -36.03
C ALA B 489 3.09 -48.94 -36.22
N LEU B 490 3.33 -48.31 -37.38
CA LEU B 490 2.72 -47.04 -37.72
C LEU B 490 1.23 -47.18 -38.02
N ASP B 491 0.83 -48.30 -38.62
CA ASP B 491 -0.56 -48.54 -38.96
C ASP B 491 -1.41 -48.87 -37.72
N GLU B 492 -0.78 -49.36 -36.65
CA GLU B 492 -1.45 -49.66 -35.38
C GLU B 492 -1.86 -48.42 -34.58
N LEU B 493 -1.32 -47.23 -34.93
CA LEU B 493 -1.47 -45.98 -34.21
C LEU B 493 -2.92 -45.48 -34.25
N PRO B 494 -3.47 -45.01 -33.10
CA PRO B 494 -4.83 -44.45 -33.11
C PRO B 494 -4.94 -43.07 -33.74
N SER B 495 -6.18 -42.55 -33.76
CA SER B 495 -6.52 -41.28 -34.38
C SER B 495 -5.90 -40.07 -33.67
N PHE B 496 -5.87 -40.10 -32.32
CA PHE B 496 -5.33 -39.01 -31.53
C PHE B 496 -3.82 -38.86 -31.68
N ALA B 497 -3.10 -39.97 -31.97
CA ALA B 497 -1.67 -39.92 -32.31
C ALA B 497 -1.43 -39.14 -33.59
N LEU B 498 -2.28 -39.35 -34.59
CA LEU B 498 -2.28 -38.58 -35.83
C LEU B 498 -2.65 -37.12 -35.59
N ALA B 499 -3.53 -36.86 -34.61
CA ALA B 499 -3.87 -35.49 -34.22
C ALA B 499 -2.69 -34.75 -33.59
N ILE B 500 -1.93 -35.41 -32.69
CA ILE B 500 -0.69 -34.87 -32.09
C ILE B 500 0.38 -34.65 -33.16
N GLU B 501 0.45 -35.57 -34.15
CA GLU B 501 1.32 -35.48 -35.32
C GLU B 501 0.99 -34.24 -36.18
N GLU B 502 -0.31 -33.93 -36.32
CA GLU B 502 -0.78 -32.72 -37.00
C GLU B 502 -0.39 -31.44 -36.26
N LEU B 503 -0.33 -31.50 -34.93
CA LEU B 503 0.01 -30.32 -34.09
C LEU B 503 1.51 -30.08 -34.21
N TYR B 504 2.30 -31.13 -34.22
CA TYR B 504 3.74 -31.04 -34.45
C TYR B 504 4.09 -30.53 -35.84
N LYS B 505 3.40 -31.04 -36.88
CA LYS B 505 3.59 -30.61 -38.27
C LYS B 505 3.23 -29.14 -38.48
N ARG B 506 2.06 -28.73 -37.95
CA ARG B 506 1.58 -27.36 -38.07
C ARG B 506 2.47 -26.35 -37.37
N GLU B 507 2.94 -26.69 -36.16
CA GLU B 507 3.86 -25.82 -35.45
C GLU B 507 5.24 -25.82 -36.13
N ALA B 508 5.64 -26.95 -36.73
CA ALA B 508 6.98 -27.10 -37.32
C ALA B 508 7.13 -26.31 -38.61
N LYS B 509 6.06 -26.17 -39.42
CA LYS B 509 6.11 -25.44 -40.71
C LYS B 509 6.29 -23.93 -40.58
N LYS B 510 6.12 -23.36 -39.38
CA LYS B 510 6.31 -21.95 -39.06
C LYS B 510 7.80 -21.59 -39.19
N PRO B 511 8.12 -20.33 -39.62
CA PRO B 511 9.53 -19.91 -39.73
C PRO B 511 10.26 -19.86 -38.40
N HIS B 512 11.53 -20.29 -38.46
CA HIS B 512 12.53 -20.35 -37.38
C HIS B 512 12.07 -21.18 -36.17
N SER B 513 11.36 -22.27 -36.44
CA SER B 513 10.86 -23.18 -35.42
C SER B 513 11.96 -24.15 -34.95
N HIS B 514 12.14 -24.26 -33.63
CA HIS B 514 13.17 -25.11 -33.02
C HIS B 514 12.88 -26.61 -33.14
N VAL B 515 11.63 -26.99 -33.39
CA VAL B 515 11.17 -28.38 -33.58
C VAL B 515 11.81 -29.01 -34.82
N GLN B 516 11.83 -28.25 -35.95
CA GLN B 516 12.43 -28.68 -37.23
C GLN B 516 13.94 -28.91 -37.09
N ARG B 517 14.62 -28.02 -36.37
CA ARG B 517 16.05 -28.15 -36.07
C ARG B 517 16.33 -29.34 -35.18
N LEU B 518 15.48 -29.58 -34.16
CA LEU B 518 15.62 -30.73 -33.25
C LEU B 518 15.47 -32.07 -33.97
N VAL B 519 14.45 -32.18 -34.84
CA VAL B 519 14.20 -33.38 -35.64
C VAL B 519 15.32 -33.61 -36.67
N SER B 520 15.77 -32.54 -37.37
CA SER B 520 16.85 -32.64 -38.38
C SER B 520 18.22 -32.97 -37.76
N LEU B 521 18.50 -32.38 -36.59
CA LEU B 521 19.81 -32.57 -35.93
C LEU B 521 19.83 -33.90 -35.17
N SER B 522 18.67 -34.46 -34.88
CA SER B 522 18.58 -35.74 -34.15
C SER B 522 19.30 -36.89 -34.86
N ASN B 523 19.30 -36.89 -36.20
CA ASN B 523 19.89 -37.88 -37.13
C ASN B 523 19.35 -39.29 -36.91
N THR B 524 18.04 -39.42 -37.02
CA THR B 524 17.36 -40.69 -36.84
C THR B 524 16.37 -40.97 -37.96
N ASP B 525 15.92 -42.22 -38.06
CA ASP B 525 14.92 -42.58 -39.05
C ASP B 525 13.50 -42.31 -38.55
N VAL B 526 12.51 -42.84 -39.27
CA VAL B 526 11.08 -42.54 -38.93
C VAL B 526 10.68 -43.18 -37.60
N LEU B 527 11.09 -44.41 -37.32
CA LEU B 527 10.57 -45.03 -36.07
C LEU B 527 11.44 -44.60 -34.90
N GLY B 528 12.36 -43.66 -35.12
CA GLY B 528 13.17 -43.10 -34.04
C GLY B 528 14.46 -43.83 -33.74
N ARG B 529 14.75 -44.94 -34.42
CA ARG B 529 15.95 -45.74 -34.07
C ARG B 529 17.21 -45.02 -34.53
N HIS B 530 18.28 -45.04 -33.74
CA HIS B 530 19.50 -44.29 -34.10
C HIS B 530 20.28 -45.02 -35.22
N TYR B 531 19.75 -44.93 -36.44
CA TYR B 531 20.38 -45.56 -37.58
C TYR B 531 20.62 -44.60 -38.74
N ARG B 532 20.09 -43.37 -38.68
CA ARG B 532 20.17 -42.26 -39.65
C ARG B 532 19.67 -42.61 -41.05
N GLY B 546 10.63 -45.12 -48.01
CA GLY B 546 11.90 -44.49 -48.28
C GLY B 546 12.03 -43.11 -47.68
N ARG B 547 12.68 -42.21 -48.43
CA ARG B 547 12.87 -40.81 -48.03
C ARG B 547 11.55 -40.05 -47.93
N ASP B 548 10.65 -40.32 -48.89
CA ASP B 548 9.32 -39.69 -48.97
C ASP B 548 8.47 -40.00 -47.76
N LEU B 549 8.43 -41.24 -47.28
CA LEU B 549 7.68 -41.48 -46.02
C LEU B 549 8.42 -40.78 -44.89
N ALA B 550 9.75 -40.92 -44.90
CA ALA B 550 10.54 -40.35 -43.81
C ALA B 550 10.39 -38.84 -43.71
N ASN B 551 9.84 -38.18 -44.73
CA ASN B 551 9.61 -36.75 -44.72
C ASN B 551 8.15 -36.37 -44.53
N THR B 552 7.20 -37.12 -45.12
CA THR B 552 5.77 -36.80 -44.96
C THR B 552 5.26 -37.07 -43.53
N ARG B 553 5.84 -38.05 -42.84
CA ARG B 553 5.46 -38.41 -41.47
C ARG B 553 6.66 -38.33 -40.56
N ALA B 554 7.45 -37.27 -40.72
CA ALA B 554 8.66 -37.03 -39.92
C ALA B 554 8.40 -36.62 -38.47
N TYR B 555 7.17 -36.27 -38.11
CA TYR B 555 6.85 -35.81 -36.77
C TYR B 555 5.85 -36.73 -36.09
N ASN B 556 6.02 -38.03 -36.38
CA ASN B 556 5.15 -39.05 -35.75
C ASN B 556 5.46 -39.07 -34.27
N VAL B 557 4.63 -39.75 -33.50
CA VAL B 557 4.76 -39.80 -32.03
C VAL B 557 5.84 -40.74 -31.51
N LEU B 558 6.11 -41.85 -32.22
CA LEU B 558 7.12 -42.82 -31.80
C LEU B 558 8.53 -42.25 -31.90
N ARG B 559 8.82 -41.54 -33.00
CA ARG B 559 10.11 -40.87 -33.21
C ARG B 559 10.36 -39.77 -32.19
N MET B 560 9.30 -38.97 -31.89
CA MET B 560 9.35 -37.91 -30.88
C MET B 560 9.58 -38.46 -29.47
N ASP B 561 8.94 -39.63 -29.18
CA ASP B 561 9.14 -40.38 -27.93
C ASP B 561 10.59 -40.82 -27.78
N GLN B 562 11.18 -41.31 -28.89
CA GLN B 562 12.60 -41.70 -28.94
C GLN B 562 13.53 -40.49 -28.72
N ILE B 563 13.22 -39.32 -29.34
CA ILE B 563 14.03 -38.08 -29.20
C ILE B 563 14.03 -37.59 -27.75
N PHE B 564 12.84 -37.61 -27.10
CA PHE B 564 12.71 -37.24 -25.68
C PHE B 564 13.41 -38.25 -24.76
N ALA B 565 13.38 -39.55 -25.14
CA ALA B 565 14.08 -40.61 -24.42
C ALA B 565 15.61 -40.40 -24.40
N ARG B 566 16.15 -39.96 -25.54
CA ARG B 566 17.60 -39.65 -25.62
C ARG B 566 17.86 -38.38 -24.78
N LEU B 567 16.92 -37.42 -24.82
CA LEU B 567 17.09 -36.20 -24.03
C LEU B 567 17.15 -36.49 -22.52
N VAL B 568 16.41 -37.48 -22.02
CA VAL B 568 16.45 -37.76 -20.58
C VAL B 568 17.79 -38.38 -20.18
N SER B 569 18.12 -39.56 -20.72
CA SER B 569 19.34 -40.28 -20.38
C SER B 569 19.66 -41.28 -21.49
N LYS B 570 20.68 -42.12 -21.28
CA LYS B 570 21.05 -43.06 -22.34
C LYS B 570 20.26 -44.37 -22.34
N ASP B 571 19.49 -44.66 -21.29
CA ASP B 571 18.76 -45.93 -21.26
C ASP B 571 17.30 -45.71 -20.88
N PHE B 572 16.82 -44.49 -21.15
CA PHE B 572 15.39 -44.19 -20.91
C PHE B 572 14.63 -44.66 -22.15
N SER B 573 13.55 -45.42 -21.98
CA SER B 573 12.73 -45.98 -23.06
C SER B 573 11.26 -46.02 -22.65
N VAL B 574 10.49 -45.01 -23.06
CA VAL B 574 9.07 -44.93 -22.72
C VAL B 574 8.23 -45.98 -23.48
N ASN B 575 7.43 -46.71 -22.71
CA ASN B 575 6.61 -47.82 -23.20
C ASN B 575 5.19 -47.40 -23.53
N ARG B 576 4.81 -47.53 -24.78
CA ARG B 576 3.48 -47.20 -25.23
C ARG B 576 2.68 -48.48 -25.45
N ASP B 577 1.38 -48.42 -25.18
CA ASP B 577 0.49 -49.57 -25.37
C ASP B 577 -0.78 -49.03 -26.02
N PHE B 578 -0.80 -49.08 -27.34
CA PHE B 578 -1.96 -48.53 -28.09
C PHE B 578 -3.02 -49.61 -28.33
N THR B 579 -2.79 -50.85 -27.89
CA THR B 579 -3.79 -51.89 -28.05
C THR B 579 -5.03 -51.69 -27.19
N ILE B 580 -4.95 -50.92 -26.10
CA ILE B 580 -6.08 -50.68 -25.21
C ILE B 580 -7.18 -49.78 -25.78
N TYR B 581 -6.94 -49.09 -26.90
CA TYR B 581 -7.89 -48.20 -27.54
C TYR B 581 -8.85 -48.91 -28.48
N ASP B 582 -8.72 -50.23 -28.64
CA ASP B 582 -9.66 -51.01 -29.41
C ASP B 582 -10.96 -51.15 -28.62
N SER B 583 -12.08 -51.34 -29.34
CA SER B 583 -13.41 -51.44 -28.72
C SER B 583 -13.65 -52.69 -27.86
N LYS B 584 -12.82 -53.74 -28.00
CA LYS B 584 -12.96 -54.97 -27.21
C LYS B 584 -12.58 -54.83 -25.74
N TYR B 585 -11.94 -53.71 -25.36
CA TYR B 585 -11.46 -53.59 -23.96
C TYR B 585 -12.35 -52.63 -23.16
N ASP B 586 -13.45 -52.16 -23.74
CA ASP B 586 -14.31 -51.16 -23.10
C ASP B 586 -14.98 -51.67 -21.81
N LYS B 587 -15.24 -52.97 -21.72
CA LYS B 587 -15.89 -53.53 -20.54
C LYS B 587 -14.99 -53.65 -19.31
N VAL B 588 -13.66 -53.57 -19.49
CA VAL B 588 -12.68 -53.65 -18.38
C VAL B 588 -12.82 -52.45 -17.44
N PRO B 589 -12.89 -52.67 -16.10
CA PRO B 589 -13.11 -51.57 -15.15
C PRO B 589 -11.97 -50.55 -15.05
N GLY B 590 -12.28 -49.27 -15.24
CA GLY B 590 -11.26 -48.19 -15.13
C GLY B 590 -10.47 -47.96 -16.40
N ILE B 591 -10.89 -48.53 -17.52
CA ILE B 591 -10.19 -48.40 -18.82
C ILE B 591 -10.14 -46.95 -19.32
N GLN B 592 -11.21 -46.16 -19.07
CA GLN B 592 -11.37 -44.76 -19.45
C GLN B 592 -10.32 -43.84 -18.81
N PHE B 593 -9.91 -44.18 -17.58
CA PHE B 593 -8.83 -43.52 -16.86
C PHE B 593 -7.48 -43.79 -17.53
N ARG B 594 -7.20 -45.07 -17.85
CA ARG B 594 -5.94 -45.49 -18.46
C ARG B 594 -5.73 -44.83 -19.84
N ARG B 595 -6.76 -44.93 -20.72
CA ARG B 595 -6.84 -44.27 -22.02
C ARG B 595 -6.63 -42.75 -21.96
N THR B 596 -7.22 -42.13 -20.90
CA THR B 596 -7.10 -40.71 -20.57
C THR B 596 -5.66 -40.40 -20.23
N ALA B 597 -5.07 -41.19 -19.30
CA ALA B 597 -3.76 -41.00 -18.67
C ALA B 597 -2.65 -41.02 -19.72
N GLN B 598 -2.62 -42.11 -20.54
CA GLN B 598 -1.70 -42.26 -21.69
C GLN B 598 -1.80 -41.09 -22.69
N ALA B 599 -3.05 -40.76 -23.11
CA ALA B 599 -3.35 -39.64 -24.03
C ALA B 599 -2.82 -38.31 -23.50
N SER B 600 -3.13 -38.05 -22.22
CA SER B 600 -2.69 -36.89 -21.44
C SER B 600 -1.17 -36.78 -21.43
N HIS B 601 -0.49 -37.92 -21.18
CA HIS B 601 0.98 -38.03 -21.19
C HIS B 601 1.59 -37.59 -22.51
N MET B 602 1.04 -38.10 -23.63
CA MET B 602 1.53 -37.78 -24.98
C MET B 602 1.37 -36.30 -25.32
N LEU B 603 0.17 -35.75 -24.99
CA LEU B 603 -0.12 -34.31 -25.12
C LEU B 603 0.77 -33.45 -24.22
N PHE B 604 0.99 -33.92 -22.97
CA PHE B 604 1.93 -33.36 -22.00
C PHE B 604 3.32 -33.19 -22.56
N LEU B 605 3.88 -34.26 -23.18
CA LEU B 605 5.21 -34.25 -23.81
C LEU B 605 5.29 -33.25 -24.97
N TRP B 606 4.21 -33.18 -25.78
CA TRP B 606 4.10 -32.20 -26.87
C TRP B 606 4.14 -30.77 -26.33
N ALA B 607 3.38 -30.52 -25.25
CA ALA B 607 3.38 -29.21 -24.58
C ALA B 607 4.71 -28.87 -23.92
N ILE B 608 5.50 -29.88 -23.49
CA ILE B 608 6.84 -29.64 -22.98
C ILE B 608 7.79 -29.22 -24.10
N CYS B 609 7.63 -29.85 -25.29
CA CYS B 609 8.46 -29.58 -26.48
C CYS B 609 8.28 -28.16 -27.01
N LEU B 610 7.05 -27.63 -26.98
CA LEU B 610 6.76 -26.28 -27.54
C LEU B 610 6.92 -25.23 -26.43
N ASP B 611 7.24 -25.63 -25.22
CA ASP B 611 7.48 -24.78 -24.03
C ASP B 611 6.23 -23.94 -23.69
N ARG B 612 5.07 -24.58 -23.74
CA ARG B 612 3.82 -23.94 -23.35
C ARG B 612 3.50 -24.48 -21.96
N PHE B 613 3.91 -23.72 -20.91
CA PHE B 613 3.89 -24.17 -19.50
C PHE B 613 2.48 -24.39 -18.94
N ARG B 614 1.51 -23.55 -19.34
CA ARG B 614 0.16 -23.56 -18.80
C ARG B 614 -0.63 -24.80 -19.23
N MET B 615 -0.56 -25.11 -20.54
CA MET B 615 -1.15 -26.33 -21.07
C MET B 615 -0.44 -27.59 -20.57
N ALA B 616 0.89 -27.53 -20.41
CA ALA B 616 1.72 -28.59 -19.83
C ALA B 616 1.30 -28.92 -18.40
N ARG B 617 1.08 -27.86 -17.60
CA ARG B 617 0.65 -27.96 -16.22
C ARG B 617 -0.76 -28.54 -16.15
N HIS B 618 -1.62 -28.14 -17.11
CA HIS B 618 -2.99 -28.64 -17.20
C HIS B 618 -3.05 -30.13 -17.53
N PHE B 619 -2.26 -30.58 -18.53
CA PHE B 619 -2.22 -32.01 -18.87
C PHE B 619 -1.49 -32.85 -17.83
N TRP B 620 -0.51 -32.25 -17.15
CA TRP B 620 0.18 -32.89 -16.02
C TRP B 620 -0.78 -33.11 -14.86
N LEU B 621 -1.73 -32.22 -14.66
CA LEU B 621 -2.63 -32.36 -13.50
C LEU B 621 -3.77 -33.30 -13.87
N ILE B 622 -4.18 -33.30 -15.14
CA ILE B 622 -5.23 -34.25 -15.56
C ILE B 622 -4.79 -35.70 -15.42
N GLY B 623 -3.57 -36.02 -15.85
CA GLY B 623 -3.06 -37.38 -15.80
C GLY B 623 -2.59 -37.80 -14.42
N ASP B 624 -1.93 -38.94 -14.39
CA ASP B 624 -1.42 -39.45 -13.13
C ASP B 624 0.09 -39.48 -13.23
N GLN B 625 0.72 -40.03 -12.18
CA GLN B 625 2.17 -40.19 -11.96
C GLN B 625 2.87 -38.84 -12.04
N SER B 626 2.38 -37.92 -11.20
CA SER B 626 2.68 -36.49 -11.22
C SER B 626 4.14 -36.15 -10.97
N ILE B 627 4.74 -36.82 -9.98
CA ILE B 627 6.10 -36.56 -9.50
C ILE B 627 7.14 -36.92 -10.55
N ILE B 628 7.00 -38.12 -11.15
CA ILE B 628 7.90 -38.67 -12.16
C ILE B 628 7.85 -37.85 -13.44
N ASN B 629 6.64 -37.41 -13.82
CA ASN B 629 6.38 -36.58 -14.99
C ASN B 629 6.98 -35.19 -14.84
N ALA B 630 6.92 -34.64 -13.61
CA ALA B 630 7.55 -33.36 -13.31
C ALA B 630 9.08 -33.42 -13.40
N LEU B 631 9.68 -34.52 -12.90
CA LEU B 631 11.13 -34.76 -13.02
C LEU B 631 11.59 -34.92 -14.46
N VAL B 632 10.82 -35.68 -15.27
CA VAL B 632 11.08 -35.93 -16.69
C VAL B 632 10.99 -34.63 -17.49
N ALA B 633 9.95 -33.82 -17.17
CA ALA B 633 9.70 -32.50 -17.77
C ALA B 633 10.80 -31.51 -17.48
N SER B 634 11.29 -31.50 -16.22
CA SER B 634 12.40 -30.66 -15.78
C SER B 634 13.70 -30.99 -16.51
N ARG B 635 13.99 -32.30 -16.65
CA ARG B 635 15.18 -32.78 -17.37
C ARG B 635 15.16 -32.43 -18.87
N ILE B 636 13.99 -32.63 -19.53
CA ILE B 636 13.82 -32.36 -20.97
C ILE B 636 13.94 -30.86 -21.27
N LEU B 637 13.29 -30.00 -20.44
CA LEU B 637 13.39 -28.53 -20.61
C LEU B 637 14.80 -28.00 -20.32
N GLU B 638 15.46 -28.50 -19.26
CA GLU B 638 16.84 -28.10 -18.93
C GLU B 638 17.84 -28.51 -20.00
N ARG B 639 17.73 -29.75 -20.52
CA ARG B 639 18.64 -30.22 -21.56
C ARG B 639 18.33 -29.56 -22.90
N LEU B 640 17.04 -29.30 -23.17
CA LEU B 640 16.58 -28.66 -24.40
C LEU B 640 17.01 -27.20 -24.49
N SER B 641 17.01 -26.46 -23.35
CA SER B 641 17.45 -25.06 -23.35
C SER B 641 18.94 -24.87 -23.69
N THR B 642 19.78 -25.87 -23.42
CA THR B 642 21.19 -25.84 -23.79
C THR B 642 21.36 -26.90 -24.86
N HIS B 643 21.03 -26.56 -26.11
CA HIS B 643 21.12 -27.51 -27.19
C HIS B 643 21.46 -26.75 -28.46
N ARG B 644 21.96 -27.49 -29.47
CA ARG B 644 22.31 -26.93 -30.77
C ARG B 644 21.11 -26.44 -31.57
N ALA B 645 19.91 -26.98 -31.31
CA ALA B 645 18.71 -26.59 -32.04
C ALA B 645 18.14 -25.27 -31.57
N LEU B 646 18.57 -24.82 -30.39
CA LEU B 646 17.99 -23.59 -29.79
C LEU B 646 18.99 -22.42 -29.84
N GLN B 647 20.16 -22.59 -30.43
CA GLN B 647 21.09 -21.46 -30.53
C GLN B 647 20.74 -20.56 -31.71
N GLY B 648 20.81 -19.26 -31.45
CA GLY B 648 20.45 -18.25 -32.42
C GLY B 648 20.12 -16.94 -31.72
N PRO B 649 20.34 -15.79 -32.41
CA PRO B 649 20.06 -14.47 -31.80
C PRO B 649 18.59 -14.20 -31.44
N HIS B 650 17.68 -14.76 -32.21
CA HIS B 650 16.24 -14.56 -32.12
C HIS B 650 15.56 -15.54 -31.16
N LEU B 651 16.26 -16.58 -30.74
CA LEU B 651 15.70 -17.65 -29.93
C LEU B 651 15.99 -17.50 -28.45
N ALA B 652 16.68 -16.40 -28.07
CA ALA B 652 17.23 -16.19 -26.73
C ALA B 652 16.23 -16.23 -25.57
N GLU B 653 15.17 -15.37 -25.65
CA GLU B 653 14.11 -15.22 -24.62
C GLU B 653 13.33 -16.48 -24.29
N GLU B 654 12.99 -17.26 -25.33
CA GLU B 654 12.28 -18.55 -25.15
C GLU B 654 13.19 -19.51 -24.38
N ARG B 655 14.42 -19.61 -24.81
CA ARG B 655 15.46 -20.43 -24.14
C ARG B 655 15.46 -20.18 -22.65
N ALA B 656 15.47 -18.86 -22.29
CA ALA B 656 15.43 -18.31 -20.93
C ALA B 656 14.23 -18.84 -20.18
N LYS B 657 13.06 -18.78 -20.90
CA LYS B 657 11.73 -19.24 -20.50
C LYS B 657 11.74 -20.69 -20.08
N MET B 658 12.43 -21.53 -20.92
CA MET B 658 12.65 -22.98 -20.77
C MET B 658 13.27 -23.31 -19.43
N GLN B 659 14.39 -22.60 -19.10
CA GLN B 659 15.17 -22.73 -17.85
C GLN B 659 14.30 -22.47 -16.65
N HIS B 660 13.53 -21.34 -16.75
CA HIS B 660 12.53 -20.87 -15.78
C HIS B 660 11.49 -21.93 -15.50
N ASN B 661 10.91 -22.47 -16.62
CA ASN B 661 9.89 -23.52 -16.63
C ASN B 661 10.39 -24.81 -15.98
N ALA B 662 11.68 -25.15 -16.31
CA ALA B 662 12.43 -26.31 -15.79
C ALA B 662 12.46 -26.32 -14.28
N LYS B 663 12.85 -25.14 -13.72
CA LYS B 663 12.96 -24.87 -12.28
C LYS B 663 11.64 -25.08 -11.57
N LYS B 664 10.56 -24.55 -12.22
CA LYS B 664 9.17 -24.61 -11.76
C LYS B 664 8.69 -26.04 -11.60
N PHE B 665 8.98 -26.88 -12.64
CA PHE B 665 8.63 -28.30 -12.66
C PHE B 665 9.34 -29.08 -11.59
N GLU B 666 10.65 -28.73 -11.39
CA GLU B 666 11.53 -29.25 -10.34
C GLU B 666 10.94 -29.01 -8.97
N GLU B 667 10.44 -27.75 -8.77
CA GLU B 667 9.77 -27.26 -7.56
C GLU B 667 8.55 -28.09 -7.23
N LEU B 668 7.72 -28.35 -8.28
CA LEU B 668 6.52 -29.19 -8.26
C LEU B 668 6.83 -30.60 -7.77
N ALA B 669 7.90 -31.18 -8.38
CA ALA B 669 8.41 -32.51 -8.08
C ALA B 669 8.87 -32.66 -6.64
N VAL B 670 9.51 -31.60 -6.11
CA VAL B 670 9.90 -31.59 -4.71
C VAL B 670 8.68 -31.46 -3.82
N GLY B 671 7.81 -30.48 -4.19
CA GLY B 671 6.70 -29.97 -3.39
C GLY B 671 5.63 -30.97 -2.98
N VAL B 672 5.10 -31.70 -3.98
CA VAL B 672 4.12 -32.79 -3.88
C VAL B 672 4.62 -33.86 -2.92
N LEU B 673 5.92 -34.24 -3.11
CA LEU B 673 6.69 -35.21 -2.32
C LEU B 673 6.72 -34.83 -0.85
N GLY B 674 7.02 -33.53 -0.61
CA GLY B 674 7.05 -32.91 0.72
C GLY B 674 5.74 -33.04 1.47
N GLU B 675 4.62 -32.77 0.74
CA GLU B 675 3.24 -32.87 1.18
C GLU B 675 2.92 -34.28 1.65
N CYS B 676 3.37 -35.27 0.83
CA CYS B 676 3.26 -36.71 1.10
C CYS B 676 3.93 -37.09 2.40
N HIS B 677 5.16 -36.56 2.60
CA HIS B 677 5.94 -36.79 3.82
C HIS B 677 5.29 -36.15 5.04
N GLY B 678 4.55 -35.05 4.83
CA GLY B 678 3.77 -34.48 5.91
C GLY B 678 2.58 -35.33 6.26
N SER B 679 1.96 -35.97 5.25
CA SER B 679 0.70 -36.66 5.54
C SER B 679 0.90 -38.06 6.09
N ASP B 680 1.57 -38.91 5.31
CA ASP B 680 1.85 -40.31 5.74
C ASP B 680 3.23 -40.71 5.23
N SER B 681 4.23 -40.80 6.12
CA SER B 681 5.61 -41.14 5.74
C SER B 681 5.73 -42.53 5.12
N HIS B 682 5.01 -43.51 5.70
CA HIS B 682 5.00 -44.89 5.24
C HIS B 682 4.37 -45.05 3.85
N MET B 683 3.25 -44.35 3.61
CA MET B 683 2.56 -44.37 2.33
C MET B 683 3.38 -43.68 1.23
N ALA B 684 4.10 -42.61 1.62
CA ALA B 684 5.05 -41.92 0.73
C ALA B 684 6.20 -42.82 0.34
N SER B 685 6.69 -43.61 1.32
CA SER B 685 7.72 -44.61 1.10
C SER B 685 7.25 -45.70 0.13
N GLU B 686 6.00 -46.13 0.31
CA GLU B 686 5.37 -47.09 -0.59
C GLU B 686 5.22 -46.57 -2.02
N MET B 687 5.04 -45.26 -2.18
CA MET B 687 4.82 -44.64 -3.51
C MET B 687 6.15 -44.52 -4.23
N LEU B 688 7.20 -44.19 -3.49
CA LEU B 688 8.54 -44.07 -4.07
C LEU B 688 9.14 -45.41 -4.47
N HIS B 689 8.70 -46.51 -3.89
CA HIS B 689 9.17 -47.83 -4.21
C HIS B 689 8.39 -48.49 -5.33
N SER B 690 7.28 -47.87 -5.77
CA SER B 690 6.41 -48.49 -6.79
C SER B 690 7.07 -48.47 -8.17
N LYS B 691 7.09 -49.62 -8.80
CA LYS B 691 7.62 -49.80 -10.15
C LYS B 691 6.56 -49.42 -11.17
N ASN B 692 6.89 -48.54 -12.11
CA ASN B 692 5.92 -48.10 -13.10
C ASN B 692 6.25 -48.71 -14.45
N ASP B 693 5.25 -49.30 -15.12
CA ASP B 693 5.41 -49.97 -16.41
C ASP B 693 5.78 -49.06 -17.58
N MET B 694 5.43 -47.79 -17.51
CA MET B 694 5.63 -46.88 -18.68
C MET B 694 7.09 -46.52 -18.91
N PHE B 695 7.93 -46.65 -17.89
CA PHE B 695 9.36 -46.32 -18.02
C PHE B 695 10.25 -47.52 -17.72
N ASN B 696 9.92 -48.66 -18.36
CA ASN B 696 10.64 -49.97 -18.35
C ASN B 696 10.84 -50.54 -16.95
N LYS B 697 9.80 -50.43 -16.12
CA LYS B 697 9.59 -51.08 -14.82
C LYS B 697 10.70 -50.72 -13.81
N LYS B 698 10.76 -49.44 -13.46
CA LYS B 698 11.61 -48.97 -12.37
C LYS B 698 11.04 -47.69 -11.75
N ASN B 699 11.48 -47.42 -10.52
CA ASN B 699 10.82 -46.52 -9.58
C ASN B 699 11.19 -45.06 -9.83
N ALA B 700 10.66 -44.19 -8.95
CA ALA B 700 10.79 -42.74 -9.10
C ALA B 700 12.19 -42.21 -8.78
N ILE B 701 12.90 -42.87 -7.87
CA ILE B 701 14.26 -42.48 -7.48
C ILE B 701 15.25 -42.75 -8.61
N ASN B 702 15.06 -43.87 -9.34
CA ASN B 702 15.85 -44.22 -10.52
C ASN B 702 15.68 -43.21 -11.66
N ILE B 703 14.44 -42.75 -11.86
CA ILE B 703 14.08 -41.72 -12.82
C ILE B 703 14.74 -40.40 -12.42
N ALA B 704 14.68 -40.07 -11.12
CA ALA B 704 15.25 -38.85 -10.52
C ALA B 704 16.76 -38.78 -10.66
N TYR B 705 17.42 -39.92 -10.46
CA TYR B 705 18.85 -40.05 -10.67
C TYR B 705 19.20 -39.89 -12.13
N ASP B 706 18.38 -40.49 -13.01
CA ASP B 706 18.56 -40.35 -14.45
C ASP B 706 18.28 -38.93 -14.93
N ALA B 707 17.39 -38.21 -14.26
CA ALA B 707 17.12 -36.82 -14.58
C ALA B 707 18.09 -35.83 -13.92
N LYS B 708 19.04 -36.33 -13.10
CA LYS B 708 20.07 -35.56 -12.35
C LYS B 708 19.46 -34.49 -11.46
N SER B 709 18.35 -34.83 -10.82
CA SER B 709 17.66 -33.93 -9.92
C SER B 709 18.26 -34.04 -8.53
N LEU B 710 19.23 -33.15 -8.28
CA LEU B 710 19.96 -33.09 -7.02
C LEU B 710 19.06 -32.68 -5.86
N ALA B 711 18.11 -31.78 -6.14
CA ALA B 711 17.15 -31.28 -5.15
C ALA B 711 16.22 -32.38 -4.65
N PHE B 712 15.76 -33.25 -5.56
CA PHE B 712 14.89 -34.38 -5.20
C PHE B 712 15.63 -35.41 -4.35
N LEU B 713 16.87 -35.73 -4.73
CA LEU B 713 17.68 -36.72 -4.04
C LEU B 713 18.13 -36.27 -2.65
N SER B 714 18.30 -34.96 -2.46
CA SER B 714 18.72 -34.44 -1.16
C SER B 714 17.58 -34.25 -0.18
N HIS B 715 16.33 -34.46 -0.61
CA HIS B 715 15.16 -34.29 0.25
C HIS B 715 15.14 -35.37 1.34
N PRO B 716 14.68 -35.05 2.57
CA PRO B 716 14.66 -36.04 3.68
C PRO B 716 13.79 -37.29 3.48
N ALA B 717 12.67 -37.16 2.74
CA ALA B 717 11.80 -38.28 2.43
C ALA B 717 12.48 -39.31 1.52
N THR B 718 13.13 -38.82 0.45
CA THR B 718 13.88 -39.63 -0.51
C THR B 718 15.07 -40.34 0.16
N GLN B 719 15.77 -39.60 1.04
CA GLN B 719 16.91 -40.11 1.81
C GLN B 719 16.48 -41.17 2.80
N SER B 720 15.29 -40.98 3.40
CA SER B 720 14.70 -41.96 4.30
C SER B 720 14.37 -43.26 3.57
N VAL B 721 14.02 -43.21 2.30
CA VAL B 721 13.65 -44.45 1.57
C VAL B 721 14.95 -45.10 1.13
N ILE B 722 15.93 -44.31 0.75
CA ILE B 722 17.26 -44.87 0.37
C ILE B 722 17.92 -45.56 1.56
N ASN B 723 17.77 -44.96 2.75
CA ASN B 723 18.31 -45.59 3.98
C ASN B 723 17.39 -46.72 4.44
N ALA B 724 16.13 -46.74 3.98
CA ALA B 724 15.24 -47.88 4.30
C ALA B 724 15.57 -49.02 3.35
N ASP B 725 15.98 -48.69 2.12
CA ASP B 725 16.44 -49.73 1.17
C ASP B 725 17.70 -50.37 1.66
N TRP B 726 18.41 -49.53 2.43
CA TRP B 726 19.62 -50.01 3.11
C TRP B 726 19.14 -50.89 4.27
N TYR B 727 19.92 -51.79 4.78
CA TYR B 727 19.38 -52.56 5.93
C TYR B 727 18.31 -53.50 5.40
N GLY B 728 17.95 -53.40 4.14
CA GLY B 728 17.00 -54.37 3.57
C GLY B 728 15.68 -54.39 4.30
N HIS B 729 15.15 -53.23 4.66
CA HIS B 729 13.83 -53.11 5.34
C HIS B 729 13.72 -53.87 6.66
N LEU B 730 14.56 -53.56 7.65
CA LEU B 730 14.44 -54.21 8.99
C LEU B 730 14.57 -53.16 10.11
N LYS B 731 13.84 -53.30 11.22
CA LYS B 731 13.83 -52.41 12.37
C LYS B 731 15.09 -52.31 13.21
N SER B 732 15.50 -53.39 13.87
CA SER B 732 16.67 -53.41 14.78
C SER B 732 18.03 -53.26 14.08
N VAL B 733 18.10 -53.45 12.76
CA VAL B 733 19.37 -53.33 12.05
C VAL B 733 19.56 -51.83 11.83
N THR B 734 20.27 -51.17 12.74
CA THR B 734 20.51 -49.75 12.58
C THR B 734 21.97 -49.32 12.74
N SER B 735 22.70 -49.84 13.71
CA SER B 735 24.09 -49.43 13.89
C SER B 735 25.01 -50.45 13.25
N PHE B 736 26.30 -50.08 13.19
CA PHE B 736 27.38 -50.92 12.68
C PHE B 736 27.53 -52.20 13.49
N TRP B 737 27.51 -52.04 14.82
CA TRP B 737 27.71 -53.11 15.79
C TRP B 737 26.59 -54.13 15.81
N ALA B 738 25.33 -53.67 15.67
CA ALA B 738 24.15 -54.56 15.65
C ALA B 738 24.15 -55.51 14.46
N VAL B 739 24.42 -54.97 13.26
CA VAL B 739 24.49 -55.76 12.02
C VAL B 739 25.72 -56.67 12.03
N LEU B 740 26.85 -56.16 12.58
CA LEU B 740 28.09 -56.93 12.71
C LEU B 740 27.95 -58.10 13.69
N PHE B 741 27.28 -57.86 14.82
CA PHE B 741 27.00 -58.88 15.83
C PHE B 741 26.04 -59.93 15.29
N ALA B 742 24.98 -59.48 14.58
CA ALA B 742 24.03 -60.38 13.92
C ALA B 742 24.65 -61.18 12.79
N PHE B 743 25.66 -60.60 12.13
CA PHE B 743 26.34 -61.27 11.00
C PHE B 743 27.09 -62.47 11.54
N PHE B 744 28.00 -62.23 12.48
CA PHE B 744 28.84 -63.31 13.04
C PHE B 744 27.98 -64.32 13.82
N PHE B 745 27.00 -63.83 14.58
CA PHE B 745 26.15 -64.72 15.41
C PHE B 745 24.74 -64.76 14.81
N PRO B 746 24.46 -65.51 13.73
CA PRO B 746 23.13 -65.50 13.09
C PRO B 746 22.02 -66.13 13.93
N PHE B 747 22.34 -67.23 14.62
CA PHE B 747 21.29 -67.98 15.36
C PHE B 747 21.03 -67.41 16.76
N PHE B 748 21.77 -66.38 17.16
CA PHE B 748 21.67 -65.91 18.57
C PHE B 748 21.25 -64.45 18.69
N VAL B 749 20.99 -63.74 17.59
CA VAL B 749 20.52 -62.37 17.75
C VAL B 749 19.33 -62.10 16.83
N LEU B 750 19.25 -62.88 15.75
CA LEU B 750 18.18 -62.68 14.74
C LEU B 750 16.80 -63.09 15.30
N PRO B 751 16.54 -64.28 15.91
CA PRO B 751 15.19 -64.59 16.41
C PRO B 751 14.67 -63.62 17.47
N PHE B 752 15.56 -63.08 18.32
CA PHE B 752 15.18 -62.19 19.41
C PHE B 752 15.23 -60.72 19.00
N ILE B 753 14.99 -60.43 17.73
CA ILE B 753 15.01 -59.08 17.20
C ILE B 753 13.71 -58.90 16.43
N ASN B 754 13.35 -57.63 16.24
CA ASN B 754 12.14 -57.23 15.54
C ASN B 754 12.20 -57.66 14.07
N PHE B 755 11.14 -58.31 13.58
CA PHE B 755 11.18 -58.83 12.23
C PHE B 755 10.17 -58.10 11.36
N SER B 756 10.68 -57.07 10.67
CA SER B 756 10.00 -56.15 9.75
C SER B 756 8.67 -55.54 10.24
N GLY B 787 10.23 -71.91 12.71
CA GLY B 787 9.97 -72.68 11.51
C GLY B 787 11.05 -72.52 10.47
N ALA B 788 11.19 -73.51 9.59
CA ALA B 788 12.16 -73.38 8.46
C ALA B 788 11.53 -72.42 7.45
N HIS B 789 10.20 -72.27 7.49
CA HIS B 789 9.52 -71.31 6.59
C HIS B 789 9.95 -69.88 6.92
N ARG B 790 10.12 -69.56 8.21
CA ARG B 790 10.43 -68.16 8.61
C ARG B 790 11.93 -67.93 8.82
N LEU B 791 12.61 -68.82 9.55
CA LEU B 791 14.02 -68.58 9.87
C LEU B 791 14.82 -68.47 8.57
N ARG B 792 14.52 -69.38 7.61
CA ARG B 792 15.15 -69.40 6.28
C ARG B 792 14.80 -68.15 5.48
N ARG B 793 13.52 -67.68 5.56
CA ARG B 793 13.08 -66.45 4.89
C ARG B 793 13.79 -65.21 5.44
N LYS B 794 13.95 -65.16 6.78
CA LYS B 794 14.63 -64.00 7.41
C LYS B 794 16.12 -64.05 7.07
N PHE B 795 16.71 -65.25 7.07
CA PHE B 795 18.12 -65.41 6.70
C PHE B 795 18.37 -64.97 5.26
N ALA B 796 17.44 -65.30 4.36
CA ALA B 796 17.53 -64.91 2.95
C ALA B 796 17.31 -63.41 2.76
N LYS B 797 16.56 -62.79 3.68
CA LYS B 797 16.30 -61.35 3.59
C LYS B 797 17.48 -60.60 4.18
N PHE B 798 18.03 -61.09 5.33
CA PHE B 798 19.15 -60.44 6.02
C PHE B 798 20.42 -60.52 5.16
N TYR B 799 20.70 -61.68 4.56
CA TYR B 799 21.92 -61.79 3.78
C TYR B 799 21.71 -61.39 2.33
N SER B 800 20.47 -61.04 1.95
CA SER B 800 20.21 -60.46 0.65
C SER B 800 20.25 -58.94 0.70
N ALA B 801 20.33 -58.36 1.91
CA ALA B 801 20.38 -56.92 2.14
C ALA B 801 21.70 -56.35 1.62
N PRO B 802 21.68 -55.18 0.92
CA PRO B 802 22.93 -54.53 0.43
C PRO B 802 23.96 -54.12 1.47
N TYR B 803 23.50 -53.78 2.67
CA TYR B 803 24.35 -53.41 3.80
C TYR B 803 25.21 -54.60 4.23
N THR B 804 24.61 -55.80 4.24
CA THR B 804 25.28 -57.06 4.60
C THR B 804 26.39 -57.39 3.61
N ARG B 805 26.16 -57.17 2.29
CA ARG B 805 27.22 -57.32 1.27
C ARG B 805 28.33 -56.29 1.47
N PHE B 806 27.98 -55.11 1.96
CA PHE B 806 29.02 -54.10 2.23
C PHE B 806 29.85 -54.59 3.41
N ILE B 807 29.18 -55.06 4.44
CA ILE B 807 29.86 -55.55 5.65
C ILE B 807 30.78 -56.73 5.33
N SER B 808 30.31 -57.64 4.45
CA SER B 808 31.09 -58.79 3.97
C SER B 808 32.30 -58.37 3.15
N ASP B 809 32.14 -57.38 2.26
CA ASP B 809 33.23 -56.81 1.48
C ASP B 809 34.26 -56.07 2.34
N LEU B 810 33.79 -55.36 3.36
CA LEU B 810 34.71 -54.66 4.28
C LEU B 810 35.53 -55.70 5.01
N LEU B 811 34.87 -56.63 5.67
CA LEU B 811 35.59 -57.66 6.44
C LEU B 811 36.58 -58.41 5.58
N SER B 812 36.18 -58.74 4.33
CA SER B 812 37.04 -59.41 3.35
C SER B 812 38.28 -58.58 2.99
N HIS B 813 38.08 -57.28 2.75
CA HIS B 813 39.18 -56.38 2.42
C HIS B 813 40.08 -56.13 3.61
N PHE B 814 39.51 -56.09 4.83
CA PHE B 814 40.27 -55.97 6.08
C PHE B 814 41.17 -57.18 6.33
N VAL B 815 40.66 -58.38 6.09
CA VAL B 815 41.50 -59.61 6.24
C VAL B 815 42.60 -59.53 5.17
N LEU B 816 42.24 -59.18 3.93
CA LEU B 816 43.23 -59.04 2.85
C LEU B 816 44.37 -58.10 3.20
N CYS B 817 44.04 -56.94 3.81
CA CYS B 817 45.01 -55.95 4.29
C CYS B 817 45.93 -56.51 5.39
N VAL B 818 45.33 -57.21 6.38
CA VAL B 818 46.07 -57.79 7.51
C VAL B 818 47.01 -58.92 7.05
N VAL B 819 46.50 -59.83 6.18
CA VAL B 819 47.25 -60.97 5.66
C VAL B 819 48.39 -60.54 4.73
N THR B 820 48.10 -59.55 3.85
CA THR B 820 49.11 -58.99 2.93
C THR B 820 50.18 -58.20 3.69
N SER B 821 49.76 -57.46 4.75
CA SER B 821 50.67 -56.73 5.65
C SER B 821 51.62 -57.65 6.41
N TYR B 822 51.16 -58.82 6.83
CA TYR B 822 52.03 -59.79 7.53
C TYR B 822 52.95 -60.40 6.51
N PHE B 823 52.43 -60.71 5.34
CA PHE B 823 53.24 -61.30 4.28
C PHE B 823 54.42 -60.42 3.89
N VAL B 824 54.21 -59.10 3.84
CA VAL B 824 55.28 -58.15 3.41
C VAL B 824 56.20 -57.86 4.59
N LEU B 825 55.71 -57.91 5.82
CA LEU B 825 56.61 -57.72 6.97
C LEU B 825 57.48 -58.93 7.29
N ASP B 826 56.92 -60.14 7.27
CA ASP B 826 57.67 -61.36 7.52
C ASP B 826 58.56 -61.67 6.30
N LYS B 827 59.71 -62.30 6.56
CA LYS B 827 60.68 -62.62 5.52
C LYS B 827 60.15 -63.69 4.55
N LEU B 828 60.56 -63.57 3.31
CA LEU B 828 60.20 -64.54 2.29
C LEU B 828 61.05 -65.79 2.43
N GLU B 829 60.45 -66.92 2.13
CA GLU B 829 61.16 -68.19 2.18
C GLU B 829 61.82 -68.46 0.84
N ASP B 830 62.65 -69.52 0.80
CA ASP B 830 63.38 -69.94 -0.39
C ASP B 830 62.50 -70.58 -1.47
N THR B 831 61.24 -70.90 -1.20
CA THR B 831 60.26 -71.38 -2.16
C THR B 831 59.02 -70.51 -1.97
N ILE B 832 58.02 -70.73 -2.81
CA ILE B 832 56.77 -69.99 -2.71
C ILE B 832 55.97 -70.55 -1.52
N SER B 833 55.70 -69.69 -0.55
CA SER B 833 55.06 -70.10 0.69
C SER B 833 53.55 -70.24 0.49
N ALA B 834 52.91 -70.84 1.51
CA ALA B 834 51.46 -71.10 1.52
C ALA B 834 50.61 -69.82 1.50
N ILE B 835 51.03 -68.81 2.27
CA ILE B 835 50.37 -67.49 2.35
C ILE B 835 50.45 -66.75 1.01
N GLU B 836 51.56 -66.93 0.27
CA GLU B 836 51.77 -66.39 -1.07
C GLU B 836 50.78 -67.00 -2.08
N TRP B 837 50.54 -68.32 -1.98
CA TRP B 837 49.57 -69.02 -2.81
C TRP B 837 48.13 -68.55 -2.54
N ILE B 838 47.79 -68.34 -1.24
CA ILE B 838 46.48 -67.83 -0.80
C ILE B 838 46.23 -66.42 -1.35
N LEU B 839 47.25 -65.56 -1.29
CA LEU B 839 47.20 -64.21 -1.85
C LEU B 839 47.11 -64.20 -3.38
N LEU B 840 47.78 -65.17 -4.03
CA LEU B 840 47.70 -65.36 -5.48
C LEU B 840 46.28 -65.70 -5.94
N VAL B 841 45.62 -66.64 -5.24
CA VAL B 841 44.22 -67.06 -5.49
C VAL B 841 43.25 -65.89 -5.28
N TRP B 842 43.48 -65.13 -4.18
CA TRP B 842 42.70 -63.94 -3.81
C TRP B 842 42.76 -62.83 -4.87
N PHE B 843 43.97 -62.53 -5.37
CA PHE B 843 44.11 -61.49 -6.38
C PHE B 843 43.67 -61.93 -7.78
N VAL B 844 43.69 -63.22 -8.06
CA VAL B 844 43.13 -63.68 -9.35
C VAL B 844 41.63 -63.46 -9.23
N ALA B 845 41.03 -63.89 -8.12
CA ALA B 845 39.58 -63.70 -7.90
C ALA B 845 39.17 -62.23 -8.02
N LEU B 846 39.98 -61.32 -7.46
CA LEU B 846 39.77 -59.87 -7.59
C LEU B 846 39.89 -59.40 -9.04
N LEU B 847 40.89 -59.92 -9.78
CA LEU B 847 41.12 -59.62 -11.19
C LEU B 847 39.97 -60.09 -12.07
N LEU B 848 39.45 -61.30 -11.82
CA LEU B 848 38.29 -61.86 -12.54
C LEU B 848 37.03 -61.08 -12.27
N GLU B 849 36.84 -60.60 -11.02
CA GLU B 849 35.71 -59.75 -10.67
C GLU B 849 35.77 -58.40 -11.40
N GLU B 850 36.99 -57.80 -11.50
CA GLU B 850 37.18 -56.56 -12.27
C GLU B 850 36.93 -56.74 -13.77
N LEU B 851 37.41 -57.86 -14.35
CA LEU B 851 37.14 -58.19 -15.76
C LEU B 851 35.67 -58.46 -16.04
N ARG B 852 34.98 -59.17 -15.12
CA ARG B 852 33.55 -59.46 -15.22
C ARG B 852 32.74 -58.17 -15.18
N GLN B 853 33.11 -57.23 -14.29
CA GLN B 853 32.47 -55.91 -14.24
C GLN B 853 32.73 -55.09 -15.50
N MET B 854 33.96 -55.15 -16.05
CA MET B 854 34.25 -54.46 -17.31
C MET B 854 33.48 -54.98 -18.52
N ILE B 855 33.50 -56.31 -18.74
CA ILE B 855 32.81 -56.87 -19.89
C ILE B 855 31.28 -56.88 -19.74
N PHE B 856 30.80 -57.34 -18.58
CA PHE B 856 29.34 -57.57 -18.45
C PHE B 856 28.48 -56.50 -17.77
N CYS B 857 29.01 -55.33 -17.41
CA CYS B 857 28.10 -54.40 -16.68
C CYS B 857 27.86 -53.09 -17.42
N ASP B 858 28.63 -52.06 -17.09
CA ASP B 858 28.44 -50.72 -17.64
C ASP B 858 29.08 -50.46 -19.01
N GLY B 859 30.39 -50.51 -19.06
CA GLY B 859 31.19 -50.32 -20.24
C GLY B 859 32.60 -50.00 -19.80
N ILE B 860 33.54 -50.07 -20.74
CA ILE B 860 34.97 -49.83 -20.39
C ILE B 860 35.13 -48.34 -20.06
N ALA B 861 34.53 -47.46 -20.84
CA ALA B 861 34.61 -46.01 -20.62
C ALA B 861 34.09 -45.59 -19.24
N GLU B 862 32.94 -46.18 -18.86
CA GLU B 862 32.28 -45.98 -17.57
C GLU B 862 33.13 -46.50 -16.42
N TYR B 863 33.83 -47.62 -16.66
CA TYR B 863 34.68 -48.25 -15.62
C TYR B 863 35.90 -47.36 -15.39
N ILE B 864 36.53 -46.93 -16.47
CA ILE B 864 37.77 -46.12 -16.35
C ILE B 864 37.43 -44.76 -15.73
N SER B 865 36.22 -44.23 -15.95
CA SER B 865 35.84 -42.93 -15.39
C SER B 865 35.98 -42.91 -13.85
N ASP B 866 35.62 -44.01 -13.19
CA ASP B 866 35.69 -44.17 -11.73
C ASP B 866 37.15 -44.22 -11.26
N THR B 867 37.48 -43.49 -10.19
CA THR B 867 38.86 -43.48 -9.67
C THR B 867 39.22 -44.77 -8.91
N TRP B 868 38.25 -45.39 -8.23
CA TRP B 868 38.45 -46.64 -7.47
C TRP B 868 38.74 -47.86 -8.33
N ASN B 869 38.15 -47.93 -9.54
CA ASN B 869 38.47 -48.98 -10.51
C ASN B 869 39.90 -48.87 -11.01
N ARG B 870 40.39 -47.64 -11.22
CA ARG B 870 41.78 -47.37 -11.59
C ARG B 870 42.74 -47.81 -10.48
N LEU B 871 42.38 -47.52 -9.20
CA LEU B 871 43.14 -47.96 -8.03
C LEU B 871 43.16 -49.49 -7.90
N ASP B 872 42.02 -50.13 -8.22
CA ASP B 872 41.87 -51.59 -8.23
C ASP B 872 42.82 -52.23 -9.24
N LEU B 873 42.89 -51.61 -10.43
CA LEU B 873 43.76 -52.05 -11.52
C LEU B 873 45.24 -51.90 -11.15
N ILE B 874 45.61 -50.75 -10.52
CA ILE B 874 46.99 -50.50 -10.05
C ILE B 874 47.43 -51.50 -8.96
N MET B 875 46.52 -51.88 -8.06
CA MET B 875 46.88 -52.79 -6.93
C MET B 875 47.06 -54.22 -7.42
N ILE B 876 46.23 -54.71 -8.34
CA ILE B 876 46.36 -56.04 -8.96
C ILE B 876 47.64 -56.13 -9.79
N THR B 877 47.94 -55.05 -10.56
CA THR B 877 49.14 -54.92 -11.41
C THR B 877 50.44 -54.95 -10.57
N LEU B 878 50.47 -54.20 -9.44
CA LEU B 878 51.61 -54.16 -8.50
C LEU B 878 51.89 -55.51 -7.84
N PHE B 879 50.81 -56.22 -7.40
CA PHE B 879 50.95 -57.55 -6.77
C PHE B 879 51.54 -58.55 -7.76
N PHE B 880 51.05 -58.56 -9.01
CA PHE B 880 51.52 -59.53 -10.01
C PHE B 880 52.96 -59.29 -10.45
N VAL B 881 53.37 -58.00 -10.56
CA VAL B 881 54.77 -57.62 -10.85
C VAL B 881 55.70 -58.10 -9.73
N GLY B 882 55.30 -57.85 -8.46
CA GLY B 882 56.07 -58.31 -7.29
C GLY B 882 56.14 -59.83 -7.14
N PHE B 883 55.00 -60.52 -7.35
CA PHE B 883 54.91 -61.98 -7.26
C PHE B 883 55.75 -62.68 -8.32
N PHE B 884 55.70 -62.21 -9.58
CA PHE B 884 56.50 -62.80 -10.64
C PHE B 884 57.98 -62.50 -10.47
N THR B 885 58.30 -61.30 -9.92
CA THR B 885 59.67 -60.94 -9.58
C THR B 885 60.26 -61.91 -8.54
N HIS B 886 59.47 -62.25 -7.51
CA HIS B 886 59.92 -63.25 -6.53
C HIS B 886 59.93 -64.66 -7.11
N ALA B 887 58.90 -65.02 -7.89
CA ALA B 887 58.72 -66.39 -8.37
C ALA B 887 59.65 -66.77 -9.50
N SER B 888 60.22 -65.78 -10.20
CA SER B 888 61.21 -66.03 -11.25
C SER B 888 62.48 -66.69 -10.70
N ASP B 889 62.94 -66.26 -9.53
CA ASP B 889 64.10 -66.85 -8.86
C ASP B 889 63.90 -66.78 -7.36
N PRO B 890 63.17 -67.77 -6.76
CA PRO B 890 62.83 -67.73 -5.33
C PRO B 890 64.00 -67.80 -4.34
N SER B 891 65.11 -68.39 -4.73
CA SER B 891 66.27 -68.49 -3.84
C SER B 891 67.19 -67.28 -3.96
N ASN B 892 66.94 -66.38 -4.92
CA ASN B 892 67.77 -65.21 -5.11
C ASN B 892 67.40 -64.14 -4.09
N GLN B 893 68.43 -63.65 -3.36
CA GLN B 893 68.28 -62.64 -2.32
C GLN B 893 67.85 -61.29 -2.89
N ASP B 894 68.42 -60.93 -4.06
CA ASP B 894 68.11 -59.68 -4.76
C ASP B 894 66.65 -59.62 -5.22
N SER B 895 66.13 -60.77 -5.70
CA SER B 895 64.72 -60.93 -6.12
C SER B 895 63.76 -60.73 -4.96
N LYS B 896 64.12 -61.26 -3.77
CA LYS B 896 63.37 -61.10 -2.51
C LYS B 896 63.28 -59.63 -2.10
N VAL B 897 64.42 -58.91 -2.19
CA VAL B 897 64.52 -57.49 -1.85
C VAL B 897 63.68 -56.60 -2.79
N VAL B 898 63.78 -56.86 -4.12
CA VAL B 898 63.04 -56.10 -5.16
C VAL B 898 61.53 -56.38 -5.07
N SER B 899 61.15 -57.65 -4.79
CA SER B 899 59.76 -58.09 -4.60
C SER B 899 59.09 -57.41 -3.41
N LYS B 900 59.82 -57.31 -2.27
CA LYS B 900 59.31 -56.58 -1.10
C LYS B 900 59.23 -55.07 -1.37
N GLY B 901 60.16 -54.54 -2.18
CA GLY B 901 60.11 -53.14 -2.62
C GLY B 901 58.88 -52.78 -3.43
N ILE B 902 58.47 -53.66 -4.35
CA ILE B 902 57.24 -53.46 -5.13
C ILE B 902 56.02 -53.63 -4.23
N HIS B 903 56.07 -54.62 -3.34
CA HIS B 903 54.96 -54.93 -2.44
C HIS B 903 54.74 -53.90 -1.32
N ALA B 904 55.72 -53.02 -1.05
CA ALA B 904 55.55 -51.85 -0.18
C ALA B 904 54.51 -50.89 -0.75
N PHE B 905 54.65 -50.56 -2.06
CA PHE B 905 53.66 -49.80 -2.83
C PHE B 905 52.28 -50.48 -2.84
N LEU B 906 52.26 -51.83 -2.97
CA LEU B 906 51.03 -52.64 -2.90
C LEU B 906 50.26 -52.44 -1.58
N VAL B 907 50.97 -52.38 -0.45
CA VAL B 907 50.37 -52.26 0.91
C VAL B 907 49.87 -50.84 1.11
N VAL B 908 50.59 -49.87 0.59
CA VAL B 908 50.17 -48.45 0.62
C VAL B 908 48.85 -48.24 -0.15
N VAL B 909 48.73 -48.84 -1.32
CA VAL B 909 47.49 -48.69 -2.11
C VAL B 909 46.38 -49.44 -1.39
N LEU B 910 46.63 -50.63 -0.86
CA LEU B 910 45.60 -51.46 -0.19
C LEU B 910 44.99 -50.75 1.01
N TRP B 911 45.81 -50.12 1.83
CA TRP B 911 45.31 -49.37 2.99
C TRP B 911 44.64 -48.07 2.58
N LEU B 912 45.15 -47.40 1.52
CA LEU B 912 44.48 -46.23 0.92
C LEU B 912 43.14 -46.61 0.29
N ARG B 913 42.97 -47.84 -0.18
CA ARG B 913 41.72 -48.22 -0.90
C ARG B 913 40.68 -48.50 0.15
N PHE B 914 41.13 -48.85 1.36
CA PHE B 914 40.20 -49.15 2.49
C PHE B 914 39.33 -47.92 2.78
N MET B 915 39.73 -46.75 2.30
CA MET B 915 38.98 -45.47 2.60
C MET B 915 37.69 -45.44 1.83
N ARG B 916 37.61 -46.16 0.75
CA ARG B 916 36.39 -46.26 -0.08
C ARG B 916 35.15 -46.60 0.76
N TYR B 917 35.30 -47.41 1.81
CA TYR B 917 34.20 -47.84 2.66
C TYR B 917 33.90 -46.83 3.75
N TYR B 918 34.70 -45.77 3.88
CA TYR B 918 34.36 -44.65 4.75
C TYR B 918 33.26 -43.79 4.17
N ALA B 919 33.06 -43.81 2.85
CA ALA B 919 32.08 -42.99 2.12
C ALA B 919 30.62 -43.26 2.47
N LEU B 920 30.37 -44.40 3.10
CA LEU B 920 28.99 -44.82 3.44
C LEU B 920 28.54 -44.10 4.70
N SER B 921 29.45 -43.68 5.54
CA SER B 921 29.20 -42.94 6.78
C SER B 921 28.83 -41.49 6.52
N LYS B 922 27.84 -41.00 7.28
CA LYS B 922 27.38 -39.62 7.20
C LYS B 922 28.38 -38.59 7.75
N ASN B 923 29.39 -39.01 8.51
CA ASN B 923 30.41 -38.11 8.97
C ASN B 923 31.63 -38.15 8.08
N LEU B 924 32.14 -39.34 7.75
CA LEU B 924 33.40 -39.47 7.01
C LEU B 924 33.28 -39.20 5.51
N GLY B 925 32.12 -39.55 4.93
CA GLY B 925 31.84 -39.41 3.51
C GLY B 925 31.82 -38.02 2.87
N PRO B 926 31.07 -37.05 3.42
CA PRO B 926 31.10 -35.71 2.90
C PRO B 926 32.49 -35.09 3.09
N LYS B 927 33.17 -35.38 4.20
CA LYS B 927 34.51 -34.89 4.48
C LYS B 927 35.51 -35.37 3.44
N LEU B 928 35.32 -36.62 2.94
CA LEU B 928 36.12 -37.18 1.85
C LEU B 928 35.92 -36.40 0.54
N ILE B 929 34.66 -36.01 0.26
CA ILE B 929 34.32 -35.18 -0.90
C ILE B 929 34.96 -33.78 -0.79
N MET B 930 34.93 -33.20 0.44
CA MET B 930 35.59 -31.92 0.76
C MET B 930 37.10 -31.99 0.58
N MET B 931 37.74 -33.14 0.92
CA MET B 931 39.19 -33.37 0.74
C MET B 931 39.58 -33.37 -0.73
N MET B 932 38.75 -34.02 -1.57
CA MET B 932 38.92 -33.97 -3.03
C MET B 932 38.74 -32.56 -3.60
N GLU B 933 37.87 -31.73 -2.98
CA GLU B 933 37.78 -30.32 -3.40
C GLU B 933 39.01 -29.50 -3.02
N MET B 934 39.52 -29.67 -1.78
CA MET B 934 40.72 -28.98 -1.26
C MET B 934 42.06 -29.37 -1.91
N MET B 935 42.10 -30.48 -2.69
CA MET B 935 43.30 -30.90 -3.46
C MET B 935 43.85 -29.82 -4.43
N LYS B 936 42.99 -28.94 -4.98
CA LYS B 936 43.45 -27.84 -5.84
C LYS B 936 44.24 -26.80 -5.03
N ASP B 937 43.81 -26.49 -3.79
CA ASP B 937 44.55 -25.63 -2.86
C ASP B 937 45.88 -26.25 -2.45
N VAL B 938 45.89 -27.60 -2.29
CA VAL B 938 47.11 -28.37 -2.00
C VAL B 938 48.11 -28.23 -3.14
N SER B 939 47.60 -28.30 -4.39
CA SER B 939 48.38 -28.12 -5.62
C SER B 939 48.95 -26.71 -5.76
N THR B 940 48.15 -25.70 -5.37
CA THR B 940 48.56 -24.28 -5.32
C THR B 940 49.72 -24.06 -4.35
N PHE B 941 49.62 -24.68 -3.15
CA PHE B 941 50.66 -24.66 -2.11
C PHE B 941 51.96 -25.32 -2.60
N VAL B 942 51.82 -26.46 -3.31
CA VAL B 942 52.96 -27.22 -3.85
C VAL B 942 53.71 -26.41 -4.92
N PHE B 943 52.96 -25.74 -5.82
CA PHE B 943 53.55 -24.88 -6.87
C PHE B 943 54.26 -23.66 -6.29
N LEU B 944 53.68 -23.03 -5.26
CA LEU B 944 54.37 -21.92 -4.59
C LEU B 944 55.59 -22.39 -3.79
N LEU B 945 55.56 -23.56 -3.16
CA LEU B 945 56.70 -23.98 -2.31
C LEU B 945 57.84 -24.45 -3.21
N LEU B 946 57.53 -25.08 -4.30
CA LEU B 946 58.53 -25.65 -5.21
C LEU B 946 59.56 -24.61 -5.65
N ILE B 947 59.09 -23.37 -5.86
CA ILE B 947 59.87 -22.18 -6.22
C ILE B 947 60.93 -21.85 -5.16
N PHE B 948 60.48 -21.80 -3.92
CA PHE B 948 61.37 -21.44 -2.78
C PHE B 948 62.29 -22.60 -2.47
N LEU B 949 61.81 -23.83 -2.56
CA LEU B 949 62.59 -25.03 -2.26
C LEU B 949 63.77 -25.21 -3.21
N ILE B 950 63.58 -24.99 -4.51
CA ILE B 950 64.67 -25.24 -5.49
C ILE B 950 65.61 -24.05 -5.50
N GLY B 951 65.08 -22.84 -5.35
CA GLY B 951 65.93 -21.65 -5.26
C GLY B 951 66.88 -21.65 -4.07
N TYR B 952 66.32 -21.88 -2.86
CA TYR B 952 67.08 -21.97 -1.62
C TYR B 952 68.03 -23.19 -1.62
N GLY B 953 67.54 -24.34 -2.15
CA GLY B 953 68.33 -25.57 -2.19
C GLY B 953 69.57 -25.54 -3.05
N VAL B 954 69.45 -25.00 -4.28
CA VAL B 954 70.59 -24.84 -5.20
C VAL B 954 71.59 -23.84 -4.61
N ALA B 955 71.08 -22.69 -4.06
CA ALA B 955 71.89 -21.64 -3.43
C ALA B 955 72.65 -22.14 -2.20
N ALA B 956 71.95 -22.87 -1.31
CA ALA B 956 72.51 -23.39 -0.08
C ALA B 956 73.52 -24.51 -0.32
N GLN B 957 73.22 -25.44 -1.26
CA GLN B 957 74.13 -26.53 -1.62
C GLN B 957 75.40 -26.02 -2.28
N SER B 958 75.27 -25.00 -3.13
CA SER B 958 76.41 -24.34 -3.76
C SER B 958 77.26 -23.59 -2.76
N LEU B 959 76.61 -22.94 -1.79
CA LEU B 959 77.29 -22.17 -0.75
C LEU B 959 78.06 -23.09 0.20
N LEU B 960 77.51 -24.27 0.51
CA LEU B 960 78.17 -25.20 1.43
C LEU B 960 79.36 -25.89 0.78
N SER B 961 79.24 -26.26 -0.49
CA SER B 961 80.29 -26.98 -1.22
C SER B 961 80.62 -26.27 -2.53
N PRO B 962 81.46 -25.23 -2.50
CA PRO B 962 81.75 -24.47 -3.72
C PRO B 962 82.85 -25.05 -4.59
N ASP B 963 83.46 -26.17 -4.24
CA ASP B 963 84.56 -26.70 -5.03
C ASP B 963 84.40 -28.19 -5.26
N GLU B 964 83.20 -28.60 -5.66
CA GLU B 964 82.88 -30.00 -5.86
C GLU B 964 82.28 -30.18 -7.23
N ASP B 965 82.67 -31.27 -7.90
CA ASP B 965 82.07 -31.67 -9.17
C ASP B 965 80.63 -32.08 -8.98
N PHE B 966 79.79 -31.74 -9.97
CA PHE B 966 78.38 -32.10 -9.98
C PHE B 966 78.24 -33.60 -10.11
N SER B 967 77.35 -34.17 -9.31
CA SER B 967 77.05 -35.58 -9.30
C SER B 967 75.61 -35.73 -8.85
N SER B 968 75.18 -36.99 -8.69
CA SER B 968 73.85 -37.30 -8.18
C SER B 968 73.66 -36.85 -6.73
N ARG B 969 74.74 -36.89 -5.92
CA ARG B 969 74.78 -36.44 -4.54
C ARG B 969 74.50 -34.96 -4.38
N THR B 970 74.91 -34.15 -5.38
CA THR B 970 74.61 -32.72 -5.44
C THR B 970 73.12 -32.47 -5.56
N PHE B 971 72.44 -33.25 -6.42
CA PHE B 971 70.99 -33.19 -6.64
C PHE B 971 70.20 -33.61 -5.40
N ILE B 972 70.65 -34.66 -4.71
CA ILE B 972 69.96 -35.07 -3.47
C ILE B 972 70.21 -33.98 -2.44
N GLY B 973 71.44 -33.48 -2.35
CA GLY B 973 71.70 -32.39 -1.41
C GLY B 973 70.83 -31.17 -1.64
N VAL B 974 70.38 -30.97 -2.86
CA VAL B 974 69.54 -29.79 -3.21
C VAL B 974 68.11 -30.09 -2.76
N LEU B 975 67.69 -31.35 -2.78
CA LEU B 975 66.28 -31.52 -2.35
C LEU B 975 66.10 -32.14 -0.97
N PHE B 976 67.12 -32.74 -0.37
CA PHE B 976 66.86 -33.48 0.86
C PHE B 976 66.59 -32.56 2.05
N ARG B 977 67.58 -31.79 2.48
CA ARG B 977 67.42 -30.94 3.67
C ARG B 977 66.45 -29.81 3.41
N PRO B 978 66.42 -29.08 2.26
CA PRO B 978 65.40 -28.03 2.05
C PRO B 978 63.96 -28.50 2.29
N TYR B 979 63.61 -29.75 1.90
CA TYR B 979 62.20 -30.16 2.01
C TYR B 979 61.85 -30.47 3.45
N PHE B 980 62.73 -31.14 4.16
CA PHE B 980 62.46 -31.54 5.53
C PHE B 980 62.65 -30.40 6.53
N GLN B 981 63.24 -29.26 6.14
CA GLN B 981 63.35 -28.13 7.06
C GLN B 981 62.05 -27.35 7.22
N ILE B 982 61.06 -27.60 6.36
CA ILE B 982 59.74 -26.89 6.44
C ILE B 982 58.81 -27.59 7.44
N TYR B 983 59.21 -28.75 7.96
CA TYR B 983 58.44 -29.45 8.96
C TYR B 983 59.04 -29.32 10.34
N GLY B 984 59.98 -28.40 10.51
CA GLY B 984 60.56 -28.14 11.80
C GLY B 984 61.81 -28.91 12.12
N GLU B 985 62.18 -29.90 11.31
CA GLU B 985 63.43 -30.59 11.58
C GLU B 985 64.59 -29.81 10.98
N LEU B 986 65.21 -28.93 11.77
CA LEU B 986 66.29 -28.08 11.21
C LEU B 986 67.64 -28.74 11.43
N PHE B 987 68.37 -29.00 10.35
CA PHE B 987 69.61 -29.80 10.43
C PHE B 987 70.80 -28.90 10.73
N LEU B 988 70.66 -27.96 11.62
CA LEU B 988 71.66 -26.97 12.05
C LEU B 988 72.95 -27.56 12.61
N ASP B 989 72.86 -28.67 13.37
CA ASP B 989 74.05 -29.40 13.79
C ASP B 989 74.80 -30.00 12.59
N ASP B 990 74.04 -30.61 11.66
CA ASP B 990 74.57 -31.19 10.42
C ASP B 990 75.13 -30.11 9.50
N LEU B 991 74.43 -28.96 9.40
CA LEU B 991 74.87 -27.79 8.62
C LEU B 991 76.14 -27.23 9.22
N ASN B 992 76.23 -27.20 10.55
CA ASN B 992 77.42 -26.74 11.27
C ASN B 992 78.62 -27.64 11.01
N SER B 993 78.39 -28.96 10.99
CA SER B 993 79.45 -29.91 10.64
C SER B 993 79.92 -29.77 9.19
N GLU B 994 78.97 -29.62 8.25
CA GLU B 994 79.33 -29.45 6.83
C GLU B 994 80.01 -28.12 6.51
N ALA B 995 79.68 -27.03 7.23
CA ALA B 995 80.30 -25.73 6.99
C ALA B 995 81.76 -25.59 7.43
N ASN B 996 82.31 -26.56 8.19
CA ASN B 996 83.68 -26.60 8.74
C ASN B 996 83.98 -25.40 9.63
N CYS B 997 83.00 -25.02 10.45
CA CYS B 997 83.15 -23.95 11.42
C CYS B 997 83.46 -24.56 12.76
N LEU B 998 84.61 -24.17 13.34
CA LEU B 998 85.15 -24.81 14.53
C LEU B 998 84.86 -24.03 15.80
N GLY B 999 84.17 -22.90 15.69
CA GLY B 999 83.87 -22.07 16.84
C GLY B 999 82.78 -22.66 17.72
N ASP B 1000 82.69 -22.15 18.95
CA ASP B 1000 81.62 -22.60 19.88
C ASP B 1000 80.33 -21.94 19.44
N THR B 1001 80.39 -20.66 19.10
CA THR B 1001 79.19 -20.00 18.51
C THR B 1001 78.97 -20.73 17.20
N PRO B 1002 77.73 -20.98 16.76
CA PRO B 1002 77.52 -21.82 15.58
C PRO B 1002 78.12 -21.53 14.20
N PHE B 1003 78.16 -20.30 13.71
CA PHE B 1003 78.77 -20.13 12.36
C PHE B 1003 79.92 -19.13 12.41
N THR B 1004 80.79 -19.17 13.41
CA THR B 1004 81.99 -18.36 13.56
C THR B 1004 83.19 -19.27 13.46
N GLU B 1005 84.32 -18.62 13.09
CA GLU B 1005 85.66 -19.19 12.82
C GLU B 1005 85.63 -20.26 11.74
N CYS B 1006 85.05 -19.91 10.60
CA CYS B 1006 84.94 -20.78 9.44
C CYS B 1006 86.09 -20.49 8.48
N SER B 1007 86.38 -21.48 7.63
CA SER B 1007 87.42 -21.37 6.60
C SER B 1007 87.07 -20.35 5.52
N ARG B 1008 85.82 -20.31 5.09
CA ARG B 1008 85.32 -19.38 4.10
C ARG B 1008 84.27 -18.49 4.74
N GLU B 1009 84.29 -17.19 4.42
CA GLU B 1009 83.29 -16.30 5.00
C GLU B 1009 81.92 -16.39 4.35
N THR B 1010 81.84 -16.93 3.12
CA THR B 1010 80.60 -17.06 2.34
C THR B 1010 79.64 -18.05 2.95
N VAL B 1011 80.18 -19.12 3.58
CA VAL B 1011 79.39 -20.17 4.20
C VAL B 1011 78.67 -19.64 5.47
N ARG B 1012 79.12 -18.49 6.07
CA ARG B 1012 78.43 -17.81 7.16
C ARG B 1012 77.08 -17.19 6.72
N MET B 1013 76.83 -17.03 5.40
CA MET B 1013 75.52 -16.65 4.89
C MET B 1013 74.52 -17.79 4.85
N VAL B 1014 74.98 -19.06 5.12
CA VAL B 1014 74.09 -20.25 5.12
C VAL B 1014 72.92 -20.18 6.10
N PRO B 1015 73.06 -19.69 7.37
CA PRO B 1015 71.92 -19.53 8.29
C PRO B 1015 70.95 -18.39 7.95
N PHE B 1016 71.39 -17.32 7.32
CA PHE B 1016 70.61 -16.16 6.84
C PHE B 1016 69.61 -16.52 5.76
N PHE B 1017 70.08 -17.20 4.69
CA PHE B 1017 69.27 -17.79 3.60
C PHE B 1017 68.18 -18.69 4.17
N LEU B 1018 68.59 -19.57 5.13
CA LEU B 1018 67.73 -20.47 5.88
C LEU B 1018 66.70 -19.68 6.66
N ALA B 1019 67.15 -18.58 7.29
CA ALA B 1019 66.35 -17.61 8.05
C ALA B 1019 65.25 -16.98 7.22
N VAL B 1020 65.57 -16.68 5.95
CA VAL B 1020 64.56 -16.15 5.04
C VAL B 1020 63.58 -17.24 4.65
N TYR B 1021 64.11 -18.45 4.33
CA TYR B 1021 63.42 -19.60 3.72
C TYR B 1021 62.27 -20.13 4.59
N ILE B 1022 62.56 -20.42 5.86
CA ILE B 1022 61.54 -20.88 6.82
C ILE B 1022 60.55 -19.76 7.19
N LEU B 1023 60.92 -18.49 7.02
CA LEU B 1023 59.96 -17.40 7.11
C LEU B 1023 59.00 -17.48 5.92
N GLY B 1024 59.54 -17.79 4.74
CA GLY B 1024 58.68 -17.94 3.57
C GLY B 1024 57.81 -19.18 3.61
N SER B 1025 58.36 -20.30 4.08
CA SER B 1025 57.63 -21.55 4.00
C SER B 1025 56.69 -21.81 5.17
N ASN B 1026 57.16 -21.63 6.40
CA ASN B 1026 56.35 -21.98 7.58
C ASN B 1026 55.43 -20.85 8.01
N VAL B 1027 55.93 -19.65 8.04
CA VAL B 1027 55.08 -18.56 8.58
C VAL B 1027 54.19 -18.04 7.46
N LEU B 1028 54.66 -18.00 6.23
CA LEU B 1028 53.81 -17.41 5.21
C LEU B 1028 52.94 -18.42 4.49
N LEU B 1029 53.54 -19.48 3.89
CA LEU B 1029 52.82 -20.37 2.99
C LEU B 1029 51.84 -21.32 3.70
N VAL B 1030 52.26 -21.85 4.86
CA VAL B 1030 51.45 -22.79 5.65
C VAL B 1030 50.19 -22.12 6.19
N ASN B 1031 50.36 -20.88 6.68
CA ASN B 1031 49.26 -20.07 7.22
C ASN B 1031 48.31 -19.61 6.09
N LEU B 1032 48.83 -19.43 4.88
CA LEU B 1032 47.97 -19.07 3.74
C LEU B 1032 47.21 -20.32 3.31
N LEU B 1033 47.82 -21.48 3.41
CA LEU B 1033 47.11 -22.74 3.14
C LEU B 1033 45.94 -22.95 4.11
N ILE B 1034 46.14 -22.57 5.39
CA ILE B 1034 45.10 -22.61 6.43
C ILE B 1034 43.94 -21.68 6.07
N ALA B 1035 44.26 -20.46 5.60
CA ALA B 1035 43.29 -19.46 5.14
C ALA B 1035 42.50 -19.91 3.90
N MET B 1036 43.21 -20.53 2.91
CA MET B 1036 42.57 -21.09 1.71
C MET B 1036 41.65 -22.26 2.03
N PHE B 1037 42.06 -23.09 3.00
CA PHE B 1037 41.24 -24.26 3.40
C PHE B 1037 39.94 -23.74 4.02
N ASN B 1038 40.04 -22.81 4.97
CA ASN B 1038 38.86 -22.28 5.67
C ASN B 1038 37.85 -21.68 4.71
N ASP B 1039 38.34 -20.90 3.73
CA ASP B 1039 37.50 -20.28 2.70
C ASP B 1039 36.84 -21.30 1.78
N THR B 1040 37.65 -22.28 1.31
CA THR B 1040 37.22 -23.36 0.43
C THR B 1040 36.19 -24.27 1.09
N TYR B 1041 36.41 -24.59 2.38
CA TYR B 1041 35.55 -25.42 3.24
C TYR B 1041 34.16 -24.80 3.38
N MET B 1042 34.12 -23.48 3.75
CA MET B 1042 32.86 -22.71 3.85
C MET B 1042 32.12 -22.62 2.51
N LYS B 1043 32.87 -22.59 1.39
CA LYS B 1043 32.25 -22.47 0.08
C LYS B 1043 31.60 -23.79 -0.36
N VAL B 1044 32.24 -24.95 -0.11
CA VAL B 1044 31.80 -26.16 -0.82
C VAL B 1044 31.25 -27.23 0.13
N GLN B 1045 30.98 -26.88 1.41
CA GLN B 1045 30.38 -27.81 2.39
C GLN B 1045 28.96 -28.30 2.06
N GLU B 1046 28.07 -27.39 1.61
CA GLU B 1046 26.68 -27.76 1.26
C GLU B 1046 26.58 -28.59 -0.02
N ALA B 1047 27.39 -28.23 -1.02
CA ALA B 1047 27.51 -28.99 -2.27
C ALA B 1047 28.07 -30.38 -2.07
N ALA B 1048 29.05 -30.50 -1.15
CA ALA B 1048 29.61 -31.80 -0.76
C ALA B 1048 28.60 -32.70 -0.08
N GLU B 1049 27.75 -32.10 0.78
CA GLU B 1049 26.66 -32.82 1.45
C GLU B 1049 25.62 -33.35 0.46
N ASP B 1050 25.23 -32.51 -0.53
CA ASP B 1050 24.29 -32.88 -1.59
C ASP B 1050 24.84 -33.99 -2.49
N LEU B 1051 26.13 -33.88 -2.86
CA LEU B 1051 26.83 -34.87 -3.68
C LEU B 1051 26.97 -36.21 -2.95
N TRP B 1052 27.16 -36.17 -1.60
CA TRP B 1052 27.19 -37.38 -0.77
C TRP B 1052 25.82 -38.06 -0.76
N ARG B 1053 24.73 -37.25 -0.71
CA ARG B 1053 23.37 -37.78 -0.77
C ARG B 1053 23.04 -38.43 -2.11
N LYS B 1054 23.60 -37.94 -3.22
CA LYS B 1054 23.44 -38.64 -4.50
C LYS B 1054 24.24 -39.95 -4.51
N GLN B 1055 25.49 -39.91 -3.99
CA GLN B 1055 26.36 -41.09 -3.85
C GLN B 1055 25.86 -42.16 -2.89
N ASN B 1056 25.00 -41.81 -1.93
CA ASN B 1056 24.31 -42.75 -1.05
C ASN B 1056 23.43 -43.72 -1.84
N TYR B 1057 22.71 -43.21 -2.82
CA TYR B 1057 21.86 -44.06 -3.69
C TYR B 1057 22.79 -44.85 -4.60
N GLU B 1058 23.83 -44.22 -5.11
CA GLU B 1058 24.80 -44.89 -6.00
C GLU B 1058 25.44 -46.11 -5.34
N LEU B 1059 25.84 -45.95 -4.07
CA LEU B 1059 26.43 -47.04 -3.30
C LEU B 1059 25.39 -48.13 -3.00
N CYS B 1060 24.13 -47.73 -2.68
CA CYS B 1060 23.02 -48.69 -2.46
C CYS B 1060 22.72 -49.53 -3.71
N ALA B 1061 22.69 -48.87 -4.87
CA ALA B 1061 22.50 -49.51 -6.16
C ALA B 1061 23.67 -50.42 -6.52
N GLU B 1062 24.90 -49.98 -6.20
CA GLU B 1062 26.12 -50.75 -6.45
C GLU B 1062 26.16 -52.04 -5.61
N TYR B 1063 25.80 -51.96 -4.33
CA TYR B 1063 25.86 -53.17 -3.53
C TYR B 1063 24.59 -54.00 -3.60
N LYS B 1064 23.52 -53.50 -4.23
CA LYS B 1064 22.39 -54.34 -4.61
C LYS B 1064 22.72 -55.39 -5.67
N ASP B 1065 23.47 -55.03 -6.73
CA ASP B 1065 23.69 -55.97 -7.86
C ASP B 1065 24.94 -56.84 -7.65
N ARG B 1066 25.73 -56.57 -6.60
CA ARG B 1066 27.04 -57.25 -6.38
C ARG B 1066 26.92 -58.73 -6.07
N PRO B 1067 27.94 -59.55 -6.39
CA PRO B 1067 27.92 -60.98 -6.11
C PRO B 1067 27.81 -61.21 -4.61
N PHE B 1068 27.08 -62.23 -4.19
CA PHE B 1068 26.81 -62.44 -2.75
C PHE B 1068 28.04 -62.81 -1.93
N LEU B 1069 28.93 -63.65 -2.45
CA LEU B 1069 30.06 -64.14 -1.62
C LEU B 1069 31.21 -63.13 -1.57
N PRO B 1070 32.01 -63.03 -0.47
CA PRO B 1070 33.18 -62.13 -0.41
C PRO B 1070 34.33 -62.49 -1.36
N ALA B 1071 35.34 -61.64 -1.44
CA ALA B 1071 36.43 -61.78 -2.43
C ALA B 1071 37.16 -63.11 -2.49
N PRO B 1072 37.80 -63.69 -1.45
CA PRO B 1072 38.53 -64.95 -1.71
C PRO B 1072 37.58 -65.99 -2.28
N PHE B 1073 36.29 -65.96 -1.91
CA PHE B 1073 35.32 -67.03 -2.30
C PHE B 1073 34.46 -66.65 -3.50
N ILE B 1074 34.68 -65.47 -4.07
CA ILE B 1074 33.83 -64.99 -5.20
C ILE B 1074 33.96 -65.91 -6.41
N LEU B 1075 35.03 -66.68 -6.53
CA LEU B 1075 35.26 -67.62 -7.62
C LEU B 1075 34.13 -68.64 -7.72
N LEU B 1076 33.58 -69.07 -6.56
CA LEU B 1076 32.42 -69.95 -6.46
C LEU B 1076 31.17 -69.28 -7.04
N ALA B 1077 31.02 -67.98 -6.73
CA ALA B 1077 29.94 -67.14 -7.27
C ALA B 1077 30.07 -66.98 -8.78
N HIS B 1078 31.31 -66.84 -9.28
CA HIS B 1078 31.63 -66.71 -10.70
C HIS B 1078 31.24 -67.98 -11.47
N VAL B 1079 31.61 -69.14 -10.91
CA VAL B 1079 31.30 -70.44 -11.50
C VAL B 1079 29.79 -70.72 -11.44
N HIS B 1080 29.12 -70.23 -10.38
CA HIS B 1080 27.66 -70.30 -10.24
C HIS B 1080 26.92 -69.45 -11.29
N MET B 1081 27.40 -68.20 -11.52
CA MET B 1081 26.82 -67.32 -12.56
C MET B 1081 27.05 -67.86 -13.97
N LEU B 1082 28.24 -68.43 -14.22
CA LEU B 1082 28.56 -69.08 -15.49
C LEU B 1082 27.69 -70.30 -15.73
N PHE B 1083 27.43 -71.09 -14.66
CA PHE B 1083 26.53 -72.24 -14.71
C PHE B 1083 25.08 -71.84 -14.99
N MET B 1084 24.60 -70.76 -14.35
CA MET B 1084 23.25 -70.22 -14.61
C MET B 1084 23.11 -69.67 -16.03
N ARG B 1085 24.15 -68.96 -16.52
CA ARG B 1085 24.17 -68.43 -17.88
C ARG B 1085 24.18 -69.54 -18.93
N LEU B 1086 24.98 -70.60 -18.70
CA LEU B 1086 25.00 -71.77 -19.59
C LEU B 1086 23.69 -72.53 -19.56
N LEU B 1087 23.10 -72.71 -18.36
CA LEU B 1087 21.80 -73.38 -18.22
C LEU B 1087 20.64 -72.57 -18.78
N ARG B 1088 20.75 -71.24 -18.79
CA ARG B 1088 19.70 -70.36 -19.31
C ARG B 1088 19.79 -70.13 -20.81
N LEU B 1089 21.01 -69.96 -21.34
CA LEU B 1089 21.17 -69.67 -22.76
C LEU B 1089 21.06 -70.94 -23.61
N CYS B 1090 21.82 -71.97 -23.25
CA CYS B 1090 21.84 -73.21 -24.01
C CYS B 1090 20.79 -74.22 -23.54
N GLY B 1091 20.83 -74.56 -22.24
CA GLY B 1091 19.89 -75.52 -21.67
C GLY B 1091 18.43 -75.10 -21.63
N VAL B 1092 18.16 -73.82 -21.29
CA VAL B 1092 16.85 -73.14 -21.14
C VAL B 1092 15.94 -73.86 -20.16
N HIS B 1093 16.52 -74.37 -19.07
CA HIS B 1093 15.80 -75.14 -18.05
C HIS B 1093 15.25 -74.30 -16.90
N THR B 1094 15.39 -72.97 -16.95
CA THR B 1094 14.85 -72.13 -15.87
C THR B 1094 14.50 -70.75 -16.42
N GLN B 1095 13.91 -69.93 -15.55
CA GLN B 1095 13.50 -68.59 -15.91
C GLN B 1095 13.62 -67.69 -14.67
N GLU B 1096 13.04 -66.51 -14.75
CA GLU B 1096 13.04 -65.52 -13.69
C GLU B 1096 11.65 -65.34 -13.10
N HIS B 1097 11.59 -65.20 -11.78
CA HIS B 1097 10.32 -65.03 -11.07
C HIS B 1097 10.38 -63.74 -10.25
N GLU B 1098 9.24 -63.05 -10.20
CA GLU B 1098 9.14 -61.79 -9.48
C GLU B 1098 7.74 -61.67 -8.90
N LYS B 1099 7.49 -60.57 -8.19
CA LYS B 1099 6.20 -60.31 -7.56
C LYS B 1099 5.65 -59.00 -8.09
N ILE B 1100 4.35 -59.01 -8.39
CA ILE B 1100 3.65 -57.85 -8.94
C ILE B 1100 2.61 -57.37 -7.93
N GLN B 1101 2.61 -56.05 -7.70
CA GLN B 1101 1.69 -55.39 -6.78
C GLN B 1101 0.25 -55.48 -7.29
N ASP B 1102 -0.69 -55.66 -6.35
CA ASP B 1102 -2.11 -55.73 -6.66
C ASP B 1102 -2.66 -54.38 -7.08
N ASP B 1103 -3.78 -54.42 -7.83
CA ASP B 1103 -4.48 -53.24 -8.32
C ASP B 1103 -5.07 -52.38 -7.20
N GLU B 1104 -5.46 -53.01 -6.08
CA GLU B 1104 -6.02 -52.32 -4.92
C GLU B 1104 -5.02 -51.37 -4.29
N THR B 1105 -3.80 -51.88 -4.04
CA THR B 1105 -2.71 -51.10 -3.48
C THR B 1105 -2.18 -50.07 -4.48
N LYS B 1106 -2.25 -50.38 -5.79
CA LYS B 1106 -1.88 -49.46 -6.88
C LYS B 1106 -2.82 -48.25 -6.97
N ARG B 1107 -4.14 -48.50 -6.91
CA ARG B 1107 -5.13 -47.42 -6.92
C ARG B 1107 -5.11 -46.63 -5.61
N LYS B 1108 -4.75 -47.30 -4.48
CA LYS B 1108 -4.55 -46.66 -3.19
C LYS B 1108 -3.39 -45.66 -3.23
N ILE B 1109 -2.26 -46.04 -3.84
CA ILE B 1109 -1.10 -45.16 -4.04
C ILE B 1109 -1.43 -43.98 -4.97
N THR B 1110 -2.19 -44.28 -6.05
CA THR B 1110 -2.65 -43.31 -7.06
C THR B 1110 -3.56 -42.23 -6.47
N THR B 1111 -4.53 -42.64 -5.63
CA THR B 1111 -5.47 -41.75 -4.94
C THR B 1111 -4.76 -40.81 -3.97
N PHE B 1112 -3.79 -41.35 -3.19
CA PHE B 1112 -2.94 -40.63 -2.25
C PHE B 1112 -2.11 -39.56 -2.94
N GLU B 1113 -1.48 -39.93 -4.06
CA GLU B 1113 -0.61 -39.05 -4.85
C GLU B 1113 -1.40 -37.91 -5.49
N GLU B 1114 -2.59 -38.22 -6.02
CA GLU B 1114 -3.49 -37.23 -6.64
C GLU B 1114 -4.03 -36.23 -5.61
N LEU B 1115 -4.45 -36.73 -4.44
CA LEU B 1115 -4.95 -35.93 -3.32
C LEU B 1115 -3.90 -34.97 -2.77
N ASN B 1116 -2.68 -35.47 -2.58
CA ASN B 1116 -1.58 -34.65 -2.10
C ASN B 1116 -1.07 -33.65 -3.13
N THR B 1117 -1.18 -33.98 -4.43
CA THR B 1117 -0.87 -33.06 -5.53
C THR B 1117 -1.80 -31.86 -5.51
N ASP B 1118 -3.13 -32.11 -5.36
CA ASP B 1118 -4.14 -31.06 -5.23
C ASP B 1118 -3.95 -30.21 -3.98
N LYS B 1119 -3.61 -30.88 -2.86
CA LYS B 1119 -3.35 -30.24 -1.56
C LYS B 1119 -2.14 -29.29 -1.61
N PHE B 1120 -1.05 -29.73 -2.28
CA PHE B 1120 0.16 -28.91 -2.45
C PHE B 1120 -0.12 -27.69 -3.33
N LEU B 1121 -0.92 -27.88 -4.43
CA LEU B 1121 -1.29 -26.77 -5.33
C LEU B 1121 -2.14 -25.70 -4.64
N ARG B 1122 -3.09 -26.12 -3.79
CA ARG B 1122 -3.89 -25.22 -2.97
C ARG B 1122 -3.04 -24.44 -1.95
N ARG B 1123 -2.11 -25.14 -1.26
CA ARG B 1123 -1.20 -24.52 -0.27
C ARG B 1123 -0.23 -23.54 -0.94
N TRP B 1124 0.28 -23.92 -2.13
CA TRP B 1124 1.20 -23.13 -2.95
C TRP B 1124 0.55 -21.85 -3.46
N GLU B 1125 -0.70 -21.95 -3.95
CA GLU B 1125 -1.48 -20.80 -4.40
C GLU B 1125 -1.77 -19.82 -3.26
N ARG B 1126 -2.18 -20.34 -2.07
CA ARG B 1126 -2.46 -19.50 -0.89
C ARG B 1126 -1.19 -18.78 -0.39
N GLU B 1127 -0.03 -19.50 -0.38
CA GLU B 1127 1.27 -18.95 0.02
C GLU B 1127 1.73 -17.86 -0.94
N ARG B 1128 1.51 -18.06 -2.25
CA ARG B 1128 1.90 -17.03 -3.21
C ARG B 1128 0.99 -15.80 -3.11
N GLN B 1129 -0.29 -16.00 -2.73
CA GLN B 1129 -1.18 -14.86 -2.48
C GLN B 1129 -0.90 -14.13 -1.16
N GLU B 1130 -0.16 -14.73 -0.23
CA GLU B 1130 0.14 -14.01 1.03
C GLU B 1130 1.45 -13.23 1.00
N MET B 1131 2.18 -13.23 -0.12
CA MET B 1131 3.40 -12.43 -0.24
C MET B 1131 3.08 -10.93 -0.29
N LEU B 1132 4.06 -10.14 0.16
CA LEU B 1132 3.96 -8.68 0.26
C LEU B 1132 3.80 -7.99 -1.10
N GLU B 1133 4.55 -8.46 -2.11
CA GLU B 1133 4.52 -7.94 -3.49
C GLU B 1133 3.15 -8.13 -4.14
N ALA B 1134 2.57 -9.32 -3.96
CA ALA B 1134 1.26 -9.68 -4.48
C ALA B 1134 0.15 -8.85 -3.84
N ARG B 1135 0.25 -8.61 -2.52
CA ARG B 1135 -0.72 -7.79 -1.79
C ARG B 1135 -0.68 -6.33 -2.20
N VAL B 1136 0.53 -5.78 -2.43
CA VAL B 1136 0.73 -4.41 -2.90
C VAL B 1136 0.17 -4.23 -4.32
N LYS B 1137 0.44 -5.23 -5.19
CA LYS B 1137 -0.09 -5.27 -6.55
C LYS B 1137 -1.62 -5.36 -6.61
N MET B 1138 -2.22 -6.25 -5.77
CA MET B 1138 -3.67 -6.43 -5.70
C MET B 1138 -4.40 -5.20 -5.16
N THR B 1139 -3.85 -4.54 -4.11
CA THR B 1139 -4.41 -3.28 -3.55
C THR B 1139 -4.34 -2.14 -4.59
N ASN B 1140 -3.24 -2.09 -5.37
CA ASN B 1140 -3.02 -1.11 -6.44
C ASN B 1140 -4.08 -1.24 -7.55
N ASP B 1141 -4.33 -2.49 -7.99
CA ASP B 1141 -5.37 -2.80 -8.99
C ASP B 1141 -6.77 -2.45 -8.47
N ASN B 1142 -7.00 -2.68 -7.16
CA ASN B 1142 -8.26 -2.33 -6.50
C ASN B 1142 -8.50 -0.81 -6.50
N VAL B 1143 -7.44 -0.02 -6.27
CA VAL B 1143 -7.52 1.45 -6.29
C VAL B 1143 -7.80 1.96 -7.73
N VAL B 1144 -7.24 1.26 -8.74
CA VAL B 1144 -7.50 1.53 -10.17
C VAL B 1144 -8.98 1.27 -10.53
N GLN B 1145 -9.52 0.13 -10.05
CA GLN B 1145 -10.94 -0.22 -10.20
C GLN B 1145 -11.88 0.76 -9.48
N ALA B 1146 -11.42 1.29 -8.34
CA ALA B 1146 -12.14 2.33 -7.59
C ALA B 1146 -12.27 3.64 -8.39
N MET B 1147 -11.20 4.00 -9.09
CA MET B 1147 -11.29 5.22 -9.95
C MET B 1147 -12.26 4.92 -11.09
N GLY B 1148 -12.16 3.75 -11.72
CA GLY B 1148 -13.10 3.36 -12.79
C GLY B 1148 -14.56 3.54 -12.37
N MET B 1149 -14.86 3.12 -11.14
CA MET B 1149 -16.21 3.25 -10.56
C MET B 1149 -16.57 4.72 -10.34
N MET B 1150 -15.58 5.55 -9.95
CA MET B 1150 -15.76 7.01 -9.85
C MET B 1150 -16.02 7.67 -11.20
N ASP B 1151 -15.34 7.16 -12.26
CA ASP B 1151 -15.56 7.63 -13.64
C ASP B 1151 -17.00 7.39 -14.09
N GLN B 1152 -17.53 6.18 -13.78
CA GLN B 1152 -18.94 5.83 -14.03
C GLN B 1152 -19.89 6.74 -13.25
N LEU B 1153 -19.52 7.03 -11.98
CA LEU B 1153 -20.26 7.93 -11.08
C LEU B 1153 -20.32 9.35 -11.64
N LEU B 1154 -19.19 9.82 -12.20
CA LEU B 1154 -19.09 11.15 -12.81
C LEU B 1154 -19.94 11.27 -14.07
N GLU B 1155 -20.00 10.17 -14.87
CA GLU B 1155 -20.90 10.10 -16.04
C GLU B 1155 -22.36 10.22 -15.64
N HIS B 1156 -22.76 9.51 -14.56
CA HIS B 1156 -24.13 9.63 -14.03
C HIS B 1156 -24.42 11.03 -13.49
N MET B 1157 -23.42 11.64 -12.83
CA MET B 1157 -23.47 13.01 -12.33
C MET B 1157 -23.67 14.07 -13.41
N ILE B 1158 -22.87 13.98 -14.51
CA ILE B 1158 -22.97 14.91 -15.65
C ILE B 1158 -24.33 14.74 -16.35
N SER B 1159 -24.86 13.48 -16.40
CA SER B 1159 -26.20 13.18 -16.92
C SER B 1159 -27.28 13.89 -16.09
N PHE B 1160 -27.13 13.94 -14.77
CA PHE B 1160 -28.13 14.70 -13.98
C PHE B 1160 -27.95 16.18 -14.27
N ARG B 1161 -26.70 16.63 -14.31
CA ARG B 1161 -26.45 18.06 -14.59
C ARG B 1161 -27.19 18.52 -15.84
N PHE B 1162 -27.12 17.68 -16.91
CA PHE B 1162 -27.85 17.91 -18.15
C PHE B 1162 -29.37 17.86 -17.94
N SER B 1163 -29.83 16.86 -17.18
CA SER B 1163 -31.26 16.66 -16.87
C SER B 1163 -31.83 17.82 -16.04
N LEU B 1164 -31.07 18.28 -15.03
CA LEU B 1164 -31.48 19.41 -14.21
C LEU B 1164 -31.48 20.72 -15.00
N ASP B 1165 -30.48 20.88 -15.90
CA ASP B 1165 -30.42 22.05 -16.78
C ASP B 1165 -31.60 22.10 -17.75
N GLN B 1166 -31.97 20.94 -18.33
CA GLN B 1166 -33.12 20.85 -19.22
C GLN B 1166 -34.45 20.85 -18.46
N GLN B 1167 -34.43 20.59 -17.14
CA GLN B 1167 -35.64 20.63 -16.31
C GLN B 1167 -36.13 22.03 -16.00
N ALA B 1168 -35.30 23.05 -16.19
CA ALA B 1168 -35.71 24.43 -15.93
C ALA B 1168 -36.05 25.15 -17.25
N GLU B 1215 -57.89 13.35 -49.31
CA GLU B 1215 -57.20 12.10 -48.99
C GLU B 1215 -57.49 11.03 -50.03
N TRP B 1216 -58.01 11.48 -51.18
CA TRP B 1216 -58.50 10.64 -52.25
C TRP B 1216 -57.35 9.88 -52.94
N TYR B 1217 -57.60 8.61 -53.25
CA TYR B 1217 -56.59 7.73 -53.80
C TYR B 1217 -56.74 7.67 -55.31
N VAL B 1218 -55.62 7.83 -56.02
CA VAL B 1218 -55.55 7.68 -57.46
C VAL B 1218 -54.48 6.63 -57.77
N PRO B 1219 -54.85 5.50 -58.42
CA PRO B 1219 -53.85 4.43 -58.74
C PRO B 1219 -52.82 4.87 -59.78
N PRO B 1220 -51.60 4.26 -59.80
CA PRO B 1220 -50.60 4.58 -60.84
C PRO B 1220 -51.00 4.27 -62.28
N GLU B 1221 -50.39 5.03 -63.20
CA GLU B 1221 -50.72 5.05 -64.64
C GLU B 1221 -50.49 3.71 -65.33
N GLU B 1222 -49.38 3.03 -65.03
CA GLU B 1222 -49.08 1.77 -65.69
C GLU B 1222 -49.72 0.64 -64.88
N TYR B 1223 -50.60 -0.13 -65.55
CA TYR B 1223 -51.25 -1.30 -64.96
C TYR B 1223 -50.24 -2.41 -64.69
N PRO B 1224 -50.25 -3.03 -63.49
CA PRO B 1224 -49.30 -4.13 -63.16
C PRO B 1224 -49.51 -5.37 -64.03
N LYS B 1225 -48.39 -6.02 -64.40
CA LYS B 1225 -48.27 -7.29 -65.15
C LYS B 1225 -48.96 -7.28 -66.54
N SER B 1226 -49.12 -6.12 -67.16
CA SER B 1226 -49.81 -5.94 -68.43
C SER B 1226 -48.87 -5.75 -69.61
N GLY B 1227 -47.55 -5.83 -69.38
CA GLY B 1227 -46.56 -5.58 -70.42
C GLY B 1227 -46.50 -4.14 -70.90
N GLY B 1228 -46.56 -3.19 -69.97
CA GLY B 1228 -46.40 -1.79 -70.27
C GLY B 1228 -47.64 -1.06 -70.73
N VAL B 1229 -48.81 -1.67 -70.60
CA VAL B 1229 -50.07 -1.01 -70.97
C VAL B 1229 -50.40 0.04 -69.90
N LYS B 1230 -50.70 1.26 -70.35
CA LYS B 1230 -50.92 2.38 -69.44
C LYS B 1230 -52.38 2.83 -69.46
N ARG B 1231 -52.89 3.18 -68.28
CA ARG B 1231 -54.23 3.72 -68.10
C ARG B 1231 -54.34 5.17 -68.59
N TYR B 1232 -55.53 5.75 -68.40
CA TYR B 1232 -55.75 7.17 -68.68
C TYR B 1232 -55.59 7.94 -67.38
N LEU B 1233 -54.48 8.69 -67.28
CA LEU B 1233 -54.02 9.41 -66.10
C LEU B 1233 -55.01 10.49 -65.63
N ILE B 1234 -55.32 10.48 -64.33
CA ILE B 1234 -56.20 11.48 -63.74
C ILE B 1234 -55.61 11.99 -62.44
N ASP B 1235 -55.87 13.26 -62.16
CA ASP B 1235 -55.45 13.91 -60.92
C ASP B 1235 -56.26 13.39 -59.74
N ALA B 1236 -55.66 13.47 -58.54
CA ALA B 1236 -56.31 13.05 -57.28
C ALA B 1236 -57.53 13.88 -56.85
N SER B 1237 -57.75 15.07 -57.40
CA SER B 1237 -58.91 15.90 -57.10
C SER B 1237 -60.09 15.63 -58.03
N MET B 1238 -59.95 14.64 -58.92
CA MET B 1238 -60.99 14.24 -59.87
C MET B 1238 -61.45 12.81 -59.65
N VAL B 1239 -60.91 12.12 -58.64
CA VAL B 1239 -61.20 10.66 -58.45
C VAL B 1239 -62.64 10.36 -57.97
N PRO B 1240 -63.31 11.09 -57.03
CA PRO B 1240 -64.62 10.66 -56.50
C PRO B 1240 -65.75 10.53 -57.54
N LEU B 1241 -66.69 9.61 -57.30
CA LEU B 1241 -67.83 9.45 -58.21
C LEU B 1241 -68.91 10.52 -58.05
N SER B 1242 -68.93 11.29 -56.95
CA SER B 1242 -69.88 12.37 -56.76
C SER B 1242 -69.60 13.53 -57.72
N ILE B 1243 -68.32 13.76 -58.02
CA ILE B 1243 -67.88 14.82 -58.92
C ILE B 1243 -68.16 14.37 -60.34
N MET B 1244 -68.56 15.32 -61.21
CA MET B 1244 -69.00 15.02 -62.56
C MET B 1244 -67.87 14.54 -63.47
N CYS B 1245 -66.85 15.41 -63.69
CA CYS B 1245 -65.66 15.26 -64.54
C CYS B 1245 -65.94 14.84 -65.99
N PRO B 1246 -66.50 15.73 -66.86
CA PRO B 1246 -66.88 15.32 -68.23
C PRO B 1246 -65.72 14.94 -69.17
N SER B 1247 -64.49 15.33 -68.88
CA SER B 1247 -63.34 15.04 -69.75
C SER B 1247 -62.73 13.73 -69.27
N TYR B 1248 -63.42 12.62 -69.53
CA TYR B 1248 -63.00 11.31 -69.05
C TYR B 1248 -63.06 10.31 -70.20
N ASP B 1249 -61.89 9.85 -70.65
CA ASP B 1249 -61.79 8.88 -71.75
C ASP B 1249 -60.86 7.73 -71.32
N PRO B 1250 -61.35 6.77 -70.52
CA PRO B 1250 -60.48 5.66 -70.07
C PRO B 1250 -60.16 4.67 -71.19
N VAL B 1251 -59.09 3.92 -70.98
CA VAL B 1251 -58.63 2.92 -71.93
C VAL B 1251 -59.12 1.55 -71.47
N GLU B 1252 -59.61 0.75 -72.41
CA GLU B 1252 -60.11 -0.58 -72.10
C GLU B 1252 -58.98 -1.60 -72.32
N TYR B 1253 -58.54 -2.22 -71.23
CA TYR B 1253 -57.45 -3.19 -71.29
C TYR B 1253 -57.82 -4.36 -70.38
N THR B 1254 -57.66 -5.58 -70.88
CA THR B 1254 -57.84 -6.78 -70.08
C THR B 1254 -56.62 -7.66 -70.19
N HIS B 1255 -56.10 -8.10 -69.03
CA HIS B 1255 -54.92 -8.94 -68.94
C HIS B 1255 -55.14 -10.32 -69.58
N PRO B 1256 -54.08 -10.91 -70.20
CA PRO B 1256 -54.20 -12.28 -70.78
C PRO B 1256 -54.56 -13.41 -69.82
N SER B 1257 -54.09 -13.32 -68.56
CA SER B 1257 -54.40 -14.32 -67.52
C SER B 1257 -55.88 -14.39 -67.18
N VAL B 1258 -56.53 -13.22 -67.05
CA VAL B 1258 -57.97 -13.16 -66.78
C VAL B 1258 -58.78 -13.62 -67.98
N ALA B 1259 -58.36 -13.23 -69.19
CA ALA B 1259 -59.03 -13.61 -70.44
C ALA B 1259 -58.90 -15.08 -70.84
N ALA B 1260 -58.01 -15.87 -70.21
CA ALA B 1260 -57.87 -17.30 -70.45
C ALA B 1260 -58.90 -18.16 -69.74
N GLN B 1261 -59.77 -17.56 -68.90
CA GLN B 1261 -60.87 -18.11 -68.11
C GLN B 1261 -60.52 -19.21 -67.09
N PRO B 1262 -59.75 -18.94 -65.95
CA PRO B 1262 -59.64 -20.00 -64.92
C PRO B 1262 -60.89 -20.20 -64.05
N VAL B 1263 -60.78 -21.07 -63.04
CA VAL B 1263 -61.90 -21.41 -62.16
C VAL B 1263 -62.30 -20.24 -61.23
N TRP B 1264 -61.35 -19.41 -60.82
CA TRP B 1264 -61.67 -18.35 -59.86
C TRP B 1264 -62.00 -17.03 -60.54
N ALA B 1265 -62.10 -17.02 -61.87
CA ALA B 1265 -62.37 -15.82 -62.64
C ALA B 1265 -63.79 -15.82 -63.16
N ASP B 1266 -64.50 -14.69 -63.02
CA ASP B 1266 -65.84 -14.55 -63.56
C ASP B 1266 -65.81 -14.46 -65.11
N PRO B 1267 -66.92 -14.81 -65.80
CA PRO B 1267 -66.99 -14.63 -67.28
C PRO B 1267 -66.88 -13.20 -67.79
N ALA B 1268 -66.29 -13.07 -69.00
CA ALA B 1268 -66.00 -11.81 -69.68
C ALA B 1268 -67.25 -10.97 -70.05
N ASP B 1269 -68.42 -11.60 -70.15
CA ASP B 1269 -69.69 -10.99 -70.45
C ASP B 1269 -70.40 -10.91 -69.10
N PRO B 1270 -70.57 -9.73 -68.50
CA PRO B 1270 -71.17 -9.65 -67.16
C PRO B 1270 -72.68 -9.70 -67.08
N ARG B 1271 -73.40 -10.06 -68.16
CA ARG B 1271 -74.86 -10.13 -68.18
C ARG B 1271 -75.32 -11.31 -67.32
N LYS B 1272 -76.51 -11.16 -66.71
CA LYS B 1272 -77.30 -12.05 -65.81
C LYS B 1272 -76.73 -12.11 -64.39
N ILE B 1273 -75.68 -11.36 -64.08
CA ILE B 1273 -75.04 -11.37 -62.77
C ILE B 1273 -75.67 -10.26 -61.94
N LYS B 1274 -76.05 -10.59 -60.72
CA LYS B 1274 -76.65 -9.65 -59.77
C LYS B 1274 -75.62 -9.13 -58.78
N PHE B 1275 -75.48 -7.81 -58.72
CA PHE B 1275 -74.55 -7.11 -57.86
C PHE B 1275 -75.31 -6.61 -56.64
N ASN B 1276 -74.55 -6.11 -55.65
CA ASN B 1276 -74.91 -5.57 -54.32
C ASN B 1276 -75.49 -6.60 -53.32
N VAL B 1277 -75.56 -7.89 -53.68
CA VAL B 1277 -76.05 -8.98 -52.86
C VAL B 1277 -75.08 -10.14 -53.07
N LYS B 1278 -75.13 -11.12 -52.17
CA LYS B 1278 -74.35 -12.35 -52.26
C LYS B 1278 -74.82 -13.19 -53.44
N ASP B 1279 -73.93 -13.41 -54.41
CA ASP B 1279 -74.30 -14.06 -55.67
C ASP B 1279 -73.73 -15.46 -55.77
N GLU B 1280 -74.52 -16.36 -56.34
CA GLU B 1280 -74.19 -17.77 -56.46
C GLU B 1280 -73.62 -18.10 -57.83
N VAL B 1281 -72.36 -18.51 -57.84
CA VAL B 1281 -71.65 -18.99 -59.03
C VAL B 1281 -71.37 -20.48 -58.78
N ASN B 1282 -71.90 -21.32 -59.70
CA ASN B 1282 -71.88 -22.82 -59.68
C ASN B 1282 -72.46 -23.42 -58.39
N GLY B 1283 -73.49 -22.76 -57.87
CA GLY B 1283 -74.21 -23.08 -56.66
C GLY B 1283 -73.50 -22.66 -55.38
N LYS B 1284 -72.35 -21.99 -55.47
CA LYS B 1284 -71.60 -21.57 -54.30
C LYS B 1284 -71.73 -20.06 -54.15
N VAL B 1285 -71.94 -19.58 -52.93
CA VAL B 1285 -72.16 -18.15 -52.74
C VAL B 1285 -70.81 -17.44 -52.69
N VAL B 1286 -70.71 -16.31 -53.38
CA VAL B 1286 -69.53 -15.46 -53.33
C VAL B 1286 -70.08 -14.13 -52.82
N ASP B 1287 -69.19 -13.36 -52.17
CA ASP B 1287 -69.45 -12.01 -51.66
C ASP B 1287 -69.37 -10.97 -52.77
N ARG B 1288 -70.50 -10.69 -53.42
CA ARG B 1288 -70.57 -9.71 -54.49
C ARG B 1288 -71.15 -8.39 -54.02
N THR B 1289 -71.27 -8.21 -52.70
CA THR B 1289 -71.80 -7.00 -52.10
C THR B 1289 -70.67 -6.16 -51.51
N SER B 1290 -70.67 -4.89 -51.84
CA SER B 1290 -69.66 -3.93 -51.39
C SER B 1290 -70.13 -3.22 -50.13
N CYS B 1291 -69.17 -2.86 -49.29
CA CYS B 1291 -69.36 -2.12 -48.05
C CYS B 1291 -69.58 -0.62 -48.23
N HIS B 1292 -69.48 -0.10 -49.46
CA HIS B 1292 -69.77 1.29 -49.78
C HIS B 1292 -71.24 1.60 -49.54
N PRO B 1293 -71.57 2.72 -48.83
CA PRO B 1293 -72.99 3.08 -48.54
C PRO B 1293 -73.87 3.34 -49.76
N SER B 1294 -73.31 3.88 -50.85
CA SER B 1294 -74.09 4.14 -52.05
C SER B 1294 -74.45 2.84 -52.77
N GLY B 1295 -73.55 1.86 -52.74
CA GLY B 1295 -73.74 0.60 -53.43
C GLY B 1295 -73.07 0.59 -54.78
N ILE B 1296 -73.24 -0.52 -55.48
CA ILE B 1296 -72.65 -0.73 -56.80
C ILE B 1296 -73.72 -0.37 -57.82
N SER B 1297 -73.36 0.47 -58.79
CA SER B 1297 -74.25 0.86 -59.86
C SER B 1297 -73.93 0.09 -61.14
N ILE B 1298 -74.97 -0.30 -61.87
CA ILE B 1298 -74.85 -1.12 -63.06
C ILE B 1298 -74.98 -0.20 -64.26
N ASP B 1299 -73.98 -0.23 -65.15
CA ASP B 1299 -74.03 0.50 -66.41
C ASP B 1299 -75.10 -0.09 -67.34
N SER B 1300 -75.93 0.78 -67.92
CA SER B 1300 -77.03 0.32 -68.75
C SER B 1300 -76.58 -0.15 -70.13
N ASN B 1301 -75.51 0.45 -70.67
CA ASN B 1301 -75.05 0.17 -72.03
C ASN B 1301 -74.44 -1.23 -72.20
N THR B 1302 -73.54 -1.61 -71.30
CA THR B 1302 -72.80 -2.87 -71.44
C THR B 1302 -73.13 -3.90 -70.37
N GLY B 1303 -73.81 -3.52 -69.30
CA GLY B 1303 -74.12 -4.40 -68.19
C GLY B 1303 -73.01 -4.59 -67.18
N ARG B 1304 -71.85 -3.96 -67.37
CA ARG B 1304 -70.74 -4.07 -66.46
C ARG B 1304 -71.01 -3.27 -65.17
N PRO B 1305 -70.56 -3.77 -64.01
CA PRO B 1305 -70.65 -2.99 -62.77
C PRO B 1305 -69.71 -1.79 -62.76
N ILE B 1306 -70.06 -0.77 -61.98
CA ILE B 1306 -69.27 0.43 -61.83
C ILE B 1306 -68.74 0.48 -60.41
N ASN B 1307 -67.43 0.70 -60.27
CA ASN B 1307 -66.70 0.75 -59.00
C ASN B 1307 -67.16 1.92 -58.12
N PRO B 1308 -67.66 1.67 -56.90
CA PRO B 1308 -68.13 2.78 -56.05
C PRO B 1308 -67.02 3.56 -55.37
N TRP B 1309 -65.79 3.06 -55.33
CA TRP B 1309 -64.70 3.72 -54.62
C TRP B 1309 -63.96 4.76 -55.45
N GLY B 1310 -64.42 5.05 -56.67
CA GLY B 1310 -63.89 6.11 -57.49
C GLY B 1310 -63.47 5.63 -58.85
N ARG B 1311 -62.95 6.56 -59.65
CA ARG B 1311 -62.46 6.27 -60.99
C ARG B 1311 -61.01 5.82 -60.92
N THR B 1312 -60.64 4.92 -61.84
CA THR B 1312 -59.26 4.46 -61.93
C THR B 1312 -58.65 4.68 -63.31
N GLY B 1313 -59.37 5.33 -64.23
CA GLY B 1313 -58.85 5.58 -65.57
C GLY B 1313 -58.72 4.37 -66.48
N MET B 1314 -59.52 3.33 -66.23
CA MET B 1314 -59.40 2.05 -66.94
C MET B 1314 -60.70 1.28 -66.78
N THR B 1315 -61.30 0.88 -67.89
CA THR B 1315 -62.46 0.01 -67.89
C THR B 1315 -62.01 -1.43 -68.13
N GLY B 1316 -62.97 -2.36 -68.12
CA GLY B 1316 -62.62 -3.76 -68.24
C GLY B 1316 -62.24 -4.35 -66.90
N ARG B 1317 -61.91 -5.65 -66.92
CA ARG B 1317 -61.62 -6.34 -65.67
C ARG B 1317 -60.16 -6.25 -65.27
N GLY B 1318 -59.27 -6.12 -66.27
CA GLY B 1318 -57.83 -6.06 -66.06
C GLY B 1318 -57.25 -7.35 -65.50
N LEU B 1319 -56.45 -7.22 -64.44
CA LEU B 1319 -55.86 -8.39 -63.79
C LEU B 1319 -56.79 -9.04 -62.77
N LEU B 1320 -57.93 -8.43 -62.47
CA LEU B 1320 -58.84 -8.95 -61.46
C LEU B 1320 -59.83 -9.90 -62.12
N GLY B 1321 -60.09 -11.03 -61.47
CA GLY B 1321 -60.87 -12.08 -62.10
C GLY B 1321 -62.37 -11.94 -61.98
N LYS B 1322 -62.86 -11.19 -60.98
CA LYS B 1322 -64.29 -11.10 -60.74
C LYS B 1322 -64.79 -9.71 -61.03
N TRP B 1323 -65.92 -9.63 -61.76
CA TRP B 1323 -66.63 -8.37 -62.00
C TRP B 1323 -67.18 -7.80 -60.70
N GLY B 1324 -66.96 -6.51 -60.49
CA GLY B 1324 -67.49 -5.88 -59.29
C GLY B 1324 -66.54 -6.12 -58.16
N VAL B 1325 -67.09 -6.60 -57.06
CA VAL B 1325 -66.32 -6.77 -55.84
C VAL B 1325 -65.60 -8.11 -55.94
N ASN B 1326 -64.28 -8.07 -55.92
CA ASN B 1326 -63.47 -9.27 -55.75
C ASN B 1326 -63.21 -9.36 -54.26
N GLN B 1327 -63.83 -10.35 -53.62
CA GLN B 1327 -63.70 -10.49 -52.18
C GLN B 1327 -62.37 -11.15 -51.86
N ALA B 1328 -61.56 -10.44 -51.09
CA ALA B 1328 -60.28 -10.94 -50.62
C ALA B 1328 -60.35 -11.07 -49.11
N ALA B 1329 -59.60 -12.03 -48.58
CA ALA B 1329 -59.46 -12.21 -47.16
C ALA B 1329 -57.99 -12.06 -46.83
N ASP B 1330 -57.70 -11.22 -45.85
CA ASP B 1330 -56.35 -11.02 -45.35
C ASP B 1330 -56.25 -11.55 -43.93
N THR B 1331 -55.13 -12.24 -43.66
CA THR B 1331 -54.91 -12.86 -42.34
C THR B 1331 -53.75 -12.16 -41.63
N VAL B 1332 -54.05 -11.35 -40.61
CA VAL B 1332 -53.06 -10.64 -39.83
C VAL B 1332 -52.86 -11.45 -38.56
N VAL B 1333 -51.81 -12.26 -38.51
CA VAL B 1333 -51.48 -13.04 -37.33
C VAL B 1333 -50.52 -12.20 -36.51
N THR B 1334 -50.93 -11.82 -35.30
CA THR B 1334 -50.20 -10.86 -34.48
C THR B 1334 -49.78 -11.44 -33.14
N ARG B 1335 -48.71 -10.85 -32.63
CA ARG B 1335 -48.21 -11.12 -31.29
C ARG B 1335 -47.55 -9.86 -30.78
N TRP B 1336 -47.45 -9.76 -29.47
CA TRP B 1336 -46.78 -8.62 -28.86
C TRP B 1336 -45.28 -8.78 -29.05
N LYS B 1337 -44.60 -7.70 -29.44
CA LYS B 1337 -43.15 -7.73 -29.60
C LYS B 1337 -42.50 -7.74 -28.23
N ARG B 1338 -41.84 -8.84 -27.88
CA ARG B 1338 -41.26 -9.01 -26.56
C ARG B 1338 -39.75 -9.18 -26.65
N SER B 1339 -39.07 -8.60 -25.66
CA SER B 1339 -37.65 -8.82 -25.41
C SER B 1339 -37.39 -10.20 -24.78
N PRO B 1340 -36.15 -10.76 -24.76
CA PRO B 1340 -35.89 -12.05 -24.12
C PRO B 1340 -36.32 -12.04 -22.64
N ASP B 1341 -35.99 -10.97 -21.92
CA ASP B 1341 -36.37 -10.86 -20.51
C ASP B 1341 -37.87 -11.01 -20.24
N GLY B 1342 -38.74 -10.92 -21.25
CA GLY B 1342 -40.16 -11.09 -21.12
C GLY B 1342 -40.97 -9.81 -21.08
N SER B 1343 -40.32 -8.65 -20.96
CA SER B 1343 -41.05 -7.38 -20.93
C SER B 1343 -41.54 -6.99 -22.32
N ILE B 1344 -42.77 -6.49 -22.38
CA ILE B 1344 -43.40 -6.07 -23.63
C ILE B 1344 -42.77 -4.76 -24.09
N LEU B 1345 -42.41 -4.66 -25.38
CA LEU B 1345 -41.86 -3.43 -25.95
C LEU B 1345 -42.94 -2.36 -26.02
N GLU B 1346 -42.58 -1.12 -25.66
CA GLU B 1346 -43.54 -0.04 -25.56
C GLU B 1346 -43.09 1.17 -26.36
N ARG B 1347 -43.94 1.66 -27.26
CA ARG B 1347 -43.64 2.87 -28.03
C ARG B 1347 -44.83 3.82 -28.02
N ASP B 1348 -44.53 5.12 -27.78
CA ASP B 1348 -45.47 6.27 -27.73
C ASP B 1348 -46.57 6.05 -26.66
N GLY B 1349 -46.23 5.39 -25.55
CA GLY B 1349 -47.17 5.11 -24.47
C GLY B 1349 -48.18 4.01 -24.74
N LYS B 1350 -48.04 3.26 -25.83
CA LYS B 1350 -48.95 2.17 -26.20
C LYS B 1350 -48.12 0.93 -26.48
N LYS B 1351 -48.72 -0.24 -26.28
CA LYS B 1351 -47.99 -1.46 -26.58
C LYS B 1351 -47.93 -1.68 -28.09
N VAL B 1352 -46.80 -2.20 -28.57
CA VAL B 1352 -46.54 -2.32 -30.00
C VAL B 1352 -46.88 -3.73 -30.46
N LEU B 1353 -47.60 -3.83 -31.57
CA LEU B 1353 -47.96 -5.12 -32.12
C LEU B 1353 -46.89 -5.58 -33.10
N GLU B 1354 -47.04 -6.82 -33.56
CA GLU B 1354 -46.12 -7.39 -34.53
C GLU B 1354 -46.89 -8.40 -35.36
N PHE B 1355 -46.78 -8.28 -36.68
CA PHE B 1355 -47.56 -9.11 -37.57
C PHE B 1355 -46.66 -9.80 -38.57
N VAL B 1356 -47.14 -10.93 -39.07
CA VAL B 1356 -46.39 -11.69 -40.08
C VAL B 1356 -46.64 -11.01 -41.41
N ALA B 1357 -45.57 -10.58 -42.07
CA ALA B 1357 -45.62 -9.88 -43.34
C ALA B 1357 -44.78 -10.64 -44.37
N ILE B 1358 -45.31 -10.74 -45.59
CA ILE B 1358 -44.61 -11.45 -46.65
C ILE B 1358 -44.18 -10.46 -47.72
N GLN B 1359 -43.04 -10.76 -48.34
CA GLN B 1359 -42.49 -10.02 -49.47
C GLN B 1359 -42.96 -10.66 -50.76
N ARG B 1360 -43.74 -9.90 -51.55
CA ARG B 1360 -44.38 -10.39 -52.77
C ARG B 1360 -43.36 -10.76 -53.86
N GLN B 1361 -43.70 -11.80 -54.62
CA GLN B 1361 -42.82 -12.31 -55.67
C GLN B 1361 -42.75 -11.37 -56.88
N ASP B 1362 -43.87 -10.72 -57.22
CA ASP B 1362 -43.96 -9.98 -58.48
C ASP B 1362 -43.25 -8.63 -58.46
N ASN B 1363 -43.41 -7.84 -57.39
CA ASN B 1363 -42.88 -6.49 -57.39
C ASN B 1363 -41.89 -6.20 -56.27
N LYS B 1364 -41.55 -7.24 -55.46
CA LYS B 1364 -40.59 -7.25 -54.34
C LYS B 1364 -40.85 -6.17 -53.29
N MET B 1365 -42.14 -5.93 -53.02
CA MET B 1365 -42.60 -5.08 -51.94
C MET B 1365 -43.31 -5.93 -50.89
N TRP B 1366 -43.05 -5.60 -49.62
CA TRP B 1366 -43.67 -6.27 -48.49
C TRP B 1366 -45.16 -5.96 -48.43
N ALA B 1367 -45.94 -6.93 -47.95
CA ALA B 1367 -47.40 -6.87 -47.98
C ALA B 1367 -47.95 -7.82 -46.92
N ILE B 1368 -49.24 -7.65 -46.64
CA ILE B 1368 -49.95 -8.57 -45.76
C ILE B 1368 -50.31 -9.83 -46.54
N PRO B 1369 -50.08 -11.04 -45.97
CA PRO B 1369 -50.53 -12.28 -46.60
C PRO B 1369 -52.04 -12.34 -46.75
N GLY B 1370 -52.50 -12.87 -47.87
CA GLY B 1370 -53.92 -12.94 -48.12
C GLY B 1370 -54.17 -13.31 -49.56
N GLY B 1371 -55.45 -13.50 -49.85
CA GLY B 1371 -55.83 -13.91 -51.19
C GLY B 1371 -57.33 -13.85 -51.30
N PHE B 1372 -57.81 -14.11 -52.53
CA PHE B 1372 -59.23 -14.04 -52.85
C PHE B 1372 -60.01 -15.15 -52.17
N VAL B 1373 -61.23 -14.82 -51.74
CA VAL B 1373 -62.10 -15.79 -51.08
C VAL B 1373 -62.65 -16.77 -52.11
N ASP B 1374 -62.39 -18.05 -51.88
CA ASP B 1374 -62.80 -19.14 -52.76
C ASP B 1374 -64.31 -19.38 -52.67
N ASN B 1375 -64.82 -20.11 -53.66
CA ASN B 1375 -66.24 -20.44 -53.77
C ASN B 1375 -66.65 -21.43 -52.68
N GLY B 1376 -67.78 -21.16 -52.02
CA GLY B 1376 -68.29 -22.07 -51.01
C GLY B 1376 -67.62 -21.99 -49.65
N GLU B 1377 -66.74 -21.03 -49.43
CA GLU B 1377 -66.03 -20.88 -48.17
C GLU B 1377 -66.19 -19.47 -47.60
N ASP B 1378 -65.93 -19.38 -46.30
CA ASP B 1378 -66.09 -18.18 -45.48
C ASP B 1378 -64.70 -17.60 -45.26
N VAL B 1379 -64.63 -16.48 -44.52
CA VAL B 1379 -63.37 -15.79 -44.25
C VAL B 1379 -62.45 -16.60 -43.33
N ALA B 1380 -63.02 -17.41 -42.42
CA ALA B 1380 -62.30 -18.27 -41.48
C ALA B 1380 -61.40 -19.28 -42.18
N LEU B 1381 -61.98 -20.04 -43.14
CA LEU B 1381 -61.27 -21.03 -43.96
C LEU B 1381 -60.27 -20.37 -44.88
N THR B 1382 -60.66 -19.23 -45.51
CA THR B 1382 -59.86 -18.52 -46.51
C THR B 1382 -58.61 -17.96 -45.84
N SER B 1383 -58.82 -17.38 -44.64
CA SER B 1383 -57.80 -16.78 -43.79
C SER B 1383 -56.79 -17.83 -43.37
N GLY B 1384 -57.30 -18.99 -42.86
CA GLY B 1384 -56.45 -20.11 -42.44
C GLY B 1384 -55.65 -20.71 -43.59
N ARG B 1385 -56.31 -20.93 -44.74
CA ARG B 1385 -55.70 -21.51 -45.94
C ARG B 1385 -54.62 -20.60 -46.50
N GLU B 1386 -54.89 -19.28 -46.56
CA GLU B 1386 -53.94 -18.27 -47.03
C GLU B 1386 -52.75 -18.13 -46.09
N PHE B 1387 -53.01 -18.21 -44.77
CA PHE B 1387 -51.97 -18.15 -43.74
C PHE B 1387 -51.05 -19.37 -43.82
N MET B 1388 -51.64 -20.56 -44.01
CA MET B 1388 -50.87 -21.80 -44.18
C MET B 1388 -50.04 -21.77 -45.48
N GLU B 1389 -50.66 -21.27 -46.57
CA GLU B 1389 -50.01 -21.21 -47.88
C GLU B 1389 -48.86 -20.21 -47.93
N GLU B 1390 -49.04 -19.02 -47.35
CA GLU B 1390 -48.05 -17.96 -47.51
C GLU B 1390 -46.98 -17.97 -46.42
N ALA B 1391 -47.40 -17.90 -45.15
CA ALA B 1391 -46.46 -17.79 -44.04
C ALA B 1391 -45.77 -19.12 -43.74
N LEU B 1392 -46.49 -20.23 -43.85
CA LEU B 1392 -45.95 -21.54 -43.50
C LEU B 1392 -45.52 -22.35 -44.72
N GLY B 1393 -46.03 -22.02 -45.91
CA GLY B 1393 -45.76 -22.80 -47.10
C GLY B 1393 -46.41 -24.17 -47.10
N MET B 1394 -45.61 -25.21 -46.88
CA MET B 1394 -46.06 -26.61 -46.91
C MET B 1394 -46.98 -27.04 -45.75
N GLY B 1395 -47.13 -26.24 -44.71
CA GLY B 1395 -47.98 -26.60 -43.59
C GLY B 1395 -47.59 -25.92 -42.30
N SER B 1402 -46.89 -29.37 -36.99
CA SER B 1402 -47.47 -30.70 -36.85
C SER B 1402 -47.49 -31.12 -35.38
N ALA B 1403 -48.34 -32.11 -35.10
CA ALA B 1403 -48.63 -32.74 -33.80
C ALA B 1403 -48.94 -31.51 -32.95
N GLU B 1404 -48.16 -31.30 -31.88
CA GLU B 1404 -48.39 -30.16 -30.95
C GLU B 1404 -48.43 -28.80 -31.68
N SER B 1405 -47.48 -28.53 -32.59
CA SER B 1405 -47.44 -27.26 -33.30
C SER B 1405 -48.74 -27.00 -34.06
N LYS B 1406 -49.33 -28.07 -34.63
CA LYS B 1406 -50.64 -28.02 -35.28
C LYS B 1406 -51.74 -27.66 -34.28
N ASP B 1407 -51.68 -28.23 -33.07
CA ASP B 1407 -52.62 -27.91 -31.99
C ASP B 1407 -52.50 -26.46 -31.53
N SER B 1408 -51.26 -25.94 -31.44
CA SER B 1408 -51.00 -24.53 -31.10
C SER B 1408 -51.55 -23.59 -32.18
N LEU B 1409 -51.33 -23.95 -33.45
CA LEU B 1409 -51.81 -23.18 -34.60
C LEU B 1409 -53.34 -23.20 -34.69
N ALA B 1410 -53.95 -24.36 -34.37
CA ALA B 1410 -55.41 -24.49 -34.33
C ALA B 1410 -56.01 -23.67 -33.19
N ALA B 1411 -55.34 -23.66 -32.02
CA ALA B 1411 -55.74 -22.84 -30.87
C ALA B 1411 -55.64 -21.34 -31.18
N LEU B 1412 -54.61 -20.95 -31.95
CA LEU B 1412 -54.41 -19.53 -32.33
C LEU B 1412 -55.45 -19.16 -33.39
N PHE B 1413 -55.81 -20.12 -34.25
CA PHE B 1413 -56.75 -19.90 -35.35
C PHE B 1413 -58.20 -20.04 -34.94
N SER B 1414 -58.48 -20.43 -33.70
CA SER B 1414 -59.87 -20.61 -33.26
C SER B 1414 -60.54 -19.31 -32.83
N SER B 1415 -59.77 -18.24 -32.64
CA SER B 1415 -60.30 -16.95 -32.18
C SER B 1415 -59.90 -15.85 -33.15
N GLY B 1416 -60.72 -15.62 -34.17
CA GLY B 1416 -60.47 -14.56 -35.14
C GLY B 1416 -61.68 -13.64 -35.18
N THR B 1417 -61.41 -12.35 -35.30
CA THR B 1417 -62.42 -11.30 -35.32
C THR B 1417 -62.33 -10.55 -36.64
N ILE B 1418 -63.47 -10.40 -37.32
CA ILE B 1418 -63.47 -9.59 -38.55
C ILE B 1418 -63.41 -8.13 -38.10
N VAL B 1419 -62.27 -7.48 -38.33
CA VAL B 1419 -62.07 -6.13 -37.83
C VAL B 1419 -62.53 -5.08 -38.84
N ALA B 1420 -62.44 -5.37 -40.13
CA ALA B 1420 -62.80 -4.41 -41.17
C ALA B 1420 -63.18 -5.17 -42.42
N ARG B 1421 -64.01 -4.52 -43.23
CA ARG B 1421 -64.40 -4.95 -44.57
C ARG B 1421 -64.37 -3.68 -45.43
N ILE B 1422 -63.25 -3.43 -46.09
CA ILE B 1422 -62.99 -2.13 -46.71
C ILE B 1422 -62.68 -2.34 -48.18
N TYR B 1423 -62.55 -1.23 -48.90
CA TYR B 1423 -62.15 -1.29 -50.31
C TYR B 1423 -60.63 -1.17 -50.43
N CYS B 1424 -60.04 -2.09 -51.18
CA CYS B 1424 -58.59 -2.13 -51.34
C CYS B 1424 -58.13 -1.10 -52.35
N GLU B 1425 -57.05 -0.39 -52.04
CA GLU B 1425 -56.33 0.46 -53.01
C GLU B 1425 -55.27 -0.29 -53.82
N ASP B 1426 -55.66 -1.39 -54.43
CA ASP B 1426 -54.85 -2.32 -55.19
C ASP B 1426 -54.61 -1.75 -56.58
N PRO B 1427 -53.34 -1.65 -57.06
CA PRO B 1427 -53.08 -1.09 -58.42
C PRO B 1427 -53.68 -1.86 -59.63
N ARG B 1428 -54.12 -3.11 -59.48
CA ARG B 1428 -54.77 -3.85 -60.56
C ARG B 1428 -56.26 -3.55 -60.69
N ASN B 1429 -56.83 -2.75 -59.77
CA ASN B 1429 -58.24 -2.39 -59.76
C ASN B 1429 -58.61 -1.52 -60.95
N THR B 1430 -59.80 -1.77 -61.49
CA THR B 1430 -60.34 -0.95 -62.56
C THR B 1430 -61.73 -0.42 -62.21
N ASP B 1431 -62.39 0.20 -63.18
CA ASP B 1431 -63.75 0.72 -63.01
C ASP B 1431 -64.81 -0.37 -63.03
N ASN B 1432 -64.49 -1.56 -63.55
CA ASN B 1432 -65.43 -2.66 -63.64
C ASN B 1432 -65.04 -3.87 -62.81
N ALA B 1433 -63.92 -3.78 -62.08
CA ALA B 1433 -63.44 -4.84 -61.21
C ALA B 1433 -62.58 -4.19 -60.14
N TRP B 1434 -62.95 -4.35 -58.87
CA TRP B 1434 -62.21 -3.74 -57.77
C TRP B 1434 -62.13 -4.74 -56.62
N VAL B 1435 -61.07 -4.62 -55.84
CA VAL B 1435 -60.83 -5.54 -54.73
C VAL B 1435 -61.42 -4.97 -53.45
N GLU B 1436 -62.19 -5.79 -52.74
CA GLU B 1436 -62.71 -5.45 -51.42
C GLU B 1436 -62.26 -6.53 -50.45
N THR B 1437 -61.71 -6.10 -49.31
CA THR B 1437 -61.04 -6.99 -48.38
C THR B 1437 -61.79 -7.13 -47.06
N THR B 1438 -61.74 -8.35 -46.52
CA THR B 1438 -62.12 -8.67 -45.15
C THR B 1438 -60.86 -9.01 -44.38
N CYS B 1439 -60.64 -8.31 -43.25
CA CYS B 1439 -59.43 -8.51 -42.46
C CYS B 1439 -59.72 -9.31 -41.21
N VAL B 1440 -58.97 -10.41 -41.01
CA VAL B 1440 -59.13 -11.26 -39.82
C VAL B 1440 -57.83 -11.25 -39.03
N ASN B 1441 -57.90 -10.89 -37.75
CA ASN B 1441 -56.72 -10.80 -36.90
C ASN B 1441 -56.68 -12.01 -35.95
N PHE B 1442 -55.58 -12.74 -35.98
CA PHE B 1442 -55.37 -13.85 -35.04
C PHE B 1442 -54.27 -13.41 -34.07
N HIS B 1443 -54.67 -13.04 -32.87
CA HIS B 1443 -53.76 -12.48 -31.89
C HIS B 1443 -53.37 -13.52 -30.84
N ASP B 1444 -52.07 -13.62 -30.57
CA ASP B 1444 -51.54 -14.50 -29.54
C ASP B 1444 -51.13 -13.66 -28.34
N GLU B 1445 -52.01 -13.62 -27.33
CA GLU B 1445 -51.80 -12.83 -26.11
C GLU B 1445 -50.60 -13.32 -25.29
N SER B 1446 -50.51 -14.64 -25.08
CA SER B 1446 -49.37 -15.17 -24.34
C SER B 1446 -48.11 -15.24 -25.19
N GLY B 1447 -48.27 -15.50 -26.49
CA GLY B 1447 -47.13 -15.64 -27.38
C GLY B 1447 -46.53 -17.03 -27.50
N ARG B 1448 -47.10 -18.03 -26.83
CA ARG B 1448 -46.58 -19.39 -26.86
C ARG B 1448 -46.81 -20.06 -28.21
N HIS B 1449 -48.04 -19.97 -28.74
CA HIS B 1449 -48.42 -20.59 -30.01
C HIS B 1449 -47.73 -19.94 -31.20
N ALA B 1450 -47.56 -18.61 -31.16
CA ALA B 1450 -46.91 -17.85 -32.23
C ALA B 1450 -45.42 -18.16 -32.35
N ALA B 1451 -44.76 -18.43 -31.21
CA ALA B 1451 -43.33 -18.74 -31.15
C ALA B 1451 -42.95 -20.09 -31.78
N ARG B 1452 -43.90 -21.00 -31.95
CA ARG B 1452 -43.64 -22.30 -32.55
C ARG B 1452 -43.76 -22.29 -34.08
N LEU B 1453 -44.06 -21.14 -34.68
CA LEU B 1453 -44.19 -21.05 -36.13
C LEU B 1453 -42.83 -20.89 -36.78
N LYS B 1454 -42.56 -21.75 -37.78
CA LYS B 1454 -41.30 -21.66 -38.56
C LYS B 1454 -41.63 -20.90 -39.86
N LEU B 1455 -41.41 -19.60 -39.87
CA LEU B 1455 -41.76 -18.75 -41.00
C LEU B 1455 -40.82 -18.96 -42.18
N GLN B 1456 -41.40 -19.24 -43.35
CA GLN B 1456 -40.68 -19.53 -44.59
C GLN B 1456 -41.61 -19.24 -45.76
N GLY B 1457 -41.24 -18.25 -46.57
CA GLY B 1457 -42.00 -17.83 -47.73
C GLY B 1457 -42.23 -18.87 -48.81
N GLY B 1458 -43.50 -19.01 -49.22
CA GLY B 1458 -43.88 -19.97 -50.23
C GLY B 1458 -44.94 -19.34 -51.13
N ASP B 1459 -45.30 -20.10 -52.19
CA ASP B 1459 -46.27 -19.82 -53.27
C ASP B 1459 -45.90 -18.47 -53.89
N ASP B 1460 -46.76 -17.44 -53.80
CA ASP B 1460 -46.50 -16.15 -54.42
C ASP B 1460 -45.91 -15.15 -53.43
N ALA B 1461 -45.12 -15.63 -52.48
CA ALA B 1461 -44.39 -14.83 -51.51
C ALA B 1461 -42.93 -15.27 -51.49
N GLU B 1462 -42.02 -14.29 -51.42
CA GLU B 1462 -40.60 -14.61 -51.43
C GLU B 1462 -40.08 -14.89 -50.01
N HIS B 1463 -40.32 -13.98 -49.07
CA HIS B 1463 -39.85 -14.14 -47.70
C HIS B 1463 -40.96 -13.74 -46.74
N ALA B 1464 -41.00 -14.38 -45.58
CA ALA B 1464 -42.00 -14.04 -44.58
C ALA B 1464 -41.28 -13.82 -43.26
N ARG B 1465 -41.70 -12.78 -42.53
CA ARG B 1465 -41.04 -12.40 -41.29
C ARG B 1465 -42.03 -11.65 -40.40
N TRP B 1466 -41.74 -11.67 -39.10
CA TRP B 1466 -42.45 -10.86 -38.13
C TRP B 1466 -41.99 -9.40 -38.15
N MET B 1467 -42.92 -8.46 -38.34
CA MET B 1467 -42.57 -7.08 -38.55
C MET B 1467 -43.48 -6.21 -37.68
N MET B 1468 -42.87 -5.26 -37.00
CA MET B 1468 -43.55 -4.41 -36.02
C MET B 1468 -44.44 -3.42 -36.79
N VAL B 1469 -45.60 -3.13 -36.25
CA VAL B 1469 -46.61 -2.30 -36.88
C VAL B 1469 -46.41 -0.84 -36.52
N HIS B 1470 -46.26 0.02 -37.53
CA HIS B 1470 -46.16 1.45 -37.31
C HIS B 1470 -46.70 2.21 -38.50
N GLY B 1471 -46.85 3.53 -38.31
CA GLY B 1471 -47.45 4.39 -39.31
C GLY B 1471 -46.57 4.74 -40.49
N GLY B 1472 -45.26 4.47 -40.40
CA GLY B 1472 -44.34 4.76 -41.47
C GLY B 1472 -44.07 3.59 -42.38
N LEU B 1473 -44.92 2.57 -42.34
CA LEU B 1473 -44.72 1.37 -43.15
C LEU B 1473 -45.02 1.63 -44.61
N ASN B 1474 -44.20 1.09 -45.49
CA ASN B 1474 -44.43 1.22 -46.91
C ASN B 1474 -44.88 -0.18 -47.31
N LEU B 1475 -46.19 -0.38 -47.31
CA LEU B 1475 -46.75 -1.68 -47.59
C LEU B 1475 -47.60 -1.57 -48.85
N PHE B 1476 -47.93 -2.72 -49.43
CA PHE B 1476 -48.73 -2.75 -50.65
C PHE B 1476 -50.19 -2.37 -50.36
N ALA B 1477 -50.77 -1.60 -51.28
CA ALA B 1477 -52.18 -1.14 -51.42
C ALA B 1477 -52.63 -0.37 -50.16
N SER B 1478 -53.82 -0.64 -49.63
CA SER B 1478 -54.34 0.05 -48.45
C SER B 1478 -54.28 -0.84 -47.21
N HIS B 1479 -53.23 -1.64 -47.11
CA HIS B 1479 -53.04 -2.54 -45.97
C HIS B 1479 -52.69 -1.81 -44.68
N ARG B 1480 -52.16 -0.57 -44.78
CA ARG B 1480 -51.89 0.30 -43.63
C ARG B 1480 -53.18 0.69 -42.91
N THR B 1481 -54.25 0.91 -43.69
CA THR B 1481 -55.59 1.16 -43.15
C THR B 1481 -56.12 -0.06 -42.39
N LEU B 1482 -55.88 -1.27 -42.92
CA LEU B 1482 -56.27 -2.53 -42.27
C LEU B 1482 -55.52 -2.76 -40.96
N LEU B 1483 -54.21 -2.50 -40.94
CA LEU B 1483 -53.42 -2.61 -39.68
C LEU B 1483 -53.87 -1.51 -38.73
N GLN B 1484 -54.12 -0.30 -39.24
CA GLN B 1484 -54.64 0.81 -38.44
C GLN B 1484 -55.91 0.39 -37.71
N HIS B 1485 -56.81 -0.32 -38.42
CA HIS B 1485 -58.04 -0.88 -37.83
C HIS B 1485 -57.75 -1.92 -36.76
N VAL B 1486 -56.73 -2.78 -37.00
CA VAL B 1486 -56.28 -3.80 -36.02
C VAL B 1486 -55.73 -3.15 -34.74
N THR B 1487 -54.87 -2.12 -34.92
CA THR B 1487 -54.28 -1.41 -33.79
C THR B 1487 -55.30 -0.53 -33.09
N SER B 1488 -56.29 0.01 -33.83
CA SER B 1488 -57.38 0.77 -33.25
C SER B 1488 -58.24 -0.10 -32.36
N ALA B 1489 -58.53 -1.33 -32.82
CA ALA B 1489 -59.34 -2.29 -32.07
C ALA B 1489 -58.60 -2.81 -30.83
N LEU B 1490 -57.29 -2.98 -30.93
CA LEU B 1490 -56.48 -3.54 -29.85
C LEU B 1490 -55.81 -2.51 -28.94
N ASN B 1491 -56.01 -1.20 -29.22
CA ASN B 1491 -55.41 -0.01 -28.55
C ASN B 1491 -53.88 -0.09 -28.59
N ALA B 1492 -53.37 -0.42 -29.77
CA ALA B 1492 -51.95 -0.57 -30.03
C ALA B 1492 -51.38 0.66 -30.75
N TYR B 1493 -50.04 0.69 -30.82
CA TYR B 1493 -49.30 1.77 -31.46
C TYR B 1493 -49.46 1.79 -32.98
N PHE B 1494 -49.63 3.00 -33.52
CA PHE B 1494 -49.72 3.28 -34.95
C PHE B 1494 -49.45 4.77 -35.18
N MET C 47 24.97 39.37 8.68
CA MET C 47 24.37 39.61 9.99
C MET C 47 24.81 40.94 10.56
N ILE C 48 26.05 41.00 11.05
CA ILE C 48 26.62 42.21 11.62
C ILE C 48 27.50 42.96 10.63
N ARG C 49 27.44 42.61 9.35
CA ARG C 49 28.27 43.26 8.33
C ARG C 49 27.58 44.54 7.90
N GLN C 50 28.30 45.66 8.03
CA GLN C 50 27.78 46.95 7.60
C GLN C 50 27.85 47.07 6.08
N SER C 51 26.90 47.79 5.51
CA SER C 51 26.72 47.87 4.06
C SER C 51 27.44 49.10 3.52
N VAL C 52 28.46 48.87 2.70
CA VAL C 52 29.23 49.95 2.08
C VAL C 52 28.43 50.54 0.92
N ALA C 53 28.30 51.87 0.94
CA ALA C 53 27.57 52.60 -0.11
C ALA C 53 28.28 52.53 -1.45
N ALA C 54 27.48 52.32 -2.51
CA ALA C 54 27.98 52.26 -3.88
C ALA C 54 28.48 53.62 -4.36
N LYS C 55 29.60 53.60 -5.07
CA LYS C 55 30.17 54.82 -5.63
C LYS C 55 30.13 54.87 -7.15
N THR C 56 30.07 53.73 -7.82
CA THR C 56 30.03 53.62 -9.26
C THR C 56 28.95 52.63 -9.68
N LEU C 57 28.39 52.87 -10.88
CA LEU C 57 27.28 52.03 -11.36
C LEU C 57 27.49 51.64 -12.83
N LEU C 58 27.14 50.42 -13.20
CA LEU C 58 27.23 49.92 -14.56
C LEU C 58 25.92 50.19 -15.28
N ILE C 59 25.89 51.23 -16.11
CA ILE C 59 24.67 51.56 -16.88
C ILE C 59 24.76 50.93 -18.28
N GLU C 60 23.75 50.14 -18.66
CA GLU C 60 23.73 49.50 -19.96
C GLU C 60 23.61 50.54 -21.07
N ASN C 61 24.40 50.34 -22.13
CA ASN C 61 24.42 51.24 -23.29
C ASN C 61 23.12 51.11 -24.10
N GLU C 62 22.81 52.18 -24.87
CA GLU C 62 21.64 52.19 -25.78
C GLU C 62 21.73 51.16 -26.91
N ASP C 63 22.94 50.76 -27.31
CA ASP C 63 23.20 49.70 -28.28
C ASP C 63 22.84 48.30 -27.76
N GLY C 64 22.77 48.13 -26.44
CA GLY C 64 22.49 46.86 -25.78
C GLY C 64 23.65 45.90 -25.80
N LYS C 65 24.87 46.40 -26.03
CA LYS C 65 26.09 45.60 -26.08
C LYS C 65 27.06 46.11 -25.01
N GLY C 66 26.93 45.60 -23.79
CA GLY C 66 27.79 45.99 -22.70
C GLY C 66 27.25 47.10 -21.81
N SER C 67 27.93 47.27 -20.68
CA SER C 67 27.63 48.25 -19.65
C SER C 67 28.84 49.10 -19.36
N THR C 68 28.67 50.42 -19.26
CA THR C 68 29.80 51.28 -18.93
C THR C 68 29.68 51.73 -17.47
N ARG C 69 30.82 51.81 -16.81
CA ARG C 69 30.89 52.25 -15.41
C ARG C 69 31.05 53.76 -15.27
N MET C 70 30.10 54.35 -14.53
CA MET C 70 30.12 55.81 -14.28
C MET C 70 29.69 56.10 -12.85
N GLU C 71 30.14 57.21 -12.28
CA GLU C 71 29.81 57.66 -10.93
C GLU C 71 28.31 57.89 -10.76
N VAL C 72 27.82 57.57 -9.55
CA VAL C 72 26.40 57.62 -9.17
C VAL C 72 25.84 59.04 -9.25
N GLN C 73 26.62 60.04 -8.80
CA GLN C 73 26.25 61.45 -8.83
C GLN C 73 26.18 62.01 -10.25
N ASP C 74 26.99 61.46 -11.16
CA ASP C 74 26.94 61.83 -12.56
C ASP C 74 25.68 61.30 -13.23
N PHE C 75 25.35 60.02 -12.98
CA PHE C 75 24.17 59.36 -13.56
C PHE C 75 22.85 59.95 -13.04
N MET C 76 22.76 60.22 -11.72
CA MET C 76 21.45 60.65 -11.14
C MET C 76 21.00 62.05 -11.57
N LYS C 77 21.90 62.89 -12.09
CA LYS C 77 21.58 64.27 -12.46
C LYS C 77 20.37 64.37 -13.40
N ARG C 78 20.13 63.34 -14.24
CA ARG C 78 19.06 63.32 -15.23
C ARG C 78 17.64 63.17 -14.67
N PHE C 79 17.54 62.88 -13.38
CA PHE C 79 16.21 62.80 -12.73
C PHE C 79 15.94 64.14 -12.04
N HIS C 80 14.72 64.65 -12.13
CA HIS C 80 14.38 65.94 -11.56
C HIS C 80 13.27 65.82 -10.53
N MET C 81 13.23 66.85 -9.69
CA MET C 81 12.17 66.91 -8.67
C MET C 81 11.60 68.34 -8.68
N HIS C 82 10.38 68.49 -8.20
CA HIS C 82 9.70 69.77 -8.12
C HIS C 82 9.49 70.17 -6.67
N ALA C 83 9.93 71.38 -6.32
CA ALA C 83 9.74 71.89 -4.97
C ALA C 83 8.30 72.32 -4.74
N SER C 84 7.61 72.75 -5.79
CA SER C 84 6.23 73.22 -5.71
C SER C 84 5.55 72.94 -7.03
N GLU C 85 4.21 73.06 -7.01
CA GLU C 85 3.34 72.83 -8.16
C GLU C 85 3.62 73.80 -9.31
N ASP C 86 3.89 75.07 -8.96
CA ASP C 86 4.17 76.17 -9.88
C ASP C 86 5.39 75.90 -10.76
N ASP C 87 6.42 75.29 -10.17
CA ASP C 87 7.68 74.93 -10.83
C ASP C 87 7.46 73.92 -11.95
N LYS C 88 8.12 74.16 -13.08
CA LYS C 88 8.00 73.30 -14.25
C LYS C 88 9.34 72.67 -14.63
N THR C 89 10.40 73.49 -14.72
CA THR C 89 11.74 72.99 -15.03
C THR C 89 12.27 72.09 -13.91
N GLY C 90 12.06 72.50 -12.66
CA GLY C 90 12.48 71.71 -11.53
C GLY C 90 13.94 71.82 -11.18
N SER C 91 14.32 71.05 -10.17
CA SER C 91 15.67 70.97 -9.64
C SER C 91 16.06 69.49 -9.57
N PRO C 92 17.39 69.16 -9.54
CA PRO C 92 17.83 67.78 -9.44
C PRO C 92 17.26 67.10 -8.19
N SER C 93 17.08 65.79 -8.29
CA SER C 93 16.50 64.99 -7.20
C SER C 93 17.54 64.66 -6.12
N THR C 94 17.20 64.99 -4.88
CA THR C 94 18.09 64.63 -3.75
C THR C 94 17.43 63.51 -2.96
N ALA C 95 16.33 62.95 -3.48
CA ALA C 95 15.62 61.86 -2.82
C ALA C 95 15.80 60.55 -3.58
N TRP C 96 16.90 59.85 -3.30
CA TRP C 96 17.14 58.51 -3.82
C TRP C 96 18.08 57.74 -2.91
N GLY C 97 17.87 56.43 -2.85
CA GLY C 97 18.67 55.56 -1.99
C GLY C 97 18.03 54.21 -1.74
N THR C 98 18.11 53.67 -0.51
CA THR C 98 17.47 52.41 -0.15
C THR C 98 16.69 52.57 1.14
N LEU C 99 15.58 51.86 1.21
CA LEU C 99 14.71 51.93 2.40
C LEU C 99 14.72 50.60 3.13
N ARG C 100 14.83 50.62 4.45
CA ARG C 100 14.77 49.44 5.29
C ARG C 100 13.40 49.43 5.96
N PHE C 101 12.67 48.34 5.74
CA PHE C 101 11.31 48.19 6.30
C PHE C 101 11.36 47.18 7.46
N PRO C 102 10.61 47.36 8.58
CA PRO C 102 10.56 46.38 9.68
C PRO C 102 10.12 44.99 9.20
N THR C 103 10.73 43.95 9.79
CA THR C 103 10.60 42.49 9.55
C THR C 103 11.02 42.03 8.14
N LYS C 104 11.73 42.87 7.37
CA LYS C 104 12.25 42.56 6.05
C LYS C 104 13.77 42.67 6.10
N GLU C 105 14.44 41.60 5.67
CA GLU C 105 15.91 41.54 5.71
C GLU C 105 16.54 42.45 4.66
N ALA C 106 16.02 42.45 3.44
CA ALA C 106 16.62 43.21 2.36
C ALA C 106 16.04 44.62 2.29
N THR C 107 16.83 45.53 1.72
CA THR C 107 16.42 46.91 1.52
C THR C 107 15.94 47.13 0.08
N ALA C 108 15.02 48.07 -0.07
CA ALA C 108 14.43 48.36 -1.38
C ALA C 108 14.89 49.71 -1.91
N PRO C 109 15.54 49.80 -3.09
CA PRO C 109 15.91 51.11 -3.67
C PRO C 109 14.70 51.99 -4.03
N TYR C 110 14.93 53.31 -3.91
CA TYR C 110 13.86 54.29 -4.21
C TYR C 110 14.43 55.47 -4.97
N LEU C 111 13.75 55.93 -6.02
CA LEU C 111 14.15 57.07 -6.84
C LEU C 111 12.92 57.95 -7.02
N ARG C 112 13.05 59.21 -6.64
CA ARG C 112 12.01 60.22 -6.86
C ARG C 112 12.30 60.95 -8.16
N LEU C 113 11.40 60.80 -9.12
CA LEU C 113 11.65 61.41 -10.45
C LEU C 113 10.44 62.20 -10.91
N SER C 114 10.65 63.09 -11.86
CA SER C 114 9.63 64.00 -12.37
C SER C 114 8.72 63.31 -13.39
N VAL C 115 7.58 63.96 -13.66
CA VAL C 115 6.63 63.52 -14.69
C VAL C 115 7.22 63.64 -16.10
N ASN C 116 8.11 64.62 -16.33
CA ASN C 116 8.72 64.85 -17.63
C ASN C 116 9.93 63.97 -17.89
N ASP C 117 10.38 63.21 -16.89
CA ASP C 117 11.53 62.34 -16.98
C ASP C 117 11.29 61.17 -17.93
N ASP C 118 12.36 60.74 -18.57
CA ASP C 118 12.33 59.65 -19.53
C ASP C 118 12.13 58.31 -18.83
N PRO C 119 11.09 57.52 -19.19
CA PRO C 119 10.94 56.16 -18.63
C PRO C 119 12.08 55.18 -18.94
N GLU C 120 12.81 55.39 -20.05
CA GLU C 120 14.02 54.65 -20.38
C GLU C 120 15.11 54.84 -19.33
N ASP C 121 15.22 56.06 -18.78
CA ASP C 121 16.17 56.38 -17.71
C ASP C 121 15.84 55.64 -16.41
N ALA C 122 14.54 55.57 -16.09
CA ALA C 122 14.04 54.83 -14.93
C ALA C 122 14.27 53.33 -15.11
N LEU C 123 14.10 52.85 -16.36
CA LEU C 123 14.40 51.47 -16.75
C LEU C 123 15.88 51.14 -16.58
N LEU C 124 16.75 52.09 -16.95
CA LEU C 124 18.20 52.02 -16.77
C LEU C 124 18.59 51.96 -15.29
N PHE C 125 17.86 52.74 -14.45
CA PHE C 125 18.03 52.73 -13.00
C PHE C 125 17.74 51.36 -12.39
N VAL C 126 16.62 50.72 -12.81
CA VAL C 126 16.20 49.39 -12.33
C VAL C 126 17.23 48.32 -12.75
N LYS C 127 17.69 48.41 -14.03
CA LYS C 127 18.74 47.55 -14.59
C LYS C 127 20.08 47.71 -13.87
N ALA C 128 20.42 48.95 -13.49
CA ALA C 128 21.65 49.25 -12.74
C ALA C 128 21.63 48.66 -11.33
N MET C 129 20.47 48.76 -10.63
CA MET C 129 20.27 48.14 -9.29
C MET C 129 20.39 46.61 -9.33
N LEU C 130 19.72 45.97 -10.32
CA LEU C 130 19.76 44.52 -10.50
C LEU C 130 21.17 44.06 -10.88
N ALA C 131 21.86 44.85 -11.73
CA ALA C 131 23.23 44.56 -12.16
C ALA C 131 24.21 44.64 -10.98
N GLN C 132 24.01 45.62 -10.08
CA GLN C 132 24.83 45.70 -8.87
C GLN C 132 24.59 44.54 -7.91
N LYS C 133 23.31 44.20 -7.67
CA LYS C 133 23.00 43.18 -6.66
C LYS C 133 23.29 41.75 -7.15
N TYR C 134 22.92 41.43 -8.38
CA TYR C 134 23.02 40.05 -8.85
C TYR C 134 24.11 39.82 -9.89
N GLY C 135 24.96 40.79 -10.16
CA GLY C 135 25.96 40.66 -11.18
C GLY C 135 25.43 41.06 -12.55
N GLU C 136 26.37 41.14 -13.51
CA GLU C 136 26.07 41.54 -14.90
C GLU C 136 25.16 40.54 -15.61
N THR C 137 25.39 39.25 -15.39
CA THR C 137 24.60 38.19 -16.03
C THR C 137 23.39 37.77 -15.18
N TYR C 138 22.58 38.78 -14.87
CA TYR C 138 21.34 38.53 -14.10
C TYR C 138 20.26 38.05 -15.06
N ASP C 139 19.28 37.31 -14.56
CA ASP C 139 18.17 36.75 -15.33
C ASP C 139 17.30 37.86 -15.88
N ARG C 140 17.38 38.10 -17.20
CA ARG C 140 16.57 39.09 -17.87
C ARG C 140 15.10 38.67 -17.89
N PRO C 141 14.15 39.60 -17.76
CA PRO C 141 12.73 39.20 -17.78
C PRO C 141 12.21 38.87 -19.16
N SER C 142 11.50 37.76 -19.25
CA SER C 142 10.75 37.41 -20.44
C SER C 142 9.28 37.72 -20.32
N LEU C 143 8.87 38.43 -19.26
CA LEU C 143 7.47 38.74 -19.02
C LEU C 143 7.37 39.95 -18.10
N ILE C 144 6.47 40.88 -18.45
CA ILE C 144 6.15 42.04 -17.64
C ILE C 144 4.71 41.88 -17.17
N LEU C 145 4.51 41.73 -15.86
CA LEU C 145 3.20 41.50 -15.28
C LEU C 145 2.76 42.80 -14.61
N SER C 146 1.81 43.48 -15.23
CA SER C 146 1.25 44.71 -14.69
C SER C 146 0.01 44.40 -13.86
N VAL C 147 0.03 44.74 -12.58
CA VAL C 147 -1.10 44.45 -11.70
C VAL C 147 -1.84 45.76 -11.44
N THR C 148 -3.09 45.82 -11.88
CA THR C 148 -3.95 46.97 -11.68
C THR C 148 -5.22 46.52 -10.98
N GLY C 149 -5.93 47.47 -10.41
CA GLY C 149 -7.18 47.12 -9.76
C GLY C 149 -7.55 48.11 -8.67
N GLY C 150 -8.21 47.55 -7.65
CA GLY C 150 -8.79 48.34 -6.57
C GLY C 150 -7.78 49.03 -5.68
N ALA C 151 -7.96 50.33 -5.47
CA ALA C 151 -7.13 51.05 -4.53
C ALA C 151 -7.52 50.72 -3.09
N ARG C 152 -8.83 50.65 -2.81
CA ARG C 152 -9.32 50.35 -1.47
C ARG C 152 -9.16 48.86 -1.14
N ASN C 153 -9.12 48.58 0.18
CA ASN C 153 -8.95 47.22 0.70
C ASN C 153 -10.16 46.34 0.37
N PHE C 154 -9.86 45.08 0.06
CA PHE C 154 -10.95 44.11 -0.28
C PHE C 154 -10.53 42.70 0.14
N THR C 155 -11.51 41.85 0.48
CA THR C 155 -11.25 40.48 0.90
C THR C 155 -11.70 39.55 -0.21
N LEU C 156 -10.83 38.64 -0.61
CA LEU C 156 -11.12 37.64 -1.61
C LEU C 156 -11.36 36.28 -0.96
N PRO C 157 -12.01 35.34 -1.70
CA PRO C 157 -12.22 33.98 -1.21
C PRO C 157 -10.90 33.20 -1.11
N PRO C 158 -10.67 32.37 -0.07
CA PRO C 158 -9.35 31.68 0.09
C PRO C 158 -8.88 30.77 -1.05
N ARG C 159 -9.81 30.09 -1.73
CA ARG C 159 -9.44 29.18 -2.83
C ARG C 159 -9.03 30.00 -4.04
N LEU C 160 -9.80 31.04 -4.35
CA LEU C 160 -9.50 31.93 -5.48
C LEU C 160 -8.15 32.61 -5.29
N GLU C 161 -7.89 33.09 -4.06
CA GLU C 161 -6.64 33.76 -3.66
C GLU C 161 -5.46 32.80 -3.76
N THR C 162 -5.68 31.54 -3.32
CA THR C 162 -4.70 30.46 -3.38
C THR C 162 -4.34 30.12 -4.83
N ALA C 163 -5.36 30.06 -5.72
CA ALA C 163 -5.17 29.79 -7.15
C ALA C 163 -4.39 30.89 -7.86
N ILE C 164 -4.74 32.17 -7.60
CA ILE C 164 -4.08 33.36 -8.15
C ILE C 164 -2.62 33.45 -7.67
N ALA C 165 -2.41 33.21 -6.35
CA ALA C 165 -1.11 33.23 -5.69
C ALA C 165 -0.17 32.15 -6.24
N LYS C 166 -0.70 30.91 -6.38
CA LYS C 166 0.04 29.75 -6.89
C LYS C 166 0.45 29.95 -8.36
N GLY C 167 -0.51 30.40 -9.20
CA GLY C 167 -0.27 30.65 -10.61
C GLY C 167 0.71 31.79 -10.87
N LEU C 168 0.54 32.90 -10.13
CA LEU C 168 1.39 34.09 -10.25
C LEU C 168 2.82 33.80 -9.78
N ARG C 169 2.98 33.04 -8.67
CA ARG C 169 4.30 32.61 -8.17
C ARG C 169 5.02 31.70 -9.14
N LEU C 170 4.29 30.71 -9.72
CA LEU C 170 4.84 29.78 -10.73
C LEU C 170 5.30 30.51 -11.98
N ALA C 171 4.44 31.42 -12.49
CA ALA C 171 4.72 32.23 -13.69
C ALA C 171 5.91 33.16 -13.48
N ALA C 172 5.94 33.85 -12.31
CA ALA C 172 7.00 34.78 -11.93
C ALA C 172 8.34 34.07 -11.74
N GLN C 173 8.33 32.91 -11.08
CA GLN C 173 9.58 32.20 -10.85
C GLN C 173 10.09 31.50 -12.12
N ARG C 174 9.19 31.09 -13.03
CA ARG C 174 9.65 30.45 -14.25
C ARG C 174 10.12 31.44 -15.31
N THR C 175 9.48 32.62 -15.40
CA THR C 175 9.86 33.54 -16.46
C THR C 175 10.76 34.68 -16.03
N ASN C 176 11.14 34.76 -14.74
CA ASN C 176 11.87 35.88 -14.07
C ASN C 176 11.20 37.24 -14.28
N ALA C 177 9.87 37.26 -14.24
CA ALA C 177 9.01 38.37 -14.63
C ALA C 177 9.15 39.59 -13.74
N TRP C 178 9.00 40.77 -14.35
CA TRP C 178 8.93 42.02 -13.59
C TRP C 178 7.48 42.36 -13.31
N VAL C 179 7.12 42.40 -12.02
CA VAL C 179 5.77 42.72 -11.61
C VAL C 179 5.71 44.20 -11.24
N VAL C 180 4.87 44.95 -11.95
CA VAL C 180 4.74 46.39 -11.75
C VAL C 180 3.37 46.67 -11.15
N THR C 181 3.36 47.22 -9.93
CA THR C 181 2.12 47.62 -9.26
C THR C 181 2.20 49.08 -8.83
N GLY C 182 1.20 49.52 -8.06
CA GLY C 182 1.18 50.87 -7.50
C GLY C 182 2.11 51.08 -6.31
N GLY C 183 2.48 50.01 -5.59
CA GLY C 183 3.44 50.19 -4.51
C GLY C 183 2.90 50.58 -3.15
N THR C 184 1.58 50.74 -3.03
CA THR C 184 0.95 51.20 -1.76
C THR C 184 0.47 50.00 -0.92
N ASN C 185 0.29 50.16 0.39
CA ASN C 185 -0.06 49.06 1.29
C ASN C 185 -1.57 48.89 1.48
N THR C 186 -2.33 48.82 0.39
CA THR C 186 -3.78 48.62 0.43
C THR C 186 -4.12 47.81 -0.82
N GLY C 187 -5.17 46.98 -0.70
CA GLY C 187 -5.81 46.29 -1.83
C GLY C 187 -4.95 45.32 -2.62
N VAL C 188 -5.05 45.44 -3.96
CA VAL C 188 -4.42 44.53 -4.91
C VAL C 188 -2.89 44.64 -4.90
N MET C 189 -2.33 45.85 -4.63
CA MET C 189 -0.90 46.07 -4.48
C MET C 189 -0.32 45.36 -3.25
N LYS C 190 -1.04 45.46 -2.12
CA LYS C 190 -0.73 44.77 -0.88
C LYS C 190 -0.86 43.26 -1.04
N LEU C 191 -1.89 42.84 -1.80
CA LEU C 191 -2.17 41.44 -2.13
C LEU C 191 -1.05 40.81 -2.97
N THR C 192 -0.57 41.57 -3.98
CA THR C 192 0.52 41.17 -4.87
C THR C 192 1.84 41.07 -4.09
N GLY C 193 2.04 42.02 -3.16
CA GLY C 193 3.16 42.00 -2.22
C GLY C 193 3.17 40.76 -1.33
N GLN C 194 1.98 40.38 -0.83
CA GLN C 194 1.78 39.17 -0.02
C GLN C 194 2.09 37.90 -0.83
N ILE C 195 1.69 37.89 -2.12
CA ILE C 195 1.98 36.76 -3.01
C ILE C 195 3.48 36.62 -3.25
N MET C 196 4.17 37.75 -3.52
CA MET C 196 5.60 37.70 -3.80
C MET C 196 6.48 37.56 -2.56
N GLU C 197 5.93 37.80 -1.35
CA GLU C 197 6.65 37.63 -0.10
C GLU C 197 7.06 36.17 0.11
N ALA C 198 6.13 35.23 -0.18
CA ALA C 198 6.40 33.79 -0.08
C ALA C 198 7.42 33.34 -1.14
N LEU C 199 7.43 34.01 -2.31
CA LEU C 199 8.40 33.73 -3.35
C LEU C 199 9.79 34.17 -2.91
N SER C 200 9.86 35.33 -2.25
CA SER C 200 11.12 35.84 -1.69
C SER C 200 11.63 35.05 -0.48
N LYS C 201 10.74 34.29 0.19
CA LYS C 201 11.15 33.46 1.32
C LYS C 201 11.51 32.03 0.95
N THR C 202 10.70 31.40 0.10
CA THR C 202 10.87 29.99 -0.29
C THR C 202 11.94 29.76 -1.35
N GLN C 203 12.45 30.81 -2.00
CA GLN C 203 13.42 30.67 -3.08
C GLN C 203 14.70 31.44 -2.75
N SER C 204 15.83 30.86 -3.15
CA SER C 204 17.15 31.42 -2.94
C SER C 204 17.66 32.00 -4.26
N HIS C 205 18.79 32.74 -4.14
CA HIS C 205 19.52 33.49 -5.18
C HIS C 205 18.55 34.51 -5.76
N PHE C 206 18.20 34.47 -7.05
CA PHE C 206 17.48 35.53 -7.75
C PHE C 206 16.03 35.66 -7.27
N ILE C 207 15.63 36.88 -6.92
CA ILE C 207 14.25 37.19 -6.58
C ILE C 207 13.71 38.18 -7.61
N PRO C 208 12.62 37.85 -8.32
CA PRO C 208 11.98 38.77 -9.32
C PRO C 208 11.50 40.08 -8.70
N PRO C 209 11.85 41.24 -9.28
CA PRO C 209 11.48 42.54 -8.68
C PRO C 209 9.97 42.82 -8.67
N THR C 210 9.52 43.47 -7.61
CA THR C 210 8.15 43.96 -7.48
C THR C 210 8.24 45.48 -7.46
N ILE C 211 8.24 46.08 -8.65
CA ILE C 211 8.43 47.52 -8.80
C ILE C 211 7.14 48.25 -8.45
N GLY C 212 7.22 49.22 -7.55
CA GLY C 212 6.09 50.06 -7.21
C GLY C 212 6.26 51.49 -7.67
N ILE C 213 5.42 51.93 -8.60
CA ILE C 213 5.44 53.29 -9.11
C ILE C 213 4.32 54.06 -8.47
N ALA C 214 4.64 55.04 -7.64
CA ALA C 214 3.62 55.75 -6.87
C ALA C 214 3.78 57.26 -6.99
N THR C 215 2.65 57.94 -6.81
CA THR C 215 2.70 59.42 -6.80
C THR C 215 3.29 59.84 -5.47
N TYR C 216 4.10 60.88 -5.50
CA TYR C 216 4.79 61.32 -4.27
C TYR C 216 3.85 62.15 -3.40
N GLY C 217 2.89 62.83 -4.03
CA GLY C 217 2.02 63.76 -3.30
C GLY C 217 1.08 63.14 -2.26
N VAL C 218 1.06 61.82 -2.17
CA VAL C 218 0.10 61.19 -1.23
C VAL C 218 0.89 60.36 -0.22
N ILE C 219 2.19 60.24 -0.42
CA ILE C 219 3.00 59.28 0.41
C ILE C 219 3.42 59.79 1.79
N ILE C 220 3.13 58.99 2.81
CA ILE C 220 3.50 59.34 4.21
C ILE C 220 5.01 59.39 4.30
N GLY C 221 5.55 60.40 4.95
CA GLY C 221 6.98 60.41 5.15
C GLY C 221 7.85 60.90 4.02
N GLY C 222 7.31 61.65 3.05
CA GLY C 222 8.08 62.18 1.91
C GLY C 222 9.20 63.15 2.26
N ASP C 223 8.96 64.02 3.26
CA ASP C 223 9.95 64.99 3.73
C ASP C 223 11.17 64.31 4.36
N ASP C 224 10.94 63.22 5.10
CA ASP C 224 12.00 62.41 5.72
C ASP C 224 12.88 61.76 4.65
N MET C 225 12.24 61.26 3.59
CA MET C 225 12.91 60.64 2.45
C MET C 225 13.70 61.66 1.64
N THR C 226 13.17 62.88 1.52
CA THR C 226 13.83 63.93 0.75
C THR C 226 15.07 64.48 1.44
N ARG C 227 14.90 64.98 2.67
CA ARG C 227 15.99 65.71 3.35
C ARG C 227 17.16 64.82 3.73
N GLY C 228 18.35 65.14 3.22
CA GLY C 228 19.56 64.37 3.59
C GLY C 228 20.58 64.41 2.47
N GLU C 229 21.75 63.79 2.66
CA GLU C 229 22.73 63.75 1.59
C GLU C 229 22.62 62.41 0.89
N PRO C 230 22.22 62.37 -0.40
CA PRO C 230 22.00 61.09 -1.07
C PRO C 230 23.30 60.38 -1.43
N PRO C 231 23.36 59.01 -1.55
CA PRO C 231 22.29 58.05 -1.22
C PRO C 231 22.04 57.75 0.28
N LYS C 232 20.79 57.54 0.68
CA LYS C 232 20.47 57.19 2.07
C LYS C 232 20.43 55.67 2.14
N ILE C 233 21.47 55.05 2.70
CA ILE C 233 21.57 53.60 2.75
C ILE C 233 20.83 53.09 3.98
N GLY C 234 19.85 52.21 3.74
CA GLY C 234 19.05 51.56 4.79
C GLY C 234 18.22 52.47 5.67
N LEU C 235 17.59 53.49 5.09
CA LEU C 235 16.76 54.45 5.82
C LEU C 235 15.49 53.78 6.34
N GLU C 236 15.21 53.99 7.64
CA GLU C 236 14.04 53.41 8.28
C GLU C 236 12.76 54.11 7.85
N TYR C 237 11.78 53.31 7.42
CA TYR C 237 10.47 53.79 7.03
C TYR C 237 9.47 53.46 8.12
N GLU C 238 8.76 54.47 8.62
CA GLU C 238 7.79 54.29 9.69
C GLU C 238 6.44 54.51 9.03
N MET C 239 5.81 53.39 8.63
CA MET C 239 4.49 53.42 7.99
C MET C 239 3.36 53.84 8.94
N HIS C 240 3.49 53.62 10.25
CA HIS C 240 2.40 53.99 11.13
C HIS C 240 2.49 55.42 11.65
N LYS C 241 3.60 56.14 11.41
CA LYS C 241 3.73 57.52 11.85
C LYS C 241 2.81 58.46 11.07
N LYS C 242 2.16 59.38 11.78
CA LYS C 242 1.17 60.25 11.15
C LYS C 242 1.95 61.42 10.57
N ASP C 243 2.26 61.35 9.27
CA ASP C 243 2.93 62.49 8.60
C ASP C 243 1.86 63.34 7.90
N PRO C 244 1.46 64.54 8.41
CA PRO C 244 0.37 65.31 7.81
C PRO C 244 0.68 65.98 6.47
N PRO C 245 -0.28 66.03 5.52
CA PRO C 245 -1.63 65.51 5.72
C PRO C 245 -1.84 64.25 4.88
N LYS C 246 -0.93 63.27 4.98
CA LYS C 246 -1.02 62.08 4.11
C LYS C 246 -1.43 60.88 4.96
N THR C 247 -2.29 59.99 4.45
CA THR C 247 -2.76 58.84 5.19
C THR C 247 -2.49 57.54 4.42
N THR C 248 -1.69 57.66 3.35
CA THR C 248 -1.39 56.52 2.45
C THR C 248 0.03 55.99 2.67
N PRO C 249 0.25 54.75 3.18
CA PRO C 249 1.61 54.21 3.30
C PRO C 249 2.07 53.34 2.13
N LEU C 250 3.41 53.16 2.04
CA LEU C 250 4.00 52.31 0.97
C LEU C 250 3.98 50.85 1.39
N ASP C 251 3.79 49.93 0.46
CA ASP C 251 3.79 48.50 0.73
C ASP C 251 5.20 48.03 1.07
N ASP C 252 5.35 47.32 2.20
CA ASP C 252 6.67 46.91 2.66
C ASP C 252 7.27 45.73 1.90
N ASN C 253 6.49 45.04 1.07
CA ASN C 253 6.95 43.86 0.34
C ASN C 253 7.41 44.16 -1.08
N HIS C 254 7.41 45.42 -1.51
CA HIS C 254 7.86 45.79 -2.85
C HIS C 254 9.36 46.00 -2.85
N ASN C 255 10.00 45.51 -3.89
CA ASN C 255 11.45 45.48 -3.96
C ASN C 255 12.10 46.75 -4.50
N LEU C 256 11.33 47.62 -5.16
CA LEU C 256 11.87 48.90 -5.67
C LEU C 256 10.75 49.92 -5.64
N PHE C 257 11.09 51.21 -5.63
CA PHE C 257 10.09 52.28 -5.59
C PHE C 257 10.48 53.43 -6.50
N LEU C 258 9.55 53.85 -7.34
CA LEU C 258 9.71 55.05 -8.15
C LEU C 258 8.64 56.05 -7.74
N LEU C 259 9.04 57.13 -7.06
CA LEU C 259 8.11 58.15 -6.60
C LEU C 259 8.08 59.28 -7.63
N VAL C 260 7.02 59.30 -8.42
CA VAL C 260 6.82 60.32 -9.44
C VAL C 260 6.20 61.57 -8.83
N ASP C 261 6.89 62.71 -9.01
CA ASP C 261 6.42 63.95 -8.33
C ASP C 261 6.04 65.04 -9.34
N ASP C 262 4.95 65.75 -9.08
CA ASP C 262 4.53 66.85 -9.92
C ASP C 262 4.30 68.15 -9.14
N GLY C 263 4.63 68.17 -7.85
CA GLY C 263 4.44 69.31 -7.00
C GLY C 263 3.11 69.38 -6.30
N SER C 264 2.17 68.51 -6.64
CA SER C 264 0.87 68.50 -5.99
C SER C 264 0.92 67.68 -4.71
N THR C 265 -0.10 67.86 -3.88
CA THR C 265 -0.24 67.13 -2.62
C THR C 265 -1.66 66.59 -2.53
N ASN C 266 -1.74 65.30 -2.11
CA ASN C 266 -2.96 64.50 -1.88
C ASN C 266 -3.85 64.38 -3.12
N LYS C 267 -3.20 64.39 -4.29
CA LYS C 267 -3.91 64.29 -5.58
C LYS C 267 -3.45 63.00 -6.26
N PHE C 268 -4.18 61.91 -6.10
CA PHE C 268 -3.73 60.58 -6.61
C PHE C 268 -3.84 60.50 -8.13
N GLY C 269 -3.13 59.56 -8.76
CA GLY C 269 -3.29 59.32 -10.21
C GLY C 269 -2.39 60.12 -11.13
N LYS C 270 -1.43 60.86 -10.59
CA LYS C 270 -0.48 61.61 -11.43
C LYS C 270 0.40 60.67 -12.27
N GLU C 271 0.68 59.47 -11.79
CA GLU C 271 1.66 58.57 -12.46
C GLU C 271 1.06 57.56 -13.45
N ILE C 272 -0.24 57.59 -13.71
CA ILE C 272 -0.84 56.50 -14.54
C ILE C 272 -0.18 56.42 -15.92
N LYS C 273 0.08 57.55 -16.58
CA LYS C 273 0.62 57.48 -17.97
C LYS C 273 2.06 56.96 -17.90
N PHE C 274 2.90 57.58 -17.10
CA PHE C 274 4.31 57.23 -16.94
C PHE C 274 4.48 55.74 -16.70
N ARG C 275 3.57 55.14 -15.91
CA ARG C 275 3.55 53.70 -15.60
C ARG C 275 3.35 52.88 -16.86
N ALA C 276 2.37 53.30 -17.71
CA ALA C 276 2.06 52.69 -19.00
C ALA C 276 3.23 52.80 -19.97
N ALA C 277 3.87 53.98 -20.00
CA ALA C 277 5.04 54.26 -20.83
C ALA C 277 6.24 53.40 -20.42
N PHE C 278 6.44 53.24 -19.09
CA PHE C 278 7.52 52.41 -18.54
C PHE C 278 7.34 50.93 -18.88
N GLU C 279 6.08 50.43 -18.77
CA GLU C 279 5.76 49.03 -19.14
C GLU C 279 5.98 48.76 -20.63
N ASN C 280 5.55 49.72 -21.48
CA ASN C 280 5.77 49.63 -22.93
C ASN C 280 7.26 49.68 -23.28
N ALA C 281 8.01 50.56 -22.60
CA ALA C 281 9.46 50.73 -22.79
C ALA C 281 10.23 49.48 -22.39
N ALA C 282 9.84 48.86 -21.26
CA ALA C 282 10.40 47.60 -20.78
C ALA C 282 10.11 46.45 -21.73
N GLY C 283 8.86 46.41 -22.25
CA GLY C 283 8.45 45.41 -23.24
C GLY C 283 9.22 45.49 -24.55
N GLN C 284 9.44 46.71 -25.05
CA GLN C 284 10.26 46.89 -26.26
C GLN C 284 11.73 46.56 -26.01
N ALA C 285 12.27 46.98 -24.84
CA ALA C 285 13.68 46.77 -24.51
C ALA C 285 14.05 45.31 -24.31
N PHE C 286 13.24 44.54 -23.60
CA PHE C 286 13.61 43.14 -23.36
C PHE C 286 12.98 42.16 -24.35
N ALA C 287 12.23 42.67 -25.35
CA ALA C 287 11.45 41.93 -26.37
C ALA C 287 10.48 40.92 -25.75
N ALA C 288 9.85 41.33 -24.66
CA ALA C 288 8.97 40.58 -23.78
C ALA C 288 7.54 41.09 -23.82
N PRO C 289 6.54 40.20 -23.85
CA PRO C 289 5.14 40.64 -23.81
C PRO C 289 4.76 41.26 -22.47
N VAL C 290 3.88 42.24 -22.54
CA VAL C 290 3.33 42.90 -21.35
C VAL C 290 1.94 42.33 -21.13
N VAL C 291 1.69 41.76 -19.96
CA VAL C 291 0.40 41.16 -19.64
C VAL C 291 -0.17 41.90 -18.44
N THR C 292 -1.32 42.53 -18.62
CA THR C 292 -2.00 43.21 -17.54
C THR C 292 -2.92 42.19 -16.86
N ILE C 293 -3.00 42.23 -15.54
CA ILE C 293 -3.88 41.35 -14.77
C ILE C 293 -4.84 42.26 -14.01
N VAL C 294 -6.14 42.00 -14.14
CA VAL C 294 -7.16 42.84 -13.54
C VAL C 294 -7.86 42.01 -12.47
N VAL C 295 -7.68 42.48 -11.23
CA VAL C 295 -8.36 41.84 -10.06
C VAL C 295 -9.18 42.94 -9.42
N GLN C 296 -10.43 42.65 -9.05
CA GLN C 296 -11.34 43.67 -8.47
C GLN C 296 -11.37 44.85 -9.43
N GLY C 297 -11.20 46.06 -8.90
CA GLY C 297 -11.11 47.21 -9.81
C GLY C 297 -12.33 48.11 -9.73
N GLY C 298 -12.10 49.41 -9.58
CA GLY C 298 -13.18 50.35 -9.58
C GLY C 298 -13.46 50.89 -10.98
N PRO C 299 -14.16 52.06 -11.07
CA PRO C 299 -14.44 52.67 -12.39
C PRO C 299 -13.23 53.07 -13.23
N GLY C 300 -12.14 53.52 -12.61
CA GLY C 300 -10.94 53.90 -13.34
C GLY C 300 -10.16 52.72 -13.88
N THR C 301 -10.31 51.53 -13.26
CA THR C 301 -9.69 50.28 -13.69
C THR C 301 -10.25 49.84 -15.05
N LEU C 302 -11.55 50.10 -15.29
CA LEU C 302 -12.22 49.86 -16.57
C LEU C 302 -11.62 50.71 -17.70
N GLY C 303 -11.37 51.99 -17.42
CA GLY C 303 -10.71 52.87 -18.38
C GLY C 303 -9.25 52.50 -18.63
N THR C 304 -8.56 52.05 -17.57
CA THR C 304 -7.18 51.54 -17.62
C THR C 304 -7.09 50.29 -18.50
N ALA C 305 -8.03 49.35 -18.30
CA ALA C 305 -8.17 48.13 -19.09
C ALA C 305 -8.52 48.43 -20.55
N LEU C 306 -9.38 49.45 -20.76
CA LEU C 306 -9.74 49.95 -22.08
C LEU C 306 -8.54 50.51 -22.83
N GLN C 307 -7.70 51.28 -22.12
CA GLN C 307 -6.43 51.83 -22.62
C GLN C 307 -5.46 50.70 -22.98
N ALA C 308 -5.41 49.67 -22.13
CA ALA C 308 -4.57 48.49 -22.31
C ALA C 308 -4.96 47.70 -23.57
N VAL C 309 -6.27 47.49 -23.76
CA VAL C 309 -6.71 46.78 -24.98
C VAL C 309 -6.37 47.64 -26.19
N ARG C 310 -6.68 48.95 -26.11
CA ARG C 310 -6.47 49.82 -27.28
C ARG C 310 -5.01 49.84 -27.73
N GLN C 311 -4.05 49.75 -26.81
CA GLN C 311 -2.64 49.72 -27.16
C GLN C 311 -2.11 48.33 -27.51
N GLY C 312 -2.96 47.31 -27.64
CA GLY C 312 -2.55 45.97 -28.03
C GLY C 312 -2.08 45.09 -26.89
N THR C 313 -2.07 45.58 -25.67
CA THR C 313 -1.62 44.79 -24.53
C THR C 313 -2.73 43.85 -24.08
N PRO C 314 -2.48 42.53 -24.01
CA PRO C 314 -3.50 41.60 -23.50
C PRO C 314 -3.79 41.76 -22.02
N ILE C 315 -5.02 41.45 -21.63
CA ILE C 315 -5.44 41.51 -20.24
C ILE C 315 -5.96 40.15 -19.79
N VAL C 316 -5.73 39.84 -18.52
CA VAL C 316 -6.22 38.63 -17.88
C VAL C 316 -7.12 39.09 -16.75
N VAL C 317 -8.42 38.86 -16.88
CA VAL C 317 -9.41 39.31 -15.92
C VAL C 317 -9.75 38.16 -14.98
N VAL C 318 -9.55 38.38 -13.67
CA VAL C 318 -9.83 37.38 -12.65
C VAL C 318 -11.31 37.45 -12.27
N ASP C 319 -12.10 36.52 -12.80
CA ASP C 319 -13.52 36.41 -12.46
C ASP C 319 -13.71 35.93 -11.02
N GLY C 320 -14.78 36.40 -10.39
CA GLY C 320 -15.06 36.07 -9.01
C GLY C 320 -14.43 36.96 -7.97
N SER C 321 -13.65 37.94 -8.46
CA SER C 321 -12.98 38.93 -7.58
C SER C 321 -13.97 40.06 -7.28
N GLY C 322 -14.49 40.73 -8.31
CA GLY C 322 -15.53 41.72 -8.01
C GLY C 322 -15.51 42.98 -8.86
N LEU C 323 -16.62 43.70 -8.88
CA LEU C 323 -16.72 45.00 -9.60
C LEU C 323 -16.27 44.87 -11.06
N ALA C 324 -15.43 45.79 -11.51
CA ALA C 324 -15.03 45.81 -12.94
C ALA C 324 -14.67 44.42 -13.45
N ALA C 325 -14.18 43.53 -12.58
CA ALA C 325 -13.71 42.26 -13.12
C ALA C 325 -14.86 41.29 -13.40
N ASP C 326 -15.86 41.25 -12.50
CA ASP C 326 -17.08 40.45 -12.68
C ASP C 326 -17.90 40.95 -13.86
N VAL C 327 -17.94 42.29 -14.03
CA VAL C 327 -18.64 42.97 -15.13
C VAL C 327 -18.00 42.62 -16.47
N LEU C 328 -16.65 42.67 -16.52
CA LEU C 328 -15.85 42.32 -17.70
C LEU C 328 -15.96 40.84 -18.05
N ALA C 329 -15.94 39.97 -17.03
CA ALA C 329 -16.10 38.53 -17.20
C ALA C 329 -17.47 38.15 -17.73
N TYR C 330 -18.51 38.81 -17.22
CA TYR C 330 -19.88 38.56 -17.72
C TYR C 330 -19.89 39.00 -19.18
N ALA C 331 -19.48 40.24 -19.41
CA ALA C 331 -19.52 40.81 -20.75
C ALA C 331 -18.80 39.94 -21.78
N TYR C 332 -17.59 39.45 -21.48
CA TYR C 332 -16.92 38.55 -22.43
C TYR C 332 -17.77 37.29 -22.59
N ASN C 333 -18.14 36.66 -21.48
CA ASN C 333 -18.89 35.41 -21.56
C ASN C 333 -20.16 35.61 -22.40
N PHE C 334 -20.62 36.86 -22.42
CA PHE C 334 -21.87 37.17 -23.15
C PHE C 334 -21.50 37.25 -24.61
N MET C 335 -20.34 37.82 -24.88
CA MET C 335 -20.00 38.05 -26.31
C MET C 335 -19.19 36.91 -26.94
N HIS C 336 -18.74 35.90 -26.19
CA HIS C 336 -17.93 34.87 -26.86
C HIS C 336 -18.13 33.42 -26.45
N ASN C 337 -18.51 33.15 -25.20
CA ASN C 337 -18.52 31.80 -24.62
C ASN C 337 -19.65 30.93 -25.18
N PRO C 338 -19.36 29.77 -25.77
CA PRO C 338 -20.43 28.94 -26.36
C PRO C 338 -21.13 27.93 -25.46
N LEU C 339 -20.90 28.03 -24.16
CA LEU C 339 -21.45 27.03 -23.21
C LEU C 339 -22.93 27.25 -22.93
N THR C 340 -23.63 26.18 -22.51
CA THR C 340 -25.08 26.22 -22.33
C THR C 340 -25.51 27.17 -21.21
N ARG C 341 -24.73 27.27 -20.12
CA ARG C 341 -25.08 28.11 -18.98
C ARG C 341 -24.99 29.62 -19.23
N PHE C 342 -24.44 30.00 -20.40
CA PHE C 342 -24.27 31.44 -20.74
C PHE C 342 -25.36 31.86 -21.73
N LYS C 343 -26.16 30.91 -22.18
CA LYS C 343 -27.23 31.20 -23.15
C LYS C 343 -28.35 32.08 -22.57
N SER C 344 -28.48 32.14 -21.25
CA SER C 344 -29.43 33.00 -20.55
C SER C 344 -28.90 34.39 -20.26
N TYR C 345 -27.66 34.68 -20.63
CA TYR C 345 -27.05 36.00 -20.42
C TYR C 345 -27.70 37.05 -21.31
N THR C 346 -28.03 38.20 -20.72
CA THR C 346 -28.71 39.30 -21.39
C THR C 346 -28.03 40.61 -21.00
N ILE C 347 -28.23 41.63 -21.82
CA ILE C 347 -27.65 42.97 -21.48
C ILE C 347 -28.41 43.50 -20.26
N ASP C 348 -29.73 43.32 -20.22
CA ASP C 348 -30.53 43.83 -19.10
C ASP C 348 -30.02 43.38 -17.73
N ASP C 349 -29.67 42.09 -17.61
CA ASP C 349 -29.09 41.55 -16.37
C ASP C 349 -27.69 42.10 -16.10
N LEU C 350 -26.94 42.39 -17.17
CA LEU C 350 -25.60 42.99 -17.00
C LEU C 350 -25.79 44.43 -16.52
N ARG C 351 -26.70 45.14 -17.16
CA ARG C 351 -27.01 46.54 -16.80
C ARG C 351 -27.44 46.62 -15.34
N GLN C 352 -28.26 45.63 -14.93
CA GLN C 352 -28.73 45.48 -13.54
C GLN C 352 -27.56 45.21 -12.60
N LYS C 353 -26.61 44.36 -13.03
CA LYS C 353 -25.39 44.04 -12.29
C LYS C 353 -24.49 45.27 -12.09
N VAL C 354 -24.31 46.07 -13.16
CA VAL C 354 -23.52 47.32 -13.13
C VAL C 354 -24.20 48.35 -12.21
N ALA C 355 -25.54 48.47 -12.29
CA ALA C 355 -26.33 49.39 -11.46
C ALA C 355 -26.31 49.01 -9.98
N GLN C 356 -26.39 47.70 -9.67
CA GLN C 356 -26.36 47.26 -8.29
C GLN C 356 -24.95 47.32 -7.72
N THR C 357 -23.93 47.15 -8.56
CA THR C 357 -22.56 47.14 -8.06
C THR C 357 -21.95 48.54 -7.94
N PHE C 358 -21.82 49.32 -9.02
CA PHE C 358 -21.11 50.64 -8.94
C PHE C 358 -22.02 51.79 -8.49
N ASN C 359 -23.34 51.62 -8.57
CA ASN C 359 -24.40 52.58 -8.22
C ASN C 359 -24.17 53.99 -8.78
N PRO C 360 -24.25 54.23 -10.11
CA PRO C 360 -24.02 55.60 -10.64
C PRO C 360 -25.10 56.60 -10.25
N LYS C 361 -24.69 57.87 -10.19
CA LYS C 361 -25.61 58.94 -9.85
C LYS C 361 -26.56 59.25 -11.00
N SER C 362 -26.04 59.24 -12.23
CA SER C 362 -26.83 59.61 -13.39
C SER C 362 -26.84 58.47 -14.41
N SER C 363 -27.90 58.48 -15.24
CA SER C 363 -28.09 57.48 -16.29
C SER C 363 -27.03 57.56 -17.38
N GLN C 364 -26.56 58.78 -17.71
CA GLN C 364 -25.50 59.00 -18.71
C GLN C 364 -24.17 58.40 -18.29
N GLN C 365 -23.84 58.47 -16.98
CA GLN C 365 -22.65 57.84 -16.41
C GLN C 365 -22.70 56.32 -16.53
N LEU C 366 -23.89 55.75 -16.27
CA LEU C 366 -24.19 54.32 -16.40
C LEU C 366 -24.05 53.87 -17.86
N THR C 367 -24.55 54.70 -18.78
CA THR C 367 -24.47 54.48 -20.23
C THR C 367 -23.02 54.50 -20.72
N ASN C 368 -22.21 55.47 -20.22
CA ASN C 368 -20.79 55.59 -20.56
C ASN C 368 -19.95 54.41 -20.04
N LEU C 369 -20.23 53.98 -18.79
CA LEU C 369 -19.59 52.80 -18.17
C LEU C 369 -19.94 51.52 -18.91
N LEU C 370 -21.23 51.40 -19.30
CA LEU C 370 -21.74 50.28 -20.07
C LEU C 370 -21.11 50.18 -21.45
N ASP C 371 -20.97 51.34 -22.13
CA ASP C 371 -20.36 51.44 -23.45
C ASP C 371 -18.87 51.09 -23.43
N SER C 372 -18.16 51.57 -22.40
CA SER C 372 -16.73 51.27 -22.21
C SER C 372 -16.49 49.79 -21.88
N ALA C 373 -17.35 49.21 -21.02
CA ALA C 373 -17.30 47.80 -20.63
C ALA C 373 -17.55 46.87 -21.80
N LEU C 374 -18.53 47.22 -22.66
CA LEU C 374 -18.80 46.44 -23.86
C LEU C 374 -17.69 46.64 -24.90
N GLU C 375 -17.05 47.81 -24.90
CA GLU C 375 -15.97 48.11 -25.84
C GLU C 375 -14.66 47.36 -25.50
N CYS C 376 -14.42 47.06 -24.20
CA CYS C 376 -13.20 46.32 -23.77
C CYS C 376 -13.10 44.89 -24.32
N VAL C 377 -14.22 44.15 -24.34
CA VAL C 377 -14.17 42.73 -24.67
C VAL C 377 -14.59 42.46 -26.11
N GLN C 378 -14.46 43.47 -26.99
CA GLN C 378 -14.75 43.38 -28.42
C GLN C 378 -13.83 42.40 -29.15
N ASP C 379 -12.54 42.42 -28.84
CA ASP C 379 -11.56 41.56 -29.48
C ASP C 379 -11.32 40.39 -28.54
N PRO C 380 -11.73 39.15 -28.90
CA PRO C 380 -11.55 37.98 -27.99
C PRO C 380 -10.11 37.57 -27.69
N ASN C 381 -9.16 37.93 -28.57
CA ASN C 381 -7.77 37.53 -28.35
C ASN C 381 -7.13 38.33 -27.23
N LEU C 382 -7.48 39.61 -27.11
CA LEU C 382 -6.82 40.46 -26.14
C LEU C 382 -7.37 40.34 -24.73
N VAL C 383 -8.44 39.59 -24.49
CA VAL C 383 -9.01 39.43 -23.15
C VAL C 383 -9.02 37.95 -22.85
N VAL C 384 -8.49 37.55 -21.70
CA VAL C 384 -8.53 36.18 -21.22
C VAL C 384 -9.15 36.21 -19.82
N VAL C 385 -10.25 35.51 -19.65
CA VAL C 385 -10.99 35.49 -18.40
C VAL C 385 -10.67 34.18 -17.69
N TYR C 386 -10.16 34.29 -16.46
CA TYR C 386 -9.86 33.13 -15.64
C TYR C 386 -11.01 32.91 -14.67
N SER C 387 -11.58 31.70 -14.69
CA SER C 387 -12.67 31.35 -13.82
C SER C 387 -12.39 29.98 -13.20
N LEU C 388 -12.68 29.88 -11.90
CA LEU C 388 -12.44 28.68 -11.11
C LEU C 388 -13.31 27.50 -11.53
N GLN C 389 -14.59 27.74 -11.80
CA GLN C 389 -15.54 26.68 -12.17
C GLN C 389 -15.40 26.19 -13.61
N GLU C 390 -14.60 26.84 -14.45
CA GLU C 390 -14.40 26.44 -15.83
C GLU C 390 -12.99 25.93 -16.10
N SER C 391 -11.97 26.72 -15.71
CA SER C 391 -10.60 26.35 -16.00
C SER C 391 -10.04 25.36 -14.97
N GLY C 392 -9.99 25.77 -13.71
CA GLY C 392 -9.40 24.93 -12.68
C GLY C 392 -8.49 25.73 -11.77
N ILE C 393 -8.13 25.12 -10.62
CA ILE C 393 -7.30 25.79 -9.61
C ILE C 393 -5.87 25.98 -10.09
N ASP C 394 -5.33 25.02 -10.85
CA ASP C 394 -3.94 25.05 -11.29
C ASP C 394 -3.83 25.39 -12.77
N GLU C 395 -4.69 26.29 -13.26
CA GLU C 395 -4.73 26.64 -14.67
C GLU C 395 -4.56 28.12 -14.94
N PHE C 396 -4.16 28.91 -13.92
CA PHE C 396 -4.00 30.35 -14.09
C PHE C 396 -2.77 30.71 -14.94
N ASP C 397 -1.64 30.00 -14.75
CA ASP C 397 -0.46 30.15 -15.59
C ASP C 397 -0.71 29.75 -17.05
N ASP C 398 -1.59 28.77 -17.27
CA ASP C 398 -2.06 28.38 -18.60
C ASP C 398 -2.85 29.50 -19.26
N CYS C 399 -3.68 30.21 -18.46
CA CYS C 399 -4.43 31.38 -18.93
C CYS C 399 -3.50 32.53 -19.31
N ILE C 400 -2.42 32.75 -18.50
CA ILE C 400 -1.39 33.77 -18.79
C ILE C 400 -0.66 33.45 -20.09
N LEU C 401 -0.36 32.15 -20.29
CA LEU C 401 0.29 31.63 -21.50
C LEU C 401 -0.63 31.75 -22.72
N LYS C 402 -1.95 31.54 -22.51
CA LYS C 402 -2.97 31.70 -23.54
C LYS C 402 -3.08 33.15 -24.00
N ALA C 403 -3.00 34.10 -23.05
CA ALA C 403 -2.96 35.53 -23.35
C ALA C 403 -1.72 35.91 -24.14
N ILE C 404 -0.57 35.30 -23.79
CA ILE C 404 0.70 35.49 -24.47
C ILE C 404 0.64 34.97 -25.91
N PHE C 405 0.08 33.76 -26.12
CA PHE C 405 -0.07 33.16 -27.45
C PHE C 405 -1.07 33.92 -28.31
N SER C 406 -2.12 34.48 -27.69
CA SER C 406 -3.04 35.31 -28.45
C SER C 406 -2.51 36.71 -28.70
N SER C 407 -1.46 37.14 -27.99
CA SER C 407 -0.93 38.49 -28.15
C SER C 407 -0.03 38.68 -29.38
N GLN C 408 1.15 38.09 -29.33
CA GLN C 408 2.13 38.18 -30.42
C GLN C 408 1.91 37.02 -31.37
N GLY C 409 1.60 37.32 -32.63
CA GLY C 409 1.40 36.24 -33.55
C GLY C 409 2.54 35.81 -34.46
N LYS C 410 3.36 34.87 -33.97
CA LYS C 410 4.48 34.30 -34.67
C LYS C 410 4.84 33.02 -33.90
N LEU C 411 5.37 32.03 -34.63
CA LEU C 411 5.70 30.74 -34.02
C LEU C 411 6.87 30.77 -33.04
N GLY C 412 7.93 31.52 -33.34
CA GLY C 412 9.10 31.60 -32.46
C GLY C 412 8.93 32.20 -31.08
N ASN C 413 8.18 33.31 -30.97
CA ASN C 413 7.88 33.94 -29.69
C ASN C 413 6.98 33.08 -28.81
N LYS C 414 5.96 32.45 -29.42
CA LYS C 414 5.03 31.57 -28.72
C LYS C 414 5.66 30.27 -28.23
N LEU C 415 6.60 29.75 -29.02
CA LEU C 415 7.29 28.52 -28.61
C LEU C 415 8.28 28.85 -27.49
N LYS C 416 9.03 29.94 -27.62
CA LYS C 416 9.95 30.34 -26.53
C LYS C 416 9.26 30.57 -25.19
N GLN C 417 8.10 31.27 -25.19
CA GLN C 417 7.29 31.49 -23.98
C GLN C 417 6.70 30.19 -23.43
N ALA C 418 6.22 29.30 -24.34
CA ALA C 418 5.73 27.96 -23.99
C ALA C 418 6.83 27.10 -23.37
N MET C 419 8.07 27.32 -23.80
CA MET C 419 9.17 26.57 -23.17
C MET C 419 9.33 27.12 -21.76
N TYR C 420 9.37 28.44 -21.66
CA TYR C 420 9.54 29.06 -20.32
C TYR C 420 8.49 28.59 -19.31
N PHE C 421 7.25 28.37 -19.72
CA PHE C 421 6.21 28.02 -18.71
C PHE C 421 6.18 26.51 -18.47
N ASP C 422 6.95 25.73 -19.21
CA ASP C 422 7.06 24.26 -19.13
C ASP C 422 5.72 23.57 -19.43
N GLN C 423 5.15 23.92 -20.56
CA GLN C 423 3.89 23.37 -21.06
C GLN C 423 4.20 22.71 -22.38
N LEU C 424 4.59 21.44 -22.33
CA LEU C 424 4.97 20.79 -23.60
C LEU C 424 3.71 20.53 -24.40
N ASP C 425 2.65 20.04 -23.74
CA ASP C 425 1.42 19.71 -24.47
C ASP C 425 0.92 20.87 -25.34
N VAL C 426 1.01 22.10 -24.81
CA VAL C 426 0.62 23.33 -25.49
C VAL C 426 1.49 23.57 -26.72
N ALA C 427 2.81 23.37 -26.56
CA ALA C 427 3.80 23.49 -27.64
C ALA C 427 3.60 22.42 -28.72
N LYS C 428 3.32 21.18 -28.28
CA LYS C 428 3.03 20.05 -29.18
C LYS C 428 1.77 20.29 -30.00
N ARG C 429 0.70 20.77 -29.34
CA ARG C 429 -0.58 21.09 -29.99
C ARG C 429 -0.44 22.24 -30.97
N ALA C 430 0.34 23.28 -30.59
CA ALA C 430 0.63 24.44 -31.44
C ALA C 430 1.43 24.05 -32.68
N LEU C 431 2.43 23.17 -32.50
CA LEU C 431 3.26 22.64 -33.59
C LEU C 431 2.45 21.79 -34.54
N SER C 432 1.57 20.92 -33.99
CA SER C 432 0.67 20.05 -34.77
C SER C 432 -0.34 20.87 -35.57
N GLU C 433 -0.92 21.92 -34.94
CA GLU C 433 -1.86 22.83 -35.58
C GLU C 433 -1.20 23.63 -36.70
N ALA C 434 0.04 24.10 -36.45
CA ALA C 434 0.83 24.81 -37.46
C ALA C 434 1.20 23.90 -38.64
N SER C 435 1.53 22.63 -38.33
CA SER C 435 1.81 21.60 -39.33
C SER C 435 0.60 21.27 -40.19
N LYS C 436 -0.58 21.20 -39.58
CA LYS C 436 -1.79 20.88 -40.34
C LYS C 436 -2.26 22.04 -41.21
N ASN C 437 -2.10 23.28 -40.73
CA ASN C 437 -2.60 24.46 -41.44
C ASN C 437 -1.64 25.03 -42.50
N GLY C 438 -0.63 24.28 -42.93
CA GLY C 438 0.27 24.74 -43.97
C GLY C 438 1.26 25.82 -43.57
N GLN C 439 1.57 25.95 -42.28
CA GLN C 439 2.54 26.93 -41.79
C GLN C 439 3.91 26.33 -41.53
N HIS C 440 4.33 25.37 -42.37
CA HIS C 440 5.59 24.62 -42.21
C HIS C 440 6.84 25.49 -42.37
N ASN C 441 6.76 26.53 -43.22
CA ASN C 441 7.89 27.43 -43.48
C ASN C 441 8.31 28.23 -42.25
N GLU C 442 7.32 28.79 -41.50
CA GLU C 442 7.58 29.55 -40.28
C GLU C 442 8.14 28.66 -39.17
N ILE C 443 7.67 27.39 -39.15
CA ILE C 443 8.10 26.33 -38.23
C ILE C 443 9.57 26.03 -38.44
N ALA C 444 9.95 25.82 -39.71
CA ALA C 444 11.34 25.57 -40.09
C ALA C 444 12.22 26.80 -39.87
N ALA C 445 11.66 28.00 -40.05
CA ALA C 445 12.42 29.23 -39.82
C ALA C 445 12.70 29.48 -38.34
N CYS C 446 11.83 29.04 -37.41
CA CYS C 446 12.03 29.34 -36.00
C CYS C 446 12.50 28.17 -35.15
N ILE C 447 12.51 26.95 -35.73
CA ILE C 447 12.85 25.70 -35.03
C ILE C 447 14.30 25.68 -34.54
N ASN C 448 15.21 26.33 -35.27
CA ASN C 448 16.63 26.33 -34.87
C ASN C 448 16.75 27.16 -33.60
N ASP C 449 16.31 28.40 -33.66
CA ASP C 449 16.44 29.30 -32.51
C ASP C 449 15.74 28.74 -31.28
N ASN C 450 14.61 28.05 -31.51
CA ASN C 450 13.87 27.39 -30.44
C ASN C 450 14.62 26.20 -29.85
N LEU C 451 15.30 25.42 -30.72
CA LEU C 451 16.16 24.30 -30.32
C LEU C 451 17.36 24.78 -29.52
N MET C 452 17.97 25.91 -29.95
CA MET C 452 19.08 26.58 -29.25
C MET C 452 18.68 27.02 -27.85
N ALA C 453 17.48 27.64 -27.75
CA ALA C 453 16.89 28.12 -26.50
C ALA C 453 16.59 26.96 -25.55
N ALA C 454 16.09 25.85 -26.11
CA ALA C 454 15.82 24.62 -25.36
C ALA C 454 17.10 24.03 -24.77
N MET C 455 18.20 24.07 -25.54
CA MET C 455 19.50 23.62 -25.05
C MET C 455 20.04 24.50 -23.93
N MET C 456 19.89 25.84 -24.05
CA MET C 456 20.41 26.79 -23.05
C MET C 456 19.69 26.67 -21.71
N HIS C 457 18.37 26.49 -21.72
CA HIS C 457 17.57 26.54 -20.51
C HIS C 457 17.30 25.18 -19.87
N ASN C 458 17.96 24.10 -20.37
CA ASN C 458 17.94 22.71 -19.87
C ASN C 458 16.51 22.14 -19.87
N LYS C 459 15.96 22.00 -21.08
CA LYS C 459 14.63 21.42 -21.29
C LYS C 459 14.71 20.27 -22.30
N PRO C 460 15.10 19.05 -21.85
CA PRO C 460 15.31 17.89 -22.76
C PRO C 460 14.09 17.41 -23.54
N HIS C 461 12.90 17.50 -22.93
CA HIS C 461 11.64 17.13 -23.56
C HIS C 461 11.34 18.01 -24.76
N PHE C 462 11.59 19.32 -24.61
CA PHE C 462 11.46 20.28 -25.70
C PHE C 462 12.51 20.05 -26.79
N VAL C 463 13.73 19.61 -26.40
CA VAL C 463 14.82 19.24 -27.31
C VAL C 463 14.40 18.07 -28.20
N GLU C 464 13.77 17.05 -27.57
CA GLU C 464 13.19 15.88 -28.25
C GLU C 464 12.06 16.27 -29.21
N LEU C 465 11.24 17.21 -28.78
CA LEU C 465 10.11 17.65 -29.62
C LEU C 465 10.68 18.34 -30.84
N TYR C 466 11.49 19.36 -30.61
CA TYR C 466 11.97 20.15 -31.76
C TYR C 466 12.76 19.28 -32.73
N LEU C 467 13.54 18.32 -32.22
CA LEU C 467 14.28 17.38 -33.07
C LEU C 467 13.36 16.43 -33.85
N GLY C 468 12.18 16.10 -33.28
CA GLY C 468 11.25 15.25 -33.99
C GLY C 468 10.57 15.88 -35.21
N PHE C 469 10.46 17.21 -35.25
CA PHE C 469 9.82 17.89 -36.39
C PHE C 469 10.82 18.36 -37.44
N ASP C 470 11.63 17.40 -37.92
CA ASP C 470 12.59 17.48 -39.05
C ASP C 470 13.61 18.62 -38.95
N ALA C 471 14.08 18.87 -37.74
CA ALA C 471 15.12 19.86 -37.47
C ALA C 471 16.44 19.12 -37.32
N LYS C 472 17.31 19.28 -38.31
CA LYS C 472 18.61 18.62 -38.30
C LYS C 472 19.50 19.22 -37.21
N ILE C 473 20.11 18.33 -36.42
CA ILE C 473 20.92 18.65 -35.25
C ILE C 473 22.22 19.37 -35.66
N TYR C 474 22.73 19.04 -36.85
CA TYR C 474 24.01 19.61 -37.34
C TYR C 474 23.81 20.90 -38.11
N GLU C 475 22.59 21.41 -38.16
CA GLU C 475 22.26 22.64 -38.86
C GLU C 475 22.02 23.80 -37.91
N LEU C 476 22.50 23.69 -36.67
CA LEU C 476 22.42 24.78 -35.70
C LEU C 476 23.27 25.97 -36.13
N LYS C 477 22.82 27.17 -35.78
CA LYS C 477 23.50 28.39 -36.13
C LYS C 477 23.65 29.26 -34.88
N PRO C 478 24.80 29.91 -34.67
CA PRO C 478 24.95 30.80 -33.52
C PRO C 478 24.12 32.07 -33.66
N SER C 479 23.70 32.61 -32.50
CA SER C 479 22.92 33.84 -32.44
C SER C 479 23.71 35.06 -32.94
N GLU C 480 24.97 35.17 -32.54
CA GLU C 480 25.82 36.26 -32.95
C GLU C 480 26.69 35.80 -34.12
N GLU C 481 27.46 36.72 -34.68
CA GLU C 481 28.33 36.41 -35.80
C GLU C 481 29.76 36.37 -35.29
N VAL C 482 30.46 35.29 -35.61
CA VAL C 482 31.84 35.11 -35.16
C VAL C 482 32.74 35.90 -36.10
N ALA C 483 33.73 36.60 -35.54
CA ALA C 483 34.74 37.30 -36.32
C ALA C 483 35.69 36.32 -37.00
N LYS C 484 36.23 36.74 -38.14
CA LYS C 484 37.20 35.95 -38.90
C LYS C 484 38.52 35.81 -38.16
N THR C 485 39.11 34.63 -38.27
CA THR C 485 40.34 34.26 -37.60
C THR C 485 41.39 33.79 -38.60
N ASN C 486 42.65 34.17 -38.34
CA ASN C 486 43.78 33.79 -39.17
C ASN C 486 44.12 32.30 -39.17
N ILE C 487 43.75 31.56 -38.11
CA ILE C 487 44.01 30.12 -38.02
C ILE C 487 43.11 29.37 -38.99
N THR C 488 43.71 28.48 -39.79
CA THR C 488 42.94 27.72 -40.78
C THR C 488 42.12 26.59 -40.15
N ALA C 489 42.56 26.03 -39.01
CA ALA C 489 41.79 24.99 -38.32
C ALA C 489 40.49 25.54 -37.74
N LEU C 490 40.56 26.74 -37.16
CA LEU C 490 39.40 27.41 -36.59
C LEU C 490 38.43 27.89 -37.66
N ASP C 491 38.95 28.32 -38.81
CA ASP C 491 38.11 28.80 -39.90
C ASP C 491 37.38 27.68 -40.61
N GLU C 492 37.90 26.44 -40.53
CA GLU C 492 37.28 25.26 -41.12
C GLU C 492 36.03 24.77 -40.38
N LEU C 493 35.81 25.26 -39.14
CA LEU C 493 34.76 24.81 -38.24
C LEU C 493 33.36 25.16 -38.77
N PRO C 494 32.40 24.22 -38.70
CA PRO C 494 31.02 24.53 -39.12
C PRO C 494 30.25 25.42 -38.16
N SER C 495 28.99 25.71 -38.55
CA SER C 495 28.11 26.62 -37.81
C SER C 495 27.68 26.05 -36.46
N PHE C 496 27.41 24.74 -36.39
CA PHE C 496 26.97 24.09 -35.15
C PHE C 496 28.06 24.03 -34.09
N ALA C 497 29.35 24.00 -34.50
CA ALA C 497 30.49 24.12 -33.59
C ALA C 497 30.51 25.48 -32.89
N LEU C 498 30.20 26.54 -33.66
CA LEU C 498 30.03 27.89 -33.12
C LEU C 498 28.81 27.98 -32.21
N ALA C 499 27.75 27.21 -32.52
CA ALA C 499 26.57 27.15 -31.65
C ALA C 499 26.87 26.50 -30.30
N ILE C 500 27.65 25.40 -30.29
CA ILE C 500 28.12 24.72 -29.05
C ILE C 500 29.05 25.64 -28.25
N GLU C 501 29.89 26.42 -28.98
CA GLU C 501 30.77 27.45 -28.41
C GLU C 501 29.97 28.56 -27.71
N GLU C 502 28.82 28.94 -28.31
CA GLU C 502 27.89 29.90 -27.71
C GLU C 502 27.23 29.37 -26.43
N LEU C 503 27.00 28.05 -26.37
CA LEU C 503 26.35 27.41 -25.19
C LEU C 503 27.37 27.35 -24.07
N TYR C 504 28.61 27.05 -24.39
CA TYR C 504 29.71 27.07 -23.41
C TYR C 504 29.99 28.48 -22.87
N LYS C 505 30.01 29.49 -23.76
CA LYS C 505 30.23 30.89 -23.37
C LYS C 505 29.11 31.41 -22.49
N ARG C 506 27.84 31.15 -22.87
CA ARG C 506 26.67 31.60 -22.12
C ARG C 506 26.58 30.97 -20.75
N GLU C 507 26.86 29.66 -20.65
CA GLU C 507 26.87 29.01 -19.35
C GLU C 507 28.07 29.46 -18.52
N ALA C 508 29.21 29.78 -19.18
CA ALA C 508 30.44 30.12 -18.48
C ALA C 508 30.38 31.51 -17.83
N LYS C 509 29.67 32.47 -18.44
CA LYS C 509 29.57 33.85 -17.93
C LYS C 509 28.76 33.98 -16.62
N LYS C 510 28.00 32.95 -16.23
CA LYS C 510 27.23 32.88 -15.01
C LYS C 510 28.16 32.84 -13.79
N PRO C 511 27.75 33.44 -12.65
CA PRO C 511 28.58 33.43 -11.43
C PRO C 511 28.80 32.03 -10.86
N HIS C 512 30.04 31.83 -10.38
CA HIS C 512 30.58 30.62 -9.75
C HIS C 512 30.44 29.36 -10.61
N SER C 513 30.64 29.53 -11.92
CA SER C 513 30.58 28.43 -12.88
C SER C 513 31.89 27.64 -12.93
N HIS C 514 31.79 26.31 -12.80
CA HIS C 514 32.94 25.40 -12.80
C HIS C 514 33.67 25.28 -14.14
N VAL C 515 32.99 25.64 -15.25
CA VAL C 515 33.54 25.63 -16.60
C VAL C 515 34.69 26.62 -16.76
N GLN C 516 34.52 27.85 -16.22
CA GLN C 516 35.53 28.93 -16.23
C GLN C 516 36.79 28.54 -15.46
N ARG C 517 36.59 27.91 -14.29
CA ARG C 517 37.68 27.37 -13.47
C ARG C 517 38.42 26.23 -14.16
N LEU C 518 37.68 25.33 -14.84
CA LEU C 518 38.26 24.21 -15.58
C LEU C 518 39.14 24.69 -16.75
N VAL C 519 38.63 25.65 -17.53
CA VAL C 519 39.35 26.24 -18.66
C VAL C 519 40.59 27.04 -18.19
N SER C 520 40.44 27.86 -17.11
CA SER C 520 41.56 28.64 -16.56
C SER C 520 42.65 27.78 -15.92
N LEU C 521 42.23 26.72 -15.22
CA LEU C 521 43.19 25.84 -14.50
C LEU C 521 43.84 24.85 -15.47
N SER C 522 43.23 24.65 -16.64
CA SER C 522 43.76 23.70 -17.63
C SER C 522 45.17 24.07 -18.11
N ASN C 523 45.49 25.37 -18.16
CA ASN C 523 46.75 26.00 -18.61
C ASN C 523 47.15 25.61 -20.03
N THR C 524 46.26 25.88 -20.96
CA THR C 524 46.48 25.57 -22.36
C THR C 524 46.15 26.76 -23.26
N ASP C 525 46.60 26.68 -24.52
CA ASP C 525 46.28 27.73 -25.49
C ASP C 525 44.91 27.49 -26.15
N VAL C 526 44.65 28.24 -27.22
CA VAL C 526 43.31 28.19 -27.88
C VAL C 526 43.08 26.84 -28.55
N LEU C 527 44.07 26.26 -29.24
CA LEU C 527 43.78 25.01 -29.98
C LEU C 527 43.90 23.82 -29.04
N GLY C 528 44.08 24.09 -27.74
CA GLY C 528 44.09 23.02 -26.73
C GLY C 528 45.45 22.40 -26.48
N ARG C 529 46.50 22.80 -27.18
CA ARG C 529 47.82 22.13 -27.02
C ARG C 529 48.45 22.55 -25.68
N HIS C 530 49.10 21.60 -24.99
CA HIS C 530 49.64 21.92 -23.66
C HIS C 530 50.93 22.75 -23.77
N TYR C 531 50.77 24.04 -24.11
CA TYR C 531 51.90 24.94 -24.26
C TYR C 531 51.77 26.21 -23.43
N ARG C 532 50.60 26.45 -22.81
CA ARG C 532 50.21 27.59 -21.96
C ARG C 532 50.37 28.96 -22.61
N GLY C 546 46.66 36.59 -30.65
CA GLY C 546 47.30 36.78 -29.37
C GLY C 546 46.41 36.43 -28.18
N ARG C 547 46.53 37.23 -27.12
CA ARG C 547 45.74 37.07 -25.89
C ARG C 547 44.26 37.32 -26.13
N ASP C 548 43.95 38.34 -26.97
CA ASP C 548 42.58 38.74 -27.33
C ASP C 548 41.83 37.62 -28.03
N LEU C 549 42.45 36.93 -28.99
CA LEU C 549 41.74 35.77 -29.60
C LEU C 549 41.62 34.70 -28.53
N ALA C 550 42.70 34.48 -27.79
CA ALA C 550 42.71 33.42 -26.79
C ALA C 550 41.65 33.62 -25.71
N ASN C 551 41.08 34.82 -25.61
CA ASN C 551 40.03 35.10 -24.64
C ASN C 551 38.65 35.21 -25.27
N THR C 552 38.50 35.79 -26.48
CA THR C 552 37.19 35.90 -27.12
C THR C 552 36.64 34.55 -27.59
N ARG C 553 37.51 33.59 -27.94
CA ARG C 553 37.13 32.26 -28.38
C ARG C 553 37.77 31.20 -27.51
N ALA C 554 37.77 31.44 -26.20
CA ALA C 554 38.35 30.54 -25.22
C ALA C 554 37.57 29.25 -24.99
N TYR C 555 36.35 29.13 -25.47
CA TYR C 555 35.51 27.97 -25.25
C TYR C 555 35.16 27.29 -26.57
N ASN C 556 36.13 27.29 -27.47
CA ASN C 556 35.94 26.63 -28.77
C ASN C 556 35.84 25.14 -28.51
N VAL C 557 35.46 24.38 -29.53
CA VAL C 557 35.23 22.94 -29.40
C VAL C 557 36.50 22.09 -29.42
N LEU C 558 37.55 22.53 -30.14
CA LEU C 558 38.81 21.79 -30.24
C LEU C 558 39.55 21.78 -28.91
N ARG C 559 39.61 22.94 -28.23
CA ARG C 559 40.22 23.08 -26.91
C ARG C 559 39.50 22.26 -25.85
N MET C 560 38.15 22.27 -25.88
CA MET C 560 37.30 21.48 -24.98
C MET C 560 37.49 19.98 -25.19
N ASP C 561 37.65 19.57 -26.47
CA ASP C 561 37.97 18.20 -26.87
C ASP C 561 39.30 17.75 -26.28
N GLN C 562 40.31 18.65 -26.35
CA GLN C 562 41.62 18.41 -25.74
C GLN C 562 41.56 18.29 -24.22
N ILE C 563 40.75 19.15 -23.54
CA ILE C 563 40.58 19.14 -22.07
C ILE C 563 39.95 17.82 -21.61
N PHE C 564 38.90 17.37 -22.33
CA PHE C 564 38.24 16.06 -22.07
C PHE C 564 39.17 14.89 -22.35
N ALA C 565 40.03 15.01 -23.39
CA ALA C 565 41.05 14.01 -23.73
C ALA C 565 42.07 13.82 -22.60
N ARG C 566 42.48 14.92 -21.97
CA ARG C 566 43.40 14.84 -20.82
C ARG C 566 42.64 14.23 -19.64
N LEU C 567 41.36 14.57 -19.49
CA LEU C 567 40.55 14.01 -18.39
C LEU C 567 40.43 12.48 -18.49
N VAL C 568 40.35 11.93 -19.71
CA VAL C 568 40.21 10.46 -19.83
C VAL C 568 41.51 9.75 -19.44
N SER C 569 42.60 10.02 -20.17
CA SER C 569 43.90 9.36 -19.94
C SER C 569 45.00 10.21 -20.57
N LYS C 570 46.24 9.70 -20.55
CA LYS C 570 47.34 10.49 -21.09
C LYS C 570 47.53 10.37 -22.60
N ASP C 571 46.88 9.42 -23.28
CA ASP C 571 47.08 9.25 -24.71
C ASP C 571 45.75 9.14 -25.44
N PHE C 572 44.71 9.69 -24.82
CA PHE C 572 43.39 9.75 -25.49
C PHE C 572 43.38 10.97 -26.39
N SER C 573 42.99 10.82 -27.65
CA SER C 573 42.96 11.89 -28.66
C SER C 573 41.77 11.69 -29.61
N VAL C 574 40.67 12.40 -29.33
CA VAL C 574 39.45 12.28 -30.16
C VAL C 574 39.63 12.95 -31.52
N ASN C 575 39.30 12.19 -32.57
CA ASN C 575 39.45 12.58 -33.96
C ASN C 575 38.19 13.19 -34.55
N ARG C 576 38.28 14.43 -34.97
CA ARG C 576 37.17 15.13 -35.58
C ARG C 576 37.40 15.23 -37.09
N ASP C 577 36.30 15.16 -37.84
CA ASP C 577 36.37 15.27 -39.30
C ASP C 577 35.23 16.19 -39.72
N PHE C 578 35.55 17.47 -39.85
CA PHE C 578 34.51 18.46 -40.20
C PHE C 578 34.42 18.65 -41.71
N THR C 579 35.24 17.95 -42.49
CA THR C 579 35.15 18.07 -43.94
C THR C 579 33.88 17.45 -44.52
N ILE C 580 33.22 16.52 -43.82
CA ILE C 580 32.01 15.87 -44.32
C ILE C 580 30.76 16.76 -44.34
N TYR C 581 30.80 17.95 -43.71
CA TYR C 581 29.67 18.86 -43.67
C TYR C 581 29.59 19.79 -44.87
N ASP C 582 30.53 19.68 -45.81
CA ASP C 582 30.47 20.42 -47.05
C ASP C 582 29.38 19.81 -47.95
N SER C 583 28.82 20.65 -48.84
CA SER C 583 27.72 20.24 -49.73
C SER C 583 28.11 19.19 -50.79
N LYS C 584 29.40 19.00 -51.09
CA LYS C 584 29.86 18.04 -52.08
C LYS C 584 29.71 16.57 -51.66
N TYR C 585 29.43 16.31 -50.38
CA TYR C 585 29.40 14.91 -49.89
C TYR C 585 27.96 14.45 -49.68
N ASP C 586 26.97 15.25 -50.04
CA ASP C 586 25.56 14.95 -49.79
C ASP C 586 25.06 13.70 -50.53
N LYS C 587 25.63 13.41 -51.70
CA LYS C 587 25.20 12.25 -52.48
C LYS C 587 25.68 10.91 -51.93
N VAL C 588 26.67 10.89 -51.03
CA VAL C 588 27.20 9.66 -50.42
C VAL C 588 26.16 8.99 -49.53
N PRO C 589 25.93 7.67 -49.67
CA PRO C 589 24.87 6.97 -48.91
C PRO C 589 25.09 6.91 -47.41
N GLY C 590 24.12 7.38 -46.62
CA GLY C 590 24.22 7.32 -45.14
C GLY C 590 24.98 8.48 -44.53
N ILE C 591 25.26 9.53 -45.30
CA ILE C 591 26.02 10.69 -44.82
C ILE C 591 25.29 11.45 -43.69
N GLN C 592 23.94 11.52 -43.75
CA GLN C 592 23.06 12.18 -42.78
C GLN C 592 23.16 11.58 -41.37
N PHE C 593 23.38 10.25 -41.31
CA PHE C 593 23.63 9.51 -40.08
C PHE C 593 24.97 9.91 -39.47
N ARG C 594 26.04 9.94 -40.30
CA ARG C 594 27.40 10.28 -39.86
C ARG C 594 27.48 11.70 -39.30
N ARG C 595 26.96 12.68 -40.07
CA ARG C 595 26.81 14.10 -39.67
C ARG C 595 26.03 14.28 -38.37
N THR C 596 24.95 13.47 -38.21
CA THR C 596 24.11 13.39 -37.01
C THR C 596 24.94 12.89 -35.83
N ALA C 597 25.64 11.76 -36.04
CA ALA C 597 26.38 11.00 -35.02
C ALA C 597 27.48 11.85 -34.39
N GLN C 598 28.36 12.43 -35.25
CA GLN C 598 29.41 13.39 -34.84
C GLN C 598 28.87 14.59 -34.06
N ALA C 599 27.81 15.25 -34.62
CA ALA C 599 27.11 16.39 -34.00
C ALA C 599 26.58 16.05 -32.61
N SER C 600 25.89 14.90 -32.53
CA SER C 600 25.34 14.29 -31.32
C SER C 600 26.43 14.09 -30.27
N HIS C 601 27.58 13.52 -30.71
CA HIS C 601 28.76 13.30 -29.87
C HIS C 601 29.27 14.58 -29.20
N MET C 602 29.42 15.64 -30.01
CA MET C 602 29.91 16.94 -29.53
C MET C 602 28.96 17.57 -28.49
N LEU C 603 27.65 17.53 -28.81
CA LEU C 603 26.60 17.98 -27.88
C LEU C 603 26.53 17.12 -26.62
N PHE C 604 26.70 15.79 -26.78
CA PHE C 604 26.83 14.81 -25.70
C PHE C 604 27.93 15.19 -24.70
N LEU C 605 29.14 15.50 -25.22
CA LEU C 605 30.29 15.93 -24.40
C LEU C 605 30.01 17.22 -23.64
N TRP C 606 29.34 18.18 -24.32
CA TRP C 606 28.92 19.44 -23.69
C TRP C 606 27.96 19.18 -22.53
N ALA C 607 26.98 18.29 -22.75
CA ALA C 607 26.03 17.88 -21.71
C ALA C 607 26.68 17.11 -20.56
N ILE C 608 27.79 16.40 -20.83
CA ILE C 608 28.55 15.73 -19.76
C ILE C 608 29.26 16.77 -18.91
N CYS C 609 29.82 17.83 -19.54
CA CYS C 609 30.55 18.91 -18.87
C CYS C 609 29.67 19.72 -17.93
N LEU C 610 28.41 19.97 -18.28
CA LEU C 610 27.51 20.81 -17.46
C LEU C 610 26.73 19.92 -16.49
N ASP C 611 26.93 18.61 -16.53
CA ASP C 611 26.33 17.57 -15.67
C ASP C 611 24.78 17.58 -15.78
N ARG C 612 24.31 17.70 -17.02
CA ARG C 612 22.88 17.60 -17.30
C ARG C 612 22.63 16.20 -17.85
N PHE C 613 22.24 15.26 -16.95
CA PHE C 613 22.16 13.82 -17.23
C PHE C 613 21.11 13.46 -18.26
N ARG C 614 19.96 14.14 -18.24
CA ARG C 614 18.80 13.81 -19.08
C ARG C 614 19.06 14.11 -20.55
N MET C 615 19.60 15.30 -20.83
CA MET C 615 20.01 15.69 -22.17
C MET C 615 21.20 14.86 -22.66
N ALA C 616 22.14 14.52 -21.76
CA ALA C 616 23.28 13.64 -22.04
C ALA C 616 22.83 12.25 -22.47
N ARG C 617 21.84 11.70 -21.75
CA ARG C 617 21.25 10.40 -22.03
C ARG C 617 20.50 10.43 -23.37
N HIS C 618 19.83 11.57 -23.65
CA HIS C 618 19.11 11.76 -24.91
C HIS C 618 20.06 11.82 -26.13
N PHE C 619 21.16 12.59 -26.02
CA PHE C 619 22.15 12.65 -27.11
C PHE C 619 22.96 11.37 -27.24
N TRP C 620 23.19 10.67 -26.12
CA TRP C 620 23.83 9.36 -26.13
C TRP C 620 22.96 8.33 -26.84
N LEU C 621 21.66 8.45 -26.74
CA LEU C 621 20.79 7.42 -27.36
C LEU C 621 20.59 7.78 -28.83
N ILE C 622 20.56 9.06 -29.16
CA ILE C 622 20.43 9.46 -30.57
C ILE C 622 21.62 8.98 -31.42
N GLY C 623 22.84 9.16 -30.90
CA GLY C 623 24.04 8.78 -31.63
C GLY C 623 24.33 7.29 -31.59
N ASP C 624 25.52 6.95 -32.05
CA ASP C 624 25.92 5.57 -32.06
C ASP C 624 27.12 5.44 -31.13
N GLN C 625 27.68 4.22 -31.10
CA GLN C 625 28.83 3.75 -30.29
C GLN C 625 28.56 3.99 -28.80
N SER C 626 27.44 3.41 -28.36
CA SER C 626 26.79 3.65 -27.07
C SER C 626 27.65 3.27 -25.87
N ILE C 627 28.27 2.08 -25.94
CA ILE C 627 29.04 1.45 -24.86
C ILE C 627 30.30 2.26 -24.53
N ILE C 628 31.06 2.63 -25.59
CA ILE C 628 32.31 3.38 -25.50
C ILE C 628 32.08 4.79 -24.97
N ASN C 629 30.97 5.41 -25.42
CA ASN C 629 30.55 6.75 -25.00
C ASN C 629 30.12 6.78 -23.54
N ALA C 630 29.47 5.70 -23.08
CA ALA C 630 29.08 5.55 -21.68
C ALA C 630 30.30 5.40 -20.77
N LEU C 631 31.32 4.62 -21.21
CA LEU C 631 32.59 4.47 -20.48
C LEU C 631 33.38 5.78 -20.38
N VAL C 632 33.44 6.53 -21.51
CA VAL C 632 34.12 7.82 -21.60
C VAL C 632 33.44 8.86 -20.72
N ALA C 633 32.09 8.86 -20.72
CA ALA C 633 31.25 9.72 -19.89
C ALA C 633 31.42 9.47 -18.40
N SER C 634 31.48 8.18 -18.03
CA SER C 634 31.71 7.73 -16.65
C SER C 634 33.07 8.19 -16.13
N ARG C 635 34.12 8.04 -16.96
CA ARG C 635 35.48 8.48 -16.62
C ARG C 635 35.60 9.99 -16.45
N ILE C 636 34.99 10.77 -17.36
CA ILE C 636 35.03 12.24 -17.34
C ILE C 636 34.28 12.80 -16.13
N LEU C 637 33.07 12.26 -15.82
CA LEU C 637 32.30 12.67 -14.64
C LEU C 637 32.97 12.29 -13.32
N GLU C 638 33.54 11.06 -13.23
CA GLU C 638 34.25 10.62 -12.03
C GLU C 638 35.53 11.43 -11.77
N ARG C 639 36.30 11.71 -12.83
CA ARG C 639 37.53 12.50 -12.67
C ARG C 639 37.21 13.98 -12.42
N LEU C 640 36.13 14.47 -13.06
CA LEU C 640 35.68 15.86 -12.91
C LEU C 640 35.15 16.15 -11.52
N SER C 641 34.43 15.20 -10.90
CA SER C 641 33.91 15.39 -9.53
C SER C 641 35.01 15.54 -8.47
N THR C 642 36.20 14.96 -8.69
CA THR C 642 37.33 15.11 -7.78
C THR C 642 38.34 15.93 -8.56
N HIS C 643 38.18 17.25 -8.56
CA HIS C 643 39.09 18.12 -9.31
C HIS C 643 39.17 19.44 -8.58
N ARG C 644 40.24 20.20 -8.88
CA ARG C 644 40.48 21.53 -8.29
C ARG C 644 39.43 22.57 -8.71
N ALA C 645 38.81 22.40 -9.88
CA ALA C 645 37.83 23.36 -10.37
C ALA C 645 36.47 23.23 -9.69
N LEU C 646 36.26 22.10 -9.00
CA LEU C 646 34.94 21.84 -8.39
C LEU C 646 34.99 21.95 -6.86
N GLN C 647 36.12 22.33 -6.28
CA GLN C 647 36.17 22.49 -4.83
C GLN C 647 35.63 23.85 -4.42
N GLY C 648 34.82 23.84 -3.36
CA GLY C 648 34.17 25.02 -2.84
C GLY C 648 32.97 24.65 -2.02
N PRO C 649 32.59 25.49 -1.02
CA PRO C 649 31.42 25.20 -0.14
C PRO C 649 30.08 25.11 -0.84
N HIS C 650 29.89 25.89 -1.90
CA HIS C 650 28.66 26.04 -2.64
C HIS C 650 28.52 25.04 -3.78
N LEU C 651 29.58 24.32 -4.11
CA LEU C 651 29.62 23.42 -5.25
C LEU C 651 29.41 21.97 -4.87
N ALA C 652 29.18 21.71 -3.58
CA ALA C 652 29.15 20.36 -3.00
C ALA C 652 28.15 19.37 -3.60
N GLU C 653 26.84 19.76 -3.62
CA GLU C 653 25.70 18.97 -4.11
C GLU C 653 25.80 18.52 -5.56
N GLU C 654 26.25 19.42 -6.43
CA GLU C 654 26.46 19.12 -7.87
C GLU C 654 27.54 18.06 -7.99
N ARG C 655 28.65 18.28 -7.31
CA ARG C 655 29.77 17.31 -7.26
C ARG C 655 29.28 15.91 -6.98
N ALA C 656 28.40 15.81 -5.94
CA ALA C 656 27.72 14.59 -5.46
C ALA C 656 26.95 13.95 -6.61
N LYS C 657 26.20 14.83 -7.33
CA LYS C 657 25.36 14.56 -8.50
C LYS C 657 26.17 13.88 -9.59
N MET C 658 27.39 14.44 -9.85
CA MET C 658 28.40 13.98 -10.83
C MET C 658 28.76 12.52 -10.63
N GLN C 659 29.11 12.18 -9.35
CA GLN C 659 29.48 10.82 -8.89
C GLN C 659 28.38 9.84 -9.17
N HIS C 660 27.13 10.25 -8.80
CA HIS C 660 25.86 9.55 -9.01
C HIS C 660 25.66 9.24 -10.48
N ASN C 661 25.81 10.30 -11.31
CA ASN C 661 25.67 10.27 -12.78
C ASN C 661 26.67 9.34 -13.42
N ALA C 662 27.94 9.38 -12.89
CA ALA C 662 29.09 8.56 -13.27
C ALA C 662 28.77 7.08 -13.19
N LYS C 663 28.22 6.69 -12.00
CA LYS C 663 27.81 5.34 -11.64
C LYS C 663 26.77 4.81 -12.61
N LYS C 664 25.77 5.69 -12.91
CA LYS C 664 24.65 5.45 -13.81
C LYS C 664 25.12 5.09 -15.21
N PHE C 665 26.08 5.90 -15.73
CA PHE C 665 26.68 5.72 -17.05
C PHE C 665 27.45 4.41 -17.14
N GLU C 666 28.19 4.09 -16.04
CA GLU C 666 28.92 2.84 -15.82
C GLU C 666 28.01 1.64 -15.95
N GLU C 667 26.83 1.76 -15.27
CA GLU C 667 25.74 0.78 -15.26
C GLU C 667 25.23 0.48 -16.65
N LEU C 668 25.00 1.58 -17.44
CA LEU C 668 24.60 1.57 -18.85
C LEU C 668 25.58 0.79 -19.70
N ALA C 669 26.88 1.11 -19.52
CA ALA C 669 28.02 0.50 -20.21
C ALA C 669 28.12 -0.99 -19.95
N VAL C 670 27.84 -1.40 -18.71
CA VAL C 670 27.80 -2.82 -18.38
C VAL C 670 26.58 -3.48 -19.00
N GLY C 671 25.42 -2.80 -18.81
CA GLY C 671 24.08 -3.33 -19.08
C GLY C 671 23.78 -3.76 -20.50
N VAL C 672 24.05 -2.83 -21.46
CA VAL C 672 23.93 -3.00 -22.92
C VAL C 672 24.74 -4.20 -23.37
N LEU C 673 26.01 -4.28 -22.86
CA LEU C 673 27.01 -5.34 -23.08
C LEU C 673 26.46 -6.71 -22.69
N GLY C 674 25.82 -6.74 -21.49
CA GLY C 674 25.17 -7.92 -20.91
C GLY C 674 24.07 -8.48 -21.80
N GLU C 675 23.24 -7.55 -22.33
CA GLU C 675 22.14 -7.80 -23.27
C GLU C 675 22.64 -8.46 -24.54
N CYS C 676 23.78 -7.93 -25.06
CA CYS C 676 24.50 -8.43 -26.23
C CYS C 676 24.94 -9.87 -26.02
N HIS C 677 25.51 -10.16 -24.82
CA HIS C 677 25.96 -11.49 -24.46
C HIS C 677 24.78 -12.46 -24.31
N GLY C 678 23.60 -11.94 -23.93
CA GLY C 678 22.42 -12.78 -23.92
C GLY C 678 21.94 -13.10 -25.32
N SER C 679 22.09 -12.14 -26.25
CA SER C 679 21.49 -12.36 -27.57
C SER C 679 22.37 -13.19 -28.50
N ASP C 680 23.58 -12.69 -28.76
CA ASP C 680 24.54 -13.40 -29.65
C ASP C 680 25.96 -13.19 -29.12
N SER C 681 26.55 -14.22 -28.50
CA SER C 681 27.89 -14.12 -27.91
C SER C 681 28.97 -13.80 -28.94
N HIS C 682 28.89 -14.44 -30.12
CA HIS C 682 29.83 -14.24 -31.22
C HIS C 682 29.76 -12.83 -31.81
N MET C 683 28.55 -12.31 -32.01
CA MET C 683 28.34 -10.96 -32.53
C MET C 683 28.79 -9.90 -31.53
N ALA C 684 28.61 -10.17 -30.22
CA ALA C 684 29.10 -9.32 -29.13
C ALA C 684 30.63 -9.29 -29.11
N SER C 685 31.24 -10.46 -29.37
CA SER C 685 32.70 -10.58 -29.50
C SER C 685 33.21 -9.78 -30.68
N GLU C 686 32.49 -9.84 -31.80
CA GLU C 686 32.80 -9.06 -33.00
C GLU C 686 32.70 -7.54 -32.76
N MET C 687 31.80 -7.12 -31.87
CA MET C 687 31.58 -5.68 -31.60
C MET C 687 32.68 -5.15 -30.70
N LEU C 688 33.11 -5.97 -29.75
CA LEU C 688 34.19 -5.58 -28.84
C LEU C 688 35.55 -5.52 -29.51
N HIS C 689 35.75 -6.24 -30.60
CA HIS C 689 36.99 -6.24 -31.35
C HIS C 689 37.05 -5.16 -32.42
N SER C 690 35.94 -4.45 -32.67
CA SER C 690 35.88 -3.45 -33.73
C SER C 690 36.70 -2.21 -33.37
N LYS C 691 37.56 -1.81 -34.30
CA LYS C 691 38.38 -0.62 -34.16
C LYS C 691 37.59 0.61 -34.60
N ASN C 692 37.52 1.63 -33.76
CA ASN C 692 36.74 2.82 -34.09
C ASN C 692 37.68 3.97 -34.41
N ASP C 693 37.43 4.65 -35.55
CA ASP C 693 38.27 5.76 -36.04
C ASP C 693 38.26 7.01 -35.16
N MET C 694 37.21 7.23 -34.38
CA MET C 694 37.08 8.51 -33.62
C MET C 694 38.03 8.58 -32.42
N PHE C 695 38.51 7.45 -31.93
CA PHE C 695 39.42 7.43 -30.80
C PHE C 695 40.76 6.78 -31.14
N ASN C 696 41.35 7.23 -32.26
CA ASN C 696 42.68 6.87 -32.81
C ASN C 696 42.86 5.38 -33.05
N LYS C 697 41.81 4.75 -33.60
CA LYS C 697 41.74 3.38 -34.16
C LYS C 697 42.14 2.32 -33.13
N LYS C 698 41.33 2.20 -32.06
CA LYS C 698 41.42 1.11 -31.10
C LYS C 698 40.08 0.83 -30.45
N ASN C 699 39.96 -0.38 -29.89
CA ASN C 699 38.70 -1.03 -29.58
C ASN C 699 38.14 -0.58 -28.23
N ALA C 700 37.01 -1.17 -27.84
CA ALA C 700 36.26 -0.77 -26.65
C ALA C 700 36.93 -1.19 -25.34
N ILE C 701 37.65 -2.30 -25.35
CA ILE C 701 38.36 -2.82 -24.18
C ILE C 701 39.54 -1.91 -23.81
N ASN C 702 40.25 -1.39 -24.84
CA ASN C 702 41.34 -0.43 -24.67
C ASN C 702 40.87 0.88 -24.05
N ILE C 703 39.69 1.36 -24.50
CA ILE C 703 39.01 2.54 -23.97
C ILE C 703 38.62 2.30 -22.51
N ALA C 704 38.06 1.10 -22.23
CA ALA C 704 37.62 0.68 -20.89
C ALA C 704 38.76 0.59 -19.90
N TYR C 705 39.91 0.08 -20.35
CA TYR C 705 41.12 0.05 -19.55
C TYR C 705 41.63 1.46 -19.29
N ASP C 706 41.58 2.32 -20.31
CA ASP C 706 41.97 3.72 -20.18
C ASP C 706 41.01 4.49 -19.27
N ALA C 707 39.73 4.11 -19.25
CA ALA C 707 38.76 4.71 -18.36
C ALA C 707 38.74 4.12 -16.96
N LYS C 708 39.57 3.08 -16.68
CA LYS C 708 39.72 2.35 -15.41
C LYS C 708 38.39 1.78 -14.91
N SER C 709 37.60 1.25 -15.85
CA SER C 709 36.32 0.65 -15.54
C SER C 709 36.52 -0.80 -15.18
N LEU C 710 36.67 -1.03 -13.86
CA LEU C 710 36.90 -2.35 -13.28
C LEU C 710 35.69 -3.26 -13.47
N ALA C 711 34.47 -2.68 -13.39
CA ALA C 711 33.22 -3.41 -13.57
C ALA C 711 33.07 -3.96 -14.98
N PHE C 712 33.46 -3.18 -15.99
CA PHE C 712 33.40 -3.60 -17.39
C PHE C 712 34.38 -4.72 -17.68
N LEU C 713 35.61 -4.61 -17.17
CA LEU C 713 36.68 -5.59 -17.38
C LEU C 713 36.41 -6.91 -16.68
N SER C 714 35.71 -6.88 -15.54
CA SER C 714 35.41 -8.10 -14.81
C SER C 714 34.19 -8.85 -15.32
N HIS C 715 33.46 -8.30 -16.31
CA HIS C 715 32.27 -8.92 -16.87
C HIS C 715 32.67 -10.17 -17.66
N PRO C 716 31.84 -11.25 -17.63
CA PRO C 716 32.16 -12.50 -18.36
C PRO C 716 32.30 -12.41 -19.88
N ALA C 717 31.55 -11.51 -20.52
CA ALA C 717 31.64 -11.29 -21.97
C ALA C 717 32.98 -10.70 -22.37
N THR C 718 33.44 -9.66 -21.64
CA THR C 718 34.73 -9.00 -21.84
C THR C 718 35.89 -9.95 -21.60
N GLN C 719 35.79 -10.77 -20.54
CA GLN C 719 36.77 -11.78 -20.16
C GLN C 719 36.86 -12.88 -21.20
N SER C 720 35.71 -13.26 -21.79
CA SER C 720 35.63 -14.22 -22.87
C SER C 720 36.35 -13.72 -24.12
N VAL C 721 36.35 -12.42 -24.37
CA VAL C 721 36.98 -11.89 -25.60
C VAL C 721 38.47 -11.78 -25.31
N ILE C 722 38.83 -11.39 -24.08
CA ILE C 722 40.26 -11.33 -23.71
C ILE C 722 40.92 -12.72 -23.76
N ASN C 723 40.16 -13.74 -23.32
CA ASN C 723 40.66 -15.14 -23.40
C ASN C 723 40.54 -15.65 -24.83
N ALA C 724 39.70 -15.02 -25.66
CA ALA C 724 39.63 -15.41 -27.10
C ALA C 724 40.81 -14.76 -27.81
N ASP C 725 41.20 -13.55 -27.38
CA ASP C 725 42.40 -12.89 -27.93
C ASP C 725 43.64 -13.69 -27.61
N TRP C 726 43.48 -14.37 -26.47
CA TRP C 726 44.53 -15.31 -26.04
C TRP C 726 44.44 -16.52 -26.96
N TYR C 727 45.47 -17.31 -27.13
CA TYR C 727 45.25 -18.49 -28.01
C TYR C 727 45.12 -17.99 -29.43
N GLY C 728 45.10 -16.69 -29.65
CA GLY C 728 45.09 -16.18 -31.03
C GLY C 728 43.93 -16.70 -31.85
N HIS C 729 42.73 -16.76 -31.27
CA HIS C 729 41.50 -17.19 -31.97
C HIS C 729 41.57 -18.60 -32.56
N LEU C 730 41.79 -19.63 -31.74
CA LEU C 730 41.77 -21.03 -32.24
C LEU C 730 40.98 -21.94 -31.30
N LYS C 731 40.25 -22.94 -31.81
CA LYS C 731 39.43 -23.90 -31.07
C LYS C 731 40.14 -24.88 -30.14
N SER C 732 40.96 -25.79 -30.69
CA SER C 732 41.64 -26.83 -29.92
C SER C 732 42.75 -26.33 -28.97
N VAL C 733 43.22 -25.11 -29.14
CA VAL C 733 44.27 -24.57 -28.29
C VAL C 733 43.57 -24.10 -27.02
N THR C 734 43.49 -24.97 -26.01
CA THR C 734 42.84 -24.59 -24.77
C THR C 734 43.66 -24.87 -23.51
N SER C 735 44.31 -26.02 -23.40
CA SER C 735 45.07 -26.32 -22.19
C SER C 735 46.54 -26.02 -22.43
N PHE C 736 47.30 -26.10 -21.33
CA PHE C 736 48.76 -25.92 -21.33
C PHE C 736 49.47 -26.97 -22.18
N TRP C 737 49.04 -28.22 -21.99
CA TRP C 737 49.62 -29.40 -22.64
C TRP C 737 49.38 -29.44 -24.15
N ALA C 738 48.17 -29.03 -24.59
CA ALA C 738 47.82 -29.01 -26.02
C ALA C 738 48.69 -28.02 -26.81
N VAL C 739 48.83 -26.79 -26.30
CA VAL C 739 49.65 -25.75 -26.93
C VAL C 739 51.13 -26.12 -26.85
N LEU C 740 51.56 -26.72 -25.72
CA LEU C 740 52.94 -27.17 -25.51
C LEU C 740 53.33 -28.33 -26.45
N PHE C 741 52.40 -29.28 -26.64
CA PHE C 741 52.57 -30.40 -27.55
C PHE C 741 52.60 -29.94 -29.00
N ALA C 742 51.68 -29.02 -29.36
CA ALA C 742 51.66 -28.41 -30.69
C ALA C 742 52.89 -27.54 -30.96
N PHE C 743 53.45 -26.95 -29.91
CA PHE C 743 54.64 -26.07 -30.07
C PHE C 743 55.83 -26.94 -30.48
N PHE C 744 56.14 -27.94 -29.68
CA PHE C 744 57.30 -28.81 -29.96
C PHE C 744 57.08 -29.63 -31.23
N PHE C 745 55.86 -30.13 -31.44
CA PHE C 745 55.57 -30.97 -32.62
C PHE C 745 54.65 -30.20 -33.57
N PRO C 746 55.15 -29.24 -34.40
CA PRO C 746 54.28 -28.41 -35.26
C PRO C 746 53.63 -29.19 -36.39
N PHE C 747 54.38 -30.10 -37.01
CA PHE C 747 53.86 -30.82 -38.22
C PHE C 747 52.99 -32.03 -37.86
N PHE C 748 52.83 -32.33 -36.58
CA PHE C 748 52.14 -33.59 -36.20
C PHE C 748 50.91 -33.38 -35.34
N VAL C 749 50.54 -32.14 -35.01
CA VAL C 749 49.32 -31.96 -34.24
C VAL C 749 48.46 -30.86 -34.83
N LEU C 750 49.12 -29.94 -35.54
CA LEU C 750 48.42 -28.76 -36.13
C LEU C 750 47.50 -29.17 -37.28
N PRO C 751 47.88 -29.95 -38.33
CA PRO C 751 46.93 -30.29 -39.40
C PRO C 751 45.69 -31.07 -38.92
N PHE C 752 45.85 -31.92 -37.90
CA PHE C 752 44.76 -32.75 -37.40
C PHE C 752 44.00 -32.09 -36.25
N ILE C 753 43.94 -30.77 -36.25
CA ILE C 753 43.26 -30.00 -35.22
C ILE C 753 42.34 -29.04 -35.94
N ASN C 754 41.34 -28.55 -35.20
CA ASN C 754 40.34 -27.61 -35.70
C ASN C 754 40.99 -26.28 -36.07
N PHE C 755 40.69 -25.78 -37.26
CA PHE C 755 41.35 -24.57 -37.71
C PHE C 755 40.34 -23.43 -37.83
N SER C 756 40.27 -22.64 -36.75
CA SER C 756 39.41 -21.48 -36.52
C SER C 756 37.91 -21.64 -36.87
N GLY C 787 48.46 -27.34 -48.39
CA GLY C 787 49.01 -26.28 -49.21
C GLY C 787 49.98 -25.40 -48.46
N ALA C 788 50.89 -24.75 -49.18
CA ALA C 788 51.80 -23.78 -48.53
C ALA C 788 50.98 -22.52 -48.24
N HIS C 789 49.88 -22.33 -48.96
CA HIS C 789 48.98 -21.19 -48.70
C HIS C 789 48.36 -21.30 -47.31
N ARG C 790 48.00 -22.52 -46.88
CA ARG C 790 47.29 -22.68 -45.58
C ARG C 790 48.24 -23.07 -44.45
N LEU C 791 49.13 -24.04 -44.66
CA LEU C 791 49.98 -24.52 -43.57
C LEU C 791 50.83 -23.36 -43.05
N ARG C 792 51.37 -22.55 -43.99
CA ARG C 792 52.17 -21.36 -43.68
C ARG C 792 51.33 -20.30 -42.97
N ARG C 793 50.06 -20.09 -43.42
CA ARG C 793 49.13 -19.15 -42.78
C ARG C 793 48.79 -19.56 -41.34
N LYS C 794 48.57 -20.86 -41.13
CA LYS C 794 48.23 -21.37 -39.77
C LYS C 794 49.48 -21.26 -38.89
N PHE C 795 50.65 -21.57 -39.44
CA PHE C 795 51.91 -21.46 -38.69
C PHE C 795 52.17 -20.01 -38.27
N ALA C 796 51.87 -19.06 -39.17
CA ALA C 796 52.04 -17.63 -38.88
C ALA C 796 50.99 -17.14 -37.87
N LYS C 797 49.84 -17.80 -37.82
CA LYS C 797 48.79 -17.40 -36.88
C LYS C 797 49.09 -18.00 -35.52
N PHE C 798 49.53 -19.29 -35.48
CA PHE C 798 49.83 -20.02 -34.23
C PHE C 798 51.04 -19.39 -33.54
N TYR C 799 52.10 -19.06 -34.29
CA TYR C 799 53.29 -18.50 -33.64
C TYR C 799 53.21 -16.99 -33.54
N SER C 800 52.16 -16.37 -34.08
CA SER C 800 51.90 -14.96 -33.86
C SER C 800 51.00 -14.74 -32.66
N ALA C 801 50.42 -15.81 -32.10
CA ALA C 801 49.54 -15.77 -30.94
C ALA C 801 50.31 -15.36 -29.69
N PRO C 802 49.75 -14.46 -28.84
CA PRO C 802 50.42 -14.04 -27.57
C PRO C 802 50.72 -15.13 -26.55
N TYR C 803 49.88 -16.17 -26.52
CA TYR C 803 50.05 -17.31 -25.63
C TYR C 803 51.31 -18.09 -25.99
N THR C 804 51.58 -18.23 -27.29
CA THR C 804 52.77 -18.91 -27.82
C THR C 804 54.05 -18.17 -27.42
N ARG C 805 54.04 -16.82 -27.47
CA ARG C 805 55.17 -16.02 -26.97
C ARG C 805 55.35 -16.17 -25.46
N PHE C 806 54.27 -16.38 -24.74
CA PHE C 806 54.37 -16.60 -23.29
C PHE C 806 55.02 -17.96 -23.08
N ILE C 807 54.57 -18.95 -23.81
CA ILE C 807 55.09 -20.32 -23.70
C ILE C 807 56.58 -20.37 -24.04
N SER C 808 56.99 -19.62 -25.10
CA SER C 808 58.38 -19.48 -25.51
C SER C 808 59.25 -18.80 -24.46
N ASP C 809 58.72 -17.71 -23.85
CA ASP C 809 59.40 -17.01 -22.75
C ASP C 809 59.51 -17.86 -21.49
N LEU C 810 58.50 -18.66 -21.19
CA LEU C 810 58.55 -19.54 -20.01
C LEU C 810 59.64 -20.57 -20.27
N LEU C 811 59.55 -21.30 -21.36
CA LEU C 811 60.54 -22.34 -21.67
C LEU C 811 61.96 -21.78 -21.67
N SER C 812 62.14 -20.57 -22.23
CA SER C 812 63.43 -19.88 -22.25
C SER C 812 63.94 -19.56 -20.86
N HIS C 813 63.06 -19.05 -19.99
CA HIS C 813 63.43 -18.72 -18.62
C HIS C 813 63.69 -19.98 -17.78
N PHE C 814 62.95 -21.07 -18.06
CA PHE C 814 63.16 -22.37 -17.40
C PHE C 814 64.52 -22.97 -17.76
N VAL C 815 64.91 -22.88 -19.04
CA VAL C 815 66.27 -23.38 -19.43
C VAL C 815 67.29 -22.49 -18.72
N LEU C 816 67.10 -21.16 -18.77
CA LEU C 816 68.02 -20.23 -18.08
C LEU C 816 68.24 -20.57 -16.61
N CYS C 817 67.13 -20.90 -15.89
CA CYS C 817 67.16 -21.32 -14.49
C CYS C 817 67.94 -22.62 -14.28
N VAL C 818 67.68 -23.63 -15.15
CA VAL C 818 68.34 -24.96 -15.08
C VAL C 818 69.84 -24.84 -15.37
N VAL C 819 70.21 -24.10 -16.44
CA VAL C 819 71.60 -23.93 -16.88
C VAL C 819 72.41 -23.11 -15.88
N THR C 820 71.81 -22.02 -15.33
CA THR C 820 72.44 -21.18 -14.32
C THR C 820 72.59 -21.92 -12.99
N SER C 821 71.59 -22.76 -12.63
CA SER C 821 71.62 -23.62 -11.44
C SER C 821 72.72 -24.67 -11.50
N TYR C 822 72.98 -25.23 -12.69
CA TYR C 822 74.07 -26.22 -12.84
C TYR C 822 75.39 -25.49 -12.79
N PHE C 823 75.44 -24.34 -13.41
CA PHE C 823 76.67 -23.53 -13.42
C PHE C 823 77.11 -23.15 -12.00
N VAL C 824 76.17 -22.83 -11.13
CA VAL C 824 76.50 -22.39 -9.73
C VAL C 824 76.77 -23.62 -8.87
N LEU C 825 76.13 -24.75 -9.14
CA LEU C 825 76.43 -25.98 -8.36
C LEU C 825 77.75 -26.64 -8.73
N ASP C 826 78.06 -26.76 -10.03
CA ASP C 826 79.33 -27.34 -10.48
C ASP C 826 80.46 -26.35 -10.22
N LYS C 827 81.66 -26.89 -9.97
CA LYS C 827 82.83 -26.08 -9.66
C LYS C 827 83.30 -25.27 -10.88
N LEU C 828 83.84 -24.10 -10.59
CA LEU C 828 84.38 -23.23 -11.61
C LEU C 828 85.76 -23.73 -12.03
N GLU C 829 86.06 -23.57 -13.31
CA GLU C 829 87.35 -23.96 -13.84
C GLU C 829 88.34 -22.80 -13.70
N ASP C 830 89.61 -23.09 -13.99
CA ASP C 830 90.70 -22.11 -13.92
C ASP C 830 90.68 -21.05 -15.02
N THR C 831 89.85 -21.19 -16.06
CA THR C 831 89.61 -20.20 -17.10
C THR C 831 88.10 -20.04 -17.20
N ILE C 832 87.67 -19.12 -18.04
CA ILE C 832 86.25 -18.89 -18.27
C ILE C 832 85.70 -20.03 -19.13
N SER C 833 84.75 -20.77 -18.59
CA SER C 833 84.22 -21.96 -19.25
C SER C 833 83.21 -21.57 -20.33
N ALA C 834 82.85 -22.58 -21.14
CA ALA C 834 81.90 -22.42 -22.25
C ALA C 834 80.49 -22.04 -21.80
N ILE C 835 80.01 -22.66 -20.71
CA ILE C 835 78.70 -22.39 -20.12
C ILE C 835 78.61 -20.96 -19.56
N GLU C 836 79.74 -20.45 -19.03
CA GLU C 836 79.89 -19.07 -18.56
C GLU C 836 79.74 -18.06 -19.71
N TRP C 837 80.33 -18.38 -20.88
CA TRP C 837 80.21 -17.55 -22.08
C TRP C 837 78.77 -17.51 -22.61
N ILE C 838 78.08 -18.68 -22.59
CA ILE C 838 76.68 -18.82 -23.00
C ILE C 838 75.76 -17.98 -22.10
N LEU C 839 76.00 -18.04 -20.78
CA LEU C 839 75.26 -17.24 -19.80
C LEU C 839 75.55 -15.75 -19.94
N LEU C 840 76.80 -15.38 -20.30
CA LEU C 840 77.20 -13.99 -20.57
C LEU C 840 76.44 -13.40 -21.74
N VAL C 841 76.33 -14.16 -22.87
CA VAL C 841 75.59 -13.79 -24.09
C VAL C 841 74.09 -13.65 -23.79
N TRP C 842 73.54 -14.58 -22.99
CA TRP C 842 72.13 -14.61 -22.56
C TRP C 842 71.77 -13.38 -21.71
N PHE C 843 72.62 -13.02 -20.75
CA PHE C 843 72.32 -11.87 -19.90
C PHE C 843 72.58 -10.53 -20.59
N VAL C 844 73.45 -10.49 -21.59
CA VAL C 844 73.60 -9.24 -22.38
C VAL C 844 72.30 -9.11 -23.14
N ALA C 845 71.85 -10.17 -23.80
CA ALA C 845 70.59 -10.13 -24.55
C ALA C 845 69.40 -9.68 -23.69
N LEU C 846 69.34 -10.17 -22.44
CA LEU C 846 68.34 -9.74 -21.46
C LEU C 846 68.47 -8.27 -21.09
N LEU C 847 69.73 -7.80 -20.90
CA LEU C 847 70.04 -6.40 -20.60
C LEU C 847 69.66 -5.46 -21.74
N LEU C 848 69.95 -5.86 -22.99
CA LEU C 848 69.57 -5.10 -24.19
C LEU C 848 68.06 -5.02 -24.37
N GLU C 849 67.35 -6.12 -24.06
CA GLU C 849 65.89 -6.13 -24.09
C GLU C 849 65.28 -5.18 -23.05
N GLU C 850 65.87 -5.14 -21.83
CA GLU C 850 65.44 -4.20 -20.78
C GLU C 850 65.70 -2.74 -21.16
N LEU C 851 66.88 -2.45 -21.76
CA LEU C 851 67.23 -1.11 -22.26
C LEU C 851 66.33 -0.66 -23.41
N ARG C 852 66.02 -1.60 -24.35
CA ARG C 852 65.13 -1.34 -25.48
C ARG C 852 63.72 -1.01 -25.00
N GLN C 853 63.23 -1.76 -23.99
CA GLN C 853 61.93 -1.46 -23.37
C GLN C 853 61.92 -0.12 -22.64
N MET C 854 63.02 0.22 -21.94
CA MET C 854 63.12 1.53 -21.29
C MET C 854 63.13 2.72 -22.24
N ILE C 855 63.99 2.67 -23.26
CA ILE C 855 64.08 3.80 -24.20
C ILE C 855 62.89 3.87 -25.16
N PHE C 856 62.54 2.72 -25.76
CA PHE C 856 61.54 2.78 -26.86
C PHE C 856 60.08 2.44 -26.54
N CYS C 857 59.68 2.24 -25.28
CA CYS C 857 58.26 1.83 -25.10
C CYS C 857 57.46 2.84 -24.28
N ASP C 858 57.33 2.59 -22.98
CA ASP C 858 56.51 3.40 -22.09
C ASP C 858 57.15 4.68 -21.57
N GLY C 859 58.20 4.53 -20.77
CA GLY C 859 58.96 5.60 -20.18
C GLY C 859 59.73 5.02 -19.02
N ILE C 860 60.72 5.78 -18.53
CA ILE C 860 61.56 5.28 -17.41
C ILE C 860 60.71 5.20 -16.14
N ALA C 861 59.90 6.23 -15.89
CA ALA C 861 59.03 6.26 -14.70
C ALA C 861 58.05 5.08 -14.64
N GLU C 862 57.45 4.78 -15.81
CA GLU C 862 56.54 3.66 -15.99
C GLU C 862 57.23 2.32 -15.80
N TYR C 863 58.49 2.24 -16.23
CA TYR C 863 59.27 0.98 -16.13
C TYR C 863 59.62 0.75 -14.66
N ILE C 864 60.08 1.79 -13.98
CA ILE C 864 60.50 1.63 -12.57
C ILE C 864 59.28 1.33 -11.70
N SER C 865 58.09 1.83 -12.07
CA SER C 865 56.87 1.58 -11.28
C SER C 865 56.62 0.08 -11.09
N ASP C 866 56.85 -0.72 -12.14
CA ASP C 866 56.67 -2.17 -12.14
C ASP C 866 57.69 -2.86 -11.22
N THR C 867 57.25 -3.81 -10.39
CA THR C 867 58.16 -4.52 -9.49
C THR C 867 59.05 -5.56 -10.21
N TRP C 868 58.54 -6.18 -11.28
CA TRP C 868 59.27 -7.18 -12.07
C TRP C 868 60.43 -6.62 -12.88
N ASN C 869 60.30 -5.38 -13.37
CA ASN C 869 61.40 -4.68 -14.02
C ASN C 869 62.55 -4.39 -13.06
N ARG C 870 62.21 -4.02 -11.81
CA ARG C 870 63.20 -3.82 -10.74
C ARG C 870 63.94 -5.12 -10.41
N LEU C 871 63.19 -6.24 -10.35
CA LEU C 871 63.77 -7.59 -10.16
C LEU C 871 64.68 -8.01 -11.31
N ASP C 872 64.28 -7.64 -12.55
CA ASP C 872 65.05 -7.88 -13.77
C ASP C 872 66.38 -7.16 -13.71
N LEU C 873 66.35 -5.89 -13.26
CA LEU C 873 67.53 -5.05 -13.10
C LEU C 873 68.48 -5.60 -12.02
N ILE C 874 67.92 -6.05 -10.87
CA ILE C 874 68.70 -6.66 -9.78
C ILE C 874 69.38 -7.98 -10.21
N MET C 875 68.73 -8.79 -11.04
CA MET C 875 69.27 -10.10 -11.45
C MET C 875 70.40 -9.92 -12.47
N ILE C 876 70.28 -9.02 -13.42
CA ILE C 876 71.32 -8.68 -14.41
C ILE C 876 72.55 -8.07 -13.71
N THR C 877 72.30 -7.17 -12.71
CA THR C 877 73.33 -6.50 -11.90
C THR C 877 74.15 -7.50 -11.07
N LEU C 878 73.46 -8.47 -10.41
CA LEU C 878 74.07 -9.55 -9.60
C LEU C 878 74.96 -10.47 -10.43
N PHE C 879 74.47 -10.88 -11.63
CA PHE C 879 75.22 -11.75 -12.54
C PHE C 879 76.52 -11.08 -13.01
N PHE C 880 76.43 -9.78 -13.38
CA PHE C 880 77.61 -9.08 -13.90
C PHE C 880 78.66 -8.82 -12.81
N VAL C 881 78.22 -8.52 -11.57
CA VAL C 881 79.12 -8.38 -10.41
C VAL C 881 79.86 -9.69 -10.12
N GLY C 882 79.11 -10.82 -10.12
CA GLY C 882 79.69 -12.15 -9.93
C GLY C 882 80.64 -12.60 -11.05
N PHE C 883 80.25 -12.35 -12.31
CA PHE C 883 81.04 -12.71 -13.49
C PHE C 883 82.35 -11.93 -13.56
N PHE C 884 82.31 -10.61 -13.29
CA PHE C 884 83.54 -9.80 -13.30
C PHE C 884 84.43 -10.13 -12.11
N THR C 885 83.83 -10.49 -10.96
CA THR C 885 84.57 -10.96 -9.79
C THR C 885 85.36 -12.23 -10.11
N HIS C 886 84.72 -13.19 -10.83
CA HIS C 886 85.44 -14.39 -11.26
C HIS C 886 86.44 -14.09 -12.38
N ALA C 887 86.06 -13.25 -13.35
CA ALA C 887 86.86 -13.02 -14.54
C ALA C 887 88.07 -12.12 -14.31
N SER C 888 88.07 -11.34 -13.22
CA SER C 888 89.21 -10.53 -12.83
C SER C 888 90.45 -11.36 -12.52
N ASP C 889 90.26 -12.49 -11.83
CA ASP C 889 91.35 -13.41 -11.51
C ASP C 889 90.80 -14.83 -11.52
N PRO C 890 90.71 -15.49 -12.71
CA PRO C 890 90.08 -16.83 -12.82
C PRO C 890 90.79 -17.97 -12.08
N SER C 891 92.09 -17.87 -11.85
CA SER C 891 92.82 -18.92 -11.15
C SER C 891 92.82 -18.71 -9.64
N ASN C 892 92.30 -17.59 -9.15
CA ASN C 892 92.27 -17.29 -7.73
C ASN C 892 91.11 -18.03 -7.09
N GLN C 893 91.41 -18.79 -6.02
CA GLN C 893 90.45 -19.60 -5.27
C GLN C 893 89.43 -18.72 -4.53
N ASP C 894 89.91 -17.61 -3.96
CA ASP C 894 89.09 -16.65 -3.22
C ASP C 894 88.06 -15.97 -4.13
N SER C 895 88.46 -15.65 -5.37
CA SER C 895 87.60 -15.07 -6.40
C SER C 895 86.47 -16.01 -6.81
N LYS C 896 86.78 -17.32 -6.92
CA LYS C 896 85.82 -18.39 -7.20
C LYS C 896 84.77 -18.52 -6.10
N VAL C 897 85.23 -18.45 -4.84
CA VAL C 897 84.35 -18.53 -3.66
C VAL C 897 83.40 -17.33 -3.54
N VAL C 898 83.93 -16.09 -3.75
CA VAL C 898 83.16 -14.84 -3.70
C VAL C 898 82.15 -14.76 -4.85
N SER C 899 82.57 -15.21 -6.06
CA SER C 899 81.74 -15.28 -7.27
C SER C 899 80.54 -16.21 -7.11
N LYS C 900 80.77 -17.39 -6.51
CA LYS C 900 79.67 -18.31 -6.20
C LYS C 900 78.75 -17.77 -5.11
N GLY C 901 79.32 -17.02 -4.16
CA GLY C 901 78.54 -16.33 -3.13
C GLY C 901 77.58 -15.28 -3.66
N ILE C 902 78.02 -14.50 -4.65
CA ILE C 902 77.14 -13.52 -5.32
C ILE C 902 76.09 -14.25 -6.18
N HIS C 903 76.54 -15.30 -6.87
CA HIS C 903 75.67 -16.07 -7.75
C HIS C 903 74.62 -16.94 -7.05
N ALA C 904 74.77 -17.17 -5.73
CA ALA C 904 73.73 -17.77 -4.89
C ALA C 904 72.48 -16.88 -4.83
N PHE C 905 72.69 -15.57 -4.56
CA PHE C 905 71.65 -14.54 -4.64
C PHE C 905 71.03 -14.45 -6.03
N LEU C 906 71.86 -14.59 -7.10
CA LEU C 906 71.40 -14.61 -8.51
C LEU C 906 70.39 -15.74 -8.77
N VAL C 907 70.64 -16.93 -8.21
CA VAL C 907 69.78 -18.14 -8.42
C VAL C 907 68.50 -17.99 -7.63
N VAL C 908 68.58 -17.42 -6.46
CA VAL C 908 67.39 -17.11 -5.63
C VAL C 908 66.44 -16.13 -6.33
N VAL C 909 66.99 -15.10 -6.94
CA VAL C 909 66.13 -14.11 -7.65
C VAL C 909 65.57 -14.78 -8.89
N LEU C 910 66.37 -15.56 -9.63
CA LEU C 910 65.94 -16.22 -10.90
C LEU C 910 64.76 -17.16 -10.65
N TRP C 911 64.80 -17.96 -9.61
CA TRP C 911 63.70 -18.87 -9.29
C TRP C 911 62.50 -18.12 -8.73
N LEU C 912 62.73 -17.05 -7.94
CA LEU C 912 61.65 -16.14 -7.51
C LEU C 912 61.00 -15.41 -8.67
N ARG C 913 61.73 -15.15 -9.75
CA ARG C 913 61.18 -14.34 -10.88
C ARG C 913 60.32 -15.26 -11.70
N PHE C 914 60.59 -16.57 -11.62
CA PHE C 914 59.80 -17.58 -12.37
C PHE C 914 58.32 -17.51 -11.97
N MET C 915 58.02 -16.88 -10.83
CA MET C 915 56.63 -16.82 -10.30
C MET C 915 55.79 -15.88 -11.14
N ARG C 916 56.43 -14.96 -11.81
CA ARG C 916 55.75 -13.98 -12.69
C ARG C 916 54.82 -14.67 -13.71
N TYR C 917 55.18 -15.87 -14.17
CA TYR C 917 54.42 -16.61 -15.15
C TYR C 917 53.32 -17.44 -14.50
N TYR C 918 53.26 -17.48 -13.17
CA TYR C 918 52.10 -18.08 -12.48
C TYR C 918 50.87 -17.19 -12.54
N ALA C 919 51.05 -15.88 -12.76
CA ALA C 919 49.97 -14.88 -12.78
C ALA C 919 48.96 -15.05 -13.90
N LEU C 920 49.31 -15.84 -14.90
CA LEU C 920 48.43 -16.03 -16.07
C LEU C 920 47.36 -17.06 -15.74
N SER C 921 47.61 -17.94 -14.79
CA SER C 921 46.68 -18.96 -14.32
C SER C 921 45.57 -18.38 -13.45
N LYS C 922 44.36 -18.89 -13.65
CA LYS C 922 43.18 -18.48 -12.88
C LYS C 922 43.19 -18.97 -11.43
N ASN C 923 44.03 -19.92 -11.07
CA ASN C 923 44.14 -20.37 -9.70
C ASN C 923 45.32 -19.69 -9.01
N LEU C 924 46.50 -19.66 -9.63
CA LEU C 924 47.71 -19.16 -8.96
C LEU C 924 47.80 -17.63 -8.92
N GLY C 925 47.27 -16.97 -9.94
CA GLY C 925 47.30 -15.51 -10.10
C GLY C 925 46.60 -14.62 -9.07
N PRO C 926 45.30 -14.88 -8.76
CA PRO C 926 44.63 -14.13 -7.72
C PRO C 926 45.28 -14.39 -6.37
N LYS C 927 45.71 -15.62 -6.10
CA LYS C 927 46.36 -16.00 -4.86
C LYS C 927 47.66 -15.23 -4.65
N LEU C 928 48.37 -14.95 -5.77
CA LEU C 928 49.59 -14.11 -5.75
C LEU C 928 49.27 -12.67 -5.34
N ILE C 929 48.14 -12.14 -5.85
CA ILE C 929 47.63 -10.80 -5.49
C ILE C 929 47.25 -10.75 -4.00
N MET C 930 46.59 -11.82 -3.51
CA MET C 930 46.25 -11.99 -2.08
C MET C 930 47.49 -12.05 -1.19
N MET C 931 48.58 -12.70 -1.65
CA MET C 931 49.86 -12.78 -0.92
C MET C 931 50.49 -11.41 -0.75
N MET C 932 50.46 -10.60 -1.82
CA MET C 932 50.90 -9.19 -1.75
C MET C 932 50.04 -8.35 -0.81
N GLU C 933 48.74 -8.66 -0.68
CA GLU C 933 47.91 -7.98 0.32
C GLU C 933 48.26 -8.39 1.76
N MET C 934 48.46 -9.69 2.02
CA MET C 934 48.84 -10.24 3.34
C MET C 934 50.24 -9.88 3.84
N MET C 935 51.12 -9.34 2.97
CA MET C 935 52.47 -8.85 3.37
C MET C 935 52.46 -7.79 4.50
N LYS C 936 51.40 -6.95 4.60
CA LYS C 936 51.27 -5.99 5.70
C LYS C 936 51.07 -6.69 7.05
N ASP C 937 50.26 -7.77 7.08
CA ASP C 937 50.08 -8.63 8.27
C ASP C 937 51.37 -9.34 8.65
N VAL C 938 52.16 -9.75 7.63
CA VAL C 938 53.48 -10.36 7.82
C VAL C 938 54.43 -9.36 8.49
N SER C 939 54.38 -8.09 8.05
CA SER C 939 55.15 -6.97 8.62
C SER C 939 54.76 -6.66 10.06
N THR C 940 53.44 -6.72 10.35
CA THR C 940 52.88 -6.58 11.71
C THR C 940 53.40 -7.66 12.66
N PHE C 941 53.41 -8.92 12.18
CA PHE C 941 53.97 -10.08 12.92
C PHE C 941 55.46 -9.92 13.20
N VAL C 942 56.21 -9.42 12.20
CA VAL C 942 57.67 -9.20 12.30
C VAL C 942 58.00 -8.13 13.34
N PHE C 943 57.24 -7.01 13.34
CA PHE C 943 57.39 -5.92 14.32
C PHE C 943 57.06 -6.36 15.74
N LEU C 944 55.99 -7.16 15.92
CA LEU C 944 55.69 -7.70 17.24
C LEU C 944 56.72 -8.74 17.69
N LEU C 945 57.27 -9.57 16.80
CA LEU C 945 58.18 -10.65 17.26
C LEU C 945 59.54 -10.04 17.57
N LEU C 946 59.94 -9.05 16.82
CA LEU C 946 61.26 -8.41 16.98
C LEU C 946 61.51 -7.95 18.41
N ILE C 947 60.46 -7.45 19.06
CA ILE C 947 60.42 -6.98 20.45
C ILE C 947 60.77 -8.11 21.42
N PHE C 948 60.11 -9.25 21.25
CA PHE C 948 60.30 -10.40 22.15
C PHE C 948 61.64 -11.06 21.85
N LEU C 949 62.03 -11.14 20.59
CA LEU C 949 63.28 -11.77 20.18
C LEU C 949 64.52 -11.05 20.73
N ILE C 950 64.54 -9.72 20.71
CA ILE C 950 65.75 -8.97 21.15
C ILE C 950 65.74 -8.88 22.67
N GLY C 951 64.57 -8.72 23.27
CA GLY C 951 64.47 -8.71 24.75
C GLY C 951 64.92 -10.01 25.40
N TYR C 952 64.35 -11.14 24.94
CA TYR C 952 64.70 -12.48 25.41
C TYR C 952 66.15 -12.84 25.07
N GLY C 953 66.61 -12.47 23.85
CA GLY C 953 67.96 -12.78 23.39
C GLY C 953 69.08 -12.12 24.16
N VAL C 954 68.95 -10.81 24.44
CA VAL C 954 69.91 -10.06 25.23
C VAL C 954 69.95 -10.59 26.67
N ALA C 955 68.73 -10.83 27.26
CA ALA C 955 68.58 -11.37 28.62
C ALA C 955 69.16 -12.78 28.78
N ALA C 956 68.87 -13.66 27.81
CA ALA C 956 69.32 -15.04 27.84
C ALA C 956 70.82 -15.18 27.60
N GLN C 957 71.37 -14.39 26.64
CA GLN C 957 72.81 -14.38 26.35
C GLN C 957 73.63 -13.83 27.51
N SER C 958 73.10 -12.79 28.18
CA SER C 958 73.71 -12.22 29.37
C SER C 958 73.67 -13.19 30.55
N LEU C 959 72.56 -13.90 30.69
CA LEU C 959 72.37 -14.87 31.76
C LEU C 959 73.29 -16.08 31.59
N LEU C 960 73.51 -16.52 30.35
CA LEU C 960 74.37 -17.68 30.10
C LEU C 960 75.84 -17.36 30.28
N SER C 961 76.28 -16.18 29.85
CA SER C 961 77.67 -15.76 29.93
C SER C 961 77.80 -14.40 30.61
N PRO C 962 77.80 -14.36 31.95
CA PRO C 962 77.84 -13.07 32.65
C PRO C 962 79.23 -12.50 32.86
N ASP C 963 80.30 -13.14 32.40
CA ASP C 963 81.64 -12.64 32.64
C ASP C 963 82.47 -12.68 31.38
N GLU C 964 81.90 -12.18 30.29
CA GLU C 964 82.55 -12.21 28.99
C GLU C 964 82.53 -10.81 28.40
N ASP C 965 83.64 -10.43 27.77
CA ASP C 965 83.73 -9.18 27.01
C ASP C 965 82.83 -9.23 25.79
N PHE C 966 82.23 -8.08 25.47
CA PHE C 966 81.37 -7.93 24.31
C PHE C 966 82.21 -8.06 23.04
N SER C 967 81.69 -8.81 22.09
CA SER C 967 82.32 -9.05 20.81
C SER C 967 81.21 -9.30 19.81
N SER C 968 81.61 -9.62 18.58
CA SER C 968 80.66 -9.99 17.51
C SER C 968 79.91 -11.28 17.81
N ARG C 969 80.57 -12.23 18.52
CA ARG C 969 80.00 -13.50 18.96
C ARG C 969 78.85 -13.33 19.94
N THR C 970 78.90 -12.28 20.76
CA THR C 970 77.82 -11.91 21.68
C THR C 970 76.57 -11.52 20.92
N PHE C 971 76.73 -10.72 19.84
CA PHE C 971 75.64 -10.29 18.96
C PHE C 971 75.01 -11.46 18.19
N ILE C 972 75.82 -12.38 17.71
CA ILE C 972 75.26 -13.56 17.02
C ILE C 972 74.55 -14.40 18.07
N GLY C 973 75.16 -14.57 19.24
CA GLY C 973 74.47 -15.32 20.30
C GLY C 973 73.12 -14.74 20.68
N VAL C 974 72.94 -13.45 20.49
CA VAL C 974 71.67 -12.77 20.84
C VAL C 974 70.67 -13.05 19.74
N LEU C 975 71.11 -13.21 18.49
CA LEU C 975 70.04 -13.44 17.49
C LEU C 975 69.96 -14.87 16.97
N PHE C 976 70.96 -15.72 17.19
CA PHE C 976 70.93 -17.02 16.52
C PHE C 976 69.89 -17.95 17.11
N ARG C 977 70.07 -18.37 18.36
CA ARG C 977 69.16 -19.35 18.98
C ARG C 977 67.79 -18.73 19.23
N PRO C 978 67.60 -17.48 19.72
CA PRO C 978 66.24 -16.94 19.86
C PRO C 978 65.38 -17.03 18.59
N TYR C 979 65.95 -16.85 17.40
CA TYR C 979 65.11 -16.82 16.19
C TYR C 979 64.69 -18.22 15.80
N PHE C 980 65.61 -19.16 15.87
CA PHE C 980 65.31 -20.54 15.48
C PHE C 980 64.54 -21.31 16.53
N GLN C 981 64.38 -20.81 17.76
CA GLN C 981 63.57 -21.50 18.75
C GLN C 981 62.07 -21.34 18.53
N ILE C 982 61.68 -20.39 17.67
CA ILE C 982 60.23 -20.13 17.39
C ILE C 982 59.71 -21.10 16.32
N TYR C 983 60.59 -21.89 15.71
CA TYR C 983 60.20 -22.88 14.71
C TYR C 983 60.26 -24.28 15.27
N GLY C 984 60.37 -24.41 16.59
CA GLY C 984 60.35 -25.70 17.22
C GLY C 984 61.69 -26.33 17.45
N GLU C 985 62.77 -25.80 16.87
CA GLU C 985 64.08 -26.37 17.15
C GLU C 985 64.61 -25.82 18.45
N LEU C 986 64.38 -26.51 19.56
CA LEU C 986 64.80 -25.97 20.88
C LEU C 986 66.19 -26.50 21.23
N PHE C 987 67.15 -25.60 21.43
CA PHE C 987 68.56 -26.03 21.60
C PHE C 987 68.85 -26.31 23.06
N LEU C 988 67.96 -26.98 23.76
CA LEU C 988 68.02 -27.36 25.18
C LEU C 988 69.23 -28.22 25.56
N ASP C 989 69.65 -29.15 24.69
CA ASP C 989 70.91 -29.87 24.90
C ASP C 989 72.11 -28.93 24.84
N ASP C 990 72.12 -28.03 23.85
CA ASP C 990 73.17 -27.00 23.67
C ASP C 990 73.16 -25.99 24.81
N LEU C 991 71.95 -25.58 25.25
CA LEU C 991 71.77 -24.67 26.38
C LEU C 991 72.24 -25.32 27.67
N ASN C 992 71.98 -26.63 27.81
CA ASN C 992 72.43 -27.43 28.95
C ASN C 992 73.96 -27.52 29.00
N SER C 993 74.59 -27.71 27.83
CA SER C 993 76.06 -27.72 27.75
C SER C 993 76.66 -26.35 28.08
N GLU C 994 76.07 -25.25 27.55
CA GLU C 994 76.57 -23.90 27.84
C GLU C 994 76.35 -23.44 29.27
N ALA C 995 75.27 -23.89 29.94
CA ALA C 995 75.01 -23.50 31.32
C ALA C 995 75.93 -24.11 32.38
N ASN C 996 76.76 -25.12 32.02
CA ASN C 996 77.70 -25.86 32.89
C ASN C 996 76.99 -26.56 34.05
N CYS C 997 75.82 -27.12 33.77
CA CYS C 997 75.06 -27.89 34.74
C CYS C 997 75.37 -29.37 34.54
N LEU C 998 75.86 -30.01 35.59
CA LEU C 998 76.38 -31.36 35.51
C LEU C 998 75.40 -32.42 35.99
N GLY C 999 74.20 -32.00 36.43
CA GLY C 999 73.21 -32.91 36.93
C GLY C 999 72.54 -33.73 35.84
N ASP C 1000 71.86 -34.80 36.24
CA ASP C 1000 71.12 -35.62 35.26
C ASP C 1000 69.83 -34.89 34.93
N THR C 1001 69.18 -34.31 35.95
CA THR C 1001 68.00 -33.46 35.67
C THR C 1001 68.59 -32.28 34.89
N PRO C 1002 67.90 -31.71 33.88
CA PRO C 1002 68.53 -30.71 33.05
C PRO C 1002 69.13 -29.39 33.58
N PHE C 1003 68.52 -28.69 34.53
CA PHE C 1003 69.20 -27.45 34.97
C PHE C 1003 69.45 -27.47 36.48
N THR C 1004 69.91 -28.58 37.05
CA THR C 1004 70.29 -28.75 38.43
C THR C 1004 71.79 -28.99 38.50
N GLU C 1005 72.33 -28.68 39.69
CA GLU C 1005 73.75 -28.73 40.08
C GLU C 1005 74.64 -27.88 39.18
N CYS C 1006 74.25 -26.61 39.03
CA CYS C 1006 74.97 -25.64 38.22
C CYS C 1006 75.88 -24.82 39.12
N SER C 1007 76.91 -24.22 38.49
CA SER C 1007 77.87 -23.36 39.19
C SER C 1007 77.23 -22.07 39.71
N ARG C 1008 76.35 -21.46 38.91
CA ARG C 1008 75.64 -20.24 39.27
C ARG C 1008 74.16 -20.54 39.32
N GLU C 1009 73.46 -19.99 40.31
CA GLU C 1009 72.03 -20.24 40.40
C GLU C 1009 71.19 -19.43 39.43
N THR C 1010 71.75 -18.32 38.89
CA THR C 1010 71.07 -17.40 37.98
C THR C 1010 70.80 -18.03 36.64
N VAL C 1011 71.70 -18.92 36.19
CA VAL C 1011 71.59 -19.62 34.89
C VAL C 1011 70.43 -20.64 34.92
N ARG C 1012 69.95 -21.08 36.13
CA ARG C 1012 68.75 -21.91 36.27
C ARG C 1012 67.46 -21.16 35.88
N MET C 1013 67.46 -19.80 35.77
CA MET C 1013 66.35 -19.04 35.22
C MET C 1013 66.31 -19.09 33.69
N VAL C 1014 67.36 -19.64 33.02
CA VAL C 1014 67.41 -19.73 31.54
C VAL C 1014 66.24 -20.51 30.89
N PRO C 1015 65.76 -21.67 31.43
CA PRO C 1015 64.58 -22.35 30.89
C PRO C 1015 63.23 -21.67 31.14
N PHE C 1016 63.05 -20.93 32.20
CA PHE C 1016 61.87 -20.14 32.58
C PHE C 1016 61.58 -19.00 31.62
N PHE C 1017 62.60 -18.15 31.33
CA PHE C 1017 62.60 -17.10 30.30
C PHE C 1017 62.19 -17.65 28.96
N LEU C 1018 62.82 -18.80 28.59
CA LEU C 1018 62.52 -19.57 27.37
C LEU C 1018 61.08 -20.03 27.38
N ALA C 1019 60.61 -20.51 28.55
CA ALA C 1019 59.24 -20.95 28.82
C ALA C 1019 58.21 -19.85 28.58
N VAL C 1020 58.57 -18.62 28.95
CA VAL C 1020 57.69 -17.48 28.66
C VAL C 1020 57.69 -17.16 27.17
N TYR C 1021 58.91 -17.16 26.57
CA TYR C 1021 59.22 -16.69 25.20
C TYR C 1021 58.47 -17.45 24.12
N ILE C 1022 58.57 -18.79 24.15
CA ILE C 1022 57.85 -19.65 23.19
C ILE C 1022 56.34 -19.65 23.44
N LEU C 1023 55.88 -19.30 24.66
CA LEU C 1023 54.47 -19.04 24.89
C LEU C 1023 54.07 -17.76 24.16
N GLY C 1024 54.94 -16.75 24.20
CA GLY C 1024 54.65 -15.52 23.48
C GLY C 1024 54.73 -15.67 21.98
N SER C 1025 55.72 -16.42 21.49
CA SER C 1025 55.95 -16.46 20.04
C SER C 1025 55.12 -17.50 19.32
N ASN C 1026 55.07 -18.74 19.82
CA ASN C 1026 54.40 -19.82 19.09
C ASN C 1026 52.92 -19.89 19.40
N VAL C 1027 52.56 -19.77 20.66
CA VAL C 1027 51.13 -19.96 20.99
C VAL C 1027 50.39 -18.65 20.76
N LEU C 1028 51.02 -17.53 21.03
CA LEU C 1028 50.24 -16.29 20.90
C LEU C 1028 50.37 -15.65 19.53
N LEU C 1029 51.60 -15.36 19.06
CA LEU C 1029 51.81 -14.55 17.85
C LEU C 1029 51.47 -15.27 16.56
N VAL C 1030 51.85 -16.55 16.45
CA VAL C 1030 51.62 -17.37 15.27
C VAL C 1030 50.13 -17.59 15.02
N ASN C 1031 49.38 -17.86 16.11
CA ASN C 1031 47.94 -18.06 16.06
C ASN C 1031 47.20 -16.76 15.76
N LEU C 1032 47.77 -15.61 16.17
CA LEU C 1032 47.16 -14.31 15.84
C LEU C 1032 47.44 -14.02 14.36
N LEU C 1033 48.59 -14.41 13.87
CA LEU C 1033 48.87 -14.29 12.43
C LEU C 1033 47.89 -15.09 11.58
N ILE C 1034 47.51 -16.29 12.07
CA ILE C 1034 46.50 -17.16 11.44
C ILE C 1034 45.14 -16.46 11.39
N ALA C 1035 44.76 -15.82 12.52
CA ALA C 1035 43.51 -15.04 12.65
C ALA C 1035 43.47 -13.82 11.72
N MET C 1036 44.61 -13.08 11.66
CA MET C 1036 44.76 -11.93 10.76
C MET C 1036 44.70 -12.31 9.29
N PHE C 1037 45.28 -13.46 8.95
CA PHE C 1037 45.27 -13.95 7.55
C PHE C 1037 43.83 -14.28 7.16
N ASN C 1038 43.11 -15.04 8.00
CA ASN C 1038 41.73 -15.44 7.68
C ASN C 1038 40.82 -14.24 7.47
N ASP C 1039 40.95 -13.22 8.34
CA ASP C 1039 40.18 -11.98 8.22
C ASP C 1039 40.52 -11.18 6.97
N THR C 1040 41.83 -11.03 6.70
CA THR C 1040 42.37 -10.30 5.55
C THR C 1040 41.98 -10.96 4.22
N TYR C 1041 42.05 -12.32 4.19
CA TYR C 1041 41.69 -13.18 3.05
C TYR C 1041 40.23 -12.99 2.65
N MET C 1042 39.31 -13.10 3.66
CA MET C 1042 37.86 -12.87 3.47
C MET C 1042 37.55 -11.44 3.01
N LYS C 1043 38.36 -10.46 3.44
CA LYS C 1043 38.13 -9.07 3.07
C LYS C 1043 38.54 -8.80 1.62
N VAL C 1044 39.67 -9.34 1.14
CA VAL C 1044 40.23 -8.83 -0.10
C VAL C 1044 40.24 -9.85 -1.24
N GLN C 1045 39.54 -10.99 -1.07
CA GLN C 1045 39.41 -12.04 -2.11
C GLN C 1045 38.70 -11.59 -3.42
N GLU C 1046 37.59 -10.86 -3.30
CA GLU C 1046 36.83 -10.39 -4.47
C GLU C 1046 37.55 -9.29 -5.25
N ALA C 1047 38.19 -8.36 -4.51
CA ALA C 1047 39.02 -7.30 -5.08
C ALA C 1047 40.26 -7.85 -5.80
N ALA C 1048 40.86 -8.91 -5.22
CA ALA C 1048 41.99 -9.61 -5.85
C ALA C 1048 41.60 -10.29 -7.15
N GLU C 1049 40.39 -10.90 -7.18
CA GLU C 1049 39.84 -11.51 -8.39
C GLU C 1049 39.60 -10.49 -9.51
N ASP C 1050 39.03 -9.33 -9.16
CA ASP C 1050 38.80 -8.22 -10.10
C ASP C 1050 40.09 -7.63 -10.66
N LEU C 1051 41.09 -7.45 -9.77
CA LEU C 1051 42.41 -6.95 -10.13
C LEU C 1051 43.15 -7.92 -11.05
N TRP C 1052 42.96 -9.25 -10.82
CA TRP C 1052 43.52 -10.29 -11.69
C TRP C 1052 42.89 -10.22 -13.08
N ARG C 1053 41.58 -9.96 -13.15
CA ARG C 1053 40.87 -9.80 -14.42
C ARG C 1053 41.33 -8.56 -15.21
N LYS C 1054 41.71 -7.48 -14.53
CA LYS C 1054 42.31 -6.35 -15.24
C LYS C 1054 43.73 -6.70 -15.75
N GLN C 1055 44.52 -7.39 -14.89
CA GLN C 1055 45.87 -7.86 -15.25
C GLN C 1055 45.91 -8.93 -16.34
N ASN C 1056 44.82 -9.66 -16.56
CA ASN C 1056 44.67 -10.59 -17.69
C ASN C 1056 44.77 -9.88 -19.03
N TYR C 1057 44.15 -8.72 -19.14
CA TYR C 1057 44.22 -7.92 -20.37
C TYR C 1057 45.61 -7.33 -20.45
N GLU C 1058 46.14 -6.86 -19.33
CA GLU C 1058 47.49 -6.26 -19.28
C GLU C 1058 48.56 -7.22 -19.77
N LEU C 1059 48.48 -8.49 -19.34
CA LEU C 1059 49.40 -9.54 -19.77
C LEU C 1059 49.22 -9.88 -21.25
N CYS C 1060 47.94 -9.92 -21.72
CA CYS C 1060 47.62 -10.15 -23.15
C CYS C 1060 48.19 -9.06 -24.06
N ALA C 1061 48.04 -7.80 -23.63
CA ALA C 1061 48.58 -6.63 -24.31
C ALA C 1061 50.11 -6.64 -24.30
N GLU C 1062 50.70 -7.05 -23.16
CA GLU C 1062 52.16 -7.12 -23.00
C GLU C 1062 52.77 -8.18 -23.92
N TYR C 1063 52.16 -9.36 -24.03
CA TYR C 1063 52.75 -10.38 -24.87
C TYR C 1063 52.31 -10.27 -26.33
N LYS C 1064 51.33 -9.40 -26.64
CA LYS C 1064 51.07 -9.03 -28.03
C LYS C 1064 52.20 -8.24 -28.69
N ASP C 1065 52.79 -7.27 -27.99
CA ASP C 1065 53.81 -6.37 -28.64
C ASP C 1065 55.24 -6.92 -28.51
N ARG C 1066 55.42 -8.00 -27.75
CA ARG C 1066 56.78 -8.55 -27.43
C ARG C 1066 57.52 -9.10 -28.63
N PRO C 1067 58.87 -9.09 -28.63
CA PRO C 1067 59.64 -9.64 -29.74
C PRO C 1067 59.36 -11.13 -29.90
N PHE C 1068 59.32 -11.61 -31.13
CA PHE C 1068 58.91 -13.01 -31.40
C PHE C 1068 59.88 -14.05 -30.85
N LEU C 1069 61.18 -13.84 -30.96
CA LEU C 1069 62.15 -14.90 -30.59
C LEU C 1069 62.41 -14.94 -29.08
N PRO C 1070 62.69 -16.11 -28.44
CA PRO C 1070 63.01 -16.16 -26.99
C PRO C 1070 64.33 -15.48 -26.61
N ALA C 1071 64.60 -15.39 -25.30
CA ALA C 1071 65.75 -14.61 -24.77
C ALA C 1071 67.12 -14.92 -25.35
N PRO C 1072 67.73 -16.14 -25.32
CA PRO C 1072 69.09 -16.23 -25.86
C PRO C 1072 69.14 -15.72 -27.30
N PHE C 1073 68.06 -15.88 -28.07
CA PHE C 1073 68.06 -15.56 -29.52
C PHE C 1073 67.45 -14.20 -29.84
N ILE C 1074 67.04 -13.46 -28.83
CA ILE C 1074 66.36 -12.14 -29.04
C ILE C 1074 67.30 -11.15 -29.74
N LEU C 1075 68.61 -11.35 -29.66
CA LEU C 1075 69.61 -10.50 -30.31
C LEU C 1075 69.39 -10.42 -31.81
N LEU C 1076 68.97 -11.55 -32.42
CA LEU C 1076 68.60 -11.64 -33.84
C LEU C 1076 67.38 -10.77 -34.14
N ALA C 1077 66.40 -10.80 -33.22
CA ALA C 1077 65.19 -9.97 -33.29
C ALA C 1077 65.54 -8.49 -33.15
N HIS C 1078 66.52 -8.17 -32.28
CA HIS C 1078 67.02 -6.80 -32.06
C HIS C 1078 67.67 -6.24 -33.32
N VAL C 1079 68.52 -7.06 -33.96
CA VAL C 1079 69.22 -6.67 -35.19
C VAL C 1079 68.22 -6.57 -36.36
N HIS C 1080 67.16 -7.41 -36.35
CA HIS C 1080 66.07 -7.33 -37.32
C HIS C 1080 65.23 -6.05 -37.18
N MET C 1081 64.90 -5.65 -35.93
CA MET C 1081 64.17 -4.40 -35.67
C MET C 1081 65.00 -3.16 -36.02
N LEU C 1082 66.30 -3.21 -35.71
CA LEU C 1082 67.24 -2.15 -36.08
C LEU C 1082 67.37 -2.02 -37.59
N PHE C 1083 67.40 -3.16 -38.31
CA PHE C 1083 67.43 -3.20 -39.77
C PHE C 1083 66.16 -2.62 -40.40
N MET C 1084 64.97 -2.97 -39.83
CA MET C 1084 63.69 -2.42 -40.28
C MET C 1084 63.58 -0.92 -40.02
N ARG C 1085 64.05 -0.47 -38.84
CA ARG C 1085 64.07 0.95 -38.48
C ARG C 1085 65.00 1.77 -39.39
N LEU C 1086 66.19 1.22 -39.69
CA LEU C 1086 67.12 1.85 -40.63
C LEU C 1086 66.58 1.88 -42.05
N LEU C 1087 65.96 0.78 -42.50
CA LEU C 1087 65.35 0.71 -43.83
C LEU C 1087 64.11 1.57 -43.96
N ARG C 1088 63.38 1.81 -42.87
CA ARG C 1088 62.18 2.64 -42.88
C ARG C 1088 62.45 4.14 -42.72
N LEU C 1089 63.40 4.50 -41.85
CA LEU C 1089 63.68 5.90 -41.61
C LEU C 1089 64.56 6.51 -42.68
N CYS C 1090 65.68 5.85 -42.99
CA CYS C 1090 66.63 6.36 -43.98
C CYS C 1090 66.33 5.86 -45.39
N GLY C 1091 66.26 4.53 -45.56
CA GLY C 1091 66.00 3.94 -46.87
C GLY C 1091 64.63 4.20 -47.48
N VAL C 1092 63.57 4.14 -46.64
CA VAL C 1092 62.12 4.32 -46.93
C VAL C 1092 61.64 3.37 -48.02
N HIS C 1093 62.13 2.13 -47.98
CA HIS C 1093 61.81 1.10 -48.96
C HIS C 1093 60.62 0.23 -48.62
N THR C 1094 59.91 0.49 -47.50
CA THR C 1094 58.76 -0.32 -47.14
C THR C 1094 57.79 0.53 -46.32
N GLN C 1095 56.64 -0.07 -46.02
CA GLN C 1095 55.59 0.58 -45.26
C GLN C 1095 54.85 -0.47 -44.43
N GLU C 1096 53.70 -0.07 -43.89
CA GLU C 1096 52.86 -0.93 -43.05
C GLU C 1096 51.57 -1.26 -43.77
N HIS C 1097 51.12 -2.51 -43.64
CA HIS C 1097 49.89 -2.98 -44.26
C HIS C 1097 48.97 -3.53 -43.19
N GLU C 1098 47.67 -3.29 -43.36
CA GLU C 1098 46.66 -3.73 -42.42
C GLU C 1098 45.38 -4.07 -43.19
N LYS C 1099 44.37 -4.51 -42.47
CA LYS C 1099 43.08 -4.89 -43.04
C LYS C 1099 41.99 -4.05 -42.42
N ILE C 1100 41.07 -3.57 -43.25
CA ILE C 1100 39.97 -2.71 -42.83
C ILE C 1100 38.65 -3.44 -43.06
N GLN C 1101 37.80 -3.42 -42.04
CA GLN C 1101 36.48 -4.06 -42.06
C GLN C 1101 35.56 -3.37 -43.06
N ASP C 1102 34.75 -4.17 -43.76
CA ASP C 1102 33.78 -3.68 -44.73
C ASP C 1102 32.63 -2.93 -44.04
N ASP C 1103 31.99 -2.04 -44.84
CA ASP C 1103 30.85 -1.24 -44.39
C ASP C 1103 29.62 -2.07 -44.04
N GLU C 1104 29.44 -3.23 -44.71
CA GLU C 1104 28.32 -4.15 -44.47
C GLU C 1104 28.36 -4.73 -43.07
N THR C 1105 29.55 -5.25 -42.69
CA THR C 1105 29.77 -5.81 -41.36
C THR C 1105 29.77 -4.72 -40.27
N LYS C 1106 30.22 -3.50 -40.63
CA LYS C 1106 30.19 -2.33 -39.75
C LYS C 1106 28.77 -1.87 -39.42
N ARG C 1107 27.90 -1.78 -40.44
CA ARG C 1107 26.50 -1.42 -40.22
C ARG C 1107 25.73 -2.56 -39.54
N LYS C 1108 26.14 -3.82 -39.77
CA LYS C 1108 25.60 -4.99 -39.07
C LYS C 1108 25.90 -4.94 -37.57
N ILE C 1109 27.12 -4.57 -37.18
CA ILE C 1109 27.52 -4.39 -35.78
C ILE C 1109 26.77 -3.22 -35.14
N THR C 1110 26.62 -2.11 -35.90
CA THR C 1110 25.92 -0.88 -35.50
C THR C 1110 24.44 -1.10 -35.21
N THR C 1111 23.75 -1.87 -36.09
CA THR C 1111 22.34 -2.24 -35.96
C THR C 1111 22.08 -3.11 -34.73
N PHE C 1112 22.96 -4.09 -34.50
CA PHE C 1112 22.95 -5.01 -33.35
C PHE C 1112 23.10 -4.27 -32.03
N GLU C 1113 24.06 -3.32 -31.98
CA GLU C 1113 24.37 -2.53 -30.79
C GLU C 1113 23.23 -1.58 -30.44
N GLU C 1114 22.63 -0.94 -31.47
CA GLU C 1114 21.50 -0.03 -31.31
C GLU C 1114 20.24 -0.74 -30.82
N LEU C 1115 19.96 -1.93 -31.42
CA LEU C 1115 18.82 -2.78 -31.05
C LEU C 1115 18.90 -3.30 -29.62
N ASN C 1116 20.10 -3.75 -29.22
CA ASN C 1116 20.33 -4.24 -27.86
C ASN C 1116 20.34 -3.12 -26.82
N THR C 1117 20.76 -1.89 -27.23
CA THR C 1117 20.69 -0.70 -26.37
C THR C 1117 19.25 -0.36 -26.02
N ASP C 1118 18.37 -0.36 -27.05
CA ASP C 1118 16.92 -0.14 -26.88
C ASP C 1118 16.26 -1.23 -26.04
N LYS C 1119 16.66 -2.49 -26.28
CA LYS C 1119 16.17 -3.66 -25.55
C LYS C 1119 16.54 -3.62 -24.06
N PHE C 1120 17.79 -3.21 -23.74
CA PHE C 1120 18.24 -3.06 -22.35
C PHE C 1120 17.49 -1.94 -21.64
N LEU C 1121 17.25 -0.80 -22.34
CA LEU C 1121 16.51 0.34 -21.76
C LEU C 1121 15.06 -0.01 -21.43
N ARG C 1122 14.40 -0.77 -22.33
CA ARG C 1122 13.04 -1.28 -22.09
C ARG C 1122 12.98 -2.23 -20.89
N ARG C 1123 13.96 -3.19 -20.82
CA ARG C 1123 14.03 -4.16 -19.71
C ARG C 1123 14.33 -3.47 -18.38
N TRP C 1124 15.23 -2.47 -18.41
CA TRP C 1124 15.64 -1.65 -17.25
C TRP C 1124 14.49 -0.82 -16.70
N GLU C 1125 13.72 -0.19 -17.60
CA GLU C 1125 12.53 0.58 -17.22
C GLU C 1125 11.45 -0.30 -16.59
N ARG C 1126 11.17 -1.49 -17.19
CA ARG C 1126 10.17 -2.44 -16.65
C ARG C 1126 10.59 -2.98 -15.27
N GLU C 1127 11.90 -3.29 -15.09
CA GLU C 1127 12.47 -3.77 -13.82
C GLU C 1127 12.38 -2.71 -12.74
N ARG C 1128 12.63 -1.43 -13.10
CA ARG C 1128 12.54 -0.36 -12.11
C ARG C 1128 11.07 -0.10 -11.74
N GLN C 1129 10.13 -0.31 -12.68
CA GLN C 1129 8.71 -0.20 -12.34
C GLN C 1129 8.17 -1.39 -11.54
N GLU C 1130 8.87 -2.52 -11.48
CA GLU C 1130 8.38 -3.64 -10.67
C GLU C 1130 8.90 -3.67 -9.24
N MET C 1131 9.72 -2.69 -8.84
CA MET C 1131 10.19 -2.60 -7.45
C MET C 1131 9.06 -2.23 -6.51
N LEU C 1132 9.21 -2.66 -5.24
CA LEU C 1132 8.23 -2.46 -4.18
C LEU C 1132 8.00 -1.00 -3.82
N GLU C 1133 9.10 -0.21 -3.75
CA GLU C 1133 9.07 1.22 -3.45
C GLU C 1133 8.30 2.02 -4.49
N ALA C 1134 8.54 1.70 -5.77
CA ALA C 1134 7.88 2.34 -6.92
C ALA C 1134 6.38 2.04 -6.93
N ARG C 1135 6.01 0.79 -6.61
CA ARG C 1135 4.61 0.37 -6.56
C ARG C 1135 3.84 1.04 -5.43
N VAL C 1136 4.48 1.18 -4.25
CA VAL C 1136 3.91 1.87 -3.08
C VAL C 1136 3.71 3.36 -3.38
N LYS C 1137 4.72 3.98 -4.02
CA LYS C 1137 4.66 5.39 -4.46
C LYS C 1137 3.56 5.64 -5.51
N MET C 1138 3.46 4.75 -6.52
CA MET C 1138 2.45 4.86 -7.59
C MET C 1138 1.01 4.68 -7.06
N THR C 1139 0.79 3.70 -6.14
CA THR C 1139 -0.53 3.48 -5.50
C THR C 1139 -0.93 4.68 -4.64
N ASN C 1140 0.07 5.30 -3.94
CA ASN C 1140 -0.12 6.49 -3.09
C ASN C 1140 -0.59 7.69 -3.93
N ASP C 1141 0.09 7.93 -5.08
CA ASP C 1141 -0.29 9.00 -6.03
C ASP C 1141 -1.68 8.75 -6.62
N ASN C 1142 -2.02 7.47 -6.86
CA ASN C 1142 -3.34 7.09 -7.36
C ASN C 1142 -4.45 7.41 -6.35
N VAL C 1143 -4.18 7.19 -5.05
CA VAL C 1143 -5.12 7.49 -3.96
C VAL C 1143 -5.31 9.01 -3.82
N VAL C 1144 -4.23 9.78 -4.06
CA VAL C 1144 -4.25 11.26 -4.09
C VAL C 1144 -5.14 11.78 -5.24
N GLN C 1145 -4.96 11.19 -6.45
CA GLN C 1145 -5.80 11.47 -7.63
C GLN C 1145 -7.27 11.10 -7.43
N ALA C 1146 -7.53 10.02 -6.67
CA ALA C 1146 -8.87 9.59 -6.27
C ALA C 1146 -9.57 10.63 -5.39
N MET C 1147 -8.82 11.23 -4.46
CA MET C 1147 -9.42 12.30 -3.63
C MET C 1147 -9.71 13.49 -4.54
N GLY C 1148 -8.78 13.87 -5.41
CA GLY C 1148 -9.02 14.98 -6.35
C GLY C 1148 -10.32 14.82 -7.12
N MET C 1149 -10.59 13.59 -7.58
CA MET C 1149 -11.82 13.26 -8.30
C MET C 1149 -13.04 13.37 -7.38
N MET C 1150 -12.88 13.00 -6.08
CA MET C 1150 -13.93 13.20 -5.07
C MET C 1150 -14.21 14.67 -4.80
N ASP C 1151 -13.15 15.51 -4.82
CA ASP C 1151 -13.28 16.97 -4.66
C ASP C 1151 -14.11 17.57 -5.79
N GLN C 1152 -13.86 17.12 -7.04
CA GLN C 1152 -14.66 17.51 -8.22
C GLN C 1152 -16.12 17.06 -8.08
N LEU C 1153 -16.30 15.83 -7.56
CA LEU C 1153 -17.61 15.23 -7.27
C LEU C 1153 -18.40 16.06 -6.24
N LEU C 1154 -17.70 16.52 -5.20
CA LEU C 1154 -18.29 17.34 -4.13
C LEU C 1154 -18.71 18.72 -4.65
N GLU C 1155 -17.91 19.30 -5.58
CA GLU C 1155 -18.27 20.55 -6.27
C GLU C 1155 -19.55 20.41 -7.08
N HIS C 1156 -19.67 19.28 -7.81
CA HIS C 1156 -20.90 18.99 -8.57
C HIS C 1156 -22.10 18.78 -7.64
N MET C 1157 -21.87 18.10 -6.50
CA MET C 1157 -22.86 17.87 -5.44
C MET C 1157 -23.40 19.16 -4.80
N ILE C 1158 -22.48 20.09 -4.43
CA ILE C 1158 -22.85 21.39 -3.83
C ILE C 1158 -23.62 22.24 -4.86
N SER C 1159 -23.25 22.12 -6.18
CA SER C 1159 -23.96 22.77 -7.29
C SER C 1159 -25.41 22.26 -7.38
N PHE C 1160 -25.63 20.96 -7.18
CA PHE C 1160 -27.03 20.49 -7.19
C PHE C 1160 -27.73 21.01 -5.93
N ARG C 1161 -27.05 20.96 -4.79
CA ARG C 1161 -27.65 21.45 -3.55
C ARG C 1161 -28.20 22.87 -3.74
N PHE C 1162 -27.40 23.73 -4.39
CA PHE C 1162 -27.80 25.10 -4.73
C PHE C 1162 -28.97 25.11 -5.72
N SER C 1163 -28.89 24.24 -6.76
CA SER C 1163 -29.93 24.12 -7.79
C SER C 1163 -31.26 23.62 -7.23
N LEU C 1164 -31.20 22.61 -6.34
CA LEU C 1164 -32.39 22.09 -5.68
C LEU C 1164 -32.99 23.09 -4.70
N ASP C 1165 -32.13 23.86 -4.00
CA ASP C 1165 -32.58 24.92 -3.10
C ASP C 1165 -33.28 26.04 -3.86
N GLN C 1166 -32.73 26.44 -5.01
CA GLN C 1166 -33.34 27.47 -5.86
C GLN C 1166 -34.52 26.92 -6.67
N GLN C 1167 -34.66 25.59 -6.79
CA GLN C 1167 -35.79 24.97 -7.48
C GLN C 1167 -37.09 25.00 -6.69
N ALA C 1168 -37.04 25.26 -5.38
CA ALA C 1168 -38.24 25.33 -4.57
C ALA C 1168 -38.63 26.77 -4.30
N GLU C 1215 -40.60 58.95 -28.92
CA GLU C 1215 -39.40 58.29 -29.43
C GLU C 1215 -38.72 59.15 -30.49
N TRP C 1216 -39.12 60.42 -30.53
CA TRP C 1216 -38.73 61.38 -31.55
C TRP C 1216 -37.25 61.74 -31.45
N TYR C 1217 -36.59 61.84 -32.61
CA TYR C 1217 -35.16 62.06 -32.67
C TYR C 1217 -34.87 63.53 -32.90
N VAL C 1218 -33.97 64.09 -32.10
CA VAL C 1218 -33.48 65.45 -32.25
C VAL C 1218 -31.97 65.40 -32.40
N PRO C 1219 -31.40 65.87 -33.53
CA PRO C 1219 -29.92 65.83 -33.74
C PRO C 1219 -29.17 66.78 -32.81
N PRO C 1220 -27.87 66.50 -32.52
CA PRO C 1220 -27.06 67.42 -31.68
C PRO C 1220 -26.83 68.82 -32.25
N GLU C 1221 -26.62 69.77 -31.33
CA GLU C 1221 -26.54 71.21 -31.60
C GLU C 1221 -25.39 71.60 -32.53
N GLU C 1222 -24.21 71.02 -32.33
CA GLU C 1222 -23.07 71.37 -33.15
C GLU C 1222 -23.05 70.47 -34.39
N TYR C 1223 -23.11 71.11 -35.57
CA TYR C 1223 -23.02 70.41 -36.85
C TYR C 1223 -21.64 69.79 -37.07
N PRO C 1224 -21.55 68.51 -37.48
CA PRO C 1224 -20.24 67.85 -37.71
C PRO C 1224 -19.44 68.49 -38.85
N LYS C 1225 -18.11 68.56 -38.65
CA LYS C 1225 -17.08 69.04 -39.60
C LYS C 1225 -17.28 70.48 -40.12
N SER C 1226 -17.96 71.33 -39.34
CA SER C 1226 -18.30 72.69 -39.70
C SER C 1226 -17.42 73.74 -39.03
N GLY C 1227 -16.44 73.31 -38.24
CA GLY C 1227 -15.59 74.22 -37.49
C GLY C 1227 -16.31 74.94 -36.36
N GLY C 1228 -17.13 74.23 -35.61
CA GLY C 1228 -17.80 74.76 -34.44
C GLY C 1228 -19.08 75.52 -34.68
N VAL C 1229 -19.63 75.46 -35.90
CA VAL C 1229 -20.90 76.12 -36.20
C VAL C 1229 -22.04 75.34 -35.54
N LYS C 1230 -22.89 76.04 -34.81
CA LYS C 1230 -23.95 75.40 -34.04
C LYS C 1230 -25.33 75.72 -34.62
N ARG C 1231 -26.21 74.72 -34.60
CA ARG C 1231 -27.60 74.84 -35.03
C ARG C 1231 -28.46 75.61 -34.00
N TYR C 1232 -29.75 75.71 -34.30
CA TYR C 1232 -30.71 76.28 -33.36
C TYR C 1232 -31.36 75.13 -32.59
N LEU C 1233 -31.00 75.02 -31.31
CA LEU C 1233 -31.37 73.93 -30.40
C LEU C 1233 -32.87 73.83 -30.16
N ILE C 1234 -33.40 72.61 -30.30
CA ILE C 1234 -34.82 72.36 -30.05
C ILE C 1234 -34.99 71.10 -29.22
N ASP C 1235 -36.02 71.10 -28.39
CA ASP C 1235 -36.38 69.96 -27.56
C ASP C 1235 -36.96 68.84 -28.41
N ALA C 1236 -36.83 67.60 -27.90
CA ALA C 1236 -37.36 66.39 -28.57
C ALA C 1236 -38.89 66.30 -28.68
N SER C 1237 -39.65 67.10 -27.93
CA SER C 1237 -41.11 67.13 -28.01
C SER C 1237 -41.62 68.16 -29.01
N MET C 1238 -40.71 68.82 -29.73
CA MET C 1238 -41.04 69.82 -30.75
C MET C 1238 -40.57 69.41 -32.13
N VAL C 1239 -39.97 68.22 -32.26
CA VAL C 1239 -39.36 67.80 -33.56
C VAL C 1239 -40.38 67.50 -34.69
N PRO C 1240 -41.55 66.82 -34.51
CA PRO C 1240 -42.41 66.42 -35.63
C PRO C 1240 -42.95 67.57 -36.50
N LEU C 1241 -43.16 67.31 -37.80
CA LEU C 1241 -43.71 68.33 -38.68
C LEU C 1241 -45.23 68.54 -38.55
N SER C 1242 -45.95 67.61 -37.89
CA SER C 1242 -47.39 67.77 -37.66
C SER C 1242 -47.65 68.88 -36.64
N ILE C 1243 -46.76 69.03 -35.66
CA ILE C 1243 -46.86 70.03 -34.61
C ILE C 1243 -46.44 71.37 -35.21
N MET C 1244 -47.13 72.44 -34.78
CA MET C 1244 -46.98 73.77 -35.36
C MET C 1244 -45.61 74.38 -35.06
N CYS C 1245 -45.31 74.61 -33.75
CA CYS C 1245 -44.12 75.25 -33.16
C CYS C 1245 -43.74 76.62 -33.73
N PRO C 1246 -44.51 77.70 -33.46
CA PRO C 1246 -44.22 79.01 -34.08
C PRO C 1246 -42.89 79.69 -33.70
N SER C 1247 -42.25 79.30 -32.59
CA SER C 1247 -41.01 79.91 -32.14
C SER C 1247 -39.86 79.11 -32.74
N TYR C 1248 -39.66 79.25 -34.05
CA TYR C 1248 -38.64 78.49 -34.77
C TYR C 1248 -37.82 79.43 -35.65
N ASP C 1249 -36.55 79.60 -35.28
CA ASP C 1249 -35.62 80.46 -36.02
C ASP C 1249 -34.32 79.70 -36.29
N PRO C 1250 -34.29 78.82 -37.31
CA PRO C 1250 -33.07 78.05 -37.59
C PRO C 1250 -31.96 78.90 -38.21
N VAL C 1251 -30.74 78.39 -38.11
CA VAL C 1251 -29.56 79.06 -38.64
C VAL C 1251 -29.21 78.42 -39.98
N GLU C 1252 -28.88 79.26 -40.96
CA GLU C 1252 -28.52 78.79 -42.29
C GLU C 1252 -27.00 78.65 -42.37
N TYR C 1253 -26.54 77.41 -42.50
CA TYR C 1253 -25.11 77.12 -42.57
C TYR C 1253 -24.89 76.07 -43.66
N THR C 1254 -23.91 76.31 -44.53
CA THR C 1254 -23.52 75.33 -45.53
C THR C 1254 -22.02 75.10 -45.44
N HIS C 1255 -21.63 73.81 -45.40
CA HIS C 1255 -20.25 73.38 -45.29
C HIS C 1255 -19.42 73.78 -46.53
N PRO C 1256 -18.12 74.12 -46.35
CA PRO C 1256 -17.24 74.45 -47.50
C PRO C 1256 -17.05 73.35 -48.56
N SER C 1257 -17.04 72.07 -48.14
CA SER C 1257 -16.91 70.93 -49.04
C SER C 1257 -18.08 70.81 -50.01
N VAL C 1258 -19.31 70.99 -49.52
CA VAL C 1258 -20.51 70.95 -50.37
C VAL C 1258 -20.56 72.15 -51.29
N ALA C 1259 -20.20 73.34 -50.79
CA ALA C 1259 -20.19 74.58 -51.57
C ALA C 1259 -19.10 74.67 -52.65
N ALA C 1260 -18.10 73.78 -52.66
CA ALA C 1260 -17.06 73.73 -53.69
C ALA C 1260 -17.48 73.03 -54.97
N GLN C 1261 -18.71 72.46 -55.01
CA GLN C 1261 -19.40 71.74 -56.10
C GLN C 1261 -18.69 70.50 -56.67
N PRO C 1262 -18.54 69.33 -55.92
CA PRO C 1262 -18.06 68.11 -56.61
C PRO C 1262 -19.09 67.42 -57.51
N VAL C 1263 -18.71 66.25 -58.06
CA VAL C 1263 -19.57 65.50 -58.98
C VAL C 1263 -20.79 64.87 -58.29
N TRP C 1264 -20.67 64.49 -57.01
CA TRP C 1264 -21.78 63.81 -56.35
C TRP C 1264 -22.67 64.76 -55.58
N ALA C 1265 -22.45 66.06 -55.71
CA ALA C 1265 -23.20 67.08 -54.98
C ALA C 1265 -24.16 67.80 -55.92
N ASP C 1266 -25.41 67.98 -55.48
CA ASP C 1266 -26.39 68.73 -56.25
C ASP C 1266 -26.07 70.25 -56.25
N PRO C 1267 -26.53 71.02 -57.26
CA PRO C 1267 -26.35 72.50 -57.24
C PRO C 1267 -27.02 73.24 -56.09
N ALA C 1268 -26.37 74.35 -55.68
CA ALA C 1268 -26.75 75.21 -54.55
C ALA C 1268 -28.12 75.91 -54.72
N ASP C 1269 -28.60 76.06 -55.95
CA ASP C 1269 -29.88 76.65 -56.30
C ASP C 1269 -30.78 75.46 -56.62
N PRO C 1270 -31.76 75.13 -55.78
CA PRO C 1270 -32.58 73.93 -56.03
C PRO C 1270 -33.72 74.07 -57.02
N ARG C 1271 -33.79 75.16 -57.81
CA ARG C 1271 -34.85 75.38 -58.79
C ARG C 1271 -34.68 74.39 -59.95
N LYS C 1272 -35.82 74.00 -60.55
CA LYS C 1272 -36.09 73.08 -61.70
C LYS C 1272 -35.96 71.60 -61.30
N ILE C 1273 -35.68 71.29 -60.03
CA ILE C 1273 -35.50 69.92 -59.57
C ILE C 1273 -36.84 69.41 -59.07
N LYS C 1274 -37.22 68.22 -59.51
CA LYS C 1274 -38.46 67.57 -59.11
C LYS C 1274 -38.22 66.55 -58.00
N PHE C 1275 -38.94 66.72 -56.89
CA PHE C 1275 -38.85 65.88 -55.72
C PHE C 1275 -40.01 64.90 -55.75
N ASN C 1276 -39.97 63.91 -54.83
CA ASN C 1276 -40.89 62.77 -54.57
C ASN C 1276 -40.94 61.70 -55.68
N VAL C 1277 -40.13 61.82 -56.74
CA VAL C 1277 -40.02 60.89 -57.85
C VAL C 1277 -38.53 60.73 -58.14
N LYS C 1278 -38.19 59.68 -58.89
CA LYS C 1278 -36.82 59.42 -59.34
C LYS C 1278 -36.40 60.48 -60.35
N ASP C 1279 -35.36 61.25 -60.01
CA ASP C 1279 -34.95 62.41 -60.82
C ASP C 1279 -33.65 62.16 -61.54
N GLU C 1280 -33.57 62.66 -62.77
CA GLU C 1280 -32.43 62.46 -63.65
C GLU C 1280 -31.49 63.65 -63.62
N VAL C 1281 -30.27 63.40 -63.13
CA VAL C 1281 -29.17 64.35 -63.13
C VAL C 1281 -28.10 63.80 -64.08
N ASN C 1282 -27.78 64.60 -65.12
CA ASN C 1282 -26.86 64.31 -66.26
C ASN C 1282 -27.24 63.03 -67.02
N GLY C 1283 -28.55 62.80 -67.13
CA GLY C 1283 -29.19 61.66 -67.77
C GLY C 1283 -29.20 60.40 -66.94
N LYS C 1284 -28.70 60.44 -65.69
CA LYS C 1284 -28.66 59.27 -64.83
C LYS C 1284 -29.72 59.43 -63.74
N VAL C 1285 -30.45 58.37 -63.44
CA VAL C 1285 -31.52 58.48 -62.46
C VAL C 1285 -30.94 58.37 -61.06
N VAL C 1286 -31.40 59.23 -60.15
CA VAL C 1286 -31.02 59.17 -58.75
C VAL C 1286 -32.36 59.01 -58.04
N ASP C 1287 -32.31 58.39 -56.85
CA ASP C 1287 -33.45 58.18 -55.95
C ASP C 1287 -33.76 59.45 -55.15
N ARG C 1288 -34.63 60.29 -55.68
CA ARG C 1288 -35.03 61.53 -55.03
C ARG C 1288 -36.39 61.39 -54.35
N THR C 1289 -36.88 60.18 -54.21
CA THR C 1289 -38.17 59.90 -53.58
C THR C 1289 -37.96 59.31 -52.20
N SER C 1290 -38.66 59.87 -51.23
CA SER C 1290 -38.56 59.46 -49.83
C SER C 1290 -39.66 58.45 -49.51
N CYS C 1291 -39.33 57.54 -48.58
CA CYS C 1291 -40.23 56.52 -48.07
C CYS C 1291 -41.26 57.00 -47.06
N HIS C 1292 -41.21 58.28 -46.66
CA HIS C 1292 -42.19 58.90 -45.78
C HIS C 1292 -43.57 58.93 -46.46
N PRO C 1293 -44.65 58.50 -45.77
CA PRO C 1293 -46.02 58.51 -46.36
C PRO C 1293 -46.56 59.87 -46.79
N SER C 1294 -46.21 60.94 -46.08
CA SER C 1294 -46.69 62.28 -46.43
C SER C 1294 -46.00 62.78 -47.70
N GLY C 1295 -44.73 62.44 -47.89
CA GLY C 1295 -43.95 62.91 -49.01
C GLY C 1295 -43.12 64.12 -48.67
N ILE C 1296 -42.40 64.61 -49.68
CA ILE C 1296 -41.53 65.77 -49.54
C ILE C 1296 -42.32 66.98 -49.98
N SER C 1297 -42.33 68.01 -49.16
CA SER C 1297 -42.99 69.27 -49.48
C SER C 1297 -41.99 70.32 -49.94
N ILE C 1298 -42.38 71.10 -50.93
CA ILE C 1298 -41.51 72.09 -51.55
C ILE C 1298 -41.88 73.46 -50.99
N ASP C 1299 -40.90 74.16 -50.44
CA ASP C 1299 -41.09 75.53 -49.97
C ASP C 1299 -41.33 76.47 -51.14
N SER C 1300 -42.35 77.33 -51.01
CA SER C 1300 -42.71 78.22 -52.12
C SER C 1300 -41.76 79.40 -52.28
N ASN C 1301 -41.18 79.88 -51.17
CA ASN C 1301 -40.35 81.08 -51.15
C ASN C 1301 -39.00 80.88 -51.86
N THR C 1302 -38.29 79.81 -51.54
CA THR C 1302 -36.94 79.59 -52.04
C THR C 1302 -36.81 78.42 -53.00
N GLY C 1303 -37.81 77.55 -53.08
CA GLY C 1303 -37.76 76.35 -53.90
C GLY C 1303 -37.05 75.16 -53.29
N ARG C 1304 -36.50 75.31 -52.07
CA ARG C 1304 -35.80 74.23 -51.41
C ARG C 1304 -36.78 73.17 -50.90
N PRO C 1305 -36.41 71.89 -50.93
CA PRO C 1305 -37.25 70.85 -50.33
C PRO C 1305 -37.26 70.92 -48.80
N ILE C 1306 -38.33 70.40 -48.20
CA ILE C 1306 -38.49 70.36 -46.75
C ILE C 1306 -38.46 68.90 -46.32
N ASN C 1307 -37.62 68.63 -45.31
CA ASN C 1307 -37.39 67.29 -44.74
C ASN C 1307 -38.65 66.72 -44.07
N PRO C 1308 -39.18 65.57 -44.52
CA PRO C 1308 -40.40 65.02 -43.92
C PRO C 1308 -40.20 64.34 -42.57
N TRP C 1309 -38.96 64.04 -42.19
CA TRP C 1309 -38.68 63.30 -40.95
C TRP C 1309 -38.58 64.20 -39.72
N GLY C 1310 -38.81 65.50 -39.85
CA GLY C 1310 -38.87 66.42 -38.73
C GLY C 1310 -37.93 67.59 -38.92
N ARG C 1311 -37.92 68.46 -37.92
CA ARG C 1311 -37.06 69.62 -37.89
C ARG C 1311 -35.70 69.27 -37.32
N THR C 1312 -34.66 69.93 -37.83
CA THR C 1312 -33.31 69.74 -37.32
C THR C 1312 -32.66 71.03 -36.84
N GLY C 1313 -33.38 72.15 -36.84
CA GLY C 1313 -32.83 73.42 -36.39
C GLY C 1313 -31.79 74.06 -37.29
N MET C 1314 -31.82 73.74 -38.58
CA MET C 1314 -30.78 74.17 -39.53
C MET C 1314 -31.34 74.06 -40.93
N THR C 1315 -31.30 75.16 -41.69
CA THR C 1315 -31.66 75.16 -43.09
C THR C 1315 -30.38 75.05 -43.93
N GLY C 1316 -30.55 75.02 -45.25
CA GLY C 1316 -29.41 74.82 -46.13
C GLY C 1316 -29.07 73.36 -46.27
N ARG C 1317 -28.03 73.08 -47.07
CA ARG C 1317 -27.68 71.69 -47.35
C ARG C 1317 -26.71 71.11 -46.34
N GLY C 1318 -25.88 71.97 -45.73
CA GLY C 1318 -24.87 71.56 -44.76
C GLY C 1318 -23.78 70.69 -45.35
N LEU C 1319 -23.51 69.56 -44.69
CA LEU C 1319 -22.50 68.63 -45.19
C LEU C 1319 -23.03 67.65 -46.22
N LEU C 1320 -24.34 67.64 -46.46
CA LEU C 1320 -24.96 66.71 -47.39
C LEU C 1320 -24.98 67.31 -48.79
N GLY C 1321 -24.64 66.51 -49.78
CA GLY C 1321 -24.45 67.04 -51.12
C GLY C 1321 -25.71 67.17 -51.95
N LYS C 1322 -26.77 66.41 -51.63
CA LYS C 1322 -27.96 66.40 -52.46
C LYS C 1322 -29.13 67.02 -51.71
N TRP C 1323 -29.85 67.92 -52.40
CA TRP C 1323 -31.10 68.49 -51.90
C TRP C 1323 -32.17 67.42 -51.74
N GLY C 1324 -32.84 67.41 -50.59
CA GLY C 1324 -33.90 66.46 -50.37
C GLY C 1324 -33.30 65.17 -49.90
N VAL C 1325 -33.68 64.09 -50.56
CA VAL C 1325 -33.28 62.76 -50.14
C VAL C 1325 -31.90 62.50 -50.73
N ASN C 1326 -30.91 62.29 -49.86
CA ASN C 1326 -29.62 61.79 -50.26
C ASN C 1326 -29.71 60.29 -50.09
N GLN C 1327 -29.73 59.57 -51.22
CA GLN C 1327 -29.87 58.12 -51.16
C GLN C 1327 -28.55 57.49 -50.81
N ALA C 1328 -28.53 56.76 -49.71
CA ALA C 1328 -27.37 56.01 -49.26
C ALA C 1328 -27.70 54.54 -49.32
N ALA C 1329 -26.67 53.73 -49.57
CA ALA C 1329 -26.78 52.29 -49.54
C ALA C 1329 -25.82 51.79 -48.48
N ASP C 1330 -26.35 50.94 -47.59
CA ASP C 1330 -25.56 50.30 -46.56
C ASP C 1330 -25.50 48.81 -46.83
N THR C 1331 -24.30 48.26 -46.64
CA THR C 1331 -24.06 46.81 -46.91
C THR C 1331 -23.77 46.09 -45.59
N VAL C 1332 -24.72 45.30 -45.11
CA VAL C 1332 -24.57 44.53 -43.89
C VAL C 1332 -24.24 43.11 -44.33
N VAL C 1333 -22.96 42.76 -44.28
CA VAL C 1333 -22.50 41.41 -44.61
C VAL C 1333 -22.48 40.62 -43.31
N THR C 1334 -23.31 39.60 -43.22
CA THR C 1334 -23.52 38.87 -41.98
C THR C 1334 -23.16 37.39 -42.08
N ARG C 1335 -22.82 36.84 -40.92
CA ARG C 1335 -22.59 35.42 -40.75
C ARG C 1335 -22.98 35.07 -39.33
N TRP C 1336 -23.28 33.79 -39.12
CA TRP C 1336 -23.59 33.32 -37.78
C TRP C 1336 -22.31 33.26 -36.96
N LYS C 1337 -22.36 33.74 -35.72
CA LYS C 1337 -21.20 33.67 -34.84
C LYS C 1337 -21.01 32.24 -34.35
N ARG C 1338 -19.93 31.59 -34.78
CA ARG C 1338 -19.69 30.20 -34.47
C ARG C 1338 -18.42 30.03 -33.65
N SER C 1339 -18.48 29.08 -32.72
CA SER C 1339 -17.34 28.59 -31.97
C SER C 1339 -16.45 27.68 -32.85
N PRO C 1340 -15.16 27.37 -32.49
CA PRO C 1340 -14.34 26.46 -33.29
C PRO C 1340 -15.01 25.09 -33.47
N ASP C 1341 -15.58 24.55 -32.39
CA ASP C 1341 -16.26 23.24 -32.48
C ASP C 1341 -17.38 23.18 -33.54
N GLY C 1342 -17.85 24.31 -34.07
CA GLY C 1342 -18.87 24.36 -35.09
C GLY C 1342 -20.27 24.68 -34.62
N SER C 1343 -20.51 24.69 -33.30
CA SER C 1343 -21.83 25.00 -32.78
C SER C 1343 -22.12 26.51 -32.86
N ILE C 1344 -23.35 26.84 -33.25
CA ILE C 1344 -23.79 28.22 -33.39
C ILE C 1344 -24.00 28.82 -32.00
N LEU C 1345 -23.47 30.04 -31.78
CA LEU C 1345 -23.67 30.74 -30.51
C LEU C 1345 -25.14 31.17 -30.37
N GLU C 1346 -25.69 31.00 -29.17
CA GLU C 1346 -27.10 31.24 -28.93
C GLU C 1346 -27.31 32.19 -27.75
N ARG C 1347 -28.05 33.29 -27.95
CA ARG C 1347 -28.37 34.20 -26.87
C ARG C 1347 -29.84 34.56 -26.89
N ASP C 1348 -30.46 34.53 -25.69
CA ASP C 1348 -31.89 34.82 -25.39
C ASP C 1348 -32.85 33.89 -26.20
N GLY C 1349 -32.44 32.65 -26.44
CA GLY C 1349 -33.23 31.69 -27.20
C GLY C 1349 -33.28 31.90 -28.69
N LYS C 1350 -32.45 32.79 -29.25
CA LYS C 1350 -32.40 33.09 -30.67
C LYS C 1350 -30.96 33.00 -31.12
N LYS C 1351 -30.74 32.67 -32.39
CA LYS C 1351 -29.38 32.63 -32.91
C LYS C 1351 -28.85 34.05 -33.11
N VAL C 1352 -27.57 34.25 -32.83
CA VAL C 1352 -26.97 35.57 -32.82
C VAL C 1352 -26.27 35.81 -34.16
N LEU C 1353 -26.50 36.98 -34.74
CA LEU C 1353 -25.85 37.32 -35.99
C LEU C 1353 -24.53 38.03 -35.72
N GLU C 1354 -23.79 38.27 -36.79
CA GLU C 1354 -22.51 38.96 -36.71
C GLU C 1354 -22.29 39.69 -38.01
N PHE C 1355 -21.98 40.99 -37.92
CA PHE C 1355 -21.86 41.80 -39.12
C PHE C 1355 -20.52 42.51 -39.13
N VAL C 1356 -20.07 42.86 -40.32
CA VAL C 1356 -18.82 43.58 -40.49
C VAL C 1356 -19.10 45.04 -40.20
N ALA C 1357 -18.39 45.60 -39.22
CA ALA C 1357 -18.57 46.98 -38.79
C ALA C 1357 -17.24 47.71 -38.90
N ILE C 1358 -17.29 48.95 -39.37
CA ILE C 1358 -16.08 49.75 -39.53
C ILE C 1358 -16.09 50.91 -38.55
N GLN C 1359 -14.91 51.29 -38.09
CA GLN C 1359 -14.68 52.44 -37.23
C GLN C 1359 -14.35 53.64 -38.10
N ARG C 1360 -15.22 54.67 -38.04
CA ARG C 1360 -15.13 55.86 -38.89
C ARG C 1360 -13.88 56.69 -38.58
N GLN C 1361 -13.31 57.28 -39.64
CA GLN C 1361 -12.10 58.08 -39.53
C GLN C 1361 -12.33 59.42 -38.83
N ASP C 1362 -13.49 60.04 -39.05
CA ASP C 1362 -13.72 61.41 -38.61
C ASP C 1362 -14.01 61.54 -37.11
N ASN C 1363 -14.85 60.68 -36.54
CA ASN C 1363 -15.28 60.85 -35.16
C ASN C 1363 -14.96 59.67 -34.27
N LYS C 1364 -14.26 58.65 -34.80
CA LYS C 1364 -13.78 57.40 -34.13
C LYS C 1364 -14.89 56.63 -33.42
N MET C 1365 -16.06 56.59 -34.04
CA MET C 1365 -17.18 55.77 -33.61
C MET C 1365 -17.45 54.70 -34.66
N TRP C 1366 -17.76 53.50 -34.18
CA TRP C 1366 -18.08 52.36 -35.03
C TRP C 1366 -19.42 52.59 -35.73
N ALA C 1367 -19.53 52.06 -36.95
CA ALA C 1367 -20.66 52.30 -37.83
C ALA C 1367 -20.76 51.19 -38.85
N ILE C 1368 -21.90 51.13 -39.51
CA ILE C 1368 -22.10 50.21 -40.64
C ILE C 1368 -21.43 50.79 -41.88
N PRO C 1369 -20.65 49.97 -42.63
CA PRO C 1369 -20.08 50.42 -43.92
C PRO C 1369 -21.17 50.78 -44.93
N GLY C 1370 -20.92 51.83 -45.69
CA GLY C 1370 -21.91 52.28 -46.65
C GLY C 1370 -21.54 53.64 -47.17
N GLY C 1371 -22.33 54.07 -48.14
CA GLY C 1371 -22.05 55.35 -48.78
C GLY C 1371 -23.21 55.70 -49.68
N PHE C 1372 -23.12 56.91 -50.24
CA PHE C 1372 -24.17 57.45 -51.11
C PHE C 1372 -24.25 56.69 -52.43
N VAL C 1373 -25.48 56.52 -52.92
CA VAL C 1373 -25.71 55.83 -54.18
C VAL C 1373 -25.30 56.71 -55.34
N ASP C 1374 -24.36 56.21 -56.15
CA ASP C 1374 -23.82 56.92 -57.30
C ASP C 1374 -24.83 57.02 -58.44
N ASN C 1375 -24.55 57.93 -59.38
CA ASN C 1375 -25.40 58.17 -60.54
C ASN C 1375 -25.37 56.99 -61.51
N GLY C 1376 -26.54 56.57 -61.98
CA GLY C 1376 -26.61 55.49 -62.95
C GLY C 1376 -26.46 54.09 -62.39
N GLU C 1377 -26.43 53.92 -61.08
CA GLU C 1377 -26.28 52.62 -60.45
C GLU C 1377 -27.39 52.36 -59.43
N ASP C 1378 -27.55 51.07 -59.12
CA ASP C 1378 -28.59 50.53 -58.26
C ASP C 1378 -27.94 50.21 -56.92
N VAL C 1379 -28.74 49.70 -55.99
CA VAL C 1379 -28.27 49.38 -54.63
C VAL C 1379 -27.28 48.20 -54.62
N ALA C 1380 -27.44 47.25 -55.56
CA ALA C 1380 -26.59 46.06 -55.72
C ALA C 1380 -25.12 46.42 -55.97
N LEU C 1381 -24.89 47.30 -56.97
CA LEU C 1381 -23.55 47.80 -57.33
C LEU C 1381 -22.97 48.68 -56.25
N THR C 1382 -23.82 49.55 -55.64
CA THR C 1382 -23.41 50.54 -54.63
C THR C 1382 -22.95 49.81 -53.38
N SER C 1383 -23.75 48.79 -53.00
CA SER C 1383 -23.54 47.92 -51.85
C SER C 1383 -22.22 47.17 -51.99
N GLY C 1384 -22.03 46.54 -53.18
CA GLY C 1384 -20.80 45.79 -53.49
C GLY C 1384 -19.56 46.67 -53.52
N ARG C 1385 -19.66 47.84 -54.17
CA ARG C 1385 -18.57 48.81 -54.28
C ARG C 1385 -18.16 49.37 -52.92
N GLU C 1386 -19.16 49.72 -52.07
CA GLU C 1386 -18.94 50.22 -50.72
C GLU C 1386 -18.34 49.16 -49.81
N PHE C 1387 -18.80 47.90 -49.98
CA PHE C 1387 -18.28 46.76 -49.21
C PHE C 1387 -16.83 46.47 -49.57
N MET C 1388 -16.51 46.52 -50.87
CA MET C 1388 -15.13 46.34 -51.35
C MET C 1388 -14.22 47.47 -50.88
N GLU C 1389 -14.73 48.72 -50.93
CA GLU C 1389 -13.98 49.91 -50.55
C GLU C 1389 -13.70 49.98 -49.05
N GLU C 1390 -14.69 49.67 -48.22
CA GLU C 1390 -14.55 49.87 -46.77
C GLU C 1390 -13.98 48.65 -46.05
N ALA C 1391 -14.64 47.50 -46.19
CA ALA C 1391 -14.24 46.29 -45.46
C ALA C 1391 -12.98 45.66 -46.03
N LEU C 1392 -12.84 45.66 -47.36
CA LEU C 1392 -11.71 45.00 -48.01
C LEU C 1392 -10.61 45.96 -48.41
N GLY C 1393 -10.92 47.25 -48.55
CA GLY C 1393 -9.96 48.23 -49.05
C GLY C 1393 -9.63 48.06 -50.52
N MET C 1394 -8.43 47.54 -50.81
CA MET C 1394 -7.92 47.37 -52.17
C MET C 1394 -8.63 46.31 -53.02
N GLY C 1395 -9.47 45.46 -52.44
CA GLY C 1395 -10.16 44.43 -53.21
C GLY C 1395 -10.58 43.25 -52.37
N SER C 1402 -9.18 37.35 -54.30
CA SER C 1402 -8.85 37.04 -55.68
C SER C 1402 -8.96 35.54 -55.94
N ALA C 1403 -9.07 35.21 -57.25
CA ALA C 1403 -9.20 33.88 -57.85
C ALA C 1403 -10.38 33.32 -57.03
N GLU C 1404 -10.17 32.21 -56.32
CA GLU C 1404 -11.25 31.55 -55.53
C GLU C 1404 -11.94 32.52 -54.56
N SER C 1405 -11.17 33.31 -53.80
CA SER C 1405 -11.75 34.24 -52.82
C SER C 1405 -12.71 35.22 -53.49
N LYS C 1406 -12.38 35.66 -54.71
CA LYS C 1406 -13.25 36.49 -55.54
C LYS C 1406 -14.54 35.75 -55.92
N ASP C 1407 -14.43 34.46 -56.24
CA ASP C 1407 -15.59 33.61 -56.54
C ASP C 1407 -16.49 33.41 -55.32
N SER C 1408 -15.88 33.24 -54.12
CA SER C 1408 -16.62 33.14 -52.86
C SER C 1408 -17.35 34.44 -52.54
N LEU C 1409 -16.67 35.58 -52.74
CA LEU C 1409 -17.24 36.91 -52.52
C LEU C 1409 -18.36 37.22 -53.50
N ALA C 1410 -18.21 36.79 -54.76
CA ALA C 1410 -19.24 36.93 -55.78
C ALA C 1410 -20.47 36.07 -55.48
N ALA C 1411 -20.23 34.83 -54.99
CA ALA C 1411 -21.30 33.94 -54.53
C ALA C 1411 -22.05 34.50 -53.33
N LEU C 1412 -21.34 35.17 -52.43
CA LEU C 1412 -21.96 35.77 -51.22
C LEU C 1412 -22.73 37.03 -51.65
N PHE C 1413 -22.20 37.74 -52.66
CA PHE C 1413 -22.81 38.98 -53.14
C PHE C 1413 -23.92 38.77 -54.14
N SER C 1414 -24.19 37.53 -54.57
CA SER C 1414 -25.23 37.28 -55.55
C SER C 1414 -26.62 37.21 -54.95
N SER C 1415 -26.74 37.11 -53.63
CA SER C 1415 -28.03 36.98 -52.95
C SER C 1415 -28.18 38.08 -51.89
N GLY C 1416 -28.70 39.23 -52.28
CA GLY C 1416 -28.93 40.33 -51.36
C GLY C 1416 -30.39 40.71 -51.42
N THR C 1417 -30.95 41.04 -50.26
CA THR C 1417 -32.34 41.41 -50.09
C THR C 1417 -32.42 42.82 -49.52
N ILE C 1418 -33.22 43.68 -50.16
CA ILE C 1418 -33.43 45.02 -49.60
C ILE C 1418 -34.38 44.85 -48.42
N VAL C 1419 -33.84 45.03 -47.20
CA VAL C 1419 -34.63 44.76 -46.01
C VAL C 1419 -35.39 46.01 -45.54
N ALA C 1420 -34.84 47.20 -45.77
CA ALA C 1420 -35.45 48.43 -45.32
C ALA C 1420 -34.98 49.57 -46.21
N ARG C 1421 -35.83 50.60 -46.27
CA ARG C 1421 -35.54 51.88 -46.91
C ARG C 1421 -36.10 52.94 -45.97
N ILE C 1422 -35.24 53.47 -45.10
CA ILE C 1422 -35.69 54.27 -43.97
C ILE C 1422 -34.98 55.61 -44.00
N TYR C 1423 -35.38 56.50 -43.11
CA TYR C 1423 -34.73 57.79 -42.97
C TYR C 1423 -33.61 57.71 -41.93
N CYS C 1424 -32.43 58.18 -42.30
CA CYS C 1424 -31.26 58.11 -41.43
C CYS C 1424 -31.31 59.23 -40.40
N GLU C 1425 -30.98 58.90 -39.14
CA GLU C 1425 -30.73 59.88 -38.08
C GLU C 1425 -29.28 60.37 -38.03
N ASP C 1426 -28.78 60.82 -39.16
CA ASP C 1426 -27.40 61.27 -39.40
C ASP C 1426 -27.25 62.69 -38.89
N PRO C 1427 -26.25 62.98 -38.03
CA PRO C 1427 -26.05 64.36 -37.51
C PRO C 1427 -25.78 65.49 -38.54
N ARG C 1428 -25.38 65.18 -39.79
CA ARG C 1428 -25.17 66.19 -40.82
C ARG C 1428 -26.46 66.59 -41.54
N ASN C 1429 -27.58 65.92 -41.23
CA ASN C 1429 -28.88 66.19 -41.85
C ASN C 1429 -29.42 67.57 -41.48
N THR C 1430 -30.04 68.22 -42.44
CA THR C 1430 -30.70 69.49 -42.21
C THR C 1430 -32.16 69.45 -42.66
N ASP C 1431 -32.81 70.61 -42.66
CA ASP C 1431 -34.20 70.75 -43.11
C ASP C 1431 -34.33 70.72 -44.62
N ASN C 1432 -33.24 70.95 -45.36
CA ASN C 1432 -33.28 70.97 -46.82
C ASN C 1432 -32.43 69.88 -47.45
N ALA C 1433 -31.81 69.03 -46.64
CA ALA C 1433 -31.00 67.90 -47.11
C ALA C 1433 -30.99 66.86 -46.01
N TRP C 1434 -31.47 65.65 -46.30
CA TRP C 1434 -31.54 64.60 -45.30
C TRP C 1434 -31.15 63.28 -45.96
N VAL C 1435 -30.60 62.39 -45.16
CA VAL C 1435 -30.11 61.10 -45.66
C VAL C 1435 -31.20 60.05 -45.52
N GLU C 1436 -31.46 59.33 -46.61
CA GLU C 1436 -32.37 58.18 -46.60
C GLU C 1436 -31.60 56.97 -47.10
N THR C 1437 -31.70 55.86 -46.36
CA THR C 1437 -30.86 54.69 -46.57
C THR C 1437 -31.65 53.49 -47.09
N THR C 1438 -31.01 52.74 -47.97
CA THR C 1438 -31.43 51.41 -48.39
C THR C 1438 -30.44 50.40 -47.81
N CYS C 1439 -30.95 49.41 -47.08
CA CYS C 1439 -30.10 48.43 -46.41
C CYS C 1439 -30.13 47.10 -47.16
N VAL C 1440 -28.94 46.59 -47.53
CA VAL C 1440 -28.82 45.30 -48.21
C VAL C 1440 -28.02 44.34 -47.34
N ASN C 1441 -28.59 43.18 -47.04
CA ASN C 1441 -27.93 42.19 -46.19
C ASN C 1441 -27.41 41.04 -47.04
N PHE C 1442 -26.11 40.76 -46.91
CA PHE C 1442 -25.51 39.62 -47.58
C PHE C 1442 -25.16 38.61 -46.49
N HIS C 1443 -25.97 37.56 -46.39
CA HIS C 1443 -25.83 36.57 -45.33
C HIS C 1443 -25.16 35.30 -45.83
N ASP C 1444 -24.18 34.83 -45.08
CA ASP C 1444 -23.48 33.59 -45.37
C ASP C 1444 -23.96 32.52 -44.40
N GLU C 1445 -24.89 31.67 -44.87
CA GLU C 1445 -25.50 30.60 -44.06
C GLU C 1445 -24.47 29.54 -43.65
N SER C 1446 -23.65 29.07 -44.59
CA SER C 1446 -22.64 28.09 -44.24
C SER C 1446 -21.44 28.72 -43.54
N GLY C 1447 -21.09 29.95 -43.91
CA GLY C 1447 -19.94 30.62 -43.34
C GLY C 1447 -18.62 30.39 -44.04
N ARG C 1448 -18.61 29.63 -45.15
CA ARG C 1448 -17.37 29.33 -45.87
C ARG C 1448 -16.81 30.56 -46.60
N HIS C 1449 -17.69 31.26 -47.34
CA HIS C 1449 -17.30 32.43 -48.13
C HIS C 1449 -16.90 33.62 -47.25
N ALA C 1450 -17.58 33.80 -46.10
CA ALA C 1450 -17.31 34.88 -45.16
C ALA C 1450 -15.96 34.72 -44.48
N ALA C 1451 -15.56 33.47 -44.20
CA ALA C 1451 -14.29 33.14 -43.54
C ALA C 1451 -13.04 33.44 -44.37
N ARG C 1452 -13.16 33.58 -45.69
CA ARG C 1452 -12.04 33.88 -46.56
C ARG C 1452 -11.78 35.38 -46.69
N LEU C 1453 -12.57 36.23 -46.03
CA LEU C 1453 -12.38 37.67 -46.13
C LEU C 1453 -11.30 38.14 -45.17
N LYS C 1454 -10.34 38.90 -45.72
CA LYS C 1454 -9.25 39.49 -44.89
C LYS C 1454 -9.66 40.93 -44.59
N LEU C 1455 -10.29 41.16 -43.44
CA LEU C 1455 -10.80 42.47 -43.06
C LEU C 1455 -9.68 43.44 -42.68
N GLN C 1456 -9.67 44.60 -43.34
CA GLN C 1456 -8.66 45.64 -43.17
C GLN C 1456 -9.27 46.97 -43.60
N GLY C 1457 -9.41 47.89 -42.64
CA GLY C 1457 -9.97 49.21 -42.87
C GLY C 1457 -9.27 50.10 -43.87
N GLY C 1458 -10.05 50.65 -44.79
CA GLY C 1458 -9.53 51.52 -45.83
C GLY C 1458 -10.49 52.66 -46.06
N ASP C 1459 -10.07 53.60 -46.94
CA ASP C 1459 -10.72 54.85 -47.39
C ASP C 1459 -11.12 55.66 -46.14
N ASP C 1460 -12.41 55.89 -45.89
CA ASP C 1460 -12.86 56.70 -44.76
C ASP C 1460 -13.25 55.83 -43.56
N ALA C 1461 -12.57 54.70 -43.38
CA ALA C 1461 -12.73 53.80 -42.25
C ALA C 1461 -11.36 53.49 -41.67
N GLU C 1462 -11.28 53.46 -40.34
CA GLU C 1462 -10.01 53.20 -39.68
C GLU C 1462 -9.77 51.71 -39.49
N HIS C 1463 -10.72 50.99 -38.89
CA HIS C 1463 -10.58 49.56 -38.64
C HIS C 1463 -11.90 48.87 -38.99
N ALA C 1464 -11.81 47.62 -39.45
CA ALA C 1464 -13.00 46.86 -39.76
C ALA C 1464 -12.90 45.52 -39.07
N ARG C 1465 -14.02 45.07 -38.50
CA ARG C 1465 -14.04 43.83 -37.73
C ARG C 1465 -15.45 43.25 -37.72
N TRP C 1466 -15.52 41.95 -37.48
CA TRP C 1466 -16.79 41.27 -37.25
C TRP C 1466 -17.31 41.48 -35.84
N MET C 1467 -18.54 41.99 -35.72
CA MET C 1467 -19.07 42.40 -34.43
C MET C 1467 -20.48 41.85 -34.30
N MET C 1468 -20.77 41.28 -33.14
CA MET C 1468 -22.03 40.59 -32.87
C MET C 1468 -23.12 41.65 -32.70
N VAL C 1469 -24.31 41.35 -33.18
CA VAL C 1469 -25.43 42.28 -33.21
C VAL C 1469 -26.24 42.16 -31.93
N HIS C 1470 -26.41 43.29 -31.23
CA HIS C 1470 -27.25 43.32 -30.05
C HIS C 1470 -27.85 44.70 -29.87
N GLY C 1471 -28.81 44.79 -28.94
CA GLY C 1471 -29.57 46.00 -28.71
C GLY C 1471 -28.83 47.08 -27.94
N GLY C 1472 -27.70 46.76 -27.33
CA GLY C 1472 -26.92 47.71 -26.56
C GLY C 1472 -25.78 48.34 -27.34
N LEU C 1473 -25.83 48.24 -28.67
CA LEU C 1473 -24.76 48.76 -29.52
C LEU C 1473 -24.81 50.28 -29.57
N ASN C 1474 -23.65 50.90 -29.53
CA ASN C 1474 -23.57 52.35 -29.65
C ASN C 1474 -22.97 52.54 -31.02
N LEU C 1475 -23.84 52.69 -32.01
CA LEU C 1475 -23.41 52.80 -33.38
C LEU C 1475 -23.83 54.17 -33.90
N PHE C 1476 -23.26 54.58 -35.03
CA PHE C 1476 -23.56 55.87 -35.63
C PHE C 1476 -24.96 55.87 -36.24
N ALA C 1477 -25.66 57.00 -36.06
CA ALA C 1477 -26.99 57.42 -36.61
C ALA C 1477 -28.07 56.41 -36.23
N SER C 1478 -28.94 56.03 -37.17
CA SER C 1478 -30.04 55.10 -36.90
C SER C 1478 -29.74 53.72 -37.48
N HIS C 1479 -28.47 53.30 -37.44
CA HIS C 1479 -28.04 52.00 -37.95
C HIS C 1479 -28.53 50.83 -37.09
N ARG C 1480 -28.84 51.08 -35.80
CA ARG C 1480 -29.45 50.09 -34.91
C ARG C 1480 -30.83 49.66 -35.39
N THR C 1481 -31.60 50.61 -35.93
CA THR C 1481 -32.89 50.34 -36.55
C THR C 1481 -32.74 49.44 -37.79
N LEU C 1482 -31.69 49.70 -38.61
CA LEU C 1482 -31.37 48.89 -39.79
C LEU C 1482 -30.97 47.46 -39.43
N LEU C 1483 -30.13 47.30 -38.39
CA LEU C 1483 -29.76 45.94 -37.91
C LEU C 1483 -30.99 45.28 -37.29
N GLN C 1484 -31.79 46.05 -36.55
CA GLN C 1484 -33.05 45.56 -35.98
C GLN C 1484 -33.93 44.95 -37.06
N HIS C 1485 -34.02 45.64 -38.22
CA HIS C 1485 -34.76 45.15 -39.40
C HIS C 1485 -34.14 43.87 -39.97
N VAL C 1486 -32.80 43.79 -40.01
CA VAL C 1486 -32.06 42.59 -40.45
C VAL C 1486 -32.34 41.39 -39.53
N THR C 1487 -32.26 41.62 -38.20
CA THR C 1487 -32.52 40.58 -37.21
C THR C 1487 -34.00 40.20 -37.15
N SER C 1488 -34.89 41.17 -37.39
CA SER C 1488 -36.33 40.91 -37.47
C SER C 1488 -36.65 40.01 -38.65
N ALA C 1489 -36.02 40.27 -39.80
CA ALA C 1489 -36.22 39.48 -41.01
C ALA C 1489 -35.65 38.08 -40.88
N LEU C 1490 -34.52 37.94 -40.18
CA LEU C 1490 -33.82 36.66 -40.06
C LEU C 1490 -34.13 35.88 -38.78
N ASN C 1491 -35.02 36.43 -37.91
CA ASN C 1491 -35.44 35.91 -36.58
C ASN C 1491 -34.22 35.71 -35.67
N ALA C 1492 -33.36 36.71 -35.67
CA ALA C 1492 -32.13 36.73 -34.89
C ALA C 1492 -32.27 37.58 -33.62
N TYR C 1493 -31.27 37.45 -32.76
CA TYR C 1493 -31.21 38.17 -31.49
C TYR C 1493 -30.99 39.67 -31.66
N PHE C 1494 -31.72 40.44 -30.85
CA PHE C 1494 -31.62 41.90 -30.77
C PHE C 1494 -32.27 42.36 -29.46
N MET D 47 -6.96 -4.73 46.67
CA MET D 47 -7.85 -5.87 46.54
C MET D 47 -8.47 -6.24 47.89
N ILE D 48 -7.67 -6.88 48.74
CA ILE D 48 -8.12 -7.30 50.06
C ILE D 48 -7.66 -6.34 51.15
N ARG D 49 -7.21 -5.14 50.78
CA ARG D 49 -6.73 -4.15 51.74
C ARG D 49 -7.93 -3.39 52.28
N GLN D 50 -8.09 -3.42 53.60
CA GLN D 50 -9.17 -2.67 54.25
C GLN D 50 -8.82 -1.19 54.29
N SER D 51 -9.86 -0.36 54.23
CA SER D 51 -9.70 1.09 54.10
C SER D 51 -9.78 1.74 55.47
N VAL D 52 -8.68 2.35 55.89
CA VAL D 52 -8.60 3.02 57.18
C VAL D 52 -9.30 4.39 57.09
N ALA D 53 -10.21 4.64 58.03
CA ALA D 53 -10.96 5.89 58.06
C ALA D 53 -10.06 7.09 58.38
N ALA D 54 -10.31 8.19 57.67
CA ALA D 54 -9.57 9.43 57.87
C ALA D 54 -9.89 10.09 59.20
N LYS D 55 -8.87 10.61 59.87
CA LYS D 55 -9.04 11.29 61.14
C LYS D 55 -8.76 12.78 61.07
N THR D 56 -7.94 13.23 60.11
CA THR D 56 -7.58 14.62 59.93
C THR D 56 -7.69 15.00 58.46
N LEU D 57 -7.99 16.29 58.22
CA LEU D 57 -8.21 16.77 56.84
C LEU D 57 -7.48 18.08 56.62
N LEU D 58 -6.91 18.26 55.42
CA LEU D 58 -6.22 19.49 55.01
C LEU D 58 -7.23 20.42 54.36
N ILE D 59 -7.67 21.43 55.11
CA ILE D 59 -8.63 22.42 54.54
C ILE D 59 -7.84 23.63 54.04
N GLU D 60 -8.04 24.01 52.78
CA GLU D 60 -7.36 25.17 52.20
C GLU D 60 -7.82 26.46 52.86
N ASN D 61 -6.87 27.34 53.16
CA ASN D 61 -7.12 28.62 53.79
C ASN D 61 -7.85 29.57 52.83
N GLU D 62 -8.54 30.57 53.42
CA GLU D 62 -9.24 31.62 52.65
C GLU D 62 -8.28 32.52 51.84
N ASP D 63 -7.02 32.64 52.28
CA ASP D 63 -5.95 33.35 51.57
C ASP D 63 -5.51 32.64 50.29
N GLY D 64 -5.76 31.33 50.19
CA GLY D 64 -5.35 30.51 49.06
C GLY D 64 -3.88 30.17 49.06
N LYS D 65 -3.20 30.31 50.20
CA LYS D 65 -1.79 30.02 50.35
C LYS D 65 -1.61 28.95 51.42
N GLY D 66 -1.68 27.68 51.00
CA GLY D 66 -1.51 26.56 51.91
C GLY D 66 -2.80 25.99 52.47
N SER D 67 -2.65 24.82 53.09
CA SER D 67 -3.72 24.05 53.71
C SER D 67 -3.39 23.74 55.15
N THR D 68 -4.34 23.93 56.07
CA THR D 68 -4.08 23.59 57.47
C THR D 68 -4.78 22.29 57.82
N ARG D 69 -4.12 21.48 58.63
CA ARG D 69 -4.66 20.21 59.09
C ARG D 69 -5.49 20.33 60.37
N MET D 70 -6.74 19.86 60.27
CA MET D 70 -7.67 19.89 61.41
C MET D 70 -8.51 18.61 61.44
N GLU D 71 -8.97 18.21 62.62
CA GLU D 71 -9.81 17.02 62.82
C GLU D 71 -11.13 17.12 62.05
N VAL D 72 -11.58 15.97 61.56
CA VAL D 72 -12.78 15.82 60.73
C VAL D 72 -14.05 16.25 61.46
N GLN D 73 -14.17 15.87 62.75
CA GLN D 73 -15.31 16.23 63.60
C GLN D 73 -15.37 17.71 63.92
N ASP D 74 -14.20 18.38 63.95
CA ASP D 74 -14.13 19.81 64.14
C ASP D 74 -14.62 20.55 62.90
N PHE D 75 -14.15 20.12 61.71
CA PHE D 75 -14.52 20.73 60.43
C PHE D 75 -16.00 20.53 60.07
N MET D 76 -16.53 19.32 60.29
CA MET D 76 -17.93 19.02 59.83
C MET D 76 -19.01 19.77 60.62
N LYS D 77 -18.72 20.31 61.79
CA LYS D 77 -19.72 20.97 62.63
C LYS D 77 -20.46 22.08 61.90
N ARG D 78 -19.84 22.74 60.90
CA ARG D 78 -20.41 23.86 60.16
C ARG D 78 -21.53 23.48 59.18
N PHE D 79 -21.73 22.19 58.96
CA PHE D 79 -22.84 21.75 58.08
C PHE D 79 -24.02 21.38 58.99
N HIS D 80 -25.24 21.74 58.59
CA HIS D 80 -26.41 21.47 59.42
C HIS D 80 -27.42 20.62 58.68
N MET D 81 -28.27 19.99 59.49
CA MET D 81 -29.36 19.18 58.91
C MET D 81 -30.65 19.54 59.65
N HIS D 82 -31.78 19.28 59.04
CA HIS D 82 -33.09 19.55 59.59
C HIS D 82 -33.84 18.25 59.84
N ALA D 83 -34.31 18.07 61.07
CA ALA D 83 -35.08 16.88 61.41
C ALA D 83 -36.50 16.94 60.86
N SER D 84 -37.03 18.15 60.69
CA SER D 84 -38.38 18.36 60.18
C SER D 84 -38.42 19.70 59.47
N GLU D 85 -39.51 19.89 58.71
CA GLU D 85 -39.76 21.10 57.92
C GLU D 85 -39.88 22.36 58.78
N ASP D 86 -40.53 22.20 59.96
CA ASP D 86 -40.77 23.27 60.94
C ASP D 86 -39.48 23.90 61.46
N ASP D 87 -38.46 23.06 61.68
CA ASP D 87 -37.13 23.44 62.15
C ASP D 87 -36.42 24.37 61.18
N LYS D 88 -35.81 25.42 61.71
CA LYS D 88 -35.10 26.41 60.93
C LYS D 88 -33.61 26.47 61.26
N THR D 89 -33.27 26.55 62.55
CA THR D 89 -31.88 26.56 63.00
C THR D 89 -31.19 25.22 62.70
N GLY D 90 -31.90 24.12 62.94
CA GLY D 90 -31.36 22.81 62.66
C GLY D 90 -30.39 22.27 63.70
N SER D 91 -29.89 21.09 63.39
CA SER D 91 -28.92 20.36 64.21
C SER D 91 -27.75 19.96 63.34
N PRO D 92 -26.55 19.67 63.91
CA PRO D 92 -25.41 19.24 63.13
C PRO D 92 -25.71 18.00 62.30
N SER D 93 -25.02 17.86 61.19
CA SER D 93 -25.23 16.75 60.25
C SER D 93 -24.50 15.49 60.71
N THR D 94 -25.25 14.39 60.81
CA THR D 94 -24.62 13.10 61.17
C THR D 94 -24.62 12.22 59.92
N ALA D 95 -24.99 12.78 58.76
CA ALA D 95 -25.03 12.04 57.51
C ALA D 95 -23.92 12.50 56.57
N TRP D 96 -22.72 11.95 56.75
CA TRP D 96 -21.60 12.16 55.83
C TRP D 96 -20.64 10.99 55.88
N GLY D 97 -20.00 10.72 54.74
CA GLY D 97 -19.08 9.60 54.61
C GLY D 97 -18.81 9.20 53.18
N THR D 98 -18.70 7.90 52.89
CA THR D 98 -18.51 7.41 51.53
C THR D 98 -19.50 6.29 51.22
N LEU D 99 -19.93 6.26 49.97
CA LEU D 99 -20.91 5.24 49.53
C LEU D 99 -20.26 4.28 48.55
N ARG D 100 -20.50 2.99 48.71
CA ARG D 100 -20.03 1.96 47.81
C ARG D 100 -21.22 1.51 46.96
N PHE D 101 -21.06 1.62 45.65
CA PHE D 101 -22.12 1.24 44.71
C PHE D 101 -21.75 -0.08 44.02
N PRO D 102 -22.69 -1.01 43.73
CA PRO D 102 -22.38 -2.25 43.01
C PRO D 102 -21.77 -1.97 41.64
N THR D 103 -20.81 -2.84 41.25
CA THR D 103 -19.97 -2.86 40.03
C THR D 103 -19.05 -1.64 39.87
N LYS D 104 -18.83 -0.84 40.91
CA LYS D 104 -17.94 0.31 40.94
C LYS D 104 -16.86 0.05 41.98
N GLU D 105 -15.60 0.16 41.56
CA GLU D 105 -14.47 -0.10 42.45
C GLU D 105 -14.29 1.00 43.50
N ALA D 106 -14.40 2.25 43.11
CA ALA D 106 -14.15 3.37 44.01
C ALA D 106 -15.43 3.78 44.74
N THR D 107 -15.24 4.39 45.90
CA THR D 107 -16.35 4.91 46.70
C THR D 107 -16.52 6.40 46.49
N ALA D 108 -17.75 6.88 46.63
CA ALA D 108 -18.07 8.28 46.41
C ALA D 108 -18.42 8.98 47.71
N PRO D 109 -17.70 10.05 48.14
CA PRO D 109 -18.09 10.81 49.34
C PRO D 109 -19.45 11.50 49.24
N TYR D 110 -20.11 11.60 50.41
CA TYR D 110 -21.45 12.22 50.48
C TYR D 110 -21.55 13.11 51.72
N LEU D 111 -22.10 14.31 51.57
CA LEU D 111 -22.30 15.27 52.66
C LEU D 111 -23.73 15.78 52.56
N ARG D 112 -24.49 15.64 53.64
CA ARG D 112 -25.83 16.19 53.74
C ARG D 112 -25.75 17.55 54.42
N LEU D 113 -26.12 18.59 53.69
CA LEU D 113 -25.99 19.95 54.25
C LEU D 113 -27.28 20.72 54.07
N SER D 114 -27.45 21.79 54.83
CA SER D 114 -28.65 22.61 54.86
C SER D 114 -28.69 23.60 53.70
N VAL D 115 -29.89 24.15 53.48
CA VAL D 115 -30.09 25.21 52.47
C VAL D 115 -29.39 26.51 52.87
N ASN D 116 -29.26 26.79 54.17
CA ASN D 116 -28.64 28.01 54.66
C ASN D 116 -27.12 27.92 54.74
N ASP D 117 -26.56 26.72 54.50
CA ASP D 117 -25.13 26.49 54.55
C ASP D 117 -24.38 27.22 53.44
N ASP D 118 -23.15 27.61 53.75
CA ASP D 118 -22.29 28.34 52.83
C ASP D 118 -21.80 27.43 51.71
N PRO D 119 -22.02 27.79 50.43
CA PRO D 119 -21.44 27.02 49.30
C PRO D 119 -19.91 26.96 49.25
N GLU D 120 -19.22 27.98 49.82
CA GLU D 120 -17.77 27.98 50.00
C GLU D 120 -17.30 26.83 50.90
N ASP D 121 -18.09 26.50 51.94
CA ASP D 121 -17.81 25.39 52.84
C ASP D 121 -17.92 24.04 52.13
N ALA D 122 -18.94 23.90 51.27
CA ALA D 122 -19.14 22.72 50.44
C ALA D 122 -18.01 22.58 49.42
N LEU D 123 -17.55 23.72 48.87
CA LEU D 123 -16.40 23.80 47.97
C LEU D 123 -15.12 23.35 48.67
N LEU D 124 -14.95 23.77 49.94
CA LEU D 124 -13.85 23.35 50.81
C LEU D 124 -13.87 21.85 51.09
N PHE D 125 -15.07 21.29 51.27
CA PHE D 125 -15.28 19.85 51.45
C PHE D 125 -14.81 19.05 50.24
N VAL D 126 -15.18 19.50 49.01
CA VAL D 126 -14.80 18.85 47.74
C VAL D 126 -13.27 18.91 47.55
N LYS D 127 -12.68 20.09 47.84
CA LYS D 127 -11.22 20.32 47.81
C LYS D 127 -10.48 19.45 48.82
N ALA D 128 -11.06 19.27 50.03
CA ALA D 128 -10.48 18.41 51.07
C ALA D 128 -10.47 16.93 50.67
N MET D 129 -11.57 16.45 50.04
CA MET D 129 -11.66 15.07 49.51
C MET D 129 -10.63 14.80 48.41
N LEU D 130 -10.53 15.73 47.44
CA LEU D 130 -9.56 15.63 46.33
C LEU D 130 -8.13 15.70 46.85
N ALA D 131 -7.89 16.59 47.86
CA ALA D 131 -6.57 16.73 48.48
C ALA D 131 -6.15 15.47 49.23
N GLN D 132 -7.11 14.80 49.89
CA GLN D 132 -6.81 13.52 50.54
C GLN D 132 -6.51 12.41 49.54
N LYS D 133 -7.34 12.29 48.48
CA LYS D 133 -7.18 11.17 47.55
C LYS D 133 -5.99 11.34 46.62
N TYR D 134 -5.78 12.53 46.06
CA TYR D 134 -4.76 12.72 45.03
C TYR D 134 -3.55 13.52 45.49
N GLY D 135 -3.44 13.84 46.77
CA GLY D 135 -2.34 14.65 47.24
C GLY D 135 -2.68 16.13 47.14
N GLU D 136 -1.79 16.94 47.75
CA GLU D 136 -1.94 18.40 47.79
C GLU D 136 -1.85 19.05 46.41
N THR D 137 -0.95 18.55 45.57
CA THR D 137 -0.76 19.10 44.22
C THR D 137 -1.61 18.37 43.17
N TYR D 138 -2.92 18.38 43.46
CA TYR D 138 -3.90 17.77 42.52
C TYR D 138 -4.19 18.77 41.41
N ASP D 139 -4.62 18.29 40.26
CA ASP D 139 -4.92 19.10 39.08
C ASP D 139 -6.14 19.98 39.36
N ARG D 140 -5.90 21.28 39.51
CA ARG D 140 -6.98 22.25 39.73
C ARG D 140 -7.83 22.40 38.47
N PRO D 141 -9.15 22.59 38.60
CA PRO D 141 -9.98 22.73 37.40
C PRO D 141 -9.86 24.11 36.73
N SER D 142 -9.70 24.09 35.42
CA SER D 142 -9.77 25.29 34.62
C SER D 142 -11.12 25.45 33.93
N LEU D 143 -12.10 24.61 34.27
CA LEU D 143 -13.41 24.65 33.65
C LEU D 143 -14.44 23.99 34.56
N ILE D 144 -15.60 24.64 34.69
CA ILE D 144 -16.74 24.11 35.43
C ILE D 144 -17.84 23.84 34.41
N LEU D 145 -18.20 22.57 34.24
CA LEU D 145 -19.21 22.15 33.26
C LEU D 145 -20.48 21.82 34.03
N SER D 146 -21.48 22.69 33.91
CA SER D 146 -22.77 22.48 34.54
C SER D 146 -23.71 21.79 33.56
N VAL D 147 -24.20 20.61 33.91
CA VAL D 147 -25.09 19.87 33.01
C VAL D 147 -26.50 19.97 33.57
N THR D 148 -27.39 20.60 32.79
CA THR D 148 -28.79 20.75 33.16
C THR D 148 -29.64 20.17 32.03
N GLY D 149 -30.90 19.90 32.35
CA GLY D 149 -31.78 19.39 31.32
C GLY D 149 -32.91 18.56 31.91
N GLY D 150 -33.32 17.56 31.12
CA GLY D 150 -34.49 16.76 31.41
C GLY D 150 -34.35 15.86 32.63
N ALA D 151 -35.33 15.94 33.53
CA ALA D 151 -35.35 15.03 34.68
C ALA D 151 -35.79 13.64 34.25
N ARG D 152 -36.79 13.54 33.38
CA ARG D 152 -37.30 12.26 32.90
C ARG D 152 -36.35 11.64 31.87
N ASN D 153 -36.46 10.30 31.74
CA ASN D 153 -35.63 9.51 30.83
C ASN D 153 -35.93 9.83 29.38
N PHE D 154 -34.87 9.87 28.56
CA PHE D 154 -35.04 10.18 27.12
C PHE D 154 -33.96 9.45 26.31
N THR D 155 -34.26 9.10 25.05
CA THR D 155 -33.33 8.39 24.18
C THR D 155 -32.85 9.37 23.12
N LEU D 156 -31.55 9.44 22.95
CA LEU D 156 -30.91 10.28 21.94
C LEU D 156 -30.43 9.43 20.77
N PRO D 157 -30.17 10.07 19.59
CA PRO D 157 -29.63 9.36 18.44
C PRO D 157 -28.18 8.93 18.68
N PRO D 158 -27.74 7.73 18.24
CA PRO D 158 -26.35 7.24 18.54
C PRO D 158 -25.18 8.11 18.08
N ARG D 159 -25.33 8.79 16.94
CA ARG D 159 -24.22 9.62 16.40
C ARG D 159 -24.12 10.90 17.24
N LEU D 160 -25.28 11.50 17.53
CA LEU D 160 -25.33 12.72 18.35
C LEU D 160 -24.76 12.48 19.74
N GLU D 161 -25.14 11.33 20.35
CA GLU D 161 -24.68 10.88 21.67
C GLU D 161 -23.19 10.61 21.67
N THR D 162 -22.70 9.98 20.59
CA THR D 162 -21.28 9.70 20.37
C THR D 162 -20.46 10.99 20.27
N ALA D 163 -20.99 11.99 19.52
CA ALA D 163 -20.35 13.31 19.35
C ALA D 163 -20.25 14.09 20.67
N ILE D 164 -21.37 14.12 21.44
CA ILE D 164 -21.44 14.79 22.75
C ILE D 164 -20.51 14.12 23.76
N ALA D 165 -20.51 12.77 23.78
CA ALA D 165 -19.69 11.93 24.65
C ALA D 165 -18.20 12.12 24.39
N LYS D 166 -17.81 12.10 23.09
CA LYS D 166 -16.43 12.28 22.64
C LYS D 166 -15.90 13.67 22.98
N GLY D 167 -16.70 14.71 22.67
CA GLY D 167 -16.33 16.10 22.94
C GLY D 167 -16.23 16.43 24.42
N LEU D 168 -17.20 15.94 25.21
CA LEU D 168 -17.24 16.15 26.66
C LEU D 168 -16.09 15.43 27.37
N ARG D 169 -15.77 14.17 26.94
CA ARG D 169 -14.64 13.41 27.47
C ARG D 169 -13.30 14.09 27.17
N LEU D 170 -13.12 14.57 25.92
CA LEU D 170 -11.90 15.29 25.49
C LEU D 170 -11.71 16.58 26.28
N ALA D 171 -12.79 17.38 26.42
CA ALA D 171 -12.79 18.64 27.16
C ALA D 171 -12.50 18.44 28.65
N ALA D 172 -13.17 17.43 29.25
CA ALA D 172 -13.01 17.09 30.67
C ALA D 172 -11.62 16.57 30.98
N GLN D 173 -11.06 15.71 30.10
CA GLN D 173 -9.73 15.16 30.36
C GLN D 173 -8.64 16.18 30.07
N ARG D 174 -8.85 17.13 29.14
CA ARG D 174 -7.82 18.13 28.87
C ARG D 174 -7.84 19.27 29.87
N THR D 175 -9.00 19.68 30.38
CA THR D 175 -9.04 20.82 31.28
C THR D 175 -9.14 20.49 32.76
N ASN D 176 -9.21 19.19 33.12
CA ASN D 176 -9.49 18.64 34.47
C ASN D 176 -10.76 19.21 35.10
N ALA D 177 -11.80 19.37 34.26
CA ALA D 177 -13.04 20.07 34.56
C ALA D 177 -13.87 19.42 35.64
N TRP D 178 -14.56 20.25 36.43
CA TRP D 178 -15.56 19.77 37.38
C TRP D 178 -16.93 19.76 36.75
N VAL D 179 -17.53 18.59 36.62
CA VAL D 179 -18.85 18.43 36.03
C VAL D 179 -19.87 18.37 37.15
N VAL D 180 -20.79 19.33 37.17
CA VAL D 180 -21.81 19.42 38.21
C VAL D 180 -23.17 19.09 37.60
N THR D 181 -23.80 18.01 38.06
CA THR D 181 -25.15 17.62 37.62
C THR D 181 -26.07 17.45 38.82
N GLY D 182 -27.28 16.94 38.58
CA GLY D 182 -28.23 16.66 39.63
C GLY D 182 -27.94 15.40 40.44
N GLY D 183 -27.18 14.45 39.90
CA GLY D 183 -26.79 13.29 40.69
C GLY D 183 -27.76 12.13 40.73
N THR D 184 -28.90 12.24 40.02
CA THR D 184 -29.96 11.18 40.04
C THR D 184 -29.78 10.21 38.85
N ASN D 185 -30.33 8.99 38.94
CA ASN D 185 -30.13 7.97 37.91
C ASN D 185 -31.22 7.98 36.83
N THR D 186 -31.50 9.14 36.25
CA THR D 186 -32.48 9.27 35.18
C THR D 186 -31.97 10.37 34.27
N GLY D 187 -32.28 10.26 32.97
CA GLY D 187 -32.09 11.32 31.97
C GLY D 187 -30.66 11.79 31.73
N VAL D 188 -30.51 13.12 31.68
CA VAL D 188 -29.25 13.78 31.32
C VAL D 188 -28.15 13.56 32.39
N MET D 189 -28.53 13.44 33.68
CA MET D 189 -27.61 13.13 34.77
C MET D 189 -27.02 11.73 34.65
N LYS D 190 -27.90 10.75 34.33
CA LYS D 190 -27.52 9.36 34.07
C LYS D 190 -26.67 9.26 32.81
N LEU D 191 -27.03 10.06 31.79
CA LEU D 191 -26.30 10.17 30.52
C LEU D 191 -24.89 10.70 30.70
N THR D 192 -24.74 11.75 31.52
CA THR D 192 -23.46 12.39 31.87
C THR D 192 -22.58 11.42 32.65
N GLY D 193 -23.22 10.66 33.56
CA GLY D 193 -22.58 9.57 34.31
C GLY D 193 -22.03 8.47 33.41
N GLN D 194 -22.82 8.09 32.38
CA GLN D 194 -22.42 7.11 31.37
C GLN D 194 -21.23 7.61 30.54
N ILE D 195 -21.23 8.92 30.21
CA ILE D 195 -20.11 9.54 29.47
C ILE D 195 -18.82 9.52 30.31
N MET D 196 -18.93 9.89 31.60
CA MET D 196 -17.74 9.94 32.45
C MET D 196 -17.28 8.59 32.97
N GLU D 197 -18.13 7.54 32.86
CA GLU D 197 -17.76 6.18 33.26
C GLU D 197 -16.62 5.63 32.41
N ALA D 198 -16.68 5.87 31.08
CA ALA D 198 -15.62 5.48 30.14
C ALA D 198 -14.34 6.27 30.38
N LEU D 199 -14.47 7.53 30.85
CA LEU D 199 -13.31 8.35 31.19
C LEU D 199 -12.63 7.80 32.43
N SER D 200 -13.44 7.36 33.42
CA SER D 200 -12.91 6.73 34.63
C SER D 200 -12.33 5.33 34.39
N LYS D 201 -12.69 4.67 33.29
CA LYS D 201 -12.16 3.35 32.97
C LYS D 201 -10.92 3.40 32.06
N THR D 202 -10.95 4.21 31.02
CA THR D 202 -9.88 4.30 30.03
C THR D 202 -8.69 5.14 30.47
N GLN D 203 -8.78 5.88 31.56
CA GLN D 203 -7.71 6.76 32.02
C GLN D 203 -7.28 6.40 33.44
N SER D 204 -5.98 6.51 33.68
CA SER D 204 -5.36 6.22 34.96
C SER D 204 -5.02 7.53 35.67
N HIS D 205 -4.64 7.39 36.95
CA HIS D 205 -4.30 8.43 37.94
C HIS D 205 -5.53 9.33 38.10
N PHE D 206 -5.45 10.63 37.76
CA PHE D 206 -6.49 11.62 38.10
C PHE D 206 -7.78 11.39 37.30
N ILE D 207 -8.90 11.33 38.01
CA ILE D 207 -10.22 11.26 37.39
C ILE D 207 -11.00 12.52 37.76
N PRO D 208 -11.45 13.33 36.77
CA PRO D 208 -12.26 14.56 37.03
C PRO D 208 -13.56 14.27 37.77
N PRO D 209 -13.87 15.01 38.86
CA PRO D 209 -15.09 14.72 39.65
C PRO D 209 -16.40 14.99 38.93
N THR D 210 -17.39 14.14 39.20
CA THR D 210 -18.75 14.30 38.71
C THR D 210 -19.61 14.57 39.94
N ILE D 211 -19.70 15.83 40.34
CA ILE D 211 -20.39 16.21 41.57
C ILE D 211 -21.90 16.21 41.32
N GLY D 212 -22.63 15.50 42.18
CA GLY D 212 -24.08 15.50 42.13
C GLY D 212 -24.71 16.19 43.32
N ILE D 213 -25.40 17.29 43.08
CA ILE D 213 -26.09 18.05 44.12
C ILE D 213 -27.57 17.72 44.03
N ALA D 214 -28.11 17.06 45.05
CA ALA D 214 -29.49 16.60 44.98
C ALA D 214 -30.25 16.97 46.24
N THR D 215 -31.57 17.10 46.06
CA THR D 215 -32.44 17.36 47.23
C THR D 215 -32.54 16.06 48.00
N TYR D 216 -32.56 16.16 49.31
CA TYR D 216 -32.58 14.93 50.16
C TYR D 216 -34.01 14.40 50.25
N GLY D 217 -35.00 15.29 50.14
CA GLY D 217 -36.40 14.88 50.33
C GLY D 217 -36.98 13.89 49.32
N VAL D 218 -36.22 13.55 48.30
CA VAL D 218 -36.78 12.66 47.24
C VAL D 218 -35.91 11.42 47.16
N ILE D 219 -34.80 11.39 47.88
CA ILE D 219 -33.80 10.29 47.70
C ILE D 219 -34.12 8.98 48.43
N ILE D 220 -34.09 7.88 47.68
CA ILE D 220 -34.35 6.53 48.26
C ILE D 220 -33.24 6.23 49.26
N GLY D 221 -33.60 5.72 50.43
CA GLY D 221 -32.57 5.31 51.35
C GLY D 221 -31.94 6.37 52.22
N GLY D 222 -32.58 7.53 52.40
CA GLY D 222 -32.05 8.62 53.23
C GLY D 222 -31.87 8.30 54.70
N ASP D 223 -32.81 7.53 55.28
CA ASP D 223 -32.76 7.10 56.68
C ASP D 223 -31.57 6.19 56.96
N ASP D 224 -31.26 5.29 56.01
CA ASP D 224 -30.10 4.39 56.09
C ASP D 224 -28.79 5.17 56.09
N MET D 225 -28.72 6.20 55.25
CA MET D 225 -27.57 7.10 55.12
C MET D 225 -27.39 7.95 56.37
N THR D 226 -28.51 8.37 56.97
CA THR D 226 -28.48 9.23 58.16
C THR D 226 -28.03 8.47 59.41
N ARG D 227 -28.75 7.40 59.75
CA ARG D 227 -28.53 6.70 61.04
C ARG D 227 -27.18 6.00 61.11
N GLY D 228 -26.35 6.39 62.08
CA GLY D 228 -25.05 5.70 62.28
C GLY D 228 -24.04 6.65 62.90
N GLU D 229 -22.82 6.16 63.17
CA GLU D 229 -21.80 7.07 63.70
C GLU D 229 -20.90 7.51 62.56
N PRO D 230 -20.89 8.81 62.21
CA PRO D 230 -20.12 9.24 61.04
C PRO D 230 -18.61 9.28 61.30
N PRO D 231 -17.72 9.13 60.28
CA PRO D 231 -18.03 8.77 58.87
C PRO D 231 -18.37 7.31 58.57
N LYS D 232 -19.29 7.07 57.63
CA LYS D 232 -19.65 5.70 57.24
C LYS D 232 -18.78 5.35 56.03
N ILE D 233 -17.73 4.54 56.25
CA ILE D 233 -16.78 4.20 55.19
C ILE D 233 -17.33 3.03 54.39
N GLY D 234 -17.49 3.22 53.08
CA GLY D 234 -17.94 2.21 52.13
C GLY D 234 -19.33 1.64 52.35
N LEU D 235 -20.29 2.50 52.72
CA LEU D 235 -21.67 2.09 52.96
C LEU D 235 -22.36 1.64 51.67
N GLU D 236 -23.00 0.47 51.73
CA GLU D 236 -23.68 -0.08 50.56
C GLU D 236 -24.97 0.65 50.27
N TYR D 237 -25.14 1.06 49.02
CA TYR D 237 -26.34 1.72 48.54
C TYR D 237 -27.15 0.75 47.70
N GLU D 238 -28.41 0.56 48.06
CA GLU D 238 -29.29 -0.37 47.36
C GLU D 238 -30.30 0.51 46.64
N MET D 239 -30.00 0.79 45.36
CA MET D 239 -30.88 1.60 44.52
C MET D 239 -32.21 0.94 44.18
N HIS D 240 -32.28 -0.40 44.15
CA HIS D 240 -33.55 -1.03 43.81
C HIS D 240 -34.46 -1.28 44.99
N LYS D 241 -34.00 -1.07 46.22
CA LYS D 241 -34.85 -1.26 47.40
C LYS D 241 -35.93 -0.19 47.50
N LYS D 242 -37.15 -0.61 47.84
CA LYS D 242 -38.29 0.31 47.85
C LYS D 242 -38.26 0.98 49.23
N ASP D 243 -37.69 2.18 49.29
CA ASP D 243 -37.71 2.95 50.56
C ASP D 243 -38.88 3.93 50.51
N PRO D 244 -40.03 3.72 51.22
CA PRO D 244 -41.19 4.61 51.08
C PRO D 244 -41.04 6.00 51.72
N PRO D 245 -41.58 7.08 51.10
CA PRO D 245 -42.34 6.99 49.86
C PRO D 245 -41.53 7.60 48.70
N LYS D 246 -40.27 7.17 48.53
CA LYS D 246 -39.42 7.82 47.50
C LYS D 246 -39.20 6.82 46.36
N THR D 247 -39.19 7.28 45.11
CA THR D 247 -39.01 6.41 43.96
C THR D 247 -37.86 6.87 43.09
N THR D 248 -37.07 7.82 43.63
CA THR D 248 -35.93 8.44 42.89
C THR D 248 -34.58 7.92 43.40
N PRO D 249 -33.79 7.15 42.60
CA PRO D 249 -32.46 6.73 43.07
C PRO D 249 -31.30 7.64 42.62
N LEU D 250 -30.15 7.50 43.31
CA LEU D 250 -28.94 8.29 42.97
C LEU D 250 -28.16 7.61 41.86
N ASP D 251 -27.54 8.37 40.97
CA ASP D 251 -26.73 7.83 39.89
C ASP D 251 -25.46 7.20 40.44
N ASP D 252 -25.17 5.96 40.04
CA ASP D 252 -24.03 5.25 40.59
C ASP D 252 -22.67 5.67 40.01
N ASN D 253 -22.65 6.45 38.94
CA ASN D 253 -21.43 6.89 38.29
C ASN D 253 -20.92 8.25 38.73
N HIS D 254 -21.60 8.90 39.68
CA HIS D 254 -21.17 10.20 40.18
C HIS D 254 -20.16 10.02 41.29
N ASN D 255 -19.11 10.84 41.27
CA ASN D 255 -17.99 10.69 42.17
C ASN D 255 -18.14 11.36 43.53
N LEU D 256 -19.10 12.27 43.67
CA LEU D 256 -19.34 12.92 44.97
C LEU D 256 -20.83 13.25 45.06
N PHE D 257 -21.35 13.44 46.26
CA PHE D 257 -22.76 13.75 46.46
C PHE D 257 -22.95 14.80 47.55
N LEU D 258 -23.72 15.83 47.24
CA LEU D 258 -24.15 16.82 48.22
C LEU D 258 -25.66 16.76 48.34
N LEU D 259 -26.16 16.24 49.46
CA LEU D 259 -27.60 16.13 49.68
C LEU D 259 -28.07 17.34 50.48
N VAL D 260 -28.70 18.27 49.79
CA VAL D 260 -29.24 19.48 50.40
C VAL D 260 -30.61 19.21 51.01
N ASP D 261 -30.73 19.49 52.31
CA ASP D 261 -32.00 19.15 53.01
C ASP D 261 -32.70 20.38 53.55
N ASP D 262 -34.04 20.43 53.42
CA ASP D 262 -34.83 21.51 53.96
C ASP D 262 -35.97 21.03 54.86
N GLY D 263 -36.03 19.73 55.15
CA GLY D 263 -37.07 19.15 55.96
C GLY D 263 -38.29 18.68 55.21
N SER D 264 -38.40 18.98 53.92
CA SER D 264 -39.53 18.55 53.13
C SER D 264 -39.30 17.14 52.60
N THR D 265 -40.36 16.52 52.13
CA THR D 265 -40.32 15.19 51.56
C THR D 265 -41.09 15.20 50.23
N ASN D 266 -40.47 14.56 49.21
CA ASN D 266 -40.97 14.37 47.83
C ASN D 266 -41.28 15.68 47.11
N LYS D 267 -40.52 16.73 47.48
CA LYS D 267 -40.69 18.07 46.87
C LYS D 267 -39.40 18.41 46.14
N PHE D 268 -39.33 18.16 44.83
CA PHE D 268 -38.07 18.34 44.07
C PHE D 268 -37.75 19.82 43.86
N GLY D 269 -36.49 20.14 43.55
CA GLY D 269 -36.14 21.53 43.18
C GLY D 269 -35.72 22.45 44.32
N LYS D 270 -35.57 21.92 45.53
CA LYS D 270 -35.10 22.74 46.68
C LYS D 270 -33.67 23.24 46.45
N GLU D 271 -32.83 22.51 45.73
CA GLU D 271 -31.39 22.85 45.63
C GLU D 271 -31.00 23.71 44.42
N ILE D 272 -31.95 24.16 43.59
CA ILE D 272 -31.54 24.85 42.33
C ILE D 272 -30.68 26.08 42.61
N LYS D 273 -31.01 26.89 43.61
CA LYS D 273 -30.23 28.14 43.83
C LYS D 273 -28.84 27.78 44.35
N PHE D 274 -28.77 26.99 45.40
CA PHE D 274 -27.52 26.55 46.03
C PHE D 274 -26.53 26.01 45.00
N ARG D 275 -27.06 25.27 44.00
CA ARG D 275 -26.27 24.71 42.89
C ARG D 275 -25.63 25.81 42.06
N ALA D 276 -26.42 26.85 41.73
CA ALA D 276 -25.99 28.04 40.98
C ALA D 276 -24.94 28.82 41.76
N ALA D 277 -25.17 28.98 43.08
CA ALA D 277 -24.25 29.67 43.99
C ALA D 277 -22.92 28.93 44.12
N PHE D 278 -22.98 27.58 44.18
CA PHE D 278 -21.78 26.73 44.26
C PHE D 278 -20.94 26.81 42.98
N GLU D 279 -21.61 26.79 41.80
CA GLU D 279 -20.93 26.93 40.50
C GLU D 279 -20.25 28.29 40.35
N ASN D 280 -20.96 29.38 40.77
CA ASN D 280 -20.40 30.74 40.76
C ASN D 280 -19.22 30.86 41.72
N ALA D 281 -19.35 30.25 42.92
CA ALA D 281 -18.30 30.25 43.96
C ALA D 281 -17.04 29.51 43.50
N ALA D 282 -17.24 28.35 42.84
CA ALA D 282 -16.15 27.57 42.24
C ALA D 282 -15.46 28.34 41.13
N GLY D 283 -16.26 29.01 40.27
CA GLY D 283 -15.73 29.84 39.19
C GLY D 283 -14.89 31.02 39.66
N GLN D 284 -15.35 31.71 40.72
CA GLN D 284 -14.56 32.78 41.31
C GLN D 284 -13.29 32.26 42.01
N ALA D 285 -13.41 31.13 42.74
CA ALA D 285 -12.29 30.56 43.49
C ALA D 285 -11.16 30.04 42.60
N PHE D 286 -11.47 29.32 41.53
CA PHE D 286 -10.41 28.77 40.69
C PHE D 286 -10.06 29.64 39.50
N ALA D 287 -10.71 30.82 39.35
CA ALA D 287 -10.60 31.79 38.24
C ALA D 287 -10.87 31.14 36.88
N ALA D 288 -11.86 30.25 36.85
CA ALA D 288 -12.27 29.39 35.77
C ALA D 288 -13.66 29.74 35.25
N PRO D 289 -13.87 29.74 33.92
CA PRO D 289 -15.21 29.99 33.38
C PRO D 289 -16.19 28.86 33.69
N VAL D 290 -17.44 29.25 33.89
CA VAL D 290 -18.53 28.30 34.10
C VAL D 290 -19.30 28.18 32.80
N VAL D 291 -19.41 26.96 32.27
CA VAL D 291 -20.11 26.74 31.01
C VAL D 291 -21.27 25.80 31.28
N THR D 292 -22.48 26.27 31.03
CA THR D 292 -23.67 25.44 31.17
C THR D 292 -23.90 24.73 29.84
N ILE D 293 -24.29 23.46 29.89
CA ILE D 293 -24.60 22.68 28.69
C ILE D 293 -26.06 22.25 28.83
N VAL D 294 -26.86 22.53 27.80
CA VAL D 294 -28.29 22.25 27.83
C VAL D 294 -28.56 21.16 26.81
N VAL D 295 -29.00 20.00 27.35
CA VAL D 295 -29.39 18.86 26.48
C VAL D 295 -30.86 18.56 26.85
N GLN D 296 -31.71 18.34 25.85
CA GLN D 296 -33.16 18.11 26.09
C GLN D 296 -33.68 19.26 26.93
N GLY D 297 -34.39 18.94 28.01
CA GLY D 297 -34.82 20.03 28.90
C GLY D 297 -36.30 20.30 28.83
N GLY D 298 -36.95 20.37 29.98
CA GLY D 298 -38.35 20.71 30.04
C GLY D 298 -38.57 22.21 30.19
N PRO D 299 -39.78 22.62 30.65
CA PRO D 299 -40.06 24.06 30.88
C PRO D 299 -39.19 24.77 31.90
N GLY D 300 -38.77 24.09 32.97
CA GLY D 300 -37.92 24.69 33.99
C GLY D 300 -36.49 24.88 33.54
N THR D 301 -36.03 24.07 32.57
CA THR D 301 -34.70 24.17 31.97
C THR D 301 -34.53 25.49 31.20
N LEU D 302 -35.63 25.97 30.58
CA LEU D 302 -35.70 27.27 29.89
C LEU D 302 -35.49 28.43 30.85
N GLY D 303 -36.14 28.36 32.03
CA GLY D 303 -35.94 29.36 33.08
C GLY D 303 -34.56 29.31 33.69
N THR D 304 -34.01 28.09 33.84
CA THR D 304 -32.64 27.85 34.32
C THR D 304 -31.60 28.46 33.38
N ALA D 305 -31.80 28.23 32.06
CA ALA D 305 -30.97 28.79 30.98
C ALA D 305 -31.08 30.30 30.92
N LEU D 306 -32.30 30.83 31.16
CA LEU D 306 -32.58 32.26 31.24
C LEU D 306 -31.82 32.91 32.39
N GLN D 307 -31.82 32.23 33.56
CA GLN D 307 -31.07 32.64 34.75
C GLN D 307 -29.57 32.64 34.48
N ALA D 308 -29.10 31.61 33.76
CA ALA D 308 -27.70 31.44 33.37
C ALA D 308 -27.24 32.58 32.44
N VAL D 309 -28.06 32.92 31.45
CA VAL D 309 -27.68 34.04 30.56
C VAL D 309 -27.67 35.31 31.39
N ARG D 310 -28.70 35.54 32.19
CA ARG D 310 -28.80 36.80 32.94
C ARG D 310 -27.60 37.03 33.85
N GLN D 311 -27.04 35.97 34.43
CA GLN D 311 -25.86 36.08 35.29
C GLN D 311 -24.52 36.10 34.53
N GLY D 312 -24.53 36.17 33.20
CA GLY D 312 -23.32 36.22 32.40
C GLY D 312 -22.68 34.89 32.08
N THR D 313 -23.26 33.79 32.53
CA THR D 313 -22.70 32.47 32.27
C THR D 313 -23.08 32.02 30.86
N PRO D 314 -22.11 31.66 30.00
CA PRO D 314 -22.44 31.15 28.66
C PRO D 314 -23.10 29.78 28.69
N ILE D 315 -23.93 29.53 27.68
CA ILE D 315 -24.62 28.25 27.54
C ILE D 315 -24.28 27.64 26.19
N VAL D 316 -24.23 26.32 26.16
CA VAL D 316 -24.01 25.54 24.95
C VAL D 316 -25.25 24.66 24.80
N VAL D 317 -26.06 24.94 23.79
CA VAL D 317 -27.30 24.23 23.56
C VAL D 317 -27.08 23.15 22.50
N VAL D 318 -27.37 21.90 22.87
CA VAL D 318 -27.21 20.76 21.97
C VAL D 318 -28.47 20.62 21.11
N ASP D 319 -28.38 21.08 19.87
CA ASP D 319 -29.47 20.93 18.90
C ASP D 319 -29.65 19.48 18.48
N GLY D 320 -30.90 19.11 18.20
CA GLY D 320 -31.24 17.75 17.84
C GLY D 320 -31.53 16.82 18.99
N SER D 321 -31.43 17.37 20.21
CA SER D 321 -31.73 16.59 21.45
C SER D 321 -33.23 16.66 21.72
N GLY D 322 -33.79 17.85 21.84
CA GLY D 322 -35.26 17.92 21.96
C GLY D 322 -35.80 18.96 22.90
N LEU D 323 -37.09 19.29 22.75
CA LEU D 323 -37.78 20.25 23.65
C LEU D 323 -37.03 21.57 23.76
N ALA D 324 -36.83 22.06 24.98
CA ALA D 324 -36.22 23.39 25.17
C ALA D 324 -34.97 23.57 24.31
N ALA D 325 -34.27 22.49 23.97
CA ALA D 325 -33.01 22.70 23.26
C ALA D 325 -33.24 22.97 21.77
N ASP D 326 -34.17 22.23 21.15
CA ASP D 326 -34.58 22.44 19.75
C ASP D 326 -35.23 23.80 19.55
N VAL D 327 -36.03 24.22 20.56
CA VAL D 327 -36.72 25.52 20.57
C VAL D 327 -35.70 26.66 20.64
N LEU D 328 -34.70 26.52 21.54
CA LEU D 328 -33.60 27.47 21.71
C LEU D 328 -32.71 27.56 20.47
N ALA D 329 -32.40 26.40 19.87
CA ALA D 329 -31.62 26.31 18.65
C ALA D 329 -32.30 26.97 17.46
N TYR D 330 -33.61 26.75 17.34
CA TYR D 330 -34.38 27.39 16.26
C TYR D 330 -34.31 28.89 16.51
N ALA D 331 -34.71 29.29 17.71
CA ALA D 331 -34.76 30.71 18.07
C ALA D 331 -33.45 31.43 17.79
N TYR D 332 -32.32 30.87 18.19
CA TYR D 332 -31.03 31.52 17.87
C TYR D 332 -30.88 31.57 16.36
N ASN D 333 -31.03 30.43 15.69
CA ASN D 333 -30.83 30.38 14.24
C ASN D 333 -31.70 31.42 13.55
N PHE D 334 -32.82 31.74 14.22
CA PHE D 334 -33.79 32.70 13.64
C PHE D 334 -33.22 34.08 13.85
N MET D 335 -32.61 34.27 15.01
CA MET D 335 -32.16 35.65 15.33
C MET D 335 -30.70 35.93 14.94
N HIS D 336 -29.93 34.94 14.47
CA HIS D 336 -28.54 35.27 14.16
C HIS D 336 -27.89 34.65 12.92
N ASN D 337 -28.32 33.43 12.55
CA ASN D 337 -27.63 32.62 11.53
C ASN D 337 -27.83 33.17 10.11
N PRO D 338 -26.78 33.48 9.37
CA PRO D 338 -26.94 34.06 8.02
C PRO D 338 -27.09 33.10 6.84
N LEU D 339 -27.26 31.81 7.14
CA LEU D 339 -27.30 30.78 6.07
C LEU D 339 -28.63 30.78 5.31
N THR D 340 -28.59 30.28 4.07
CA THR D 340 -29.76 30.32 3.19
C THR D 340 -30.93 29.47 3.71
N ARG D 341 -30.66 28.32 4.34
CA ARG D 341 -31.71 27.41 4.82
C ARG D 341 -32.49 27.94 6.04
N PHE D 342 -32.03 29.06 6.62
CA PHE D 342 -32.69 29.64 7.81
C PHE D 342 -33.54 30.84 7.40
N LYS D 343 -33.48 31.22 6.13
CA LYS D 343 -34.24 32.36 5.63
C LYS D 343 -35.75 32.13 5.64
N SER D 344 -36.21 30.88 5.67
CA SER D 344 -37.61 30.51 5.76
C SER D 344 -38.11 30.41 7.18
N TYR D 345 -37.25 30.64 8.18
CA TYR D 345 -37.65 30.60 9.60
C TYR D 345 -38.57 31.76 9.95
N THR D 346 -39.66 31.44 10.65
CA THR D 346 -40.69 32.40 11.04
C THR D 346 -41.05 32.17 12.50
N ILE D 347 -41.64 33.18 13.12
CA ILE D 347 -42.09 33.02 14.54
C ILE D 347 -43.26 32.05 14.54
N ASP D 348 -44.17 32.16 13.57
CA ASP D 348 -45.35 31.29 13.51
C ASP D 348 -45.00 29.80 13.55
N ASP D 349 -43.99 29.39 12.78
CA ASP D 349 -43.51 27.99 12.81
C ASP D 349 -42.84 27.64 14.13
N LEU D 350 -42.20 28.62 14.77
CA LEU D 350 -41.59 28.37 16.09
C LEU D 350 -42.72 28.20 17.10
N ARG D 351 -43.69 29.09 17.05
CA ARG D 351 -44.85 29.04 17.95
C ARG D 351 -45.58 27.71 17.81
N GLN D 352 -45.70 27.24 16.56
CA GLN D 352 -46.28 25.94 16.21
C GLN D 352 -45.45 24.80 16.79
N LYS D 353 -44.11 24.92 16.71
CA LYS D 353 -43.15 23.95 17.29
C LYS D 353 -43.27 23.86 18.81
N VAL D 354 -43.37 25.03 19.48
CA VAL D 354 -43.54 25.12 20.95
C VAL D 354 -44.89 24.51 21.38
N ALA D 355 -45.96 24.82 20.61
CA ALA D 355 -47.31 24.29 20.86
C ALA D 355 -47.41 22.78 20.66
N GLN D 356 -46.76 22.26 19.61
CA GLN D 356 -46.78 20.82 19.36
C GLN D 356 -45.89 20.07 20.33
N THR D 357 -44.81 20.71 20.80
CA THR D 357 -43.88 20.02 21.69
C THR D 357 -44.29 20.07 23.16
N PHE D 358 -44.42 21.24 23.79
CA PHE D 358 -44.70 21.31 25.27
C PHE D 358 -46.19 21.23 25.59
N ASN D 359 -47.07 21.47 24.63
CA ASN D 359 -48.54 21.46 24.72
C ASN D 359 -49.09 22.24 25.93
N PRO D 360 -48.99 23.59 26.00
CA PRO D 360 -49.52 24.33 27.16
C PRO D 360 -51.04 24.29 27.27
N LYS D 361 -51.52 24.41 28.51
CA LYS D 361 -52.95 24.42 28.78
C LYS D 361 -53.58 25.74 28.36
N SER D 362 -52.90 26.85 28.61
CA SER D 362 -53.45 28.17 28.34
C SER D 362 -52.53 28.94 27.40
N SER D 363 -53.14 29.90 26.69
CA SER D 363 -52.45 30.77 25.75
C SER D 363 -51.42 31.68 26.42
N GLN D 364 -51.73 32.15 27.64
CA GLN D 364 -50.83 33.01 28.42
C GLN D 364 -49.54 32.29 28.83
N GLN D 365 -49.65 31.00 29.16
CA GLN D 365 -48.49 30.14 29.46
C GLN D 365 -47.59 29.99 28.24
N LEU D 366 -48.21 29.80 27.07
CA LEU D 366 -47.52 29.70 25.77
C LEU D 366 -46.82 31.01 25.43
N THR D 367 -47.49 32.14 25.71
CA THR D 367 -46.95 33.49 25.51
C THR D 367 -45.74 33.76 26.42
N ASN D 368 -45.83 33.34 27.70
CA ASN D 368 -44.74 33.47 28.68
C ASN D 368 -43.52 32.63 28.32
N LEU D 369 -43.76 31.36 27.89
CA LEU D 369 -42.70 30.46 27.41
C LEU D 369 -42.02 30.99 26.16
N LEU D 370 -42.83 31.53 25.23
CA LEU D 370 -42.36 32.15 24.00
C LEU D 370 -41.50 33.37 24.25
N ASP D 371 -41.94 34.24 25.19
CA ASP D 371 -41.23 35.44 25.59
C ASP D 371 -39.89 35.14 26.26
N SER D 372 -39.88 34.12 27.16
CA SER D 372 -38.66 33.67 27.82
C SER D 372 -37.66 33.04 26.86
N ALA D 373 -38.17 32.21 25.90
CA ALA D 373 -37.35 31.57 24.87
C ALA D 373 -36.71 32.57 23.92
N LEU D 374 -37.47 33.61 23.53
CA LEU D 374 -36.91 34.67 22.70
C LEU D 374 -35.95 35.56 23.50
N GLU D 375 -36.18 35.68 24.81
CA GLU D 375 -35.31 36.47 25.68
C GLU D 375 -33.95 35.82 25.95
N CYS D 376 -33.88 34.47 25.94
CA CYS D 376 -32.61 33.74 26.15
C CYS D 376 -31.54 33.98 25.09
N VAL D 377 -31.93 34.03 23.81
CA VAL D 377 -30.96 34.07 22.72
C VAL D 377 -30.77 35.49 22.17
N GLN D 378 -31.09 36.51 22.99
CA GLN D 378 -30.91 37.92 22.66
C GLN D 378 -29.45 38.32 22.44
N ASP D 379 -28.56 37.82 23.30
CA ASP D 379 -27.14 38.13 23.22
C ASP D 379 -26.47 36.97 22.51
N PRO D 380 -25.94 37.15 21.28
CA PRO D 380 -25.32 36.02 20.54
C PRO D 380 -24.04 35.45 21.15
N ASN D 381 -23.33 36.22 21.98
CA ASN D 381 -22.08 35.73 22.56
C ASN D 381 -22.35 34.69 23.64
N LEU D 382 -23.41 34.87 24.42
CA LEU D 382 -23.66 34.00 25.54
C LEU D 382 -24.33 32.67 25.18
N VAL D 383 -24.74 32.47 23.93
CA VAL D 383 -25.39 31.22 23.52
C VAL D 383 -24.57 30.66 22.38
N VAL D 384 -24.19 29.38 22.48
CA VAL D 384 -23.50 28.66 21.41
C VAL D 384 -24.30 27.40 21.12
N VAL D 385 -24.77 27.27 19.89
CA VAL D 385 -25.61 26.15 19.48
C VAL D 385 -24.74 25.18 18.71
N TYR D 386 -24.70 23.93 19.18
CA TYR D 386 -23.96 22.87 18.51
C TYR D 386 -24.92 22.04 17.67
N SER D 387 -24.62 21.93 16.38
CA SER D 387 -25.44 21.17 15.45
C SER D 387 -24.53 20.28 14.61
N LEU D 388 -25.00 19.04 14.42
CA LEU D 388 -24.27 18.00 13.69
C LEU D 388 -24.12 18.33 12.20
N GLN D 389 -25.18 18.83 11.56
CA GLN D 389 -25.16 19.13 10.13
C GLN D 389 -24.44 20.41 9.75
N GLU D 390 -24.02 21.24 10.72
CA GLU D 390 -23.30 22.47 10.46
C GLU D 390 -21.86 22.42 10.95
N SER D 391 -21.66 22.05 12.22
CA SER D 391 -20.31 22.06 12.79
C SER D 391 -19.54 20.79 12.43
N GLY D 392 -20.03 19.63 12.85
CA GLY D 392 -19.32 18.39 12.62
C GLY D 392 -19.32 17.52 13.87
N ILE D 393 -18.96 16.24 13.70
CA ILE D 393 -18.96 15.26 14.78
C ILE D 393 -17.87 15.55 15.82
N ASP D 394 -16.72 16.02 15.37
CA ASP D 394 -15.57 16.26 16.25
C ASP D 394 -15.35 17.74 16.51
N GLU D 395 -16.43 18.51 16.64
CA GLU D 395 -16.35 19.96 16.80
C GLU D 395 -17.06 20.46 18.04
N PHE D 396 -17.47 19.57 18.95
CA PHE D 396 -18.18 19.98 20.17
C PHE D 396 -17.27 20.68 21.17
N ASP D 397 -16.02 20.19 21.35
CA ASP D 397 -15.02 20.87 22.18
C ASP D 397 -14.62 22.24 21.63
N ASP D 398 -14.65 22.41 20.29
CA ASP D 398 -14.45 23.70 19.63
C ASP D 398 -15.59 24.67 19.95
N CYS D 399 -16.83 24.14 20.02
CA CYS D 399 -18.00 24.92 20.43
C CYS D 399 -17.91 25.37 21.90
N ILE D 400 -17.41 24.48 22.78
CA ILE D 400 -17.19 24.80 24.20
C ILE D 400 -16.13 25.89 24.34
N LEU D 401 -15.05 25.79 23.53
CA LEU D 401 -13.97 26.77 23.47
C LEU D 401 -14.45 28.12 22.91
N LYS D 402 -15.38 28.07 21.93
CA LYS D 402 -16.02 29.25 21.35
C LYS D 402 -16.88 29.99 22.37
N ALA D 403 -17.61 29.22 23.21
CA ALA D 403 -18.38 29.78 24.33
C ALA D 403 -17.47 30.44 25.37
N ILE D 404 -16.32 29.81 25.64
CA ILE D 404 -15.31 30.31 26.56
C ILE D 404 -14.71 31.64 26.04
N PHE D 405 -14.34 31.69 24.74
CA PHE D 405 -13.78 32.90 24.12
C PHE D 405 -14.81 34.02 24.01
N SER D 406 -16.09 33.68 23.82
CA SER D 406 -17.12 34.71 23.83
C SER D 406 -17.51 35.14 25.24
N SER D 407 -17.14 34.36 26.28
CA SER D 407 -17.51 34.70 27.65
C SER D 407 -16.66 35.79 28.30
N GLN D 408 -15.40 35.47 28.60
CA GLN D 408 -14.48 36.39 29.22
C GLN D 408 -13.70 37.13 28.14
N GLY D 409 -13.83 38.44 28.11
CA GLY D 409 -13.11 39.18 27.10
C GLY D 409 -11.78 39.81 27.44
N LYS D 410 -10.71 39.03 27.26
CA LYS D 410 -9.33 39.44 27.49
C LYS D 410 -8.47 38.41 26.78
N LEU D 411 -7.31 38.84 26.31
CA LEU D 411 -6.40 37.97 25.55
C LEU D 411 -5.77 36.84 26.36
N GLY D 412 -5.34 37.12 27.60
CA GLY D 412 -4.70 36.11 28.45
C GLY D 412 -5.53 34.90 28.87
N ASN D 413 -6.78 35.12 29.27
CA ASN D 413 -7.69 34.03 29.63
C ASN D 413 -8.06 33.15 28.44
N LYS D 414 -8.32 33.78 27.28
CA LYS D 414 -8.66 33.07 26.05
C LYS D 414 -7.50 32.26 25.47
N LEU D 415 -6.29 32.79 25.62
CA LEU D 415 -5.11 32.05 25.13
C LEU D 415 -4.81 30.88 26.07
N LYS D 416 -4.88 31.11 27.38
CA LYS D 416 -4.68 29.99 28.33
C LYS D 416 -5.65 28.83 28.13
N GLN D 417 -6.95 29.13 27.95
CA GLN D 417 -7.98 28.12 27.67
C GLN D 417 -7.77 27.43 26.32
N ALA D 418 -7.39 28.22 25.29
CA ALA D 418 -7.03 27.69 23.97
C ALA D 418 -5.82 26.77 24.02
N MET D 419 -4.92 27.04 24.95
CA MET D 419 -3.76 26.13 25.10
C MET D 419 -4.32 24.84 25.70
N TYR D 420 -5.10 24.98 26.75
CA TYR D 420 -5.65 23.78 27.41
C TYR D 420 -6.40 22.86 26.44
N PHE D 421 -7.11 23.40 25.45
CA PHE D 421 -7.94 22.51 24.58
C PHE D 421 -7.10 22.00 23.40
N ASP D 422 -5.86 22.45 23.26
CA ASP D 422 -4.90 22.08 22.19
C ASP D 422 -5.44 22.44 20.80
N GLN D 423 -5.81 23.70 20.65
CA GLN D 423 -6.33 24.26 19.40
C GLN D 423 -5.37 25.38 19.01
N LEU D 424 -4.33 25.04 18.28
CA LEU D 424 -3.34 26.08 17.95
C LEU D 424 -3.96 27.00 16.91
N ASP D 425 -4.62 26.42 15.91
CA ASP D 425 -5.19 27.25 14.83
C ASP D 425 -6.07 28.38 15.36
N VAL D 426 -6.86 28.09 16.40
CA VAL D 426 -7.76 29.05 17.07
C VAL D 426 -6.94 30.16 17.74
N ALA D 427 -5.86 29.77 18.42
CA ALA D 427 -4.92 30.69 19.08
C ALA D 427 -4.18 31.56 18.08
N LYS D 428 -3.74 30.95 16.96
CA LYS D 428 -3.07 31.65 15.86
C LYS D 428 -3.98 32.68 15.20
N ARG D 429 -5.25 32.29 14.93
CA ARG D 429 -6.27 33.16 14.34
C ARG D 429 -6.62 34.32 15.26
N ALA D 430 -6.75 34.03 16.58
CA ALA D 430 -7.03 35.02 17.61
C ALA D 430 -5.89 36.04 17.75
N LEU D 431 -4.64 35.54 17.72
CA LEU D 431 -3.45 36.38 17.78
C LEU D 431 -3.31 37.28 16.55
N SER D 432 -3.59 36.70 15.35
CA SER D 432 -3.57 37.44 14.08
C SER D 432 -4.65 38.52 14.02
N GLU D 433 -5.86 38.18 14.50
CA GLU D 433 -6.98 39.12 14.57
C GLU D 433 -6.70 40.26 15.55
N ALA D 434 -6.10 39.92 16.71
CA ALA D 434 -5.70 40.92 17.70
C ALA D 434 -4.60 41.83 17.18
N SER D 435 -3.65 41.25 16.42
CA SER D 435 -2.57 41.97 15.76
C SER D 435 -3.09 42.93 14.69
N LYS D 436 -4.09 42.50 13.92
CA LYS D 436 -4.64 43.35 12.86
C LYS D 436 -5.49 44.48 13.41
N ASN D 437 -6.23 44.24 14.50
CA ASN D 437 -7.17 45.21 15.06
C ASN D 437 -6.54 46.21 16.05
N GLY D 438 -5.21 46.34 16.09
CA GLY D 438 -4.58 47.31 16.97
C GLY D 438 -4.57 46.97 18.44
N GLN D 439 -4.71 45.70 18.80
CA GLN D 439 -4.69 45.26 20.20
C GLN D 439 -3.34 44.69 20.62
N HIS D 440 -2.24 45.27 20.10
CA HIS D 440 -0.87 44.79 20.32
C HIS D 440 -0.41 44.91 21.78
N ASN D 441 -0.90 45.95 22.49
CA ASN D 441 -0.52 46.20 23.89
C ASN D 441 -0.98 45.10 24.83
N GLU D 442 -2.24 44.63 24.67
CA GLU D 442 -2.79 43.54 25.49
C GLU D 442 -2.08 42.22 25.21
N ILE D 443 -1.68 42.03 23.94
CA ILE D 443 -0.93 40.86 23.44
C ILE D 443 0.43 40.79 24.13
N ALA D 444 1.14 41.93 24.15
CA ALA D 444 2.43 42.05 24.81
C ALA D 444 2.31 41.93 26.33
N ALA D 445 1.20 42.42 26.90
CA ALA D 445 0.96 42.31 28.33
C ALA D 445 0.68 40.88 28.79
N CYS D 446 0.08 40.04 27.94
CA CYS D 446 -0.28 38.69 28.37
C CYS D 446 0.59 37.57 27.81
N ILE D 447 1.46 37.90 26.85
CA ILE D 447 2.33 36.94 26.13
C ILE D 447 3.33 36.25 27.07
N ASN D 448 3.78 36.95 28.10
CA ASN D 448 4.78 36.34 29.02
C ASN D 448 4.08 35.25 29.80
N ASP D 449 3.00 35.61 30.48
CA ASP D 449 2.27 34.64 31.32
C ASP D 449 1.81 33.44 30.51
N ASN D 450 1.42 33.69 29.25
CA ASN D 450 0.99 32.65 28.33
C ASN D 450 2.17 31.75 27.92
N LEU D 451 3.36 32.34 27.70
CA LEU D 451 4.59 31.62 27.40
C LEU D 451 5.03 30.74 28.57
N MET D 452 4.89 31.29 29.80
CA MET D 452 5.17 30.58 31.06
C MET D 452 4.28 29.37 31.23
N ALA D 453 2.97 29.55 30.95
CA ALA D 453 1.94 28.51 31.01
C ALA D 453 2.18 27.42 29.98
N ALA D 454 2.62 27.83 28.77
CA ALA D 454 2.98 26.91 27.69
C ALA D 454 4.17 26.04 28.07
N MET D 455 5.17 26.64 28.76
CA MET D 455 6.32 25.88 29.26
C MET D 455 5.93 24.87 30.34
N MET D 456 5.03 25.26 31.28
CA MET D 456 4.62 24.39 32.39
C MET D 456 3.83 23.17 31.92
N HIS D 457 2.94 23.34 30.94
CA HIS D 457 2.02 22.29 30.54
C HIS D 457 2.50 21.47 29.35
N ASN D 458 3.75 21.66 28.90
CA ASN D 458 4.47 20.91 27.84
C ASN D 458 3.73 21.02 26.49
N LYS D 459 3.68 22.24 25.98
CA LYS D 459 3.07 22.54 24.68
C LYS D 459 4.07 23.29 23.79
N PRO D 460 5.00 22.56 23.11
CA PRO D 460 6.08 23.20 22.30
C PRO D 460 5.63 24.04 21.12
N HIS D 461 4.52 23.64 20.48
CA HIS D 461 3.94 24.37 19.35
C HIS D 461 3.46 25.75 19.78
N PHE D 462 2.81 25.82 20.95
CA PHE D 462 2.39 27.06 21.56
C PHE D 462 3.57 27.92 21.99
N VAL D 463 4.67 27.28 22.44
CA VAL D 463 5.95 27.94 22.80
C VAL D 463 6.54 28.65 21.58
N GLU D 464 6.53 27.94 20.43
CA GLU D 464 6.97 28.47 19.13
C GLU D 464 6.09 29.63 18.66
N LEU D 465 4.79 29.51 18.89
CA LEU D 465 3.86 30.59 18.47
C LEU D 465 4.16 31.82 19.30
N TYR D 466 4.11 31.67 20.62
CA TYR D 466 4.27 32.85 21.46
C TYR D 466 5.61 33.53 21.24
N LEU D 467 6.68 32.73 21.02
CA LEU D 467 8.01 33.27 20.72
C LEU D 467 8.06 33.98 19.36
N GLY D 468 7.24 33.55 18.39
CA GLY D 468 7.22 34.21 17.10
C GLY D 468 6.60 35.60 17.09
N PHE D 469 5.73 35.92 18.05
CA PHE D 469 5.08 37.24 18.11
C PHE D 469 5.80 38.20 19.06
N ASP D 470 7.11 38.36 18.80
CA ASP D 470 8.05 39.34 19.41
C ASP D 470 8.10 39.30 20.94
N ALA D 471 8.04 38.11 21.50
CA ALA D 471 8.16 37.88 22.93
C ALA D 471 9.58 37.40 23.20
N LYS D 472 10.38 38.26 23.82
CA LYS D 472 11.76 37.93 24.14
C LYS D 472 11.82 36.86 25.23
N ILE D 473 12.64 35.83 24.96
CA ILE D 473 12.79 34.64 25.80
C ILE D 473 13.42 34.99 27.14
N TYR D 474 14.30 36.00 27.15
CA TYR D 474 15.04 36.39 28.38
C TYR D 474 14.28 37.41 29.20
N GLU D 475 13.06 37.74 28.82
CA GLU D 475 12.22 38.70 29.53
C GLU D 475 11.12 38.03 30.32
N LEU D 476 11.26 36.73 30.62
CA LEU D 476 10.30 36.01 31.45
C LEU D 476 10.34 36.52 32.88
N LYS D 477 9.18 36.47 33.54
CA LYS D 477 9.04 36.94 34.91
C LYS D 477 8.34 35.86 35.73
N PRO D 478 8.77 35.62 36.97
CA PRO D 478 8.08 34.64 37.81
C PRO D 478 6.70 35.14 38.26
N SER D 479 5.79 34.18 38.47
CA SER D 479 4.43 34.47 38.93
C SER D 479 4.41 35.05 40.35
N GLU D 480 5.20 34.50 41.25
CA GLU D 480 5.28 34.99 42.62
C GLU D 480 6.49 35.90 42.74
N GLU D 481 6.65 36.52 43.91
CA GLU D 481 7.76 37.40 44.16
C GLU D 481 8.76 36.69 45.06
N VAL D 482 10.02 36.70 44.65
CA VAL D 482 11.07 36.03 45.41
C VAL D 482 11.49 36.95 46.56
N ALA D 483 11.69 36.38 47.75
CA ALA D 483 12.21 37.14 48.89
C ALA D 483 13.69 37.46 48.70
N LYS D 484 14.11 38.58 49.31
CA LYS D 484 15.50 39.03 49.26
C LYS D 484 16.42 38.08 50.02
N THR D 485 17.61 37.87 49.48
CA THR D 485 18.62 36.97 50.01
C THR D 485 19.94 37.70 50.26
N ASN D 486 20.59 37.34 51.36
CA ASN D 486 21.88 37.91 51.75
C ASN D 486 23.03 37.57 50.81
N ILE D 487 22.96 36.46 50.07
CA ILE D 487 24.01 36.06 49.12
C ILE D 487 24.01 36.99 47.92
N THR D 488 25.19 37.52 47.57
CA THR D 488 25.31 38.45 46.44
C THR D 488 25.22 37.76 45.08
N ALA D 489 25.61 36.48 44.99
CA ALA D 489 25.51 35.72 43.73
C ALA D 489 24.06 35.46 43.37
N LEU D 490 23.24 35.12 44.37
CA LEU D 490 21.83 34.85 44.18
C LEU D 490 21.04 36.11 43.88
N ASP D 491 21.45 37.24 44.48
CA ASP D 491 20.77 38.51 44.28
C ASP D 491 21.06 39.10 42.90
N GLU D 492 22.18 38.73 42.27
CA GLU D 492 22.58 39.17 40.94
C GLU D 492 21.74 38.54 39.82
N LEU D 493 21.00 37.46 40.11
CA LEU D 493 20.25 36.65 39.14
C LEU D 493 19.12 37.44 38.50
N PRO D 494 18.93 37.33 37.17
CA PRO D 494 17.80 38.01 36.52
C PRO D 494 16.44 37.36 36.76
N SER D 495 15.40 37.97 36.18
CA SER D 495 14.00 37.55 36.35
C SER D 495 13.71 36.19 35.72
N PHE D 496 14.29 35.92 34.54
CA PHE D 496 14.06 34.68 33.82
C PHE D 496 14.68 33.46 34.54
N ALA D 497 15.77 33.68 35.30
CA ALA D 497 16.35 32.63 36.16
C ALA D 497 15.37 32.22 37.26
N LEU D 498 14.68 33.19 37.84
CA LEU D 498 13.61 32.95 38.80
C LEU D 498 12.40 32.27 38.15
N ALA D 499 12.14 32.58 36.87
CA ALA D 499 11.08 31.91 36.11
C ALA D 499 11.39 30.42 35.88
N ILE D 500 12.65 30.09 35.52
CA ILE D 500 13.12 28.70 35.36
C ILE D 500 13.09 27.96 36.70
N GLU D 501 13.43 28.68 37.80
CA GLU D 501 13.33 28.19 39.18
C GLU D 501 11.89 27.84 39.56
N GLU D 502 10.93 28.66 39.10
CA GLU D 502 9.49 28.39 39.29
C GLU D 502 9.02 27.16 38.53
N LEU D 503 9.64 26.88 37.37
CA LEU D 503 9.26 25.72 36.52
C LEU D 503 9.79 24.46 37.18
N TYR D 504 11.00 24.52 37.71
CA TYR D 504 11.60 23.42 38.48
C TYR D 504 10.83 23.11 39.77
N LYS D 505 10.44 24.18 40.52
CA LYS D 505 9.66 24.02 41.75
C LYS D 505 8.28 23.43 41.51
N ARG D 506 7.58 23.94 40.48
CA ARG D 506 6.23 23.48 40.13
C ARG D 506 6.23 22.03 39.65
N GLU D 507 7.21 21.64 38.82
CA GLU D 507 7.31 20.26 38.39
C GLU D 507 7.75 19.36 39.55
N ALA D 508 8.57 19.90 40.48
CA ALA D 508 9.15 19.09 41.56
C ALA D 508 8.12 18.74 42.62
N LYS D 509 7.12 19.62 42.88
CA LYS D 509 6.09 19.38 43.91
C LYS D 509 5.09 18.27 43.58
N LYS D 510 5.06 17.81 42.32
CA LYS D 510 4.22 16.72 41.83
C LYS D 510 4.66 15.39 42.46
N PRO D 511 3.72 14.46 42.73
CA PRO D 511 4.08 13.14 43.30
C PRO D 511 4.96 12.30 42.39
N HIS D 512 5.92 11.62 43.05
CA HIS D 512 6.91 10.69 42.49
C HIS D 512 7.78 11.31 41.39
N SER D 513 8.13 12.59 41.57
CA SER D 513 8.98 13.33 40.63
C SER D 513 10.46 13.02 40.85
N HIS D 514 11.16 12.67 39.76
CA HIS D 514 12.59 12.32 39.79
C HIS D 514 13.53 13.50 40.09
N VAL D 515 13.06 14.73 39.88
CA VAL D 515 13.79 15.97 40.15
C VAL D 515 14.10 16.14 41.63
N GLN D 516 13.10 15.87 42.51
CA GLN D 516 13.21 15.94 43.98
C GLN D 516 14.22 14.93 44.51
N ARG D 517 14.19 13.70 43.96
CA ARG D 517 15.15 12.64 44.29
C ARG D 517 16.56 13.00 43.84
N LEU D 518 16.71 13.60 42.63
CA LEU D 518 18.01 14.02 42.09
C LEU D 518 18.66 15.12 42.95
N VAL D 519 17.86 16.13 43.34
CA VAL D 519 18.31 17.23 44.20
C VAL D 519 18.66 16.73 45.61
N SER D 520 17.80 15.87 46.21
CA SER D 520 18.04 15.31 47.56
C SER D 520 19.25 14.36 47.61
N LEU D 521 19.41 13.55 46.57
CA LEU D 521 20.51 12.54 46.54
C LEU D 521 21.82 13.21 46.12
N SER D 522 21.76 14.38 45.52
CA SER D 522 22.97 15.10 45.08
C SER D 522 23.93 15.42 46.23
N ASN D 523 23.39 15.68 47.43
CA ASN D 523 24.07 16.04 48.71
C ASN D 523 24.95 17.29 48.57
N THR D 524 24.31 18.38 48.16
CA THR D 524 25.00 19.65 48.00
C THR D 524 24.25 20.79 48.65
N ASP D 525 24.92 21.94 48.81
CA ASP D 525 24.27 23.11 49.37
C ASP D 525 23.53 23.92 48.29
N VAL D 526 23.12 25.13 48.64
CA VAL D 526 22.30 25.95 47.72
C VAL D 526 23.10 26.40 46.50
N LEU D 527 24.36 26.80 46.64
CA LEU D 527 25.06 27.33 45.45
C LEU D 527 25.65 26.17 44.66
N GLY D 528 25.33 24.95 45.05
CA GLY D 528 25.76 23.76 44.28
C GLY D 528 27.10 23.19 44.68
N ARG D 529 27.82 23.80 45.63
CA ARG D 529 29.19 23.32 45.95
C ARG D 529 29.11 22.00 46.73
N HIS D 530 30.01 21.06 46.44
CA HIS D 530 29.92 19.74 47.12
C HIS D 530 30.42 19.83 48.57
N TYR D 531 29.60 20.41 49.43
CA TYR D 531 29.94 20.56 50.83
C TYR D 531 28.88 20.01 51.78
N ARG D 532 27.70 19.63 51.25
CA ARG D 532 26.52 19.07 51.93
C ARG D 532 25.97 19.94 53.06
N GLY D 546 20.37 29.73 56.17
CA GLY D 546 20.45 28.42 56.80
C GLY D 546 19.71 27.35 56.03
N ARG D 547 19.06 26.44 56.79
CA ARG D 547 18.28 25.33 56.23
C ARG D 547 17.05 25.83 55.47
N ASP D 548 16.40 26.88 56.01
CA ASP D 548 15.21 27.50 55.43
C ASP D 548 15.48 28.10 54.05
N LEU D 549 16.59 28.81 53.86
CA LEU D 549 16.89 29.28 52.49
C LEU D 549 17.20 28.06 51.64
N ALA D 550 17.99 27.14 52.19
CA ALA D 550 18.41 25.97 51.44
C ALA D 550 17.24 25.12 50.97
N ASN D 551 16.03 25.33 51.54
CA ASN D 551 14.85 24.60 51.15
C ASN D 551 13.87 25.43 50.32
N THR D 552 13.71 26.74 50.63
CA THR D 552 12.78 27.58 49.84
C THR D 552 13.30 27.85 48.42
N ARG D 553 14.62 27.89 48.21
CA ARG D 553 15.24 28.13 46.92
C ARG D 553 16.17 26.99 46.56
N ALA D 554 15.72 25.76 46.80
CA ALA D 554 16.48 24.54 46.53
C ALA D 554 16.62 24.20 45.06
N TYR D 555 15.86 24.83 44.16
CA TYR D 555 15.88 24.52 42.75
C TYR D 555 16.33 25.72 41.93
N ASN D 556 17.29 26.45 42.50
CA ASN D 556 17.85 27.63 41.80
C ASN D 556 18.62 27.11 40.60
N VAL D 557 19.01 28.01 39.73
CA VAL D 557 19.70 27.65 38.47
C VAL D 557 21.18 27.31 38.62
N LEU D 558 21.88 27.95 39.58
CA LEU D 558 23.30 27.71 39.80
C LEU D 558 23.57 26.31 40.33
N ARG D 559 22.73 25.86 41.30
CA ARG D 559 22.82 24.51 41.88
C ARG D 559 22.52 23.44 40.85
N MET D 560 21.49 23.68 39.99
CA MET D 560 21.12 22.77 38.89
C MET D 560 22.21 22.67 37.84
N ASP D 561 22.89 23.81 37.56
CA ASP D 561 24.05 23.89 36.67
C ASP D 561 25.20 23.04 37.20
N GLN D 562 25.44 23.12 38.53
CA GLN D 562 26.45 22.30 39.21
C GLN D 562 26.11 20.80 39.15
N ILE D 563 24.82 20.43 39.35
CA ILE D 563 24.36 19.02 39.30
C ILE D 563 24.57 18.42 37.92
N PHE D 564 24.22 19.19 36.86
CA PHE D 564 24.44 18.79 35.46
C PHE D 564 25.93 18.70 35.12
N ALA D 565 26.75 19.61 35.70
CA ALA D 565 28.21 19.60 35.55
C ALA D 565 28.85 18.32 36.11
N ARG D 566 28.34 17.86 37.26
CA ARG D 566 28.82 16.58 37.84
C ARG D 566 28.34 15.43 36.95
N LEU D 567 27.11 15.55 36.41
CA LEU D 567 26.60 14.50 35.52
C LEU D 567 27.44 14.34 34.26
N VAL D 568 28.01 15.42 33.71
CA VAL D 568 28.82 15.27 32.49
C VAL D 568 30.15 14.57 32.80
N SER D 569 30.99 15.17 33.64
CA SER D 569 32.31 14.63 33.98
C SER D 569 32.78 15.24 35.29
N LYS D 570 34.03 14.94 35.68
CA LYS D 570 34.51 15.46 36.96
C LYS D 570 35.08 16.86 36.91
N ASP D 571 35.32 17.44 35.72
CA ASP D 571 35.91 18.77 35.65
C ASP D 571 35.14 19.66 34.69
N PHE D 572 33.86 19.31 34.48
CA PHE D 572 32.99 20.16 33.65
C PHE D 572 32.46 21.27 34.54
N SER D 573 32.54 22.53 34.11
CA SER D 573 32.10 23.71 34.86
C SER D 573 31.54 24.76 33.91
N VAL D 574 30.20 24.80 33.77
CA VAL D 574 29.55 25.76 32.88
C VAL D 574 29.59 27.18 33.43
N ASN D 575 30.04 28.10 32.57
CA ASN D 575 30.26 29.51 32.90
C ASN D 575 29.06 30.37 32.54
N ARG D 576 28.47 31.00 33.54
CA ARG D 576 27.34 31.90 33.33
C ARG D 576 27.81 33.34 33.48
N ASP D 577 27.19 34.22 32.69
CA ASP D 577 27.52 35.65 32.74
C ASP D 577 26.20 36.41 32.71
N PHE D 578 25.69 36.72 33.89
CA PHE D 578 24.38 37.39 33.98
C PHE D 578 24.54 38.92 33.99
N THR D 579 25.78 39.42 33.93
CA THR D 579 25.98 40.87 33.89
C THR D 579 25.52 41.50 32.58
N ILE D 580 25.43 40.74 31.48
CA ILE D 580 25.02 41.28 30.18
C ILE D 580 23.53 41.65 30.08
N TYR D 581 22.69 41.27 31.05
CA TYR D 581 21.26 41.56 31.05
C TYR D 581 20.93 42.92 31.65
N ASP D 582 21.93 43.67 32.11
CA ASP D 582 21.72 45.03 32.58
C ASP D 582 21.47 45.93 31.37
N SER D 583 20.74 47.04 31.61
CA SER D 583 20.37 47.99 30.55
C SER D 583 21.54 48.76 29.94
N LYS D 584 22.70 48.84 30.59
CA LYS D 584 23.86 49.55 30.08
C LYS D 584 24.55 48.87 28.88
N TYR D 585 24.20 47.63 28.58
CA TYR D 585 24.92 46.91 27.49
C TYR D 585 24.05 46.82 26.24
N ASP D 586 22.89 47.47 26.21
CA ASP D 586 21.94 47.37 25.10
C ASP D 586 22.49 47.93 23.78
N LYS D 587 23.38 48.93 23.85
CA LYS D 587 23.94 49.53 22.65
C LYS D 587 24.98 48.68 21.94
N VAL D 588 25.54 47.67 22.60
CA VAL D 588 26.55 46.76 22.02
C VAL D 588 25.96 45.92 20.89
N PRO D 589 26.62 45.84 19.72
CA PRO D 589 26.06 45.13 18.55
C PRO D 589 25.92 43.62 18.72
N GLY D 590 24.71 43.09 18.51
CA GLY D 590 24.48 41.63 18.60
C GLY D 590 24.19 41.14 20.02
N ILE D 591 23.97 42.03 20.96
CA ILE D 591 23.72 41.68 22.38
C ILE D 591 22.44 40.83 22.55
N GLN D 592 21.39 41.11 21.75
CA GLN D 592 20.10 40.41 21.74
C GLN D 592 20.21 38.93 21.41
N PHE D 593 21.17 38.60 20.53
CA PHE D 593 21.52 37.21 20.20
C PHE D 593 22.16 36.49 21.38
N ARG D 594 23.15 37.15 22.04
CA ARG D 594 23.88 36.59 23.18
C ARG D 594 22.93 36.29 24.37
N ARG D 595 22.12 37.30 24.75
CA ARG D 595 21.05 37.21 25.76
C ARG D 595 20.05 36.09 25.48
N THR D 596 19.69 35.94 24.18
CA THR D 596 18.81 34.89 23.65
C THR D 596 19.46 33.53 23.85
N ALA D 597 20.73 33.41 23.41
CA ALA D 597 21.51 32.17 23.35
C ALA D 597 21.69 31.56 24.74
N GLN D 598 22.21 32.37 25.69
CA GLN D 598 22.34 32.01 27.12
C GLN D 598 21.01 31.55 27.74
N ALA D 599 19.93 32.37 27.55
CA ALA D 599 18.57 32.08 28.03
C ALA D 599 18.05 30.75 27.51
N SER D 600 18.21 30.56 26.19
CA SER D 600 17.87 29.35 25.44
C SER D 600 18.58 28.13 26.02
N HIS D 601 19.89 28.28 26.28
CA HIS D 601 20.74 27.24 26.90
C HIS D 601 20.20 26.77 28.25
N MET D 602 19.85 27.72 29.12
CA MET D 602 19.32 27.43 30.47
C MET D 602 17.98 26.69 30.40
N LEU D 603 17.07 27.18 29.53
CA LEU D 603 15.79 26.52 29.24
C LEU D 603 15.97 25.14 28.61
N PHE D 604 16.93 25.02 27.68
CA PHE D 604 17.39 23.77 27.07
C PHE D 604 17.75 22.71 28.10
N LEU D 605 18.61 23.09 29.09
CA LEU D 605 19.04 22.20 30.19
C LEU D 605 17.86 21.74 31.06
N TRP D 606 16.92 22.69 31.34
CA TRP D 606 15.69 22.38 32.07
C TRP D 606 14.85 21.34 31.32
N ALA D 607 14.69 21.53 30.00
CA ALA D 607 13.98 20.59 29.15
C ALA D 607 14.67 19.23 29.02
N ILE D 608 16.01 19.20 29.16
CA ILE D 608 16.74 17.93 29.18
C ILE D 608 16.46 17.17 30.48
N CYS D 609 16.39 17.92 31.61
CA CYS D 609 16.13 17.36 32.95
C CYS D 609 14.75 16.72 33.07
N LEU D 610 13.73 17.31 32.45
CA LEU D 610 12.33 16.79 32.56
C LEU D 610 12.07 15.80 31.43
N ASP D 611 13.02 15.57 30.55
CA ASP D 611 12.98 14.62 29.41
C ASP D 611 11.83 14.97 28.44
N ARG D 612 11.69 16.26 28.15
CA ARG D 612 10.72 16.72 27.16
C ARG D 612 11.51 17.02 25.91
N PHE D 613 11.57 16.04 24.98
CA PHE D 613 12.46 16.05 23.81
C PHE D 613 12.13 17.14 22.79
N ARG D 614 10.82 17.41 22.59
CA ARG D 614 10.35 18.34 21.55
C ARG D 614 10.70 19.79 21.88
N MET D 615 10.46 20.19 23.13
CA MET D 615 10.85 21.51 23.61
C MET D 615 12.37 21.67 23.70
N ALA D 616 13.07 20.58 24.09
CA ALA D 616 14.55 20.52 24.11
C ALA D 616 15.14 20.75 22.73
N ARG D 617 14.56 20.09 21.72
CA ARG D 617 14.96 20.21 20.32
C ARG D 617 14.69 21.62 19.80
N HIS D 618 13.56 22.21 20.24
CA HIS D 618 13.19 23.57 19.87
C HIS D 618 14.15 24.62 20.45
N PHE D 619 14.50 24.51 21.75
CA PHE D 619 15.46 25.42 22.36
C PHE D 619 16.89 25.19 21.88
N TRP D 620 17.22 23.94 21.55
CA TRP D 620 18.51 23.61 20.94
C TRP D 620 18.65 24.23 19.55
N LEU D 621 17.56 24.35 18.83
CA LEU D 621 17.66 24.90 17.45
C LEU D 621 17.63 26.42 17.52
N ILE D 622 16.91 26.98 18.47
CA ILE D 622 16.91 28.45 18.63
C ILE D 622 18.30 28.99 18.97
N GLY D 623 18.99 28.35 19.90
CA GLY D 623 20.30 28.80 20.33
C GLY D 623 21.42 28.45 19.37
N ASP D 624 22.64 28.65 19.84
CA ASP D 624 23.79 28.34 19.02
C ASP D 624 24.56 27.24 19.72
N GLN D 625 25.73 26.90 19.14
CA GLN D 625 26.69 25.86 19.55
C GLN D 625 26.00 24.50 19.64
N SER D 626 25.39 24.13 18.51
CA SER D 626 24.45 23.00 18.35
C SER D 626 25.05 21.64 18.66
N ILE D 627 26.26 21.40 18.14
CA ILE D 627 26.97 20.12 18.19
C ILE D 627 27.36 19.78 19.63
N ILE D 628 27.95 20.75 20.34
CA ILE D 628 28.43 20.62 21.72
C ILE D 628 27.28 20.40 22.69
N ASN D 629 26.17 21.12 22.46
CA ASN D 629 24.93 21.03 23.23
C ASN D 629 24.26 19.67 23.07
N ALA D 630 24.30 19.13 21.83
CA ALA D 630 23.78 17.79 21.55
C ALA D 630 24.58 16.70 22.26
N LEU D 631 25.93 16.83 22.27
CA LEU D 631 26.82 15.91 23.01
C LEU D 631 26.60 15.94 24.52
N VAL D 632 26.45 17.17 25.08
CA VAL D 632 26.21 17.41 26.51
C VAL D 632 24.86 16.83 26.92
N ALA D 633 23.83 17.04 26.06
CA ALA D 633 22.46 16.53 26.24
C ALA D 633 22.41 15.00 26.23
N SER D 634 23.16 14.39 25.29
CA SER D 634 23.28 12.93 25.16
C SER D 634 23.91 12.31 26.41
N ARG D 635 24.99 12.94 26.91
CA ARG D 635 25.68 12.48 28.13
C ARG D 635 24.82 12.58 29.38
N ILE D 636 24.10 13.72 29.55
CA ILE D 636 23.22 13.96 30.71
C ILE D 636 22.04 12.99 30.73
N LEU D 637 21.38 12.78 29.57
CA LEU D 637 20.26 11.82 29.47
C LEU D 637 20.70 10.37 29.66
N GLU D 638 21.84 9.97 29.08
CA GLU D 638 22.38 8.60 29.25
C GLU D 638 22.79 8.32 30.69
N ARG D 639 23.46 9.28 31.35
CA ARG D 639 23.88 9.10 32.75
C ARG D 639 22.68 9.19 33.69
N LEU D 640 21.70 10.06 33.37
CA LEU D 640 20.48 10.24 34.15
C LEU D 640 19.59 9.02 34.13
N SER D 641 19.47 8.34 32.96
CA SER D 641 18.65 7.13 32.85
C SER D 641 19.14 5.96 33.71
N THR D 642 20.44 5.90 34.01
CA THR D 642 21.00 4.88 34.88
C THR D 642 21.46 5.63 36.14
N HIS D 643 20.53 5.91 37.04
CA HIS D 643 20.86 6.66 38.24
C HIS D 643 19.96 6.18 39.37
N ARG D 644 20.37 6.47 40.62
CA ARG D 644 19.61 6.10 41.81
C ARG D 644 18.29 6.87 41.93
N ALA D 645 18.18 8.06 41.34
CA ALA D 645 16.97 8.86 41.44
C ALA D 645 15.87 8.37 40.51
N LEU D 646 16.23 7.53 39.55
CA LEU D 646 15.24 7.08 38.54
C LEU D 646 14.85 5.61 38.74
N GLN D 647 15.35 4.94 39.78
CA GLN D 647 14.95 3.57 40.02
C GLN D 647 13.62 3.49 40.74
N GLY D 648 12.77 2.58 40.29
CA GLY D 648 11.43 2.41 40.81
C GLY D 648 10.55 1.71 39.80
N PRO D 649 9.52 0.95 40.26
CA PRO D 649 8.62 0.22 39.35
C PRO D 649 7.80 1.09 38.38
N HIS D 650 7.44 2.28 38.82
CA HIS D 650 6.58 3.23 38.11
C HIS D 650 7.34 4.15 37.18
N LEU D 651 8.66 4.19 37.30
CA LEU D 651 9.50 5.12 36.56
C LEU D 651 10.13 4.51 35.33
N ALA D 652 9.82 3.24 35.04
CA ALA D 652 10.49 2.43 34.02
C ALA D 652 10.46 2.97 32.59
N GLU D 653 9.23 3.25 32.06
CA GLU D 653 8.97 3.76 30.70
C GLU D 653 9.66 5.07 30.34
N GLU D 654 9.66 6.00 31.28
CA GLU D 654 10.33 7.32 31.10
C GLU D 654 11.82 7.08 30.97
N ARG D 655 12.38 6.30 31.86
CA ARG D 655 13.80 5.90 31.84
C ARG D 655 14.21 5.44 30.45
N ALA D 656 13.36 4.54 29.88
CA ALA D 656 13.47 3.96 28.53
C ALA D 656 13.54 5.05 27.49
N LYS D 657 12.61 6.03 27.65
CA LYS D 657 12.41 7.24 26.85
C LYS D 657 13.69 8.06 26.77
N MET D 658 14.34 8.22 27.97
CA MET D 658 15.61 8.94 28.20
C MET D 658 16.73 8.41 27.32
N GLN D 659 16.91 7.06 27.34
CA GLN D 659 17.90 6.30 26.56
C GLN D 659 17.73 6.56 25.08
N HIS D 660 16.44 6.46 24.64
CA HIS D 660 15.95 6.72 23.27
C HIS D 660 16.33 8.11 22.82
N ASN D 661 15.99 9.11 23.69
CA ASN D 661 16.25 10.54 23.51
C ASN D 661 17.73 10.84 23.39
N ALA D 662 18.53 10.15 24.25
CA ALA D 662 20.01 10.20 24.33
C ALA D 662 20.64 9.88 22.99
N LYS D 663 20.18 8.74 22.40
CA LYS D 663 20.60 8.20 21.11
C LYS D 663 20.35 9.19 19.99
N LYS D 664 19.13 9.80 20.03
CA LYS D 664 18.64 10.80 19.08
C LYS D 664 19.53 12.02 19.03
N PHE D 665 19.90 12.53 20.24
CA PHE D 665 20.78 13.69 20.40
C PHE D 665 22.17 13.42 19.88
N GLU D 666 22.68 12.18 20.16
CA GLU D 666 23.94 11.62 19.67
C GLU D 666 24.00 11.65 18.16
N GLU D 667 22.88 11.19 17.54
CA GLU D 667 22.63 11.16 16.09
C GLU D 667 22.76 12.53 15.47
N LEU D 668 22.10 13.54 16.14
CA LEU D 668 22.12 14.96 15.79
C LEU D 668 23.54 15.50 15.76
N ALA D 669 24.30 15.19 16.85
CA ALA D 669 25.69 15.57 17.06
C ALA D 669 26.61 15.04 15.98
N VAL D 670 26.35 13.79 15.55
CA VAL D 670 27.11 13.21 14.45
C VAL D 670 26.73 13.87 13.14
N GLY D 671 25.40 13.99 12.93
CA GLY D 671 24.76 14.34 11.67
C GLY D 671 25.11 15.69 11.07
N VAL D 672 24.99 16.75 11.91
CA VAL D 672 25.34 18.15 11.62
C VAL D 672 26.79 18.25 11.19
N LEU D 673 27.68 17.55 11.95
CA LEU D 673 29.13 17.42 11.75
C LEU D 673 29.46 16.86 10.38
N GLY D 674 28.72 15.78 10.01
CA GLY D 674 28.80 15.10 8.71
C GLY D 674 28.51 16.02 7.54
N GLU D 675 27.44 16.83 7.71
CA GLU D 675 26.98 17.87 6.76
C GLU D 675 28.06 18.90 6.50
N CYS D 676 28.72 19.33 7.61
CA CYS D 676 29.85 20.27 7.62
C CYS D 676 31.00 19.73 6.79
N HIS D 677 31.32 18.43 7.00
CA HIS D 677 32.39 17.75 6.27
C HIS D 677 32.06 17.60 4.78
N GLY D 678 30.76 17.51 4.46
CA GLY D 678 30.36 17.52 3.07
C GLY D 678 30.52 18.89 2.45
N SER D 679 30.28 19.96 3.22
CA SER D 679 30.25 21.27 2.61
C SER D 679 31.64 21.89 2.47
N ASP D 680 32.32 22.06 3.61
CA ASP D 680 33.69 22.65 3.62
C ASP D 680 34.52 21.96 4.71
N SER D 681 35.44 21.08 4.33
CA SER D 681 36.27 20.34 5.27
C SER D 681 37.14 21.23 6.15
N HIS D 682 37.73 22.27 5.55
CA HIS D 682 38.58 23.24 6.24
C HIS D 682 37.82 24.08 7.26
N MET D 683 36.62 24.55 6.87
CA MET D 683 35.76 25.34 7.76
C MET D 683 35.22 24.50 8.92
N ALA D 684 34.95 23.21 8.67
CA ALA D 684 34.56 22.24 9.69
C ALA D 684 35.69 21.99 10.68
N SER D 685 36.93 21.94 10.16
CA SER D 685 38.12 21.83 10.97
C SER D 685 38.32 23.06 11.85
N GLU D 686 38.07 24.23 11.29
CA GLU D 686 38.11 25.49 12.03
C GLU D 686 37.05 25.56 13.15
N MET D 687 35.91 24.91 12.95
CA MET D 687 34.80 24.96 13.95
C MET D 687 35.11 24.02 15.09
N LEU D 688 35.71 22.88 14.78
CA LEU D 688 36.09 21.90 15.81
C LEU D 688 37.24 22.36 16.69
N HIS D 689 38.07 23.26 16.19
CA HIS D 689 39.19 23.81 16.94
C HIS D 689 38.83 25.03 17.76
N SER D 690 37.61 25.58 17.59
CA SER D 690 37.22 26.80 18.27
C SER D 690 37.00 26.57 19.76
N LYS D 691 37.63 27.41 20.57
CA LYS D 691 37.50 27.38 22.01
C LYS D 691 36.24 28.16 22.44
N ASN D 692 35.38 27.54 23.24
CA ASN D 692 34.15 28.20 23.64
C ASN D 692 34.24 28.59 25.10
N ASP D 693 33.90 29.85 25.41
CA ASP D 693 33.97 30.41 26.77
C ASP D 693 33.01 29.79 27.78
N MET D 694 31.88 29.24 27.33
CA MET D 694 30.84 28.76 28.29
C MET D 694 31.24 27.47 28.99
N PHE D 695 32.18 26.72 28.44
CA PHE D 695 32.62 25.47 29.07
C PHE D 695 34.11 25.48 29.40
N ASN D 696 34.55 26.57 30.07
CA ASN D 696 35.91 26.85 30.60
C ASN D 696 37.00 26.76 29.55
N LYS D 697 36.71 27.33 28.36
CA LYS D 697 37.62 27.63 27.24
C LYS D 697 38.33 26.37 26.72
N LYS D 698 37.53 25.45 26.17
CA LYS D 698 38.05 24.28 25.44
C LYS D 698 37.04 23.81 24.41
N ASN D 699 37.56 23.06 23.43
CA ASN D 699 36.91 22.81 22.14
C ASN D 699 35.90 21.67 22.21
N ALA D 700 35.31 21.34 21.06
CA ALA D 700 34.23 20.37 20.95
C ALA D 700 34.69 18.93 21.12
N ILE D 701 35.91 18.61 20.72
CA ILE D 701 36.49 17.28 20.83
C ILE D 701 36.75 16.92 22.30
N ASN D 702 37.21 17.91 23.09
CA ASN D 702 37.41 17.77 24.55
C ASN D 702 36.11 17.49 25.29
N ILE D 703 35.04 18.18 24.88
CA ILE D 703 33.68 17.99 25.40
C ILE D 703 33.18 16.59 25.04
N ALA D 704 33.43 16.16 23.78
CA ALA D 704 33.04 14.85 23.24
C ALA D 704 33.72 13.70 23.94
N TYR D 705 35.01 13.88 24.26
CA TYR D 705 35.76 12.92 25.05
C TYR D 705 35.24 12.84 26.46
N ASP D 706 34.91 14.01 27.04
CA ASP D 706 34.33 14.08 28.38
C ASP D 706 32.91 13.49 28.41
N ALA D 707 32.17 13.59 27.31
CA ALA D 707 30.86 12.99 27.21
C ALA D 707 30.88 11.51 26.81
N LYS D 708 32.08 10.94 26.56
CA LYS D 708 32.33 9.53 26.15
C LYS D 708 31.57 9.15 24.89
N SER D 709 31.50 10.07 23.94
CA SER D 709 30.82 9.84 22.68
C SER D 709 31.77 9.18 21.70
N LEU D 710 31.71 7.85 21.69
CA LEU D 710 32.55 7.00 20.84
C LEU D 710 32.23 7.19 19.37
N ALA D 711 30.94 7.40 19.05
CA ALA D 711 30.46 7.63 17.69
C ALA D 711 31.02 8.92 17.08
N PHE D 712 31.07 9.99 17.88
CA PHE D 712 31.62 11.28 17.44
C PHE D 712 33.11 11.19 17.19
N LEU D 713 33.85 10.54 18.09
CA LEU D 713 35.30 10.41 17.98
C LEU D 713 35.74 9.51 16.83
N SER D 714 34.93 8.52 16.47
CA SER D 714 35.27 7.62 15.38
C SER D 714 34.92 8.16 14.01
N HIS D 715 34.26 9.33 13.92
CA HIS D 715 33.86 9.94 12.65
C HIS D 715 35.10 10.41 11.89
N PRO D 716 35.12 10.30 10.53
CA PRO D 716 36.30 10.73 9.73
C PRO D 716 36.71 12.20 9.82
N ALA D 717 35.74 13.10 10.00
CA ALA D 717 36.00 14.54 10.16
C ALA D 717 36.77 14.84 11.44
N THR D 718 36.31 14.26 12.57
CA THR D 718 36.94 14.39 13.89
C THR D 718 38.35 13.80 13.90
N GLN D 719 38.51 12.63 13.25
CA GLN D 719 39.79 11.93 13.13
C GLN D 719 40.77 12.73 12.27
N SER D 720 40.26 13.39 11.22
CA SER D 720 41.04 14.27 10.37
C SER D 720 41.56 15.48 11.14
N VAL D 721 40.83 15.96 12.14
CA VAL D 721 41.28 17.16 12.88
C VAL D 721 42.27 16.68 13.93
N ILE D 722 42.03 15.52 14.51
CA ILE D 722 42.99 14.94 15.49
C ILE D 722 44.33 14.64 14.83
N ASN D 723 44.28 14.14 13.59
CA ASN D 723 45.54 13.87 12.82
C ASN D 723 46.08 15.18 12.27
N ALA D 724 45.26 16.23 12.18
CA ALA D 724 45.78 17.56 11.76
C ALA D 724 46.44 18.22 12.98
N ASP D 725 45.91 17.95 14.18
CA ASP D 725 46.55 18.43 15.41
C ASP D 725 47.89 17.79 15.61
N TRP D 726 47.93 16.58 15.04
CA TRP D 726 49.19 15.83 15.01
C TRP D 726 50.07 16.51 13.95
N TYR D 727 51.36 16.38 13.98
CA TYR D 727 52.13 17.04 12.89
C TYR D 727 52.06 18.54 13.13
N GLY D 728 51.29 19.00 14.10
CA GLY D 728 51.30 20.43 14.41
C GLY D 728 50.93 21.30 13.23
N HIS D 729 49.93 20.90 12.46
CA HIS D 729 49.41 21.68 11.31
C HIS D 729 50.46 21.98 10.24
N LEU D 730 51.06 20.96 9.62
CA LEU D 730 52.01 21.19 8.51
C LEU D 730 51.75 20.22 7.35
N LYS D 731 51.92 20.63 6.09
CA LYS D 731 51.70 19.85 4.88
C LYS D 731 52.62 18.67 4.61
N SER D 732 53.93 18.90 4.40
CA SER D 732 54.89 17.85 4.07
C SER D 732 55.22 16.87 5.20
N VAL D 733 54.86 17.21 6.44
CA VAL D 733 55.14 16.32 7.57
C VAL D 733 54.02 15.27 7.55
N THR D 734 54.26 14.15 6.88
CA THR D 734 53.25 13.10 6.83
C THR D 734 53.75 11.71 7.20
N SER D 735 54.91 11.29 6.72
CA SER D 735 55.39 9.95 7.03
C SER D 735 56.39 10.02 8.18
N PHE D 736 56.75 8.83 8.67
CA PHE D 736 57.75 8.63 9.73
C PHE D 736 59.12 9.16 9.32
N TRP D 737 59.52 8.81 8.09
CA TRP D 737 60.82 9.14 7.52
C TRP D 737 61.01 10.61 7.25
N ALA D 738 59.95 11.31 6.78
CA ALA D 738 59.99 12.75 6.51
C ALA D 738 60.24 13.58 7.77
N VAL D 739 59.49 13.29 8.84
CA VAL D 739 59.63 13.97 10.13
C VAL D 739 60.96 13.61 10.79
N LEU D 740 61.38 12.33 10.66
CA LEU D 740 62.66 11.85 11.19
C LEU D 740 63.87 12.49 10.49
N PHE D 741 63.79 12.62 9.16
CA PHE D 741 64.82 13.27 8.35
C PHE D 741 64.89 14.76 8.65
N ALA D 742 63.72 15.42 8.77
CA ALA D 742 63.64 16.83 9.16
C ALA D 742 64.11 17.08 10.58
N PHE D 743 63.94 16.09 11.46
CA PHE D 743 64.35 16.22 12.87
C PHE D 743 65.86 16.30 12.93
N PHE D 744 66.53 15.28 12.40
CA PHE D 744 68.00 15.20 12.45
C PHE D 744 68.63 16.33 11.62
N PHE D 745 68.05 16.62 10.45
CA PHE D 745 68.61 17.64 9.54
C PHE D 745 67.68 18.86 9.52
N PRO D 746 67.66 19.76 10.52
CA PRO D 746 66.71 20.88 10.57
C PRO D 746 66.94 21.94 9.49
N PHE D 747 68.21 22.25 9.22
CA PHE D 747 68.53 23.37 8.29
C PHE D 747 68.52 22.92 6.82
N PHE D 748 68.29 21.64 6.55
CA PHE D 748 68.44 21.14 5.16
C PHE D 748 67.17 20.51 4.59
N VAL D 749 66.07 20.49 5.34
CA VAL D 749 64.85 19.96 4.73
C VAL D 749 63.66 20.86 5.02
N LEU D 750 63.77 21.64 6.11
CA LEU D 750 62.66 22.52 6.54
C LEU D 750 62.48 23.71 5.58
N PRO D 751 63.49 24.52 5.16
CA PRO D 751 63.22 25.64 4.24
C PRO D 751 62.64 25.21 2.88
N PHE D 752 63.04 24.04 2.37
CA PHE D 752 62.61 23.55 1.07
C PHE D 752 61.36 22.68 1.16
N ILE D 753 60.51 22.93 2.14
CA ILE D 753 59.29 22.17 2.36
C ILE D 753 58.17 23.20 2.48
N ASN D 754 56.94 22.71 2.27
CA ASN D 754 55.73 23.52 2.33
C ASN D 754 55.50 24.03 3.75
N PHE D 755 55.25 25.33 3.89
CA PHE D 755 55.12 25.90 5.23
C PHE D 755 53.69 26.38 5.45
N SER D 756 52.90 25.49 6.07
CA SER D 756 51.49 25.61 6.43
C SER D 756 50.53 26.13 5.34
N GLY D 787 64.68 34.70 7.01
CA GLY D 787 64.66 35.61 8.14
C GLY D 787 64.68 34.90 9.47
N ALA D 788 65.15 35.59 10.51
CA ALA D 788 65.09 35.01 11.88
C ALA D 788 63.64 35.08 12.34
N HIS D 789 62.86 35.98 11.75
CA HIS D 789 61.42 36.07 12.08
C HIS D 789 60.69 34.79 11.68
N ARG D 790 61.06 34.20 10.53
CA ARG D 790 60.32 33.01 10.02
C ARG D 790 61.01 31.70 10.38
N LEU D 791 62.33 31.59 10.18
CA LEU D 791 63.01 30.31 10.41
C LEU D 791 62.83 29.91 11.88
N ARG D 792 62.97 30.89 12.80
CA ARG D 792 62.78 30.69 14.23
C ARG D 792 61.33 30.33 14.56
N ARG D 793 60.35 30.99 13.89
CA ARG D 793 58.92 30.68 14.06
C ARG D 793 58.57 29.26 13.61
N LYS D 794 59.15 28.85 12.47
CA LYS D 794 58.88 27.48 11.94
C LYS D 794 59.56 26.46 12.85
N PHE D 795 60.77 26.76 13.33
CA PHE D 795 61.48 25.87 14.25
C PHE D 795 60.71 25.69 15.56
N ALA D 796 60.11 26.79 16.06
CA ALA D 796 59.30 26.75 17.28
C ALA D 796 57.97 26.02 17.06
N LYS D 797 57.48 26.01 15.81
CA LYS D 797 56.23 25.33 15.50
C LYS D 797 56.51 23.85 15.30
N PHE D 798 57.62 23.51 14.59
CA PHE D 798 57.99 22.12 14.29
C PHE D 798 58.36 21.39 15.58
N TYR D 799 59.14 22.02 16.47
CA TYR D 799 59.56 21.32 17.67
C TYR D 799 58.56 21.52 18.80
N SER D 800 57.50 22.31 18.58
CA SER D 800 56.40 22.40 19.52
C SER D 800 55.30 21.41 19.19
N ALA D 801 55.39 20.75 18.02
CA ALA D 801 54.42 19.76 17.56
C ALA D 801 54.46 18.51 18.43
N PRO D 802 53.30 17.94 18.82
CA PRO D 802 53.25 16.69 19.63
C PRO D 802 53.90 15.45 19.03
N TYR D 803 53.89 15.34 17.69
CA TYR D 803 54.50 14.24 16.96
C TYR D 803 56.01 14.26 17.15
N THR D 804 56.61 15.46 17.14
CA THR D 804 58.05 15.67 17.34
C THR D 804 58.49 15.23 18.74
N ARG D 805 57.67 15.53 19.79
CA ARG D 805 57.93 15.02 21.14
C ARG D 805 57.81 13.50 21.21
N PHE D 806 56.93 12.93 20.40
CA PHE D 806 56.82 11.46 20.37
C PHE D 806 58.09 10.91 19.74
N ILE D 807 58.51 11.50 18.65
CA ILE D 807 59.71 11.05 17.94
C ILE D 807 60.95 11.16 18.83
N SER D 808 61.04 12.26 19.60
CA SER D 808 62.13 12.48 20.57
C SER D 808 62.11 11.47 21.71
N ASP D 809 60.92 11.15 22.24
CA ASP D 809 60.75 10.12 23.26
C ASP D 809 61.07 8.72 22.76
N LEU D 810 60.70 8.43 21.52
CA LEU D 810 61.01 7.10 20.93
C LEU D 810 62.52 6.99 20.80
N LEU D 811 63.14 7.94 20.13
CA LEU D 811 64.60 7.89 19.94
C LEU D 811 65.33 7.78 21.26
N SER D 812 64.88 8.53 22.28
CA SER D 812 65.43 8.50 23.63
C SER D 812 65.32 7.13 24.29
N HIS D 813 64.13 6.51 24.16
CA HIS D 813 63.89 5.19 24.72
C HIS D 813 64.65 4.11 23.96
N PHE D 814 64.81 4.27 22.63
CA PHE D 814 65.61 3.37 21.80
C PHE D 814 67.10 3.40 22.18
N VAL D 815 67.64 4.59 22.43
CA VAL D 815 69.06 4.69 22.88
C VAL D 815 69.14 4.01 24.26
N LEU D 816 68.20 4.33 25.15
CA LEU D 816 68.17 3.70 26.50
C LEU D 816 68.20 2.18 26.44
N CYS D 817 67.39 1.58 25.53
CA CYS D 817 67.34 0.14 25.30
C CYS D 817 68.68 -0.42 24.79
N VAL D 818 69.29 0.27 23.80
CA VAL D 818 70.57 -0.15 23.21
C VAL D 818 71.73 -0.06 24.22
N VAL D 819 71.80 1.06 24.97
CA VAL D 819 72.85 1.32 25.97
C VAL D 819 72.74 0.37 27.17
N THR D 820 71.50 0.14 27.64
CA THR D 820 71.23 -0.78 28.76
C THR D 820 71.48 -2.24 28.36
N SER D 821 71.14 -2.60 27.08
CA SER D 821 71.42 -3.91 26.50
C SER D 821 72.91 -4.21 26.38
N TYR D 822 73.72 -3.22 26.06
CA TYR D 822 75.18 -3.40 25.97
C TYR D 822 75.72 -3.52 27.37
N PHE D 823 75.21 -2.70 28.27
CA PHE D 823 75.66 -2.73 29.66
C PHE D 823 75.44 -4.09 30.31
N VAL D 824 74.32 -4.75 30.02
CA VAL D 824 73.99 -6.07 30.63
C VAL D 824 74.73 -7.18 29.89
N LEU D 825 75.00 -7.02 28.60
CA LEU D 825 75.78 -8.05 27.89
C LEU D 825 77.28 -8.01 28.20
N ASP D 826 77.89 -6.83 28.23
CA ASP D 826 79.31 -6.68 28.56
C ASP D 826 79.51 -6.91 30.05
N LYS D 827 80.69 -7.43 30.41
CA LYS D 827 81.02 -7.76 31.80
C LYS D 827 81.16 -6.51 32.66
N LEU D 828 80.78 -6.65 33.91
CA LEU D 828 80.92 -5.56 34.87
C LEU D 828 82.36 -5.45 35.34
N GLU D 829 82.78 -4.23 35.59
CA GLU D 829 84.13 -3.98 36.08
C GLU D 829 84.14 -4.05 37.60
N ASP D 830 85.36 -4.00 38.17
CA ASP D 830 85.58 -4.04 39.62
C ASP D 830 85.17 -2.78 40.37
N THR D 831 84.86 -1.68 39.68
CA THR D 831 84.34 -0.44 40.23
C THR D 831 83.11 -0.10 39.40
N ILE D 832 82.41 0.97 39.80
CA ILE D 832 81.24 1.44 39.05
C ILE D 832 81.73 2.14 37.79
N SER D 833 81.33 1.62 36.63
CA SER D 833 81.81 2.11 35.36
C SER D 833 81.05 3.39 34.95
N ALA D 834 81.57 4.04 33.91
CA ALA D 834 81.02 5.29 33.36
C ALA D 834 79.61 5.13 32.79
N ILE D 835 79.37 4.03 32.07
CA ILE D 835 78.06 3.69 31.47
C ILE D 835 77.01 3.43 32.55
N GLU D 836 77.43 2.85 33.70
CA GLU D 836 76.59 2.64 34.88
C GLU D 836 76.13 3.96 35.50
N TRP D 837 77.05 4.94 35.57
CA TRP D 837 76.73 6.29 36.07
C TRP D 837 75.75 7.01 35.16
N ILE D 838 75.93 6.88 33.82
CA ILE D 838 75.04 7.46 32.80
C ILE D 838 73.62 6.89 32.91
N LEU D 839 73.53 5.56 33.10
CA LEU D 839 72.26 4.87 33.30
C LEU D 839 71.60 5.24 34.63
N LEU D 840 72.42 5.47 35.68
CA LEU D 840 71.94 5.93 36.99
C LEU D 840 71.27 7.30 36.90
N VAL D 841 71.92 8.26 36.19
CA VAL D 841 71.41 9.62 35.94
C VAL D 841 70.11 9.59 35.12
N TRP D 842 70.08 8.71 34.08
CA TRP D 842 68.93 8.50 33.20
C TRP D 842 67.71 7.95 33.96
N PHE D 843 67.91 6.97 34.83
CA PHE D 843 66.79 6.40 35.58
C PHE D 843 66.33 7.28 36.74
N VAL D 844 67.21 8.14 37.26
CA VAL D 844 66.74 9.10 38.28
C VAL D 844 65.84 10.08 37.52
N ALA D 845 66.31 10.57 36.38
CA ALA D 845 65.50 11.50 35.57
C ALA D 845 64.13 10.92 35.21
N LEU D 846 64.08 9.63 34.87
CA LEU D 846 62.82 8.91 34.61
C LEU D 846 61.95 8.81 35.86
N LEU D 847 62.57 8.53 37.02
CA LEU D 847 61.89 8.44 38.31
C LEU D 847 61.30 9.79 38.75
N LEU D 848 62.05 10.89 38.54
CA LEU D 848 61.58 12.25 38.84
C LEU D 848 60.43 12.66 37.93
N GLU D 849 60.49 12.25 36.64
CA GLU D 849 59.39 12.51 35.71
C GLU D 849 58.11 11.76 36.12
N GLU D 850 58.25 10.49 36.58
CA GLU D 850 57.11 9.72 37.09
C GLU D 850 56.51 10.32 38.38
N LEU D 851 57.38 10.77 39.30
CA LEU D 851 56.93 11.47 40.53
C LEU D 851 56.25 12.80 40.25
N ARG D 852 56.80 13.58 39.29
CA ARG D 852 56.23 14.86 38.86
C ARG D 852 54.85 14.66 38.24
N GLN D 853 54.69 13.62 37.41
CA GLN D 853 53.38 13.26 36.85
C GLN D 853 52.39 12.80 37.92
N MET D 854 52.86 12.03 38.91
CA MET D 854 51.99 11.62 40.01
C MET D 854 51.49 12.77 40.89
N ILE D 855 52.41 13.63 41.36
CA ILE D 855 52.03 14.74 42.23
C ILE D 855 51.30 15.86 41.48
N PHE D 856 51.86 16.28 40.34
CA PHE D 856 51.32 17.50 39.69
C PHE D 856 50.35 17.34 38.52
N CYS D 857 49.88 16.14 38.18
CA CYS D 857 49.00 16.10 36.98
C CYS D 857 47.59 15.61 37.29
N ASP D 858 47.34 14.33 37.09
CA ASP D 858 46.01 13.73 37.24
C ASP D 858 45.61 13.37 38.67
N GLY D 859 46.30 12.42 39.25
CA GLY D 859 46.10 11.93 40.59
C GLY D 859 46.76 10.58 40.70
N ILE D 860 46.93 10.10 41.93
CA ILE D 860 47.63 8.79 42.14
C ILE D 860 46.72 7.68 41.61
N ALA D 861 45.43 7.74 41.90
CA ALA D 861 44.47 6.72 41.43
C ALA D 861 44.43 6.59 39.90
N GLU D 862 44.43 7.75 39.23
CA GLU D 862 44.46 7.86 37.77
C GLU D 862 45.75 7.31 37.19
N TYR D 863 46.86 7.53 37.91
CA TYR D 863 48.20 7.08 37.43
C TYR D 863 48.25 5.56 37.55
N ILE D 864 47.82 5.03 38.68
CA ILE D 864 47.90 3.57 38.90
C ILE D 864 46.95 2.85 37.95
N SER D 865 45.83 3.47 37.56
CA SER D 865 44.88 2.84 36.64
C SER D 865 45.55 2.41 35.32
N ASP D 866 46.46 3.24 34.80
CA ASP D 866 47.20 3.00 33.56
C ASP D 866 48.18 1.83 33.73
N THR D 867 48.23 0.91 32.76
CA THR D 867 49.15 -0.24 32.84
C THR D 867 50.62 0.14 32.56
N TRP D 868 50.85 1.14 31.69
CA TRP D 868 52.20 1.61 31.34
C TRP D 868 52.93 2.33 32.47
N ASN D 869 52.19 3.06 33.32
CA ASN D 869 52.76 3.66 34.53
C ASN D 869 53.22 2.61 35.53
N ARG D 870 52.46 1.52 35.67
CA ARG D 870 52.84 0.36 36.50
C ARG D 870 54.10 -0.30 35.98
N LEU D 871 54.21 -0.47 34.64
CA LEU D 871 55.41 -1.00 33.98
C LEU D 871 56.63 -0.08 34.17
N ASP D 872 56.39 1.25 34.14
CA ASP D 872 57.41 2.27 34.37
C ASP D 872 57.98 2.15 35.78
N LEU D 873 57.07 1.96 36.75
CA LEU D 873 57.42 1.79 38.16
C LEU D 873 58.22 0.50 38.40
N ILE D 874 57.80 -0.62 37.75
CA ILE D 874 58.52 -1.91 37.83
C ILE D 874 59.94 -1.84 37.23
N MET D 875 60.12 -1.09 36.14
CA MET D 875 61.43 -1.02 35.45
C MET D 875 62.42 -0.17 36.25
N ILE D 876 61.99 0.95 36.83
CA ILE D 876 62.81 1.82 37.70
C ILE D 876 63.21 1.06 38.98
N THR D 877 62.24 0.31 39.58
CA THR D 877 62.43 -0.51 40.78
C THR D 877 63.47 -1.62 40.56
N LEU D 878 63.37 -2.35 39.41
CA LEU D 878 64.31 -3.42 39.02
C LEU D 878 65.73 -2.92 38.82
N PHE D 879 65.88 -1.75 38.13
CA PHE D 879 67.21 -1.15 37.88
C PHE D 879 67.88 -0.77 39.20
N PHE D 880 67.13 -0.14 40.13
CA PHE D 880 67.71 0.32 41.40
C PHE D 880 68.10 -0.84 42.32
N VAL D 881 67.29 -1.94 42.33
CA VAL D 881 67.62 -3.16 43.08
C VAL D 881 68.91 -3.80 42.54
N GLY D 882 69.02 -3.91 41.20
CA GLY D 882 70.24 -4.43 40.55
C GLY D 882 71.49 -3.56 40.74
N PHE D 883 71.32 -2.22 40.62
CA PHE D 883 72.42 -1.27 40.78
C PHE D 883 72.96 -1.25 42.21
N PHE D 884 72.07 -1.26 43.22
CA PHE D 884 72.51 -1.28 44.61
C PHE D 884 73.12 -2.62 44.99
N THR D 885 72.60 -3.72 44.40
CA THR D 885 73.18 -5.06 44.56
C THR D 885 74.64 -5.10 44.06
N HIS D 886 74.90 -4.48 42.89
CA HIS D 886 76.27 -4.40 42.39
C HIS D 886 77.12 -3.40 43.20
N ALA D 887 76.54 -2.25 43.55
CA ALA D 887 77.28 -1.16 44.18
C ALA D 887 77.60 -1.40 45.64
N SER D 888 76.87 -2.33 46.30
CA SER D 888 77.15 -2.71 47.68
C SER D 888 78.54 -3.35 47.83
N ASP D 889 78.90 -4.21 46.88
CA ASP D 889 80.23 -4.84 46.87
C ASP D 889 80.68 -5.03 45.42
N PRO D 890 81.28 -3.98 44.81
CA PRO D 890 81.65 -4.03 43.36
C PRO D 890 82.70 -5.07 42.97
N SER D 891 83.58 -5.46 43.89
CA SER D 891 84.60 -6.46 43.57
C SER D 891 84.11 -7.89 43.80
N ASN D 892 82.94 -8.06 44.38
CA ASN D 892 82.40 -9.39 44.66
C ASN D 892 81.81 -9.97 43.38
N GLN D 893 82.27 -11.19 43.05
CA GLN D 893 81.84 -11.93 41.85
C GLN D 893 80.37 -12.34 41.92
N ASP D 894 79.93 -12.76 43.12
CA ASP D 894 78.54 -13.17 43.38
C ASP D 894 77.55 -12.01 43.21
N SER D 895 77.96 -10.80 43.65
CA SER D 895 77.18 -9.56 43.49
C SER D 895 77.00 -9.19 42.02
N LYS D 896 78.05 -9.36 41.21
CA LYS D 896 78.05 -9.15 39.76
C LYS D 896 77.06 -10.08 39.05
N VAL D 897 77.07 -11.36 39.46
CA VAL D 897 76.19 -12.40 38.91
C VAL D 897 74.70 -12.14 39.24
N VAL D 898 74.41 -11.79 40.52
CA VAL D 898 73.05 -11.49 41.00
C VAL D 898 72.50 -10.20 40.36
N SER D 899 73.38 -9.18 40.22
CA SER D 899 73.06 -7.89 39.57
C SER D 899 72.68 -8.05 38.11
N LYS D 900 73.44 -8.89 37.36
CA LYS D 900 73.09 -9.20 35.97
C LYS D 900 71.80 -10.01 35.87
N GLY D 901 71.57 -10.89 36.87
CA GLY D 901 70.31 -11.65 36.96
C GLY D 901 69.07 -10.78 37.12
N ILE D 902 69.15 -9.74 37.95
CA ILE D 902 68.06 -8.78 38.12
C ILE D 902 67.90 -7.93 36.86
N HIS D 903 69.04 -7.51 36.28
CA HIS D 903 69.05 -6.68 35.10
C HIS D 903 68.61 -7.38 33.80
N ALA D 904 68.56 -8.71 33.77
CA ALA D 904 67.95 -9.48 32.70
C ALA D 904 66.44 -9.20 32.60
N PHE D 905 65.75 -9.24 33.76
CA PHE D 905 64.35 -8.82 33.90
C PHE D 905 64.15 -7.36 33.50
N LEU D 906 65.10 -6.47 33.87
CA LEU D 906 65.10 -5.04 33.47
C LEU D 906 65.07 -4.86 31.95
N VAL D 907 65.85 -5.65 31.22
CA VAL D 907 65.99 -5.55 29.73
C VAL D 907 64.74 -6.09 29.07
N VAL D 908 64.18 -7.14 29.63
CA VAL D 908 62.90 -7.71 29.15
C VAL D 908 61.75 -6.70 29.27
N VAL D 909 61.67 -6.00 30.40
CA VAL D 909 60.59 -5.00 30.57
C VAL D 909 60.87 -3.84 29.63
N LEU D 910 62.11 -3.39 29.49
CA LEU D 910 62.47 -2.22 28.64
C LEU D 910 62.10 -2.45 27.18
N TRP D 911 62.38 -3.63 26.65
CA TRP D 911 62.02 -3.94 25.27
C TRP D 911 60.52 -4.17 25.11
N LEU D 912 59.86 -4.77 26.13
CA LEU D 912 58.39 -4.86 26.17
C LEU D 912 57.71 -3.49 26.26
N ARG D 913 58.37 -2.50 26.87
CA ARG D 913 57.72 -1.17 27.08
C ARG D 913 57.82 -0.42 25.78
N PHE D 914 58.80 -0.78 24.95
CA PHE D 914 58.99 -0.13 23.63
C PHE D 914 57.72 -0.29 22.78
N MET D 915 56.85 -1.23 23.13
CA MET D 915 55.64 -1.53 22.32
C MET D 915 54.62 -0.41 22.48
N ARG D 916 54.69 0.31 23.56
CA ARG D 916 53.81 1.46 23.83
C ARG D 916 53.75 2.44 22.65
N TYR D 917 54.86 2.63 21.94
CA TYR D 917 54.95 3.55 20.82
C TYR D 917 54.47 2.93 19.52
N TYR D 918 54.14 1.64 19.51
CA TYR D 918 53.47 1.02 18.38
C TYR D 918 52.01 1.43 18.28
N ALA D 919 51.39 1.86 19.39
CA ALA D 919 49.98 2.23 19.47
C ALA D 919 49.57 3.43 18.64
N LEU D 920 50.55 4.21 18.21
CA LEU D 920 50.28 5.44 17.43
C LEU D 920 50.01 5.08 15.98
N SER D 921 50.50 3.97 15.51
CA SER D 921 50.31 3.45 14.16
C SER D 921 48.92 2.87 13.95
N LYS D 922 48.34 3.16 12.77
CA LYS D 922 47.02 2.66 12.39
C LYS D 922 46.98 1.16 12.09
N ASN D 923 48.13 0.50 11.90
CA ASN D 923 48.16 -0.93 11.70
C ASN D 923 48.48 -1.65 13.02
N LEU D 924 49.50 -1.21 13.75
CA LEU D 924 49.96 -1.94 14.94
C LEU D 924 49.10 -1.72 16.18
N GLY D 925 48.52 -0.51 16.31
CA GLY D 925 47.70 -0.10 17.44
C GLY D 925 46.39 -0.82 17.73
N PRO D 926 45.49 -0.98 16.74
CA PRO D 926 44.28 -1.75 16.95
C PRO D 926 44.62 -3.21 17.21
N LYS D 927 45.63 -3.76 16.55
CA LYS D 927 46.07 -5.14 16.74
C LYS D 927 46.54 -5.39 18.17
N LEU D 928 47.17 -4.36 18.78
CA LEU D 928 47.58 -4.40 20.19
C LEU D 928 46.36 -4.48 21.12
N ILE D 929 45.30 -3.71 20.80
CA ILE D 929 44.03 -3.74 21.53
C ILE D 929 43.35 -5.12 21.41
N MET D 930 43.39 -5.70 20.18
CA MET D 930 42.90 -7.07 19.91
C MET D 930 43.66 -8.13 20.69
N MET D 931 45.00 -7.96 20.86
CA MET D 931 45.85 -8.87 21.65
C MET D 931 45.46 -8.88 23.12
N MET D 932 45.19 -7.68 23.68
CA MET D 932 44.66 -7.55 25.04
C MET D 932 43.27 -8.18 25.20
N GLU D 933 42.45 -8.17 24.13
CA GLU D 933 41.16 -8.89 24.18
C GLU D 933 41.34 -10.42 24.17
N MET D 934 42.23 -10.94 23.31
CA MET D 934 42.54 -12.38 23.18
C MET D 934 43.26 -13.01 24.38
N MET D 935 43.82 -12.20 25.31
CA MET D 935 44.44 -12.68 26.57
C MET D 935 43.53 -13.58 27.44
N LYS D 936 42.20 -13.38 27.41
CA LYS D 936 41.26 -14.24 28.14
C LYS D 936 41.22 -15.66 27.53
N ASP D 937 41.24 -15.76 26.19
CA ASP D 937 41.35 -17.05 25.49
C ASP D 937 42.69 -17.74 25.77
N VAL D 938 43.76 -16.94 25.90
CA VAL D 938 45.09 -17.44 26.28
C VAL D 938 45.06 -18.05 27.67
N SER D 939 44.34 -17.38 28.60
CA SER D 939 44.13 -17.83 29.98
C SER D 939 43.30 -19.11 30.05
N THR D 940 42.28 -19.21 29.18
CA THR D 940 41.44 -20.42 29.02
C THR D 940 42.27 -21.63 28.57
N PHE D 941 43.16 -21.41 27.58
CA PHE D 941 44.10 -22.41 27.06
C PHE D 941 45.08 -22.88 28.15
N VAL D 942 45.59 -21.93 28.96
CA VAL D 942 46.53 -22.20 30.06
C VAL D 942 45.89 -23.05 31.14
N PHE D 943 44.63 -22.73 31.52
CA PHE D 943 43.87 -23.50 32.52
C PHE D 943 43.55 -24.92 32.04
N LEU D 944 43.18 -25.08 30.76
CA LEU D 944 42.97 -26.42 30.22
C LEU D 944 44.28 -27.21 30.09
N LEU D 945 45.40 -26.58 29.74
CA LEU D 945 46.65 -27.36 29.53
C LEU D 945 47.24 -27.75 30.87
N LEU D 946 47.11 -26.89 31.86
CA LEU D 946 47.69 -27.12 33.18
C LEU D 946 47.27 -28.46 33.78
N ILE D 947 46.01 -28.84 33.53
CA ILE D 947 45.38 -30.10 33.93
C ILE D 947 46.11 -31.31 33.34
N PHE D 948 46.32 -31.26 32.04
CA PHE D 948 46.96 -32.37 31.32
C PHE D 948 48.45 -32.41 31.63
N LEU D 949 49.09 -31.26 31.77
CA LEU D 949 50.52 -31.16 32.05
C LEU D 949 50.89 -31.74 33.40
N ILE D 950 50.10 -31.48 34.44
CA ILE D 950 50.46 -31.95 35.81
C ILE D 950 50.05 -33.40 35.95
N GLY D 951 48.93 -33.79 35.38
CA GLY D 951 48.51 -35.20 35.40
C GLY D 951 49.48 -36.15 34.71
N TYR D 952 49.85 -35.82 33.44
CA TYR D 952 50.81 -36.58 32.66
C TYR D 952 52.21 -36.53 33.28
N GLY D 953 52.61 -35.35 33.80
CA GLY D 953 53.94 -35.16 34.38
C GLY D 953 54.22 -35.95 35.65
N VAL D 954 53.24 -35.95 36.60
CA VAL D 954 53.34 -36.73 37.84
C VAL D 954 53.36 -38.23 37.52
N ALA D 955 52.45 -38.66 36.60
CA ALA D 955 52.33 -40.06 36.15
C ALA D 955 53.58 -40.57 35.44
N ALA D 956 54.13 -39.76 34.52
CA ALA D 956 55.32 -40.11 33.74
C ALA D 956 56.58 -40.12 34.58
N GLN D 957 56.74 -39.13 35.48
CA GLN D 957 57.90 -39.04 36.39
C GLN D 957 57.91 -40.20 37.39
N SER D 958 56.73 -40.58 37.89
CA SER D 958 56.58 -41.72 38.79
C SER D 958 56.85 -43.04 38.07
N LEU D 959 56.40 -43.14 36.82
CA LEU D 959 56.60 -44.34 36.01
C LEU D 959 58.07 -44.54 35.65
N LEU D 960 58.80 -43.44 35.39
CA LEU D 960 60.22 -43.54 35.01
C LEU D 960 61.10 -43.88 36.20
N SER D 961 60.81 -43.31 37.38
CA SER D 961 61.61 -43.51 38.59
C SER D 961 60.72 -43.93 39.75
N PRO D 962 60.37 -45.23 39.85
CA PRO D 962 59.46 -45.67 40.91
C PRO D 962 60.12 -45.97 42.25
N ASP D 963 61.43 -45.79 42.40
CA ASP D 963 62.09 -46.15 43.65
C ASP D 963 63.04 -45.04 44.08
N GLU D 964 62.56 -43.81 44.04
CA GLU D 964 63.38 -42.65 44.37
C GLU D 964 62.64 -41.81 45.39
N ASP D 965 63.40 -41.29 46.37
CA ASP D 965 62.89 -40.34 47.34
C ASP D 965 62.52 -39.02 46.68
N PHE D 966 61.43 -38.41 47.17
CA PHE D 966 60.96 -37.12 46.67
C PHE D 966 61.99 -36.04 47.04
N SER D 967 62.26 -35.19 46.07
CA SER D 967 63.18 -34.08 46.22
C SER D 967 62.73 -32.99 45.28
N SER D 968 63.51 -31.91 45.21
CA SER D 968 63.26 -30.81 44.28
C SER D 968 63.41 -31.23 42.82
N ARG D 969 64.32 -32.19 42.55
CA ARG D 969 64.56 -32.77 41.22
C ARG D 969 63.35 -33.52 40.68
N THR D 970 62.56 -34.13 41.57
CA THR D 970 61.30 -34.80 41.23
C THR D 970 60.28 -33.79 40.69
N PHE D 971 60.18 -32.63 41.34
CA PHE D 971 59.29 -31.53 40.94
C PHE D 971 59.70 -30.92 39.61
N ILE D 972 61.00 -30.74 39.38
CA ILE D 972 61.45 -30.21 38.07
C ILE D 972 61.16 -31.28 37.03
N GLY D 973 61.46 -32.53 37.35
CA GLY D 973 61.15 -33.60 36.40
C GLY D 973 59.68 -33.67 36.00
N VAL D 974 58.80 -33.20 36.88
CA VAL D 974 57.34 -33.24 36.62
C VAL D 974 57.01 -32.06 35.71
N LEU D 975 57.74 -30.95 35.80
CA LEU D 975 57.29 -29.85 34.89
C LEU D 975 58.22 -29.62 33.70
N PHE D 976 59.44 -30.13 33.70
CA PHE D 976 60.37 -29.72 32.64
C PHE D 976 60.01 -30.32 31.28
N ARG D 977 60.11 -31.63 31.14
CA ARG D 977 59.86 -32.29 29.84
C ARG D 977 58.39 -32.21 29.46
N PRO D 978 57.38 -32.42 30.34
CA PRO D 978 55.98 -32.26 29.91
C PRO D 978 55.67 -30.91 29.21
N TYR D 979 56.27 -29.81 29.66
CA TYR D 979 55.89 -28.50 29.09
C TYR D 979 56.52 -28.33 27.71
N PHE D 980 57.77 -28.71 27.58
CA PHE D 980 58.48 -28.54 26.31
C PHE D 980 58.11 -29.59 25.27
N GLN D 981 57.40 -30.67 25.63
CA GLN D 981 56.97 -31.65 24.63
C GLN D 981 55.79 -31.18 23.81
N ILE D 982 55.11 -30.11 24.23
CA ILE D 982 53.92 -29.57 23.49
C ILE D 982 54.37 -28.63 22.36
N TYR D 983 55.66 -28.32 22.29
CA TYR D 983 56.19 -27.49 21.22
C TYR D 983 56.97 -28.30 20.21
N GLY D 984 56.81 -29.61 20.24
CA GLY D 984 57.43 -30.47 19.27
C GLY D 984 58.79 -31.00 19.65
N GLU D 985 59.41 -30.50 20.71
CA GLU D 985 60.69 -31.07 21.11
C GLU D 985 60.46 -32.31 21.94
N LEU D 986 60.44 -33.49 21.31
CA LEU D 986 60.13 -34.72 22.08
C LEU D 986 61.42 -35.37 22.55
N PHE D 987 61.56 -35.54 23.87
CA PHE D 987 62.84 -36.00 24.44
C PHE D 987 62.91 -37.51 24.48
N LEU D 988 62.48 -38.19 23.44
CA LEU D 988 62.42 -39.64 23.25
C LEU D 988 63.76 -40.35 23.39
N ASP D 989 64.85 -39.74 22.89
CA ASP D 989 66.20 -40.27 23.14
C ASP D 989 66.55 -40.22 24.63
N ASP D 990 66.26 -39.08 25.28
CA ASP D 990 66.47 -38.87 26.73
C ASP D 990 65.58 -39.79 27.56
N LEU D 991 64.30 -39.96 27.13
CA LEU D 991 63.35 -40.87 27.78
C LEU D 991 63.82 -42.30 27.65
N ASN D 992 64.37 -42.65 26.48
CA ASN D 992 64.93 -43.97 26.21
C ASN D 992 66.13 -44.26 27.10
N SER D 993 67.00 -43.26 27.30
CA SER D 993 68.13 -43.40 28.22
C SER D 993 67.69 -43.54 29.67
N GLU D 994 66.70 -42.75 30.11
CA GLU D 994 66.20 -42.84 31.48
C GLU D 994 65.40 -44.12 31.78
N ALA D 995 64.72 -44.68 30.79
CA ALA D 995 63.95 -45.93 31.00
C ALA D 995 64.78 -47.20 31.17
N ASN D 996 66.10 -47.16 30.90
CA ASN D 996 67.07 -48.27 30.96
C ASN D 996 66.67 -49.44 30.04
N CYS D 997 66.20 -49.10 28.85
CA CYS D 997 65.85 -50.07 27.82
C CYS D 997 67.03 -50.20 26.86
N LEU D 998 67.55 -51.41 26.73
CA LEU D 998 68.79 -51.66 26.02
C LEU D 998 68.56 -52.18 24.60
N GLY D 999 67.31 -52.35 24.20
CA GLY D 999 66.99 -52.86 22.89
C GLY D 999 67.22 -51.86 21.77
N ASP D 1000 67.28 -52.35 20.54
CA ASP D 1000 67.44 -51.44 19.38
C ASP D 1000 66.09 -50.79 19.11
N THR D 1001 65.01 -51.57 19.20
CA THR D 1001 63.66 -50.96 19.10
C THR D 1001 63.57 -50.08 20.33
N PRO D 1002 62.94 -48.90 20.29
CA PRO D 1002 63.00 -47.98 21.42
C PRO D 1002 62.54 -48.34 22.84
N PHE D 1003 61.43 -49.05 23.06
CA PHE D 1003 61.07 -49.34 24.46
C PHE D 1003 60.93 -50.84 24.68
N THR D 1004 61.82 -51.68 24.14
CA THR D 1004 61.90 -53.11 24.33
C THR D 1004 63.16 -53.44 25.09
N GLU D 1005 63.11 -54.61 25.74
CA GLU D 1005 64.12 -55.22 26.62
C GLU D 1005 64.49 -54.32 27.80
N CYS D 1006 63.47 -53.87 28.52
CA CYS D 1006 63.61 -53.02 29.68
C CYS D 1006 63.60 -53.87 30.95
N SER D 1007 64.16 -53.30 32.01
CA SER D 1007 64.21 -53.95 33.33
C SER D 1007 62.81 -54.11 33.94
N ARG D 1008 61.97 -53.11 33.82
CA ARG D 1008 60.60 -53.11 34.33
C ARG D 1008 59.64 -53.00 33.16
N GLU D 1009 58.56 -53.75 33.20
CA GLU D 1009 57.59 -53.69 32.10
C GLU D 1009 56.69 -52.45 32.15
N THR D 1010 56.57 -51.82 33.33
CA THR D 1010 55.70 -50.65 33.55
C THR D 1010 56.19 -49.42 32.82
N VAL D 1011 57.53 -49.30 32.68
CA VAL D 1011 58.17 -48.16 32.02
C VAL D 1011 57.90 -48.19 30.50
N ARG D 1012 57.51 -49.38 29.92
CA ARG D 1012 57.07 -49.50 28.52
C ARG D 1012 55.73 -48.79 28.25
N MET D 1013 54.94 -48.43 29.30
CA MET D 1013 53.77 -47.58 29.17
C MET D 1013 54.11 -46.10 29.02
N VAL D 1014 55.41 -45.71 29.22
CA VAL D 1014 55.84 -44.29 29.11
C VAL D 1014 55.57 -43.63 27.73
N PRO D 1015 55.78 -44.31 26.57
CA PRO D 1015 55.43 -43.73 25.26
C PRO D 1015 53.94 -43.65 24.93
N PHE D 1016 53.10 -44.52 25.46
CA PHE D 1016 51.63 -44.56 25.34
C PHE D 1016 50.94 -43.37 25.98
N PHE D 1017 51.28 -43.08 27.28
CA PHE D 1017 50.87 -41.89 28.04
C PHE D 1017 51.21 -40.62 27.26
N LEU D 1018 52.47 -40.57 26.76
CA LEU D 1018 52.99 -39.50 25.92
C LEU D 1018 52.18 -39.37 24.65
N ALA D 1019 51.84 -40.53 24.04
CA ALA D 1019 51.01 -40.68 22.84
C ALA D 1019 49.62 -40.08 23.04
N VAL D 1020 49.05 -40.26 24.23
CA VAL D 1020 47.77 -39.65 24.54
C VAL D 1020 47.91 -38.14 24.71
N TYR D 1021 48.99 -37.73 25.45
CA TYR D 1021 49.24 -36.36 25.94
C TYR D 1021 49.39 -35.34 24.81
N ILE D 1022 50.27 -35.63 23.85
CA ILE D 1022 50.48 -34.76 22.68
C ILE D 1022 49.27 -34.79 21.72
N LEU D 1023 48.43 -35.83 21.78
CA LEU D 1023 47.14 -35.80 21.10
C LEU D 1023 46.23 -34.80 21.79
N GLY D 1024 46.26 -34.77 23.12
CA GLY D 1024 45.47 -33.80 23.85
C GLY D 1024 45.97 -32.37 23.71
N SER D 1025 47.29 -32.18 23.73
CA SER D 1025 47.82 -30.83 23.78
C SER D 1025 47.99 -30.19 22.39
N ASN D 1026 48.59 -30.90 21.44
CA ASN D 1026 48.91 -30.31 20.15
C ASN D 1026 47.76 -30.41 19.16
N VAL D 1027 47.12 -31.55 19.09
CA VAL D 1027 46.07 -31.69 18.06
C VAL D 1027 44.77 -31.12 18.60
N LEU D 1028 44.49 -31.25 19.88
CA LEU D 1028 43.20 -30.78 20.33
C LEU D 1028 43.21 -29.34 20.84
N LEU D 1029 44.08 -29.02 21.81
CA LEU D 1029 44.02 -27.73 22.51
C LEU D 1029 44.52 -26.55 21.68
N VAL D 1030 45.60 -26.75 20.91
CA VAL D 1030 46.20 -25.72 20.07
C VAL D 1030 45.26 -25.30 18.94
N ASN D 1031 44.60 -26.29 18.33
CA ASN D 1031 43.64 -26.07 17.25
C ASN D 1031 42.35 -25.42 17.78
N LEU D 1032 42.00 -25.69 19.03
CA LEU D 1032 40.82 -25.03 19.65
C LEU D 1032 41.19 -23.60 19.96
N LEU D 1033 42.43 -23.35 20.37
CA LEU D 1033 42.90 -21.97 20.56
C LEU D 1033 42.84 -21.16 19.27
N ILE D 1034 43.17 -21.80 18.13
CA ILE D 1034 43.07 -21.20 16.79
C ILE D 1034 41.62 -20.82 16.46
N ALA D 1035 40.69 -21.74 16.77
CA ALA D 1035 39.24 -21.54 16.59
C ALA D 1035 38.68 -20.41 17.48
N MET D 1036 39.11 -20.36 18.76
CA MET D 1036 38.73 -19.29 19.70
C MET D 1036 39.27 -17.93 19.28
N PHE D 1037 40.49 -17.91 18.74
CA PHE D 1037 41.10 -16.64 18.28
C PHE D 1037 40.30 -16.11 17.11
N ASN D 1038 40.02 -16.96 16.11
CA ASN D 1038 39.29 -16.54 14.91
C ASN D 1038 37.93 -15.96 15.24
N ASP D 1039 37.20 -16.63 16.16
CA ASP D 1039 35.88 -16.18 16.62
C ASP D 1039 35.95 -14.86 17.39
N THR D 1040 36.92 -14.76 18.32
CA THR D 1040 37.16 -13.59 19.16
C THR D 1040 37.56 -12.38 18.34
N TYR D 1041 38.44 -12.59 17.33
CA TYR D 1041 38.96 -11.59 16.38
C TYR D 1041 37.83 -10.97 15.57
N MET D 1042 36.96 -11.82 14.96
CA MET D 1042 35.77 -11.38 14.22
C MET D 1042 34.78 -10.62 15.11
N LYS D 1043 34.70 -10.97 16.40
CA LYS D 1043 33.76 -10.32 17.30
C LYS D 1043 34.24 -8.92 17.69
N VAL D 1044 35.55 -8.73 17.96
CA VAL D 1044 35.94 -7.50 18.66
C VAL D 1044 36.84 -6.59 17.80
N GLN D 1045 36.96 -6.87 16.48
CA GLN D 1045 37.74 -6.04 15.55
C GLN D 1045 37.24 -4.58 15.37
N GLU D 1046 35.91 -4.39 15.23
CA GLU D 1046 35.33 -3.05 15.06
C GLU D 1046 35.39 -2.20 16.33
N ALA D 1047 35.14 -2.83 17.49
CA ALA D 1047 35.26 -2.21 18.80
C ALA D 1047 36.70 -1.80 19.12
N ALA D 1048 37.66 -2.64 18.72
CA ALA D 1048 39.09 -2.33 18.85
C ALA D 1048 39.51 -1.14 18.01
N GLU D 1049 38.98 -1.04 16.78
CA GLU D 1049 39.21 0.10 15.89
C GLU D 1049 38.67 1.41 16.47
N ASP D 1050 37.45 1.38 17.03
CA ASP D 1050 36.81 2.53 17.68
C ASP D 1050 37.57 2.99 18.92
N LEU D 1051 38.01 2.02 19.75
CA LEU D 1051 38.79 2.27 20.96
C LEU D 1051 40.17 2.86 20.63
N TRP D 1052 40.78 2.42 19.49
CA TRP D 1052 42.04 2.99 19.00
C TRP D 1052 41.84 4.45 18.58
N ARG D 1053 40.69 4.75 17.94
CA ARG D 1053 40.36 6.12 17.55
C ARG D 1053 40.14 7.05 18.75
N LYS D 1054 39.61 6.54 19.86
CA LYS D 1054 39.55 7.35 21.08
C LYS D 1054 40.96 7.57 21.68
N GLN D 1055 41.78 6.49 21.70
CA GLN D 1055 43.18 6.55 22.16
C GLN D 1055 44.11 7.41 21.32
N ASN D 1056 43.78 7.64 20.04
CA ASN D 1056 44.49 8.58 19.16
C ASN D 1056 44.45 10.00 19.71
N TYR D 1057 43.29 10.42 20.20
CA TYR D 1057 43.14 11.76 20.81
C TYR D 1057 43.86 11.75 22.15
N GLU D 1058 43.72 10.66 22.90
CA GLU D 1058 44.37 10.53 24.22
C GLU D 1058 45.89 10.66 24.12
N LEU D 1059 46.49 10.02 23.11
CA LEU D 1059 47.93 10.11 22.86
C LEU D 1059 48.33 11.51 22.41
N CYS D 1060 47.50 12.15 21.54
CA CYS D 1060 47.74 13.54 21.09
C CYS D 1060 47.71 14.54 22.25
N ALA D 1061 46.73 14.38 23.15
CA ALA D 1061 46.60 15.18 24.36
C ALA D 1061 47.76 14.94 25.32
N GLU D 1062 48.19 13.67 25.44
CA GLU D 1062 49.31 13.28 26.31
C GLU D 1062 50.63 13.89 25.83
N TYR D 1063 50.90 13.86 24.53
CA TYR D 1063 52.17 14.41 24.07
C TYR D 1063 52.10 15.91 23.80
N LYS D 1064 50.91 16.51 23.83
CA LYS D 1064 50.81 17.98 23.88
C LYS D 1064 51.35 18.59 25.17
N ASP D 1065 51.04 18.01 26.34
CA ASP D 1065 51.42 18.66 27.64
C ASP D 1065 52.81 18.21 28.12
N ARG D 1066 53.43 17.25 27.44
CA ARG D 1066 54.72 16.63 27.91
C ARG D 1066 55.90 17.59 27.87
N PRO D 1067 56.92 17.39 28.74
CA PRO D 1067 58.10 18.25 28.76
C PRO D 1067 58.82 18.17 27.41
N PHE D 1068 59.37 19.28 26.95
CA PHE D 1068 59.97 19.34 25.60
C PHE D 1068 61.22 18.47 25.43
N LEU D 1069 62.10 18.42 26.42
CA LEU D 1069 63.40 17.72 26.23
C LEU D 1069 63.25 16.21 26.44
N PRO D 1070 64.03 15.33 25.76
CA PRO D 1070 63.98 13.86 25.99
C PRO D 1070 64.47 13.42 27.37
N ALA D 1071 64.32 12.13 27.68
CA ALA D 1071 64.59 11.59 29.03
C ALA D 1071 65.96 11.89 29.64
N PRO D 1072 67.14 11.55 29.09
CA PRO D 1072 68.37 11.85 29.85
C PRO D 1072 68.43 13.33 30.20
N PHE D 1073 67.89 14.21 29.35
CA PHE D 1073 68.04 15.68 29.51
C PHE D 1073 66.82 16.33 30.16
N ILE D 1074 65.82 15.54 30.53
CA ILE D 1074 64.55 16.11 31.10
C ILE D 1074 64.83 16.83 32.43
N LEU D 1075 65.93 16.53 33.11
CA LEU D 1075 66.32 17.16 34.37
C LEU D 1075 66.46 18.67 34.21
N LEU D 1076 66.97 19.12 33.04
CA LEU D 1076 67.06 20.53 32.65
C LEU D 1076 65.68 21.16 32.54
N ALA D 1077 64.74 20.41 31.94
CA ALA D 1077 63.33 20.81 31.83
C ALA D 1077 62.68 20.91 33.19
N HIS D 1078 63.01 19.98 34.10
CA HIS D 1078 62.50 19.95 35.49
C HIS D 1078 62.96 21.18 36.28
N VAL D 1079 64.26 21.52 36.14
CA VAL D 1079 64.84 22.68 36.81
C VAL D 1079 64.29 23.98 36.21
N HIS D 1080 63.99 23.97 34.88
CA HIS D 1080 63.34 25.09 34.20
C HIS D 1080 61.90 25.32 34.67
N MET D 1081 61.10 24.24 34.83
CA MET D 1081 59.73 24.32 35.35
C MET D 1081 59.70 24.77 36.81
N LEU D 1082 60.65 24.27 37.62
CA LEU D 1082 60.80 24.69 39.01
C LEU D 1082 61.16 26.17 39.12
N PHE D 1083 62.06 26.64 38.22
CA PHE D 1083 62.44 28.05 38.13
C PHE D 1083 61.27 28.96 37.73
N MET D 1084 60.45 28.51 36.74
CA MET D 1084 59.25 29.24 36.33
C MET D 1084 58.19 29.28 37.43
N ARG D 1085 58.00 28.15 38.14
CA ARG D 1085 57.06 28.07 39.27
C ARG D 1085 57.48 28.97 40.43
N LEU D 1086 58.79 28.99 40.75
CA LEU D 1086 59.34 29.87 41.79
C LEU D 1086 59.23 31.34 41.39
N LEU D 1087 59.54 31.66 40.12
CA LEU D 1087 59.44 33.03 39.61
C LEU D 1087 57.99 33.51 39.48
N ARG D 1088 57.04 32.60 39.27
CA ARG D 1088 55.63 32.94 39.14
C ARG D 1088 54.89 33.02 40.48
N LEU D 1089 55.19 32.12 41.40
CA LEU D 1089 54.49 32.09 42.68
C LEU D 1089 55.05 33.13 43.65
N CYS D 1090 56.36 33.14 43.83
CA CYS D 1090 57.00 34.05 44.77
C CYS D 1090 57.41 35.37 44.13
N GLY D 1091 58.21 35.29 43.05
CA GLY D 1091 58.68 36.49 42.35
C GLY D 1091 57.62 37.33 41.66
N VAL D 1092 56.64 36.66 40.98
CA VAL D 1092 55.51 37.19 40.19
C VAL D 1092 55.98 38.15 39.09
N HIS D 1093 57.09 37.80 38.45
CA HIS D 1093 57.70 38.62 37.40
C HIS D 1093 57.24 38.29 35.99
N THR D 1094 56.29 37.36 35.81
CA THR D 1094 55.82 37.02 34.47
C THR D 1094 54.38 36.53 34.56
N GLN D 1095 53.80 36.30 33.38
CA GLN D 1095 52.42 35.84 33.25
C GLN D 1095 52.31 34.94 32.03
N GLU D 1096 51.07 34.66 31.63
CA GLU D 1096 50.76 33.81 30.48
C GLU D 1096 50.15 34.64 29.36
N HIS D 1097 50.53 34.35 28.12
CA HIS D 1097 50.03 35.05 26.95
C HIS D 1097 49.41 34.04 26.00
N GLU D 1098 48.32 34.45 25.36
CA GLU D 1098 47.60 33.60 24.41
C GLU D 1098 47.01 34.48 23.32
N LYS D 1099 46.34 33.83 22.36
CA LYS D 1099 45.73 34.51 21.23
C LYS D 1099 44.24 34.23 21.22
N ILE D 1100 43.45 35.26 20.97
CA ILE D 1100 42.00 35.18 20.95
C ILE D 1100 41.49 35.45 19.55
N GLN D 1101 40.59 34.59 19.07
CA GLN D 1101 39.98 34.69 17.74
C GLN D 1101 39.10 35.93 17.64
N ASP D 1102 39.13 36.57 16.47
CA ASP D 1102 38.32 37.75 16.18
C ASP D 1102 36.83 37.39 16.07
N ASP D 1103 35.99 38.42 16.31
CA ASP D 1103 34.54 38.32 16.23
C ASP D 1103 34.02 37.99 14.83
N GLU D 1104 34.75 38.46 13.79
CA GLU D 1104 34.40 38.22 12.38
C GLU D 1104 34.46 36.74 12.04
N THR D 1105 35.58 36.10 12.40
CA THR D 1105 35.78 34.67 12.19
C THR D 1105 34.86 33.83 13.07
N LYS D 1106 34.55 34.33 14.29
CA LYS D 1106 33.61 33.70 15.23
C LYS D 1106 32.18 33.67 14.69
N ARG D 1107 31.70 34.81 14.17
CA ARG D 1107 30.37 34.88 13.55
C ARG D 1107 30.31 34.12 12.23
N LYS D 1108 31.44 34.04 11.51
CA LYS D 1108 31.58 33.22 10.30
C LYS D 1108 31.42 31.73 10.60
N ILE D 1109 32.05 31.24 11.68
CA ILE D 1109 31.90 29.86 12.15
C ILE D 1109 30.48 29.56 12.61
N THR D 1110 29.87 30.53 13.33
CA THR D 1110 28.50 30.47 13.86
C THR D 1110 27.44 30.37 12.76
N THR D 1111 27.59 31.18 11.70
CA THR D 1111 26.71 31.21 10.52
C THR D 1111 26.74 29.88 9.74
N PHE D 1112 27.97 29.34 9.56
CA PHE D 1112 28.25 28.06 8.90
C PHE D 1112 27.59 26.89 9.64
N GLU D 1113 27.75 26.88 10.98
CA GLU D 1113 27.23 25.83 11.84
C GLU D 1113 25.70 25.83 11.88
N GLU D 1114 25.10 27.05 11.94
CA GLU D 1114 23.64 27.22 11.93
C GLU D 1114 23.01 26.79 10.61
N LEU D 1115 23.64 27.20 9.49
CA LEU D 1115 23.22 26.85 8.13
C LEU D 1115 23.27 25.35 7.86
N ASN D 1116 24.36 24.70 8.29
CA ASN D 1116 24.50 23.25 8.12
C ASN D 1116 23.59 22.46 9.06
N THR D 1117 23.27 23.01 10.25
CA THR D 1117 22.29 22.42 11.16
C THR D 1117 20.90 22.36 10.53
N ASP D 1118 20.48 23.49 9.93
CA ASP D 1118 19.20 23.58 9.20
C ASP D 1118 19.17 22.65 7.97
N LYS D 1119 20.29 22.59 7.24
CA LYS D 1119 20.47 21.74 6.06
C LYS D 1119 20.36 20.24 6.40
N PHE D 1120 21.00 19.82 7.53
CA PHE D 1120 20.93 18.43 8.00
C PHE D 1120 19.51 18.06 8.44
N LEU D 1121 18.80 18.99 9.13
CA LEU D 1121 17.41 18.75 9.57
C LEU D 1121 16.44 18.59 8.39
N ARG D 1122 16.61 19.41 7.34
CA ARG D 1122 15.83 19.29 6.10
C ARG D 1122 16.09 17.95 5.39
N ARG D 1123 17.39 17.55 5.28
CA ARG D 1123 17.78 16.28 4.64
C ARG D 1123 17.28 15.07 5.43
N TRP D 1124 17.36 15.16 6.77
CA TRP D 1124 16.91 14.14 7.71
C TRP D 1124 15.40 13.92 7.67
N GLU D 1125 14.64 15.02 7.61
CA GLU D 1125 13.17 14.99 7.48
C GLU D 1125 12.74 14.36 6.15
N ARG D 1126 13.39 14.76 5.02
CA ARG D 1126 13.09 14.22 3.69
C ARG D 1126 13.41 12.71 3.59
N GLU D 1127 14.55 12.28 4.20
CA GLU D 1127 14.97 10.87 4.25
C GLU D 1127 14.01 10.04 5.08
N ARG D 1128 13.51 10.59 6.20
CA ARG D 1128 12.57 9.85 7.02
C ARG D 1128 11.21 9.75 6.31
N GLN D 1129 10.84 10.76 5.50
CA GLN D 1129 9.61 10.66 4.70
C GLN D 1129 9.74 9.74 3.49
N GLU D 1130 10.94 9.36 3.06
CA GLU D 1130 11.06 8.44 1.92
C GLU D 1130 11.13 6.97 2.31
N MET D 1131 11.08 6.64 3.61
CA MET D 1131 11.06 5.24 4.05
C MET D 1131 9.75 4.57 3.66
N LEU D 1132 9.84 3.24 3.49
CA LEU D 1132 8.72 2.38 3.08
C LEU D 1132 7.58 2.34 4.09
N GLU D 1133 7.91 2.27 5.39
CA GLU D 1133 6.96 2.24 6.50
C GLU D 1133 6.12 3.51 6.58
N ALA D 1134 6.80 4.67 6.41
CA ALA D 1134 6.18 5.99 6.43
C ALA D 1134 5.22 6.17 5.26
N ARG D 1135 5.63 5.68 4.06
CA ARG D 1135 4.80 5.76 2.86
C ARG D 1135 3.55 4.91 2.95
N VAL D 1136 3.68 3.69 3.53
CA VAL D 1136 2.54 2.77 3.75
C VAL D 1136 1.56 3.37 4.77
N LYS D 1137 2.10 3.97 5.86
CA LYS D 1137 1.31 4.67 6.87
C LYS D 1137 0.57 5.89 6.33
N MET D 1138 1.27 6.72 5.51
CA MET D 1138 0.68 7.92 4.90
C MET D 1138 -0.43 7.59 3.88
N THR D 1139 -0.22 6.55 3.03
CA THR D 1139 -1.23 6.07 2.07
C THR D 1139 -2.48 5.53 2.79
N ASN D 1140 -2.25 4.82 3.92
CA ASN D 1140 -3.30 4.25 4.77
C ASN D 1140 -4.19 5.35 5.36
N ASP D 1141 -3.56 6.42 5.91
CA ASP D 1141 -4.27 7.59 6.45
C ASP D 1141 -5.06 8.32 5.35
N ASN D 1142 -4.47 8.38 4.13
CA ASN D 1142 -5.12 8.98 2.96
C ASN D 1142 -6.39 8.22 2.57
N VAL D 1143 -6.36 6.88 2.64
CA VAL D 1143 -7.52 6.01 2.33
C VAL D 1143 -8.61 6.20 3.39
N VAL D 1144 -8.20 6.41 4.66
CA VAL D 1144 -9.11 6.72 5.78
C VAL D 1144 -9.83 8.06 5.58
N GLN D 1145 -9.07 9.10 5.15
CA GLN D 1145 -9.60 10.43 4.78
C GLN D 1145 -10.54 10.38 3.57
N ALA D 1146 -10.24 9.48 2.62
CA ALA D 1146 -11.10 9.21 1.46
C ALA D 1146 -12.47 8.64 1.86
N MET D 1147 -12.48 7.75 2.85
CA MET D 1147 -13.77 7.24 3.34
C MET D 1147 -14.52 8.38 4.02
N GLY D 1148 -13.83 9.17 4.86
CA GLY D 1148 -14.46 10.32 5.52
C GLY D 1148 -15.18 11.23 4.54
N MET D 1149 -14.53 11.49 3.38
CA MET D 1149 -15.09 12.30 2.32
C MET D 1149 -16.31 11.61 1.67
N MET D 1150 -16.26 10.26 1.55
CA MET D 1150 -17.41 9.46 1.10
C MET D 1150 -18.58 9.51 2.08
N ASP D 1151 -18.29 9.54 3.39
CA ASP D 1151 -19.30 9.68 4.45
C ASP D 1151 -20.05 11.01 4.32
N GLN D 1152 -19.29 12.10 4.07
CA GLN D 1152 -19.85 13.45 3.80
C GLN D 1152 -20.73 13.43 2.54
N LEU D 1153 -20.25 12.72 1.50
CA LEU D 1153 -20.93 12.53 0.22
C LEU D 1153 -22.26 11.81 0.42
N LEU D 1154 -22.27 10.77 1.28
CA LEU D 1154 -23.47 9.98 1.59
C LEU D 1154 -24.50 10.81 2.36
N GLU D 1155 -24.02 11.70 3.26
CA GLU D 1155 -24.89 12.65 3.97
C GLU D 1155 -25.59 13.61 3.00
N HIS D 1156 -24.84 14.12 2.02
CA HIS D 1156 -25.41 14.98 0.98
C HIS D 1156 -26.42 14.22 0.10
N MET D 1157 -26.08 12.94 -0.21
CA MET D 1157 -26.94 12.02 -0.96
C MET D 1157 -28.29 11.73 -0.28
N ILE D 1158 -28.24 11.41 1.04
CA ILE D 1158 -29.45 11.12 1.84
C ILE D 1158 -30.31 12.40 1.97
N SER D 1159 -29.65 13.59 2.04
CA SER D 1159 -30.32 14.91 2.02
C SER D 1159 -31.10 15.10 0.71
N PHE D 1160 -30.52 14.69 -0.42
CA PHE D 1160 -31.31 14.83 -1.67
C PHE D 1160 -32.45 13.81 -1.65
N ARG D 1161 -32.15 12.59 -1.19
CA ARG D 1161 -33.21 11.57 -1.13
C ARG D 1161 -34.44 12.10 -0.39
N PHE D 1162 -34.20 12.78 0.75
CA PHE D 1162 -35.25 13.43 1.54
C PHE D 1162 -35.92 14.56 0.74
N SER D 1163 -35.10 15.39 0.07
CA SER D 1163 -35.56 16.52 -0.74
C SER D 1163 -36.41 16.07 -1.94
N LEU D 1164 -35.96 15.02 -2.62
CA LEU D 1164 -36.70 14.45 -3.75
C LEU D 1164 -37.99 13.78 -3.31
N ASP D 1165 -37.96 13.12 -2.13
CA ASP D 1165 -39.16 12.52 -1.55
C ASP D 1165 -40.20 13.56 -1.17
N GLN D 1166 -39.75 14.68 -0.57
CA GLN D 1166 -40.63 15.78 -0.21
C GLN D 1166 -41.02 16.64 -1.43
N GLN D 1167 -40.28 16.53 -2.54
CA GLN D 1167 -40.60 17.25 -3.78
C GLN D 1167 -41.80 16.68 -4.53
N ALA D 1168 -42.22 15.45 -4.23
CA ALA D 1168 -43.37 14.85 -4.89
C ALA D 1168 -44.60 14.92 -4.00
N GLU D 1215 -59.89 45.16 18.29
CA GLU D 1215 -58.46 45.34 18.52
C GLU D 1215 -58.22 46.44 19.55
N TRP D 1216 -59.29 46.78 20.27
CA TRP D 1216 -59.34 47.89 21.22
C TRP D 1216 -58.44 47.64 22.43
N TYR D 1217 -57.75 48.69 22.86
CA TYR D 1217 -56.77 48.57 23.94
C TYR D 1217 -57.40 49.04 25.25
N VAL D 1218 -57.23 48.23 26.28
CA VAL D 1218 -57.65 48.55 27.64
C VAL D 1218 -56.44 48.47 28.55
N PRO D 1219 -56.03 49.57 29.21
CA PRO D 1219 -54.83 49.55 30.11
C PRO D 1219 -55.05 48.72 31.37
N PRO D 1220 -53.97 48.18 32.00
CA PRO D 1220 -54.09 47.42 33.26
C PRO D 1220 -54.65 48.21 34.45
N GLU D 1221 -55.28 47.45 35.37
CA GLU D 1221 -56.03 47.97 36.52
C GLU D 1221 -55.18 48.78 37.50
N GLU D 1222 -53.97 48.30 37.80
CA GLU D 1222 -53.12 49.01 38.76
C GLU D 1222 -52.28 50.03 38.01
N TYR D 1223 -52.43 51.30 38.41
CA TYR D 1223 -51.64 52.41 37.85
C TYR D 1223 -50.17 52.30 38.24
N PRO D 1224 -49.22 52.45 37.27
CA PRO D 1224 -47.78 52.35 37.59
C PRO D 1224 -47.30 53.45 38.53
N LYS D 1225 -46.37 53.08 39.44
CA LYS D 1225 -45.65 53.94 40.41
C LYS D 1225 -46.56 54.74 41.37
N SER D 1226 -47.78 54.24 41.63
CA SER D 1226 -48.78 54.91 42.45
C SER D 1226 -48.90 54.31 43.84
N GLY D 1227 -48.08 53.33 44.19
CA GLY D 1227 -48.16 52.63 45.46
C GLY D 1227 -49.40 51.78 45.63
N GLY D 1228 -49.78 51.05 44.59
CA GLY D 1228 -50.88 50.11 44.65
C GLY D 1228 -52.26 50.68 44.41
N VAL D 1229 -52.36 51.93 43.95
CA VAL D 1229 -53.66 52.53 43.64
C VAL D 1229 -54.20 51.92 42.35
N LYS D 1230 -55.44 51.46 42.38
CA LYS D 1230 -56.04 50.75 41.26
C LYS D 1230 -57.14 51.57 40.61
N ARG D 1231 -57.20 51.51 39.27
CA ARG D 1231 -58.24 52.15 38.47
C ARG D 1231 -59.59 51.43 38.57
N TYR D 1232 -60.56 51.92 37.82
CA TYR D 1232 -61.86 51.26 37.70
C TYR D 1232 -61.84 50.39 36.43
N LEU D 1233 -61.79 49.06 36.66
CA LEU D 1233 -61.62 48.03 35.63
C LEU D 1233 -62.75 48.02 34.60
N ILE D 1234 -62.40 47.99 33.32
CA ILE D 1234 -63.38 47.92 32.25
C ILE D 1234 -62.93 46.90 31.21
N ASP D 1235 -63.91 46.24 30.60
CA ASP D 1235 -63.69 45.28 29.53
C ASP D 1235 -63.24 45.98 28.25
N ALA D 1236 -62.52 45.23 27.41
CA ALA D 1236 -62.03 45.73 26.11
C ALA D 1236 -63.11 46.05 25.06
N SER D 1237 -64.36 45.58 25.24
CA SER D 1237 -65.46 45.88 24.33
C SER D 1237 -66.24 47.12 24.75
N MET D 1238 -65.78 47.81 25.80
CA MET D 1238 -66.40 49.03 26.31
C MET D 1238 -65.47 50.23 26.22
N VAL D 1239 -64.26 50.06 25.67
CA VAL D 1239 -63.24 51.15 25.67
C VAL D 1239 -63.57 52.33 24.73
N PRO D 1240 -64.08 52.19 23.48
CA PRO D 1240 -64.23 53.34 22.56
C PRO D 1240 -65.14 54.49 23.06
N LEU D 1241 -64.84 55.72 22.65
CA LEU D 1241 -65.68 56.86 23.04
C LEU D 1241 -66.98 56.98 22.25
N SER D 1242 -67.12 56.29 21.10
CA SER D 1242 -68.37 56.30 20.35
C SER D 1242 -69.47 55.55 21.09
N ILE D 1243 -69.11 54.50 21.81
CA ILE D 1243 -70.03 53.69 22.58
C ILE D 1243 -70.41 54.46 23.84
N MET D 1244 -71.68 54.34 24.26
CA MET D 1244 -72.22 55.14 25.36
C MET D 1244 -71.64 54.76 26.71
N CYS D 1245 -71.85 53.49 27.15
CA CYS D 1245 -71.46 52.85 28.42
C CYS D 1245 -71.88 53.62 29.68
N PRO D 1246 -73.18 53.65 30.05
CA PRO D 1246 -73.62 54.47 31.22
C PRO D 1246 -73.10 54.02 32.60
N SER D 1247 -72.65 52.79 32.76
CA SER D 1247 -72.17 52.27 34.05
C SER D 1247 -70.68 52.53 34.13
N TYR D 1248 -70.30 53.81 34.29
CA TYR D 1248 -68.90 54.21 34.30
C TYR D 1248 -68.64 55.12 35.51
N ASP D 1249 -67.87 54.61 36.47
CA ASP D 1249 -67.51 55.35 37.68
C ASP D 1249 -66.00 55.28 37.90
N PRO D 1250 -65.21 56.09 37.18
CA PRO D 1250 -63.74 56.04 37.35
C PRO D 1250 -63.28 56.65 38.68
N VAL D 1251 -62.07 56.27 39.06
CA VAL D 1251 -61.45 56.74 40.30
C VAL D 1251 -60.49 57.86 39.96
N GLU D 1252 -60.52 58.92 40.76
CA GLU D 1252 -59.64 60.08 40.56
C GLU D 1252 -58.38 59.89 41.40
N TYR D 1253 -57.24 59.73 40.74
CA TYR D 1253 -55.97 59.54 41.41
C TYR D 1253 -54.92 60.36 40.67
N THR D 1254 -54.11 61.10 41.44
CA THR D 1254 -52.99 61.84 40.88
C THR D 1254 -51.73 61.48 41.65
N HIS D 1255 -50.66 61.15 40.91
CA HIS D 1255 -49.37 60.74 41.45
C HIS D 1255 -48.70 61.90 42.23
N PRO D 1256 -47.96 61.60 43.32
CA PRO D 1256 -47.23 62.65 44.07
C PRO D 1256 -46.16 63.44 43.29
N SER D 1257 -45.47 62.79 42.33
CA SER D 1257 -44.47 63.43 41.48
C SER D 1257 -45.06 64.53 40.59
N VAL D 1258 -46.22 64.26 39.98
CA VAL D 1258 -46.91 65.26 39.14
C VAL D 1258 -47.47 66.39 40.00
N ALA D 1259 -48.02 66.08 41.17
CA ALA D 1259 -48.59 67.06 42.09
C ALA D 1259 -47.57 67.96 42.79
N ALA D 1260 -46.27 67.66 42.73
CA ALA D 1260 -45.20 68.49 43.30
C ALA D 1260 -44.81 69.67 42.43
N GLN D 1261 -45.37 69.78 41.21
CA GLN D 1261 -45.21 70.81 40.16
C GLN D 1261 -43.79 71.02 39.62
N PRO D 1262 -43.14 70.06 38.85
CA PRO D 1262 -41.88 70.43 38.17
C PRO D 1262 -42.03 71.32 36.94
N VAL D 1263 -40.90 71.58 36.25
CA VAL D 1263 -40.88 72.46 35.07
C VAL D 1263 -41.59 71.86 33.86
N TRP D 1264 -41.56 70.52 33.71
CA TRP D 1264 -42.14 69.93 32.51
C TRP D 1264 -43.58 69.48 32.72
N ALA D 1265 -44.18 69.82 33.86
CA ALA D 1265 -45.54 69.42 34.20
C ALA D 1265 -46.48 70.60 34.11
N ASP D 1266 -47.64 70.40 33.48
CA ASP D 1266 -48.67 71.43 33.39
C ASP D 1266 -49.33 71.65 34.77
N PRO D 1267 -49.93 72.86 35.02
CA PRO D 1267 -50.68 73.08 36.27
C PRO D 1267 -51.92 72.21 36.49
N ALA D 1268 -52.20 71.93 37.79
CA ALA D 1268 -53.27 71.05 38.25
C ALA D 1268 -54.68 71.54 37.92
N ASP D 1269 -54.86 72.84 37.68
CA ASP D 1269 -56.10 73.48 37.30
C ASP D 1269 -55.99 73.70 35.81
N PRO D 1270 -56.74 72.97 34.97
CA PRO D 1270 -56.57 73.09 33.50
C PRO D 1270 -57.29 74.26 32.84
N ARG D 1271 -57.82 75.24 33.58
CA ARG D 1271 -58.53 76.38 33.03
C ARG D 1271 -57.54 77.30 32.31
N LYS D 1272 -58.03 77.99 31.27
CA LYS D 1272 -57.41 78.97 30.32
C LYS D 1272 -56.50 78.29 29.28
N ILE D 1273 -56.38 76.96 29.29
CA ILE D 1273 -55.53 76.22 28.37
C ILE D 1273 -56.37 75.84 27.16
N LYS D 1274 -55.82 76.09 25.97
CA LYS D 1274 -56.46 75.77 24.70
C LYS D 1274 -55.92 74.47 24.12
N PHE D 1275 -56.83 73.54 23.87
CA PHE D 1275 -56.52 72.22 23.34
C PHE D 1275 -56.80 72.24 21.83
N ASN D 1276 -56.39 71.15 21.15
CA ASN D 1276 -56.45 70.82 19.71
C ASN D 1276 -55.58 71.71 18.79
N VAL D 1277 -54.79 72.64 19.34
CA VAL D 1277 -53.88 73.52 18.63
C VAL D 1277 -52.60 73.56 19.44
N LYS D 1278 -51.52 74.03 18.80
CA LYS D 1278 -50.22 74.22 19.44
C LYS D 1278 -50.31 75.34 20.48
N ASP D 1279 -50.07 75.00 21.75
CA ASP D 1279 -50.26 75.94 22.85
C ASP D 1279 -48.95 76.40 23.45
N GLU D 1280 -48.92 77.68 23.82
CA GLU D 1280 -47.72 78.33 24.35
C GLU D 1280 -47.73 78.38 25.87
N VAL D 1281 -46.77 77.68 26.46
CA VAL D 1281 -46.51 77.70 27.89
C VAL D 1281 -45.15 78.36 28.08
N ASN D 1282 -45.14 79.48 28.86
CA ASN D 1282 -44.01 80.39 29.14
C ASN D 1282 -43.34 80.94 27.89
N GLY D 1283 -44.17 81.21 26.87
CA GLY D 1283 -43.81 81.70 25.56
C GLY D 1283 -43.25 80.66 24.63
N LYS D 1284 -43.19 79.39 25.03
CA LYS D 1284 -42.66 78.32 24.20
C LYS D 1284 -43.81 77.45 23.72
N VAL D 1285 -43.79 77.07 22.44
CA VAL D 1285 -44.90 76.29 21.90
C VAL D 1285 -44.71 74.82 22.25
N VAL D 1286 -45.79 74.17 22.69
CA VAL D 1286 -45.79 72.74 22.94
C VAL D 1286 -46.89 72.23 22.02
N ASP D 1287 -46.74 70.95 21.63
CA ASP D 1287 -47.69 70.20 20.80
C ASP D 1287 -48.88 69.71 21.62
N ARG D 1288 -49.94 70.51 21.70
CA ARG D 1288 -51.14 70.17 22.43
C ARG D 1288 -52.25 69.68 21.50
N THR D 1289 -51.92 69.39 20.25
CA THR D 1289 -52.87 68.92 19.26
C THR D 1289 -52.68 67.43 19.01
N SER D 1290 -53.77 66.70 19.05
CA SER D 1290 -53.79 65.26 18.87
C SER D 1290 -54.07 64.92 17.41
N CYS D 1291 -53.50 63.79 16.97
CA CYS D 1291 -53.67 63.23 15.63
C CYS D 1291 -54.98 62.50 15.41
N HIS D 1292 -55.81 62.35 16.45
CA HIS D 1292 -57.15 61.76 16.35
C HIS D 1292 -58.06 62.62 15.47
N PRO D 1293 -58.78 62.03 14.49
CA PRO D 1293 -59.67 62.81 13.60
C PRO D 1293 -60.81 63.56 14.27
N SER D 1294 -61.36 63.02 15.36
CA SER D 1294 -62.45 63.68 16.09
C SER D 1294 -61.95 64.91 16.84
N GLY D 1295 -60.73 64.84 17.37
CA GLY D 1295 -60.15 65.91 18.16
C GLY D 1295 -60.33 65.68 19.65
N ILE D 1296 -59.86 66.65 20.42
CA ILE D 1296 -59.93 66.59 21.87
C ILE D 1296 -61.16 67.38 22.29
N SER D 1297 -62.00 66.76 23.13
CA SER D 1297 -63.18 67.41 23.67
C SER D 1297 -62.94 67.90 25.08
N ILE D 1298 -63.49 69.08 25.38
CA ILE D 1298 -63.28 69.73 26.66
C ILE D 1298 -64.52 69.50 27.51
N ASP D 1299 -64.33 68.95 28.72
CA ASP D 1299 -65.42 68.77 29.68
C ASP D 1299 -65.90 70.13 30.19
N SER D 1300 -67.22 70.32 30.21
CA SER D 1300 -67.79 71.61 30.61
C SER D 1300 -67.75 71.85 32.12
N ASN D 1301 -67.86 70.77 32.91
CA ASN D 1301 -67.95 70.86 34.37
C ASN D 1301 -66.65 71.31 35.03
N THR D 1302 -65.53 70.69 34.66
CA THR D 1302 -64.25 70.95 35.33
C THR D 1302 -63.21 71.63 34.46
N GLY D 1303 -63.43 71.70 33.14
CA GLY D 1303 -62.48 72.26 32.21
C GLY D 1303 -61.36 71.33 31.78
N ARG D 1304 -61.32 70.10 32.30
CA ARG D 1304 -60.27 69.15 31.94
C ARG D 1304 -60.50 68.60 30.52
N PRO D 1305 -59.43 68.34 29.77
CA PRO D 1305 -59.59 67.68 28.47
C PRO D 1305 -59.98 66.21 28.59
N ILE D 1306 -60.62 65.70 27.55
CA ILE D 1306 -61.06 64.31 27.49
C ILE D 1306 -60.25 63.59 26.42
N ASN D 1307 -59.68 62.44 26.79
CA ASN D 1307 -58.84 61.60 25.92
C ASN D 1307 -59.60 61.04 24.72
N PRO D 1308 -59.19 61.34 23.48
CA PRO D 1308 -59.92 60.83 22.32
C PRO D 1308 -59.67 59.38 21.98
N TRP D 1309 -58.64 58.75 22.55
CA TRP D 1309 -58.28 57.37 22.23
C TRP D 1309 -59.03 56.33 23.06
N GLY D 1310 -59.96 56.74 23.90
CA GLY D 1310 -60.82 55.84 24.63
C GLY D 1310 -60.78 56.09 26.12
N ARG D 1311 -61.53 55.27 26.86
CA ARG D 1311 -61.59 55.35 28.30
C ARG D 1311 -60.47 54.52 28.92
N THR D 1312 -59.96 54.99 30.06
CA THR D 1312 -58.94 54.26 30.80
C THR D 1312 -59.34 53.94 32.23
N GLY D 1313 -60.57 54.25 32.64
CA GLY D 1313 -61.03 53.97 33.99
C GLY D 1313 -60.42 54.80 35.09
N MET D 1314 -59.94 56.02 34.76
CA MET D 1314 -59.20 56.86 35.70
C MET D 1314 -59.23 58.29 35.18
N THR D 1315 -59.69 59.22 36.02
CA THR D 1315 -59.63 60.65 35.72
C THR D 1315 -58.40 61.24 36.40
N GLY D 1316 -58.19 62.55 36.20
CA GLY D 1316 -57.02 63.19 36.73
C GLY D 1316 -55.83 63.01 35.80
N ARG D 1317 -54.69 63.58 36.20
CA ARG D 1317 -53.52 63.53 35.34
C ARG D 1317 -52.66 62.29 35.56
N GLY D 1318 -52.69 61.74 36.78
CA GLY D 1318 -51.90 60.57 37.16
C GLY D 1318 -50.41 60.82 37.14
N LEU D 1319 -49.67 59.93 36.48
CA LEU D 1319 -48.22 60.09 36.37
C LEU D 1319 -47.80 60.99 35.22
N LEU D 1320 -48.73 61.41 34.38
CA LEU D 1320 -48.42 62.23 33.21
C LEU D 1320 -48.48 63.71 33.59
N GLY D 1321 -47.49 64.48 33.13
CA GLY D 1321 -47.36 65.84 33.58
C GLY D 1321 -48.19 66.86 32.84
N LYS D 1322 -48.61 66.56 31.62
CA LYS D 1322 -49.32 67.55 30.81
C LYS D 1322 -50.77 67.11 30.59
N TRP D 1323 -51.69 68.05 30.78
CA TRP D 1323 -53.11 67.85 30.46
C TRP D 1323 -53.30 67.65 28.95
N GLY D 1324 -54.09 66.64 28.60
CA GLY D 1324 -54.35 66.41 27.20
C GLY D 1324 -53.24 65.62 26.61
N VAL D 1325 -52.71 66.11 25.49
CA VAL D 1325 -51.69 65.39 24.75
C VAL D 1325 -50.35 65.71 25.39
N ASN D 1326 -49.69 64.68 25.90
CA ASN D 1326 -48.29 64.79 26.31
C ASN D 1326 -47.49 64.35 25.09
N GLN D 1327 -46.81 65.31 24.48
CA GLN D 1327 -46.06 65.01 23.27
C GLN D 1327 -44.74 64.35 23.65
N ALA D 1328 -44.54 63.16 23.14
CA ALA D 1328 -43.31 62.40 23.33
C ALA D 1328 -42.65 62.23 21.98
N ALA D 1329 -41.33 62.17 21.99
CA ALA D 1329 -40.54 61.89 20.80
C ALA D 1329 -39.76 60.62 21.07
N ASP D 1330 -39.86 59.68 20.15
CA ASP D 1330 -39.10 58.44 20.21
C ASP D 1330 -38.10 58.41 19.08
N THR D 1331 -36.88 57.94 19.42
CA THR D 1331 -35.76 57.89 18.44
C THR D 1331 -35.41 56.44 18.14
N VAL D 1332 -35.77 55.97 16.95
CA VAL D 1332 -35.47 54.62 16.51
C VAL D 1332 -34.25 54.72 15.60
N VAL D 1333 -33.08 54.42 16.15
CA VAL D 1333 -31.84 54.43 15.38
C VAL D 1333 -31.65 53.01 14.85
N THR D 1334 -31.67 52.85 13.53
CA THR D 1334 -31.68 51.54 12.91
C THR D 1334 -30.49 51.31 11.99
N ARG D 1335 -30.18 50.03 11.84
CA ARG D 1335 -29.17 49.57 10.90
C ARG D 1335 -29.58 48.16 10.46
N TRP D 1336 -29.08 47.78 9.29
CA TRP D 1336 -29.35 46.44 8.80
C TRP D 1336 -28.52 45.44 9.61
N LYS D 1337 -29.14 44.33 10.01
CA LYS D 1337 -28.43 43.29 10.74
C LYS D 1337 -27.53 42.53 9.78
N ARG D 1338 -26.22 42.66 9.94
CA ARG D 1338 -25.27 42.06 9.04
C ARG D 1338 -24.39 41.04 9.75
N SER D 1339 -24.06 39.97 9.02
CA SER D 1339 -23.07 38.98 9.41
C SER D 1339 -21.64 39.53 9.23
N PRO D 1340 -20.57 38.92 9.82
CA PRO D 1340 -19.20 39.41 9.60
C PRO D 1340 -18.83 39.44 8.11
N ASP D 1341 -19.19 38.38 7.38
CA ASP D 1341 -18.90 38.32 5.94
C ASP D 1341 -19.45 39.49 5.13
N GLY D 1342 -20.38 40.29 5.67
CA GLY D 1342 -20.94 41.45 5.01
C GLY D 1342 -22.32 41.24 4.40
N SER D 1343 -22.80 40.01 4.32
CA SER D 1343 -24.13 39.77 3.75
C SER D 1343 -25.24 40.16 4.72
N ILE D 1344 -26.28 40.79 4.19
CA ILE D 1344 -27.42 41.25 4.97
C ILE D 1344 -28.27 40.04 5.37
N LEU D 1345 -28.67 39.98 6.65
CA LEU D 1345 -29.54 38.90 7.14
C LEU D 1345 -30.94 39.06 6.55
N GLU D 1346 -31.53 37.95 6.13
CA GLU D 1346 -32.82 37.97 5.44
C GLU D 1346 -33.82 37.03 6.10
N ARG D 1347 -35.00 37.55 6.47
CA ARG D 1347 -36.06 36.71 7.03
C ARG D 1347 -37.39 37.02 6.36
N ASP D 1348 -38.12 35.94 6.01
CA ASP D 1348 -39.45 35.91 5.35
C ASP D 1348 -39.43 36.67 3.99
N GLY D 1349 -38.31 36.60 3.27
CA GLY D 1349 -38.15 37.27 2.00
C GLY D 1349 -37.96 38.78 2.05
N LYS D 1350 -37.74 39.36 3.23
CA LYS D 1350 -37.56 40.79 3.41
C LYS D 1350 -36.30 41.00 4.24
N LYS D 1351 -35.64 42.14 4.06
CA LYS D 1351 -34.46 42.42 4.86
C LYS D 1351 -34.88 42.82 6.28
N VAL D 1352 -34.09 42.39 7.26
CA VAL D 1352 -34.43 42.54 8.67
C VAL D 1352 -33.73 43.77 9.22
N LEU D 1353 -34.48 44.60 9.94
CA LEU D 1353 -33.91 45.79 10.55
C LEU D 1353 -33.40 45.45 11.95
N GLU D 1354 -32.72 46.43 12.55
CA GLU D 1354 -32.21 46.29 13.90
C GLU D 1354 -32.17 47.67 14.53
N PHE D 1355 -32.74 47.77 15.73
CA PHE D 1355 -32.86 49.06 16.38
C PHE D 1355 -32.28 49.01 17.77
N VAL D 1356 -31.88 50.17 18.26
CA VAL D 1356 -31.33 50.28 19.60
C VAL D 1356 -32.49 50.32 20.56
N ALA D 1357 -32.52 49.37 21.50
CA ALA D 1357 -33.58 49.23 22.48
C ALA D 1357 -32.99 49.27 23.88
N ILE D 1358 -33.67 49.98 24.78
CA ILE D 1358 -33.21 50.11 26.15
C ILE D 1358 -34.15 49.37 27.09
N GLN D 1359 -33.58 48.82 28.15
CA GLN D 1359 -34.31 48.16 29.23
C GLN D 1359 -34.60 49.18 30.33
N ARG D 1360 -35.88 49.45 30.57
CA ARG D 1360 -36.34 50.48 31.51
C ARG D 1360 -35.96 50.15 32.95
N GLN D 1361 -35.65 51.21 33.71
CA GLN D 1361 -35.24 51.07 35.11
C GLN D 1361 -36.38 50.69 36.03
N ASP D 1362 -37.60 51.19 35.76
CA ASP D 1362 -38.71 51.05 36.70
C ASP D 1362 -39.35 49.66 36.69
N ASN D 1363 -39.61 49.08 35.53
CA ASN D 1363 -40.35 47.83 35.46
C ASN D 1363 -39.59 46.69 34.80
N LYS D 1364 -38.32 46.90 34.42
CA LYS D 1364 -37.36 45.96 33.80
C LYS D 1364 -37.89 45.28 32.53
N MET D 1365 -38.63 46.05 31.73
CA MET D 1365 -39.08 45.65 30.42
C MET D 1365 -38.39 46.51 29.36
N TRP D 1366 -38.00 45.86 28.26
CA TRP D 1366 -37.36 46.52 27.14
C TRP D 1366 -38.35 47.44 26.43
N ALA D 1367 -37.83 48.54 25.88
CA ALA D 1367 -38.64 49.61 25.31
C ALA D 1367 -37.79 50.41 24.33
N ILE D 1368 -38.47 51.21 23.53
CA ILE D 1368 -37.79 52.15 22.63
C ILE D 1368 -37.35 53.37 23.44
N PRO D 1369 -36.09 53.84 23.27
CA PRO D 1369 -35.63 55.08 23.91
C PRO D 1369 -36.43 56.29 23.44
N GLY D 1370 -36.71 57.19 24.37
CA GLY D 1370 -37.50 58.35 24.04
C GLY D 1370 -37.94 59.07 25.29
N GLY D 1371 -38.57 60.20 25.08
CA GLY D 1371 -38.98 61.02 26.20
C GLY D 1371 -39.86 62.13 25.70
N PHE D 1372 -40.41 62.90 26.65
CA PHE D 1372 -41.33 63.99 26.36
C PHE D 1372 -40.62 65.14 25.66
N VAL D 1373 -41.33 65.77 24.72
CA VAL D 1373 -40.79 66.89 23.97
C VAL D 1373 -40.75 68.13 24.86
N ASP D 1374 -39.55 68.69 25.03
CA ASP D 1374 -39.30 69.85 25.86
C ASP D 1374 -39.86 71.12 25.22
N ASN D 1375 -39.97 72.17 26.06
CA ASN D 1375 -40.50 73.46 25.65
C ASN D 1375 -39.53 74.18 24.71
N GLY D 1376 -40.06 74.73 23.61
CA GLY D 1376 -39.24 75.48 22.68
C GLY D 1376 -38.39 74.66 21.72
N GLU D 1377 -38.59 73.34 21.68
CA GLU D 1377 -37.82 72.47 20.81
C GLU D 1377 -38.74 71.59 19.96
N ASP D 1378 -38.15 71.08 18.88
CA ASP D 1378 -38.81 70.29 17.85
C ASP D 1378 -38.44 68.83 18.09
N VAL D 1379 -38.95 67.94 17.22
CA VAL D 1379 -38.72 66.49 17.34
C VAL D 1379 -37.26 66.12 17.06
N ALA D 1380 -36.58 66.89 16.18
CA ALA D 1380 -35.18 66.69 15.80
C ALA D 1380 -34.23 66.78 16.99
N LEU D 1381 -34.34 67.88 17.76
CA LEU D 1381 -33.55 68.13 18.98
C LEU D 1381 -33.89 67.15 20.08
N THR D 1382 -35.21 66.86 20.25
CA THR D 1382 -35.74 66.00 21.33
C THR D 1382 -35.24 64.58 21.12
N SER D 1383 -35.31 64.14 19.84
CA SER D 1383 -34.89 62.83 19.37
C SER D 1383 -33.40 62.62 19.60
N GLY D 1384 -32.59 63.63 19.18
CA GLY D 1384 -31.14 63.62 19.37
C GLY D 1384 -30.71 63.62 20.82
N ARG D 1385 -31.36 64.49 21.64
CA ARG D 1385 -31.09 64.62 23.07
C ARG D 1385 -31.44 63.34 23.83
N GLU D 1386 -32.60 62.74 23.51
CA GLU D 1386 -33.06 61.49 24.11
C GLU D 1386 -32.17 60.31 23.72
N PHE D 1387 -31.71 60.30 22.45
CA PHE D 1387 -30.80 59.27 21.94
C PHE D 1387 -29.44 59.35 22.61
N MET D 1388 -28.92 60.58 22.79
CA MET D 1388 -27.66 60.80 23.50
C MET D 1388 -27.77 60.43 24.97
N GLU D 1389 -28.90 60.79 25.61
CA GLU D 1389 -29.14 60.52 27.03
C GLU D 1389 -29.31 59.03 27.33
N GLU D 1390 -30.07 58.32 26.50
CA GLU D 1390 -30.42 56.93 26.83
C GLU D 1390 -29.43 55.92 26.29
N ALA D 1391 -29.19 55.94 24.97
CA ALA D 1391 -28.33 54.94 24.32
C ALA D 1391 -26.85 55.19 24.61
N LEU D 1392 -26.43 56.46 24.63
CA LEU D 1392 -25.03 56.79 24.80
C LEU D 1392 -24.67 57.21 26.23
N GLY D 1393 -25.66 57.63 27.02
CA GLY D 1393 -25.42 58.15 28.35
C GLY D 1393 -24.73 59.50 28.35
N MET D 1394 -23.42 59.51 28.69
CA MET D 1394 -22.61 60.73 28.82
C MET D 1394 -22.32 61.45 27.50
N GLY D 1395 -22.58 60.86 26.33
CA GLY D 1395 -22.29 61.52 25.07
C GLY D 1395 -22.09 60.54 23.93
N SER D 1402 -16.99 61.09 20.16
CA SER D 1402 -16.24 62.34 20.06
C SER D 1402 -15.34 62.33 18.82
N ALA D 1403 -14.93 63.54 18.42
CA ALA D 1403 -14.08 63.90 17.27
C ALA D 1403 -14.83 63.18 16.15
N GLU D 1404 -14.15 62.24 15.47
CA GLU D 1404 -14.76 61.52 14.31
C GLU D 1404 -16.09 60.85 14.68
N SER D 1405 -16.18 60.16 15.81
CA SER D 1405 -17.40 59.46 16.22
C SER D 1405 -18.57 60.43 16.32
N LYS D 1406 -18.30 61.65 16.81
CA LYS D 1406 -19.28 62.75 16.86
C LYS D 1406 -19.72 63.17 15.45
N ASP D 1407 -18.77 63.22 14.51
CA ASP D 1407 -19.08 63.52 13.10
C ASP D 1407 -19.92 62.43 12.44
N SER D 1408 -19.63 61.15 12.76
CA SER D 1408 -20.43 60.00 12.28
C SER D 1408 -21.85 60.04 12.84
N LEU D 1409 -21.98 60.36 14.14
CA LEU D 1409 -23.26 60.48 14.82
C LEU D 1409 -24.08 61.66 14.30
N ALA D 1410 -23.40 62.78 13.99
CA ALA D 1410 -24.04 63.95 13.40
C ALA D 1410 -24.51 63.67 11.97
N ALA D 1411 -23.70 62.93 11.19
CA ALA D 1411 -24.07 62.48 9.84
C ALA D 1411 -25.27 61.53 9.87
N LEU D 1412 -25.34 60.67 10.89
CA LEU D 1412 -26.47 59.70 11.02
C LEU D 1412 -27.71 60.47 11.48
N PHE D 1413 -27.51 61.50 12.29
CA PHE D 1413 -28.61 62.29 12.86
C PHE D 1413 -29.10 63.40 11.94
N SER D 1414 -28.45 63.61 10.80
CA SER D 1414 -28.86 64.68 9.89
C SER D 1414 -30.02 64.29 8.98
N SER D 1415 -30.35 63.00 8.90
CA SER D 1415 -31.42 62.51 8.02
C SER D 1415 -32.43 61.71 8.83
N GLY D 1416 -33.43 62.38 9.37
CA GLY D 1416 -34.49 61.73 10.12
C GLY D 1416 -35.82 62.08 9.49
N THR D 1417 -36.71 61.08 9.45
CA THR D 1417 -38.04 61.20 8.86
C THR D 1417 -39.08 60.92 9.92
N ILE D 1418 -40.07 61.83 10.05
CA ILE D 1418 -41.16 61.56 10.97
C ILE D 1418 -42.06 60.52 10.31
N VAL D 1419 -42.04 59.30 10.84
CA VAL D 1419 -42.76 58.20 10.21
C VAL D 1419 -44.20 58.09 10.72
N ALA D 1420 -44.45 58.46 11.98
CA ALA D 1420 -45.77 58.35 12.56
C ALA D 1420 -45.90 59.35 13.69
N ARG D 1421 -47.15 59.73 13.95
CA ARG D 1421 -47.56 60.56 15.08
C ARG D 1421 -48.85 59.91 15.59
N ILE D 1422 -48.72 59.05 16.60
CA ILE D 1422 -49.81 58.16 16.98
C ILE D 1422 -50.08 58.35 18.47
N TYR D 1423 -51.14 57.70 18.95
CA TYR D 1423 -51.45 57.71 20.37
C TYR D 1423 -50.80 56.52 21.07
N CYS D 1424 -50.09 56.80 22.16
CA CYS D 1424 -49.37 55.77 22.89
C CYS D 1424 -50.32 54.98 23.78
N GLU D 1425 -50.17 53.65 23.80
CA GLU D 1425 -50.83 52.77 24.77
C GLU D 1425 -50.03 52.60 26.08
N ASP D 1426 -49.65 53.70 26.68
CA ASP D 1426 -48.83 53.82 27.88
C ASP D 1426 -49.70 53.56 29.11
N PRO D 1427 -49.30 52.64 30.01
CA PRO D 1427 -50.13 52.36 31.23
C PRO D 1427 -50.36 53.53 32.22
N ARG D 1428 -49.57 54.62 32.16
CA ARG D 1428 -49.79 55.78 33.02
C ARG D 1428 -50.84 56.75 32.48
N ASN D 1429 -51.37 56.49 31.27
CA ASN D 1429 -52.37 57.33 30.62
C ASN D 1429 -53.70 57.31 31.36
N THR D 1430 -54.35 58.46 31.41
CA THR D 1430 -55.68 58.57 31.99
C THR D 1430 -56.65 59.22 31.02
N ASP D 1431 -57.85 59.54 31.50
CA ASP D 1431 -58.88 60.20 30.71
C ASP D 1431 -58.62 61.69 30.52
N ASN D 1432 -57.76 62.28 31.35
CA ASN D 1432 -57.47 63.71 31.27
C ASN D 1432 -56.01 63.99 30.92
N ALA D 1433 -55.20 62.95 30.71
CA ALA D 1433 -53.80 63.08 30.32
C ALA D 1433 -53.41 61.81 29.59
N TRP D 1434 -52.98 61.94 28.33
CA TRP D 1434 -52.62 60.78 27.52
C TRP D 1434 -51.37 61.12 26.72
N VAL D 1435 -50.59 60.09 26.43
CA VAL D 1435 -49.33 60.26 25.70
C VAL D 1435 -49.56 60.09 24.22
N GLU D 1436 -49.05 61.05 23.44
CA GLU D 1436 -49.04 60.96 21.98
C GLU D 1436 -47.61 61.10 21.50
N THR D 1437 -47.19 60.19 20.62
CA THR D 1437 -45.79 60.07 20.23
C THR D 1437 -45.55 60.45 18.78
N THR D 1438 -44.40 61.07 18.56
CA THR D 1438 -43.80 61.29 17.25
C THR D 1438 -42.58 60.39 17.12
N CYS D 1439 -42.53 59.57 16.07
CA CYS D 1439 -41.45 58.61 15.89
C CYS D 1439 -40.49 59.09 14.81
N VAL D 1440 -39.19 59.18 15.14
CA VAL D 1440 -38.15 59.59 14.20
C VAL D 1440 -37.17 58.44 14.01
N ASN D 1441 -36.97 58.02 12.76
CA ASN D 1441 -36.08 56.91 12.46
C ASN D 1441 -34.77 57.44 11.86
N PHE D 1442 -33.66 57.07 12.46
CA PHE D 1442 -32.34 57.41 11.94
C PHE D 1442 -31.71 56.12 11.42
N HIS D 1443 -31.72 55.94 10.11
CA HIS D 1443 -31.27 54.72 9.49
C HIS D 1443 -29.86 54.86 8.91
N ASP D 1444 -29.01 53.89 9.20
CA ASP D 1444 -27.65 53.83 8.68
C ASP D 1444 -27.60 52.76 7.59
N GLU D 1445 -27.68 53.20 6.33
CA GLU D 1445 -27.68 52.30 5.17
C GLU D 1445 -26.36 51.54 5.02
N SER D 1446 -25.23 52.25 5.13
CA SER D 1446 -23.94 51.58 5.02
C SER D 1446 -23.58 50.84 6.31
N GLY D 1447 -23.98 51.38 7.46
CA GLY D 1447 -23.64 50.79 8.74
C GLY D 1447 -22.33 51.23 9.36
N ARG D 1448 -21.60 52.15 8.72
CA ARG D 1448 -20.32 52.61 9.24
C ARG D 1448 -20.47 53.48 10.49
N HIS D 1449 -21.38 54.45 10.45
CA HIS D 1449 -21.62 55.38 11.55
C HIS D 1449 -22.23 54.69 12.77
N ALA D 1450 -23.13 53.72 12.53
CA ALA D 1450 -23.80 52.97 13.59
C ALA D 1450 -22.83 52.07 14.36
N ALA D 1451 -21.84 51.51 13.66
CA ALA D 1451 -20.82 50.62 14.24
C ALA D 1451 -19.86 51.29 15.22
N ARG D 1452 -19.73 52.62 15.18
CA ARG D 1452 -18.87 53.36 16.08
C ARG D 1452 -19.55 53.73 17.40
N LEU D 1453 -20.81 53.36 17.59
CA LEU D 1453 -21.52 53.70 18.81
C LEU D 1453 -21.20 52.70 19.91
N LYS D 1454 -20.81 53.23 21.08
CA LYS D 1454 -20.54 52.38 22.27
C LYS D 1454 -21.79 52.41 23.14
N LEU D 1455 -22.68 51.43 22.98
CA LEU D 1455 -23.95 51.39 23.69
C LEU D 1455 -23.78 51.04 25.16
N GLN D 1456 -24.32 51.90 26.03
CA GLN D 1456 -24.23 51.77 27.49
C GLN D 1456 -25.40 52.53 28.10
N GLY D 1457 -26.29 51.78 28.78
CA GLY D 1457 -27.46 52.33 29.43
C GLY D 1457 -27.23 53.37 30.51
N GLY D 1458 -27.94 54.50 30.38
CA GLY D 1458 -27.83 55.59 31.33
C GLY D 1458 -29.21 56.17 31.59
N ASP D 1459 -29.24 57.13 32.54
CA ASP D 1459 -30.39 57.89 33.07
C ASP D 1459 -31.48 56.90 33.51
N ASP D 1460 -32.66 56.89 32.88
CA ASP D 1460 -33.75 56.01 33.28
C ASP D 1460 -33.80 54.74 32.43
N ALA D 1461 -32.64 54.25 31.99
CA ALA D 1461 -32.48 53.02 31.25
C ALA D 1461 -31.39 52.18 31.91
N GLU D 1462 -31.62 50.88 32.01
CA GLU D 1462 -30.65 50.00 32.66
C GLU D 1462 -29.60 49.50 31.65
N HIS D 1463 -30.03 48.92 30.53
CA HIS D 1463 -29.12 48.40 29.53
C HIS D 1463 -29.61 48.79 28.15
N ALA D 1464 -28.69 48.99 27.22
CA ALA D 1464 -29.06 49.33 25.85
C ALA D 1464 -28.33 48.39 24.92
N ARG D 1465 -29.04 47.93 23.89
CA ARG D 1465 -28.49 46.94 22.97
C ARG D 1465 -29.21 47.04 21.63
N TRP D 1466 -28.52 46.57 20.59
CA TRP D 1466 -29.12 46.40 19.27
C TRP D 1466 -29.99 45.16 19.18
N MET D 1467 -31.25 45.32 18.80
CA MET D 1467 -32.20 44.22 18.85
C MET D 1467 -32.98 44.20 17.53
N MET D 1468 -33.11 43.00 16.98
CA MET D 1468 -33.71 42.80 15.66
C MET D 1468 -35.22 43.00 15.80
N VAL D 1469 -35.83 43.58 14.79
CA VAL D 1469 -37.24 43.95 14.79
C VAL D 1469 -38.08 42.81 14.26
N HIS D 1470 -39.06 42.37 15.05
CA HIS D 1470 -40.00 41.35 14.61
C HIS D 1470 -41.34 41.52 15.31
N GLY D 1471 -42.34 40.77 14.81
CA GLY D 1471 -43.70 40.88 15.30
C GLY D 1471 -43.98 40.24 16.64
N GLY D 1472 -43.05 39.41 17.13
CA GLY D 1472 -43.23 38.74 18.40
C GLY D 1472 -42.56 39.44 19.56
N LEU D 1473 -42.23 40.72 19.39
CA LEU D 1473 -41.54 41.48 20.42
C LEU D 1473 -42.48 41.83 21.56
N ASN D 1474 -41.99 41.73 22.77
CA ASN D 1474 -42.77 42.10 23.94
C ASN D 1474 -42.12 43.39 24.39
N LEU D 1475 -42.64 44.50 23.91
CA LEU D 1475 -42.06 45.80 24.19
C LEU D 1475 -43.09 46.61 24.94
N PHE D 1476 -42.63 47.71 25.57
CA PHE D 1476 -43.52 48.58 26.35
C PHE D 1476 -44.44 49.37 25.43
N ALA D 1477 -45.69 49.51 25.87
CA ALA D 1477 -46.83 50.32 25.32
C ALA D 1477 -47.13 49.93 23.88
N SER D 1478 -47.34 50.89 22.98
CA SER D 1478 -47.66 50.62 21.58
C SER D 1478 -46.47 50.88 20.67
N HIS D 1479 -45.27 50.57 21.16
CA HIS D 1479 -44.03 50.76 20.40
C HIS D 1479 -43.89 49.78 19.23
N ARG D 1480 -44.58 48.62 19.28
CA ARG D 1480 -44.65 47.65 18.20
C ARG D 1480 -45.32 48.24 16.97
N THR D 1481 -46.36 49.07 17.18
CA THR D 1481 -47.03 49.81 16.12
C THR D 1481 -46.07 50.82 15.45
N LEU D 1482 -45.25 51.51 16.28
CA LEU D 1482 -44.24 52.46 15.80
C LEU D 1482 -43.15 51.78 14.96
N LEU D 1483 -42.66 50.62 15.42
CA LEU D 1483 -41.67 49.84 14.63
C LEU D 1483 -42.35 49.30 13.38
N GLN D 1484 -43.60 48.84 13.50
CA GLN D 1484 -44.38 48.38 12.36
C GLN D 1484 -44.44 49.45 11.27
N HIS D 1485 -44.65 50.72 11.68
CA HIS D 1485 -44.63 51.87 10.78
C HIS D 1485 -43.26 52.10 10.14
N VAL D 1486 -42.17 51.92 10.93
CA VAL D 1486 -40.78 52.03 10.44
C VAL D 1486 -40.48 50.94 9.40
N THR D 1487 -40.88 49.68 9.70
CA THR D 1487 -40.66 48.56 8.77
C THR D 1487 -41.57 48.65 7.56
N SER D 1488 -42.79 49.21 7.73
CA SER D 1488 -43.70 49.44 6.61
C SER D 1488 -43.13 50.47 5.64
N ALA D 1489 -42.53 51.54 6.20
CA ALA D 1489 -41.93 52.60 5.39
C ALA D 1489 -40.67 52.12 4.68
N LEU D 1490 -39.89 51.25 5.33
CA LEU D 1490 -38.62 50.78 4.78
C LEU D 1490 -38.68 49.45 4.05
N ASN D 1491 -39.88 48.84 3.96
CA ASN D 1491 -40.21 47.51 3.36
C ASN D 1491 -39.37 46.41 4.02
N ALA D 1492 -39.33 46.46 5.35
CA ALA D 1492 -38.58 45.53 6.18
C ALA D 1492 -39.49 44.48 6.81
N TYR D 1493 -38.85 43.46 7.39
CA TYR D 1493 -39.54 42.36 8.04
C TYR D 1493 -40.25 42.78 9.34
N PHE D 1494 -41.46 42.25 9.52
CA PHE D 1494 -42.30 42.42 10.71
C PHE D 1494 -43.37 41.34 10.72
C1 CLR E . 52.24 -54.26 35.14
C2 CLR E . 53.56 -55.02 35.08
C3 CLR E . 53.36 -56.42 34.56
C4 CLR E . 52.77 -56.35 33.17
C5 CLR E . 51.47 -55.57 33.15
C6 CLR E . 50.39 -56.10 32.60
C7 CLR E . 49.05 -55.43 32.51
C8 CLR E . 49.09 -53.96 32.86
C9 CLR E . 50.02 -53.73 34.08
C10 CLR E . 51.48 -54.19 33.79
C11 CLR E . 49.94 -52.28 34.59
C12 CLR E . 48.51 -51.80 34.84
C13 CLR E . 47.62 -51.97 33.60
C14 CLR E . 47.70 -53.46 33.20
C15 CLR E . 46.59 -53.63 32.17
C16 CLR E . 45.48 -52.67 32.65
C17 CLR E . 46.08 -51.82 33.80
C18 CLR E . 48.08 -51.04 32.48
C19 CLR E . 52.20 -53.22 32.85
C20 CLR E . 45.46 -50.42 33.85
C21 CLR E . 45.37 -49.87 35.28
C22 CLR E . 44.07 -50.43 33.20
C23 CLR E . 43.66 -49.15 32.52
C24 CLR E . 42.61 -48.38 33.27
C25 CLR E . 41.82 -47.36 32.46
C26 CLR E . 40.34 -47.74 32.36
C27 CLR E . 41.96 -45.96 33.02
O1 CLR E . 54.63 -57.11 34.52
C1 CLR F . 66.13 -39.61 -3.89
C2 CLR F . 67.11 -40.78 -3.72
C3 CLR F . 68.05 -40.56 -2.57
C4 CLR F . 67.25 -40.36 -1.30
C5 CLR F . 66.24 -39.25 -1.42
C6 CLR F . 66.21 -38.27 -0.55
C7 CLR F . 65.23 -37.14 -0.53
C8 CLR F . 64.06 -37.36 -1.49
C9 CLR F . 64.57 -37.96 -2.81
C10 CLR F . 65.29 -39.32 -2.62
C11 CLR F . 63.45 -38.04 -3.85
C12 CLR F . 62.78 -36.68 -4.09
C13 CLR F . 62.23 -36.09 -2.80
C14 CLR F . 63.38 -36.04 -1.79
C15 CLR F . 62.82 -35.23 -0.63
C16 CLR F . 61.93 -34.18 -1.33
C17 CLR F . 61.84 -34.58 -2.82
C18 CLR F . 61.04 -36.92 -2.28
C19 CLR F . 64.29 -40.46 -2.40
C20 CLR F . 60.52 -34.14 -3.46
C21 CLR F . 60.54 -34.13 -4.98
C22 CLR F . 60.13 -32.75 -2.93
C23 CLR F . 58.89 -32.16 -3.58
C24 CLR F . 58.67 -30.72 -3.21
C25 CLR F . 57.31 -30.40 -2.62
C26 CLR F . 56.81 -29.06 -3.10
C27 CLR F . 56.30 -31.49 -2.93
O1 CLR F . 68.89 -41.70 -2.43
C1 CLR G . 65.91 -46.46 -7.62
C2 CLR G . 67.38 -46.86 -7.61
C3 CLR G . 68.28 -45.67 -7.80
C4 CLR G . 68.04 -44.71 -6.65
C5 CLR G . 66.59 -44.27 -6.58
C6 CLR G . 66.28 -42.99 -6.53
C7 CLR G . 64.90 -42.43 -6.31
C8 CLR G . 63.80 -43.48 -6.24
C9 CLR G . 64.19 -44.73 -7.04
C10 CLR G . 65.53 -45.36 -6.60
C11 CLR G . 63.04 -45.75 -7.10
C12 CLR G . 61.74 -45.13 -7.63
C13 CLR G . 61.31 -43.89 -6.83
C14 CLR G . 62.51 -42.92 -6.83
C15 CLR G . 61.93 -41.62 -6.27
C16 CLR G . 60.53 -41.57 -6.91
C17 CLR G . 60.24 -42.98 -7.50
C18 CLR G . 60.86 -44.27 -5.42
C19 CLR G . 65.44 -45.97 -5.18
C20 CLR G . 58.75 -43.35 -7.41
C21 CLR G . 58.38 -44.60 -8.20
C22 CLR G . 57.88 -42.16 -7.86
C23 CLR G . 56.51 -42.54 -8.35
C24 CLR G . 55.46 -41.51 -7.98
C25 CLR G . 54.15 -42.07 -7.41
C26 CLR G . 54.38 -43.42 -6.74
C27 CLR G . 53.51 -41.10 -6.44
O1 CLR G . 69.65 -46.07 -7.85
C1 CLR H . 64.43 -52.02 -6.99
C2 CLR H . 65.92 -52.30 -6.73
C3 CLR H . 66.74 -52.03 -7.97
C4 CLR H . 66.57 -50.58 -8.36
C5 CLR H . 65.11 -50.23 -8.59
C6 CLR H . 64.74 -49.63 -9.71
C7 CLR H . 63.34 -49.22 -10.05
C8 CLR H . 62.40 -49.29 -8.86
C9 CLR H . 62.67 -50.56 -8.03
C10 CLR H . 64.13 -50.59 -7.48
C11 CLR H . 61.62 -50.78 -6.94
C12 CLR H . 60.18 -50.72 -7.46
C13 CLR H . 59.89 -49.42 -8.22
C14 CLR H . 60.95 -49.32 -9.34
C15 CLR H . 60.45 -48.18 -10.23
C16 CLR H . 58.91 -48.31 -10.17
C17 CLR H . 58.59 -49.36 -9.07
C18 CLR H . 59.95 -48.22 -7.26
C19 CLR H . 64.32 -49.60 -6.32
C20 CLR H . 57.25 -49.05 -8.37
C21 CLR H . 56.52 -50.32 -7.93
C22 CLR H . 56.36 -48.21 -9.30
C23 CLR H . 55.43 -47.25 -8.61
C24 CLR H . 53.98 -47.68 -8.64
C25 CLR H . 52.95 -46.58 -8.39
C26 CLR H . 52.09 -46.35 -9.62
C27 CLR H . 52.09 -46.89 -7.19
O1 CLR H . 68.12 -52.31 -7.70
C1 CLR I . 75.21 -13.45 11.06
C2 CLR I . 76.62 -13.96 10.79
C3 CLR I . 76.93 -15.19 11.61
C4 CLR I . 75.91 -16.27 11.33
C5 CLR I . 74.48 -15.78 11.55
C6 CLR I . 73.67 -16.45 12.34
C7 CLR I . 72.24 -16.10 12.58
C8 CLR I . 71.71 -15.05 11.62
C9 CLR I . 72.76 -13.95 11.41
C10 CLR I . 74.10 -14.49 10.83
C11 CLR I . 72.21 -12.78 10.60
C12 CLR I . 70.93 -12.20 11.20
C13 CLR I . 69.85 -13.26 11.38
C14 CLR I . 70.45 -14.40 12.20
C15 CLR I . 69.26 -15.29 12.53
C16 CLR I . 68.12 -14.29 12.74
C17 CLR I . 68.64 -12.90 12.29
C18 CLR I . 69.32 -13.75 10.01
C19 CLR I . 73.97 -14.78 9.33
C20 CLR I . 67.52 -12.00 11.76
C21 CLR I . 67.89 -10.53 11.70
C22 CLR I . 66.26 -12.19 12.61
C23 CLR I . 65.10 -11.28 12.26
C24 CLR I . 63.99 -11.33 13.24
C25 CLR I . 62.61 -11.65 12.66
C26 CLR I . 61.53 -10.85 13.36
C27 CLR I . 62.58 -11.39 11.17
O1 CLR I . 78.23 -15.66 11.27
C1 CLR J . 80.06 -11.07 5.45
C2 CLR J . 81.43 -11.37 6.06
C3 CLR J . 81.41 -11.09 7.54
C4 CLR J . 80.39 -12.00 8.19
C5 CLR J . 79.00 -11.77 7.62
C6 CLR J . 77.98 -11.54 8.41
C7 CLR J . 76.55 -11.43 7.99
C8 CLR J . 76.33 -11.54 6.48
C9 CLR J . 77.56 -11.05 5.72
C10 CLR J . 78.87 -11.81 6.10
C11 CLR J . 77.31 -11.02 4.21
C12 CLR J . 76.09 -10.19 3.83
C13 CLR J . 74.82 -10.67 4.56
C14 CLR J . 75.15 -10.67 6.07
C15 CLR J . 73.79 -10.88 6.73
C16 CLR J . 72.84 -10.05 5.86
C17 CLR J . 73.61 -9.69 4.55
C18 CLR J . 74.39 -12.05 4.06
C19 CLR J . 78.84 -13.27 5.65
C20 CLR J . 72.68 -9.64 3.33
C21 CLR J . 73.34 -9.04 2.08
C22 CLR J . 71.41 -8.84 3.67
C23 CLR J . 70.69 -8.24 2.48
C24 CLR J . 69.20 -8.24 2.63
C25 CLR J . 68.41 -8.71 1.41
C26 CLR J . 69.25 -9.65 0.55
C27 CLR J . 67.10 -9.38 1.80
O1 CLR J . 82.72 -11.33 8.09
C1 CLR K . 82.17 -12.51 0.25
C2 CLR K . 83.41 -13.02 0.99
C3 CLR K . 84.15 -11.90 1.64
C4 CLR K . 83.23 -11.22 2.63
C5 CLR K . 81.96 -10.72 1.98
C6 CLR K . 81.58 -9.46 2.14
C7 CLR K . 80.34 -8.84 1.56
C8 CLR K . 79.39 -9.88 0.96
C9 CLR K . 80.19 -10.96 0.21
C10 CLR K . 81.19 -11.71 1.13
C11 CLR K . 79.26 -11.90 -0.57
C12 CLR K . 78.25 -11.17 -1.46
C13 CLR K . 77.42 -10.15 -0.68
C14 CLR K . 78.43 -9.21 0.01
C15 CLR K . 77.56 -8.06 0.52
C16 CLR K . 76.46 -7.91 -0.55
C17 CLR K . 76.59 -9.13 -1.50
C18 CLR K . 76.51 -10.86 0.33
C19 CLR K . 80.45 -12.68 2.07
C20 CLR K . 75.23 -9.54 -2.08
C21 CLR K . 75.34 -10.10 -3.50
C22 CLR K . 74.26 -8.36 -2.04
C23 CLR K . 72.80 -8.71 -1.85
C24 CLR K . 71.98 -8.54 -3.10
C25 CLR K . 70.47 -8.42 -2.89
C26 CLR K . 69.96 -7.06 -3.33
C27 CLR K . 69.72 -9.52 -3.63
O1 CLR K . 85.31 -12.41 2.32
C1 CLR L . 62.71 -24.40 37.81
C2 CLR L . 64.16 -24.43 38.29
C3 CLR L . 64.95 -25.50 37.59
C4 CLR L . 64.90 -25.27 36.10
C5 CLR L . 63.48 -25.19 35.59
C6 CLR L . 63.07 -25.96 34.59
C7 CLR L . 61.72 -25.92 33.96
C8 CLR L . 60.90 -24.71 34.40
C9 CLR L . 61.10 -24.46 35.90
C10 CLR L . 62.57 -24.20 36.29
C11 CLR L . 60.15 -23.36 36.40
C12 CLR L . 58.68 -23.65 36.08
C13 CLR L . 58.46 -23.86 34.58
C14 CLR L . 59.43 -24.97 34.12
C15 CLR L . 58.98 -25.28 32.70
C16 CLR L . 57.45 -25.12 32.76
C17 CLR L . 57.12 -24.51 34.15
C18 CLR L . 58.68 -22.55 33.81
C19 CLR L . 63.00 -22.77 35.91
C20 CLR L . 55.84 -23.65 34.09
C21 CLR L . 55.24 -23.38 35.46
C22 CLR L . 54.79 -24.33 33.20
C23 CLR L . 53.46 -23.64 33.16
C24 CLR L . 52.40 -24.46 32.46
C25 CLR L . 51.69 -23.75 31.32
C26 CLR L . 50.21 -24.11 31.28
C27 CLR L . 51.86 -22.24 31.41
O1 CLR L . 66.32 -25.45 38.03
C1 CLR M . 66.28 -19.21 42.43
C2 CLR M . 67.35 -20.06 43.10
C3 CLR M . 66.83 -21.45 43.38
C4 CLR M . 66.44 -22.09 42.07
C5 CLR M . 65.39 -21.29 41.34
C6 CLR M . 64.28 -21.87 40.90
C7 CLR M . 63.23 -21.22 40.06
C8 CLR M . 63.48 -19.74 39.75
C9 CLR M . 64.31 -19.10 40.88
C10 CLR M . 65.67 -19.80 41.14
C11 CLR M . 64.45 -17.58 40.66
C12 CLR M . 63.10 -16.89 40.50
C13 CLR M . 62.25 -17.49 39.38
C14 CLR M . 62.15 -19.00 39.66
C15 CLR M . 61.09 -19.49 38.68
C16 CLR M . 60.07 -18.34 38.67
C17 CLR M . 60.75 -17.12 39.36
C18 CLR M . 62.88 -17.20 38.00
C19 CLR M . 66.64 -19.64 39.97
C20 CLR M . 60.28 -15.78 38.75
C21 CLR M . 60.72 -14.56 39.56
C22 CLR M . 58.76 -15.78 38.59
C23 CLR M . 58.13 -14.41 38.53
C24 CLR M . 56.96 -14.33 37.59
C25 CLR M . 56.94 -13.12 36.67
C26 CLR M . 58.34 -12.58 36.43
C27 CLR M . 56.26 -13.43 35.34
O1 CLR M . 67.83 -22.22 44.04
C1 CLR N . 53.65 -50.57 22.85
C2 CLR N . 54.66 -51.25 23.77
C3 CLR N . 56.08 -50.89 23.40
C4 CLR N . 56.24 -49.39 23.46
C5 CLR N . 55.24 -48.67 22.60
C6 CLR N . 55.62 -47.79 21.70
C7 CLR N . 54.72 -46.97 20.84
C8 CLR N . 53.26 -47.04 21.28
C9 CLR N . 52.91 -48.49 21.67
C10 CLR N . 53.78 -49.03 22.84
C11 CLR N . 51.40 -48.62 21.95
C12 CLR N . 50.54 -48.14 20.78
C13 CLR N . 50.85 -46.70 20.41
C14 CLR N . 52.36 -46.61 20.14
C15 CLR N . 52.54 -45.22 19.54
C16 CLR N . 51.27 -45.03 18.70
C17 CLR N . 50.32 -46.20 19.03
C18 CLR N . 50.40 -45.74 21.52
C19 CLR N . 53.32 -48.46 24.19
C20 CLR N . 48.84 -45.80 18.87
C21 CLR N . 47.90 -46.99 18.78
C22 CLR N . 48.67 -44.90 17.64
C23 CLR N . 47.25 -44.53 17.33
C24 CLR N . 47.10 -43.86 16.00
C25 CLR N . 46.39 -42.51 16.03
C26 CLR N . 45.50 -42.32 14.82
C27 CLR N . 45.59 -42.34 17.31
O1 CLR N . 56.98 -51.51 24.32
C1 CLR O . 52.13 -54.60 29.36
C2 CLR O . 53.32 -55.57 29.41
C3 CLR O . 53.70 -56.02 28.03
C4 CLR O . 54.11 -54.82 27.22
C5 CLR O . 52.98 -53.81 27.13
C6 CLR O . 52.58 -53.33 25.96
C7 CLR O . 51.59 -52.22 25.75
C8 CLR O . 50.97 -51.70 27.03
C9 CLR O . 50.93 -52.78 28.12
C10 CLR O . 52.34 -53.37 28.44
C11 CLR O . 50.17 -52.32 29.36
C12 CLR O . 48.76 -51.83 29.04
C13 CLR O . 48.76 -50.72 27.98
C14 CLR O . 49.53 -51.27 26.76
C15 CLR O . 49.25 -50.25 25.66
C16 CLR O . 47.78 -49.87 25.91
C17 CLR O . 47.38 -50.41 27.31
C18 CLR O . 49.37 -49.43 28.53
C19 CLR O . 53.25 -52.34 29.13
C20 CLR O . 46.36 -49.51 28.02
C21 CLR O . 45.77 -50.12 29.28
C22 CLR O . 45.24 -49.11 27.04
C23 CLR O . 43.94 -48.72 27.70
C24 CLR O . 43.23 -47.61 26.97
C25 CLR O . 42.69 -46.48 27.85
C26 CLR O . 43.48 -46.35 29.14
C27 CLR O . 42.67 -45.16 27.11
O1 CLR O . 54.78 -56.98 28.10
C1 CLR P . 69.96 -14.74 42.38
C2 CLR P . 71.04 -15.73 42.80
C3 CLR P . 70.77 -16.28 44.17
C4 CLR P . 69.43 -16.98 44.17
C5 CLR P . 68.31 -16.05 43.72
C6 CLR P . 67.21 -15.92 44.46
C7 CLR P . 66.05 -15.06 44.13
C8 CLR P . 66.09 -14.53 42.69
C9 CLR P . 67.53 -14.12 42.32
C10 CLR P . 68.52 -15.30 42.41
C11 CLR P . 67.58 -13.40 40.96
C12 CLR P . 66.57 -12.25 40.84
C13 CLR P . 65.14 -12.69 41.15
C14 CLR P . 65.16 -13.33 42.55
C15 CLR P . 63.69 -13.49 42.92
C16 CLR P . 63.02 -12.26 42.28
C17 CLR P . 64.08 -11.58 41.37
C18 CLR P . 64.65 -13.67 40.08
C19 CLR P . 68.34 -16.29 41.24
C20 CLR P . 63.43 -10.90 40.16
C21 CLR P . 64.18 -9.64 39.72
C22 CLR P . 61.96 -10.56 40.45
C23 CLR P . 61.02 -10.60 39.27
C24 CLR P . 60.59 -9.24 38.81
C25 CLR P . 59.32 -9.19 37.96
C26 CLR P . 58.21 -8.44 38.67
C27 CLR P . 59.59 -8.58 36.59
O1 CLR P . 71.80 -17.20 44.55
#